data_5LNK
#
_entry.id   5LNK
#
_cell.length_a   1.000
_cell.length_b   1.000
_cell.length_c   1.000
_cell.angle_alpha   90.00
_cell.angle_beta   90.00
_cell.angle_gamma   90.00
#
_symmetry.space_group_name_H-M   'P 1'
#
loop_
_entity.id
_entity.type
_entity.pdbx_description
1 polymer 'Mitochondrial complex I, 51 kDa subunit'
2 polymer 'Mitochondrial complex I, 24 kDa subunit'
3 polymer 'Mitochondrial complex I, 75 kDa subunit'
4 polymer 'Mitochondrial complex I, 49 kDa subunit'
5 polymer 'Mitochondrial complex I, 30 kDa subunit'
6 polymer 'Mitochondrial complex I, PSST subunit'
7 polymer 'Mitochondrial complex I, TYKY subunit'
8 polymer 'Mitochondrial complex I, ND1 subunit'
9 polymer 'Mitochondrial complex I, ND2 subunit'
10 polymer 'Mitochondrial complex I, ND3 subunit'
11 polymer 'Mitochondrial complex I, ND4 subunit'
12 polymer 'Mitochondrial complex I, ND4L subunit'
13 polymer 'Mitochondrial complex I, ND5 subunit'
14 polymer 'Mitochondrial complex I, ND6 subunit'
15 polymer 'Mitochondrial complex I, 10 kDa subunit'
16 polymer 'Mitochondrial complex I, 13 kDa subunit'
17 polymer 'Mitochondrial complex I, 18 kDa subunit'
18 polymer 'Mitochondrial complex I, 39 kDa subunit'
19 polymer 'Mitochondrial complex I, B8 subunit'
20 polymer 'Mitochondrial complex I, B13 subunit'
21 polymer 'Mitochondrial complex I, B14 subunit'
22 polymer 'Mitochondrial complex I, B14.5a subunit'
23 polymer 'Mitochondrial complex I, B17.2 subunit'
24 polymer 'Acyl carrier protein'
25 polymer 'Mitochondrial complex I, 42 kDa subunit'
26 polymer 'Mitochondrial complex I, 15 kDa subunit'
27 polymer 'Mitochondrial complex I, B9 subunit'
28 polymer 'Mitochondrial complex I, B12 subunit'
29 polymer 'Mitochondrial complex I, B14.5b subunit'
30 polymer 'Mitochondrial complex I, B15 subunit'
31 polymer 'Mitochondrial complex I, B16.6 subunit'
32 polymer 'Mitochondrial complex I, B17 subunit'
33 polymer 'Mitochondrial complex I, B18 subunit'
34 polymer 'Mitochondrial complex I, B22 subunit'
35 polymer 'Mitochondrial complex I, AGGG subunit'
36 polymer 'NADH dehydrogenase [ubiquinone] 1 beta subcomplex subunit 8, mitochondrial'
37 polymer 'Mitochondrial complex I, ESSS subunit'
38 polymer 'Mitochondrial complex I, KFYI subunit'
39 polymer 'Mitochondrial complex I, MNLL subunit'
40 polymer 'Mitochondrial complex I, MWFE subunit'
41 polymer 'Mitochondrial complex I, PDSW subunit'
42 polymer 'Mitochondrial complex I, PGIV subunit'
43 polymer 'Mitochondrial complex I, SGDH subunit'
44 polymer 'Mitochondrial complex I, B14.7 subunit'
45 non-polymer 'IRON/SULFUR CLUSTER'
46 non-polymer 'FLAVIN MONONUCLEOTIDE'
47 non-polymer 'FE2/S2 (INORGANIC) CLUSTER'
48 non-polymer 1,2-Distearoyl-sn-glycerophosphoethanolamine
49 non-polymer 1,2-DIACYL-SN-GLYCERO-3-PHOSPHOCHOLINE
50 non-polymer CARDIOLIPIN
51 non-polymer 'ZINC ION'
52 non-polymer 'NADPH DIHYDRO-NICOTINAMIDE-ADENINE-DINUCLEOTIDE PHOSPHATE'
53 non-polymer 'S-[2-({N-[(2S)-2-hydroxy-3,3-dimethyl-4-(phosphonooxy)butanoyl]-beta-alanyl}amino)ethyl] tetradecanethioate'
54 non-polymer "4'-PHOSPHOPANTETHEINE"
#
loop_
_entity_poly.entity_id
_entity_poly.type
_entity_poly.pdbx_seq_one_letter_code
_entity_poly.pdbx_strand_id
1 'polypeptide(L)'
;FSGDTTAPKKTSFGSLKDEDRIFTNLYGRHDWRLKGAQSRGDWYKTKEILLKGPDWILGEVKTSGLRGRGGAGFPTGLKW
SFMNKPSDGRPKYLVVNADEGEPGTCKDREIIRHDPHKLVEGCLVGGRAMGARAAYIYIRGEFYNEASNLQVAIREAYEA
GLIGKNACGSGYDFDVFVVRGAGAYICGEETALIESIEGKQGKPRLKPPFPADVGVFGCPTTVANVETVAVSPTICRRGG
AWFASFGRERNSGTKLFNISGHVNNPCTVEEEMSVPLKELIEKHAGGVTGGWDNLLAVIPGGSSTPLIPKSVCETVLMDF
DALIQAQTGLGTAAVIVMDRSTDIVKAIARLIEFYKHESCGQCTPCREGVDWMNKVMARFVRGDARPAEIDSLWEISKQI
EGHTICALGDGAAWPVQGLIRHFRPELEERMQRFAQQHQARQAAS
;
1
2 'polypeptide(L)'
;GAGGALFVHRDTPKNNPETPFDFTPENYKRIEAIVKNYPEGHKAAAVLPVLDLAQRQNGWLPISAMNKVAEILQVPPMRV
YEVATFYTMYNRKPVGKYHIQVCTTTPCMLRNSDSILEAIQKKLGIKVGETTPDKLFTLIEVECLGACVNAPMVQINDNY
YEDLTPKDIEEIIDELKAGKIPKPGPRSGRFSCEPAGGLTSLTEPPKGPGFGVQAGL
;
2
3 'polypeptide(L)'
;TATAASNLIEVFVDGQSVMVEPGTTVLQACEKVGMQIPRFCYHERLSVAGNCRMCLVEIEKAPKVVAACAMPVMKGWNIL
TNSEKTKKAREGVMEFLLANHPLDCPICDQGGECDLQDQSMMFGSDRSRFLEGKRAVEDKNIGPLVKTIMTRCIQCTRCI
RFASEIAGVDDLGTTGRGNDMQVGTYIEKMFMSELSGNIIDICPVGALTSKPYAFTARPWETRKTESIDVMDAVGSNIVV
STRTGEVMRILPRMHEDINEEWISDKTRFAYDGLKRQRLTEPMVRNEKGLLTHTTWEDALSRVAGMLQSCQGNDVAAIAG
GLVDAEALIALKDLLNRVDSDTLCTEEVFPTAGAGTDLRSNYLLNTTIAGVEEADVVLLVGTNPRFEAPLFNARIRKSWL
HNDLKVALIGSPVDLTYRYDHLGDSPKILQDIASGSHPFSQVLQEAKKPMVVLGSSALQRNDGAAILAAVSNIAQKIRTS
SGVTGDWKVMNILHRIASQVAALDLGYKPGVEAIRKNPPKMLFLLGADGGCVTRQDLPKDCFIVYQGHHGDVGAPIADVI
LPGAAYTEKSATYVNTEGRAQQTKVAVMPPGLAREDWKIIRALSEIAGMTLPYDTLDQVRNRLEEVSPNLVRYDDVEGAN
YFQQASELSKLVNQQLLADPLVPPQLTIKDFYMTDSISRASQTMAKCVKAVTEGAHAVEEPSIC
;
3
4 'polypeptide(L)'
;MYPTKETAHWKPPPWNDVDPPKDTLVSNLTLNFGPQHPAAHGVLRLVMELSGEMVRKCDPHIGLLHRGTEKLIEYKTYLQ
ALPYFDRLDYVSMMCNEQAYSLAVEKLLNIQPPPRAQWIRVLFGEITRLLNHIMAVTTHALDIGAMTPFFWMFEEREKMF
EFYERVSGARMHAAYVRPGGVHQDLPLGLMDDIYEFSKNFSLRIDELEEMLTNNRIWRNRTVDIGVVTAEDALNYGFSGV
MLRGSGIQWDLRKTQPYDVYDQVEFDVPIGSRGDCYDRYLCRVEEMRQSIRIISQCLNKMPPGEIKVDDAKVSPPKRAEM
KTSMESLIHHFKLYTEGYQVPPGATYTAIEAPKGEFGVYLVSDGSSRPYRCKIKAPGFAHLAGLDKMSKGHMLADVVAII
GTQDIVFGEVDR
;
4
5 'polypeptide(L)'
;ESASADTRPTVRPRNDVAHKQLSAFGEYVAEILPKYVQQVQVSCFSELEICIHPDGVIPVLTFLRDHSNAQFKSLADLTA
VDIPTRQNRFEIVYNLLSLRFNSRIRVKTYTDELTPVESSVSVYKAANWYEREIWDMFGVFFANHPDLRRILTDYGFEGH
PFRKDFPLSGYVELRYDDEVKRVVAEPVELAQEFRKFDLNSPWEAFPAYRQPPESLKLEAGDKKPEAK
;
5
6 'polypeptide(L)'
;PSSTQPAVSQARAVVPKPAALPSSRGEYVVAKLDDLINWARRSSLWPMTFGLACCAVEMMHMAAPRYDMDRFGVVFRASP
RQSDVMIVAGTLTNKMAPALRKVYDQMPEPRYVVSMGSCANGGGYYHYSYSVVRGCDRIVPVDIYVPGCPPTAEALLYGI
LQLQKKIKREKRLRIWYRR
;
6
7 'polypeptide(L)'
;TYKYVNLREPSMDMKSVTDRAAQTLLWTELIRGLGMTLSYLFREPATINYPFEKGPLSPRFRGEHALRRYPSGEERCIAC
KLCEAVCPAQAITIEAEPRADGSRRTTRYDIDMTKCIYCGFCQEACPVDAIVEGPNFEFSTETHEELLYNKEKLLNNGDK
WEAEIAANIQADYLYR
;
9
8 'polypeptide(L)'
;MFMINVLTLIIPILLAVAFLTLVERKVLGYMQFRKGPNVVGPYGLLQPIADAIKLFIKEPLRPATSSISMFILAPILALT
LALTMWIPLPMPYPLINMNLGVLFMLAMSSLAVYSILWSGWASNSKYALIGALRAVAQTISYEVTLAIILLSVLLMNGSF
TLSTLIITQEQVWLIFPAWPLAMMWFISTLAETNRAPFDLTEGESELVSGFNVEYAAGPFALFFMAEYANIIMMNIFTTT
LFLGAFHNPYMPELYTINFTIKSLLLSITFLWIRASYPRFRYDQLMHLLWKNFLPLTLALCMWHVSLPILLSSIPPQT
;
H
9 'polypeptide(L)'
;MNPIILIIILMTVMLGTIIVMISTHWLLIWIGFEMNMLAIIPIMMKKHNPRATEASTKYFLTQSTASMLLMMAIIINLMF
SGQWTVMKLFNPMASMLMTMALAMKLGMAPFHFWVPEVTQGIPLSSGLILLTWQKLAPMSVLYQILPSINLDLILTLSIL
SITIGGWGGLNQTQLRKIMAYSSIAHMGWMTAVLLYNPTMTLLNLIIYIIMTSTMFTLFMANSTTTTLSLSHTWNKAPIM
TILVLITLLSMGGLPPLSGFMPKWMIIQEMTKNDSIILPTLMAITALLNLYFYMRLTYSTALTMFPSTNNMKMKWQFPTT
KRMTLLPTMTVLSTMLLPLTPILSILE
;
N
10 'polypeptide(L)'
;MNLMITLLTNFTLATLLVTIAFWLPQLNVYSEKTSPYECGFDPMGSARLPFSMKFFLVAITFLLFDLEIALLLPLPWASQ
TTNLNTMLTMALLLIFLLAVSLAYEWTQKGLEWTE
;
A
11 'polypeptide(L)'
;MLKYIIPTMMLMPLTWLSKNSMIWINTTLHSLLISLTSLLLLNQFGDNSLNFSLTFFSDSLSTPLLILTMWLLPLMLMAS
QHHLSKENLARKKLFISMLILLQLFLIMTFTATELIFFYIMFEATLVPTLIIITRWGNQTERLNAGLYFLFYTLAGSLPL
LVALIYIQNTMGSLNFLILQYWVQPMPNSWSNTFMWLACMMAFMVKMPLYGLHLWLPKAHVEAPIAGSMVLAAILLKLGG
YGMMRITLLLNPITDFMAYPFIMLSLWGMIMTSSICLRQTDLKSLIAYSSVSHMALVIVAILIQTPWSYMGATALMIAHG
LTSSMLFCLANSNYERVHSRTMILARGLQTLLPLMAAWWLLASLTNLALPPSINLIGELFVVMSTFSWSNITIILMGLNM
VITALYSLYMLITTQRGKHTHHINNILPSFTRENALMSLHMLPLLLLSLNPKIILGPLY
;
M
12 'polypeptide(L)'
;MSLVYMNIMMAFTVSLTGLLMYRSHLMSSLLCLEGMMLSLFILATLMILNSHFTLASMMPIILLVFAACEAALGLSLLVM
VSNTYGTDYVQNLNLLQC
;
K
13 'polypeptide(L)'
;MNLFSSLTLVTLILLTMPIAAINFNTHKFTNYPLYVKTTISCAFITSMIPTMMFIHTGQEMIISNWHWLTIQTLKLSLSF
KMDFFSMMFVPVALFVTWSIMEFSMWYMHSDPNINQFFKYLLLFLITMLILVTANNLFQLFIGWEGVGIMSFLLIGWWYG
RTDANTAALQAILYNRIGDIGFILAMAWFLINLNTWDLQQIFMLNPNDSNLPLMGLILAATGKSAQFGLHPWLPSAMEGP
TPVSALLHSSTMVVAGIFLLIRFYPLTENNKFGQSIMLCLGAMTTLFTAMCALTQNDIKKIIAFSTSSQLGLMMVTIGIN
QPHLAFLHICTHAFFKAMLFMCSGSIIHSLNDEQDIRKMGGLFKAMPFTTTALIIGSLALTGMPFLTGFYSKDLIIESAN
TSYTNAWALLMTLVATSFTAIYSTRIIFFALLGQPRFPTLININENNPFLINSIKRLLIGSLFAGFIISNNIPPMTIPQM
TMPHYLKMTALTVTILGFILALEISNTTHYLKFNYPSNTFKFSNLLGYYPTIMHRLTPYMNLTMSQKSASSLLDLIWLET
ILPKTISLAQMKMSTTITSQKGLIKLYFLSFLITILIST
;
L
14 'polypeptide(L)'
;MMTYIVFILSIIFVMGFVGFSSKPSPIYGGLGLIVSGGVGCGIVLNFGGSFLGLMVFLIYLGGMMVVFGYTTAMATEQYP
EVWVSNKVVLGTFITGLLMEFLMVYYVLKDKEVEIVFKFNGMGDWVIYDTGDSGFFSEEAMGIAALYSYGTWLVIVTGWS
LLIGVVVIMEITRGN
;
J
15 'polypeptide(L)' SAESGKNEKGLPPNPKKQSPPKKPASAAPTEPFDNTTYKNLQHHDYSTYTFLDLNLDLSKFRMPQPSSGRESPRH a
16 'polypeptide(L)'
;GVRTSPTGEKVTHTGQVYDDEDYRRVRFVGRQKEVNENFAIDLIAEQPVSQVGSRVISCDGGGGALGHPRVYINLDKETK
TGTCGYCGLQFRQQHH
;
b
17 'polypeptide(L)'
;AQDQTRDTQLITVDEKLDITTLTGVPEEHIKTRKARIFVPARNNMQSGVNNTKKWKMEFDTRERWENPLMGWASTADPLS
NLVLTFSTKEDAIAFAEKNGWSYDVEERKVPKPKSKSYGANFSWNKRTRVSTK
;
c
18 'polypeptide(L)'
;LHHAVIPHGKGGRSSVSGIVATVFGATGFLGRYLVNHLGRMGSQVIVPYRCEPYDTMHLRPMGDLGQIIFMDWNGRDKDS
IRRAVEHSNVVINLVGREWETKNFDFEDVFVKIPQAIAQVSKEAGVEKFIHISHLNADIKSSSKYLRNKAVGEKEVRETF
PEATIIKPADIFGREDRFLNYFANIRWFGGVPLISLGKKTVKQPVYIVDVTKGIINAIKDPDARGKTFAFVGPNRYLLFD
LVQYVFAVAHRPFLPYPMPHFAYRWIGRLFEISPFEPWTTRDKVERIHTTDRTLPHLPGLEDLGVQATPLELKAIEVLRR
HRTYRWLSSEIEDVQPAK
;
d
19 'polypeptide(L)'
;AAAAAIRGVRGKLGLREIRIHLCQRSPGSQGVRDFIEKRYVELKKANPDLPILIRECSDVQPKLWARYAFGQEKNVSLNN
FSADQVTRALENVLSSKA
;
e
20 'polypeptide(L)'
;AGLLKKTTGLVGLAVCETPHERLKILYTKILDVLGHIPKNAAYRKYTEQITNEKLSIVKAEPDVKKLEEQLQGGQIEEVI
LQAENELSLARKMIQWKPWEPLVEEPPASQWKWPI
;
f
21 'polypeptide(L)'
;AASGLRQAAVAASTSVKPIFSRDMNEAKRRVRELYRAWYREVPNTVHLFQLDISVKQGRDKVREMFKKNAHVTDPRVVDL
LVIKGKMELEETINVWKQRTHVMRFFHETEAPRPKDFLSKFYVGHDP
;
g
22 'polypeptide(L)'
;ASATRLIQGLRNWASGRDLQAKLQLRYQEISKRTQPPPKLPVGPSHRLSNNYYCARDGRREAMPPSIVMSSQKVLVAGKP
AESSAVAASEKKAVSPAPPIKRWELSQDEPYL
;
h
23 'polypeptide(L)'
;MELLQVLKRGLQQVSGHGGLRGYLRVLFRANDVRVGTLVGEDKYGNKYYEDNKQFFGRHRWVIYTTEMNGKNTFWDVDGS
MVPPEWHRWLHCMTDDPPTVKPPTARKFIWTNHKFNLSGTPQQYVPYSTTRKKIQEWVPPSTPYK
;
i
24 'polypeptide(L)'
;SDAPPLTLEGIKDRVLYVLKLYDKIDPEKLSVNSHFMKDLGLDSLDQVEIIMAMEDEFGFEIPDIDAEKLMCPQEIVDYI
ADKKDVYE
;
j,X
25 'polypeptide(L)'
;LQYGPLAYILGEKTTKKMTENSKLITVDGNICSGKSKLAKEVAEKLGLKHFPEAGIHYADSTTGDGKPLPVRFSGNCSLE
KFYDDPKSNDGNSYRLQAWLYASRLLQYADALEHLLSTGQGVVLERSIYSDFVFLEAMYRQGFIRKQCVDHYNQVKKVTV
CEYLPPHVVIYVDVPVSEVQSRIQKKGNPHEMKITSAYLQDIENVYKGTFLPEMSEKCEVLQYSAWEAEDAEKVVEDIQY
LKYDKGPWLDQDDRKLHNLRMLVQDKLEVLNYTSIPVFLPEVTIGAHQSDRVFQEFTELPGRKYRAGYNEDVGDKWIWLK
;
k
26 'polypeptide(L)'
;PFFDVQKKLGVDLDHWMTIQSAEQPHRIPARCHAFEKEWIECAHGIGSIRAEKECKIEFEDFRECLLRQKTMKRLNAIKR
QRDKLIKEGKYTPPPHHSGQEDLRP
;
l
27 'polypeptide(L)'
;APRVAAFLKNVWAKEPVLVASFAIAGLAVILPTLSPYTKYSLMINRATPYNYPVPLRDDGNMPDVPSHPQDPQGPSLEWL
KRL
;
m
28 'polypeptide(L)'
;AHGHGHEHGPSKMELPDYKQWKIEGTPLETVQEKLAARGLRDPWGRNEAWRYMGGFANNVSFVGALLKGFKWGFAAFVVA
VGAEYYLESQKKDKKHH
;
n
29 'polypeptide(L)'
;MMTGRQARAPLQFLPDEARSLPPPKLTDPRLAYIGFLGYCSGLIDNAIRRRPVLSAGLHRQFLYITSFVFVGYYLLKRQD
YMYAVRDHDMFSYIKSHPEDFPEKDKKTYREVFEEFHPVR
;
o
30 'polypeptide(L)'
;SFPKYEPSRLASLPTTLDPAEYDISSETRKAQAERLAIRSRLKREYQLQYNDPSRRGVVEDPALIRWTCARSANVYPNFR
PNTKTSLLGALFGIGPLIFWYYVFKTDRDRKEKLIQEGKLDRTFNISY
;
p
31 'polypeptide(L)'
;AASKVKQDMPPVGGYGPIDYKRNLPRRGLSGYSMFAVGIGALLFGYWSMMRWNRERRRLQIEDFEARIALMPLLQAEKDR
RVLQMLRENLEEEATIMKDVPGWKVGESVFHTTRWVTPMMGELYGLRTGEEILSSTYGFIWYT
;
q
32 'polypeptide(L)'
;SGYTPDEKLRLQQLRELRRRWLKDQELSPREPVLPPRRVSPVERFWNKFLQDGALWKNVIYKTYRHSIFAFTHVLIPVWI
IHYYLKYHVTTKPYTIVEKKPRIFPGDTILETGEVIPPMKEFPDQHH
;
r
33 'polypeptide(L)'
;GAHLARRYLGDASVEPEPLRMPTFPPDYGFPERKEREMVATQQEMNDAQLVLQQRDYCAHYLIRFLKCKRDSFPNFLACK
HEQHDWDYCEHLDYVKRMKEFERERRLLQRKKRREQREADMAKGLGPGEVAPEVAL
;
s
34 'polypeptide(L)'
;AFLPSAAYLTHQQKVLQLYKRALRHLESRCVHRDKYRYFACLLRARFDEHKNEKDMVKATQLLREAEKEFWHGQHPQPYI
FPESPGGTSYERYECYKVPEWCLDDWHPSEKAMYPDYFAKREQWKKLRRESWEREVKQLQEETPVGGPRTEALPPARKQG
DLPPLWWHIVTRPRERPM
;
t
35 'polypeptide(L)' AGGGAHIEPRYRQFPQLTRSQVIQAEFFSATMWFWILWRFWHDSDAVLGHFPYPDPSQWTDEELGIPPDDED u
36 'polypeptide(L)'
;ASHITKDMLPGPYPKTPEERAAAAKKYNMRVEDYEPYPDDGMGYGDYPKLPDRSQQERDPWYDWDHPDLRLNWGEPMHWD
LDMYIRNRVDTSPTPVNWNLMCKHLFGFVAFMLFMFWVGETYPTYQPVGPKQYPYNNLYLERGGDPNKEPEPVVHYEI
;
v
37 'polypeptide(L)'
;ESSSSRAVIAPSTLAGKRPSEPTLRWQEDPEPEDENLYEKNPDSHGYDKDPAVDVWNMRVVFFFGFSIVLVLGSTFVAYL
PDYRMQEWARREAERLVKYREAHGLPLMESNCFDPSKIQLPEDED
;
w
38 'polypeptide(L)' KFYIQEPPHGSPNWLKVGLTLGTSAFLWIYLIKQHNEDVLEYKRRNGLE x
39 'polypeptide(L)' MNLLQVVRDHWIHVLVPVGFVFGYYLDRKNDEKLAAFRNKSLLYKRELKPNEEVTWK y
40 'polypeptide(L)' MWFEVLPGIAVMGVCLFIPGMATARIHRFSNGGREKRVAHYSYQWYLMERDRRVSGVNRYYVSKGLENID z
41 'polypeptide(L)'
;PDSWDKDVYPEPPRRTPAPSPQTSLPNPITYLTKAFDLLVDRPVTLVREFIERQHAKNKYYYYHREFRRVPDITECHEKD
VLCMFEAEMQWKRDYKVDQEIVNIIQERLKACQQREGESHRQNCAKELQQFTQVVKAYQDRYHDLGAHYSARKCLAKQKQ
RMLAERKATKEAAAA
;
Z
42 'polypeptide(L)'
;PGIVELPSLEDLKVQEVKVSSSVLKAAAHHYGAQCDKPNKEFMLCRWEEKDPRRCLEEGKLVNQCALEFFRQIKRHCAEP
FTEYWTCIDYSGLQLFRRCRKEQAQFDKCVLDKLGWVRPDLGELSKVTKVKTDRPLPENPYHSRARPEPNPEVEGDLKPA
RHGSRLFFWTM
;
Y
43 'polypeptide(L)'
;SGDHGKRLFIIKPSGFYDKRFLKLLRFYILLTGIPVVIGITLINVFIGEAELAEIPEGYVPEHWEYFKHPISRWIARTFF
DAPEKNYERTMAILQIESEKAELRLKELEVRRLMRAKGDGPWFQYPTIDKALIDHSPKATPDN
;
W
44 'polypeptide(L)'
;(UNK)(UNK)(UNK)(UNK)(UNK)(UNK)(UNK)(UNK)(UNK)(UNK)(UNK)(UNK)(UNK)(UNK)(UNK)(UNK)
(UNK)(UNK)(UNK)(UNK)(UNK)(UNK)(UNK)(UNK)(UNK)(UNK)(UNK)(UNK)(UNK)(UNK)(UNK)(UNK)
(UNK)(UNK)(UNK)(UNK)(UNK)(UNK)(UNK)(UNK)(UNK)(UNK)(UNK)(UNK)(UNK)(UNK)(UNK)(UNK)
(UNK)(UNK)(UNK)(UNK)(UNK)(UNK)(UNK)(UNK)(UNK)(UNK)(UNK)(UNK)(UNK)(UNK)(UNK)(UNK)
(UNK)(UNK)(UNK)(UNK)(UNK)(UNK)(UNK)(UNK)(UNK)(UNK)(UNK)(UNK)(UNK)(UNK)(UNK)(UNK)
(UNK)(UNK)(UNK)(UNK)(UNK)(UNK)(UNK)(UNK)(UNK)(UNK)(UNK)(UNK)(UNK)(UNK)(UNK)(UNK)
(UNK)(UNK)(UNK)(UNK)(UNK)(UNK)(UNK)(UNK)(UNK)(UNK)(UNK)(UNK)(UNK)(UNK)(UNK)(UNK)
(UNK)(UNK)(UNK)(UNK)(UNK)(UNK)(UNK)
;
V
#
# COMPACT_ATOMS: atom_id res chain seq x y z
N PRO A 8 120.64 -51.01 -24.32
CA PRO A 8 120.07 -50.97 -25.68
C PRO A 8 120.58 -49.77 -26.47
N LYS A 9 119.68 -49.14 -27.22
CA LYS A 9 119.99 -47.90 -27.92
C LYS A 9 119.58 -46.75 -27.02
N LYS A 10 120.55 -46.01 -26.52
CA LYS A 10 120.30 -44.92 -25.59
C LYS A 10 119.89 -43.69 -26.37
N THR A 11 119.87 -42.53 -25.70
CA THR A 11 119.34 -41.31 -26.32
C THR A 11 120.02 -40.97 -27.63
N SER A 12 121.20 -41.52 -27.89
CA SER A 12 121.86 -41.28 -29.17
C SER A 12 121.06 -41.93 -30.28
N PHE A 13 120.64 -41.12 -31.25
CA PHE A 13 119.97 -41.60 -32.44
C PHE A 13 120.35 -40.67 -33.58
N GLY A 14 120.13 -41.15 -34.80
CA GLY A 14 120.54 -40.43 -35.97
C GLY A 14 121.88 -40.85 -36.52
N SER A 15 122.69 -41.55 -35.73
CA SER A 15 123.86 -42.22 -36.28
C SER A 15 123.38 -43.43 -37.06
N LEU A 16 123.75 -43.49 -38.33
CA LEU A 16 123.27 -44.53 -39.22
C LEU A 16 124.38 -45.53 -39.54
N LYS A 17 123.97 -46.76 -39.79
CA LYS A 17 124.89 -47.82 -40.18
C LYS A 17 124.45 -48.36 -41.53
N ASP A 18 125.27 -48.13 -42.55
CA ASP A 18 125.06 -48.73 -43.85
C ASP A 18 125.21 -50.24 -43.74
N GLU A 19 124.75 -50.93 -44.79
CA GLU A 19 124.81 -52.38 -44.99
C GLU A 19 123.86 -53.08 -44.03
N ASP A 20 123.37 -52.35 -43.04
CA ASP A 20 122.22 -52.78 -42.25
C ASP A 20 120.92 -52.12 -42.71
N ARG A 21 120.96 -51.35 -43.79
CA ARG A 21 119.78 -50.64 -44.27
C ARG A 21 118.79 -51.64 -44.86
N ILE A 22 117.67 -51.10 -45.34
CA ILE A 22 116.61 -51.92 -45.91
C ILE A 22 116.66 -51.84 -47.42
N PHE A 23 116.47 -50.64 -47.96
CA PHE A 23 116.30 -50.48 -49.40
C PHE A 23 117.65 -50.19 -50.04
N THR A 24 118.19 -51.18 -50.73
CA THR A 24 119.25 -50.96 -51.69
C THR A 24 118.65 -50.40 -52.98
N ASN A 25 119.50 -49.79 -53.81
CA ASN A 25 119.16 -49.33 -55.15
C ASN A 25 118.24 -48.11 -55.13
N LEU A 26 117.83 -47.64 -53.95
CA LEU A 26 116.89 -46.54 -53.88
C LEU A 26 117.34 -45.34 -54.70
N TYR A 27 118.63 -45.22 -54.97
CA TYR A 27 119.16 -44.16 -55.82
C TYR A 27 119.26 -44.57 -57.29
N GLY A 28 118.73 -45.74 -57.65
CA GLY A 28 118.80 -46.18 -59.03
C GLY A 28 120.16 -46.69 -59.45
N ARG A 29 120.70 -47.64 -58.70
CA ARG A 29 122.01 -48.21 -58.97
C ARG A 29 121.87 -49.68 -59.35
N HIS A 30 123.03 -50.30 -59.65
CA HIS A 30 123.13 -51.74 -59.83
C HIS A 30 122.11 -52.32 -60.78
N ASP A 31 121.56 -53.49 -60.47
CA ASP A 31 120.80 -54.27 -61.42
C ASP A 31 119.34 -54.31 -61.02
N TRP A 32 118.47 -53.82 -61.90
CA TRP A 32 117.03 -53.81 -61.66
C TRP A 32 116.42 -54.94 -62.47
N ARG A 33 116.13 -56.05 -61.81
CA ARG A 33 115.52 -57.25 -62.39
C ARG A 33 115.17 -58.18 -61.24
N LEU A 34 114.57 -59.32 -61.59
CA LEU A 34 114.50 -60.42 -60.63
C LEU A 34 115.88 -61.00 -60.37
N LYS A 35 116.79 -60.86 -61.34
CA LYS A 35 118.15 -61.37 -61.16
C LYS A 35 118.96 -60.43 -60.28
N GLY A 36 118.88 -59.14 -60.54
CA GLY A 36 119.56 -58.16 -59.71
C GLY A 36 119.03 -58.18 -58.29
N ALA A 37 117.72 -57.99 -58.14
CA ALA A 37 117.14 -58.06 -56.80
C ALA A 37 117.34 -59.44 -56.18
N GLN A 38 117.43 -60.46 -57.02
CA GLN A 38 117.69 -61.81 -56.53
C GLN A 38 119.05 -61.87 -55.85
N SER A 39 120.09 -61.45 -56.56
CA SER A 39 121.42 -61.45 -55.97
C SER A 39 121.55 -60.43 -54.83
N ARG A 40 120.66 -59.46 -54.76
CA ARG A 40 120.66 -58.48 -53.68
C ARG A 40 119.87 -58.95 -52.46
N GLY A 41 119.32 -60.15 -52.49
CA GLY A 41 118.68 -60.73 -51.32
C GLY A 41 117.18 -60.82 -51.39
N ASP A 42 116.53 -60.17 -52.34
CA ASP A 42 115.09 -60.29 -52.45
C ASP A 42 114.71 -61.70 -52.89
N TRP A 43 113.60 -62.19 -52.35
CA TRP A 43 113.08 -63.52 -52.69
C TRP A 43 114.08 -64.62 -52.34
N TYR A 44 114.59 -64.61 -51.12
CA TYR A 44 115.53 -65.62 -50.66
C TYR A 44 114.95 -66.33 -49.44
N LYS A 45 114.78 -67.65 -49.57
CA LYS A 45 114.17 -68.54 -48.58
C LYS A 45 112.68 -68.27 -48.44
N THR A 46 112.14 -67.27 -49.14
CA THR A 46 110.80 -66.77 -48.90
C THR A 46 109.74 -67.86 -48.91
N LYS A 47 109.97 -68.96 -49.63
CA LYS A 47 109.03 -70.08 -49.55
C LYS A 47 108.88 -70.56 -48.11
N GLU A 48 110.00 -70.59 -47.37
CA GLU A 48 109.95 -71.10 -46.00
C GLU A 48 109.12 -70.19 -45.11
N ILE A 49 109.11 -68.89 -45.39
CA ILE A 49 108.22 -67.98 -44.69
C ILE A 49 106.78 -68.41 -44.89
N LEU A 50 106.36 -68.53 -46.16
CA LEU A 50 104.97 -68.80 -46.46
C LEU A 50 104.52 -70.15 -45.93
N LEU A 51 105.34 -71.18 -46.08
CA LEU A 51 105.00 -72.48 -45.52
C LEU A 51 105.11 -72.51 -44.01
N LYS A 52 105.81 -71.55 -43.41
CA LYS A 52 105.97 -71.53 -41.96
C LYS A 52 104.68 -71.13 -41.25
N GLY A 53 103.71 -70.59 -41.97
CA GLY A 53 102.39 -70.34 -41.42
C GLY A 53 102.10 -68.88 -41.14
N PRO A 54 100.82 -68.52 -41.19
CA PRO A 54 100.45 -67.12 -40.97
C PRO A 54 100.75 -66.62 -39.58
N ASP A 55 100.46 -67.41 -38.55
CA ASP A 55 100.58 -66.93 -37.18
C ASP A 55 102.02 -66.53 -36.85
N TRP A 56 103.00 -67.25 -37.40
CA TRP A 56 104.38 -66.85 -37.18
C TRP A 56 104.70 -65.53 -37.86
N ILE A 57 104.09 -65.25 -39.01
CA ILE A 57 104.31 -63.98 -39.68
C ILE A 57 103.69 -62.85 -38.87
N LEU A 58 102.43 -63.02 -38.48
CA LEU A 58 101.76 -62.00 -37.68
C LEU A 58 102.53 -61.72 -36.40
N GLY A 59 102.81 -62.76 -35.62
CA GLY A 59 103.59 -62.58 -34.40
C GLY A 59 104.97 -62.02 -34.66
N GLU A 60 105.50 -62.27 -35.86
CA GLU A 60 106.77 -61.67 -36.24
C GLU A 60 106.64 -60.16 -36.35
N VAL A 61 105.60 -59.70 -37.05
CA VAL A 61 105.39 -58.26 -37.21
C VAL A 61 105.12 -57.61 -35.85
N LYS A 62 104.28 -58.23 -35.03
CA LYS A 62 104.01 -57.66 -33.71
C LYS A 62 105.26 -57.65 -32.86
N THR A 63 106.10 -58.68 -32.99
CA THR A 63 107.38 -58.69 -32.27
C THR A 63 108.25 -57.53 -32.72
N SER A 64 108.26 -57.24 -34.02
CA SER A 64 108.97 -56.06 -34.49
C SER A 64 108.35 -54.80 -33.92
N GLY A 65 107.05 -54.81 -33.62
CA GLY A 65 106.38 -53.65 -33.10
C GLY A 65 106.39 -52.46 -34.02
N LEU A 66 106.51 -52.69 -35.33
CA LEU A 66 106.60 -51.59 -36.27
C LEU A 66 105.27 -50.84 -36.35
N ARG A 67 105.35 -49.63 -36.86
CA ARG A 67 104.19 -48.75 -36.97
C ARG A 67 103.88 -48.51 -38.44
N GLY A 68 102.60 -48.23 -38.71
CA GLY A 68 102.17 -48.00 -40.07
C GLY A 68 102.77 -46.73 -40.66
N ARG A 69 102.43 -46.48 -41.92
CA ARG A 69 102.96 -45.34 -42.65
C ARG A 69 101.81 -44.51 -43.19
N GLY A 70 102.16 -43.42 -43.87
CA GLY A 70 101.17 -42.47 -44.33
C GLY A 70 100.66 -41.55 -43.25
N GLY A 71 101.41 -41.38 -42.17
CA GLY A 71 101.00 -40.58 -41.05
C GLY A 71 99.93 -41.20 -40.18
N ALA A 72 99.37 -42.35 -40.56
CA ALA A 72 98.34 -42.97 -39.75
C ALA A 72 98.88 -43.37 -38.38
N GLY A 73 100.08 -43.92 -38.34
CA GLY A 73 100.69 -44.26 -37.08
C GLY A 73 100.07 -45.43 -36.36
N PHE A 74 99.26 -46.21 -37.02
CA PHE A 74 98.66 -47.31 -36.28
C PHE A 74 99.55 -48.55 -36.32
N PRO A 75 99.51 -49.36 -35.27
CA PRO A 75 100.30 -50.58 -35.27
C PRO A 75 99.82 -51.56 -36.34
N THR A 76 100.77 -52.17 -37.04
CA THR A 76 100.41 -53.02 -38.17
C THR A 76 99.89 -54.37 -37.72
N GLY A 77 100.51 -54.95 -36.68
CA GLY A 77 100.13 -56.28 -36.24
C GLY A 77 98.65 -56.41 -35.97
N LEU A 78 98.04 -55.36 -35.43
CA LEU A 78 96.61 -55.41 -35.18
C LEU A 78 95.82 -55.37 -36.48
N LYS A 79 96.08 -54.35 -37.31
CA LYS A 79 95.35 -54.19 -38.56
C LYS A 79 95.38 -55.48 -39.37
N TRP A 80 96.58 -56.04 -39.56
CA TRP A 80 96.65 -57.30 -40.30
C TRP A 80 96.13 -58.47 -39.48
N SER A 81 96.04 -58.33 -38.16
CA SER A 81 95.51 -59.42 -37.37
C SER A 81 94.00 -59.54 -37.47
N PHE A 82 93.30 -58.46 -37.82
CA PHE A 82 91.85 -58.55 -37.97
C PHE A 82 91.45 -59.62 -38.98
N MET A 83 92.23 -59.77 -40.06
CA MET A 83 91.84 -60.64 -41.15
C MET A 83 91.93 -62.13 -40.81
N ASN A 84 92.46 -62.47 -39.63
CA ASN A 84 92.61 -63.87 -39.23
C ASN A 84 91.28 -64.55 -38.93
N LYS A 85 90.15 -63.84 -39.04
CA LYS A 85 88.83 -64.38 -38.81
C LYS A 85 88.65 -65.68 -39.61
N PRO A 86 87.90 -66.64 -39.09
CA PRO A 86 87.59 -67.83 -39.88
C PRO A 86 87.00 -67.46 -41.23
N SER A 87 87.41 -68.18 -42.26
CA SER A 87 87.10 -67.80 -43.63
C SER A 87 85.61 -67.88 -43.89
N ASP A 88 85.19 -67.15 -44.92
CA ASP A 88 83.80 -67.02 -45.30
C ASP A 88 83.69 -67.27 -46.81
N GLY A 89 82.46 -67.40 -47.29
CA GLY A 89 82.23 -67.71 -48.69
C GLY A 89 82.60 -66.58 -49.61
N ARG A 90 83.24 -65.54 -49.08
CA ARG A 90 83.67 -64.40 -49.85
C ARG A 90 85.18 -64.26 -49.79
N PRO A 91 85.82 -63.87 -50.89
CA PRO A 91 87.28 -63.86 -50.95
C PRO A 91 87.87 -62.72 -50.15
N LYS A 92 89.18 -62.82 -49.91
CA LYS A 92 89.93 -61.78 -49.24
C LYS A 92 90.97 -61.20 -50.18
N TYR A 93 91.30 -59.92 -49.97
CA TYR A 93 92.24 -59.20 -50.82
C TYR A 93 93.28 -58.50 -49.97
N LEU A 94 94.34 -58.04 -50.63
CA LEU A 94 95.34 -57.18 -50.03
C LEU A 94 95.49 -55.97 -50.93
N VAL A 95 95.12 -54.80 -50.44
CA VAL A 95 95.18 -53.57 -51.22
C VAL A 95 96.40 -52.78 -50.77
N VAL A 96 97.40 -52.72 -51.63
CA VAL A 96 98.60 -51.95 -51.37
C VAL A 96 98.43 -50.57 -51.99
N ASN A 97 98.64 -49.53 -51.19
CA ASN A 97 98.38 -48.17 -51.62
C ASN A 97 99.67 -47.61 -52.19
N ALA A 98 99.71 -47.43 -53.52
CA ALA A 98 100.86 -46.83 -54.15
C ALA A 98 100.69 -45.34 -54.38
N ASP A 99 99.50 -44.79 -54.17
CA ASP A 99 99.34 -43.35 -54.27
C ASP A 99 100.25 -42.65 -53.29
N GLU A 100 100.93 -41.62 -53.77
CA GLU A 100 101.58 -40.69 -52.85
C GLU A 100 101.00 -39.31 -53.10
N GLY A 101 100.24 -38.82 -52.12
CA GLY A 101 99.71 -37.48 -52.16
C GLY A 101 100.54 -36.56 -51.28
N GLU A 102 100.06 -35.32 -51.20
CA GLU A 102 100.69 -34.25 -50.44
C GLU A 102 101.99 -33.84 -51.11
N PRO A 103 102.40 -32.59 -50.97
CA PRO A 103 103.64 -32.13 -51.61
C PRO A 103 104.86 -32.63 -50.86
N GLY A 104 106.03 -32.31 -51.41
CA GLY A 104 107.31 -32.59 -50.79
C GLY A 104 107.45 -34.01 -50.28
N THR A 105 107.22 -35.01 -51.14
CA THR A 105 107.21 -36.36 -50.59
C THR A 105 108.09 -37.36 -51.32
N CYS A 106 107.73 -37.76 -52.54
CA CYS A 106 108.49 -38.72 -53.35
C CYS A 106 108.49 -40.12 -52.76
N LYS A 107 107.85 -40.32 -51.61
CA LYS A 107 107.89 -41.54 -50.81
C LYS A 107 107.79 -42.83 -51.62
N ASP A 108 106.63 -43.08 -52.22
CA ASP A 108 106.41 -44.35 -52.91
C ASP A 108 107.10 -44.40 -54.27
N ARG A 109 107.20 -43.26 -54.95
CA ARG A 109 107.70 -43.23 -56.31
C ARG A 109 109.05 -43.94 -56.44
N GLU A 110 110.02 -43.50 -55.65
CA GLU A 110 111.38 -43.98 -55.82
C GLU A 110 111.47 -45.46 -55.51
N ILE A 111 110.80 -45.89 -54.43
CA ILE A 111 110.76 -47.31 -54.08
C ILE A 111 110.22 -48.13 -55.24
N ILE A 112 109.01 -47.81 -55.70
CA ILE A 112 108.38 -48.65 -56.71
C ILE A 112 109.17 -48.61 -58.00
N ARG A 113 109.91 -47.54 -58.25
CA ARG A 113 110.75 -47.51 -59.44
C ARG A 113 111.93 -48.46 -59.31
N HIS A 114 112.71 -48.33 -58.24
CA HIS A 114 114.02 -48.97 -58.23
C HIS A 114 114.07 -50.30 -57.49
N ASP A 115 113.01 -50.72 -56.81
CA ASP A 115 113.00 -52.01 -56.11
C ASP A 115 111.60 -52.62 -56.15
N PRO A 116 111.13 -52.99 -57.34
CA PRO A 116 109.77 -53.53 -57.42
C PRO A 116 109.59 -54.86 -56.73
N HIS A 117 110.55 -55.78 -56.89
CA HIS A 117 110.34 -57.13 -56.40
C HIS A 117 110.22 -57.18 -54.89
N LYS A 118 110.80 -56.21 -54.18
CA LYS A 118 110.61 -56.19 -52.73
C LYS A 118 109.16 -55.86 -52.40
N LEU A 119 108.55 -54.93 -53.13
CA LEU A 119 107.14 -54.61 -52.92
C LEU A 119 106.27 -55.82 -53.22
N VAL A 120 106.51 -56.47 -54.35
CA VAL A 120 105.69 -57.63 -54.71
C VAL A 120 105.85 -58.74 -53.68
N GLU A 121 107.08 -59.00 -53.26
CA GLU A 121 107.31 -60.04 -52.25
C GLU A 121 106.59 -59.70 -50.96
N GLY A 122 106.60 -58.43 -50.57
CA GLY A 122 105.80 -58.01 -49.44
C GLY A 122 104.33 -58.31 -49.64
N CYS A 123 103.82 -58.02 -50.85
CA CYS A 123 102.42 -58.32 -51.14
C CYS A 123 102.13 -59.79 -50.93
N LEU A 124 103.01 -60.66 -51.41
CA LEU A 124 102.78 -62.10 -51.25
C LEU A 124 102.82 -62.50 -49.78
N VAL A 125 103.81 -62.01 -49.03
CA VAL A 125 103.93 -62.41 -47.63
C VAL A 125 102.71 -61.95 -46.84
N GLY A 126 102.27 -60.72 -47.05
CA GLY A 126 101.08 -60.25 -46.36
C GLY A 126 99.84 -61.02 -46.75
N GLY A 127 99.71 -61.31 -48.04
CA GLY A 127 98.55 -62.07 -48.50
C GLY A 127 98.45 -63.43 -47.85
N ARG A 128 99.54 -64.19 -47.89
CA ARG A 128 99.55 -65.48 -47.20
C ARG A 128 99.38 -65.31 -45.71
N ALA A 129 99.82 -64.17 -45.16
CA ALA A 129 99.71 -63.93 -43.72
C ALA A 129 98.25 -63.81 -43.31
N MET A 130 97.50 -62.93 -43.95
CA MET A 130 96.11 -62.74 -43.59
C MET A 130 95.15 -63.62 -44.38
N GLY A 131 95.64 -64.33 -45.39
CA GLY A 131 94.79 -65.21 -46.16
C GLY A 131 94.18 -64.60 -47.39
N ALA A 132 94.73 -63.49 -47.88
CA ALA A 132 94.15 -62.82 -49.03
C ALA A 132 94.37 -63.63 -50.30
N ARG A 133 93.40 -63.53 -51.21
CA ARG A 133 93.52 -64.23 -52.48
C ARG A 133 94.46 -63.52 -53.45
N ALA A 134 94.30 -62.21 -53.59
CA ALA A 134 95.06 -61.45 -54.56
C ALA A 134 95.41 -60.08 -53.98
N ALA A 135 96.35 -59.41 -54.63
CA ALA A 135 96.81 -58.10 -54.18
C ALA A 135 96.67 -57.08 -55.31
N TYR A 136 95.80 -56.11 -55.10
CA TYR A 136 95.79 -54.93 -55.95
C TYR A 136 96.89 -53.97 -55.50
N ILE A 137 97.38 -53.18 -56.45
CA ILE A 137 98.21 -52.03 -56.15
C ILE A 137 97.64 -50.86 -56.94
N TYR A 138 97.14 -49.85 -56.24
CA TYR A 138 96.54 -48.69 -56.86
C TYR A 138 97.56 -47.57 -56.82
N ILE A 139 98.01 -47.15 -58.00
CA ILE A 139 99.10 -46.20 -58.12
C ILE A 139 98.55 -44.92 -58.72
N ARG A 140 99.14 -43.80 -58.31
CA ARG A 140 98.78 -42.51 -58.89
C ARG A 140 98.94 -42.58 -60.40
N GLY A 141 97.87 -42.25 -61.13
CA GLY A 141 97.89 -42.37 -62.58
C GLY A 141 98.95 -41.55 -63.25
N GLU A 142 99.52 -40.57 -62.54
CA GLU A 142 100.64 -39.80 -63.04
C GLU A 142 101.86 -40.67 -63.33
N PHE A 143 101.91 -41.86 -62.76
CA PHE A 143 103.10 -42.69 -62.69
C PHE A 143 103.23 -43.68 -63.85
N TYR A 144 102.53 -43.44 -64.96
CA TYR A 144 102.43 -44.40 -66.06
C TYR A 144 103.72 -45.17 -66.30
N ASN A 145 104.81 -44.47 -66.62
CA ASN A 145 106.11 -45.12 -66.77
C ASN A 145 106.45 -46.01 -65.57
N GLU A 146 106.35 -45.44 -64.37
CA GLU A 146 106.68 -46.17 -63.15
C GLU A 146 105.88 -47.47 -63.05
N ALA A 147 104.55 -47.35 -62.95
CA ALA A 147 103.70 -48.52 -62.86
C ALA A 147 103.94 -49.48 -64.02
N SER A 148 104.42 -48.98 -65.16
CA SER A 148 104.80 -49.86 -66.25
C SER A 148 106.01 -50.70 -65.86
N ASN A 149 107.03 -50.07 -65.28
CA ASN A 149 108.14 -50.84 -64.72
C ASN A 149 107.62 -51.90 -63.75
N LEU A 150 106.67 -51.52 -62.91
CA LEU A 150 106.05 -52.50 -62.01
C LEU A 150 105.44 -53.66 -62.80
N GLN A 151 104.76 -53.35 -63.90
CA GLN A 151 104.23 -54.39 -64.77
C GLN A 151 105.34 -55.33 -65.23
N VAL A 152 106.46 -54.76 -65.67
CA VAL A 152 107.56 -55.59 -66.15
C VAL A 152 108.03 -56.54 -65.06
N ALA A 153 108.23 -56.02 -63.85
CA ALA A 153 108.74 -56.85 -62.77
C ALA A 153 107.74 -57.95 -62.41
N ILE A 154 106.46 -57.61 -62.36
CA ILE A 154 105.45 -58.62 -62.05
C ILE A 154 105.45 -59.70 -63.12
N ARG A 155 105.50 -59.30 -64.39
CA ARG A 155 105.62 -60.27 -65.47
C ARG A 155 106.83 -61.17 -65.25
N GLU A 156 107.95 -60.59 -64.81
CA GLU A 156 109.10 -61.41 -64.45
C GLU A 156 108.73 -62.44 -63.39
N ALA A 157 107.92 -62.02 -62.41
CA ALA A 157 107.56 -62.94 -61.33
C ALA A 157 106.70 -64.09 -61.84
N TYR A 158 105.75 -63.80 -62.72
CA TYR A 158 104.92 -64.87 -63.27
C TYR A 158 105.74 -65.79 -64.18
N GLU A 159 106.55 -65.22 -65.06
CA GLU A 159 107.36 -66.06 -65.95
C GLU A 159 108.29 -66.96 -65.15
N ALA A 160 108.87 -66.44 -64.07
CA ALA A 160 109.70 -67.27 -63.22
C ALA A 160 108.91 -68.27 -62.40
N GLY A 161 107.58 -68.22 -62.46
CA GLY A 161 106.79 -69.03 -61.55
C GLY A 161 106.92 -68.61 -60.12
N LEU A 162 107.34 -67.36 -59.88
CA LEU A 162 107.64 -66.92 -58.54
C LEU A 162 106.37 -66.60 -57.76
N ILE A 163 105.37 -66.03 -58.44
CA ILE A 163 104.03 -65.86 -57.90
C ILE A 163 103.05 -66.42 -58.92
N GLY A 164 101.76 -66.29 -58.61
CA GLY A 164 100.76 -66.99 -59.37
C GLY A 164 100.46 -68.33 -58.73
N LYS A 165 100.05 -69.31 -59.52
CA LYS A 165 99.72 -70.63 -58.97
C LYS A 165 100.94 -71.24 -58.31
N ASN A 166 100.78 -71.64 -57.04
CA ASN A 166 101.86 -72.26 -56.27
C ASN A 166 103.09 -71.35 -56.23
N ALA A 167 102.87 -70.12 -55.76
CA ALA A 167 103.93 -69.12 -55.70
C ALA A 167 105.16 -69.67 -54.98
N CYS A 168 106.32 -69.47 -55.59
CA CYS A 168 107.59 -70.01 -55.10
C CYS A 168 107.53 -71.53 -54.95
N GLY A 169 106.72 -72.18 -55.78
CA GLY A 169 106.56 -73.62 -55.67
C GLY A 169 105.86 -74.09 -54.41
N SER A 170 105.32 -73.17 -53.62
CA SER A 170 104.71 -73.52 -52.35
C SER A 170 103.32 -74.12 -52.57
N GLY A 171 102.64 -74.41 -51.47
CA GLY A 171 101.32 -75.02 -51.54
C GLY A 171 100.19 -74.01 -51.56
N TYR A 172 100.48 -72.77 -51.98
CA TYR A 172 99.47 -71.73 -52.02
C TYR A 172 99.65 -70.89 -53.28
N ASP A 173 98.54 -70.42 -53.83
CA ASP A 173 98.53 -69.61 -55.04
C ASP A 173 98.05 -68.20 -54.72
N PHE A 174 98.83 -67.19 -55.12
CA PHE A 174 98.48 -65.81 -54.85
C PHE A 174 98.74 -64.99 -56.11
N ASP A 175 97.68 -64.52 -56.75
CA ASP A 175 97.77 -63.62 -57.90
C ASP A 175 97.93 -62.17 -57.43
N VAL A 176 98.47 -61.33 -58.31
CA VAL A 176 98.52 -59.90 -58.07
C VAL A 176 97.98 -59.18 -59.29
N PHE A 177 97.25 -58.09 -59.05
CA PHE A 177 96.76 -57.20 -60.09
C PHE A 177 97.29 -55.81 -59.81
N VAL A 178 97.30 -54.96 -60.84
CA VAL A 178 97.73 -53.57 -60.71
C VAL A 178 96.75 -52.68 -61.44
N VAL A 179 96.31 -51.61 -60.78
CA VAL A 179 95.36 -50.67 -61.36
C VAL A 179 95.95 -49.27 -61.26
N ARG A 180 96.00 -48.58 -62.40
CA ARG A 180 96.44 -47.20 -62.40
C ARG A 180 95.37 -46.30 -61.78
N GLY A 181 95.80 -45.13 -61.36
CA GLY A 181 94.88 -44.18 -60.78
C GLY A 181 94.30 -43.22 -61.78
N ALA A 182 93.23 -42.57 -61.37
CA ALA A 182 92.58 -41.56 -62.17
C ALA A 182 93.05 -40.15 -61.84
N GLY A 183 94.09 -40.01 -61.03
CA GLY A 183 94.67 -38.70 -60.79
C GLY A 183 93.91 -37.79 -59.84
N ALA A 184 93.58 -38.30 -58.65
CA ALA A 184 93.00 -37.47 -57.61
C ALA A 184 93.69 -37.77 -56.28
N TYR A 185 93.86 -36.73 -55.47
CA TYR A 185 94.56 -36.89 -54.21
C TYR A 185 93.83 -37.85 -53.28
N ILE A 186 92.54 -37.64 -53.06
CA ILE A 186 91.79 -38.45 -52.11
C ILE A 186 91.67 -39.90 -52.53
N CYS A 187 92.06 -40.24 -53.75
CA CYS A 187 92.15 -41.65 -54.11
C CYS A 187 93.15 -42.37 -53.23
N GLY A 188 94.15 -41.66 -52.73
CA GLY A 188 95.11 -42.26 -51.82
C GLY A 188 94.58 -42.54 -50.43
N GLU A 189 93.39 -42.07 -50.11
CA GLU A 189 92.85 -42.27 -48.78
C GLU A 189 92.41 -43.72 -48.60
N GLU A 190 92.54 -44.20 -47.35
CA GLU A 190 92.32 -45.61 -47.07
C GLU A 190 91.01 -46.12 -47.64
N THR A 191 89.94 -45.34 -47.49
CA THR A 191 88.62 -45.86 -47.79
C THR A 191 88.22 -45.61 -49.24
N ALA A 192 88.15 -44.33 -49.64
CA ALA A 192 87.71 -44.00 -51.00
C ALA A 192 88.50 -44.79 -52.04
N LEU A 193 89.72 -45.17 -51.71
CA LEU A 193 90.48 -46.09 -52.55
C LEU A 193 89.65 -47.31 -52.93
N ILE A 194 88.95 -47.89 -51.97
CA ILE A 194 88.16 -49.08 -52.22
C ILE A 194 87.21 -48.87 -53.39
N GLU A 195 86.44 -47.78 -53.33
CA GLU A 195 85.44 -47.55 -54.35
C GLU A 195 86.03 -47.01 -55.65
N SER A 196 87.18 -46.35 -55.59
CA SER A 196 87.89 -46.03 -56.82
C SER A 196 88.29 -47.30 -57.54
N ILE A 197 88.69 -48.33 -56.79
CA ILE A 197 88.86 -49.65 -57.39
C ILE A 197 87.53 -50.14 -57.94
N GLU A 198 86.44 -49.94 -57.19
CA GLU A 198 85.14 -50.39 -57.66
C GLU A 198 84.66 -49.65 -58.90
N GLY A 199 85.36 -48.61 -59.33
CA GLY A 199 85.00 -47.89 -60.53
C GLY A 199 84.09 -46.70 -60.31
N LYS A 200 83.35 -46.67 -59.20
CA LYS A 200 82.58 -45.49 -58.86
C LYS A 200 83.53 -44.34 -58.52
N GLN A 201 83.04 -43.12 -58.64
CA GLN A 201 83.88 -41.98 -58.29
C GLN A 201 84.30 -42.09 -56.84
N GLY A 202 85.59 -41.89 -56.59
CA GLY A 202 86.12 -42.09 -55.26
C GLY A 202 85.56 -41.09 -54.29
N LYS A 203 84.87 -41.56 -53.27
CA LYS A 203 84.47 -40.79 -52.11
C LYS A 203 84.53 -41.76 -50.94
N PRO A 204 84.97 -41.29 -49.78
CA PRO A 204 85.20 -42.22 -48.67
C PRO A 204 83.89 -42.69 -48.04
N ARG A 205 83.92 -43.93 -47.57
CA ARG A 205 82.82 -44.52 -46.83
C ARG A 205 82.85 -44.08 -45.38
N LEU A 206 81.70 -44.13 -44.73
CA LEU A 206 81.67 -43.94 -43.29
C LEU A 206 82.41 -45.07 -42.59
N LYS A 207 83.06 -44.73 -41.50
CA LYS A 207 83.91 -45.69 -40.80
C LYS A 207 83.20 -46.88 -40.15
N PRO A 208 81.98 -46.80 -39.62
CA PRO A 208 81.45 -47.91 -38.82
C PRO A 208 81.58 -49.25 -39.52
N PRO A 209 81.28 -49.37 -40.82
CA PRO A 209 81.81 -50.52 -41.56
C PRO A 209 83.30 -50.35 -41.77
N PHE A 210 84.05 -51.34 -41.39
CA PHE A 210 85.48 -51.17 -41.58
C PHE A 210 85.92 -51.72 -42.92
N PRO A 211 87.00 -51.19 -43.48
CA PRO A 211 87.60 -51.85 -44.65
C PRO A 211 87.92 -53.30 -44.39
N ALA A 212 88.33 -53.63 -43.17
CA ALA A 212 88.60 -55.01 -42.80
C ALA A 212 87.35 -55.86 -42.96
N ASP A 213 86.25 -55.46 -42.32
CA ASP A 213 85.03 -56.26 -42.40
C ASP A 213 84.49 -56.31 -43.83
N VAL A 214 84.18 -55.15 -44.40
CA VAL A 214 83.63 -55.06 -45.74
C VAL A 214 84.59 -54.23 -46.57
N GLY A 215 85.31 -54.88 -47.47
CA GLY A 215 86.32 -54.25 -48.29
C GLY A 215 85.98 -54.09 -49.76
N VAL A 216 87.03 -54.18 -50.58
CA VAL A 216 86.89 -54.10 -52.03
C VAL A 216 85.84 -55.07 -52.50
N PHE A 217 84.92 -54.58 -53.33
CA PHE A 217 83.77 -55.35 -53.81
C PHE A 217 82.99 -55.93 -52.63
N GLY A 218 83.03 -55.27 -51.49
CA GLY A 218 82.29 -55.74 -50.34
C GLY A 218 82.88 -56.97 -49.67
N CYS A 219 84.13 -57.30 -49.96
CA CYS A 219 84.73 -58.48 -49.35
C CYS A 219 85.90 -58.08 -48.47
N PRO A 220 86.13 -58.78 -47.36
CA PRO A 220 87.11 -58.32 -46.39
C PRO A 220 88.50 -58.16 -46.99
N THR A 221 89.09 -56.99 -46.75
CA THR A 221 90.42 -56.68 -47.26
C THR A 221 91.02 -55.57 -46.41
N THR A 222 92.32 -55.36 -46.56
CA THR A 222 93.02 -54.30 -45.86
C THR A 222 93.75 -53.40 -46.84
N VAL A 223 94.13 -52.22 -46.36
CA VAL A 223 94.86 -51.24 -47.14
C VAL A 223 96.16 -50.94 -46.40
N ALA A 224 97.26 -50.93 -47.14
CA ALA A 224 98.55 -50.68 -46.51
C ALA A 224 99.48 -50.00 -47.50
N ASN A 225 100.37 -49.17 -46.97
CA ASN A 225 101.22 -48.34 -47.80
C ASN A 225 102.40 -49.14 -48.34
N VAL A 226 102.95 -48.65 -49.46
CA VAL A 226 104.04 -49.34 -50.12
C VAL A 226 105.20 -49.58 -49.16
N GLU A 227 105.48 -48.63 -48.28
CA GLU A 227 106.56 -48.83 -47.32
C GLU A 227 106.28 -50.03 -46.42
N THR A 228 105.11 -50.05 -45.79
CA THR A 228 104.78 -51.14 -44.89
C THR A 228 104.87 -52.49 -45.58
N VAL A 229 104.12 -52.66 -46.67
CA VAL A 229 104.07 -53.93 -47.36
C VAL A 229 105.45 -54.33 -47.86
N ALA A 230 106.15 -53.38 -48.49
CA ALA A 230 107.43 -53.70 -49.11
C ALA A 230 108.46 -54.09 -48.06
N VAL A 231 108.48 -53.40 -46.92
CA VAL A 231 109.51 -53.70 -45.93
C VAL A 231 109.14 -54.97 -45.17
N SER A 232 107.85 -55.30 -45.08
CA SER A 232 107.40 -56.39 -44.21
C SER A 232 108.11 -57.72 -44.43
N PRO A 233 108.32 -58.23 -45.65
CA PRO A 233 108.97 -59.54 -45.76
C PRO A 233 110.36 -59.56 -45.17
N THR A 234 111.16 -58.54 -45.49
CA THR A 234 112.46 -58.43 -44.85
C THR A 234 112.31 -58.23 -43.35
N ILE A 235 111.21 -57.65 -42.89
CA ILE A 235 110.96 -57.61 -41.45
C ILE A 235 110.84 -59.03 -40.91
N CYS A 236 110.21 -59.91 -41.68
CA CYS A 236 110.15 -61.31 -41.26
C CYS A 236 111.52 -61.97 -41.33
N ARG A 237 112.39 -61.49 -42.21
CA ARG A 237 113.70 -62.10 -42.39
C ARG A 237 114.79 -61.48 -41.52
N ARG A 238 114.51 -60.40 -40.82
CA ARG A 238 115.51 -59.78 -39.95
C ARG A 238 115.43 -60.27 -38.52
N GLY A 239 114.41 -61.05 -38.17
CA GLY A 239 114.35 -61.62 -36.84
C GLY A 239 113.58 -60.85 -35.80
N GLY A 240 112.57 -60.08 -36.19
CA GLY A 240 111.82 -59.39 -35.15
C GLY A 240 112.63 -58.30 -34.50
N ALA A 241 112.94 -58.48 -33.22
CA ALA A 241 113.52 -57.43 -32.38
C ALA A 241 114.71 -56.72 -33.02
N TRP A 242 115.39 -57.36 -33.98
CA TRP A 242 116.44 -56.66 -34.72
C TRP A 242 115.95 -55.33 -35.26
N PHE A 243 114.85 -55.36 -36.01
CA PHE A 243 114.22 -54.14 -36.48
C PHE A 243 113.79 -53.27 -35.32
N ALA A 244 113.33 -53.89 -34.23
CA ALA A 244 112.96 -53.14 -33.04
C ALA A 244 114.16 -52.50 -32.36
N SER A 245 115.38 -52.85 -32.75
CA SER A 245 116.56 -52.25 -32.12
C SER A 245 116.59 -50.75 -32.38
N PHE A 246 116.29 -50.33 -33.59
CA PHE A 246 116.34 -48.93 -33.95
C PHE A 246 115.15 -48.17 -33.39
N GLY A 247 115.39 -46.94 -32.98
CA GLY A 247 114.32 -46.08 -32.51
C GLY A 247 113.83 -46.45 -31.12
N ARG A 248 113.15 -45.48 -30.50
CA ARG A 248 112.60 -45.67 -29.17
C ARG A 248 111.52 -46.74 -29.21
N GLU A 249 111.36 -47.46 -28.09
CA GLU A 249 110.49 -48.64 -28.10
C GLU A 249 109.05 -48.32 -28.47
N ARG A 250 108.63 -47.07 -28.32
CA ARG A 250 107.29 -46.70 -28.78
C ARG A 250 107.17 -46.86 -30.29
N ASN A 251 108.05 -46.19 -31.03
CA ASN A 251 108.11 -46.27 -32.48
C ASN A 251 109.50 -46.73 -32.88
N SER A 252 109.60 -47.95 -33.43
CA SER A 252 110.87 -48.60 -33.64
C SER A 252 111.12 -48.81 -35.13
N GLY A 253 112.39 -48.97 -35.48
CA GLY A 253 112.78 -49.29 -36.83
C GLY A 253 113.24 -48.08 -37.63
N THR A 254 113.19 -48.24 -38.95
CA THR A 254 113.67 -47.23 -39.87
C THR A 254 112.56 -46.79 -40.80
N LYS A 255 112.74 -45.61 -41.40
CA LYS A 255 111.77 -45.07 -42.32
C LYS A 255 112.49 -44.10 -43.25
N LEU A 256 111.90 -43.87 -44.41
CA LEU A 256 112.46 -42.91 -45.34
C LEU A 256 112.19 -41.49 -44.87
N PHE A 257 113.12 -40.60 -45.19
CA PHE A 257 112.97 -39.17 -44.93
C PHE A 257 113.39 -38.45 -46.20
N ASN A 258 112.46 -37.76 -46.82
CA ASN A 258 112.69 -37.11 -48.10
C ASN A 258 112.74 -35.62 -47.85
N ILE A 259 113.93 -35.04 -47.92
CA ILE A 259 114.14 -33.67 -47.53
C ILE A 259 113.94 -32.76 -48.73
N SER A 260 113.07 -31.77 -48.57
CA SER A 260 112.77 -30.81 -49.62
C SER A 260 112.66 -29.45 -48.98
N GLY A 261 112.18 -28.48 -49.74
CA GLY A 261 112.22 -27.11 -49.27
C GLY A 261 113.54 -26.48 -49.67
N HIS A 262 114.07 -25.56 -48.88
CA HIS A 262 115.31 -24.90 -49.25
C HIS A 262 116.46 -25.52 -48.45
N VAL A 263 117.23 -26.37 -49.14
CA VAL A 263 118.51 -26.86 -48.67
C VAL A 263 119.33 -27.17 -49.91
N ASN A 264 120.62 -26.99 -49.81
CA ASN A 264 121.49 -27.45 -50.87
C ASN A 264 121.42 -28.97 -50.93
N ASN A 265 121.28 -29.52 -52.13
CA ASN A 265 121.11 -30.95 -52.33
C ASN A 265 119.87 -31.49 -51.62
N PRO A 266 118.66 -31.07 -52.01
CA PRO A 266 117.46 -31.77 -51.51
C PRO A 266 117.40 -33.16 -52.10
N CYS A 267 117.16 -34.15 -51.25
CA CYS A 267 117.36 -35.54 -51.67
C CYS A 267 116.60 -36.47 -50.74
N THR A 268 116.86 -37.76 -50.90
CA THR A 268 116.13 -38.82 -50.21
C THR A 268 117.12 -39.76 -49.53
N VAL A 269 116.89 -40.07 -48.26
CA VAL A 269 117.72 -41.00 -47.50
C VAL A 269 116.81 -41.85 -46.63
N GLU A 270 117.38 -42.94 -46.11
CA GLU A 270 116.70 -43.77 -45.13
C GLU A 270 117.50 -43.73 -43.84
N GLU A 271 116.81 -43.53 -42.72
CA GLU A 271 117.46 -43.30 -41.43
C GLU A 271 116.75 -44.06 -40.33
N GLU A 272 117.38 -44.06 -39.16
CA GLU A 272 116.72 -44.50 -37.94
C GLU A 272 115.44 -43.71 -37.74
N MET A 273 114.45 -44.35 -37.14
CA MET A 273 113.21 -43.68 -36.77
C MET A 273 113.52 -42.40 -36.02
N SER A 274 114.03 -42.53 -34.80
CA SER A 274 114.41 -41.35 -34.03
C SER A 274 115.67 -40.74 -34.63
N VAL A 275 115.60 -39.48 -35.01
CA VAL A 275 116.78 -38.72 -35.40
C VAL A 275 116.56 -37.26 -35.03
N PRO A 276 117.59 -36.55 -34.59
CA PRO A 276 117.48 -35.09 -34.50
C PRO A 276 117.28 -34.50 -35.89
N LEU A 277 116.28 -33.62 -36.01
CA LEU A 277 116.01 -32.99 -37.29
C LEU A 277 117.22 -32.22 -37.78
N LYS A 278 117.91 -31.53 -36.87
CA LYS A 278 119.12 -30.80 -37.21
C LYS A 278 120.13 -31.73 -37.86
N GLU A 279 120.35 -32.90 -37.28
CA GLU A 279 121.28 -33.86 -37.87
C GLU A 279 120.77 -34.35 -39.22
N LEU A 280 119.46 -34.62 -39.30
CA LEU A 280 118.85 -35.02 -40.56
C LEU A 280 119.17 -34.04 -41.67
N ILE A 281 119.24 -32.75 -41.35
CA ILE A 281 119.64 -31.77 -42.35
C ILE A 281 121.14 -31.79 -42.57
N GLU A 282 121.91 -31.78 -41.49
CA GLU A 282 123.35 -31.56 -41.62
C GLU A 282 124.04 -32.72 -42.32
N LYS A 283 123.89 -33.93 -41.80
CA LYS A 283 124.78 -35.02 -42.16
C LYS A 283 124.25 -35.87 -43.30
N HIS A 284 123.12 -35.50 -43.90
CA HIS A 284 122.62 -36.27 -45.03
C HIS A 284 122.36 -35.39 -46.24
N ALA A 285 121.42 -34.46 -46.16
CA ALA A 285 121.12 -33.59 -47.28
C ALA A 285 121.74 -32.22 -47.03
N GLY A 286 122.87 -31.95 -47.67
CA GLY A 286 123.41 -30.61 -47.76
C GLY A 286 123.39 -29.85 -46.45
N GLY A 287 122.96 -28.60 -46.53
CA GLY A 287 122.66 -27.82 -45.35
C GLY A 287 121.59 -26.81 -45.71
N VAL A 288 120.98 -26.23 -44.68
CA VAL A 288 119.99 -25.20 -44.92
C VAL A 288 120.65 -24.03 -45.62
N THR A 289 120.08 -23.62 -46.75
CA THR A 289 120.65 -22.54 -47.53
C THR A 289 120.70 -21.27 -46.71
N GLY A 290 121.88 -20.69 -46.59
CA GLY A 290 122.08 -19.53 -45.74
C GLY A 290 122.44 -19.82 -44.31
N GLY A 291 122.69 -21.08 -43.97
CA GLY A 291 123.11 -21.45 -42.63
C GLY A 291 121.94 -21.96 -41.79
N TRP A 292 122.32 -22.56 -40.65
CA TRP A 292 121.30 -23.08 -39.74
C TRP A 292 120.43 -21.98 -39.17
N ASP A 293 120.95 -20.77 -39.06
CA ASP A 293 120.18 -19.67 -38.51
C ASP A 293 119.25 -19.03 -39.53
N ASN A 294 119.36 -19.40 -40.80
CA ASN A 294 118.54 -18.77 -41.83
C ASN A 294 117.18 -19.45 -41.97
N LEU A 295 116.97 -20.59 -41.32
CA LEU A 295 115.70 -21.28 -41.45
C LEU A 295 114.60 -20.47 -40.78
N LEU A 296 113.41 -20.53 -41.36
CA LEU A 296 112.24 -19.87 -40.75
C LEU A 296 111.46 -20.88 -39.92
N ALA A 297 110.88 -21.87 -40.59
CA ALA A 297 110.19 -22.96 -39.91
C ALA A 297 110.25 -24.19 -40.80
N VAL A 298 110.02 -25.35 -40.19
CA VAL A 298 110.13 -26.63 -40.87
C VAL A 298 108.81 -27.35 -40.73
N ILE A 299 108.32 -27.91 -41.85
CA ILE A 299 107.11 -28.72 -41.84
C ILE A 299 107.53 -30.18 -41.73
N PRO A 300 107.32 -30.82 -40.59
CA PRO A 300 107.69 -32.24 -40.47
C PRO A 300 106.73 -33.11 -41.24
N GLY A 301 107.27 -34.15 -41.87
CA GLY A 301 106.47 -35.12 -42.58
C GLY A 301 105.59 -34.48 -43.64
N GLY A 302 104.43 -35.10 -43.85
CA GLY A 302 103.54 -34.65 -44.90
C GLY A 302 103.10 -33.21 -44.70
N SER A 303 102.62 -32.63 -45.81
CA SER A 303 102.18 -31.24 -45.80
C SER A 303 101.02 -31.01 -44.85
N SER A 304 100.29 -32.06 -44.48
CA SER A 304 99.17 -31.90 -43.57
C SER A 304 99.60 -31.53 -42.17
N THR A 305 100.81 -31.62 -41.86
CA THR A 305 101.25 -31.44 -40.48
C THR A 305 101.58 -29.98 -40.20
N PRO A 306 101.30 -29.53 -38.98
CA PRO A 306 101.52 -28.12 -38.63
C PRO A 306 102.99 -27.76 -38.56
N LEU A 307 103.23 -26.45 -38.52
CA LEU A 307 104.58 -25.89 -38.51
C LEU A 307 105.33 -26.24 -37.25
N ILE A 308 106.66 -26.25 -37.36
CA ILE A 308 107.57 -26.30 -36.22
C ILE A 308 108.44 -25.06 -36.23
N PRO A 309 108.39 -24.21 -35.21
CA PRO A 309 109.27 -23.04 -35.16
C PRO A 309 110.71 -23.43 -34.87
N LYS A 310 111.61 -22.47 -35.10
CA LYS A 310 113.05 -22.72 -35.04
C LYS A 310 113.45 -23.28 -33.68
N SER A 311 113.17 -22.55 -32.61
CA SER A 311 113.62 -22.94 -31.27
C SER A 311 113.13 -24.32 -30.87
N VAL A 312 112.13 -24.85 -31.56
CA VAL A 312 111.59 -26.16 -31.28
C VAL A 312 112.30 -27.19 -32.14
N CYS A 313 112.22 -27.04 -33.47
CA CYS A 313 112.85 -28.00 -34.37
C CYS A 313 114.33 -28.19 -34.06
N GLU A 314 114.98 -27.18 -33.49
CA GLU A 314 116.38 -27.34 -33.09
C GLU A 314 116.52 -28.51 -32.11
N THR A 315 115.66 -28.57 -31.11
CA THR A 315 115.78 -29.58 -30.06
C THR A 315 114.93 -30.83 -30.30
N VAL A 316 114.03 -30.82 -31.27
CA VAL A 316 113.06 -31.92 -31.41
C VAL A 316 113.61 -32.96 -32.38
N LEU A 317 113.52 -34.22 -31.98
CA LEU A 317 113.92 -35.34 -32.82
C LEU A 317 112.75 -35.76 -33.70
N MET A 318 112.96 -36.78 -34.52
CA MET A 318 111.92 -37.31 -35.40
C MET A 318 111.35 -38.57 -34.78
N ASP A 319 110.15 -38.45 -34.22
CA ASP A 319 109.40 -39.56 -33.65
C ASP A 319 107.93 -39.23 -33.70
N PHE A 320 107.09 -40.25 -33.88
CA PHE A 320 105.65 -40.05 -33.82
C PHE A 320 105.26 -39.40 -32.50
N ASP A 321 105.57 -40.06 -31.39
CA ASP A 321 105.20 -39.54 -30.08
C ASP A 321 105.95 -38.26 -29.76
N ALA A 322 107.24 -38.18 -30.09
CA ALA A 322 107.99 -36.97 -29.78
C ALA A 322 107.46 -35.77 -30.56
N LEU A 323 107.12 -35.97 -31.83
CA LEU A 323 106.51 -34.87 -32.57
C LEU A 323 105.11 -34.55 -32.07
N ILE A 324 104.40 -35.53 -31.52
CA ILE A 324 103.15 -35.22 -30.84
C ILE A 324 103.41 -34.33 -29.65
N GLN A 325 104.54 -34.55 -28.96
CA GLN A 325 104.97 -33.60 -27.94
C GLN A 325 105.29 -32.25 -28.55
N ALA A 326 105.80 -32.25 -29.79
CA ALA A 326 105.97 -31.01 -30.54
C ALA A 326 104.64 -30.44 -31.01
N GLN A 327 103.54 -31.14 -30.76
CA GLN A 327 102.16 -30.81 -31.08
C GLN A 327 101.83 -31.12 -32.55
N THR A 328 102.82 -31.36 -33.39
CA THR A 328 102.59 -31.70 -34.79
C THR A 328 102.85 -33.18 -34.97
N GLY A 329 101.78 -33.94 -35.22
CA GLY A 329 101.96 -35.34 -35.53
C GLY A 329 102.83 -35.55 -36.76
N LEU A 330 103.53 -36.68 -36.79
CA LEU A 330 104.39 -36.96 -37.93
C LEU A 330 103.55 -37.27 -39.16
N GLY A 331 104.02 -36.80 -40.30
CA GLY A 331 103.40 -37.07 -41.58
C GLY A 331 104.04 -38.28 -42.21
N THR A 332 104.20 -38.25 -43.52
CA THR A 332 104.82 -39.36 -44.24
C THR A 332 106.33 -39.37 -44.06
N ALA A 333 106.87 -38.46 -43.25
CA ALA A 333 108.26 -38.34 -42.82
C ALA A 333 109.09 -37.59 -43.85
N ALA A 334 108.51 -37.16 -44.95
CA ALA A 334 109.24 -36.36 -45.92
C ALA A 334 109.09 -34.90 -45.52
N VAL A 335 110.17 -34.30 -45.06
CA VAL A 335 110.13 -33.01 -44.40
C VAL A 335 110.58 -31.95 -45.38
N ILE A 336 110.01 -30.76 -45.24
CA ILE A 336 110.40 -29.62 -46.04
C ILE A 336 110.77 -28.48 -45.11
N VAL A 337 111.71 -27.65 -45.56
CA VAL A 337 112.21 -26.53 -44.78
C VAL A 337 111.95 -25.24 -45.55
N MET A 338 111.99 -24.14 -44.84
CA MET A 338 111.59 -22.85 -45.40
C MET A 338 112.61 -21.78 -45.09
N ASP A 339 113.04 -21.05 -46.12
CA ASP A 339 113.92 -19.92 -45.95
C ASP A 339 113.23 -18.82 -45.15
N ARG A 340 114.03 -18.04 -44.43
CA ARG A 340 113.49 -16.88 -43.74
C ARG A 340 112.94 -15.86 -44.72
N SER A 341 113.57 -15.73 -45.89
CA SER A 341 113.18 -14.68 -46.83
C SER A 341 111.78 -14.90 -47.37
N THR A 342 111.34 -16.14 -47.48
CA THR A 342 110.04 -16.44 -48.05
C THR A 342 108.92 -15.96 -47.13
N ASP A 343 107.76 -15.71 -47.73
CA ASP A 343 106.56 -15.38 -46.96
C ASP A 343 105.81 -16.68 -46.71
N ILE A 344 105.80 -17.11 -45.45
CA ILE A 344 105.20 -18.41 -45.16
C ILE A 344 103.69 -18.34 -45.31
N VAL A 345 103.10 -17.17 -45.07
CA VAL A 345 101.66 -17.03 -45.22
C VAL A 345 101.24 -17.40 -46.64
N LYS A 346 102.03 -16.99 -47.62
CA LYS A 346 101.74 -17.36 -49.01
C LYS A 346 101.89 -18.86 -49.21
N ALA A 347 102.92 -19.46 -48.60
CA ALA A 347 103.15 -20.89 -48.78
C ALA A 347 101.98 -21.70 -48.24
N ILE A 348 101.66 -21.51 -46.96
CA ILE A 348 100.59 -22.27 -46.34
C ILE A 348 99.27 -21.95 -47.01
N ALA A 349 99.06 -20.70 -47.40
CA ALA A 349 97.85 -20.35 -48.14
C ALA A 349 97.74 -21.18 -49.41
N ARG A 350 98.82 -21.27 -50.17
CA ARG A 350 98.80 -22.10 -51.36
C ARG A 350 98.51 -23.55 -51.01
N LEU A 351 99.05 -24.03 -49.89
CA LEU A 351 98.74 -25.38 -49.46
C LEU A 351 97.25 -25.55 -49.22
N ILE A 352 96.61 -24.55 -48.63
CA ILE A 352 95.16 -24.57 -48.46
C ILE A 352 94.47 -24.62 -49.81
N GLU A 353 95.01 -23.90 -50.81
CA GLU A 353 94.43 -24.02 -52.15
C GLU A 353 94.55 -25.44 -52.67
N PHE A 354 95.66 -26.12 -52.35
CA PHE A 354 95.77 -27.53 -52.70
C PHE A 354 94.64 -28.33 -52.09
N TYR A 355 94.37 -28.13 -50.81
CA TYR A 355 93.29 -28.87 -50.18
C TYR A 355 91.94 -28.53 -50.80
N LYS A 356 91.70 -27.26 -51.12
CA LYS A 356 90.43 -26.91 -51.73
C LYS A 356 90.26 -27.57 -53.10
N HIS A 357 91.33 -27.65 -53.88
CA HIS A 357 91.19 -28.28 -55.19
C HIS A 357 91.09 -29.79 -55.10
N GLU A 358 91.66 -30.42 -54.08
CA GLU A 358 91.54 -31.86 -53.91
C GLU A 358 90.74 -32.17 -52.66
N SER A 359 89.50 -32.61 -52.85
CA SER A 359 88.55 -33.01 -51.82
C SER A 359 87.28 -33.39 -52.55
N CYS A 360 86.39 -34.11 -51.86
CA CYS A 360 85.11 -34.46 -52.45
C CYS A 360 84.00 -33.78 -51.69
N GLY A 361 82.83 -33.73 -52.31
CA GLY A 361 81.74 -32.94 -51.80
C GLY A 361 80.77 -33.65 -50.86
N GLN A 362 81.18 -34.73 -50.22
CA GLN A 362 80.24 -35.38 -49.33
C GLN A 362 80.01 -34.54 -48.09
N CYS A 363 81.02 -34.46 -47.23
CA CYS A 363 80.85 -33.71 -45.99
C CYS A 363 80.77 -32.24 -46.35
N THR A 364 79.69 -31.59 -45.95
CA THR A 364 79.64 -30.15 -46.09
C THR A 364 80.78 -29.43 -45.38
N PRO A 365 81.28 -29.87 -44.22
CA PRO A 365 82.30 -29.07 -43.54
C PRO A 365 83.57 -28.83 -44.33
N CYS A 366 84.07 -29.79 -45.12
CA CYS A 366 85.27 -29.44 -45.89
C CYS A 366 84.88 -28.62 -47.12
N ARG A 367 83.86 -29.07 -47.85
CA ARG A 367 83.50 -28.41 -49.09
C ARG A 367 82.98 -27.00 -48.88
N GLU A 368 82.77 -26.59 -47.64
CA GLU A 368 82.46 -25.21 -47.32
C GLU A 368 83.58 -24.56 -46.53
N GLY A 369 83.91 -25.12 -45.36
CA GLY A 369 84.99 -24.56 -44.57
C GLY A 369 86.27 -24.36 -45.34
N VAL A 370 86.72 -25.40 -46.05
CA VAL A 370 87.98 -25.28 -46.78
C VAL A 370 87.88 -24.18 -47.82
N ASP A 371 86.70 -23.97 -48.41
CA ASP A 371 86.48 -22.77 -49.20
C ASP A 371 86.77 -21.52 -48.40
N TRP A 372 86.16 -21.41 -47.20
CA TRP A 372 86.46 -20.26 -46.36
C TRP A 372 87.97 -20.07 -46.22
N MET A 373 88.64 -21.05 -45.62
CA MET A 373 90.06 -20.88 -45.34
C MET A 373 90.85 -20.57 -46.60
N ASN A 374 90.39 -21.02 -47.76
CA ASN A 374 91.00 -20.55 -49.00
C ASN A 374 90.87 -19.04 -49.12
N LYS A 375 89.63 -18.54 -49.09
CA LYS A 375 89.44 -17.12 -49.36
C LYS A 375 90.04 -16.25 -48.25
N VAL A 376 89.88 -16.66 -47.00
CA VAL A 376 90.47 -15.93 -45.88
C VAL A 376 91.98 -15.89 -46.02
N MET A 377 92.60 -17.04 -46.28
CA MET A 377 94.06 -17.07 -46.39
C MET A 377 94.54 -16.22 -47.55
N ALA A 378 93.78 -16.19 -48.66
CA ALA A 378 94.13 -15.30 -49.75
C ALA A 378 94.07 -13.84 -49.31
N ARG A 379 93.01 -13.49 -48.56
CA ARG A 379 92.93 -12.14 -48.02
C ARG A 379 94.11 -11.80 -47.14
N PHE A 380 94.56 -12.77 -46.31
CA PHE A 380 95.76 -12.54 -45.51
C PHE A 380 96.97 -12.34 -46.39
N VAL A 381 97.06 -13.08 -47.50
CA VAL A 381 98.15 -12.87 -48.45
C VAL A 381 98.17 -11.41 -48.89
N ARG A 382 97.02 -10.88 -49.28
CA ARG A 382 96.96 -9.46 -49.55
C ARG A 382 96.82 -8.63 -48.27
N GLY A 383 96.47 -9.25 -47.15
CA GLY A 383 96.42 -8.53 -45.89
C GLY A 383 95.31 -7.52 -45.75
N ASP A 384 94.22 -7.67 -46.49
CA ASP A 384 93.13 -6.71 -46.46
C ASP A 384 92.08 -7.02 -45.40
N ALA A 385 92.30 -8.03 -44.57
CA ALA A 385 91.35 -8.42 -43.55
C ALA A 385 91.49 -7.48 -42.35
N ARG A 386 90.88 -7.84 -41.22
CA ARG A 386 91.07 -7.08 -40.00
C ARG A 386 91.60 -7.99 -38.90
N PRO A 387 92.34 -7.44 -37.93
CA PRO A 387 93.07 -8.29 -36.98
C PRO A 387 92.20 -9.26 -36.20
N ALA A 388 90.96 -8.89 -35.90
CA ALA A 388 90.11 -9.78 -35.12
C ALA A 388 89.77 -11.06 -35.87
N GLU A 389 89.95 -11.08 -37.19
CA GLU A 389 89.41 -12.17 -37.99
C GLU A 389 90.26 -13.43 -37.90
N ILE A 390 91.51 -13.33 -37.44
CA ILE A 390 92.36 -14.52 -37.38
C ILE A 390 91.77 -15.54 -36.42
N ASP A 391 91.22 -15.08 -35.29
CA ASP A 391 90.58 -16.02 -34.38
C ASP A 391 89.34 -16.63 -35.01
N SER A 392 88.62 -15.88 -35.84
CA SER A 392 87.53 -16.46 -36.60
C SER A 392 88.04 -17.60 -37.45
N LEU A 393 89.17 -17.39 -38.14
CA LEU A 393 89.79 -18.46 -38.90
C LEU A 393 90.10 -19.66 -38.00
N TRP A 394 90.55 -19.39 -36.77
CA TRP A 394 90.77 -20.46 -35.82
C TRP A 394 89.50 -21.29 -35.63
N GLU A 395 88.46 -20.66 -35.08
CA GLU A 395 87.23 -21.42 -34.80
C GLU A 395 86.67 -22.09 -36.04
N ILE A 396 86.92 -21.52 -37.22
CA ILE A 396 86.63 -22.26 -38.45
C ILE A 396 87.38 -23.57 -38.46
N SER A 397 88.69 -23.51 -38.22
CA SER A 397 89.50 -24.73 -38.28
C SER A 397 89.04 -25.74 -37.25
N LYS A 398 88.71 -25.30 -36.04
CA LYS A 398 88.23 -26.22 -35.01
C LYS A 398 86.91 -26.85 -35.43
N GLN A 399 85.94 -26.03 -35.83
CA GLN A 399 84.63 -26.56 -36.18
C GLN A 399 84.71 -27.52 -37.36
N ILE A 400 85.68 -27.33 -38.25
CA ILE A 400 85.90 -28.33 -39.30
C ILE A 400 86.47 -29.61 -38.70
N GLU A 401 87.55 -29.47 -37.92
CA GLU A 401 88.28 -30.65 -37.46
C GLU A 401 87.38 -31.60 -36.67
N GLY A 402 87.53 -32.89 -36.92
CA GLY A 402 86.81 -33.91 -36.21
C GLY A 402 85.38 -34.12 -36.66
N HIS A 403 84.83 -33.23 -37.48
CA HIS A 403 83.44 -33.32 -37.89
C HIS A 403 83.25 -34.01 -39.24
N THR A 404 84.30 -34.52 -39.86
CA THR A 404 84.18 -35.00 -41.22
C THR A 404 84.63 -36.44 -41.37
N ILE A 405 84.24 -37.04 -42.50
CA ILE A 405 84.57 -38.44 -42.80
C ILE A 405 86.07 -38.69 -42.79
N CYS A 406 86.77 -38.21 -43.81
CA CYS A 406 88.14 -38.65 -43.98
C CYS A 406 89.06 -37.77 -43.15
N ALA A 407 90.35 -38.07 -43.17
CA ALA A 407 91.29 -37.24 -42.44
C ALA A 407 91.60 -35.95 -43.18
N LEU A 408 91.36 -35.90 -44.49
CA LEU A 408 91.70 -34.72 -45.26
C LEU A 408 91.08 -33.46 -44.67
N GLY A 409 89.81 -33.52 -44.31
CA GLY A 409 89.20 -32.39 -43.65
C GLY A 409 90.01 -32.02 -42.42
N ASP A 410 90.21 -32.99 -41.53
CA ASP A 410 91.13 -32.79 -40.42
C ASP A 410 92.49 -32.36 -40.94
N GLY A 411 92.98 -33.02 -41.98
CA GLY A 411 94.26 -32.66 -42.55
C GLY A 411 94.31 -31.25 -43.09
N ALA A 412 93.17 -30.68 -43.44
CA ALA A 412 93.15 -29.30 -43.89
C ALA A 412 93.03 -28.30 -42.74
N ALA A 413 92.67 -28.77 -41.55
CA ALA A 413 92.54 -27.88 -40.41
C ALA A 413 93.88 -27.59 -39.77
N TRP A 414 94.75 -28.59 -39.69
CA TRP A 414 95.97 -28.47 -38.89
C TRP A 414 96.93 -27.41 -39.40
N PRO A 415 97.29 -27.35 -40.69
CA PRO A 415 98.28 -26.35 -41.11
C PRO A 415 97.93 -24.94 -40.69
N VAL A 416 96.70 -24.51 -40.94
CA VAL A 416 96.28 -23.17 -40.54
C VAL A 416 96.49 -22.97 -39.06
N GLN A 417 95.95 -23.89 -38.25
CA GLN A 417 96.18 -23.85 -36.81
C GLN A 417 97.66 -23.66 -36.50
N GLY A 418 98.50 -24.46 -37.15
CA GLY A 418 99.93 -24.30 -36.94
C GLY A 418 100.37 -22.87 -37.22
N LEU A 419 100.06 -22.37 -38.41
CA LEU A 419 100.41 -21.01 -38.77
C LEU A 419 99.90 -20.01 -37.75
N ILE A 420 98.75 -20.28 -37.14
CA ILE A 420 98.19 -19.34 -36.18
C ILE A 420 98.97 -19.38 -34.88
N ARG A 421 99.36 -20.58 -34.44
CA ARG A 421 99.92 -20.71 -33.10
C ARG A 421 101.22 -19.93 -32.97
N HIS A 422 102.20 -20.27 -33.79
CA HIS A 422 103.53 -19.68 -33.61
C HIS A 422 103.63 -18.30 -34.24
N PHE A 423 103.11 -18.13 -35.44
CA PHE A 423 103.42 -16.98 -36.27
C PHE A 423 102.41 -15.85 -36.19
N ARG A 424 101.42 -15.93 -35.30
CA ARG A 424 100.45 -14.84 -35.19
C ARG A 424 101.08 -13.45 -35.22
N PRO A 425 102.04 -13.09 -34.36
CA PRO A 425 102.56 -11.72 -34.37
C PRO A 425 103.17 -11.33 -35.70
N GLU A 426 103.50 -12.28 -36.56
CA GLU A 426 103.98 -11.95 -37.89
C GLU A 426 102.83 -11.46 -38.77
N LEU A 427 101.61 -11.92 -38.53
CA LEU A 427 100.48 -11.46 -39.33
C LEU A 427 100.22 -9.98 -39.14
N GLU A 428 99.96 -9.54 -37.90
CA GLU A 428 99.44 -8.20 -37.68
C GLU A 428 100.37 -7.10 -38.13
N GLU A 429 101.65 -7.40 -38.41
CA GLU A 429 102.48 -6.38 -39.03
C GLU A 429 102.19 -6.27 -40.52
N ARG A 430 101.78 -7.36 -41.15
CA ARG A 430 101.31 -7.28 -42.53
C ARG A 430 99.90 -6.70 -42.59
N MET A 431 99.05 -7.10 -41.64
CA MET A 431 97.76 -6.45 -41.46
C MET A 431 97.93 -4.95 -41.34
N GLN A 432 98.80 -4.52 -40.43
CA GLN A 432 98.98 -3.11 -40.16
C GLN A 432 99.61 -2.39 -41.34
N ARG A 433 100.62 -2.99 -41.97
CA ARG A 433 101.21 -2.29 -43.11
C ARG A 433 100.27 -2.27 -44.31
N PHE A 434 99.28 -3.16 -44.36
CA PHE A 434 98.23 -2.95 -45.35
C PHE A 434 97.32 -1.81 -44.94
N ALA A 435 97.05 -1.69 -43.65
CA ALA A 435 96.24 -0.56 -43.19
C ALA A 435 96.89 0.76 -43.59
N GLN A 436 98.17 0.93 -43.24
CA GLN A 436 98.96 2.10 -43.60
C GLN A 436 99.06 2.27 -45.11
N GLN A 437 99.75 1.34 -45.77
CA GLN A 437 99.98 1.44 -47.21
C GLN A 437 98.71 1.71 -47.99
N HIS A 438 97.61 1.06 -47.59
CA HIS A 438 96.34 1.22 -48.28
C HIS A 438 95.58 2.45 -47.82
N GLN A 439 95.95 3.05 -46.69
CA GLN A 439 95.16 4.15 -46.13
C GLN A 439 95.93 4.93 -45.08
N GLY B 3 81.22 -23.35 -58.91
CA GLY B 3 81.74 -22.28 -58.08
C GLY B 3 82.04 -21.02 -58.87
N GLY B 4 82.44 -19.96 -58.16
CA GLY B 4 82.77 -18.72 -58.84
C GLY B 4 84.11 -18.79 -59.55
N ALA B 5 85.09 -19.43 -58.93
CA ALA B 5 86.44 -19.55 -59.49
C ALA B 5 86.61 -20.94 -60.06
N LEU B 6 86.67 -21.02 -61.39
CA LEU B 6 86.81 -22.31 -62.06
C LEU B 6 87.52 -22.08 -63.38
N PHE B 7 88.29 -23.09 -63.81
CA PHE B 7 88.92 -23.03 -65.12
C PHE B 7 87.88 -23.22 -66.22
N VAL B 8 87.15 -24.33 -66.17
CA VAL B 8 86.05 -24.61 -67.10
C VAL B 8 84.94 -25.29 -66.34
N HIS B 9 83.70 -25.00 -66.72
CA HIS B 9 82.56 -25.66 -66.14
C HIS B 9 82.49 -27.10 -66.64
N ARG B 10 81.50 -27.85 -66.17
CA ARG B 10 81.31 -29.23 -66.60
C ARG B 10 79.87 -29.44 -67.03
N ASP B 11 79.68 -29.57 -68.34
CA ASP B 11 78.42 -29.86 -69.01
C ASP B 11 78.75 -30.35 -70.41
N THR B 12 77.77 -30.95 -71.08
CA THR B 12 77.86 -31.04 -72.53
C THR B 12 76.79 -30.14 -73.11
N PRO B 13 77.14 -28.95 -73.59
CA PRO B 13 76.13 -28.09 -74.20
C PRO B 13 75.68 -28.55 -75.57
N LYS B 14 76.59 -29.05 -76.41
CA LYS B 14 76.31 -29.13 -77.85
C LYS B 14 77.51 -29.74 -78.56
N ASN B 15 77.32 -30.00 -79.85
CA ASN B 15 78.28 -30.24 -80.92
C ASN B 15 78.77 -31.68 -81.01
N ASN B 16 78.58 -32.54 -80.01
CA ASN B 16 79.06 -33.91 -80.11
C ASN B 16 78.03 -34.94 -79.65
N PRO B 17 76.81 -34.90 -80.19
CA PRO B 17 75.86 -35.95 -79.77
C PRO B 17 76.21 -37.30 -80.38
N GLU B 18 76.45 -37.31 -81.68
CA GLU B 18 76.77 -38.50 -82.45
C GLU B 18 78.25 -38.61 -82.82
N THR B 19 79.08 -37.62 -82.45
CA THR B 19 80.42 -37.49 -82.98
C THR B 19 81.17 -38.82 -82.90
N PRO B 20 81.66 -39.34 -84.02
CA PRO B 20 82.04 -40.76 -84.08
C PRO B 20 83.24 -41.07 -83.19
N PHE B 21 83.12 -42.14 -82.42
CA PHE B 21 84.25 -42.70 -81.69
C PHE B 21 84.13 -44.22 -81.69
N ASP B 22 85.21 -44.89 -82.06
CA ASP B 22 85.25 -46.34 -82.14
C ASP B 22 86.58 -46.85 -81.62
N PHE B 23 86.54 -47.92 -80.84
CA PHE B 23 87.75 -48.61 -80.45
C PHE B 23 88.29 -49.45 -81.60
N THR B 24 89.54 -49.72 -81.55
CA THR B 24 90.32 -50.51 -82.50
C THR B 24 90.28 -51.98 -82.11
N PRO B 25 90.16 -52.92 -83.05
CA PRO B 25 89.98 -54.33 -82.65
C PRO B 25 91.04 -54.86 -81.69
N GLU B 26 92.32 -54.62 -81.97
CA GLU B 26 93.37 -54.95 -81.01
C GLU B 26 93.04 -54.32 -79.66
N ASN B 27 92.47 -53.12 -79.69
CA ASN B 27 92.15 -52.45 -78.46
C ASN B 27 90.96 -53.11 -77.76
N TYR B 28 90.06 -53.74 -78.51
CA TYR B 28 89.05 -54.59 -77.88
C TYR B 28 89.69 -55.78 -77.19
N LYS B 29 90.70 -56.38 -77.81
CA LYS B 29 91.46 -57.42 -77.13
C LYS B 29 92.00 -56.89 -75.80
N ARG B 30 92.60 -55.70 -75.85
CA ARG B 30 93.17 -55.10 -74.64
C ARG B 30 92.10 -54.90 -73.57
N ILE B 31 90.95 -54.34 -73.96
CA ILE B 31 89.88 -54.09 -72.99
C ILE B 31 89.40 -55.41 -72.38
N GLU B 32 89.27 -56.44 -73.20
CA GLU B 32 88.92 -57.76 -72.68
C GLU B 32 89.94 -58.20 -71.62
N ALA B 33 91.24 -58.04 -71.93
CA ALA B 33 92.27 -58.39 -70.97
C ALA B 33 92.10 -57.62 -69.67
N ILE B 34 91.75 -56.34 -69.75
CA ILE B 34 91.53 -55.55 -68.54
C ILE B 34 90.38 -56.12 -67.73
N VAL B 35 89.22 -56.30 -68.40
CA VAL B 35 88.03 -56.75 -67.71
C VAL B 35 88.24 -58.11 -67.06
N LYS B 36 89.16 -58.92 -67.60
CA LYS B 36 89.44 -60.20 -66.96
C LYS B 36 90.05 -60.07 -65.58
N ASN B 37 90.48 -58.88 -65.17
CA ASN B 37 91.15 -58.69 -63.89
C ASN B 37 90.20 -58.39 -62.73
N TYR B 38 88.90 -58.43 -62.96
CA TYR B 38 87.99 -58.17 -61.86
C TYR B 38 87.07 -59.37 -61.63
N PRO B 39 86.59 -59.57 -60.41
CA PRO B 39 85.65 -60.67 -60.17
C PRO B 39 84.38 -60.45 -60.96
N GLU B 40 83.75 -61.56 -61.35
CA GLU B 40 82.53 -61.43 -62.12
C GLU B 40 81.42 -60.93 -61.20
N GLY B 41 80.26 -60.65 -61.78
CA GLY B 41 79.22 -60.01 -61.01
C GLY B 41 79.43 -58.54 -60.75
N HIS B 42 80.58 -57.98 -61.11
CA HIS B 42 80.77 -56.54 -60.97
C HIS B 42 81.03 -55.90 -62.33
N LYS B 43 82.24 -56.08 -62.86
CA LYS B 43 82.55 -55.69 -64.24
C LYS B 43 82.45 -54.19 -64.43
N ALA B 44 81.87 -53.49 -63.45
CA ALA B 44 81.79 -52.04 -63.50
C ALA B 44 83.07 -51.37 -63.03
N ALA B 45 83.92 -52.10 -62.32
CA ALA B 45 85.20 -51.55 -61.90
C ALA B 45 86.06 -51.14 -63.09
N ALA B 46 85.82 -51.74 -64.26
CA ALA B 46 86.64 -51.44 -65.42
C ALA B 46 86.28 -50.13 -66.09
N VAL B 47 85.20 -49.46 -65.66
CA VAL B 47 84.81 -48.19 -66.29
C VAL B 47 85.97 -47.23 -66.30
N LEU B 48 86.65 -47.09 -65.16
CA LEU B 48 87.74 -46.14 -65.07
C LEU B 48 88.93 -46.54 -65.93
N PRO B 49 89.46 -47.76 -65.87
CA PRO B 49 90.57 -48.10 -66.77
C PRO B 49 90.21 -48.08 -68.24
N VAL B 50 89.03 -48.60 -68.60
CA VAL B 50 88.64 -48.60 -70.00
C VAL B 50 88.50 -47.18 -70.52
N LEU B 51 87.97 -46.27 -69.69
CA LEU B 51 87.78 -44.91 -70.14
C LEU B 51 89.12 -44.18 -70.23
N ASP B 52 90.03 -44.48 -69.29
CA ASP B 52 91.43 -44.16 -69.45
C ASP B 52 91.90 -44.49 -70.85
N LEU B 53 91.83 -45.78 -71.18
CA LEU B 53 92.22 -46.26 -72.51
C LEU B 53 91.59 -45.45 -73.62
N ALA B 54 90.30 -45.13 -73.50
CA ALA B 54 89.65 -44.31 -74.51
C ALA B 54 90.39 -43.00 -74.70
N GLN B 55 90.66 -42.30 -73.61
CA GLN B 55 91.47 -41.09 -73.71
C GLN B 55 92.87 -41.38 -74.22
N ARG B 56 93.34 -42.63 -74.10
CA ARG B 56 94.68 -42.95 -74.55
C ARG B 56 94.76 -43.02 -76.06
N GLN B 57 93.87 -43.80 -76.69
CA GLN B 57 93.94 -43.88 -78.14
C GLN B 57 93.36 -42.66 -78.83
N ASN B 58 92.42 -41.97 -78.18
CA ASN B 58 91.89 -40.71 -78.70
C ASN B 58 92.26 -39.63 -77.70
N GLY B 59 93.02 -38.63 -78.15
CA GLY B 59 93.64 -37.69 -77.23
C GLY B 59 92.69 -37.07 -76.23
N TRP B 60 91.41 -36.97 -76.59
CA TRP B 60 90.40 -36.46 -75.68
C TRP B 60 89.10 -37.18 -76.00
N LEU B 61 88.30 -37.41 -74.97
CA LEU B 61 87.12 -38.23 -75.14
C LEU B 61 85.90 -37.35 -75.39
N PRO B 62 85.21 -37.53 -76.50
CA PRO B 62 83.89 -36.92 -76.67
C PRO B 62 82.86 -37.70 -75.89
N ILE B 63 81.70 -37.07 -75.70
CA ILE B 63 80.62 -37.71 -74.94
C ILE B 63 80.21 -39.02 -75.59
N SER B 64 80.39 -39.15 -76.90
CA SER B 64 80.13 -40.44 -77.55
C SER B 64 81.07 -41.52 -77.05
N ALA B 65 82.26 -41.13 -76.58
CA ALA B 65 83.15 -42.10 -75.96
C ALA B 65 82.63 -42.52 -74.59
N MET B 66 82.07 -41.57 -73.84
CA MET B 66 81.49 -41.93 -72.55
C MET B 66 80.32 -42.88 -72.73
N ASN B 67 79.34 -42.49 -73.55
CA ASN B 67 78.23 -43.39 -73.83
C ASN B 67 78.71 -44.72 -74.39
N LYS B 68 79.76 -44.68 -75.21
CA LYS B 68 80.25 -45.92 -75.81
C LYS B 68 80.81 -46.85 -74.75
N VAL B 69 81.60 -46.32 -73.82
CA VAL B 69 82.12 -47.14 -72.74
C VAL B 69 80.99 -47.68 -71.89
N ALA B 70 80.01 -46.83 -71.57
CA ALA B 70 78.84 -47.30 -70.83
C ALA B 70 78.16 -48.44 -71.55
N GLU B 71 78.16 -48.42 -72.88
CA GLU B 71 77.58 -49.52 -73.64
C GLU B 71 78.43 -50.77 -73.53
N ILE B 72 79.75 -50.63 -73.70
CA ILE B 72 80.64 -51.78 -73.65
C ILE B 72 80.50 -52.50 -72.32
N LEU B 73 80.41 -51.76 -71.23
CA LEU B 73 80.31 -52.37 -69.91
C LEU B 73 78.87 -52.50 -69.41
N GLN B 74 77.89 -52.05 -70.19
CA GLN B 74 76.48 -52.19 -69.84
C GLN B 74 76.18 -51.59 -68.47
N VAL B 75 76.72 -50.40 -68.22
CA VAL B 75 76.48 -49.70 -66.97
C VAL B 75 75.69 -48.43 -67.29
N PRO B 76 74.90 -47.90 -66.37
CA PRO B 76 74.19 -46.66 -66.63
C PRO B 76 75.18 -45.54 -66.91
N PRO B 77 74.97 -44.80 -68.02
CA PRO B 77 75.99 -43.83 -68.44
C PRO B 77 76.28 -42.75 -67.42
N MET B 78 75.30 -42.38 -66.59
CA MET B 78 75.52 -41.29 -65.65
C MET B 78 76.69 -41.58 -64.73
N ARG B 79 76.96 -42.85 -64.45
CA ARG B 79 78.16 -43.20 -63.71
C ARG B 79 79.40 -42.91 -64.53
N VAL B 80 79.31 -43.09 -65.85
CA VAL B 80 80.44 -42.81 -66.72
C VAL B 80 80.74 -41.32 -66.75
N TYR B 81 79.70 -40.50 -66.96
CA TYR B 81 79.91 -39.06 -66.91
C TYR B 81 80.48 -38.66 -65.56
N GLU B 82 79.89 -39.19 -64.49
CA GLU B 82 80.35 -38.90 -63.13
C GLU B 82 81.84 -39.15 -62.99
N VAL B 83 82.28 -40.36 -63.34
CA VAL B 83 83.70 -40.69 -63.23
C VAL B 83 84.53 -39.77 -64.11
N ALA B 84 84.01 -39.42 -65.28
CA ALA B 84 84.77 -38.58 -66.19
C ALA B 84 84.99 -37.19 -65.61
N THR B 85 84.02 -36.66 -64.89
CA THR B 85 84.19 -35.32 -64.33
C THR B 85 85.00 -35.33 -63.04
N PHE B 86 84.79 -36.33 -62.19
CA PHE B 86 85.34 -36.26 -60.85
C PHE B 86 86.86 -36.33 -60.81
N TYR B 87 87.50 -36.86 -61.85
CA TYR B 87 88.94 -37.08 -61.81
C TYR B 87 89.66 -36.13 -62.76
N THR B 88 90.91 -35.83 -62.42
CA THR B 88 91.66 -34.79 -63.13
C THR B 88 92.20 -35.28 -64.46
N MET B 89 92.66 -36.53 -64.52
CA MET B 89 93.27 -37.06 -65.74
C MET B 89 92.42 -36.80 -66.96
N TYR B 90 91.13 -37.14 -66.87
CA TYR B 90 90.28 -37.10 -68.05
C TYR B 90 90.02 -35.66 -68.45
N ASN B 91 90.35 -35.33 -69.69
CA ASN B 91 89.98 -34.05 -70.27
C ASN B 91 88.80 -34.23 -71.21
N ARG B 92 87.71 -33.53 -70.92
CA ARG B 92 86.50 -33.61 -71.70
C ARG B 92 86.50 -32.63 -72.86
N LYS B 93 87.57 -31.85 -73.01
CA LYS B 93 87.74 -30.88 -74.08
C LYS B 93 89.06 -31.17 -74.78
N PRO B 94 89.11 -31.03 -76.11
CA PRO B 94 90.34 -31.36 -76.83
C PRO B 94 91.51 -30.50 -76.42
N VAL B 95 92.69 -31.13 -76.36
CA VAL B 95 93.94 -30.43 -76.10
C VAL B 95 94.89 -30.73 -77.25
N GLY B 96 96.10 -30.20 -77.18
CA GLY B 96 97.11 -30.45 -78.19
C GLY B 96 97.81 -31.77 -77.99
N LYS B 97 98.75 -32.04 -78.90
CA LYS B 97 99.55 -33.26 -78.80
C LYS B 97 100.32 -33.32 -77.50
N TYR B 98 100.85 -32.18 -77.06
CA TYR B 98 101.64 -32.12 -75.84
C TYR B 98 100.87 -31.34 -74.79
N HIS B 99 100.72 -31.95 -73.61
CA HIS B 99 99.96 -31.39 -72.52
C HIS B 99 100.93 -31.05 -71.39
N ILE B 100 101.16 -29.77 -71.16
CA ILE B 100 102.20 -29.32 -70.24
C ILE B 100 101.59 -29.11 -68.86
N GLN B 101 102.26 -29.64 -67.84
CA GLN B 101 101.76 -29.60 -66.48
C GLN B 101 102.91 -29.28 -65.53
N VAL B 102 102.70 -28.28 -64.68
CA VAL B 102 103.71 -27.80 -63.75
C VAL B 102 103.12 -27.79 -62.36
N CYS B 103 103.94 -28.11 -61.36
CA CYS B 103 103.51 -28.10 -59.97
C CYS B 103 103.81 -26.74 -59.36
N THR B 104 102.76 -25.97 -59.11
CA THR B 104 102.89 -24.61 -58.59
C THR B 104 102.67 -24.49 -57.08
N THR B 105 102.47 -25.59 -56.38
CA THR B 105 101.91 -25.50 -55.03
C THR B 105 102.94 -25.16 -53.97
N THR B 106 103.84 -26.07 -53.70
CA THR B 106 104.62 -26.14 -52.47
C THR B 106 106.06 -26.36 -52.96
N PRO B 107 106.97 -27.09 -52.26
CA PRO B 107 108.40 -26.80 -52.41
C PRO B 107 108.86 -26.65 -53.84
N CYS B 108 108.11 -27.19 -54.80
CA CYS B 108 108.26 -26.74 -56.18
C CYS B 108 108.06 -25.24 -56.26
N MET B 109 106.94 -24.75 -55.71
CA MET B 109 106.74 -23.32 -55.55
C MET B 109 107.86 -22.69 -54.75
N LEU B 110 108.29 -23.33 -53.66
CA LEU B 110 109.39 -22.74 -52.93
C LEU B 110 110.69 -22.73 -53.72
N ARG B 111 110.75 -23.46 -54.83
CA ARG B 111 111.98 -23.71 -55.57
C ARG B 111 112.13 -22.77 -56.77
N ASN B 112 111.27 -21.75 -56.90
CA ASN B 112 111.23 -20.74 -57.97
C ASN B 112 110.36 -21.14 -59.16
N SER B 113 109.66 -22.28 -59.11
CA SER B 113 108.93 -22.80 -60.26
C SER B 113 108.09 -21.75 -60.97
N ASP B 114 107.64 -20.71 -60.25
CA ASP B 114 106.96 -19.60 -60.91
C ASP B 114 107.79 -19.06 -62.07
N SER B 115 109.10 -18.93 -61.87
CA SER B 115 109.98 -18.54 -62.96
C SER B 115 109.85 -19.49 -64.14
N ILE B 116 109.72 -20.79 -63.86
CA ILE B 116 109.52 -21.76 -64.93
C ILE B 116 108.24 -21.46 -65.68
N LEU B 117 107.15 -21.25 -64.95
CA LEU B 117 105.87 -20.97 -65.58
C LEU B 117 105.95 -19.74 -66.49
N GLU B 118 106.40 -18.62 -65.92
CA GLU B 118 106.52 -17.38 -66.70
C GLU B 118 107.38 -17.59 -67.94
N ALA B 119 108.53 -18.25 -67.76
CA ALA B 119 109.42 -18.50 -68.88
C ALA B 119 108.71 -19.30 -69.97
N ILE B 120 107.89 -20.28 -69.57
CA ILE B 120 107.13 -21.03 -70.56
C ILE B 120 106.15 -20.12 -71.29
N GLN B 121 105.45 -19.27 -70.54
CA GLN B 121 104.45 -18.42 -71.19
C GLN B 121 105.10 -17.49 -72.20
N LYS B 122 106.29 -16.96 -71.90
CA LYS B 122 106.96 -16.09 -72.86
C LYS B 122 107.50 -16.88 -74.04
N LYS B 123 108.22 -17.98 -73.77
CA LYS B 123 108.85 -18.71 -74.86
C LYS B 123 107.81 -19.28 -75.82
N LEU B 124 106.67 -19.73 -75.30
CA LEU B 124 105.60 -20.14 -76.18
C LEU B 124 104.79 -18.95 -76.67
N GLY B 125 104.68 -17.90 -75.86
CA GLY B 125 104.05 -16.67 -76.29
C GLY B 125 102.58 -16.55 -76.02
N ILE B 126 102.03 -17.32 -75.08
CA ILE B 126 100.60 -17.35 -74.82
C ILE B 126 100.35 -17.41 -73.32
N LYS B 127 99.10 -17.15 -72.95
CA LYS B 127 98.69 -17.10 -71.56
C LYS B 127 98.38 -18.51 -71.05
N VAL B 128 98.09 -18.64 -69.76
CA VAL B 128 97.87 -19.94 -69.16
C VAL B 128 96.50 -20.47 -69.56
N GLY B 129 96.37 -21.79 -69.62
CA GLY B 129 95.11 -22.43 -69.89
C GLY B 129 94.64 -22.38 -71.33
N GLU B 130 95.32 -21.64 -72.19
CA GLU B 130 94.93 -21.52 -73.58
C GLU B 130 95.79 -22.44 -74.43
N THR B 131 95.15 -23.23 -75.30
CA THR B 131 95.89 -23.98 -76.30
C THR B 131 96.56 -23.01 -77.26
N THR B 132 97.82 -23.30 -77.59
CA THR B 132 98.57 -22.42 -78.46
C THR B 132 97.89 -22.32 -79.82
N PRO B 133 98.09 -21.21 -80.54
CA PRO B 133 97.70 -21.18 -81.95
C PRO B 133 98.43 -22.28 -82.70
N ASP B 134 97.85 -22.65 -83.83
CA ASP B 134 98.14 -23.95 -84.45
C ASP B 134 97.70 -24.97 -83.40
N LYS B 135 98.52 -25.96 -83.05
CA LYS B 135 98.12 -27.00 -82.12
C LYS B 135 99.33 -27.42 -81.29
N LEU B 136 99.16 -28.52 -80.56
CA LEU B 136 100.14 -29.39 -79.92
C LEU B 136 100.77 -28.83 -78.64
N PHE B 137 100.51 -27.59 -78.24
CA PHE B 137 100.93 -27.10 -76.94
C PHE B 137 99.74 -26.59 -76.14
N THR B 138 99.58 -27.13 -74.93
CA THR B 138 98.63 -26.64 -73.94
C THR B 138 99.36 -26.43 -72.64
N LEU B 139 98.95 -25.41 -71.89
CA LEU B 139 99.61 -25.07 -70.63
C LEU B 139 98.58 -24.95 -69.52
N ILE B 140 98.62 -25.88 -68.56
CA ILE B 140 97.86 -25.76 -67.32
C ILE B 140 98.76 -26.21 -66.18
N GLU B 141 98.60 -25.58 -65.03
CA GLU B 141 99.33 -25.97 -63.85
C GLU B 141 98.49 -26.95 -63.03
N VAL B 142 99.15 -27.98 -62.52
CA VAL B 142 98.47 -29.00 -61.73
C VAL B 142 99.13 -29.03 -60.36
N GLU B 143 98.40 -29.57 -59.40
CA GLU B 143 98.89 -29.66 -58.03
C GLU B 143 99.84 -30.86 -57.92
N CYS B 144 100.26 -31.18 -56.70
CA CYS B 144 101.46 -31.98 -56.48
C CYS B 144 101.43 -33.27 -57.28
N LEU B 145 102.51 -33.52 -58.01
CA LEU B 145 102.68 -34.73 -58.79
C LEU B 145 103.51 -35.77 -58.07
N GLY B 146 104.03 -35.45 -56.88
CA GLY B 146 104.72 -36.41 -56.06
C GLY B 146 106.23 -36.43 -56.20
N ALA B 147 106.77 -35.96 -57.32
CA ALA B 147 108.22 -35.90 -57.49
C ALA B 147 108.67 -34.55 -57.00
N CYS B 148 109.40 -34.54 -55.89
CA CYS B 148 109.49 -33.33 -55.09
C CYS B 148 110.93 -32.93 -54.81
N VAL B 149 111.69 -33.82 -54.14
CA VAL B 149 113.08 -33.52 -53.83
C VAL B 149 113.84 -33.14 -55.09
N ASN B 150 113.40 -33.63 -56.24
CA ASN B 150 113.93 -33.17 -57.51
C ASN B 150 113.33 -31.81 -57.83
N ALA B 151 114.20 -30.88 -58.23
CA ALA B 151 113.88 -29.46 -58.30
C ALA B 151 112.78 -29.24 -59.35
N PRO B 152 112.16 -28.06 -59.42
CA PRO B 152 110.74 -28.00 -59.81
C PRO B 152 110.47 -28.74 -61.10
N MET B 153 109.41 -29.52 -61.10
CA MET B 153 109.18 -30.49 -62.14
C MET B 153 108.10 -30.00 -63.11
N VAL B 154 108.23 -30.43 -64.35
CA VAL B 154 107.23 -30.19 -65.38
C VAL B 154 106.87 -31.54 -65.97
N GLN B 155 105.64 -31.66 -66.47
CA GLN B 155 105.17 -32.90 -67.05
C GLN B 155 104.76 -32.68 -68.49
N ILE B 156 105.21 -33.56 -69.37
CA ILE B 156 104.62 -33.72 -70.69
C ILE B 156 103.96 -35.09 -70.66
N ASN B 157 103.36 -35.51 -71.76
CA ASN B 157 102.56 -36.73 -71.72
C ASN B 157 103.40 -37.90 -71.22
N ASP B 158 102.97 -38.50 -70.11
CA ASP B 158 103.60 -39.67 -69.52
C ASP B 158 105.12 -39.52 -69.42
N ASN B 159 105.55 -38.42 -68.80
CA ASN B 159 106.98 -38.19 -68.62
C ASN B 159 107.19 -37.25 -67.45
N TYR B 160 108.39 -37.29 -66.88
CA TYR B 160 108.77 -36.46 -65.74
C TYR B 160 110.09 -35.76 -66.06
N TYR B 161 110.04 -34.44 -66.19
CA TYR B 161 111.24 -33.63 -66.36
C TYR B 161 111.51 -32.91 -65.04
N GLU B 162 112.59 -33.27 -64.38
CA GLU B 162 112.85 -32.85 -63.02
C GLU B 162 114.14 -32.06 -62.92
N ASP B 163 114.21 -31.21 -61.90
CA ASP B 163 115.35 -30.32 -61.68
C ASP B 163 115.55 -29.38 -62.87
N LEU B 164 114.48 -28.66 -63.19
CA LEU B 164 114.40 -27.84 -64.41
C LEU B 164 114.61 -26.37 -64.08
N THR B 165 115.63 -25.76 -64.74
CA THR B 165 116.01 -24.36 -64.89
C THR B 165 115.36 -23.77 -66.14
N PRO B 166 115.09 -22.46 -66.17
CA PRO B 166 114.37 -21.90 -67.33
C PRO B 166 115.04 -22.13 -68.67
N LYS B 167 116.36 -21.97 -68.75
CA LYS B 167 117.06 -22.20 -70.00
C LYS B 167 116.77 -23.61 -70.53
N ASP B 168 116.91 -24.61 -69.67
CA ASP B 168 116.60 -25.97 -70.07
C ASP B 168 115.14 -26.14 -70.44
N ILE B 169 114.25 -25.35 -69.82
CA ILE B 169 112.85 -25.35 -70.23
C ILE B 169 112.76 -24.98 -71.71
N GLU B 170 113.38 -23.86 -72.07
CA GLU B 170 113.41 -23.47 -73.48
C GLU B 170 113.98 -24.57 -74.35
N GLU B 171 115.05 -25.21 -73.87
CA GLU B 171 115.65 -26.30 -74.64
C GLU B 171 114.64 -27.40 -74.93
N ILE B 172 113.97 -27.90 -73.88
CA ILE B 172 112.98 -28.95 -74.07
C ILE B 172 111.90 -28.51 -75.05
N ILE B 173 111.35 -27.31 -74.83
CA ILE B 173 110.23 -26.85 -75.65
C ILE B 173 110.62 -26.82 -77.12
N ASP B 174 111.80 -26.29 -77.42
CA ASP B 174 112.24 -26.26 -78.81
C ASP B 174 112.49 -27.66 -79.34
N GLU B 175 113.05 -28.55 -78.50
CA GLU B 175 113.20 -29.95 -78.92
C GLU B 175 111.87 -30.55 -79.31
N LEU B 176 110.79 -30.16 -78.64
CA LEU B 176 109.47 -30.63 -79.03
C LEU B 176 108.98 -29.92 -80.29
N LYS B 177 109.38 -28.66 -80.49
CA LYS B 177 109.11 -28.01 -81.76
C LYS B 177 109.68 -28.81 -82.92
N ALA B 178 110.90 -29.33 -82.75
CA ALA B 178 111.49 -30.17 -83.78
C ALA B 178 110.84 -31.55 -83.81
N GLY B 179 110.38 -32.03 -82.67
CA GLY B 179 109.77 -33.35 -82.58
C GLY B 179 110.64 -34.41 -81.94
N LYS B 180 111.85 -34.07 -81.50
CA LYS B 180 112.74 -35.01 -80.83
C LYS B 180 112.51 -34.90 -79.33
N ILE B 181 111.96 -35.95 -78.73
CA ILE B 181 111.61 -35.90 -77.32
C ILE B 181 112.85 -36.12 -76.46
N PRO B 182 113.22 -35.16 -75.63
CA PRO B 182 114.45 -35.29 -74.83
C PRO B 182 114.37 -36.43 -73.84
N LYS B 183 115.53 -36.78 -73.32
CA LYS B 183 115.60 -37.81 -72.29
C LYS B 183 114.66 -37.47 -71.13
N PRO B 184 113.81 -38.40 -70.70
CA PRO B 184 112.87 -38.09 -69.62
C PRO B 184 113.54 -37.69 -68.31
N GLY B 185 114.55 -38.42 -67.87
CA GLY B 185 115.05 -38.30 -66.53
C GLY B 185 115.49 -36.90 -66.12
N PRO B 186 115.57 -36.67 -64.81
CA PRO B 186 116.02 -35.37 -64.30
C PRO B 186 117.44 -35.06 -64.75
N ARG B 187 117.72 -33.76 -64.87
CA ARG B 187 119.03 -33.36 -65.36
C ARG B 187 119.69 -32.32 -64.48
N SER B 188 120.81 -31.78 -64.95
CA SER B 188 121.74 -31.01 -64.13
C SER B 188 122.17 -31.84 -62.93
N GLY B 189 122.86 -32.93 -63.23
CA GLY B 189 123.18 -33.91 -62.22
C GLY B 189 121.93 -34.57 -61.69
N ARG B 190 122.04 -35.13 -60.48
CA ARG B 190 120.91 -35.71 -59.77
C ARG B 190 120.20 -36.78 -60.58
N PHE B 191 120.96 -37.56 -61.34
CA PHE B 191 120.29 -38.54 -62.18
C PHE B 191 119.65 -39.59 -61.28
N SER B 192 118.32 -39.72 -61.40
CA SER B 192 117.50 -40.61 -60.59
C SER B 192 117.64 -40.32 -59.10
N CYS B 193 117.16 -39.13 -58.73
CA CYS B 193 116.79 -38.81 -57.34
C CYS B 193 117.91 -39.13 -56.35
N GLU B 194 118.94 -38.29 -56.37
CA GLU B 194 120.09 -38.45 -55.52
C GLU B 194 120.46 -37.14 -54.84
N PRO B 195 121.26 -37.19 -53.78
CA PRO B 195 121.99 -35.99 -53.36
C PRO B 195 123.01 -35.63 -54.43
N ALA B 196 123.06 -34.35 -54.78
CA ALA B 196 123.98 -33.94 -55.84
C ALA B 196 125.42 -34.02 -55.38
N GLY B 197 125.72 -33.47 -54.20
CA GLY B 197 127.09 -33.40 -53.75
C GLY B 197 127.76 -34.72 -53.39
N GLY B 198 127.19 -35.46 -52.44
CA GLY B 198 127.93 -36.55 -51.85
C GLY B 198 127.63 -37.96 -52.33
N LEU B 199 126.48 -38.18 -52.97
CA LEU B 199 125.96 -39.53 -53.19
C LEU B 199 126.04 -40.32 -51.88
N THR B 200 125.54 -39.67 -50.82
CA THR B 200 125.78 -40.11 -49.45
C THR B 200 124.84 -41.23 -49.07
N SER B 201 124.77 -41.52 -47.77
CA SER B 201 124.05 -42.68 -47.22
C SER B 201 124.74 -43.93 -47.76
N LEU B 202 124.05 -44.84 -48.44
CA LEU B 202 124.66 -46.11 -48.79
C LEU B 202 125.55 -45.91 -50.01
N THR B 203 126.86 -46.07 -49.82
CA THR B 203 127.81 -46.16 -50.91
C THR B 203 128.32 -47.58 -51.16
N GLU B 204 127.95 -48.52 -50.33
CA GLU B 204 128.63 -49.81 -50.32
C GLU B 204 127.98 -50.79 -51.29
N PRO B 205 128.72 -51.82 -51.70
CA PRO B 205 128.11 -52.90 -52.48
C PRO B 205 127.01 -53.56 -51.68
N PRO B 206 125.83 -53.73 -52.30
CA PRO B 206 124.70 -54.31 -51.56
C PRO B 206 125.01 -55.74 -51.14
N LYS B 207 124.52 -56.09 -49.95
CA LYS B 207 124.70 -57.43 -49.43
C LYS B 207 124.00 -58.44 -50.33
N GLY B 208 124.57 -59.64 -50.42
CA GLY B 208 123.98 -60.71 -51.17
C GLY B 208 122.77 -61.28 -50.44
N PRO B 209 122.29 -62.44 -50.86
CA PRO B 209 121.16 -63.09 -50.18
C PRO B 209 121.57 -63.75 -48.87
N GLY B 210 122.26 -62.99 -48.01
CA GLY B 210 122.71 -63.47 -46.73
C GLY B 210 121.98 -62.83 -45.57
N PHE B 211 122.58 -62.95 -44.38
CA PHE B 211 122.16 -62.25 -43.18
C PHE B 211 120.80 -62.73 -42.67
N GLY B 212 120.13 -63.57 -43.44
CA GLY B 212 118.78 -64.01 -43.15
C GLY B 212 118.69 -65.23 -42.26
N VAL B 213 119.70 -65.44 -41.42
CA VAL B 213 119.86 -66.70 -40.69
C VAL B 213 118.56 -67.09 -39.97
N GLN B 214 118.06 -66.20 -39.11
CA GLN B 214 116.75 -66.38 -38.47
C GLN B 214 116.70 -67.58 -37.54
N ALA B 215 117.74 -68.40 -37.53
CA ALA B 215 117.75 -69.67 -36.81
C ALA B 215 116.55 -70.53 -37.20
N GLY B 216 116.13 -70.42 -38.45
CA GLY B 216 114.99 -71.17 -38.94
C GLY B 216 114.54 -70.72 -40.32
N SER C 6 67.15 -61.17 -24.84
CA SER C 6 67.14 -62.01 -26.03
C SER C 6 67.07 -61.16 -27.29
N ASN C 7 68.22 -60.95 -27.92
CA ASN C 7 68.33 -60.08 -29.09
C ASN C 7 67.73 -58.71 -28.80
N LEU C 8 68.03 -58.19 -27.62
CA LEU C 8 67.71 -56.82 -27.25
C LEU C 8 68.91 -56.25 -26.52
N ILE C 9 69.02 -54.92 -26.53
CA ILE C 9 70.19 -54.26 -25.98
C ILE C 9 69.76 -53.06 -25.15
N GLU C 10 70.33 -52.94 -23.97
CA GLU C 10 70.13 -51.78 -23.10
C GLU C 10 71.12 -50.70 -23.48
N VAL C 11 70.62 -49.55 -23.90
CA VAL C 11 71.46 -48.40 -24.23
C VAL C 11 70.83 -47.16 -23.64
N PHE C 12 71.61 -46.40 -22.88
CA PHE C 12 71.09 -45.23 -22.21
C PHE C 12 70.92 -44.06 -23.16
N VAL C 13 69.93 -43.23 -22.89
CA VAL C 13 69.75 -41.94 -23.54
C VAL C 13 69.54 -40.93 -22.43
N ASP C 14 70.48 -39.99 -22.28
CA ASP C 14 70.44 -39.02 -21.19
C ASP C 14 70.27 -39.72 -19.85
N GLY C 15 70.82 -40.91 -19.71
CA GLY C 15 70.64 -41.69 -18.51
C GLY C 15 69.33 -42.46 -18.44
N GLN C 16 68.49 -42.35 -19.46
CA GLN C 16 67.23 -43.08 -19.51
C GLN C 16 67.40 -44.30 -20.41
N SER C 17 67.35 -45.48 -19.81
CA SER C 17 67.54 -46.70 -20.57
C SER C 17 66.40 -46.93 -21.56
N VAL C 18 66.73 -47.60 -22.65
CA VAL C 18 65.74 -48.05 -23.62
C VAL C 18 66.26 -49.32 -24.27
N MET C 19 65.36 -50.26 -24.54
CA MET C 19 65.72 -51.54 -25.11
C MET C 19 65.48 -51.50 -26.61
N VAL C 20 66.54 -51.73 -27.39
CA VAL C 20 66.46 -51.64 -28.85
C VAL C 20 67.10 -52.88 -29.45
N GLU C 21 66.88 -53.03 -30.74
CA GLU C 21 67.33 -54.19 -31.49
C GLU C 21 68.82 -54.09 -31.82
N PRO C 22 69.51 -55.22 -31.90
CA PRO C 22 70.94 -55.22 -32.21
C PRO C 22 71.27 -54.85 -33.64
N GLY C 23 71.57 -53.57 -33.88
CA GLY C 23 71.80 -53.07 -35.22
C GLY C 23 70.83 -51.99 -35.69
N THR C 24 69.81 -51.63 -34.92
CA THR C 24 69.13 -50.37 -35.20
C THR C 24 70.10 -49.21 -35.04
N THR C 25 69.86 -48.14 -35.79
CA THR C 25 70.80 -47.03 -35.85
C THR C 25 70.70 -46.18 -34.57
N VAL C 26 71.58 -45.19 -34.49
CA VAL C 26 71.51 -44.25 -33.38
C VAL C 26 70.27 -43.38 -33.51
N LEU C 27 70.05 -42.82 -34.69
CA LEU C 27 68.93 -41.92 -34.89
C LEU C 27 67.61 -42.60 -34.54
N GLN C 28 67.47 -43.88 -34.88
CA GLN C 28 66.28 -44.61 -34.48
C GLN C 28 66.20 -44.73 -32.96
N ALA C 29 67.31 -45.13 -32.34
CA ALA C 29 67.34 -45.29 -30.89
C ALA C 29 66.93 -44.01 -30.18
N CYS C 30 67.27 -42.86 -30.73
CA CYS C 30 66.81 -41.61 -30.15
C CYS C 30 65.37 -41.31 -30.53
N GLU C 31 64.92 -41.78 -31.70
CA GLU C 31 63.51 -41.64 -32.04
C GLU C 31 62.63 -42.33 -31.01
N LYS C 32 63.09 -43.46 -30.50
CA LYS C 32 62.23 -44.29 -29.66
C LYS C 32 61.76 -43.54 -28.42
N VAL C 33 62.64 -42.72 -27.83
CA VAL C 33 62.30 -42.00 -26.60
C VAL C 33 61.82 -40.58 -26.88
N GLY C 34 61.71 -40.18 -28.14
CA GLY C 34 61.19 -38.88 -28.47
C GLY C 34 62.21 -37.89 -28.98
N MET C 35 63.50 -38.15 -28.83
CA MET C 35 64.49 -37.31 -29.49
C MET C 35 64.37 -37.46 -30.99
N GLN C 36 64.25 -36.36 -31.69
CA GLN C 36 64.40 -36.34 -33.13
C GLN C 36 65.66 -35.55 -33.42
N ILE C 37 66.69 -36.24 -33.85
CA ILE C 37 67.98 -35.58 -34.10
C ILE C 37 67.90 -34.85 -35.43
N PRO C 38 68.22 -33.56 -35.49
CA PRO C 38 68.06 -32.81 -36.73
C PRO C 38 68.92 -33.41 -37.83
N ARG C 39 68.38 -33.40 -39.05
CA ARG C 39 68.98 -34.18 -40.12
C ARG C 39 68.59 -33.62 -41.47
N PHE C 40 69.32 -34.04 -42.49
CA PHE C 40 68.98 -33.70 -43.88
C PHE C 40 68.97 -34.93 -44.79
N CYS C 41 70.13 -35.53 -45.03
CA CYS C 41 70.22 -36.50 -46.10
C CYS C 41 69.53 -37.82 -45.75
N TYR C 42 69.45 -38.14 -44.47
CA TYR C 42 68.75 -39.35 -44.06
C TYR C 42 67.27 -39.22 -44.39
N HIS C 43 66.67 -40.32 -44.83
CA HIS C 43 65.24 -40.35 -45.08
C HIS C 43 64.73 -41.76 -44.89
N GLU C 44 63.50 -41.88 -44.40
CA GLU C 44 62.97 -43.17 -44.00
C GLU C 44 63.01 -44.20 -45.12
N ARG C 45 62.80 -43.78 -46.37
CA ARG C 45 62.74 -44.72 -47.47
C ARG C 45 64.05 -44.85 -48.23
N LEU C 46 65.09 -44.10 -47.86
CA LEU C 46 66.29 -44.00 -48.66
C LEU C 46 67.50 -44.48 -47.86
N SER C 47 68.42 -45.15 -48.54
CA SER C 47 69.58 -45.72 -47.88
C SER C 47 70.46 -44.61 -47.30
N VAL C 48 71.24 -44.97 -46.31
CA VAL C 48 71.94 -44.00 -45.48
C VAL C 48 73.13 -43.41 -46.24
N ALA C 49 73.47 -42.17 -45.92
CA ALA C 49 74.67 -41.53 -46.44
C ALA C 49 75.16 -40.52 -45.42
N GLY C 50 76.45 -40.21 -45.50
CA GLY C 50 77.08 -39.34 -44.53
C GLY C 50 77.15 -37.89 -44.96
N ASN C 51 76.24 -37.49 -45.85
CA ASN C 51 76.41 -36.22 -46.53
C ASN C 51 76.04 -35.04 -45.64
N CYS C 52 74.90 -35.09 -44.96
CA CYS C 52 74.38 -33.85 -44.39
C CYS C 52 75.26 -33.37 -43.24
N ARG C 53 75.69 -34.30 -42.40
CA ARG C 53 76.55 -34.06 -41.24
C ARG C 53 75.80 -33.32 -40.12
N MET C 54 74.54 -32.92 -40.33
CA MET C 54 73.77 -32.32 -39.26
C MET C 54 73.38 -33.33 -38.18
N CYS C 55 73.51 -34.63 -38.44
CA CYS C 55 73.05 -35.64 -37.48
C CYS C 55 74.03 -35.87 -36.35
N LEU C 56 75.14 -35.15 -36.32
CA LEU C 56 76.18 -35.40 -35.32
C LEU C 56 75.62 -35.35 -33.92
N VAL C 57 76.11 -36.24 -33.07
CA VAL C 57 75.72 -36.30 -31.67
C VAL C 57 76.89 -36.84 -30.87
N GLU C 58 77.07 -36.32 -29.66
CA GLU C 58 78.17 -36.76 -28.80
C GLU C 58 77.73 -37.96 -27.98
N ILE C 59 78.66 -38.91 -27.81
CA ILE C 59 78.51 -39.99 -26.86
C ILE C 59 79.59 -39.82 -25.81
N GLU C 60 79.19 -39.83 -24.53
CA GLU C 60 80.16 -39.57 -23.48
C GLU C 60 81.24 -40.65 -23.47
N LYS C 61 82.39 -40.28 -22.91
CA LYS C 61 83.59 -41.12 -22.84
C LYS C 61 84.26 -41.27 -24.19
N ALA C 62 83.61 -40.78 -25.26
CA ALA C 62 84.15 -40.93 -26.60
C ALA C 62 84.68 -39.59 -27.09
N PRO C 63 85.94 -39.52 -27.52
CA PRO C 63 86.48 -38.20 -27.91
C PRO C 63 85.81 -37.58 -29.12
N LYS C 64 85.69 -38.30 -30.23
CA LYS C 64 85.11 -37.73 -31.43
C LYS C 64 83.59 -37.81 -31.40
N VAL C 65 82.97 -36.90 -32.13
CA VAL C 65 81.52 -36.94 -32.35
C VAL C 65 81.24 -37.92 -33.48
N VAL C 66 80.19 -38.71 -33.32
CA VAL C 66 79.83 -39.73 -34.31
C VAL C 66 78.56 -39.29 -35.00
N ALA C 67 78.43 -39.69 -36.27
CA ALA C 67 77.25 -39.35 -37.05
C ALA C 67 76.13 -40.34 -36.72
N ALA C 68 74.99 -39.82 -36.30
CA ALA C 68 73.93 -40.68 -35.81
C ALA C 68 73.21 -41.42 -36.91
N CYS C 69 73.40 -41.05 -38.17
CA CYS C 69 72.66 -41.71 -39.24
C CYS C 69 73.08 -43.16 -39.39
N ALA C 70 74.36 -43.40 -39.66
CA ALA C 70 74.86 -44.72 -40.01
C ALA C 70 75.53 -45.46 -38.87
N MET C 71 75.64 -44.85 -37.70
CA MET C 71 76.38 -45.48 -36.62
C MET C 71 75.54 -46.56 -35.95
N PRO C 72 75.95 -47.82 -35.99
CA PRO C 72 75.24 -48.84 -35.22
C PRO C 72 75.49 -48.66 -33.75
N VAL C 73 74.64 -49.28 -32.94
CA VAL C 73 74.65 -49.06 -31.51
C VAL C 73 75.09 -50.35 -30.83
N MET C 74 76.30 -50.36 -30.30
CA MET C 74 76.74 -51.43 -29.44
C MET C 74 76.03 -51.32 -28.10
N LYS C 75 76.35 -52.22 -27.18
CA LYS C 75 75.79 -52.17 -25.85
C LYS C 75 76.39 -51.00 -25.07
N GLY C 76 75.57 -50.36 -24.25
CA GLY C 76 76.07 -49.42 -23.28
C GLY C 76 76.51 -48.07 -23.80
N TRP C 77 76.22 -47.72 -25.05
CA TRP C 77 76.40 -46.34 -25.45
C TRP C 77 75.46 -45.47 -24.64
N ASN C 78 75.97 -44.35 -24.14
CA ASN C 78 75.15 -43.33 -23.52
C ASN C 78 75.16 -42.12 -24.44
N ILE C 79 74.01 -41.79 -25.00
CA ILE C 79 73.90 -40.79 -26.05
C ILE C 79 73.46 -39.48 -25.42
N LEU C 80 74.37 -38.53 -25.34
CA LEU C 80 74.07 -37.20 -24.81
C LEU C 80 73.73 -36.31 -25.98
N THR C 81 72.46 -35.91 -26.08
CA THR C 81 72.05 -35.09 -27.20
C THR C 81 72.40 -33.62 -26.98
N ASN C 82 72.15 -33.11 -25.77
CA ASN C 82 72.34 -31.69 -25.50
C ASN C 82 73.70 -31.36 -24.93
N SER C 83 74.61 -32.32 -24.86
CA SER C 83 75.96 -32.03 -24.40
C SER C 83 76.58 -30.93 -25.26
N GLU C 84 77.32 -30.05 -24.59
CA GLU C 84 77.84 -28.83 -25.24
C GLU C 84 78.54 -29.13 -26.56
N LYS C 85 79.35 -30.19 -26.58
CA LYS C 85 80.08 -30.52 -27.79
C LYS C 85 79.14 -30.74 -28.97
N THR C 86 78.02 -31.42 -28.72
CA THR C 86 77.04 -31.63 -29.78
C THR C 86 76.51 -30.31 -30.30
N LYS C 87 75.96 -29.49 -29.42
CA LYS C 87 75.38 -28.22 -29.87
C LYS C 87 76.39 -27.39 -30.65
N LYS C 88 77.65 -27.40 -30.22
CA LYS C 88 78.67 -26.70 -31.00
C LYS C 88 78.83 -27.33 -32.38
N ALA C 89 78.74 -28.65 -32.45
CA ALA C 89 78.85 -29.30 -33.76
C ALA C 89 77.69 -28.91 -34.67
N ARG C 90 76.47 -28.91 -34.14
CA ARG C 90 75.31 -28.53 -34.95
C ARG C 90 75.42 -27.10 -35.41
N GLU C 91 75.79 -26.18 -34.50
CA GLU C 91 75.98 -24.80 -34.91
C GLU C 91 77.02 -24.70 -36.03
N GLY C 92 78.11 -25.45 -35.91
CA GLY C 92 79.10 -25.47 -36.96
C GLY C 92 78.54 -25.92 -38.30
N VAL C 93 77.94 -27.10 -38.33
CA VAL C 93 77.44 -27.65 -39.60
C VAL C 93 76.44 -26.70 -40.23
N MET C 94 75.51 -26.19 -39.43
CA MET C 94 74.55 -25.23 -39.94
C MET C 94 75.25 -24.02 -40.53
N GLU C 95 76.33 -23.56 -39.88
CA GLU C 95 77.05 -22.41 -40.39
C GLU C 95 77.66 -22.71 -41.75
N PHE C 96 78.35 -23.86 -41.88
CA PHE C 96 79.00 -24.15 -43.15
C PHE C 96 77.98 -24.35 -44.27
N LEU C 97 76.82 -24.94 -43.94
CA LEU C 97 75.76 -25.01 -44.94
C LEU C 97 75.31 -23.62 -45.37
N LEU C 98 74.98 -22.77 -44.42
CA LEU C 98 74.53 -21.43 -44.75
C LEU C 98 75.63 -20.58 -45.35
N ALA C 99 76.87 -21.06 -45.38
CA ALA C 99 77.96 -20.32 -46.00
C ALA C 99 77.60 -19.92 -47.42
N ASN C 100 77.51 -20.89 -48.32
CA ASN C 100 77.11 -20.62 -49.69
C ASN C 100 75.65 -21.01 -49.81
N HIS C 101 74.77 -20.01 -49.78
CA HIS C 101 73.39 -20.24 -50.09
C HIS C 101 72.90 -18.91 -50.60
N PRO C 102 72.00 -18.87 -51.57
CA PRO C 102 71.42 -17.60 -51.99
C PRO C 102 70.42 -17.13 -50.94
N LEU C 103 70.02 -15.87 -51.05
CA LEU C 103 68.91 -15.39 -50.25
C LEU C 103 67.73 -15.42 -51.20
N ASP C 104 67.01 -16.52 -51.22
CA ASP C 104 65.80 -16.65 -52.01
C ASP C 104 64.53 -16.71 -51.18
N CYS C 105 64.64 -16.73 -49.85
CA CYS C 105 63.46 -17.01 -49.02
C CYS C 105 62.24 -16.19 -49.43
N PRO C 106 62.34 -14.92 -49.81
CA PRO C 106 61.16 -14.26 -50.38
C PRO C 106 60.68 -14.90 -51.68
N ILE C 107 61.56 -15.13 -52.64
CA ILE C 107 61.09 -15.68 -53.91
C ILE C 107 60.90 -17.19 -53.83
N CYS C 108 61.70 -17.86 -53.01
CA CYS C 108 61.73 -19.31 -53.00
C CYS C 108 60.37 -19.89 -52.61
N ASP C 109 60.04 -21.03 -53.21
CA ASP C 109 58.69 -21.60 -53.06
C ASP C 109 58.46 -22.27 -51.71
N GLN C 110 59.50 -22.79 -51.08
CA GLN C 110 59.33 -23.54 -49.84
C GLN C 110 59.41 -22.68 -48.60
N GLY C 111 59.42 -21.36 -48.73
CA GLY C 111 59.66 -20.47 -47.62
C GLY C 111 58.90 -20.83 -46.36
N GLY C 112 57.65 -21.26 -46.48
CA GLY C 112 56.96 -21.63 -45.27
C GLY C 112 57.32 -22.99 -44.72
N GLU C 113 58.21 -23.72 -45.38
CA GLU C 113 58.45 -25.12 -45.07
C GLU C 113 59.94 -25.42 -44.87
N CYS C 114 60.78 -25.02 -45.82
CA CYS C 114 62.13 -25.55 -45.99
C CYS C 114 62.87 -25.74 -44.68
N ASP C 115 63.44 -26.93 -44.52
CA ASP C 115 64.02 -27.33 -43.26
C ASP C 115 65.27 -26.54 -42.89
N LEU C 116 65.89 -25.85 -43.84
CA LEU C 116 66.98 -24.97 -43.45
C LEU C 116 66.49 -23.85 -42.55
N GLN C 117 65.26 -23.37 -42.76
CA GLN C 117 64.78 -22.32 -41.89
C GLN C 117 64.42 -22.89 -40.53
N ASP C 118 63.66 -23.98 -40.51
CA ASP C 118 63.26 -24.60 -39.27
C ASP C 118 64.48 -24.95 -38.44
N GLN C 119 65.29 -25.89 -38.92
CA GLN C 119 66.45 -26.29 -38.16
C GLN C 119 67.43 -25.15 -37.98
N SER C 120 67.41 -24.17 -38.88
CA SER C 120 68.28 -23.02 -38.72
C SER C 120 67.94 -22.25 -37.46
N MET C 121 66.66 -21.99 -37.22
CA MET C 121 66.30 -21.29 -35.99
C MET C 121 66.44 -22.22 -34.78
N MET C 122 65.90 -23.41 -34.87
CA MET C 122 65.80 -24.20 -33.65
C MET C 122 67.11 -24.90 -33.30
N PHE C 123 68.15 -24.76 -34.12
CA PHE C 123 69.44 -25.31 -33.75
C PHE C 123 70.58 -24.33 -33.97
N GLY C 124 70.83 -23.98 -35.22
CA GLY C 124 72.05 -23.26 -35.59
C GLY C 124 72.16 -21.89 -34.97
N SER C 125 73.35 -21.31 -35.15
CA SER C 125 73.70 -20.03 -34.56
C SER C 125 72.87 -18.91 -35.18
N ASP C 126 72.82 -17.78 -34.48
CA ASP C 126 71.92 -16.70 -34.83
C ASP C 126 72.50 -15.67 -35.78
N ARG C 127 73.81 -15.70 -36.04
CA ARG C 127 74.45 -14.66 -36.84
C ARG C 127 75.51 -15.29 -37.73
N SER C 128 75.52 -14.90 -39.00
CA SER C 128 76.47 -15.48 -39.93
C SER C 128 77.78 -14.68 -39.92
N ARG C 129 78.71 -15.13 -40.74
CA ARG C 129 80.05 -14.55 -40.85
C ARG C 129 80.47 -14.71 -42.31
N PHE C 130 81.76 -14.53 -42.59
CA PHE C 130 82.28 -14.86 -43.91
C PHE C 130 81.69 -13.99 -45.01
N LEU C 131 82.24 -12.80 -45.17
CA LEU C 131 81.72 -11.84 -46.15
C LEU C 131 81.96 -12.31 -47.58
N GLU C 132 83.22 -12.32 -48.01
CA GLU C 132 83.53 -12.54 -49.42
C GLU C 132 83.44 -14.03 -49.74
N GLY C 133 82.61 -14.39 -50.70
CA GLY C 133 82.19 -15.77 -50.83
C GLY C 133 80.97 -15.91 -51.74
N LYS C 134 80.14 -16.89 -51.40
CA LYS C 134 78.84 -17.12 -52.03
C LYS C 134 78.94 -17.54 -53.49
N ARG C 135 79.36 -18.78 -53.73
CA ARG C 135 79.38 -19.33 -55.08
C ARG C 135 77.98 -19.42 -55.67
N ALA C 136 77.91 -19.47 -57.00
CA ALA C 136 76.67 -19.63 -57.72
C ALA C 136 76.78 -20.79 -58.69
N VAL C 137 75.62 -21.31 -59.10
CA VAL C 137 75.55 -22.50 -59.93
C VAL C 137 74.61 -22.24 -61.10
N GLU C 138 75.02 -22.68 -62.29
CA GLU C 138 74.14 -22.65 -63.45
C GLU C 138 72.93 -23.53 -63.22
N ASP C 139 71.74 -22.96 -63.40
CA ASP C 139 70.52 -23.73 -63.25
C ASP C 139 70.25 -24.56 -64.50
N LYS C 140 69.53 -25.66 -64.32
CA LYS C 140 69.36 -26.65 -65.37
C LYS C 140 67.89 -27.02 -65.48
N ASN C 141 67.30 -26.73 -66.63
CA ASN C 141 65.92 -27.16 -66.88
C ASN C 141 65.88 -28.68 -67.04
N ILE C 142 64.87 -29.30 -66.44
CA ILE C 142 64.79 -30.76 -66.48
C ILE C 142 63.49 -31.20 -67.13
N GLY C 143 62.40 -31.17 -66.37
CA GLY C 143 61.12 -31.53 -66.91
C GLY C 143 60.21 -30.33 -67.02
N PRO C 144 59.04 -30.52 -67.62
CA PRO C 144 57.97 -29.54 -67.46
C PRO C 144 57.37 -29.55 -66.06
N LEU C 145 57.50 -30.66 -65.34
CA LEU C 145 56.90 -30.75 -64.01
C LEU C 145 57.76 -30.07 -62.96
N VAL C 146 59.07 -30.25 -63.04
CA VAL C 146 59.98 -29.83 -61.97
C VAL C 146 60.67 -28.54 -62.39
N LYS C 147 60.32 -27.45 -61.71
CA LYS C 147 61.09 -26.23 -61.84
C LYS C 147 62.37 -26.38 -61.03
N THR C 148 63.48 -25.91 -61.58
CA THR C 148 64.78 -26.21 -61.02
C THR C 148 65.61 -24.95 -60.88
N ILE C 149 65.93 -24.58 -59.66
CA ILE C 149 66.97 -23.61 -59.35
C ILE C 149 67.98 -24.34 -58.48
N MET C 150 69.16 -24.60 -59.02
CA MET C 150 70.16 -25.39 -58.32
C MET C 150 71.06 -24.57 -57.42
N THR C 151 70.97 -23.24 -57.45
CA THR C 151 71.79 -22.44 -56.55
C THR C 151 71.45 -22.76 -55.10
N ARG C 152 70.18 -23.02 -54.83
CA ARG C 152 69.71 -23.34 -53.50
C ARG C 152 70.07 -24.75 -53.07
N CYS C 153 70.62 -25.57 -53.95
CA CYS C 153 70.96 -26.94 -53.61
C CYS C 153 71.99 -27.00 -52.48
N ILE C 154 71.71 -27.82 -51.47
CA ILE C 154 72.70 -28.12 -50.45
C ILE C 154 73.48 -29.39 -50.77
N GLN C 155 73.21 -30.03 -51.90
CA GLN C 155 73.98 -31.18 -52.36
C GLN C 155 73.89 -32.32 -51.35
N CYS C 156 72.67 -32.68 -50.97
CA CYS C 156 72.47 -33.62 -49.88
C CYS C 156 72.25 -35.05 -50.37
N THR C 157 72.24 -35.29 -51.67
CA THR C 157 72.25 -36.61 -52.29
C THR C 157 70.89 -37.30 -52.22
N ARG C 158 69.88 -36.70 -51.56
CA ARG C 158 68.57 -37.35 -51.51
C ARG C 158 68.04 -37.65 -52.90
N CYS C 159 67.92 -36.64 -53.74
CA CYS C 159 67.33 -36.82 -55.06
C CYS C 159 68.02 -37.94 -55.82
N ILE C 160 69.35 -38.00 -55.73
CA ILE C 160 70.09 -39.07 -56.36
C ILE C 160 69.62 -40.42 -55.86
N ARG C 161 69.78 -40.67 -54.56
CA ARG C 161 69.46 -41.97 -53.99
C ARG C 161 68.03 -42.38 -54.31
N PHE C 162 67.09 -41.44 -54.27
CA PHE C 162 65.72 -41.78 -54.64
C PHE C 162 65.62 -42.18 -56.10
N ALA C 163 66.08 -41.33 -57.01
CA ALA C 163 65.98 -41.64 -58.43
C ALA C 163 66.58 -43.00 -58.73
N SER C 164 67.76 -43.26 -58.18
CA SER C 164 68.41 -44.55 -58.35
C SER C 164 67.57 -45.69 -57.81
N GLU C 165 67.41 -45.76 -56.49
CA GLU C 165 66.84 -46.95 -55.87
C GLU C 165 65.37 -47.12 -56.22
N ILE C 166 64.56 -46.12 -55.91
CA ILE C 166 63.11 -46.26 -56.00
C ILE C 166 62.63 -46.00 -57.42
N ALA C 167 62.86 -44.79 -57.94
CA ALA C 167 62.44 -44.48 -59.29
C ALA C 167 63.09 -45.42 -60.30
N GLY C 168 64.33 -45.81 -60.06
CA GLY C 168 65.01 -46.77 -60.91
C GLY C 168 65.55 -46.23 -62.21
N VAL C 169 65.51 -44.91 -62.41
CA VAL C 169 65.94 -44.35 -63.68
C VAL C 169 67.46 -44.26 -63.76
N ASP C 170 68.13 -43.96 -62.64
CA ASP C 170 69.59 -43.89 -62.54
C ASP C 170 70.19 -42.78 -63.38
N ASP C 171 69.43 -41.73 -63.70
CA ASP C 171 69.95 -40.68 -64.56
C ASP C 171 70.46 -39.44 -63.82
N LEU C 172 70.38 -39.41 -62.48
CA LEU C 172 70.85 -38.27 -61.72
C LEU C 172 72.15 -38.62 -61.01
N GLY C 173 73.04 -37.63 -60.90
CA GLY C 173 74.30 -37.83 -60.23
C GLY C 173 74.95 -36.50 -59.89
N THR C 174 76.19 -36.59 -59.43
CA THR C 174 77.00 -35.42 -59.09
C THR C 174 78.26 -35.39 -59.93
N THR C 175 78.65 -34.19 -60.36
CA THR C 175 79.87 -33.99 -61.12
C THR C 175 80.61 -32.79 -60.52
N GLY C 176 81.77 -33.03 -59.95
CA GLY C 176 82.62 -31.95 -59.50
C GLY C 176 83.36 -32.32 -58.24
N ARG C 177 84.03 -31.32 -57.67
CA ARG C 177 84.71 -31.47 -56.39
C ARG C 177 84.65 -30.14 -55.66
N GLY C 178 84.97 -30.18 -54.37
CA GLY C 178 85.05 -28.95 -53.59
C GLY C 178 83.78 -28.16 -53.70
N ASN C 179 83.92 -26.83 -53.74
CA ASN C 179 82.77 -25.95 -53.86
C ASN C 179 81.87 -26.36 -55.02
N ASP C 180 82.47 -26.75 -56.13
CA ASP C 180 81.73 -26.89 -57.37
C ASP C 180 81.39 -28.36 -57.54
N MET C 181 80.14 -28.70 -57.23
CA MET C 181 79.55 -29.98 -57.56
C MET C 181 78.12 -29.70 -57.98
N GLN C 182 77.78 -30.02 -59.21
CA GLN C 182 76.42 -29.85 -59.69
C GLN C 182 75.69 -31.17 -59.60
N VAL C 183 74.46 -31.13 -59.09
CA VAL C 183 73.65 -32.32 -58.88
C VAL C 183 72.58 -32.33 -59.96
N GLY C 184 72.69 -33.25 -60.89
CA GLY C 184 71.71 -33.33 -61.96
C GLY C 184 72.32 -33.93 -63.20
N THR C 185 71.47 -34.03 -64.23
CA THR C 185 71.88 -34.64 -65.48
C THR C 185 73.04 -33.87 -66.10
N TYR C 186 74.07 -34.61 -66.53
CA TYR C 186 75.22 -33.95 -67.13
C TYR C 186 74.96 -33.54 -68.57
N ILE C 187 74.09 -34.27 -69.28
CA ILE C 187 73.89 -34.04 -70.70
C ILE C 187 72.69 -33.14 -70.99
N GLU C 188 72.05 -32.60 -69.96
CA GLU C 188 70.87 -31.75 -70.12
C GLU C 188 69.71 -32.51 -70.74
N LYS C 189 69.58 -33.79 -70.38
CA LYS C 189 68.46 -34.60 -70.84
C LYS C 189 67.23 -34.34 -69.98
N MET C 190 66.07 -34.41 -70.62
CA MET C 190 64.82 -34.41 -69.87
C MET C 190 64.74 -35.64 -68.98
N PHE C 191 64.39 -35.43 -67.73
CA PHE C 191 64.14 -36.51 -66.78
C PHE C 191 62.65 -36.51 -66.48
N MET C 192 61.93 -37.52 -67.00
CA MET C 192 60.53 -37.65 -66.71
C MET C 192 60.17 -39.12 -66.60
N SER C 193 59.41 -39.45 -65.57
CA SER C 193 58.97 -40.82 -65.33
C SER C 193 57.76 -40.77 -64.42
N GLU C 194 57.06 -41.90 -64.34
CA GLU C 194 56.14 -42.09 -63.24
C GLU C 194 56.91 -41.93 -61.94
N LEU C 195 56.22 -41.43 -60.91
CA LEU C 195 56.81 -41.24 -59.59
C LEU C 195 57.88 -40.15 -59.58
N SER C 196 58.24 -39.63 -60.76
CA SER C 196 59.30 -38.63 -60.82
C SER C 196 58.90 -37.37 -60.07
N GLY C 197 57.66 -36.92 -60.23
CA GLY C 197 57.23 -35.71 -59.56
C GLY C 197 57.48 -35.72 -58.07
N ASN C 198 57.41 -36.91 -57.46
CA ASN C 198 57.58 -37.01 -56.01
C ASN C 198 58.90 -36.43 -55.54
N ILE C 199 59.88 -36.33 -56.43
CA ILE C 199 61.19 -35.80 -56.04
C ILE C 199 61.07 -34.39 -55.49
N ILE C 200 60.03 -33.65 -55.86
CA ILE C 200 59.93 -32.28 -55.38
C ILE C 200 59.55 -32.24 -53.91
N ASP C 201 59.02 -33.34 -53.37
CA ASP C 201 58.80 -33.41 -51.95
C ASP C 201 60.08 -33.74 -51.20
N ILE C 202 60.97 -34.50 -51.82
CA ILE C 202 62.14 -35.00 -51.11
C ILE C 202 63.23 -33.94 -51.01
N CYS C 203 63.32 -33.04 -51.99
CA CYS C 203 64.35 -32.03 -51.93
C CYS C 203 64.10 -31.14 -50.71
N PRO C 204 64.98 -31.20 -49.72
CA PRO C 204 64.70 -30.52 -48.45
C PRO C 204 64.72 -29.02 -48.57
N VAL C 205 65.37 -28.48 -49.60
CA VAL C 205 65.46 -27.04 -49.77
C VAL C 205 64.69 -26.65 -51.01
N GLY C 206 64.73 -25.37 -51.38
CA GLY C 206 63.95 -24.91 -52.50
C GLY C 206 64.61 -25.16 -53.83
N ALA C 207 65.60 -26.05 -53.85
CA ALA C 207 66.32 -26.32 -55.10
C ALA C 207 65.38 -26.85 -56.17
N LEU C 208 64.61 -27.87 -55.84
CA LEU C 208 63.59 -28.40 -56.73
C LEU C 208 62.22 -27.98 -56.19
N THR C 209 61.29 -27.74 -57.11
CA THR C 209 59.95 -27.34 -56.71
C THR C 209 58.99 -27.68 -57.84
N SER C 210 57.71 -27.39 -57.63
CA SER C 210 56.65 -27.74 -58.56
C SER C 210 56.50 -26.64 -59.60
N LYS C 211 56.70 -27.00 -60.87
CA LYS C 211 56.55 -26.00 -61.92
C LYS C 211 55.11 -25.51 -62.05
N PRO C 212 54.09 -26.36 -62.21
CA PRO C 212 52.74 -25.80 -62.37
C PRO C 212 52.22 -25.14 -61.11
N TYR C 213 52.44 -25.74 -59.94
CA TYR C 213 52.05 -25.09 -58.69
C TYR C 213 52.74 -23.75 -58.54
N ALA C 214 53.98 -23.66 -58.98
CA ALA C 214 54.68 -22.40 -59.25
C ALA C 214 54.63 -21.50 -58.02
N PHE C 215 54.26 -20.24 -58.16
CA PHE C 215 54.34 -19.23 -57.12
C PHE C 215 53.00 -18.98 -56.43
N THR C 216 51.96 -19.76 -56.77
CA THR C 216 50.59 -19.37 -56.46
C THR C 216 50.33 -19.25 -54.97
N ALA C 217 50.88 -20.16 -54.19
CA ALA C 217 50.46 -20.34 -52.80
C ALA C 217 51.67 -20.24 -51.89
N ARG C 218 51.49 -20.67 -50.66
CA ARG C 218 52.44 -20.47 -49.58
C ARG C 218 51.95 -21.29 -48.39
N PRO C 219 52.84 -22.01 -47.71
CA PRO C 219 52.39 -23.09 -46.83
C PRO C 219 51.48 -22.67 -45.69
N TRP C 220 51.83 -21.63 -44.95
CA TRP C 220 51.03 -21.31 -43.77
C TRP C 220 49.64 -20.85 -44.12
N GLU C 221 49.42 -20.36 -45.33
CA GLU C 221 48.12 -19.83 -45.71
C GLU C 221 47.11 -20.90 -46.07
N THR C 222 47.54 -22.13 -46.31
CA THR C 222 46.70 -23.16 -46.90
C THR C 222 46.16 -24.10 -45.84
N ARG C 223 44.93 -24.57 -46.07
CA ARG C 223 44.25 -25.44 -45.13
C ARG C 223 44.33 -26.88 -45.65
N LYS C 224 45.07 -27.72 -44.93
CA LYS C 224 45.23 -29.10 -45.33
C LYS C 224 43.95 -29.89 -45.07
N THR C 225 43.64 -30.83 -45.97
CA THR C 225 42.43 -31.64 -45.86
C THR C 225 42.70 -33.07 -46.29
N GLU C 226 42.38 -34.02 -45.42
CA GLU C 226 42.49 -35.43 -45.74
C GLU C 226 41.66 -35.74 -46.98
N SER C 227 42.12 -36.70 -47.77
CA SER C 227 41.36 -37.12 -48.94
C SER C 227 41.90 -38.45 -49.44
N ILE C 228 41.30 -38.96 -50.50
CA ILE C 228 41.71 -40.20 -51.14
C ILE C 228 41.99 -39.87 -52.59
N ASP C 229 42.37 -40.86 -53.38
CA ASP C 229 42.74 -40.64 -54.77
C ASP C 229 41.83 -41.45 -55.70
N VAL C 230 41.80 -41.01 -56.95
CA VAL C 230 41.12 -41.73 -58.02
C VAL C 230 42.13 -41.95 -59.12
N MET C 231 41.67 -42.40 -60.28
CA MET C 231 42.50 -42.51 -61.47
C MET C 231 43.49 -43.66 -61.34
N ASP C 232 43.59 -44.23 -60.15
CA ASP C 232 44.41 -45.41 -59.91
C ASP C 232 43.69 -46.30 -58.92
N ALA C 233 43.64 -47.59 -59.21
CA ALA C 233 42.94 -48.53 -58.36
C ALA C 233 43.67 -48.83 -57.06
N VAL C 234 44.89 -48.32 -56.89
CA VAL C 234 45.61 -48.55 -55.64
C VAL C 234 44.94 -47.88 -54.45
N GLY C 235 43.95 -47.03 -54.70
CA GLY C 235 43.33 -46.28 -53.64
C GLY C 235 44.36 -45.40 -52.96
N SER C 236 45.10 -44.64 -53.76
CA SER C 236 46.14 -43.80 -53.21
C SER C 236 45.54 -42.78 -52.25
N ASN C 237 46.39 -42.25 -51.38
CA ASN C 237 45.96 -41.56 -50.18
C ASN C 237 46.64 -40.19 -50.16
N ILE C 238 45.86 -39.12 -50.32
CA ILE C 238 46.39 -37.80 -50.63
C ILE C 238 45.76 -36.79 -49.70
N VAL C 239 46.44 -35.67 -49.50
CA VAL C 239 45.90 -34.56 -48.70
C VAL C 239 45.91 -33.32 -49.57
N VAL C 240 44.72 -32.80 -49.86
CA VAL C 240 44.60 -31.63 -50.71
C VAL C 240 44.97 -30.39 -49.90
N SER C 241 45.79 -29.54 -50.49
CA SER C 241 46.12 -28.25 -49.89
C SER C 241 45.19 -27.22 -50.51
N THR C 242 44.27 -26.69 -49.71
CA THR C 242 43.26 -25.76 -50.19
C THR C 242 43.57 -24.35 -49.70
N ARG C 243 43.30 -23.37 -50.56
CA ARG C 243 43.52 -21.97 -50.22
C ARG C 243 42.26 -21.20 -50.54
N THR C 244 41.58 -20.72 -49.50
CA THR C 244 40.46 -19.79 -49.62
C THR C 244 39.47 -20.22 -50.71
N GLY C 245 39.20 -21.51 -50.76
CA GLY C 245 38.22 -22.04 -51.69
C GLY C 245 38.75 -22.52 -53.03
N GLU C 246 40.04 -22.83 -53.12
CA GLU C 246 40.61 -23.41 -54.32
C GLU C 246 41.55 -24.53 -53.91
N VAL C 247 41.97 -25.33 -54.89
CA VAL C 247 42.88 -26.44 -54.65
C VAL C 247 44.22 -26.06 -55.23
N MET C 248 45.19 -25.82 -54.36
CA MET C 248 46.52 -25.40 -54.81
C MET C 248 47.38 -26.59 -55.26
N ARG C 249 47.32 -27.69 -54.53
CA ARG C 249 48.22 -28.81 -54.75
C ARG C 249 47.84 -29.93 -53.80
N ILE C 250 48.33 -31.13 -54.08
CA ILE C 250 47.97 -32.31 -53.30
C ILE C 250 49.25 -33.02 -52.89
N LEU C 251 49.34 -33.36 -51.61
CA LEU C 251 50.50 -33.96 -51.00
C LEU C 251 50.25 -35.40 -50.63
N PRO C 252 51.13 -36.32 -50.99
CA PRO C 252 51.10 -37.64 -50.36
C PRO C 252 51.34 -37.53 -48.87
N ARG C 253 50.64 -38.34 -48.10
CA ARG C 253 50.91 -38.45 -46.67
C ARG C 253 51.22 -39.90 -46.34
N MET C 254 51.81 -40.11 -45.18
CA MET C 254 52.37 -41.41 -44.87
C MET C 254 51.24 -42.39 -44.55
N HIS C 255 51.14 -43.45 -45.34
CA HIS C 255 50.28 -44.58 -45.07
C HIS C 255 51.12 -45.82 -45.31
N GLU C 256 51.14 -46.75 -44.37
CA GLU C 256 52.18 -47.76 -44.43
C GLU C 256 51.86 -48.86 -45.43
N ASP C 257 50.59 -49.28 -45.52
CA ASP C 257 50.29 -50.38 -46.43
C ASP C 257 50.23 -49.92 -47.87
N ILE C 258 49.83 -48.67 -48.11
CA ILE C 258 49.75 -48.11 -49.46
C ILE C 258 50.38 -46.73 -49.45
N ASN C 259 51.08 -46.40 -50.53
CA ASN C 259 51.76 -45.14 -50.78
C ASN C 259 53.06 -44.97 -50.03
N GLU C 260 53.25 -45.69 -48.93
CA GLU C 260 54.29 -45.29 -48.00
C GLU C 260 54.17 -43.78 -47.82
N GLU C 261 55.22 -43.03 -48.15
CA GLU C 261 55.09 -41.60 -48.31
C GLU C 261 54.94 -41.17 -49.77
N TRP C 262 55.05 -42.10 -50.70
CA TRP C 262 55.11 -41.81 -52.13
C TRP C 262 53.70 -41.68 -52.72
N ILE C 263 53.63 -40.99 -53.85
CA ILE C 263 52.39 -40.85 -54.61
C ILE C 263 52.70 -40.97 -56.09
N SER C 264 51.70 -41.39 -56.87
CA SER C 264 51.83 -41.39 -58.31
C SER C 264 51.92 -39.96 -58.85
N ASP C 265 52.51 -39.83 -60.03
CA ASP C 265 52.69 -38.52 -60.64
C ASP C 265 51.38 -37.98 -61.20
N LYS C 266 50.69 -38.79 -62.00
CA LYS C 266 49.42 -38.40 -62.61
C LYS C 266 48.46 -37.84 -61.58
N THR C 267 48.36 -38.51 -60.44
CA THR C 267 47.58 -37.97 -59.33
C THR C 267 48.09 -36.59 -58.94
N ARG C 268 49.38 -36.50 -58.60
CA ARG C 268 49.94 -35.27 -58.09
C ARG C 268 49.58 -34.08 -58.96
N PHE C 269 49.72 -34.22 -60.28
CA PHE C 269 49.50 -33.09 -61.17
C PHE C 269 48.13 -33.04 -61.82
N ALA C 270 47.23 -33.95 -61.49
CA ALA C 270 45.90 -33.88 -62.08
C ALA C 270 45.04 -32.74 -61.53
N TYR C 271 45.42 -32.14 -60.40
CA TYR C 271 44.58 -31.11 -59.79
C TYR C 271 44.38 -29.94 -60.74
N ASP C 272 45.37 -29.66 -61.60
CA ASP C 272 45.17 -28.61 -62.59
C ASP C 272 44.01 -28.98 -63.51
N GLY C 273 43.89 -30.25 -63.85
CA GLY C 273 42.77 -30.71 -64.62
C GLY C 273 41.49 -30.82 -63.85
N LEU C 274 41.56 -30.78 -62.52
CA LEU C 274 40.34 -30.73 -61.73
C LEU C 274 39.43 -29.62 -62.22
N LYS C 275 39.94 -28.41 -62.32
CA LYS C 275 39.16 -27.28 -62.81
C LYS C 275 39.74 -26.80 -64.14
N ARG C 276 39.10 -27.16 -65.24
CA ARG C 276 39.30 -26.44 -66.49
C ARG C 276 37.96 -26.26 -67.21
N GLN C 277 37.38 -27.35 -67.67
CA GLN C 277 36.13 -27.37 -68.44
C GLN C 277 34.89 -27.63 -67.60
N ARG C 278 34.99 -27.57 -66.28
CA ARG C 278 33.95 -28.13 -65.40
C ARG C 278 32.57 -27.62 -65.75
N LEU C 279 31.58 -28.50 -65.54
CA LEU C 279 30.17 -28.24 -65.88
C LEU C 279 29.48 -27.67 -64.65
N THR C 280 29.07 -26.41 -64.72
CA THR C 280 28.40 -25.77 -63.60
C THR C 280 26.89 -25.71 -63.72
N GLU C 281 26.30 -26.16 -64.84
CA GLU C 281 24.88 -25.93 -65.06
C GLU C 281 24.19 -27.14 -65.66
N PRO C 282 22.95 -27.41 -65.27
CA PRO C 282 22.17 -28.43 -65.97
C PRO C 282 21.76 -27.91 -67.34
N MET C 283 21.73 -28.80 -68.32
CA MET C 283 21.54 -28.39 -69.70
C MET C 283 20.52 -29.30 -70.37
N VAL C 284 19.70 -28.70 -71.23
CA VAL C 284 18.63 -29.41 -71.95
C VAL C 284 18.69 -29.01 -73.41
N ARG C 285 18.47 -29.98 -74.30
CA ARG C 285 18.48 -29.69 -75.74
C ARG C 285 17.10 -29.20 -76.17
N ASN C 286 17.05 -27.97 -76.64
CA ASN C 286 15.82 -27.39 -77.19
C ASN C 286 15.56 -27.90 -78.59
N GLU C 287 14.30 -27.80 -79.01
CA GLU C 287 13.87 -28.32 -80.31
C GLU C 287 14.66 -27.73 -81.47
N LYS C 288 15.31 -26.58 -81.28
CA LYS C 288 16.14 -26.02 -82.33
C LYS C 288 17.27 -26.95 -82.73
N GLY C 289 17.64 -27.91 -81.87
CA GLY C 289 18.74 -28.80 -82.13
C GLY C 289 20.01 -28.50 -81.37
N LEU C 290 19.97 -27.58 -80.42
CA LEU C 290 21.14 -27.25 -79.62
C LEU C 290 20.89 -27.57 -78.15
N LEU C 291 21.98 -27.78 -77.43
CA LEU C 291 21.95 -28.04 -76.00
C LEU C 291 22.21 -26.73 -75.26
N THR C 292 21.22 -26.25 -74.54
CA THR C 292 21.37 -25.06 -73.71
C THR C 292 21.07 -25.43 -72.26
N HIS C 293 21.24 -24.46 -71.37
CA HIS C 293 20.98 -24.69 -69.95
C HIS C 293 19.62 -24.14 -69.57
N THR C 294 19.22 -24.40 -68.33
CA THR C 294 17.88 -24.11 -67.87
C THR C 294 17.84 -24.28 -66.35
N THR C 295 16.65 -24.09 -65.79
CA THR C 295 16.45 -24.28 -64.36
C THR C 295 16.69 -25.74 -64.00
N TRP C 296 17.34 -25.95 -62.85
CA TRP C 296 17.69 -27.29 -62.41
C TRP C 296 16.46 -28.19 -62.32
N GLU C 297 15.46 -27.75 -61.56
CA GLU C 297 14.27 -28.58 -61.36
C GLU C 297 13.46 -28.72 -62.63
N ASP C 298 13.65 -27.84 -63.61
CA ASP C 298 13.00 -28.04 -64.90
C ASP C 298 13.55 -29.29 -65.59
N ALA C 299 14.88 -29.38 -65.72
CA ALA C 299 15.48 -30.57 -66.29
C ALA C 299 15.11 -31.80 -65.49
N LEU C 300 15.18 -31.71 -64.15
CA LEU C 300 14.75 -32.82 -63.33
C LEU C 300 13.32 -33.23 -63.66
N SER C 301 12.48 -32.27 -64.01
CA SER C 301 11.11 -32.61 -64.37
C SER C 301 11.03 -33.28 -65.73
N ARG C 302 11.86 -32.87 -66.67
CA ARG C 302 11.87 -33.52 -67.99
C ARG C 302 12.30 -34.96 -67.87
N VAL C 303 13.52 -35.19 -67.36
CA VAL C 303 14.00 -36.55 -67.17
C VAL C 303 13.03 -37.34 -66.31
N ALA C 304 12.51 -36.71 -65.26
CA ALA C 304 11.50 -37.34 -64.44
C ALA C 304 10.32 -37.81 -65.29
N GLY C 305 9.90 -36.99 -66.24
CA GLY C 305 8.78 -37.37 -67.08
C GLY C 305 9.08 -38.59 -67.91
N MET C 306 10.16 -38.54 -68.69
CA MET C 306 10.49 -39.69 -69.54
C MET C 306 10.66 -40.95 -68.71
N LEU C 307 11.23 -40.83 -67.52
CA LEU C 307 11.41 -42.00 -66.67
C LEU C 307 10.07 -42.49 -66.13
N GLN C 308 9.14 -41.58 -65.86
CA GLN C 308 7.80 -41.99 -65.45
C GLN C 308 7.14 -42.81 -66.55
N SER C 309 7.11 -42.28 -67.76
CA SER C 309 6.41 -42.95 -68.84
C SER C 309 7.15 -44.17 -69.36
N CYS C 310 8.43 -44.34 -69.03
CA CYS C 310 9.21 -45.47 -69.52
C CYS C 310 9.53 -46.43 -68.39
N GLN C 311 9.47 -47.73 -68.68
CA GLN C 311 9.75 -48.77 -67.70
C GLN C 311 10.18 -50.03 -68.45
N GLY C 312 10.24 -51.15 -67.74
CA GLY C 312 10.70 -52.39 -68.32
C GLY C 312 12.20 -52.35 -68.56
N ASN C 313 12.72 -53.48 -69.05
CA ASN C 313 14.15 -53.55 -69.31
C ASN C 313 14.61 -52.54 -70.34
N ASP C 314 13.68 -51.85 -70.99
CA ASP C 314 13.97 -50.87 -72.02
C ASP C 314 14.61 -49.60 -71.48
N VAL C 315 14.75 -49.46 -70.17
CA VAL C 315 15.47 -48.36 -69.55
C VAL C 315 16.80 -48.88 -69.03
N ALA C 316 17.84 -48.06 -69.12
CA ALA C 316 19.17 -48.51 -68.80
C ALA C 316 19.97 -47.41 -68.10
N ALA C 317 21.03 -47.83 -67.44
CA ALA C 317 22.03 -46.93 -66.90
C ALA C 317 23.36 -47.64 -66.93
N ILE C 318 24.41 -46.91 -67.29
CA ILE C 318 25.76 -47.45 -67.25
C ILE C 318 26.70 -46.36 -66.73
N ALA C 319 27.54 -46.72 -65.78
CA ALA C 319 28.46 -45.80 -65.15
C ALA C 319 29.87 -46.32 -65.33
N GLY C 320 30.83 -45.41 -65.16
CA GLY C 320 32.21 -45.79 -65.32
C GLY C 320 33.10 -44.64 -64.92
N GLY C 321 34.39 -44.85 -65.12
CA GLY C 321 35.34 -43.82 -64.72
C GLY C 321 35.24 -43.57 -63.24
N LEU C 322 35.07 -42.32 -62.85
CA LEU C 322 35.20 -41.91 -61.47
C LEU C 322 33.83 -41.63 -60.89
N VAL C 323 33.36 -42.52 -60.02
CA VAL C 323 32.09 -42.35 -59.32
C VAL C 323 32.22 -42.95 -57.93
N ASP C 324 31.41 -42.43 -57.02
CA ASP C 324 31.44 -42.87 -55.62
C ASP C 324 30.81 -44.25 -55.49
N ALA C 325 30.75 -44.76 -54.25
CA ALA C 325 29.88 -45.89 -53.98
C ALA C 325 28.44 -45.43 -53.77
N GLU C 326 28.27 -44.32 -53.05
CA GLU C 326 26.94 -43.82 -52.71
C GLU C 326 26.03 -43.72 -53.92
N ALA C 327 26.39 -42.85 -54.87
CA ALA C 327 25.52 -42.65 -56.03
C ALA C 327 25.30 -43.94 -56.80
N LEU C 328 26.26 -44.86 -56.76
CA LEU C 328 26.01 -46.17 -57.35
C LEU C 328 24.87 -46.87 -56.65
N ILE C 329 24.84 -46.81 -55.31
CA ILE C 329 23.69 -47.35 -54.59
C ILE C 329 22.43 -46.62 -54.99
N ALA C 330 22.48 -45.30 -55.05
CA ALA C 330 21.29 -44.51 -55.34
C ALA C 330 20.69 -44.90 -56.68
N LEU C 331 21.48 -44.82 -57.74
CA LEU C 331 21.00 -45.23 -59.06
C LEU C 331 20.54 -46.68 -59.04
N LYS C 332 21.29 -47.55 -58.35
CA LYS C 332 20.90 -48.95 -58.28
C LYS C 332 19.48 -49.11 -57.78
N ASP C 333 19.19 -48.53 -56.62
CA ASP C 333 17.87 -48.69 -56.07
C ASP C 333 16.83 -47.83 -56.76
N LEU C 334 17.24 -46.86 -57.57
CA LEU C 334 16.27 -46.14 -58.38
C LEU C 334 15.77 -47.00 -59.52
N LEU C 335 16.69 -47.55 -60.33
CA LEU C 335 16.24 -48.32 -61.48
C LEU C 335 15.73 -49.69 -61.05
N ASN C 336 16.27 -50.26 -59.98
CA ASN C 336 15.62 -51.41 -59.36
C ASN C 336 14.24 -51.03 -58.84
N ARG C 337 14.15 -49.86 -58.22
CA ARG C 337 12.86 -49.37 -57.75
C ARG C 337 11.88 -49.18 -58.89
N VAL C 338 12.37 -49.07 -60.13
CA VAL C 338 11.46 -49.02 -61.27
C VAL C 338 11.06 -50.43 -61.64
N ASP C 339 11.95 -51.13 -62.33
CA ASP C 339 11.60 -52.43 -62.90
C ASP C 339 12.71 -53.46 -62.77
N SER C 340 13.82 -53.26 -63.49
CA SER C 340 14.85 -54.29 -63.62
C SER C 340 16.19 -53.61 -63.82
N ASP C 341 17.25 -54.39 -63.64
CA ASP C 341 18.61 -53.90 -63.64
C ASP C 341 19.37 -54.45 -64.85
N THR C 342 19.63 -53.58 -65.82
CA THR C 342 20.64 -53.80 -66.83
C THR C 342 21.94 -53.10 -66.47
N LEU C 343 22.02 -52.55 -65.27
CA LEU C 343 23.10 -51.65 -64.85
C LEU C 343 24.48 -52.28 -65.08
N CYS C 344 25.42 -51.48 -65.58
CA CYS C 344 26.72 -51.99 -66.01
C CYS C 344 27.84 -51.02 -65.68
N THR C 345 29.06 -51.41 -66.06
CA THR C 345 30.27 -50.63 -65.92
C THR C 345 31.02 -50.65 -67.24
N GLU C 346 32.03 -49.79 -67.35
CA GLU C 346 32.71 -49.63 -68.64
C GLU C 346 33.59 -50.83 -68.97
N GLU C 347 34.26 -51.39 -67.97
CA GLU C 347 35.13 -52.53 -68.23
C GLU C 347 34.34 -53.81 -68.44
N VAL C 348 34.94 -54.73 -69.17
CA VAL C 348 34.43 -56.09 -69.28
C VAL C 348 35.17 -56.95 -68.27
N PHE C 349 34.47 -57.40 -67.26
CA PHE C 349 35.03 -58.42 -66.37
C PHE C 349 34.25 -59.70 -66.60
N PRO C 350 34.88 -60.74 -67.13
CA PRO C 350 34.12 -61.93 -67.52
C PRO C 350 33.46 -62.57 -66.32
N THR C 351 32.16 -62.85 -66.45
CA THR C 351 31.43 -63.62 -65.44
C THR C 351 30.90 -64.89 -66.09
N ALA C 352 31.52 -66.01 -65.73
CA ALA C 352 31.10 -67.35 -66.12
C ALA C 352 31.10 -68.19 -64.86
N GLY C 353 32.27 -68.26 -64.24
CA GLY C 353 32.53 -69.00 -63.03
C GLY C 353 32.13 -68.20 -61.80
N ALA C 354 31.11 -67.36 -61.96
CA ALA C 354 30.59 -66.52 -60.88
C ALA C 354 31.61 -65.47 -60.44
N GLY C 355 32.11 -64.72 -61.42
CA GLY C 355 33.05 -63.66 -61.11
C GLY C 355 32.45 -62.52 -60.32
N THR C 356 31.16 -62.24 -60.52
CA THR C 356 30.57 -61.07 -59.87
C THR C 356 30.58 -61.19 -58.35
N ASP C 357 30.20 -62.36 -57.85
CA ASP C 357 30.26 -62.63 -56.43
C ASP C 357 31.61 -63.28 -56.10
N LEU C 358 31.77 -63.75 -54.87
CA LEU C 358 32.99 -64.42 -54.45
C LEU C 358 34.20 -63.52 -54.72
N ARG C 359 34.30 -62.48 -53.91
CA ARG C 359 35.28 -61.43 -54.21
C ARG C 359 36.71 -61.94 -54.17
N SER C 360 36.94 -63.18 -53.76
CA SER C 360 38.29 -63.74 -53.76
C SER C 360 38.95 -63.61 -55.13
N ASN C 361 38.29 -64.11 -56.18
CA ASN C 361 38.81 -63.95 -57.53
C ASN C 361 38.49 -62.58 -58.11
N TYR C 362 37.68 -61.80 -57.42
CA TYR C 362 37.14 -60.55 -57.95
C TYR C 362 38.03 -59.35 -57.73
N LEU C 363 39.04 -59.44 -56.86
CA LEU C 363 39.91 -58.31 -56.58
C LEU C 363 41.30 -58.85 -56.28
N LEU C 364 42.19 -57.97 -55.83
CA LEU C 364 43.53 -58.40 -55.45
C LEU C 364 43.50 -58.72 -53.95
N ASN C 365 43.57 -60.01 -53.63
CA ASN C 365 43.26 -60.47 -52.29
C ASN C 365 44.48 -60.52 -51.39
N THR C 366 45.68 -60.39 -51.93
CA THR C 366 46.89 -60.32 -51.13
C THR C 366 47.31 -58.86 -51.09
N THR C 367 47.11 -58.23 -49.94
CA THR C 367 47.39 -56.80 -49.85
C THR C 367 48.88 -56.56 -50.04
N ILE C 368 49.21 -55.32 -50.41
CA ILE C 368 50.57 -55.05 -50.85
C ILE C 368 51.56 -55.26 -49.73
N ALA C 369 51.11 -55.15 -48.48
CA ALA C 369 51.97 -55.49 -47.35
C ALA C 369 52.46 -56.92 -47.42
N GLY C 370 51.87 -57.75 -48.27
CA GLY C 370 52.32 -59.11 -48.45
C GLY C 370 53.29 -59.28 -49.60
N VAL C 371 53.34 -58.33 -50.54
CA VAL C 371 54.25 -58.49 -51.65
C VAL C 371 55.69 -58.38 -51.15
N GLU C 372 55.91 -57.66 -50.06
CA GLU C 372 57.23 -57.61 -49.46
C GLU C 372 57.62 -58.95 -48.85
N GLU C 373 56.64 -59.79 -48.54
CA GLU C 373 56.87 -61.15 -48.12
C GLU C 373 56.76 -62.14 -49.27
N ALA C 374 56.40 -61.67 -50.46
CA ALA C 374 56.35 -62.55 -51.61
C ALA C 374 57.75 -62.94 -52.04
N ASP C 375 57.83 -64.06 -52.77
CA ASP C 375 59.11 -64.56 -53.27
C ASP C 375 59.13 -64.58 -54.79
N VAL C 376 58.27 -65.37 -55.42
CA VAL C 376 58.26 -65.51 -56.86
C VAL C 376 56.92 -64.99 -57.36
N VAL C 377 56.98 -63.95 -58.19
CA VAL C 377 55.79 -63.30 -58.72
C VAL C 377 55.91 -63.29 -60.22
N LEU C 378 55.03 -64.03 -60.90
CA LEU C 378 54.97 -63.82 -62.34
C LEU C 378 54.00 -62.69 -62.61
N LEU C 379 53.95 -62.26 -63.87
CA LEU C 379 53.03 -61.19 -64.23
C LEU C 379 52.47 -61.49 -65.61
N VAL C 380 51.16 -61.70 -65.68
CA VAL C 380 50.49 -61.72 -66.98
C VAL C 380 50.32 -60.29 -67.48
N GLY C 381 50.06 -60.18 -68.78
CA GLY C 381 50.15 -58.91 -69.47
C GLY C 381 49.49 -57.72 -68.81
N THR C 382 50.26 -56.66 -68.68
CA THR C 382 49.88 -55.39 -68.07
C THR C 382 51.12 -54.52 -68.05
N ASN C 383 51.00 -53.27 -67.63
CA ASN C 383 52.15 -52.38 -67.53
C ASN C 383 52.09 -51.72 -66.16
N PRO C 384 52.48 -52.45 -65.11
CA PRO C 384 52.40 -51.90 -63.75
C PRO C 384 53.16 -50.62 -63.58
N ARG C 385 54.18 -50.39 -64.42
CA ARG C 385 54.85 -49.10 -64.41
C ARG C 385 53.88 -47.95 -64.60
N PHE C 386 52.82 -48.18 -65.36
CA PHE C 386 51.84 -47.14 -65.65
C PHE C 386 50.50 -47.44 -64.98
N GLU C 387 49.88 -48.57 -65.31
CA GLU C 387 48.75 -49.02 -64.50
C GLU C 387 49.22 -49.24 -63.08
N ALA C 388 48.60 -48.55 -62.13
CA ALA C 388 48.97 -48.63 -60.72
C ALA C 388 50.47 -48.42 -60.53
N PRO C 389 50.98 -47.21 -60.72
CA PRO C 389 52.44 -47.02 -60.63
C PRO C 389 52.99 -47.35 -59.26
N LEU C 390 52.31 -46.89 -58.21
CA LEU C 390 52.73 -47.17 -56.83
C LEU C 390 52.99 -48.66 -56.63
N PHE C 391 52.09 -49.50 -57.13
CA PHE C 391 52.27 -50.94 -56.99
C PHE C 391 53.60 -51.36 -57.57
N ASN C 392 53.94 -50.86 -58.76
CA ASN C 392 55.25 -51.12 -59.33
C ASN C 392 56.36 -50.61 -58.41
N ALA C 393 56.14 -49.48 -57.75
CA ALA C 393 57.15 -48.96 -56.84
C ALA C 393 57.45 -49.95 -55.73
N ARG C 394 56.41 -50.49 -55.09
CA ARG C 394 56.67 -51.47 -54.04
C ARG C 394 57.23 -52.76 -54.61
N ILE C 395 56.86 -53.12 -55.84
CA ILE C 395 57.52 -54.25 -56.50
C ILE C 395 59.02 -54.04 -56.54
N ARG C 396 59.46 -52.87 -57.04
CA ARG C 396 60.89 -52.60 -57.09
C ARG C 396 61.49 -52.51 -55.69
N LYS C 397 60.71 -52.11 -54.70
CA LYS C 397 61.23 -52.09 -53.33
C LYS C 397 61.57 -53.49 -52.87
N SER C 398 60.59 -54.41 -52.97
CA SER C 398 60.85 -55.79 -52.59
C SER C 398 62.03 -56.35 -53.38
N TRP C 399 61.91 -56.34 -54.71
CA TRP C 399 62.96 -56.85 -55.57
C TRP C 399 64.33 -56.29 -55.18
N LEU C 400 64.37 -55.01 -54.84
CA LEU C 400 65.58 -54.37 -54.36
C LEU C 400 66.10 -55.04 -53.09
N HIS C 401 65.35 -54.92 -51.99
CA HIS C 401 65.89 -55.34 -50.70
C HIS C 401 65.92 -56.85 -50.54
N ASN C 402 64.75 -57.48 -50.38
CA ASN C 402 64.70 -58.93 -50.28
C ASN C 402 64.50 -59.53 -51.66
N ASP C 403 65.39 -60.43 -52.05
CA ASP C 403 65.51 -60.85 -53.44
C ASP C 403 64.19 -61.40 -53.98
N LEU C 404 63.94 -61.14 -55.26
CA LEU C 404 62.79 -61.65 -55.98
C LEU C 404 63.21 -62.25 -57.32
N LYS C 405 62.27 -62.96 -57.93
CA LYS C 405 62.36 -63.36 -59.33
C LYS C 405 61.02 -63.00 -59.95
N VAL C 406 61.03 -62.07 -60.90
CA VAL C 406 59.81 -61.56 -61.52
C VAL C 406 59.74 -62.06 -62.94
N ALA C 407 58.61 -62.67 -63.29
CA ALA C 407 58.36 -63.17 -64.63
C ALA C 407 57.23 -62.36 -65.25
N LEU C 408 57.44 -61.90 -66.47
CA LEU C 408 56.42 -61.18 -67.20
C LEU C 408 55.91 -62.04 -68.34
N ILE C 409 54.61 -61.94 -68.62
CA ILE C 409 53.95 -62.75 -69.63
C ILE C 409 53.10 -61.83 -70.50
N GLY C 410 53.26 -61.95 -71.81
CA GLY C 410 52.32 -61.37 -72.75
C GLY C 410 52.80 -60.18 -73.55
N SER C 411 53.94 -59.57 -73.21
CA SER C 411 54.47 -58.47 -73.99
C SER C 411 55.79 -57.96 -73.42
N PRO C 412 56.79 -57.69 -74.27
CA PRO C 412 57.96 -56.95 -73.78
C PRO C 412 57.57 -55.51 -73.49
N VAL C 413 57.92 -55.04 -72.29
CA VAL C 413 57.73 -53.66 -71.88
C VAL C 413 58.94 -53.25 -71.05
N ASP C 414 59.04 -51.96 -70.79
CA ASP C 414 60.15 -51.42 -70.01
C ASP C 414 59.72 -51.32 -68.55
N LEU C 415 60.31 -52.16 -67.70
CA LEU C 415 60.21 -52.02 -66.26
C LEU C 415 61.61 -51.72 -65.73
N THR C 416 61.65 -51.05 -64.57
CA THR C 416 62.94 -50.60 -64.06
C THR C 416 63.79 -51.75 -63.57
N TYR C 417 63.17 -52.81 -63.05
CA TYR C 417 63.84 -53.80 -62.24
C TYR C 417 64.30 -55.04 -62.99
N ARG C 418 64.23 -55.06 -64.32
CA ARG C 418 64.84 -56.13 -65.13
C ARG C 418 64.20 -57.49 -64.80
N TYR C 419 62.96 -57.62 -65.25
CA TYR C 419 62.20 -58.85 -65.13
C TYR C 419 62.69 -59.92 -66.10
N ASP C 420 62.31 -61.16 -65.81
CA ASP C 420 62.38 -62.22 -66.80
C ASP C 420 61.17 -62.15 -67.72
N HIS C 421 61.40 -62.36 -69.01
CA HIS C 421 60.34 -62.31 -70.01
C HIS C 421 60.10 -63.72 -70.53
N LEU C 422 58.91 -64.25 -70.28
CA LEU C 422 58.59 -65.62 -70.62
C LEU C 422 58.04 -65.77 -72.03
N GLY C 423 57.99 -64.70 -72.81
CA GLY C 423 57.40 -64.74 -74.12
C GLY C 423 56.01 -64.13 -74.13
N ASP C 424 55.38 -64.22 -75.30
CA ASP C 424 54.02 -63.70 -75.48
C ASP C 424 53.17 -64.76 -76.16
N SER C 425 52.20 -65.28 -75.41
CA SER C 425 51.11 -66.14 -75.88
C SER C 425 50.31 -66.62 -74.69
N PRO C 426 48.98 -66.62 -74.78
CA PRO C 426 48.21 -67.34 -73.76
C PRO C 426 48.53 -68.83 -73.75
N LYS C 427 48.97 -69.37 -74.89
CA LYS C 427 49.39 -70.77 -74.93
C LYS C 427 50.56 -71.02 -73.99
N ILE C 428 51.40 -70.01 -73.78
CA ILE C 428 52.47 -70.15 -72.81
C ILE C 428 51.88 -70.35 -71.42
N LEU C 429 50.87 -69.56 -71.08
CA LEU C 429 50.21 -69.70 -69.78
C LEU C 429 49.56 -71.06 -69.64
N GLN C 430 48.75 -71.45 -70.63
CA GLN C 430 48.14 -72.78 -70.64
C GLN C 430 49.19 -73.86 -70.45
N ASP C 431 50.34 -73.72 -71.09
CA ASP C 431 51.42 -74.67 -70.93
C ASP C 431 52.13 -74.54 -69.60
N ILE C 432 51.90 -73.44 -68.86
CA ILE C 432 52.34 -73.41 -67.49
C ILE C 432 51.37 -74.19 -66.62
N ALA C 433 50.07 -74.15 -66.94
CA ALA C 433 49.14 -75.04 -66.28
C ALA C 433 49.50 -76.49 -66.53
N SER C 434 49.91 -76.80 -67.75
CA SER C 434 50.56 -78.07 -68.01
C SER C 434 51.98 -78.06 -67.45
N GLY C 435 52.56 -79.24 -67.32
CA GLY C 435 53.87 -79.37 -66.70
C GLY C 435 55.02 -79.03 -67.61
N SER C 436 54.76 -78.29 -68.68
CA SER C 436 55.80 -77.93 -69.65
C SER C 436 56.94 -77.20 -68.96
N HIS C 437 58.14 -77.38 -69.50
CA HIS C 437 59.37 -76.95 -68.83
C HIS C 437 59.42 -75.47 -68.43
N PRO C 438 59.10 -74.50 -69.29
CA PRO C 438 59.50 -73.12 -68.99
C PRO C 438 58.94 -72.64 -67.66
N PHE C 439 59.84 -72.15 -66.82
CA PHE C 439 59.53 -71.65 -65.47
C PHE C 439 58.80 -72.78 -64.73
N SER C 440 57.79 -72.47 -63.92
CA SER C 440 56.82 -73.44 -63.41
C SER C 440 57.42 -74.48 -62.47
N GLN C 441 58.75 -74.67 -62.51
CA GLN C 441 59.40 -75.41 -61.44
C GLN C 441 59.71 -74.50 -60.27
N VAL C 442 60.02 -73.24 -60.56
CA VAL C 442 60.25 -72.26 -59.52
C VAL C 442 59.02 -72.13 -58.65
N LEU C 443 57.84 -72.19 -59.27
CA LEU C 443 56.61 -72.06 -58.50
C LEU C 443 56.44 -73.23 -57.54
N GLN C 444 56.64 -74.45 -58.03
CA GLN C 444 56.67 -75.61 -57.15
C GLN C 444 57.68 -75.42 -56.04
N GLU C 445 58.81 -74.77 -56.34
CA GLU C 445 59.85 -74.52 -55.37
C GLU C 445 59.68 -73.21 -54.63
N ALA C 446 58.73 -72.38 -55.03
CA ALA C 446 58.51 -71.10 -54.37
C ALA C 446 57.85 -71.31 -53.02
N LYS C 447 58.15 -70.41 -52.08
CA LYS C 447 57.51 -70.46 -50.77
C LYS C 447 56.15 -69.76 -50.82
N LYS C 448 56.16 -68.44 -50.91
CA LYS C 448 54.92 -67.68 -51.07
C LYS C 448 54.92 -67.04 -52.45
N PRO C 449 54.17 -67.57 -53.40
CA PRO C 449 54.17 -66.98 -54.74
C PRO C 449 53.07 -65.95 -54.92
N MET C 450 53.03 -65.32 -56.09
CA MET C 450 51.98 -64.37 -56.41
C MET C 450 51.78 -64.32 -57.91
N VAL C 451 50.53 -64.19 -58.33
CA VAL C 451 50.18 -64.04 -59.74
C VAL C 451 49.12 -62.98 -59.85
N VAL C 452 49.35 -61.97 -60.70
CA VAL C 452 48.49 -60.81 -60.79
C VAL C 452 48.00 -60.68 -62.23
N LEU C 453 46.68 -60.58 -62.40
CA LEU C 453 46.04 -60.44 -63.70
C LEU C 453 45.46 -59.04 -63.82
N GLY C 454 46.05 -58.22 -64.68
CA GLY C 454 45.54 -56.88 -64.88
C GLY C 454 44.25 -56.88 -65.68
N SER C 455 43.28 -56.08 -65.22
CA SER C 455 41.98 -56.05 -65.87
C SER C 455 42.05 -55.57 -67.31
N SER C 456 43.06 -54.75 -67.65
CA SER C 456 43.14 -54.22 -69.01
C SER C 456 43.36 -55.34 -70.01
N ALA C 457 44.38 -56.17 -69.80
CA ALA C 457 44.58 -57.33 -70.65
C ALA C 457 43.42 -58.30 -70.54
N LEU C 458 42.62 -58.20 -69.49
CA LEU C 458 41.44 -59.03 -69.34
C LEU C 458 40.28 -58.52 -70.18
N GLN C 459 40.32 -57.25 -70.61
CA GLN C 459 39.26 -56.67 -71.42
C GLN C 459 39.13 -57.31 -72.80
N ARG C 460 40.13 -58.08 -73.23
CA ARG C 460 40.01 -58.82 -74.46
C ARG C 460 38.90 -59.86 -74.37
N ASN C 461 38.37 -60.26 -75.52
CA ASN C 461 37.34 -61.30 -75.57
C ASN C 461 37.85 -62.65 -75.05
N ASP C 462 39.13 -62.75 -74.74
CA ASP C 462 39.70 -63.93 -74.10
C ASP C 462 39.55 -63.90 -72.59
N GLY C 463 38.86 -62.89 -72.05
CA GLY C 463 38.85 -62.64 -70.63
C GLY C 463 38.56 -63.84 -69.75
N ALA C 464 37.43 -64.51 -69.99
CA ALA C 464 37.14 -65.68 -69.17
C ALA C 464 38.13 -66.80 -69.44
N ALA C 465 38.68 -66.87 -70.65
CA ALA C 465 39.67 -67.90 -70.95
C ALA C 465 40.96 -67.64 -70.19
N ILE C 466 41.49 -66.42 -70.31
CA ILE C 466 42.74 -66.09 -69.62
C ILE C 466 42.57 -66.24 -68.11
N LEU C 467 41.52 -65.62 -67.56
CA LEU C 467 41.23 -65.77 -66.14
C LEU C 467 41.15 -67.24 -65.75
N ALA C 468 40.57 -68.06 -66.63
CA ALA C 468 40.47 -69.49 -66.36
C ALA C 468 41.85 -70.11 -66.25
N ALA C 469 42.72 -69.83 -67.21
CA ALA C 469 44.05 -70.42 -67.18
C ALA C 469 44.84 -69.96 -65.96
N VAL C 470 44.75 -68.67 -65.62
CA VAL C 470 45.49 -68.18 -64.47
C VAL C 470 44.98 -68.85 -63.19
N SER C 471 43.65 -68.96 -63.06
CA SER C 471 43.09 -69.72 -61.96
C SER C 471 43.62 -71.14 -61.95
N ASN C 472 43.82 -71.73 -63.13
CA ASN C 472 44.43 -73.06 -63.19
C ASN C 472 45.84 -73.04 -62.60
N ILE C 473 46.60 -71.97 -62.89
CA ILE C 473 47.93 -71.84 -62.31
C ILE C 473 47.82 -71.84 -60.78
N ALA C 474 46.94 -70.99 -60.26
CA ALA C 474 46.78 -70.93 -58.81
C ALA C 474 46.30 -72.26 -58.23
N GLN C 475 45.61 -73.07 -59.03
CA GLN C 475 45.23 -74.39 -58.58
C GLN C 475 46.46 -75.30 -58.48
N LYS C 476 47.19 -75.45 -59.58
CA LYS C 476 48.32 -76.39 -59.59
C LYS C 476 49.36 -75.99 -58.56
N ILE C 477 49.47 -74.70 -58.26
CA ILE C 477 50.35 -74.28 -57.19
C ILE C 477 49.70 -74.64 -55.86
N ARG C 478 48.58 -74.00 -55.55
CA ARG C 478 48.06 -73.99 -54.18
C ARG C 478 47.68 -75.38 -53.68
N THR C 479 47.34 -76.30 -54.58
CA THR C 479 46.78 -77.58 -54.14
C THR C 479 47.77 -78.36 -53.28
N SER C 480 48.96 -78.65 -53.82
CA SER C 480 49.81 -79.62 -53.14
C SER C 480 50.94 -78.99 -52.35
N SER C 481 52.01 -78.57 -53.02
CA SER C 481 53.17 -78.02 -52.35
C SER C 481 53.20 -76.50 -52.36
N GLY C 482 52.23 -75.87 -53.02
CA GLY C 482 52.23 -74.42 -53.13
C GLY C 482 51.76 -73.73 -51.86
N VAL C 483 50.71 -74.28 -51.24
CA VAL C 483 50.18 -73.69 -50.02
C VAL C 483 51.19 -73.93 -48.89
N THR C 484 51.65 -72.84 -48.27
CA THR C 484 52.49 -72.92 -47.09
C THR C 484 51.72 -72.72 -45.79
N GLY C 485 50.42 -72.50 -45.87
CA GLY C 485 49.61 -72.22 -44.71
C GLY C 485 48.46 -71.32 -45.12
N ASP C 486 47.91 -70.61 -44.13
CA ASP C 486 46.99 -69.54 -44.46
C ASP C 486 47.72 -68.51 -45.31
N TRP C 487 47.21 -68.25 -46.49
CA TRP C 487 47.87 -67.45 -47.51
C TRP C 487 46.98 -67.46 -48.75
N LYS C 488 47.25 -66.51 -49.64
CA LYS C 488 46.49 -66.39 -50.88
C LYS C 488 47.45 -66.09 -52.01
N VAL C 489 47.03 -66.43 -53.23
CA VAL C 489 47.89 -66.26 -54.40
C VAL C 489 47.14 -65.52 -55.49
N MET C 490 46.14 -66.18 -56.06
CA MET C 490 45.40 -65.64 -57.19
C MET C 490 44.76 -64.30 -56.84
N ASN C 491 44.82 -63.36 -57.78
CA ASN C 491 44.34 -62.00 -57.54
C ASN C 491 44.46 -61.21 -58.83
N ILE C 492 43.83 -60.03 -58.84
CA ILE C 492 43.75 -59.17 -60.02
C ILE C 492 43.80 -57.72 -59.57
N LEU C 493 44.43 -56.88 -60.39
CA LEU C 493 44.46 -55.45 -60.13
C LEU C 493 43.76 -54.71 -61.25
N HIS C 494 43.37 -53.48 -60.97
CA HIS C 494 42.42 -52.74 -61.79
C HIS C 494 43.01 -51.40 -62.20
N ARG C 495 42.34 -50.77 -63.15
CA ARG C 495 42.71 -49.43 -63.59
C ARG C 495 41.76 -48.41 -63.00
N ILE C 496 40.53 -48.36 -63.52
CA ILE C 496 39.58 -47.34 -63.11
C ILE C 496 39.19 -47.55 -61.64
N ALA C 497 39.11 -46.45 -60.90
CA ALA C 497 39.07 -46.52 -59.44
C ALA C 497 37.72 -46.99 -58.93
N SER C 498 36.63 -46.71 -59.65
CA SER C 498 35.32 -46.96 -59.12
C SER C 498 34.88 -48.42 -59.24
N GLN C 499 35.50 -49.19 -60.12
CA GLN C 499 34.88 -50.43 -60.56
C GLN C 499 34.76 -51.45 -59.43
N VAL C 500 35.67 -51.45 -58.47
CA VAL C 500 35.66 -52.51 -57.47
C VAL C 500 34.40 -52.43 -56.62
N ALA C 501 34.15 -51.27 -56.01
CA ALA C 501 32.90 -51.10 -55.29
C ALA C 501 31.71 -51.30 -56.22
N ALA C 502 31.82 -50.80 -57.45
CA ALA C 502 30.76 -50.93 -58.43
C ALA C 502 30.28 -52.38 -58.54
N LEU C 503 31.16 -53.28 -58.95
CA LEU C 503 30.76 -54.66 -59.11
C LEU C 503 30.50 -55.33 -57.77
N ASP C 504 31.06 -54.81 -56.68
CA ASP C 504 30.61 -55.26 -55.37
C ASP C 504 29.14 -54.97 -55.16
N LEU C 505 28.60 -53.96 -55.82
CA LEU C 505 27.21 -53.62 -55.64
C LEU C 505 26.27 -54.42 -56.53
N GLY C 506 26.79 -55.32 -57.35
CA GLY C 506 25.96 -56.16 -58.17
C GLY C 506 25.83 -55.72 -59.61
N TYR C 507 26.54 -54.68 -60.03
CA TYR C 507 26.52 -54.29 -61.43
C TYR C 507 27.03 -55.41 -62.31
N LYS C 508 26.45 -55.56 -63.48
CA LYS C 508 26.96 -56.53 -64.43
C LYS C 508 28.08 -55.90 -65.24
N PRO C 509 29.31 -56.37 -65.10
CA PRO C 509 30.42 -55.78 -65.86
C PRO C 509 30.23 -55.99 -67.35
N GLY C 510 30.91 -55.16 -68.11
CA GLY C 510 30.79 -55.17 -69.55
C GLY C 510 29.59 -54.38 -70.04
N VAL C 511 29.67 -53.96 -71.30
CA VAL C 511 28.61 -53.22 -71.95
C VAL C 511 27.72 -54.20 -72.69
N GLU C 512 28.01 -55.49 -72.54
CA GLU C 512 27.36 -56.52 -73.35
C GLU C 512 25.84 -56.47 -73.21
N ALA C 513 25.35 -56.32 -71.98
CA ALA C 513 23.90 -56.36 -71.76
C ALA C 513 23.21 -55.25 -72.56
N ILE C 514 23.78 -54.05 -72.57
CA ILE C 514 23.19 -52.96 -73.33
C ILE C 514 23.17 -53.30 -74.82
N ARG C 515 24.27 -53.85 -75.33
CA ARG C 515 24.31 -54.22 -76.74
C ARG C 515 23.29 -55.31 -77.07
N LYS C 516 22.92 -56.13 -76.08
CA LYS C 516 21.90 -57.14 -76.33
C LYS C 516 20.50 -56.53 -76.30
N ASN C 517 20.24 -55.62 -75.37
CA ASN C 517 18.90 -55.06 -75.16
C ASN C 517 18.97 -53.55 -75.30
N PRO C 518 18.71 -53.03 -76.50
CA PRO C 518 18.79 -51.58 -76.69
C PRO C 518 17.82 -50.85 -75.79
N PRO C 519 18.31 -49.92 -74.98
CA PRO C 519 17.42 -49.16 -74.11
C PRO C 519 16.75 -48.01 -74.82
N LYS C 520 15.64 -47.56 -74.24
CA LYS C 520 15.04 -46.29 -74.60
C LYS C 520 15.43 -45.17 -73.64
N MET C 521 16.18 -45.47 -72.59
CA MET C 521 16.76 -44.45 -71.73
C MET C 521 18.10 -44.94 -71.24
N LEU C 522 19.06 -44.02 -71.14
CA LEU C 522 20.41 -44.37 -70.70
C LEU C 522 20.94 -43.30 -69.77
N PHE C 523 21.46 -43.73 -68.62
CA PHE C 523 22.11 -42.84 -67.67
C PHE C 523 23.61 -43.05 -67.73
N LEU C 524 24.36 -41.97 -67.58
CA LEU C 524 25.81 -42.00 -67.65
C LEU C 524 26.39 -41.25 -66.47
N LEU C 525 27.22 -41.93 -65.69
CA LEU C 525 28.00 -41.30 -64.64
C LEU C 525 29.46 -41.37 -65.04
N GLY C 526 30.02 -40.23 -65.46
CA GLY C 526 31.42 -40.13 -65.83
C GLY C 526 31.91 -41.23 -66.74
N ALA C 527 31.18 -41.54 -67.80
CA ALA C 527 31.59 -42.57 -68.75
C ALA C 527 32.02 -41.88 -70.04
N ASP C 528 33.33 -41.86 -70.28
CA ASP C 528 33.87 -41.39 -71.55
C ASP C 528 34.24 -42.53 -72.49
N GLY C 529 34.06 -43.78 -72.06
CA GLY C 529 34.36 -44.89 -72.92
C GLY C 529 33.44 -44.92 -74.11
N GLY C 530 34.01 -44.91 -75.32
CA GLY C 530 33.21 -44.90 -76.52
C GLY C 530 32.53 -46.20 -76.86
N CYS C 531 32.60 -47.20 -75.98
CA CYS C 531 31.94 -48.47 -76.26
C CYS C 531 30.45 -48.30 -76.45
N VAL C 532 29.87 -47.28 -75.83
CA VAL C 532 28.46 -46.94 -76.02
C VAL C 532 28.40 -45.64 -76.80
N THR C 533 27.60 -45.64 -77.87
CA THR C 533 27.46 -44.46 -78.72
C THR C 533 26.00 -44.27 -79.07
N ARG C 534 25.65 -43.05 -79.47
CA ARG C 534 24.35 -42.83 -80.08
C ARG C 534 24.21 -43.64 -81.35
N GLN C 535 25.33 -43.93 -82.01
CA GLN C 535 25.31 -44.82 -83.17
C GLN C 535 24.74 -46.18 -82.81
N ASP C 536 25.16 -46.73 -81.66
CA ASP C 536 24.66 -48.04 -81.25
C ASP C 536 23.21 -47.95 -80.79
N LEU C 537 22.92 -47.03 -79.88
CA LEU C 537 21.59 -46.97 -79.28
C LEU C 537 20.60 -46.47 -80.32
N PRO C 538 19.53 -47.20 -80.61
CA PRO C 538 18.73 -46.92 -81.81
C PRO C 538 17.83 -45.71 -81.67
N LYS C 539 17.69 -44.98 -82.78
CA LYS C 539 16.72 -43.92 -82.95
C LYS C 539 16.75 -42.89 -81.84
N ASP C 540 15.67 -42.77 -81.08
CA ASP C 540 15.54 -41.71 -80.09
C ASP C 540 16.05 -42.24 -78.77
N CYS C 541 17.22 -41.75 -78.35
CA CYS C 541 17.91 -42.32 -77.20
C CYS C 541 17.38 -41.76 -75.89
N PHE C 542 17.28 -40.44 -75.78
CA PHE C 542 17.11 -39.74 -74.52
C PHE C 542 18.09 -40.30 -73.47
N ILE C 543 19.36 -39.98 -73.69
CA ILE C 543 20.44 -40.43 -72.82
C ILE C 543 20.87 -39.28 -71.91
N VAL C 544 21.10 -39.60 -70.65
CA VAL C 544 21.43 -38.62 -69.62
C VAL C 544 22.89 -38.79 -69.23
N TYR C 545 23.67 -37.73 -69.35
CA TYR C 545 25.06 -37.71 -68.91
C TYR C 545 25.15 -36.90 -67.64
N GLN C 546 25.49 -37.56 -66.54
CA GLN C 546 25.70 -36.91 -65.25
C GLN C 546 27.18 -37.05 -64.88
N GLY C 547 27.85 -35.92 -64.75
CA GLY C 547 29.27 -35.96 -64.47
C GLY C 547 29.83 -34.57 -64.29
N HIS C 548 31.15 -34.47 -64.44
CA HIS C 548 31.87 -33.22 -64.28
C HIS C 548 32.84 -33.05 -65.45
N HIS C 549 32.73 -31.93 -66.14
CA HIS C 549 33.51 -31.59 -67.33
C HIS C 549 33.61 -32.79 -68.27
N GLY C 550 32.46 -33.24 -68.75
CA GLY C 550 32.45 -34.30 -69.73
C GLY C 550 33.03 -33.80 -71.03
N ASP C 551 34.11 -34.42 -71.49
CA ASP C 551 34.55 -34.21 -72.86
C ASP C 551 33.86 -35.14 -73.85
N VAL C 552 33.69 -36.40 -73.46
CA VAL C 552 33.12 -37.43 -74.32
C VAL C 552 31.74 -37.78 -73.79
N GLY C 553 30.77 -37.87 -74.69
CA GLY C 553 29.43 -38.23 -74.35
C GLY C 553 28.55 -37.06 -73.96
N ALA C 554 29.15 -36.00 -73.47
CA ALA C 554 28.42 -34.76 -73.26
C ALA C 554 27.99 -34.20 -74.62
N PRO C 555 28.86 -34.20 -75.65
CA PRO C 555 28.36 -33.86 -76.99
C PRO C 555 27.21 -34.73 -77.43
N ILE C 556 27.10 -35.95 -76.91
CA ILE C 556 25.96 -36.81 -77.20
C ILE C 556 24.84 -36.61 -76.20
N ALA C 557 25.09 -35.90 -75.11
CA ALA C 557 24.14 -35.86 -74.00
C ALA C 557 22.84 -35.19 -74.40
N ASP C 558 21.73 -35.86 -74.11
CA ASP C 558 20.43 -35.20 -74.22
C ASP C 558 20.14 -34.33 -73.00
N VAL C 559 20.59 -34.75 -71.82
CA VAL C 559 20.38 -34.00 -70.59
C VAL C 559 21.69 -33.98 -69.80
N ILE C 560 21.98 -32.84 -69.18
CA ILE C 560 23.17 -32.67 -68.38
C ILE C 560 22.77 -32.54 -66.91
N LEU C 561 23.44 -33.31 -66.06
CA LEU C 561 23.31 -33.19 -64.61
C LEU C 561 24.73 -33.04 -64.09
N PRO C 562 25.19 -31.81 -63.89
CA PRO C 562 26.60 -31.60 -63.56
C PRO C 562 27.01 -32.14 -62.21
N GLY C 563 27.21 -33.46 -62.12
CA GLY C 563 27.66 -34.04 -60.87
C GLY C 563 29.03 -33.53 -60.47
N ALA C 564 29.28 -33.56 -59.16
CA ALA C 564 30.51 -33.01 -58.60
C ALA C 564 31.67 -34.00 -58.73
N ALA C 565 32.88 -33.45 -58.72
CA ALA C 565 34.09 -34.26 -58.79
C ALA C 565 34.47 -34.74 -57.39
N TYR C 566 35.65 -35.35 -57.25
CA TYR C 566 35.98 -36.04 -56.01
C TYR C 566 36.43 -35.08 -54.91
N THR C 567 37.18 -34.04 -55.26
CA THR C 567 37.62 -33.09 -54.25
C THR C 567 36.45 -32.38 -53.58
N GLU C 568 35.29 -32.35 -54.24
CA GLU C 568 34.14 -31.62 -53.72
C GLU C 568 33.32 -32.51 -52.81
N LYS C 569 32.62 -33.49 -53.39
CA LYS C 569 31.80 -34.39 -52.61
C LYS C 569 32.67 -35.16 -51.62
N SER C 570 32.08 -35.47 -50.46
CA SER C 570 32.67 -36.42 -49.53
C SER C 570 32.08 -37.78 -49.83
N ALA C 571 32.89 -38.66 -50.40
CA ALA C 571 32.38 -39.88 -51.02
C ALA C 571 33.16 -41.08 -50.48
N THR C 572 32.84 -42.25 -51.01
CA THR C 572 33.48 -43.50 -50.60
C THR C 572 34.03 -44.18 -51.84
N TYR C 573 35.28 -44.65 -51.75
CA TYR C 573 35.92 -45.37 -52.84
C TYR C 573 36.53 -46.65 -52.29
N VAL C 574 36.94 -47.53 -53.19
CA VAL C 574 37.52 -48.79 -52.80
C VAL C 574 38.76 -49.05 -53.66
N ASN C 575 39.91 -49.21 -53.01
CA ASN C 575 41.13 -49.60 -53.68
C ASN C 575 41.01 -51.03 -54.20
N THR C 576 41.90 -51.40 -55.12
CA THR C 576 41.83 -52.73 -55.70
C THR C 576 42.00 -53.83 -54.68
N GLU C 577 42.45 -53.52 -53.47
CA GLU C 577 42.61 -54.53 -52.42
C GLU C 577 41.36 -54.69 -51.57
N GLY C 578 40.39 -53.79 -51.68
CA GLY C 578 39.21 -53.86 -50.86
C GLY C 578 39.22 -53.00 -49.62
N ARG C 579 40.17 -52.08 -49.49
CA ARG C 579 40.15 -51.13 -48.39
C ARG C 579 39.14 -50.04 -48.73
N ALA C 580 38.13 -49.86 -47.88
CA ALA C 580 37.18 -48.79 -48.09
C ALA C 580 37.78 -47.50 -47.55
N GLN C 581 37.91 -46.50 -48.42
CA GLN C 581 38.46 -45.21 -48.04
C GLN C 581 37.49 -44.12 -48.47
N GLN C 582 37.23 -43.18 -47.57
CA GLN C 582 36.27 -42.12 -47.84
C GLN C 582 37.00 -40.81 -48.08
N THR C 583 36.65 -40.15 -49.18
CA THR C 583 37.13 -38.79 -49.39
C THR C 583 36.37 -37.82 -48.49
N LYS C 584 36.99 -36.67 -48.26
CA LYS C 584 36.37 -35.62 -47.47
C LYS C 584 36.41 -34.32 -48.25
N VAL C 585 35.47 -33.44 -47.92
CA VAL C 585 35.25 -32.25 -48.73
C VAL C 585 36.47 -31.33 -48.67
N ALA C 586 36.91 -30.88 -49.84
CA ALA C 586 37.92 -29.84 -49.94
C ALA C 586 37.29 -28.48 -50.24
N VAL C 587 36.64 -28.36 -51.39
CA VAL C 587 35.91 -27.16 -51.77
C VAL C 587 34.58 -27.60 -52.37
N MET C 588 33.50 -26.95 -51.96
CA MET C 588 32.20 -27.29 -52.50
C MET C 588 32.16 -27.01 -54.01
N PRO C 589 31.31 -27.71 -54.74
CA PRO C 589 31.40 -27.72 -56.21
C PRO C 589 31.16 -26.36 -56.81
N PRO C 590 31.63 -26.13 -58.03
CA PRO C 590 31.41 -24.85 -58.70
C PRO C 590 29.99 -24.75 -59.24
N GLY C 591 29.54 -23.51 -59.36
CA GLY C 591 28.22 -23.27 -59.94
C GLY C 591 27.15 -23.96 -59.14
N LEU C 592 26.30 -24.74 -59.82
CA LEU C 592 25.25 -25.50 -59.15
C LEU C 592 25.82 -26.84 -58.70
N ALA C 593 26.01 -27.76 -59.64
CA ALA C 593 26.78 -28.99 -59.44
C ALA C 593 26.55 -29.68 -58.10
N ARG C 594 25.36 -30.22 -57.90
CA ARG C 594 25.07 -30.91 -56.64
C ARG C 594 25.77 -32.26 -56.60
N GLU C 595 25.90 -32.80 -55.38
CA GLU C 595 26.43 -34.15 -55.22
C GLU C 595 25.57 -35.16 -55.98
N ASP C 596 26.23 -36.22 -56.44
CA ASP C 596 25.59 -37.20 -57.31
C ASP C 596 24.36 -37.82 -56.65
N TRP C 597 24.56 -38.54 -55.54
CA TRP C 597 23.46 -39.28 -54.94
C TRP C 597 22.33 -38.37 -54.51
N LYS C 598 22.58 -37.09 -54.27
CA LYS C 598 21.48 -36.19 -54.03
C LYS C 598 20.75 -35.84 -55.32
N ILE C 599 21.46 -35.78 -56.45
CA ILE C 599 20.78 -35.61 -57.73
C ILE C 599 19.84 -36.78 -57.98
N ILE C 600 20.37 -38.01 -57.85
CA ILE C 600 19.53 -39.18 -58.03
C ILE C 600 18.40 -39.19 -57.02
N ARG C 601 18.68 -38.74 -55.80
CA ARG C 601 17.63 -38.68 -54.78
C ARG C 601 16.50 -37.77 -55.20
N ALA C 602 16.82 -36.52 -55.59
CA ALA C 602 15.79 -35.59 -56.04
C ALA C 602 15.01 -36.17 -57.19
N LEU C 603 15.71 -36.71 -58.19
CA LEU C 603 15.05 -37.40 -59.28
C LEU C 603 14.05 -38.42 -58.77
N SER C 604 14.42 -39.13 -57.71
CA SER C 604 13.49 -40.09 -57.12
C SER C 604 12.27 -39.40 -56.54
N GLU C 605 12.49 -38.39 -55.68
CA GLU C 605 11.37 -37.76 -55.00
C GLU C 605 10.40 -37.11 -55.98
N ILE C 606 10.88 -36.69 -57.15
CA ILE C 606 9.94 -36.24 -58.17
C ILE C 606 9.28 -37.43 -58.85
N ALA C 607 10.02 -38.51 -59.02
CA ALA C 607 9.42 -39.71 -59.59
C ALA C 607 8.37 -40.28 -58.64
N GLY C 608 7.51 -41.12 -59.18
CA GLY C 608 6.44 -41.72 -58.39
C GLY C 608 6.96 -42.76 -57.42
N MET C 609 8.27 -42.85 -57.30
CA MET C 609 8.93 -43.76 -56.38
C MET C 609 10.04 -43.01 -55.66
N THR C 610 10.09 -43.17 -54.34
CA THR C 610 11.01 -42.41 -53.52
C THR C 610 12.03 -43.33 -52.86
N LEU C 611 13.28 -42.90 -52.86
CA LEU C 611 14.32 -43.65 -52.17
C LEU C 611 14.16 -43.46 -50.67
N PRO C 612 14.50 -44.48 -49.89
CA PRO C 612 14.19 -44.48 -48.45
C PRO C 612 15.24 -43.78 -47.59
N TYR C 613 15.60 -42.55 -47.97
CA TYR C 613 16.54 -41.75 -47.21
C TYR C 613 16.77 -40.37 -47.80
N ASP C 614 17.09 -39.39 -46.94
CA ASP C 614 17.50 -38.07 -47.39
C ASP C 614 18.96 -37.73 -47.11
N THR C 615 19.71 -38.55 -46.39
CA THR C 615 20.97 -38.08 -45.82
C THR C 615 22.09 -39.09 -45.98
N LEU C 616 23.32 -38.57 -46.01
CA LEU C 616 24.51 -39.38 -46.24
C LEU C 616 24.66 -40.47 -45.20
N ASP C 617 24.23 -40.22 -43.96
CA ASP C 617 24.30 -41.26 -42.95
C ASP C 617 23.36 -42.41 -43.28
N GLN C 618 22.11 -42.08 -43.62
CA GLN C 618 21.18 -43.10 -44.07
C GLN C 618 21.67 -43.77 -45.34
N VAL C 619 22.26 -42.98 -46.24
CA VAL C 619 22.89 -43.53 -47.44
C VAL C 619 23.84 -44.65 -47.06
N ARG C 620 24.88 -44.33 -46.28
CA ARG C 620 25.84 -45.34 -45.90
C ARG C 620 25.21 -46.47 -45.09
N ASN C 621 24.09 -46.22 -44.42
CA ASN C 621 23.38 -47.30 -43.76
C ASN C 621 22.93 -48.33 -44.78
N ARG C 622 22.13 -47.92 -45.77
CA ARG C 622 21.71 -48.89 -46.77
C ARG C 622 22.91 -49.40 -47.57
N LEU C 623 23.95 -48.59 -47.68
CA LEU C 623 25.19 -49.08 -48.26
C LEU C 623 25.68 -50.31 -47.51
N GLU C 624 25.61 -50.27 -46.18
CA GLU C 624 25.90 -51.48 -45.41
C GLU C 624 24.85 -52.55 -45.69
N GLU C 625 23.60 -52.16 -45.93
CA GLU C 625 22.57 -53.13 -46.25
C GLU C 625 22.77 -53.78 -47.61
N VAL C 626 23.71 -53.29 -48.41
CA VAL C 626 24.13 -53.98 -49.61
C VAL C 626 25.31 -54.87 -49.28
N SER C 627 26.45 -54.27 -48.95
CA SER C 627 27.58 -55.00 -48.42
C SER C 627 28.05 -54.36 -47.12
N PRO C 628 28.39 -55.16 -46.11
CA PRO C 628 28.81 -54.60 -44.84
C PRO C 628 30.19 -53.99 -44.85
N ASN C 629 31.08 -54.43 -45.75
CA ASN C 629 32.47 -53.98 -45.67
C ASN C 629 32.58 -52.48 -45.89
N LEU C 630 31.74 -51.92 -46.77
CA LEU C 630 31.95 -50.55 -47.23
C LEU C 630 31.75 -49.51 -46.14
N VAL C 631 31.29 -49.89 -44.96
CA VAL C 631 31.26 -48.95 -43.83
C VAL C 631 32.47 -49.09 -42.93
N ARG C 632 33.35 -50.06 -43.19
CA ARG C 632 34.58 -50.21 -42.43
C ARG C 632 35.72 -49.58 -43.22
N TYR C 633 36.35 -48.56 -42.63
CA TYR C 633 37.25 -47.68 -43.35
C TYR C 633 38.70 -48.05 -43.11
N ASP C 634 39.51 -47.87 -44.16
CA ASP C 634 40.95 -48.12 -44.23
C ASP C 634 41.33 -49.41 -43.52
N ASP C 635 40.48 -50.42 -43.63
CA ASP C 635 40.68 -51.71 -42.98
C ASP C 635 40.34 -52.80 -43.98
N VAL C 636 41.31 -53.62 -44.32
CA VAL C 636 41.11 -54.70 -45.29
C VAL C 636 40.99 -56.00 -44.53
N GLU C 637 40.12 -56.88 -45.02
CA GLU C 637 39.89 -58.18 -44.42
C GLU C 637 39.91 -59.23 -45.52
N GLY C 638 40.65 -60.31 -45.30
CA GLY C 638 40.83 -61.30 -46.33
C GLY C 638 39.58 -62.13 -46.56
N ALA C 639 39.29 -62.37 -47.84
CA ALA C 639 38.18 -63.19 -48.28
C ALA C 639 38.56 -64.66 -48.20
N ASN C 640 37.73 -65.50 -48.81
CA ASN C 640 37.95 -66.93 -48.82
C ASN C 640 37.27 -67.51 -50.05
N TYR C 641 37.15 -68.83 -50.09
CA TYR C 641 36.36 -69.53 -51.10
C TYR C 641 36.97 -69.42 -52.49
N PHE C 642 38.29 -69.47 -52.57
CA PHE C 642 38.92 -69.49 -53.89
C PHE C 642 38.61 -70.78 -54.63
N GLN C 643 38.66 -71.92 -53.92
CA GLN C 643 38.48 -73.21 -54.57
C GLN C 643 37.12 -73.28 -55.27
N GLN C 644 36.06 -72.89 -54.57
CA GLN C 644 34.74 -72.89 -55.17
C GLN C 644 34.72 -72.16 -56.50
N ALA C 645 35.29 -70.96 -56.53
CA ALA C 645 35.41 -70.24 -57.79
C ALA C 645 36.25 -71.02 -58.79
N SER C 646 37.20 -71.84 -58.32
CA SER C 646 37.99 -72.62 -59.26
C SER C 646 37.13 -73.66 -59.96
N GLU C 647 36.36 -74.45 -59.21
CA GLU C 647 35.49 -75.41 -59.88
C GLU C 647 34.42 -74.71 -60.71
N LEU C 648 34.00 -73.51 -60.30
CA LEU C 648 33.09 -72.75 -61.15
C LEU C 648 33.77 -72.33 -62.45
N SER C 649 35.09 -72.17 -62.42
CA SER C 649 35.80 -71.79 -63.64
C SER C 649 36.00 -72.99 -64.56
N LYS C 650 36.35 -74.15 -63.99
CA LYS C 650 36.59 -75.34 -64.80
C LYS C 650 35.33 -75.87 -65.48
N LEU C 651 34.16 -75.31 -65.17
CA LEU C 651 32.92 -75.89 -65.68
C LEU C 651 32.72 -75.57 -67.15
N VAL C 652 33.14 -74.40 -67.60
CA VAL C 652 32.85 -73.95 -68.96
C VAL C 652 34.13 -73.98 -69.79
N ASN C 653 33.98 -74.31 -71.06
CA ASN C 653 35.11 -74.41 -71.99
C ASN C 653 35.04 -73.25 -72.98
N GLN C 654 36.10 -72.45 -73.03
CA GLN C 654 36.22 -71.38 -74.01
C GLN C 654 37.64 -71.41 -74.57
N GLN C 655 37.77 -71.61 -75.87
CA GLN C 655 39.08 -71.69 -76.48
C GLN C 655 39.76 -70.32 -76.45
N LEU C 656 41.08 -70.35 -76.35
CA LEU C 656 41.89 -69.15 -76.19
C LEU C 656 42.30 -68.65 -77.58
N LEU C 657 42.00 -67.38 -77.87
CA LEU C 657 42.33 -66.85 -79.18
C LEU C 657 43.84 -66.71 -79.35
N ALA C 658 44.26 -66.63 -80.61
CA ALA C 658 45.68 -66.60 -80.95
C ALA C 658 46.30 -65.21 -80.86
N ASP C 659 45.50 -64.17 -80.76
CA ASP C 659 46.02 -62.81 -80.74
C ASP C 659 46.97 -62.62 -79.56
N PRO C 660 48.24 -62.29 -79.78
CA PRO C 660 49.12 -61.99 -78.65
C PRO C 660 48.67 -60.71 -77.96
N LEU C 661 48.55 -60.78 -76.64
CA LEU C 661 48.00 -59.66 -75.91
C LEU C 661 48.98 -58.50 -75.88
N VAL C 662 48.45 -57.31 -75.65
CA VAL C 662 49.29 -56.13 -75.43
C VAL C 662 48.62 -55.27 -74.37
N PRO C 663 49.38 -54.65 -73.48
CA PRO C 663 48.79 -53.66 -72.60
C PRO C 663 48.33 -52.46 -73.41
N PRO C 664 47.11 -51.98 -73.19
CA PRO C 664 46.65 -50.82 -73.96
C PRO C 664 47.50 -49.59 -73.72
N GLN C 665 48.13 -49.49 -72.55
CA GLN C 665 49.13 -48.46 -72.31
C GLN C 665 50.49 -48.98 -72.74
N LEU C 666 51.20 -48.18 -73.51
CA LEU C 666 52.54 -48.54 -73.94
C LEU C 666 53.40 -47.29 -73.93
N THR C 667 54.66 -47.47 -73.57
CA THR C 667 55.68 -46.46 -73.27
C THR C 667 55.06 -45.43 -72.32
N ILE C 668 55.50 -44.16 -72.40
CA ILE C 668 55.01 -43.16 -71.47
C ILE C 668 53.86 -42.34 -72.05
N LYS C 669 53.64 -42.41 -73.37
CA LYS C 669 52.72 -41.47 -73.99
C LYS C 669 51.27 -41.73 -73.59
N ASP C 670 50.95 -42.93 -73.12
CA ASP C 670 49.58 -43.25 -72.73
C ASP C 670 49.35 -43.08 -71.24
N PHE C 671 50.37 -42.64 -70.49
CA PHE C 671 50.20 -42.54 -69.05
C PHE C 671 49.42 -41.31 -68.65
N TYR C 672 49.51 -40.23 -69.42
CA TYR C 672 48.95 -38.94 -68.98
C TYR C 672 47.47 -38.81 -69.36
N MET C 673 47.19 -38.61 -70.64
CA MET C 673 45.85 -38.21 -71.06
C MET C 673 44.78 -39.25 -70.79
N THR C 674 45.14 -40.45 -70.36
CA THR C 674 44.13 -41.42 -69.99
C THR C 674 43.41 -40.96 -68.73
N ASP C 675 42.22 -41.51 -68.50
CA ASP C 675 41.38 -41.39 -67.29
C ASP C 675 40.46 -40.18 -67.31
N SER C 676 40.54 -39.33 -68.34
CA SER C 676 39.46 -38.43 -68.72
C SER C 676 39.28 -37.21 -67.82
N ILE C 677 39.82 -37.22 -66.61
CA ILE C 677 40.08 -35.93 -65.96
C ILE C 677 41.40 -35.38 -66.45
N SER C 678 42.35 -36.26 -66.73
CA SER C 678 43.64 -35.81 -67.24
C SER C 678 43.51 -35.08 -68.57
N ARG C 679 42.54 -35.47 -69.41
CA ARG C 679 42.37 -34.79 -70.69
C ARG C 679 41.97 -33.33 -70.53
N ALA C 680 41.61 -32.91 -69.32
CA ALA C 680 41.35 -31.50 -69.08
C ALA C 680 42.66 -30.72 -68.98
N SER C 681 43.49 -31.06 -68.00
CA SER C 681 44.65 -30.25 -67.63
C SER C 681 45.52 -29.90 -68.82
N GLN C 682 45.81 -28.60 -68.95
CA GLN C 682 46.84 -28.18 -69.88
C GLN C 682 48.20 -28.72 -69.47
N THR C 683 48.38 -29.01 -68.19
CA THR C 683 49.65 -29.55 -67.72
C THR C 683 49.98 -30.86 -68.40
N MET C 684 49.05 -31.83 -68.32
CA MET C 684 49.29 -33.12 -68.93
C MET C 684 49.55 -33.00 -70.43
N ALA C 685 48.82 -32.11 -71.10
CA ALA C 685 49.12 -31.86 -72.51
C ALA C 685 50.55 -31.37 -72.68
N LYS C 686 50.99 -30.48 -71.79
CA LYS C 686 52.34 -29.93 -71.91
C LYS C 686 53.40 -31.00 -71.74
N CYS C 687 53.26 -31.85 -70.72
CA CYS C 687 54.27 -32.90 -70.55
C CYS C 687 54.18 -33.94 -71.67
N VAL C 688 52.98 -34.21 -72.18
CA VAL C 688 52.85 -35.12 -73.31
C VAL C 688 53.63 -34.59 -74.50
N LYS C 689 53.30 -33.39 -74.97
CA LYS C 689 54.01 -32.87 -76.12
C LYS C 689 55.46 -32.54 -75.81
N ALA C 690 55.85 -32.56 -74.53
CA ALA C 690 57.26 -32.49 -74.19
C ALA C 690 57.94 -33.83 -74.37
N VAL C 691 57.21 -34.93 -74.17
CA VAL C 691 57.77 -36.25 -74.39
C VAL C 691 57.81 -36.58 -75.88
N THR C 692 56.78 -36.16 -76.62
CA THR C 692 56.71 -36.49 -78.04
C THR C 692 57.86 -35.87 -78.83
N GLU C 693 58.42 -34.78 -78.33
CA GLU C 693 59.55 -34.14 -79.00
C GLU C 693 60.76 -35.05 -79.03
N VAL D 26 6.84 3.12 -0.60
CA VAL D 26 7.50 2.71 -1.83
C VAL D 26 8.66 3.66 -2.12
N SER D 27 8.33 4.83 -2.64
CA SER D 27 9.29 5.92 -2.91
C SER D 27 10.37 5.40 -3.87
N ASN D 28 11.62 5.74 -3.61
CA ASN D 28 12.81 5.44 -4.42
C ASN D 28 12.62 5.98 -5.85
N LEU D 29 13.19 5.28 -6.83
CA LEU D 29 13.34 5.68 -8.23
C LEU D 29 14.16 4.60 -8.93
N THR D 30 14.24 4.72 -10.25
CA THR D 30 15.34 4.17 -11.02
C THR D 30 15.72 5.20 -12.08
N LEU D 31 16.95 5.72 -11.99
CA LEU D 31 17.44 6.67 -12.98
C LEU D 31 18.47 5.96 -13.85
N ASN D 32 18.97 6.66 -14.87
CA ASN D 32 19.90 6.05 -15.80
C ASN D 32 21.03 7.01 -16.12
N PHE D 33 21.93 6.55 -16.98
CA PHE D 33 23.18 7.23 -17.29
C PHE D 33 22.88 8.43 -18.16
N GLY D 34 23.91 8.97 -18.78
CA GLY D 34 23.73 9.88 -19.88
C GLY D 34 24.80 9.62 -20.91
N PRO D 35 24.49 9.90 -22.17
CA PRO D 35 25.33 9.36 -23.25
C PRO D 35 26.72 9.95 -23.28
N GLN D 36 26.87 11.26 -23.12
CA GLN D 36 28.20 11.85 -23.02
C GLN D 36 28.14 13.15 -22.26
N HIS D 37 29.21 13.43 -21.53
CA HIS D 37 29.65 14.80 -21.33
C HIS D 37 30.54 15.18 -22.52
N PRO D 38 30.75 16.47 -22.76
CA PRO D 38 31.42 16.85 -24.02
C PRO D 38 32.79 16.20 -24.21
N ALA D 39 33.47 15.82 -23.13
CA ALA D 39 34.78 15.18 -23.20
C ALA D 39 34.73 13.66 -23.07
N ALA D 40 33.54 13.07 -23.02
CA ALA D 40 33.38 11.69 -22.56
C ALA D 40 34.29 10.72 -23.31
N HIS D 41 35.06 9.95 -22.54
CA HIS D 41 35.91 8.91 -23.11
C HIS D 41 35.14 7.65 -23.47
N GLY D 42 34.32 7.14 -22.57
CA GLY D 42 33.58 5.92 -22.81
C GLY D 42 32.29 5.95 -22.03
N VAL D 43 31.34 5.14 -22.49
CA VAL D 43 29.96 5.20 -22.02
C VAL D 43 29.68 4.01 -21.12
N LEU D 44 29.09 4.28 -19.96
CA LEU D 44 28.48 3.28 -19.11
C LEU D 44 26.99 3.51 -19.05
N ARG D 45 26.25 2.45 -18.74
CA ARG D 45 24.94 2.70 -18.17
C ARG D 45 25.07 2.67 -16.66
N LEU D 46 24.02 3.12 -15.97
CA LEU D 46 24.04 3.05 -14.52
C LEU D 46 22.59 2.99 -14.04
N VAL D 47 22.37 2.21 -12.98
CA VAL D 47 21.07 2.13 -12.35
C VAL D 47 21.28 2.40 -10.87
N MET D 48 20.71 3.51 -10.40
CA MET D 48 20.86 3.91 -9.01
C MET D 48 19.48 3.96 -8.36
N GLU D 49 19.21 3.04 -7.44
CA GLU D 49 18.03 3.13 -6.61
C GLU D 49 18.32 4.12 -5.50
N LEU D 50 17.53 5.17 -5.42
CA LEU D 50 17.88 6.32 -4.62
C LEU D 50 16.75 6.65 -3.64
N SER D 51 17.01 7.65 -2.80
CA SER D 51 16.01 8.36 -2.03
C SER D 51 16.00 9.80 -2.51
N GLY D 52 15.17 10.64 -1.91
CA GLY D 52 15.04 11.97 -2.48
C GLY D 52 16.38 12.68 -2.54
N GLU D 53 16.82 12.94 -3.77
CA GLU D 53 18.15 13.44 -4.07
C GLU D 53 19.21 12.80 -3.19
N MET D 54 19.16 11.48 -3.01
CA MET D 54 20.22 10.75 -2.34
C MET D 54 20.21 9.32 -2.84
N VAL D 55 21.40 8.76 -3.07
CA VAL D 55 21.50 7.43 -3.69
C VAL D 55 21.72 6.40 -2.59
N ARG D 56 20.75 5.52 -2.41
CA ARG D 56 20.93 4.41 -1.48
C ARG D 56 21.68 3.25 -2.12
N LYS D 57 21.36 2.92 -3.37
CA LYS D 57 21.98 1.80 -4.07
C LYS D 57 22.32 2.22 -5.49
N CYS D 58 23.56 2.01 -5.89
CA CYS D 58 24.01 2.21 -7.26
C CYS D 58 24.57 0.90 -7.79
N ASP D 59 24.21 0.55 -9.02
CA ASP D 59 24.64 -0.71 -9.62
C ASP D 59 25.09 -0.44 -11.04
N PRO D 60 26.35 -0.07 -11.22
CA PRO D 60 26.85 0.26 -12.57
C PRO D 60 26.77 -0.95 -13.49
N HIS D 61 26.25 -0.74 -14.68
CA HIS D 61 26.27 -1.76 -15.72
C HIS D 61 27.50 -1.52 -16.58
N ILE D 62 28.47 -2.42 -16.47
CA ILE D 62 29.68 -2.33 -17.27
C ILE D 62 29.53 -3.38 -18.36
N GLY D 63 30.53 -3.52 -19.21
CA GLY D 63 30.40 -4.42 -20.33
C GLY D 63 29.73 -3.81 -21.53
N LEU D 64 29.42 -2.51 -21.48
CA LEU D 64 28.75 -1.87 -22.61
C LEU D 64 29.64 -1.86 -23.84
N LEU D 65 30.87 -1.37 -23.70
CA LEU D 65 31.86 -1.45 -24.77
C LEU D 65 32.80 -2.59 -24.44
N HIS D 66 32.59 -3.73 -25.09
CA HIS D 66 33.43 -4.91 -24.88
C HIS D 66 33.76 -5.50 -26.23
N ARG D 67 35.02 -5.44 -26.61
CA ARG D 67 35.44 -5.77 -27.95
C ARG D 67 36.00 -7.17 -28.06
N GLY D 68 36.09 -7.90 -26.96
CA GLY D 68 36.53 -9.28 -27.00
C GLY D 68 37.98 -9.44 -27.45
N THR D 69 38.90 -8.75 -26.78
CA THR D 69 40.31 -8.87 -27.14
C THR D 69 40.85 -10.25 -26.80
N GLU D 70 40.67 -10.68 -25.54
CA GLU D 70 41.32 -11.89 -25.05
C GLU D 70 40.99 -13.10 -25.91
N LYS D 71 39.83 -13.12 -26.55
CA LYS D 71 39.57 -14.19 -27.51
C LYS D 71 40.39 -13.99 -28.77
N LEU D 72 40.61 -12.74 -29.18
CA LEU D 72 41.38 -12.49 -30.38
C LEU D 72 42.84 -12.86 -30.18
N ILE D 73 43.42 -12.49 -29.04
CA ILE D 73 44.85 -12.70 -28.81
C ILE D 73 45.20 -14.16 -28.98
N GLU D 74 44.29 -15.05 -28.58
CA GLU D 74 44.52 -16.48 -28.74
C GLU D 74 44.74 -16.87 -30.19
N TYR D 75 44.27 -16.08 -31.14
CA TYR D 75 44.43 -16.39 -32.55
C TYR D 75 45.61 -15.70 -33.22
N LYS D 76 46.37 -14.89 -32.49
CA LYS D 76 47.44 -14.13 -33.14
C LYS D 76 48.72 -14.23 -32.34
N THR D 77 49.85 -14.30 -33.03
CA THR D 77 51.14 -14.48 -32.40
C THR D 77 51.52 -13.26 -31.57
N TYR D 78 52.49 -13.49 -30.68
CA TYR D 78 52.90 -12.47 -29.72
C TYR D 78 53.16 -11.13 -30.37
N LEU D 79 53.98 -11.12 -31.42
CA LEU D 79 54.27 -9.87 -32.09
C LEU D 79 53.02 -9.23 -32.64
N GLN D 80 52.03 -10.05 -32.99
CA GLN D 80 50.79 -9.54 -33.56
C GLN D 80 49.84 -9.02 -32.49
N ALA D 81 49.72 -9.73 -31.38
CA ALA D 81 48.74 -9.36 -30.38
C ALA D 81 49.13 -8.12 -29.60
N LEU D 82 50.33 -7.60 -29.80
CA LEU D 82 50.82 -6.53 -28.96
C LEU D 82 50.00 -5.24 -29.05
N PRO D 83 49.60 -4.76 -30.23
CA PRO D 83 48.73 -3.57 -30.25
C PRO D 83 47.47 -3.71 -29.42
N TYR D 84 46.96 -4.93 -29.22
CA TYR D 84 45.87 -5.09 -28.26
C TYR D 84 46.31 -4.58 -26.90
N PHE D 85 47.48 -5.01 -26.44
CA PHE D 85 47.98 -4.49 -25.18
C PHE D 85 48.32 -3.02 -25.25
N ASP D 86 48.42 -2.46 -26.45
CA ASP D 86 48.49 -1.01 -26.53
C ASP D 86 47.15 -0.38 -26.18
N ARG D 87 46.11 -0.78 -26.90
CA ARG D 87 44.86 -0.03 -26.95
C ARG D 87 43.77 -0.58 -26.05
N LEU D 88 44.03 -1.62 -25.25
CA LEU D 88 43.05 -2.01 -24.26
C LEU D 88 42.85 -0.90 -23.24
N ASP D 89 43.94 -0.31 -22.77
CA ASP D 89 43.91 0.95 -22.07
C ASP D 89 44.67 1.94 -22.96
N TYR D 90 43.93 2.83 -23.59
CA TYR D 90 44.54 3.68 -24.61
C TYR D 90 45.23 4.91 -24.03
N VAL D 91 44.66 5.52 -23.01
CA VAL D 91 45.20 6.76 -22.46
C VAL D 91 46.65 6.56 -22.04
N SER D 92 46.86 5.76 -21.00
CA SER D 92 48.19 5.27 -20.67
C SER D 92 48.51 4.13 -21.63
N MET D 93 49.59 4.26 -22.39
CA MET D 93 49.85 3.33 -23.48
C MET D 93 51.22 2.66 -23.37
N MET D 94 52.29 3.46 -23.40
CA MET D 94 53.62 2.89 -23.26
C MET D 94 53.75 2.06 -21.99
N CYS D 95 52.93 2.37 -20.98
CA CYS D 95 52.92 1.57 -19.77
C CYS D 95 52.40 0.17 -20.06
N ASN D 96 51.21 0.06 -20.64
CA ASN D 96 50.67 -1.25 -20.99
C ASN D 96 51.64 -2.02 -21.87
N GLU D 97 52.19 -1.34 -22.88
CA GLU D 97 53.28 -1.91 -23.67
C GLU D 97 54.33 -2.53 -22.76
N GLN D 98 54.76 -1.76 -21.75
CA GLN D 98 55.78 -2.24 -20.84
C GLN D 98 55.30 -3.48 -20.09
N ALA D 99 54.02 -3.53 -19.76
CA ALA D 99 53.47 -4.68 -19.04
C ALA D 99 53.59 -5.95 -19.88
N TYR D 100 52.99 -5.93 -21.08
CA TYR D 100 53.01 -7.13 -21.89
C TYR D 100 54.42 -7.53 -22.27
N SER D 101 55.24 -6.55 -22.66
CA SER D 101 56.62 -6.85 -23.01
C SER D 101 57.36 -7.50 -21.84
N LEU D 102 57.26 -6.91 -20.65
CA LEU D 102 57.86 -7.53 -19.48
C LEU D 102 57.34 -8.93 -19.25
N ALA D 103 56.08 -9.18 -19.60
CA ALA D 103 55.55 -10.53 -19.44
C ALA D 103 56.26 -11.51 -20.37
N VAL D 104 56.36 -11.16 -21.64
CA VAL D 104 56.97 -12.08 -22.60
C VAL D 104 58.45 -12.26 -22.31
N GLU D 105 59.13 -11.18 -21.92
CA GLU D 105 60.54 -11.30 -21.56
C GLU D 105 60.68 -12.20 -20.34
N LYS D 106 59.94 -11.91 -19.28
CA LYS D 106 60.00 -12.69 -18.06
C LYS D 106 59.79 -14.17 -18.33
N LEU D 107 58.73 -14.49 -19.08
CA LEU D 107 58.44 -15.89 -19.32
C LEU D 107 59.42 -16.51 -20.29
N LEU D 108 60.05 -15.69 -21.12
CA LEU D 108 60.90 -16.13 -22.21
C LEU D 108 62.38 -16.13 -21.86
N ASN D 109 62.74 -15.75 -20.63
CA ASN D 109 64.13 -15.72 -20.17
C ASN D 109 65.01 -14.88 -21.09
N ILE D 110 64.79 -13.57 -21.01
CA ILE D 110 65.55 -12.60 -21.75
C ILE D 110 65.70 -11.36 -20.89
N GLN D 111 66.80 -10.63 -21.09
CA GLN D 111 66.86 -9.31 -20.54
C GLN D 111 67.10 -8.30 -21.67
N PRO D 112 66.41 -7.16 -21.65
CA PRO D 112 66.70 -6.14 -22.64
C PRO D 112 67.99 -5.43 -22.31
N PRO D 113 68.70 -4.90 -23.31
CA PRO D 113 69.93 -4.17 -23.03
C PRO D 113 69.63 -2.93 -22.21
N PRO D 114 70.62 -2.38 -21.51
CA PRO D 114 70.32 -1.29 -20.56
C PRO D 114 69.63 -0.11 -21.20
N ARG D 115 70.14 0.36 -22.34
CA ARG D 115 69.56 1.55 -22.98
C ARG D 115 68.09 1.35 -23.31
N ALA D 116 67.71 0.14 -23.70
CA ALA D 116 66.30 -0.16 -23.88
C ALA D 116 65.54 0.05 -22.60
N GLN D 117 66.06 -0.47 -21.48
CA GLN D 117 65.35 -0.30 -20.21
C GLN D 117 65.19 1.18 -19.88
N TRP D 118 66.24 1.97 -20.11
CA TRP D 118 66.17 3.38 -19.78
C TRP D 118 65.14 4.11 -20.63
N ILE D 119 65.18 3.91 -21.94
CA ILE D 119 64.17 4.52 -22.80
C ILE D 119 62.78 4.11 -22.35
N ARG D 120 62.61 2.83 -22.03
CA ARG D 120 61.31 2.33 -21.59
C ARG D 120 60.84 3.02 -20.33
N VAL D 121 61.76 3.27 -19.39
CA VAL D 121 61.42 4.03 -18.19
C VAL D 121 61.00 5.44 -18.55
N LEU D 122 61.82 6.11 -19.35
CA LEU D 122 61.55 7.48 -19.78
C LEU D 122 60.12 7.61 -20.29
N PHE D 123 59.81 6.91 -21.38
CA PHE D 123 58.46 7.01 -21.92
C PHE D 123 57.42 6.43 -20.99
N GLY D 124 57.82 5.57 -20.05
CA GLY D 124 56.87 5.13 -19.04
C GLY D 124 56.38 6.29 -18.20
N GLU D 125 57.30 7.06 -17.64
CA GLU D 125 56.90 8.17 -16.79
C GLU D 125 56.32 9.33 -17.59
N ILE D 126 56.76 9.51 -18.84
CA ILE D 126 56.10 10.46 -19.72
C ILE D 126 54.64 10.08 -19.91
N THR D 127 54.39 8.82 -20.24
CA THR D 127 53.02 8.36 -20.38
C THR D 127 52.24 8.57 -19.09
N ARG D 128 52.88 8.33 -17.94
CA ARG D 128 52.22 8.58 -16.67
C ARG D 128 51.85 10.05 -16.53
N LEU D 129 52.71 10.93 -17.00
CA LEU D 129 52.38 12.35 -17.03
C LEU D 129 51.13 12.58 -17.87
N LEU D 130 51.04 11.91 -19.02
CA LEU D 130 49.84 11.99 -19.85
C LEU D 130 48.61 11.58 -19.06
N ASN D 131 48.55 10.31 -18.65
CA ASN D 131 47.31 9.82 -18.06
C ASN D 131 46.92 10.60 -16.81
N HIS D 132 47.89 11.09 -16.04
CA HIS D 132 47.53 11.92 -14.90
C HIS D 132 46.96 13.27 -15.33
N ILE D 133 47.63 13.96 -16.27
CA ILE D 133 47.12 15.27 -16.66
C ILE D 133 45.73 15.12 -17.26
N MET D 134 45.49 14.04 -18.01
CA MET D 134 44.16 13.80 -18.53
C MET D 134 43.17 13.61 -17.39
N ALA D 135 43.43 12.63 -16.53
CA ALA D 135 42.50 12.32 -15.45
C ALA D 135 42.11 13.57 -14.67
N VAL D 136 43.10 14.38 -14.30
CA VAL D 136 42.80 15.60 -13.55
C VAL D 136 41.95 16.55 -14.37
N THR D 137 42.42 16.89 -15.58
CA THR D 137 41.72 17.90 -16.37
C THR D 137 40.30 17.47 -16.69
N THR D 138 40.15 16.27 -17.26
CA THR D 138 38.81 15.78 -17.57
C THR D 138 37.95 15.67 -16.31
N HIS D 139 38.58 15.41 -15.17
CA HIS D 139 37.83 15.44 -13.92
C HIS D 139 37.33 16.84 -13.63
N ALA D 140 38.07 17.86 -14.05
CA ALA D 140 37.58 19.23 -13.92
C ALA D 140 36.44 19.50 -14.90
N LEU D 141 36.68 19.23 -16.18
CA LEU D 141 35.69 19.54 -17.21
C LEU D 141 34.37 18.87 -16.93
N ASP D 142 34.40 17.63 -16.44
CA ASP D 142 33.18 16.95 -16.04
C ASP D 142 32.44 17.77 -14.98
N ILE D 143 33.17 18.31 -14.01
CA ILE D 143 32.55 18.90 -12.85
C ILE D 143 32.11 20.34 -13.10
N GLY D 144 32.69 20.98 -14.09
CA GLY D 144 32.64 22.41 -14.28
C GLY D 144 33.90 22.84 -15.00
N ALA D 145 34.29 24.09 -14.80
CA ALA D 145 35.66 24.52 -15.05
C ALA D 145 36.11 24.16 -16.47
N MET D 146 35.57 24.92 -17.41
CA MET D 146 35.76 24.56 -18.81
C MET D 146 37.22 24.67 -19.24
N THR D 147 37.97 25.63 -18.70
CA THR D 147 39.30 26.01 -19.20
C THR D 147 40.53 25.11 -18.95
N PRO D 148 40.74 24.56 -17.75
CA PRO D 148 42.01 23.86 -17.50
C PRO D 148 42.25 22.69 -18.45
N PHE D 149 41.17 22.03 -18.85
CA PHE D 149 41.19 21.08 -19.96
C PHE D 149 41.99 21.65 -21.12
N PHE D 150 41.66 22.88 -21.51
CA PHE D 150 42.32 23.51 -22.64
C PHE D 150 43.79 23.80 -22.33
N TRP D 151 44.06 24.57 -21.27
CA TRP D 151 45.44 24.93 -21.00
C TRP D 151 46.34 23.71 -21.03
N MET D 152 45.96 22.64 -20.34
CA MET D 152 46.90 21.54 -20.20
C MET D 152 46.92 20.62 -21.42
N PHE D 153 45.76 20.34 -22.03
CA PHE D 153 45.81 19.50 -23.22
C PHE D 153 46.56 20.14 -24.36
N GLU D 154 46.81 21.45 -24.32
CA GLU D 154 47.82 21.98 -25.23
C GLU D 154 49.16 21.26 -25.03
N GLU D 155 49.66 21.26 -23.78
CA GLU D 155 50.91 20.58 -23.47
C GLU D 155 50.85 19.11 -23.83
N ARG D 156 49.69 18.48 -23.58
CA ARG D 156 49.52 17.09 -24.00
C ARG D 156 49.76 16.95 -25.49
N GLU D 157 49.26 17.91 -26.28
CA GLU D 157 49.57 17.89 -27.71
C GLU D 157 51.06 17.95 -27.95
N LYS D 158 51.80 18.68 -27.11
CA LYS D 158 53.26 18.62 -27.24
C LYS D 158 53.78 17.21 -26.98
N MET D 159 53.16 16.51 -26.03
CA MET D 159 53.57 15.15 -25.72
C MET D 159 53.42 14.24 -26.94
N PHE D 160 52.25 14.28 -27.56
CA PHE D 160 52.08 13.49 -28.78
C PHE D 160 53.01 13.97 -29.88
N GLU D 161 53.36 15.26 -29.87
CA GLU D 161 54.42 15.72 -30.76
C GLU D 161 55.71 14.97 -30.51
N PHE D 162 55.96 14.54 -29.27
CA PHE D 162 57.10 13.66 -29.02
C PHE D 162 56.86 12.27 -29.62
N TYR D 163 55.74 11.63 -29.26
CA TYR D 163 55.49 10.29 -29.77
C TYR D 163 55.66 10.21 -31.28
N GLU D 164 55.15 11.22 -32.00
CA GLU D 164 55.17 11.16 -33.46
C GLU D 164 56.60 11.08 -33.99
N ARG D 165 57.53 11.76 -33.34
CA ARG D 165 58.93 11.55 -33.70
C ARG D 165 59.38 10.15 -33.31
N VAL D 166 59.09 9.73 -32.09
CA VAL D 166 59.63 8.50 -31.55
C VAL D 166 59.22 7.30 -32.39
N SER D 167 57.93 6.96 -32.34
CA SER D 167 57.43 5.73 -32.93
C SER D 167 56.96 5.89 -34.36
N GLY D 168 56.90 7.11 -34.87
CA GLY D 168 56.43 7.31 -36.22
C GLY D 168 54.92 7.33 -36.36
N ALA D 169 54.20 7.52 -35.26
CA ALA D 169 52.76 7.73 -35.32
C ALA D 169 52.35 8.47 -34.06
N ARG D 170 51.07 8.77 -33.96
CA ARG D 170 50.63 9.71 -32.94
C ARG D 170 50.44 9.04 -31.59
N MET D 171 49.49 8.11 -31.51
CA MET D 171 49.08 7.57 -30.22
C MET D 171 49.39 6.08 -30.10
N HIS D 172 48.65 5.22 -30.80
CA HIS D 172 48.72 3.79 -30.57
C HIS D 172 49.99 3.13 -31.06
N ALA D 173 50.89 3.85 -31.73
CA ALA D 173 52.08 3.23 -32.27
C ALA D 173 52.87 2.53 -31.16
N ALA D 174 53.15 1.25 -31.39
CA ALA D 174 53.72 0.38 -30.36
C ALA D 174 55.01 0.93 -29.79
N TYR D 175 56.09 0.87 -30.58
CA TYR D 175 57.43 1.23 -30.15
C TYR D 175 57.88 0.42 -28.93
N VAL D 176 57.26 -0.71 -28.69
CA VAL D 176 57.68 -1.61 -27.63
C VAL D 176 57.54 -3.02 -28.13
N ARG D 177 58.51 -3.86 -27.82
CA ARG D 177 58.52 -5.26 -28.22
C ARG D 177 58.89 -6.09 -27.01
N PRO D 178 58.86 -7.41 -27.14
CA PRO D 178 59.60 -8.24 -26.21
C PRO D 178 61.07 -8.18 -26.57
N GLY D 179 61.91 -8.40 -25.56
CA GLY D 179 63.34 -8.27 -25.80
C GLY D 179 63.75 -6.87 -26.16
N GLY D 180 63.08 -5.87 -25.62
CA GLY D 180 63.53 -4.51 -25.78
C GLY D 180 62.78 -3.76 -26.89
N VAL D 181 62.85 -2.44 -26.79
CA VAL D 181 62.27 -1.55 -27.79
C VAL D 181 63.12 -1.58 -29.07
N HIS D 182 62.52 -1.17 -30.18
CA HIS D 182 63.25 -1.03 -31.44
C HIS D 182 63.11 0.39 -31.95
N GLN D 183 63.97 0.74 -32.91
CA GLN D 183 63.95 2.04 -33.55
C GLN D 183 64.16 3.17 -32.53
N ASP D 184 65.42 3.28 -32.12
CA ASP D 184 65.76 4.24 -31.09
C ASP D 184 65.49 5.67 -31.57
N LEU D 185 65.51 6.58 -30.62
CA LEU D 185 65.11 7.97 -30.74
C LEU D 185 65.74 8.60 -31.98
N PRO D 186 65.04 9.50 -32.66
CA PRO D 186 65.68 10.24 -33.75
C PRO D 186 66.64 11.27 -33.19
N LEU D 187 67.69 11.53 -33.96
CA LEU D 187 68.75 12.41 -33.47
C LEU D 187 68.19 13.80 -33.23
N GLY D 188 68.35 14.29 -32.01
CA GLY D 188 67.79 15.57 -31.62
C GLY D 188 66.48 15.49 -30.85
N LEU D 189 66.07 14.31 -30.42
CA LEU D 189 64.82 14.19 -29.68
C LEU D 189 64.98 14.61 -28.22
N MET D 190 66.02 14.11 -27.57
CA MET D 190 66.18 14.37 -26.14
C MET D 190 66.31 15.86 -25.84
N ASP D 191 66.77 16.65 -26.81
CA ASP D 191 66.72 18.10 -26.64
C ASP D 191 65.29 18.57 -26.43
N ASP D 192 64.38 18.17 -27.32
CA ASP D 192 62.98 18.55 -27.18
C ASP D 192 62.40 18.04 -25.87
N ILE D 193 62.70 16.80 -25.52
CA ILE D 193 62.23 16.25 -24.25
C ILE D 193 62.66 17.15 -23.10
N TYR D 194 63.95 17.45 -23.04
CA TYR D 194 64.46 18.37 -22.04
C TYR D 194 63.69 19.68 -22.03
N GLU D 195 63.45 20.26 -23.20
CA GLU D 195 62.84 21.58 -23.26
C GLU D 195 61.43 21.57 -22.69
N PHE D 196 60.63 20.56 -23.04
CA PHE D 196 59.31 20.45 -22.43
C PHE D 196 59.42 20.27 -20.92
N SER D 197 60.22 19.30 -20.49
CA SER D 197 60.39 19.02 -19.08
C SER D 197 60.89 20.22 -18.31
N LYS D 198 61.45 21.22 -19.00
CA LYS D 198 62.00 22.38 -18.31
C LYS D 198 60.90 23.16 -17.61
N ASN D 199 59.93 23.65 -18.36
CA ASN D 199 58.89 24.54 -17.85
C ASN D 199 57.57 23.85 -17.59
N PHE D 200 57.47 22.53 -17.83
CA PHE D 200 56.24 21.86 -17.40
C PHE D 200 55.93 22.14 -15.94
N SER D 201 56.98 22.26 -15.11
CA SER D 201 56.78 22.57 -13.69
C SER D 201 56.00 23.87 -13.52
N LEU D 202 56.44 24.92 -14.20
CA LEU D 202 55.72 26.18 -14.17
C LEU D 202 54.26 25.98 -14.54
N ARG D 203 54.00 25.23 -15.61
CA ARG D 203 52.62 25.16 -16.07
C ARG D 203 51.73 24.36 -15.11
N ILE D 204 52.23 23.24 -14.60
CA ILE D 204 51.44 22.48 -13.64
C ILE D 204 51.20 23.28 -12.38
N ASP D 205 52.18 24.09 -11.97
CA ASP D 205 51.94 25.00 -10.85
C ASP D 205 50.86 26.01 -11.20
N GLU D 206 50.81 26.45 -12.46
CA GLU D 206 49.71 27.31 -12.89
C GLU D 206 48.37 26.62 -12.67
N LEU D 207 48.31 25.31 -12.94
CA LEU D 207 47.10 24.57 -12.59
C LEU D 207 46.85 24.58 -11.09
N GLU D 208 47.92 24.45 -10.30
CA GLU D 208 47.75 24.45 -8.85
C GLU D 208 47.24 25.77 -8.32
N GLU D 209 47.48 26.88 -9.03
CA GLU D 209 46.79 28.10 -8.66
C GLU D 209 45.38 28.15 -9.24
N MET D 210 45.18 27.51 -10.39
CA MET D 210 43.84 27.35 -10.96
C MET D 210 42.91 26.59 -10.03
N LEU D 211 43.45 25.83 -9.08
CA LEU D 211 42.63 25.00 -8.21
C LEU D 211 43.29 25.01 -6.83
N THR D 212 42.88 24.12 -5.93
CA THR D 212 43.62 23.90 -4.70
C THR D 212 43.69 25.15 -3.83
N ASN D 213 42.65 25.37 -3.03
CA ASN D 213 42.19 26.61 -2.38
C ASN D 213 41.07 27.28 -3.16
N ASN D 214 40.65 26.74 -4.30
CA ASN D 214 39.35 27.14 -4.84
C ASN D 214 38.27 26.62 -3.92
N ARG D 215 37.44 27.52 -3.40
CA ARG D 215 36.40 27.12 -2.47
C ARG D 215 35.38 26.23 -3.17
N ILE D 216 35.27 26.37 -4.49
CA ILE D 216 34.23 25.66 -5.24
C ILE D 216 34.61 24.20 -5.40
N TRP D 217 35.73 23.97 -6.09
CA TRP D 217 36.17 22.62 -6.37
C TRP D 217 36.39 21.83 -5.08
N ARG D 218 37.19 22.39 -4.17
CA ARG D 218 37.36 21.80 -2.85
C ARG D 218 36.01 21.53 -2.23
N ASN D 219 35.26 22.58 -1.93
CA ASN D 219 34.04 22.40 -1.17
C ASN D 219 33.07 21.47 -1.88
N ARG D 220 33.32 21.16 -3.14
CA ARG D 220 32.55 20.11 -3.78
C ARG D 220 33.10 18.74 -3.46
N THR D 221 34.41 18.57 -3.50
CA THR D 221 35.04 17.31 -3.15
C THR D 221 35.89 17.52 -1.90
N VAL D 222 35.41 17.07 -0.75
CA VAL D 222 36.20 17.11 0.47
C VAL D 222 36.14 15.74 1.13
N ASP D 223 35.00 15.40 1.70
CA ASP D 223 34.81 14.12 2.36
C ASP D 223 34.10 13.09 1.49
N ILE D 224 33.78 13.43 0.24
CA ILE D 224 32.96 12.55 -0.58
C ILE D 224 33.74 11.28 -0.91
N GLY D 225 33.08 10.14 -0.72
CA GLY D 225 33.63 8.85 -1.09
C GLY D 225 34.94 8.48 -0.42
N VAL D 226 34.96 8.48 0.91
CA VAL D 226 36.17 8.06 1.62
C VAL D 226 36.25 6.55 1.60
N VAL D 227 37.36 6.00 2.09
CA VAL D 227 37.60 4.56 2.10
C VAL D 227 38.44 4.22 3.31
N THR D 228 38.13 3.09 3.93
CA THR D 228 38.99 2.54 4.98
C THR D 228 40.06 1.68 4.34
N ALA D 229 41.27 1.75 4.89
CA ALA D 229 42.43 1.10 4.27
C ALA D 229 42.19 -0.38 4.06
N GLU D 230 41.90 -1.11 5.14
CA GLU D 230 41.66 -2.54 5.01
C GLU D 230 40.52 -2.82 4.04
N ASP D 231 39.49 -1.97 4.06
CA ASP D 231 38.40 -2.12 3.11
C ASP D 231 38.92 -2.03 1.68
N ALA D 232 39.74 -1.02 1.39
CA ALA D 232 40.34 -0.92 0.07
C ALA D 232 41.14 -2.16 -0.28
N LEU D 233 41.79 -2.77 0.72
CA LEU D 233 42.55 -3.99 0.45
C LEU D 233 41.60 -5.13 0.04
N ASN D 234 40.52 -5.31 0.78
CA ASN D 234 39.58 -6.37 0.42
C ASN D 234 38.96 -6.12 -0.94
N TYR D 235 38.56 -4.88 -1.21
CA TYR D 235 38.04 -4.55 -2.53
C TYR D 235 39.14 -4.50 -3.59
N GLY D 236 40.40 -4.64 -3.19
CA GLY D 236 41.45 -4.84 -4.16
C GLY D 236 41.87 -3.61 -4.92
N PHE D 237 41.49 -2.42 -4.45
CA PHE D 237 41.95 -1.21 -5.10
C PHE D 237 43.47 -1.16 -5.09
N SER D 238 44.06 -0.87 -6.25
CA SER D 238 45.50 -0.68 -6.34
C SER D 238 45.76 0.53 -7.22
N GLY D 239 46.37 1.54 -6.64
CA GLY D 239 46.58 2.76 -7.38
C GLY D 239 46.61 3.95 -6.44
N VAL D 240 46.27 5.11 -7.01
CA VAL D 240 46.20 6.36 -6.26
C VAL D 240 45.25 6.21 -5.09
N MET D 241 44.37 5.20 -5.16
CA MET D 241 43.49 4.86 -4.04
C MET D 241 44.33 4.57 -2.80
N LEU D 242 45.06 3.46 -2.83
CA LEU D 242 45.90 3.10 -1.69
C LEU D 242 46.90 4.21 -1.35
N ARG D 243 47.43 4.88 -2.36
CA ARG D 243 48.33 6.01 -2.15
C ARG D 243 47.69 7.03 -1.22
N GLY D 244 46.63 7.68 -1.72
CA GLY D 244 46.00 8.77 -1.01
C GLY D 244 45.31 8.36 0.27
N SER D 245 44.98 7.09 0.43
CA SER D 245 44.41 6.64 1.68
C SER D 245 45.40 5.70 2.32
N GLY D 246 46.13 6.19 3.33
CA GLY D 246 46.94 5.41 4.25
C GLY D 246 47.77 4.36 3.55
N ILE D 247 47.95 3.22 4.24
CA ILE D 247 48.35 1.94 3.68
C ILE D 247 49.49 2.09 2.67
N GLN D 248 50.57 2.75 3.08
CA GLN D 248 51.64 3.09 2.14
C GLN D 248 52.13 1.85 1.41
N TRP D 249 52.04 1.91 0.08
CA TRP D 249 52.39 0.79 -0.78
C TRP D 249 52.75 1.30 -2.16
N ASP D 250 53.70 0.62 -2.80
CA ASP D 250 53.97 0.87 -4.21
C ASP D 250 54.64 -0.36 -4.81
N LEU D 251 54.35 -0.60 -6.09
CA LEU D 251 55.09 -1.62 -6.83
C LEU D 251 56.42 -1.08 -7.33
N ARG D 252 56.45 0.19 -7.72
CA ARG D 252 57.69 0.81 -8.18
C ARG D 252 58.79 0.63 -7.14
N LYS D 253 58.48 0.91 -5.88
CA LYS D 253 59.48 0.80 -4.83
C LYS D 253 59.75 -0.65 -4.45
N THR D 254 58.68 -1.42 -4.20
CA THR D 254 58.84 -2.73 -3.59
C THR D 254 59.34 -3.78 -4.57
N GLN D 255 58.73 -3.86 -5.77
CA GLN D 255 59.10 -4.85 -6.76
C GLN D 255 59.56 -4.16 -8.03
N PRO D 256 60.78 -3.61 -8.03
CA PRO D 256 61.31 -2.99 -9.24
C PRO D 256 61.41 -4.00 -10.36
N TYR D 257 60.81 -3.66 -11.49
CA TYR D 257 60.77 -4.56 -12.63
C TYR D 257 61.80 -4.26 -13.70
N ASP D 258 62.59 -3.20 -13.55
CA ASP D 258 63.60 -2.82 -14.52
C ASP D 258 64.48 -1.75 -13.88
N VAL D 259 65.34 -1.12 -14.67
CA VAL D 259 66.27 -0.13 -14.16
C VAL D 259 65.55 1.02 -13.48
N TYR D 260 64.23 1.08 -13.63
CA TYR D 260 63.41 2.04 -12.91
C TYR D 260 63.66 1.97 -11.41
N ASP D 261 64.26 0.87 -10.94
CA ASP D 261 64.75 0.77 -9.57
C ASP D 261 65.67 1.92 -9.19
N GLN D 262 66.66 2.20 -10.03
CA GLN D 262 67.80 3.01 -9.63
C GLN D 262 67.40 4.44 -9.31
N VAL D 263 66.71 5.11 -10.23
CA VAL D 263 66.51 6.55 -10.11
C VAL D 263 65.80 6.90 -8.80
N GLU D 264 66.15 8.05 -8.24
CA GLU D 264 65.60 8.49 -6.97
C GLU D 264 64.37 9.36 -7.17
N PHE D 265 63.40 9.21 -6.27
CA PHE D 265 62.15 9.95 -6.26
C PHE D 265 61.38 9.47 -5.03
N ASP D 266 60.26 10.12 -4.78
CA ASP D 266 59.47 9.76 -3.60
C ASP D 266 57.98 9.91 -3.89
N VAL D 267 57.21 8.93 -3.42
CA VAL D 267 55.77 8.81 -3.68
C VAL D 267 55.00 9.60 -2.64
N PRO D 268 53.88 10.22 -2.98
CA PRO D 268 53.06 10.86 -1.96
C PRO D 268 52.03 9.91 -1.37
N ILE D 269 51.36 10.39 -0.33
CA ILE D 269 50.35 9.67 0.45
C ILE D 269 49.34 10.72 0.90
N GLY D 270 48.27 10.30 1.57
CA GLY D 270 47.42 11.23 2.28
C GLY D 270 46.73 10.53 3.43
N SER D 271 46.41 11.29 4.46
CA SER D 271 45.82 10.72 5.67
C SER D 271 44.32 10.90 5.78
N ARG D 272 43.67 11.64 4.88
CA ARG D 272 42.24 11.84 5.02
C ARG D 272 41.41 10.85 4.22
N GLY D 273 42.03 10.09 3.32
CA GLY D 273 41.31 9.14 2.49
C GLY D 273 40.12 9.76 1.79
N ASP D 274 40.23 11.06 1.52
CA ASP D 274 39.06 11.91 1.33
C ASP D 274 38.69 12.15 -0.12
N CYS D 275 39.42 11.57 -1.08
CA CYS D 275 39.26 11.84 -2.51
C CYS D 275 39.87 13.18 -2.92
N TYR D 276 40.11 14.05 -1.96
CA TYR D 276 40.93 15.23 -2.22
C TYR D 276 42.41 14.87 -2.14
N ASP D 277 42.75 14.06 -1.14
CA ASP D 277 44.09 13.51 -1.05
C ASP D 277 44.49 12.81 -2.33
N ARG D 278 43.57 12.03 -2.91
CA ARG D 278 43.91 11.29 -4.12
C ARG D 278 44.26 12.23 -5.26
N TYR D 279 43.46 13.29 -5.44
CA TYR D 279 43.82 14.34 -6.37
C TYR D 279 45.24 14.82 -6.14
N LEU D 280 45.51 15.40 -4.97
CA LEU D 280 46.82 15.97 -4.72
C LEU D 280 47.92 14.94 -4.91
N CYS D 281 47.64 13.68 -4.63
CA CYS D 281 48.62 12.63 -4.86
C CYS D 281 48.90 12.46 -6.34
N ARG D 282 47.86 12.51 -7.18
CA ARG D 282 48.10 12.47 -8.62
C ARG D 282 48.99 13.63 -9.04
N VAL D 283 48.69 14.83 -8.55
CA VAL D 283 49.54 15.99 -8.86
C VAL D 283 50.99 15.70 -8.51
N GLU D 284 51.23 15.42 -7.23
CA GLU D 284 52.61 15.21 -6.79
C GLU D 284 53.27 14.07 -7.55
N GLU D 285 52.50 13.09 -8.01
CA GLU D 285 53.08 12.07 -8.88
C GLU D 285 53.46 12.63 -10.24
N MET D 286 52.73 13.64 -10.72
CA MET D 286 53.19 14.32 -11.93
C MET D 286 54.54 14.99 -11.69
N ARG D 287 54.65 15.73 -10.59
CA ARG D 287 55.90 16.41 -10.29
C ARG D 287 57.05 15.42 -10.15
N GLN D 288 56.85 14.39 -9.34
CA GLN D 288 57.87 13.35 -9.20
C GLN D 288 58.20 12.73 -10.56
N SER D 289 57.18 12.57 -11.41
CA SER D 289 57.44 12.11 -12.77
C SER D 289 58.40 13.06 -13.47
N ILE D 290 58.31 14.36 -13.20
CA ILE D 290 59.29 15.27 -13.77
C ILE D 290 60.68 14.95 -13.24
N ARG D 291 60.80 14.68 -11.94
CA ARG D 291 62.11 14.29 -11.42
C ARG D 291 62.66 13.07 -12.16
N ILE D 292 61.85 12.02 -12.28
CA ILE D 292 62.32 10.79 -12.90
C ILE D 292 62.72 11.04 -14.34
N ILE D 293 61.93 11.82 -15.07
CA ILE D 293 62.29 12.16 -16.45
C ILE D 293 63.64 12.85 -16.48
N SER D 294 63.84 13.83 -15.60
CA SER D 294 65.11 14.54 -15.55
C SER D 294 66.28 13.59 -15.37
N GLN D 295 66.29 12.89 -14.22
CA GLN D 295 67.39 11.98 -13.92
C GLN D 295 67.60 10.99 -15.06
N CYS D 296 66.52 10.54 -15.69
CA CYS D 296 66.64 9.64 -16.83
C CYS D 296 67.41 10.30 -17.97
N LEU D 297 67.07 11.55 -18.29
CA LEU D 297 67.82 12.27 -19.30
C LEU D 297 69.29 12.40 -18.93
N ASN D 298 69.59 12.44 -17.63
CA ASN D 298 71.00 12.54 -17.25
C ASN D 298 71.73 11.21 -17.33
N LYS D 299 71.03 10.09 -17.14
CA LYS D 299 71.68 8.80 -16.97
C LYS D 299 71.78 7.96 -18.25
N MET D 300 71.29 8.46 -19.38
CA MET D 300 71.05 7.60 -20.55
C MET D 300 72.34 6.99 -21.09
N PRO D 301 72.51 5.68 -21.01
CA PRO D 301 73.67 5.03 -21.62
C PRO D 301 73.47 4.86 -23.11
N PRO D 302 74.52 4.96 -23.92
CA PRO D 302 74.40 4.73 -25.37
C PRO D 302 74.70 3.29 -25.79
N GLY D 303 74.05 2.32 -25.15
CA GLY D 303 74.36 0.94 -25.48
C GLY D 303 73.86 0.42 -26.82
N GLU D 304 72.53 0.34 -26.97
CA GLU D 304 71.88 -0.29 -28.12
C GLU D 304 70.38 -0.33 -27.87
N ILE D 305 69.62 -0.85 -28.83
CA ILE D 305 68.15 -0.76 -28.73
C ILE D 305 67.58 -2.11 -28.33
N LYS D 306 67.52 -3.02 -29.30
CA LYS D 306 67.05 -4.38 -29.11
C LYS D 306 68.11 -5.22 -28.44
N VAL D 307 67.69 -6.36 -27.89
CA VAL D 307 68.66 -7.32 -27.40
C VAL D 307 69.45 -7.83 -28.59
N ASP D 308 70.62 -8.40 -28.31
CA ASP D 308 71.29 -9.18 -29.33
C ASP D 308 70.98 -10.63 -29.00
N ASP D 309 69.89 -11.13 -29.56
CA ASP D 309 69.66 -12.53 -29.84
C ASP D 309 68.84 -12.52 -31.13
N ALA D 310 69.35 -13.13 -32.19
CA ALA D 310 68.67 -12.91 -33.45
C ALA D 310 67.34 -13.61 -33.54
N LYS D 311 67.12 -14.62 -32.71
CA LYS D 311 65.89 -15.41 -32.84
C LYS D 311 64.75 -14.84 -32.02
N VAL D 312 65.03 -13.95 -31.08
CA VAL D 312 63.96 -13.28 -30.36
C VAL D 312 63.44 -12.06 -31.10
N SER D 313 64.35 -11.25 -31.64
CA SER D 313 63.98 -9.98 -32.25
C SER D 313 64.65 -9.85 -33.60
N PRO D 314 63.99 -9.23 -34.57
CA PRO D 314 64.50 -9.25 -35.93
C PRO D 314 65.79 -8.46 -36.06
N PRO D 315 66.64 -8.80 -37.03
CA PRO D 315 67.84 -8.01 -37.28
C PRO D 315 67.50 -6.74 -38.05
N LYS D 316 68.37 -5.75 -37.91
CA LYS D 316 68.24 -4.56 -38.73
C LYS D 316 68.57 -4.88 -40.18
N ARG D 317 68.07 -4.05 -41.08
CA ARG D 317 68.04 -4.42 -42.49
C ARG D 317 69.45 -4.61 -43.05
N ALA D 318 70.40 -3.80 -42.60
CA ALA D 318 71.76 -3.94 -43.10
C ALA D 318 72.29 -5.34 -42.87
N GLU D 319 72.01 -5.91 -41.70
CA GLU D 319 72.40 -7.29 -41.45
C GLU D 319 71.44 -8.26 -42.14
N MET D 320 70.16 -7.91 -42.19
CA MET D 320 69.17 -8.72 -42.90
C MET D 320 69.66 -9.08 -44.29
N LYS D 321 69.81 -8.07 -45.13
CA LYS D 321 70.43 -8.26 -46.42
C LYS D 321 71.90 -8.63 -46.22
N THR D 322 72.45 -9.30 -47.22
CA THR D 322 73.89 -9.56 -47.32
C THR D 322 74.32 -10.67 -46.37
N SER D 323 73.47 -11.03 -45.40
CA SER D 323 73.82 -12.09 -44.45
C SER D 323 72.66 -13.07 -44.35
N MET D 324 72.98 -14.37 -44.43
CA MET D 324 71.95 -15.38 -44.61
C MET D 324 71.12 -15.58 -43.35
N GLU D 325 71.77 -15.87 -42.23
CA GLU D 325 71.04 -16.23 -41.02
C GLU D 325 70.15 -15.10 -40.55
N SER D 326 70.62 -13.85 -40.70
CA SER D 326 69.76 -12.72 -40.41
C SER D 326 68.51 -12.75 -41.27
N LEU D 327 68.66 -13.09 -42.55
CA LEU D 327 67.49 -13.16 -43.41
C LEU D 327 66.52 -14.23 -42.93
N ILE D 328 67.03 -15.44 -42.68
CA ILE D 328 66.14 -16.51 -42.25
C ILE D 328 65.39 -16.10 -40.99
N HIS D 329 66.11 -15.69 -39.96
CA HIS D 329 65.46 -15.32 -38.71
C HIS D 329 64.48 -14.19 -38.91
N HIS D 330 64.77 -13.29 -39.85
CA HIS D 330 63.78 -12.30 -40.22
C HIS D 330 62.52 -12.98 -40.72
N PHE D 331 62.65 -13.68 -41.84
CA PHE D 331 61.50 -14.26 -42.53
C PHE D 331 60.64 -15.09 -41.58
N LYS D 332 61.25 -16.07 -40.92
CA LYS D 332 60.48 -16.90 -40.01
C LYS D 332 59.97 -16.10 -38.82
N LEU D 333 60.81 -15.24 -38.25
CA LEU D 333 60.41 -14.48 -37.08
C LEU D 333 59.20 -13.59 -37.37
N TYR D 334 58.93 -13.30 -38.63
CA TYR D 334 57.70 -12.62 -39.02
C TYR D 334 56.58 -13.62 -39.34
N THR D 335 56.79 -14.51 -40.30
CA THR D 335 55.77 -15.53 -40.58
C THR D 335 55.33 -16.24 -39.31
N GLU D 336 56.20 -17.09 -38.77
CA GLU D 336 55.83 -17.90 -37.63
C GLU D 336 55.96 -17.15 -36.32
N GLY D 337 57.02 -16.36 -36.17
CA GLY D 337 57.25 -15.70 -34.91
C GLY D 337 58.00 -16.59 -33.95
N TYR D 338 58.74 -15.98 -33.04
CA TYR D 338 59.53 -16.72 -32.07
C TYR D 338 58.64 -17.59 -31.20
N GLN D 339 59.14 -18.77 -30.84
CA GLN D 339 58.41 -19.68 -29.99
C GLN D 339 58.77 -19.42 -28.53
N VAL D 340 57.76 -19.41 -27.67
CA VAL D 340 57.91 -19.13 -26.25
C VAL D 340 57.70 -20.41 -25.47
N PRO D 341 58.59 -20.79 -24.58
CA PRO D 341 58.43 -22.02 -23.82
C PRO D 341 57.19 -21.95 -22.94
N PRO D 342 56.60 -23.10 -22.61
CA PRO D 342 55.38 -23.07 -21.82
C PRO D 342 55.63 -22.62 -20.39
N GLY D 343 54.66 -21.92 -19.84
CA GLY D 343 54.67 -21.48 -18.47
C GLY D 343 53.54 -20.54 -18.18
N ALA D 344 53.23 -20.34 -16.91
CA ALA D 344 52.20 -19.41 -16.49
C ALA D 344 52.85 -18.28 -15.71
N THR D 345 52.64 -17.06 -16.16
CA THR D 345 53.23 -15.91 -15.49
C THR D 345 52.16 -14.90 -15.17
N TYR D 346 52.39 -14.17 -14.09
CA TYR D 346 51.61 -12.99 -13.77
C TYR D 346 52.60 -11.86 -13.51
N THR D 347 52.62 -10.88 -14.40
CA THR D 347 53.44 -9.71 -14.20
C THR D 347 52.55 -8.53 -13.84
N ALA D 348 53.09 -7.64 -13.03
CA ALA D 348 52.35 -6.48 -12.60
C ALA D 348 53.28 -5.28 -12.60
N ILE D 349 52.79 -4.18 -13.14
CA ILE D 349 53.57 -2.95 -13.17
C ILE D 349 52.75 -1.87 -12.51
N GLU D 350 53.33 -0.67 -12.40
CA GLU D 350 52.59 0.48 -11.91
C GLU D 350 52.19 1.30 -13.13
N ALA D 351 50.91 1.32 -13.41
CA ALA D 351 50.38 2.10 -14.49
C ALA D 351 49.56 3.24 -13.92
N PRO D 352 49.46 4.36 -14.63
CA PRO D 352 48.94 5.59 -14.01
C PRO D 352 47.55 5.43 -13.41
N LYS D 353 46.82 4.38 -13.80
CA LYS D 353 45.56 4.04 -13.17
C LYS D 353 45.73 3.06 -12.02
N GLY D 354 46.96 2.77 -11.64
CA GLY D 354 47.25 1.78 -10.62
C GLY D 354 47.80 0.50 -11.21
N GLU D 355 47.85 -0.52 -10.35
CA GLU D 355 48.52 -1.76 -10.72
C GLU D 355 47.85 -2.39 -11.92
N PHE D 356 48.63 -2.63 -12.97
CA PHE D 356 48.16 -3.23 -14.20
C PHE D 356 48.98 -4.50 -14.45
N GLY D 357 48.34 -5.50 -15.03
CA GLY D 357 49.07 -6.74 -15.25
C GLY D 357 48.36 -7.65 -16.23
N VAL D 358 49.15 -8.53 -16.84
CA VAL D 358 48.66 -9.54 -17.74
C VAL D 358 49.10 -10.90 -17.23
N TYR D 359 48.21 -11.87 -17.28
CA TYR D 359 48.51 -13.24 -16.91
C TYR D 359 48.63 -14.03 -18.19
N LEU D 360 49.87 -14.37 -18.57
CA LEU D 360 50.10 -15.09 -19.83
C LEU D 360 50.09 -16.59 -19.57
N VAL D 361 49.48 -17.32 -20.49
CA VAL D 361 49.49 -18.77 -20.49
C VAL D 361 49.95 -19.19 -21.86
N SER D 362 51.09 -19.88 -21.91
CA SER D 362 51.71 -20.24 -23.18
C SER D 362 51.80 -21.75 -23.28
N ASP D 363 51.07 -22.34 -24.21
CA ASP D 363 51.50 -23.61 -24.76
C ASP D 363 52.83 -23.41 -25.45
N GLY D 364 53.70 -24.41 -25.40
CA GLY D 364 54.94 -24.22 -26.13
C GLY D 364 54.58 -24.09 -27.58
N SER D 365 54.81 -22.90 -28.12
CA SER D 365 54.20 -22.55 -29.40
C SER D 365 54.69 -21.20 -29.89
N SER D 366 54.12 -20.75 -31.01
CA SER D 366 54.26 -19.36 -31.41
C SER D 366 53.21 -18.50 -30.73
N ARG D 367 51.93 -18.79 -30.99
CA ARG D 367 50.83 -18.01 -30.42
C ARG D 367 50.84 -18.09 -28.90
N PRO D 368 50.19 -17.12 -28.23
CA PRO D 368 49.81 -17.33 -26.83
C PRO D 368 48.66 -18.29 -26.75
N TYR D 369 48.06 -18.41 -25.58
CA TYR D 369 46.95 -19.30 -25.41
C TYR D 369 45.79 -18.58 -24.74
N ARG D 370 45.99 -18.25 -23.46
CA ARG D 370 45.00 -17.53 -22.67
C ARG D 370 45.71 -16.46 -21.89
N CYS D 371 45.36 -15.20 -22.14
CA CYS D 371 45.94 -14.10 -21.37
C CYS D 371 44.83 -13.16 -20.95
N LYS D 372 44.60 -13.05 -19.65
CA LYS D 372 43.63 -12.09 -19.11
C LYS D 372 44.38 -10.91 -18.53
N ILE D 373 44.14 -9.74 -19.10
CA ILE D 373 44.65 -8.51 -18.52
C ILE D 373 43.90 -8.20 -17.23
N LYS D 374 44.51 -7.38 -16.40
CA LYS D 374 43.86 -6.88 -15.20
C LYS D 374 43.66 -5.38 -15.36
N ALA D 375 42.41 -4.95 -15.37
CA ALA D 375 42.11 -3.54 -15.49
C ALA D 375 41.91 -2.95 -14.11
N PRO D 376 42.72 -1.98 -13.70
CA PRO D 376 42.45 -1.31 -12.41
C PRO D 376 41.06 -0.72 -12.36
N GLY D 377 40.59 -0.19 -13.49
CA GLY D 377 39.22 0.29 -13.54
C GLY D 377 38.20 -0.79 -13.29
N PHE D 378 38.54 -2.04 -13.61
CA PHE D 378 37.58 -3.12 -13.38
C PHE D 378 37.44 -3.40 -11.89
N ALA D 379 38.50 -3.18 -11.12
CA ALA D 379 38.39 -3.25 -9.67
C ALA D 379 37.74 -1.99 -9.11
N HIS D 380 38.39 -0.85 -9.31
CA HIS D 380 37.91 0.41 -8.76
C HIS D 380 36.43 0.64 -9.05
N LEU D 381 36.00 0.24 -10.24
CA LEU D 381 34.60 0.44 -10.61
C LEU D 381 33.68 -0.39 -9.73
N ALA D 382 34.10 -1.60 -9.39
CA ALA D 382 33.28 -2.44 -8.51
C ALA D 382 33.12 -1.85 -7.12
N GLY D 383 33.86 -0.80 -6.80
CA GLY D 383 33.76 -0.19 -5.49
C GLY D 383 32.73 0.91 -5.34
N LEU D 384 32.16 1.38 -6.46
CA LEU D 384 31.16 2.45 -6.37
C LEU D 384 30.02 2.08 -5.46
N ASP D 385 29.71 0.78 -5.35
CA ASP D 385 28.64 0.33 -4.48
C ASP D 385 28.83 0.86 -3.06
N LYS D 386 30.01 0.64 -2.49
CA LYS D 386 30.25 1.13 -1.14
C LYS D 386 30.64 2.60 -1.13
N MET D 387 31.50 3.01 -2.07
CA MET D 387 32.03 4.37 -2.00
C MET D 387 30.93 5.42 -2.15
N SER D 388 29.99 5.18 -3.05
CA SER D 388 28.94 6.15 -3.34
C SER D 388 27.76 6.03 -2.39
N LYS D 389 27.84 5.13 -1.41
CA LYS D 389 26.70 4.86 -0.54
C LYS D 389 26.28 6.09 0.27
N GLY D 390 27.21 7.01 0.51
CA GLY D 390 26.97 8.11 1.43
C GLY D 390 26.82 9.49 0.84
N HIS D 391 26.62 9.63 -0.47
CA HIS D 391 26.56 10.95 -1.06
C HIS D 391 25.60 10.93 -2.25
N MET D 392 24.91 12.04 -2.45
CA MET D 392 23.91 12.10 -3.52
C MET D 392 24.56 12.21 -4.90
N LEU D 393 23.75 11.91 -5.92
CA LEU D 393 24.26 11.59 -7.25
C LEU D 393 25.10 12.71 -7.84
N ALA D 394 24.69 13.96 -7.59
CA ALA D 394 25.41 15.10 -8.15
C ALA D 394 26.89 15.02 -7.84
N ASP D 395 27.24 14.43 -6.70
CA ASP D 395 28.63 14.10 -6.41
C ASP D 395 28.97 12.65 -6.69
N VAL D 396 28.00 11.80 -7.07
CA VAL D 396 28.39 10.51 -7.62
C VAL D 396 29.13 10.73 -8.93
N VAL D 397 28.82 11.82 -9.63
CA VAL D 397 29.67 12.26 -10.75
C VAL D 397 31.13 12.25 -10.32
N ALA D 398 31.47 13.07 -9.32
CA ALA D 398 32.85 13.16 -8.88
C ALA D 398 33.34 11.84 -8.31
N ILE D 399 32.46 11.01 -7.76
CA ILE D 399 32.89 9.73 -7.23
C ILE D 399 33.40 8.83 -8.34
N ILE D 400 32.68 8.80 -9.47
CA ILE D 400 33.15 8.02 -10.60
C ILE D 400 34.42 8.64 -11.17
N GLY D 401 34.36 9.93 -11.48
CA GLY D 401 35.48 10.56 -12.16
C GLY D 401 36.76 10.62 -11.36
N THR D 402 36.68 10.55 -10.03
CA THR D 402 37.86 10.82 -9.22
C THR D 402 38.87 9.68 -9.32
N GLN D 403 38.42 8.44 -9.20
CA GLN D 403 39.30 7.31 -9.41
C GLN D 403 39.51 7.15 -10.91
N ASP D 404 40.77 7.22 -11.34
CA ASP D 404 41.06 7.22 -12.76
C ASP D 404 40.52 5.94 -13.39
N ILE D 405 39.67 6.09 -14.40
CA ILE D 405 38.97 4.96 -14.98
C ILE D 405 38.75 5.22 -16.46
N VAL D 406 38.90 4.18 -17.26
CA VAL D 406 38.60 4.21 -18.68
C VAL D 406 37.78 2.98 -19.00
N PHE D 407 36.55 3.20 -19.47
CA PHE D 407 35.66 2.08 -19.73
C PHE D 407 36.09 1.29 -20.96
N GLY D 408 37.09 1.77 -21.70
CA GLY D 408 37.74 0.93 -22.67
C GLY D 408 38.69 -0.07 -22.03
N GLU D 409 39.30 0.28 -20.91
CA GLU D 409 40.17 -0.65 -20.21
C GLU D 409 39.39 -1.62 -19.34
N VAL D 410 38.36 -1.11 -18.63
CA VAL D 410 37.58 -1.96 -17.73
C VAL D 410 37.07 -3.18 -18.48
N ASP D 411 36.23 -2.95 -19.48
CA ASP D 411 35.89 -4.01 -20.40
C ASP D 411 37.11 -4.38 -21.23
N ARG D 412 37.06 -5.57 -21.82
CA ARG D 412 38.26 -6.09 -22.45
C ARG D 412 38.00 -7.29 -23.35
N THR E 7 76.18 -16.82 -20.54
CA THR E 7 74.81 -16.56 -20.13
C THR E 7 74.68 -15.18 -19.50
N ARG E 8 75.81 -14.50 -19.31
CA ARG E 8 75.78 -13.22 -18.60
C ARG E 8 74.98 -12.15 -19.33
N PRO E 9 75.30 -11.78 -20.57
CA PRO E 9 74.44 -10.84 -21.29
C PRO E 9 73.18 -11.51 -21.81
N THR E 10 72.22 -10.67 -22.18
CA THR E 10 71.04 -11.05 -22.95
C THR E 10 70.09 -11.99 -22.21
N VAL E 11 70.47 -12.44 -21.02
CA VAL E 11 69.68 -13.39 -20.25
C VAL E 11 69.28 -12.73 -18.94
N ARG E 12 68.07 -12.99 -18.49
CA ARG E 12 67.68 -12.51 -17.17
C ARG E 12 68.49 -13.22 -16.11
N PRO E 13 69.20 -12.49 -15.24
CA PRO E 13 69.83 -13.15 -14.09
C PRO E 13 68.76 -13.66 -13.14
N ARG E 14 68.88 -14.92 -12.74
CA ARG E 14 67.93 -15.56 -11.87
C ARG E 14 68.48 -15.64 -10.45
N ASN E 15 67.62 -15.47 -9.47
CA ASN E 15 68.03 -15.51 -8.07
C ASN E 15 67.55 -16.79 -7.42
N ASP E 16 68.43 -17.42 -6.65
CA ASP E 16 68.06 -18.60 -5.88
C ASP E 16 67.55 -18.26 -4.50
N VAL E 17 67.72 -17.01 -4.05
CA VAL E 17 67.22 -16.61 -2.74
C VAL E 17 65.70 -16.72 -2.71
N ALA E 18 65.04 -16.01 -3.62
CA ALA E 18 63.58 -16.07 -3.70
C ALA E 18 63.11 -17.48 -4.00
N HIS E 19 63.90 -18.24 -4.74
CA HIS E 19 63.53 -19.61 -5.05
C HIS E 19 63.46 -20.45 -3.79
N LYS E 20 64.55 -20.47 -3.01
CA LYS E 20 64.55 -21.25 -1.78
C LYS E 20 63.49 -20.76 -0.81
N GLN E 21 63.37 -19.44 -0.66
CA GLN E 21 62.36 -18.90 0.24
C GLN E 21 60.97 -19.39 -0.13
N LEU E 22 60.57 -19.15 -1.38
CA LEU E 22 59.22 -19.51 -1.79
C LEU E 22 58.98 -21.01 -1.70
N SER E 23 60.00 -21.81 -2.04
CA SER E 23 59.87 -23.24 -1.84
C SER E 23 59.60 -23.57 -0.38
N ALA E 24 60.33 -22.94 0.52
CA ALA E 24 60.10 -23.16 1.95
C ALA E 24 58.69 -22.78 2.33
N PHE E 25 58.19 -21.67 1.81
CA PHE E 25 56.87 -21.21 2.23
C PHE E 25 55.77 -22.11 1.70
N GLY E 26 55.85 -22.48 0.42
CA GLY E 26 54.86 -23.40 -0.12
C GLY E 26 54.87 -24.73 0.62
N GLU E 27 56.06 -25.29 0.81
CA GLU E 27 56.21 -26.50 1.63
C GLU E 27 55.51 -26.34 2.96
N TYR E 28 55.71 -25.19 3.60
CA TYR E 28 55.05 -24.89 4.87
C TYR E 28 53.53 -24.99 4.73
N VAL E 29 52.98 -24.33 3.72
CA VAL E 29 51.54 -24.38 3.50
C VAL E 29 51.08 -25.83 3.35
N ALA E 30 51.88 -26.64 2.66
CA ALA E 30 51.53 -28.04 2.49
C ALA E 30 51.52 -28.77 3.82
N GLU E 31 52.45 -28.44 4.71
CA GLU E 31 52.46 -29.10 6.02
C GLU E 31 51.23 -28.72 6.83
N ILE E 32 50.84 -27.45 6.79
CA ILE E 32 49.77 -27.01 7.67
C ILE E 32 48.39 -27.34 7.13
N LEU E 33 48.24 -27.50 5.82
CA LEU E 33 46.93 -27.80 5.23
C LEU E 33 46.99 -29.08 4.40
N PRO E 34 47.09 -30.24 5.05
CA PRO E 34 47.13 -31.50 4.28
C PRO E 34 45.81 -31.82 3.60
N LYS E 35 44.71 -31.26 4.07
CA LYS E 35 43.41 -31.63 3.51
C LYS E 35 43.30 -31.23 2.06
N TYR E 36 43.44 -29.94 1.77
CA TYR E 36 43.14 -29.42 0.46
C TYR E 36 44.31 -29.35 -0.49
N VAL E 37 45.54 -29.49 -0.02
CA VAL E 37 46.70 -29.21 -0.84
C VAL E 37 47.04 -30.43 -1.68
N GLN E 38 47.26 -30.20 -2.97
CA GLN E 38 47.61 -31.27 -3.90
C GLN E 38 49.03 -31.13 -4.43
N GLN E 39 49.34 -30.04 -5.13
CA GLN E 39 50.66 -29.88 -5.73
C GLN E 39 51.15 -28.46 -5.53
N VAL E 40 52.35 -28.31 -4.98
CA VAL E 40 52.95 -27.03 -4.66
C VAL E 40 54.25 -26.90 -5.43
N GLN E 41 54.29 -26.02 -6.42
CA GLN E 41 55.44 -25.91 -7.30
C GLN E 41 55.91 -24.48 -7.39
N VAL E 42 57.15 -24.32 -7.84
CA VAL E 42 57.79 -23.02 -7.96
C VAL E 42 58.26 -22.84 -9.39
N SER E 43 57.75 -21.82 -10.06
CA SER E 43 58.24 -21.50 -11.39
C SER E 43 59.71 -21.11 -11.31
N CYS E 44 60.49 -21.55 -12.31
CA CYS E 44 61.92 -21.30 -12.28
C CYS E 44 62.25 -19.81 -12.40
N PHE E 45 61.29 -18.98 -12.78
CA PHE E 45 61.41 -17.54 -12.65
C PHE E 45 60.92 -17.04 -11.30
N SER E 46 60.66 -17.95 -10.36
CA SER E 46 60.29 -17.66 -8.98
C SER E 46 58.95 -16.96 -8.84
N GLU E 47 57.87 -17.70 -9.12
CA GLU E 47 56.54 -17.36 -8.65
C GLU E 47 55.89 -18.61 -8.09
N LEU E 48 55.61 -18.61 -6.79
CA LEU E 48 55.03 -19.78 -6.15
C LEU E 48 53.61 -19.99 -6.64
N GLU E 49 53.26 -21.24 -6.92
CA GLU E 49 51.93 -21.56 -7.44
C GLU E 49 51.43 -22.81 -6.76
N ILE E 50 50.25 -22.72 -6.14
CA ILE E 50 49.70 -23.79 -5.32
C ILE E 50 48.46 -24.34 -6.00
N CYS E 51 48.35 -25.66 -6.06
CA CYS E 51 47.17 -26.31 -6.59
C CYS E 51 46.28 -26.75 -5.43
N ILE E 52 44.98 -26.54 -5.57
CA ILE E 52 44.02 -26.78 -4.49
C ILE E 52 42.82 -27.55 -5.01
N HIS E 53 42.41 -28.56 -4.26
CA HIS E 53 41.20 -29.28 -4.57
C HIS E 53 40.01 -28.33 -4.57
N PRO E 54 39.03 -28.53 -5.44
CA PRO E 54 37.92 -27.56 -5.54
C PRO E 54 36.94 -27.65 -4.39
N ASP E 55 37.46 -27.64 -3.17
CA ASP E 55 36.62 -27.56 -1.99
C ASP E 55 37.11 -26.43 -1.11
N GLY E 56 38.36 -26.55 -0.68
CA GLY E 56 38.90 -25.68 0.34
C GLY E 56 39.19 -24.26 -0.10
N VAL E 57 38.69 -23.87 -1.28
CA VAL E 57 38.88 -22.50 -1.74
C VAL E 57 38.53 -21.52 -0.64
N ILE E 58 37.36 -21.69 -0.02
CA ILE E 58 37.00 -20.85 1.11
C ILE E 58 37.96 -21.06 2.28
N PRO E 59 38.19 -22.28 2.77
CA PRO E 59 39.18 -22.42 3.86
C PRO E 59 40.57 -21.96 3.47
N VAL E 60 41.07 -22.36 2.31
CA VAL E 60 42.44 -22.01 1.95
C VAL E 60 42.60 -20.51 1.88
N LEU E 61 41.63 -19.81 1.28
CA LEU E 61 41.80 -18.36 1.14
C LEU E 61 41.56 -17.65 2.47
N THR E 62 40.61 -18.13 3.29
CA THR E 62 40.51 -17.61 4.64
C THR E 62 41.85 -17.70 5.35
N PHE E 63 42.56 -18.82 5.14
CA PHE E 63 43.90 -18.94 5.71
C PHE E 63 44.82 -17.88 5.13
N LEU E 64 44.99 -17.90 3.80
CA LEU E 64 45.99 -17.05 3.18
C LEU E 64 45.73 -15.56 3.39
N ARG E 65 44.53 -15.18 3.82
CA ARG E 65 44.30 -13.79 4.21
C ARG E 65 44.80 -13.51 5.63
N ASP E 66 44.94 -14.55 6.43
CA ASP E 66 45.31 -14.43 7.85
C ASP E 66 46.52 -15.33 8.07
N HIS E 67 46.80 -15.65 9.33
CA HIS E 67 47.87 -16.50 9.85
C HIS E 67 49.14 -15.71 10.20
N SER E 68 49.21 -14.43 9.85
CA SER E 68 50.18 -13.51 10.44
C SER E 68 51.62 -13.86 10.09
N ASN E 69 51.86 -15.07 9.59
CA ASN E 69 53.09 -15.38 8.90
C ASN E 69 52.92 -15.26 7.40
N ALA E 70 51.69 -14.98 6.96
CA ALA E 70 51.35 -14.60 5.61
C ALA E 70 50.11 -13.73 5.68
N GLN E 71 50.02 -12.76 4.76
CA GLN E 71 48.91 -11.82 4.79
C GLN E 71 48.09 -11.86 3.53
N PHE E 72 48.67 -11.50 2.38
CA PHE E 72 47.96 -11.53 1.11
C PHE E 72 46.64 -10.78 1.20
N LYS E 73 46.72 -9.59 1.79
CA LYS E 73 45.52 -8.79 2.02
C LYS E 73 44.80 -8.46 0.72
N SER E 74 45.52 -8.41 -0.39
CA SER E 74 44.97 -7.95 -1.66
C SER E 74 44.84 -9.11 -2.63
N LEU E 75 43.67 -9.24 -3.23
CA LEU E 75 43.47 -10.16 -4.34
C LEU E 75 43.90 -9.48 -5.63
N ALA E 76 44.85 -10.09 -6.34
CA ALA E 76 45.35 -9.46 -7.55
C ALA E 76 44.33 -9.57 -8.67
N ASP E 77 44.13 -10.78 -9.18
CA ASP E 77 43.14 -10.99 -10.23
C ASP E 77 42.61 -12.41 -10.15
N LEU E 78 41.33 -12.55 -10.50
CA LEU E 78 40.69 -13.85 -10.58
C LEU E 78 40.34 -14.15 -12.03
N THR E 79 40.61 -15.37 -12.46
CA THR E 79 40.50 -15.71 -13.87
C THR E 79 40.26 -17.20 -14.01
N ALA E 80 40.23 -17.66 -15.26
CA ALA E 80 40.15 -19.07 -15.54
C ALA E 80 40.66 -19.34 -16.95
N VAL E 81 41.03 -20.59 -17.18
CA VAL E 81 41.55 -21.03 -18.47
C VAL E 81 40.75 -22.24 -18.91
N ASP E 82 40.26 -22.21 -20.15
CA ASP E 82 39.41 -23.29 -20.65
C ASP E 82 40.29 -24.32 -21.36
N ILE E 83 40.45 -25.47 -20.73
CA ILE E 83 41.29 -26.51 -21.33
C ILE E 83 40.43 -27.73 -21.61
N PRO E 84 40.13 -28.03 -22.86
CA PRO E 84 39.58 -29.36 -23.16
C PRO E 84 40.64 -30.42 -22.92
N THR E 85 40.36 -31.67 -23.30
CA THR E 85 41.29 -32.78 -23.13
C THR E 85 41.32 -33.23 -21.67
N ARG E 86 40.83 -32.39 -20.76
CA ARG E 86 40.86 -32.72 -19.35
C ARG E 86 39.50 -33.19 -18.88
N GLN E 87 39.51 -34.12 -17.92
CA GLN E 87 38.26 -34.56 -17.32
C GLN E 87 37.55 -33.42 -16.64
N ASN E 88 38.27 -32.35 -16.28
CA ASN E 88 37.66 -31.12 -15.81
C ASN E 88 38.17 -29.99 -16.70
N ARG E 89 37.24 -29.29 -17.35
CA ARG E 89 37.61 -28.38 -18.43
C ARG E 89 38.43 -27.20 -17.94
N PHE E 90 38.15 -26.69 -16.75
CA PHE E 90 38.54 -25.34 -16.39
C PHE E 90 39.49 -25.34 -15.21
N GLU E 91 40.40 -24.38 -15.19
CA GLU E 91 41.22 -24.09 -14.02
C GLU E 91 40.83 -22.73 -13.50
N ILE E 92 40.14 -22.70 -12.37
CA ILE E 92 39.89 -21.43 -11.69
C ILE E 92 41.18 -21.03 -11.00
N VAL E 93 41.72 -19.87 -11.37
CA VAL E 93 43.04 -19.46 -10.92
C VAL E 93 42.89 -18.25 -10.02
N TYR E 94 43.12 -18.45 -8.72
CA TYR E 94 43.18 -17.37 -7.76
C TYR E 94 44.62 -16.88 -7.67
N ASN E 95 44.81 -15.58 -7.89
CA ASN E 95 46.13 -14.98 -7.93
C ASN E 95 46.17 -13.87 -6.89
N LEU E 96 47.03 -14.03 -5.89
CA LEU E 96 46.99 -13.21 -4.69
C LEU E 96 48.23 -12.35 -4.58
N LEU E 97 48.09 -11.24 -3.86
CA LEU E 97 49.16 -10.29 -3.62
C LEU E 97 49.42 -10.18 -2.13
N SER E 98 50.63 -10.51 -1.70
CA SER E 98 51.02 -10.33 -0.31
C SER E 98 51.47 -8.89 -0.09
N LEU E 99 50.79 -8.19 0.80
CA LEU E 99 51.08 -6.78 1.02
C LEU E 99 52.32 -6.60 1.89
N ARG E 100 52.48 -7.44 2.92
CA ARG E 100 53.53 -7.21 3.91
C ARG E 100 54.88 -7.71 3.43
N PHE E 101 54.92 -8.81 2.71
CA PHE E 101 56.18 -9.50 2.47
C PHE E 101 56.78 -9.27 1.10
N ASN E 102 56.12 -8.53 0.20
CA ASN E 102 56.54 -8.43 -1.20
C ASN E 102 56.62 -9.82 -1.83
N SER E 103 55.45 -10.42 -2.04
CA SER E 103 55.40 -11.69 -2.74
C SER E 103 54.02 -11.87 -3.34
N ARG E 104 53.96 -12.71 -4.36
CA ARG E 104 52.70 -13.14 -4.96
C ARG E 104 52.73 -14.65 -5.11
N ILE E 105 51.62 -15.30 -4.81
CA ILE E 105 51.48 -16.73 -5.05
C ILE E 105 50.15 -16.96 -5.73
N ARG E 106 50.07 -18.05 -6.50
CA ARG E 106 48.86 -18.39 -7.23
C ARG E 106 48.20 -19.59 -6.60
N VAL E 107 46.87 -19.63 -6.68
CA VAL E 107 46.08 -20.76 -6.21
C VAL E 107 45.26 -21.26 -7.40
N LYS E 108 45.53 -22.48 -7.84
CA LYS E 108 44.80 -23.09 -8.94
C LYS E 108 43.79 -24.09 -8.37
N THR E 109 42.56 -24.02 -8.86
CA THR E 109 41.54 -25.00 -8.57
C THR E 109 40.83 -25.35 -9.87
N TYR E 110 40.07 -26.43 -9.86
CA TYR E 110 39.47 -26.91 -11.08
C TYR E 110 38.00 -27.22 -10.88
N THR E 111 37.28 -27.27 -12.00
CA THR E 111 35.90 -27.72 -12.01
C THR E 111 35.55 -28.14 -13.43
N ASP E 112 34.51 -28.93 -13.55
CA ASP E 112 33.92 -29.15 -14.86
C ASP E 112 32.81 -28.12 -15.03
N GLU E 113 31.97 -28.30 -16.04
CA GLU E 113 30.90 -27.35 -16.29
C GLU E 113 29.87 -27.36 -15.17
N LEU E 114 29.46 -28.54 -14.74
CA LEU E 114 28.34 -28.63 -13.81
C LEU E 114 28.77 -28.38 -12.36
N THR E 115 29.94 -28.85 -11.97
CA THR E 115 30.36 -28.71 -10.57
C THR E 115 30.63 -27.24 -10.26
N PRO E 116 29.94 -26.64 -9.30
CA PRO E 116 30.20 -25.24 -8.97
C PRO E 116 31.45 -25.05 -8.13
N VAL E 117 31.89 -23.80 -8.10
CA VAL E 117 32.85 -23.36 -7.10
C VAL E 117 32.12 -22.37 -6.18
N GLU E 118 32.38 -22.45 -4.88
CA GLU E 118 31.47 -21.85 -3.91
C GLU E 118 32.01 -20.51 -3.42
N SER E 119 31.38 -19.43 -3.87
CA SER E 119 31.36 -18.12 -3.23
C SER E 119 32.68 -17.69 -2.61
N SER E 120 33.67 -17.38 -3.44
CA SER E 120 34.88 -16.78 -2.88
C SER E 120 34.65 -15.39 -2.33
N VAL E 121 33.46 -14.81 -2.49
CA VAL E 121 33.21 -13.43 -2.05
C VAL E 121 33.53 -13.26 -0.58
N SER E 122 33.13 -14.22 0.25
CA SER E 122 33.13 -14.03 1.69
C SER E 122 34.51 -13.71 2.26
N VAL E 123 35.57 -13.91 1.49
CA VAL E 123 36.88 -13.46 1.93
C VAL E 123 37.18 -12.10 1.31
N TYR E 124 37.23 -12.02 -0.01
CA TYR E 124 37.65 -10.84 -0.73
C TYR E 124 36.45 -10.21 -1.42
N LYS E 125 36.18 -8.95 -1.10
CA LYS E 125 35.14 -8.22 -1.82
C LYS E 125 35.50 -8.07 -3.29
N ALA E 126 36.79 -7.89 -3.59
CA ALA E 126 37.21 -7.72 -4.97
C ALA E 126 36.80 -8.88 -5.86
N ALA E 127 36.56 -10.05 -5.27
CA ALA E 127 36.11 -11.20 -6.04
C ALA E 127 34.70 -11.02 -6.59
N ASN E 128 34.01 -9.94 -6.22
CA ASN E 128 32.60 -9.80 -6.55
C ASN E 128 32.38 -9.85 -8.06
N TRP E 129 33.01 -8.92 -8.79
CA TRP E 129 32.75 -8.87 -10.22
C TRP E 129 33.55 -9.92 -10.99
N TYR E 130 34.79 -10.20 -10.58
CA TYR E 130 35.55 -11.24 -11.26
C TYR E 130 34.75 -12.53 -11.39
N GLU E 131 34.03 -12.89 -10.33
CA GLU E 131 33.22 -14.10 -10.39
C GLU E 131 32.09 -13.98 -11.41
N ARG E 132 31.40 -12.84 -11.42
CA ARG E 132 30.32 -12.67 -12.38
C ARG E 132 30.86 -12.74 -13.81
N GLU E 133 31.89 -11.95 -14.09
CA GLU E 133 32.54 -11.98 -15.39
C GLU E 133 32.91 -13.40 -15.79
N ILE E 134 33.40 -14.20 -14.84
CA ILE E 134 33.68 -15.60 -15.15
C ILE E 134 32.40 -16.33 -15.55
N TRP E 135 31.34 -16.16 -14.77
CA TRP E 135 30.07 -16.80 -15.11
C TRP E 135 29.63 -16.46 -16.51
N ASP E 136 29.56 -15.17 -16.84
CA ASP E 136 29.05 -14.77 -18.14
C ASP E 136 29.97 -15.24 -19.25
N MET E 137 31.29 -15.06 -19.10
CA MET E 137 32.18 -15.33 -20.21
C MET E 137 32.56 -16.81 -20.31
N PHE E 138 32.42 -17.55 -19.22
CA PHE E 138 32.69 -19.00 -19.20
C PHE E 138 31.43 -19.80 -18.92
N GLY E 139 30.77 -19.57 -17.79
CA GLY E 139 29.68 -20.42 -17.35
C GLY E 139 30.00 -21.33 -16.20
N VAL E 140 31.09 -21.08 -15.48
CA VAL E 140 31.28 -21.76 -14.21
C VAL E 140 30.30 -21.15 -13.22
N PHE E 141 29.42 -21.97 -12.68
CA PHE E 141 28.45 -21.45 -11.73
C PHE E 141 29.08 -21.28 -10.37
N PHE E 142 28.63 -20.29 -9.64
CA PHE E 142 29.16 -19.98 -8.31
C PHE E 142 28.04 -20.08 -7.28
N ALA E 143 28.19 -21.01 -6.35
CA ALA E 143 27.16 -21.28 -5.36
C ALA E 143 26.93 -20.05 -4.50
N ASN E 144 25.65 -19.70 -4.33
CA ASN E 144 25.18 -18.63 -3.46
C ASN E 144 26.01 -17.36 -3.57
N HIS E 145 26.38 -16.99 -4.79
CA HIS E 145 26.88 -15.65 -5.03
C HIS E 145 25.79 -14.65 -4.68
N PRO E 146 26.13 -13.49 -4.11
CA PRO E 146 25.09 -12.50 -3.81
C PRO E 146 24.31 -12.07 -5.05
N ASP E 147 24.91 -12.13 -6.22
CA ASP E 147 24.22 -11.77 -7.45
C ASP E 147 24.87 -12.49 -8.63
N LEU E 148 24.08 -12.75 -9.66
CA LEU E 148 24.60 -13.27 -10.91
C LEU E 148 23.89 -12.57 -12.06
N ARG E 149 24.69 -11.96 -12.94
CA ARG E 149 24.17 -11.19 -14.06
C ARG E 149 25.15 -11.34 -15.21
N ARG E 150 24.95 -10.55 -16.25
CA ARG E 150 25.82 -10.57 -17.42
C ARG E 150 26.75 -9.37 -17.39
N ILE E 151 28.04 -9.63 -17.49
CA ILE E 151 29.05 -8.61 -17.67
C ILE E 151 29.82 -8.93 -18.93
N LEU E 152 29.98 -7.94 -19.80
CA LEU E 152 30.78 -7.93 -21.01
C LEU E 152 30.05 -8.47 -22.23
N THR E 153 28.83 -8.99 -22.07
CA THR E 153 28.07 -9.51 -23.21
C THR E 153 26.68 -8.90 -23.21
N ASP E 154 26.01 -9.06 -24.35
CA ASP E 154 24.66 -8.54 -24.53
C ASP E 154 23.68 -9.24 -23.58
N TYR E 155 22.58 -8.55 -23.31
CA TYR E 155 21.56 -9.09 -22.42
C TYR E 155 20.96 -10.37 -22.98
N GLY E 156 20.39 -10.29 -24.18
CA GLY E 156 19.85 -11.48 -24.79
C GLY E 156 20.89 -12.45 -25.31
N PHE E 157 22.16 -12.10 -25.21
CA PHE E 157 23.22 -12.93 -25.77
C PHE E 157 23.30 -14.25 -25.00
N GLU E 158 23.91 -15.25 -25.64
CA GLU E 158 23.96 -16.57 -25.06
C GLU E 158 25.20 -17.29 -25.57
N GLY E 159 25.66 -18.27 -24.78
CA GLY E 159 26.67 -19.21 -25.21
C GLY E 159 28.04 -19.09 -24.60
N HIS E 160 28.29 -18.14 -23.69
CA HIS E 160 29.53 -18.14 -22.92
C HIS E 160 30.76 -18.07 -23.82
N PRO E 161 31.07 -16.91 -24.38
CA PRO E 161 31.94 -16.87 -25.57
C PRO E 161 33.36 -17.42 -25.40
N PHE E 162 34.08 -17.06 -24.33
CA PHE E 162 35.51 -17.35 -24.34
C PHE E 162 35.83 -18.83 -24.49
N ARG E 163 34.94 -19.72 -24.05
CA ARG E 163 35.26 -21.13 -24.12
C ARG E 163 35.41 -21.58 -25.57
N LYS E 164 36.41 -22.43 -25.81
CA LYS E 164 36.82 -22.76 -27.18
C LYS E 164 35.71 -23.38 -28.01
N ASP E 165 34.68 -23.91 -27.37
CA ASP E 165 33.54 -24.40 -28.13
C ASP E 165 32.89 -23.28 -28.95
N PHE E 166 33.15 -22.04 -28.58
CA PHE E 166 32.52 -20.90 -29.20
C PHE E 166 33.48 -20.30 -30.22
N PRO E 167 33.11 -20.22 -31.49
CA PRO E 167 34.04 -19.75 -32.51
C PRO E 167 34.38 -18.28 -32.32
N LEU E 168 35.42 -17.85 -33.03
CA LEU E 168 35.85 -16.46 -32.98
C LEU E 168 34.65 -15.53 -33.14
N SER E 169 34.04 -15.53 -34.31
CA SER E 169 32.83 -14.74 -34.44
C SER E 169 31.69 -15.42 -33.70
N GLY E 170 30.55 -14.73 -33.66
CA GLY E 170 29.38 -15.24 -32.98
C GLY E 170 28.54 -16.07 -33.91
N TYR E 171 27.37 -16.45 -33.41
CA TYR E 171 26.37 -17.08 -34.24
C TYR E 171 25.33 -16.09 -34.76
N VAL E 172 25.49 -14.81 -34.43
CA VAL E 172 24.53 -13.78 -34.81
C VAL E 172 25.28 -12.53 -35.23
N GLU E 173 24.54 -11.62 -35.84
CA GLU E 173 25.04 -10.31 -36.20
C GLU E 173 23.94 -9.29 -35.93
N LEU E 174 24.28 -8.02 -35.99
CA LEU E 174 23.26 -7.00 -35.90
C LEU E 174 23.19 -6.22 -37.19
N ARG E 175 22.02 -5.68 -37.45
CA ARG E 175 21.77 -4.84 -38.61
C ARG E 175 20.44 -4.15 -38.37
N TYR E 176 20.06 -3.29 -39.30
CA TYR E 176 18.84 -2.53 -39.17
C TYR E 176 18.15 -2.49 -40.51
N ASP E 177 16.82 -2.55 -40.50
CA ASP E 177 16.07 -2.51 -41.75
C ASP E 177 14.73 -1.85 -41.51
N ASP E 178 14.28 -1.09 -42.51
CA ASP E 178 13.09 -0.27 -42.37
C ASP E 178 11.83 -1.09 -42.14
N GLU E 179 11.88 -2.41 -42.34
CA GLU E 179 10.73 -3.25 -42.02
C GLU E 179 10.26 -3.04 -40.60
N VAL E 180 11.09 -3.45 -39.64
CA VAL E 180 10.66 -3.54 -38.26
C VAL E 180 11.04 -2.34 -37.41
N LYS E 181 11.82 -1.40 -37.96
CA LYS E 181 12.24 -0.21 -37.21
C LYS E 181 12.97 -0.59 -35.92
N ARG E 182 13.71 -1.69 -35.93
CA ARG E 182 14.50 -2.09 -34.78
C ARG E 182 15.73 -2.85 -35.27
N VAL E 183 16.75 -2.87 -34.44
CA VAL E 183 17.92 -3.68 -34.72
C VAL E 183 17.55 -5.15 -34.63
N VAL E 184 18.05 -5.96 -35.56
CA VAL E 184 17.67 -7.37 -35.62
C VAL E 184 18.89 -8.27 -35.57
N ALA E 185 18.68 -9.57 -35.70
CA ALA E 185 19.76 -10.54 -35.68
C ALA E 185 19.59 -11.51 -36.83
N GLU E 186 20.71 -11.90 -37.43
CA GLU E 186 20.71 -12.89 -38.50
C GLU E 186 21.93 -13.78 -38.32
N PRO E 187 21.84 -15.04 -38.73
CA PRO E 187 22.99 -15.94 -38.62
C PRO E 187 24.22 -15.32 -39.25
N VAL E 188 25.35 -15.44 -38.54
CA VAL E 188 26.54 -14.68 -38.87
C VAL E 188 26.94 -14.91 -40.31
N GLU E 189 27.24 -13.82 -41.02
CA GLU E 189 27.74 -13.90 -42.37
C GLU E 189 28.88 -12.92 -42.55
N LEU E 190 30.07 -13.44 -42.83
CA LEU E 190 31.25 -12.62 -42.95
C LEU E 190 31.48 -12.25 -44.40
N ALA E 191 31.93 -11.02 -44.64
CA ALA E 191 32.36 -10.64 -45.97
C ALA E 191 33.66 -11.33 -46.35
N GLN E 192 34.53 -11.56 -45.36
CA GLN E 192 35.80 -12.22 -45.56
C GLN E 192 35.91 -13.40 -44.61
N GLU E 193 36.49 -14.50 -45.11
CA GLU E 193 36.38 -15.80 -44.46
C GLU E 193 37.05 -15.87 -43.09
N PHE E 194 37.78 -14.83 -42.68
CA PHE E 194 38.75 -14.96 -41.61
C PHE E 194 39.76 -16.03 -41.98
N ARG E 195 40.68 -15.69 -42.88
CA ARG E 195 41.68 -16.64 -43.33
C ARG E 195 42.39 -17.28 -42.14
N LYS E 196 42.56 -18.59 -42.21
CA LYS E 196 43.17 -19.36 -41.13
C LYS E 196 44.63 -19.65 -41.47
N PHE E 197 45.48 -19.60 -40.46
CA PHE E 197 46.90 -19.86 -40.65
C PHE E 197 47.35 -21.01 -39.77
N ASP E 198 48.21 -21.85 -40.31
CA ASP E 198 48.94 -22.84 -39.52
C ASP E 198 50.34 -22.29 -39.34
N LEU E 199 50.64 -21.79 -38.15
CA LEU E 199 51.94 -21.24 -37.84
C LEU E 199 52.82 -22.20 -37.05
N ASN E 200 52.32 -23.37 -36.68
CA ASN E 200 53.05 -24.25 -35.78
C ASN E 200 54.02 -25.10 -36.59
N SER E 201 55.29 -24.90 -36.37
CA SER E 201 56.37 -25.61 -37.03
C SER E 201 56.77 -26.85 -36.24
N PRO E 202 57.27 -27.86 -36.92
CA PRO E 202 57.83 -29.01 -36.20
C PRO E 202 59.16 -28.73 -35.54
N TRP E 203 59.80 -29.80 -35.06
CA TRP E 203 61.14 -29.92 -34.49
C TRP E 203 61.29 -29.69 -32.99
N GLU E 204 60.23 -29.34 -32.26
CA GLU E 204 60.33 -29.21 -30.80
C GLU E 204 61.47 -28.27 -30.42
N ALA E 205 61.22 -26.97 -30.65
CA ALA E 205 62.25 -25.97 -30.35
C ALA E 205 62.77 -26.09 -28.93
N PHE E 206 61.99 -26.63 -28.02
CA PHE E 206 62.33 -26.69 -26.60
C PHE E 206 62.49 -28.13 -26.15
N PRO E 207 63.71 -28.63 -25.93
CA PRO E 207 63.88 -30.04 -25.59
C PRO E 207 63.43 -30.39 -24.19
N ALA E 208 63.44 -29.43 -23.27
CA ALA E 208 63.24 -29.75 -21.86
C ALA E 208 61.82 -30.24 -21.61
N TYR E 209 60.82 -29.49 -22.05
CA TYR E 209 59.43 -29.70 -21.71
C TYR E 209 58.81 -30.94 -22.36
N ARG E 210 59.58 -31.67 -23.15
CA ARG E 210 59.07 -32.81 -23.88
C ARG E 210 58.39 -33.82 -22.95
N GLN E 211 57.43 -34.55 -23.49
CA GLN E 211 56.67 -35.59 -22.81
C GLN E 211 57.06 -36.96 -23.36
N PRO E 212 57.00 -38.01 -22.56
CA PRO E 212 57.36 -39.34 -23.06
C PRO E 212 56.33 -39.84 -24.06
N PRO E 213 56.78 -40.32 -25.21
CA PRO E 213 55.85 -40.87 -26.20
C PRO E 213 55.42 -42.28 -25.81
N GLU E 214 54.21 -42.64 -26.26
CA GLU E 214 53.64 -43.94 -25.93
C GLU E 214 52.90 -44.56 -27.10
N ARG F 25 12.22 36.08 -63.60
CA ARG F 25 12.87 34.81 -63.32
C ARG F 25 13.22 34.71 -61.83
N GLY F 26 12.70 33.68 -61.17
CA GLY F 26 12.95 33.46 -59.77
C GLY F 26 14.00 32.42 -59.45
N GLU F 27 14.49 31.68 -60.45
CA GLU F 27 15.50 30.67 -60.18
C GLU F 27 16.78 31.28 -59.63
N TYR F 28 17.06 32.54 -60.01
CA TYR F 28 18.18 33.25 -59.39
C TYR F 28 17.96 33.36 -57.88
N VAL F 29 16.74 33.73 -57.48
CA VAL F 29 16.38 33.74 -56.06
C VAL F 29 16.55 32.35 -55.47
N VAL F 30 16.18 31.32 -56.24
CA VAL F 30 16.29 29.95 -55.75
C VAL F 30 17.73 29.63 -55.40
N ALA F 31 18.64 29.77 -56.37
CA ALA F 31 20.03 29.40 -56.14
C ALA F 31 20.65 30.28 -55.06
N LYS F 32 20.33 31.57 -55.06
CA LYS F 32 20.91 32.45 -54.04
C LYS F 32 20.47 32.02 -52.65
N LEU F 33 19.17 31.86 -52.43
CA LEU F 33 18.68 31.42 -51.12
C LEU F 33 19.28 30.07 -50.75
N ASP F 34 19.44 29.19 -51.73
CA ASP F 34 20.13 27.93 -51.50
C ASP F 34 21.51 28.19 -50.90
N ASP F 35 22.27 29.09 -51.51
CA ASP F 35 23.56 29.43 -50.94
C ASP F 35 23.45 30.17 -49.62
N LEU F 36 22.25 30.65 -49.26
CA LEU F 36 22.07 31.31 -47.97
C LEU F 36 21.88 30.29 -46.86
N ILE F 37 20.73 29.62 -46.85
CA ILE F 37 20.48 28.58 -45.86
C ILE F 37 21.59 27.55 -45.86
N ASN F 38 22.12 27.21 -47.05
CA ASN F 38 23.25 26.32 -47.12
C ASN F 38 24.50 26.95 -46.53
N TRP F 39 24.82 28.17 -46.96
CA TRP F 39 26.04 28.84 -46.49
C TRP F 39 26.10 28.88 -44.97
N ALA F 40 25.08 29.46 -44.34
CA ALA F 40 25.01 29.45 -42.90
C ALA F 40 25.03 28.03 -42.35
N ARG F 41 24.01 27.26 -42.71
CA ARG F 41 23.79 25.94 -42.13
C ARG F 41 25.05 25.10 -42.13
N ARG F 42 25.87 25.20 -43.18
CA ARG F 42 27.15 24.50 -43.19
C ARG F 42 28.18 25.24 -42.35
N SER F 43 28.15 26.58 -42.39
CA SER F 43 29.17 27.36 -41.70
C SER F 43 29.16 27.07 -40.21
N SER F 44 27.99 26.81 -39.64
CA SER F 44 28.03 26.42 -38.24
C SER F 44 28.21 24.93 -38.10
N LEU F 45 27.14 24.17 -38.35
CA LEU F 45 27.16 22.73 -38.16
C LEU F 45 27.85 22.31 -36.88
N TRP F 46 27.25 22.56 -35.73
CA TRP F 46 27.86 22.09 -34.51
C TRP F 46 27.29 20.73 -34.15
N PRO F 47 28.10 19.68 -34.13
CA PRO F 47 27.61 18.32 -33.93
C PRO F 47 27.58 17.88 -32.48
N MET F 48 27.28 16.61 -32.26
CA MET F 48 27.47 15.95 -30.99
C MET F 48 28.58 14.92 -31.11
N THR F 49 29.28 14.70 -30.02
CA THR F 49 30.45 13.82 -30.00
C THR F 49 30.04 12.52 -29.34
N PHE F 50 29.95 11.45 -30.11
CA PHE F 50 29.46 10.20 -29.54
C PHE F 50 30.55 9.52 -28.74
N GLY F 51 31.76 9.45 -29.29
CA GLY F 51 32.96 9.17 -28.51
C GLY F 51 33.04 7.87 -27.74
N LEU F 52 32.93 6.74 -28.44
CA LEU F 52 32.94 5.45 -27.76
C LEU F 52 34.30 5.14 -27.15
N ALA F 53 35.37 5.30 -27.92
CA ALA F 53 36.65 4.71 -27.54
C ALA F 53 37.78 5.64 -27.96
N CYS F 54 39.00 5.10 -28.00
CA CYS F 54 40.22 5.91 -28.11
C CYS F 54 40.23 6.89 -29.27
N CYS F 55 39.37 6.75 -30.28
CA CYS F 55 39.22 7.87 -31.21
C CYS F 55 38.69 9.11 -30.50
N ALA F 56 37.97 8.94 -29.38
CA ALA F 56 37.38 10.09 -28.71
C ALA F 56 38.46 11.04 -28.21
N VAL F 57 39.57 10.50 -27.72
CA VAL F 57 40.65 11.35 -27.23
C VAL F 57 41.19 12.22 -28.37
N GLU F 58 41.50 11.58 -29.49
CA GLU F 58 41.97 12.33 -30.65
C GLU F 58 40.98 13.40 -31.06
N MET F 59 39.69 13.09 -31.02
CA MET F 59 38.68 14.10 -31.28
C MET F 59 38.83 15.26 -30.30
N MET F 60 39.05 14.97 -29.02
CA MET F 60 39.25 16.05 -28.06
C MET F 60 40.49 16.87 -28.41
N HIS F 61 41.51 16.24 -29.00
CA HIS F 61 42.65 17.03 -29.47
C HIS F 61 42.28 17.88 -30.67
N MET F 62 41.29 17.46 -31.46
CA MET F 62 40.74 18.40 -32.43
C MET F 62 40.05 19.55 -31.72
N ALA F 63 39.48 19.29 -30.53
CA ALA F 63 38.94 20.37 -29.72
C ALA F 63 39.99 21.07 -28.87
N ALA F 64 41.21 20.57 -28.86
CA ALA F 64 42.26 21.23 -28.08
C ALA F 64 42.55 22.58 -28.73
N PRO F 65 43.40 23.42 -28.14
CA PRO F 65 43.66 24.70 -28.78
C PRO F 65 44.38 24.61 -30.12
N ARG F 66 45.39 23.74 -30.25
CA ARG F 66 46.24 23.77 -31.44
C ARG F 66 45.43 23.59 -32.72
N TYR F 67 44.67 22.51 -32.81
CA TYR F 67 43.90 22.14 -33.98
C TYR F 67 42.49 22.73 -33.94
N ASP F 68 42.26 23.74 -33.10
CA ASP F 68 40.95 24.03 -32.52
C ASP F 68 39.82 24.00 -33.54
N MET F 69 38.71 23.40 -33.10
CA MET F 69 37.49 23.33 -33.90
C MET F 69 36.88 24.70 -34.12
N ASP F 70 36.80 25.50 -33.04
CA ASP F 70 35.93 26.67 -33.06
C ASP F 70 36.20 27.59 -34.22
N ARG F 71 37.45 27.69 -34.68
CA ARG F 71 37.74 28.60 -35.78
C ARG F 71 36.76 28.38 -36.91
N PHE F 72 36.46 27.12 -37.21
CA PHE F 72 35.60 26.78 -38.33
C PHE F 72 34.13 26.90 -38.00
N GLY F 73 33.81 27.34 -36.79
CA GLY F 73 32.44 27.56 -36.40
C GLY F 73 31.79 26.37 -35.74
N VAL F 74 32.32 25.17 -35.97
CA VAL F 74 31.84 23.99 -35.27
C VAL F 74 31.89 24.23 -33.77
N VAL F 75 30.77 24.01 -33.10
CA VAL F 75 30.68 24.24 -31.67
C VAL F 75 30.60 22.88 -30.99
N PHE F 76 31.15 22.81 -29.78
CA PHE F 76 31.08 21.59 -29.00
C PHE F 76 29.88 21.69 -28.05
N ARG F 77 28.88 20.85 -28.28
CA ARG F 77 27.74 20.78 -27.38
C ARG F 77 27.12 19.40 -27.49
N ALA F 78 26.57 18.92 -26.37
CA ALA F 78 26.15 17.54 -26.25
C ALA F 78 24.64 17.47 -25.99
N SER F 79 23.91 16.97 -26.97
CA SER F 79 22.53 16.52 -26.86
C SER F 79 22.09 16.09 -28.23
N PRO F 80 21.41 14.97 -28.36
CA PRO F 80 20.98 14.52 -29.69
C PRO F 80 19.91 15.40 -30.29
N ARG F 81 19.21 16.20 -29.49
CA ARG F 81 18.17 17.03 -30.07
C ARG F 81 18.77 18.30 -30.69
N GLN F 82 19.76 18.88 -30.03
CA GLN F 82 20.49 20.03 -30.59
C GLN F 82 21.44 19.63 -31.71
N SER F 83 21.63 18.33 -31.94
CA SER F 83 22.75 17.86 -32.75
C SER F 83 22.51 18.14 -34.23
N ASP F 84 23.47 18.83 -34.86
CA ASP F 84 23.39 19.05 -36.29
C ASP F 84 23.74 17.79 -37.05
N VAL F 85 24.90 17.21 -36.76
CA VAL F 85 25.39 15.98 -37.35
C VAL F 85 26.04 15.16 -36.24
N MET F 86 26.35 13.91 -36.53
CA MET F 86 26.88 13.02 -35.52
C MET F 86 28.22 12.43 -35.96
N ILE F 87 29.15 12.35 -35.02
CA ILE F 87 30.45 11.74 -35.23
C ILE F 87 30.46 10.43 -34.47
N VAL F 88 30.54 9.32 -35.18
CA VAL F 88 30.67 8.02 -34.54
C VAL F 88 32.15 7.72 -34.44
N ALA F 89 32.68 7.76 -33.24
CA ALA F 89 34.08 7.48 -32.97
C ALA F 89 34.17 6.42 -31.90
N GLY F 90 35.18 5.57 -32.01
CA GLY F 90 35.28 4.44 -31.14
C GLY F 90 34.69 3.19 -31.76
N THR F 91 34.81 2.10 -31.03
CA THR F 91 34.35 0.80 -31.49
C THR F 91 32.92 0.59 -31.07
N LEU F 92 32.08 0.14 -32.01
CA LEU F 92 30.66 0.00 -31.77
C LEU F 92 30.33 -1.46 -31.50
N THR F 93 30.05 -1.77 -30.24
CA THR F 93 29.69 -3.12 -29.83
C THR F 93 28.21 -3.39 -30.06
N ASN F 94 27.89 -4.68 -30.19
CA ASN F 94 26.48 -5.09 -30.29
C ASN F 94 25.63 -4.46 -29.20
N LYS F 95 26.16 -4.42 -27.99
CA LYS F 95 25.37 -3.95 -26.85
C LYS F 95 25.05 -2.47 -26.98
N MET F 96 25.99 -1.66 -27.51
CA MET F 96 25.73 -0.24 -27.68
C MET F 96 24.86 0.06 -28.89
N ALA F 97 24.93 -0.75 -29.93
CA ALA F 97 24.35 -0.39 -31.23
C ALA F 97 22.93 0.14 -31.15
N PRO F 98 21.96 -0.55 -30.55
CA PRO F 98 20.58 -0.01 -30.58
C PRO F 98 20.48 1.39 -30.01
N ALA F 99 21.12 1.62 -28.86
CA ALA F 99 21.17 2.96 -28.30
C ALA F 99 21.72 3.96 -29.31
N LEU F 100 22.76 3.56 -30.04
CA LEU F 100 23.29 4.43 -31.09
C LEU F 100 22.20 4.81 -32.07
N ARG F 101 21.46 3.83 -32.58
CA ARG F 101 20.47 4.20 -33.57
C ARG F 101 19.36 5.05 -32.97
N LYS F 102 19.05 4.90 -31.67
CA LYS F 102 18.09 5.81 -31.07
C LYS F 102 18.63 7.24 -31.07
N VAL F 103 19.88 7.41 -30.64
CA VAL F 103 20.50 8.73 -30.65
C VAL F 103 20.46 9.32 -32.04
N TYR F 104 20.70 8.50 -33.06
CA TYR F 104 20.44 8.95 -34.42
C TYR F 104 18.98 9.30 -34.63
N ASP F 105 18.08 8.61 -33.92
CA ASP F 105 16.69 8.56 -34.33
C ASP F 105 15.84 9.64 -33.70
N GLN F 106 16.35 10.38 -32.74
CA GLN F 106 15.74 11.65 -32.36
C GLN F 106 16.73 12.73 -32.70
N MET F 107 16.55 13.34 -33.88
CA MET F 107 17.54 14.27 -34.40
C MET F 107 16.83 15.19 -35.37
N PRO F 108 17.33 16.41 -35.56
CA PRO F 108 16.78 17.25 -36.62
C PRO F 108 16.82 16.52 -37.95
N GLU F 109 15.71 16.57 -38.68
CA GLU F 109 15.59 15.76 -39.89
C GLU F 109 16.77 15.92 -40.83
N PRO F 110 17.17 17.11 -41.25
CA PRO F 110 18.45 17.21 -41.93
C PRO F 110 19.55 16.83 -40.96
N ARG F 111 20.37 15.86 -41.35
CA ARG F 111 21.37 15.31 -40.45
C ARG F 111 22.42 14.60 -41.29
N TYR F 112 23.60 14.44 -40.72
CA TYR F 112 24.68 13.75 -41.42
C TYR F 112 25.49 12.95 -40.42
N VAL F 113 26.08 11.87 -40.89
CA VAL F 113 26.85 10.97 -40.03
C VAL F 113 28.27 10.89 -40.56
N VAL F 114 29.23 11.18 -39.70
CA VAL F 114 30.65 11.09 -40.02
C VAL F 114 31.23 9.94 -39.23
N SER F 115 31.72 8.93 -39.92
CA SER F 115 32.32 7.77 -39.26
C SER F 115 33.80 8.05 -39.05
N MET F 116 34.21 8.10 -37.79
CA MET F 116 35.60 8.34 -37.43
C MET F 116 36.26 7.03 -37.00
N GLY F 117 37.49 6.84 -37.42
CA GLY F 117 38.28 5.75 -36.87
C GLY F 117 38.08 4.46 -37.63
N SER F 118 39.14 3.65 -37.63
CA SER F 118 39.11 2.40 -38.40
C SER F 118 38.03 1.46 -37.90
N CYS F 119 37.77 1.45 -36.59
CA CYS F 119 36.73 0.59 -36.04
C CYS F 119 35.37 0.85 -36.67
N ALA F 120 34.79 2.00 -36.38
CA ALA F 120 33.40 2.25 -36.73
C ALA F 120 33.17 2.29 -38.22
N ASN F 121 34.23 2.46 -39.01
CA ASN F 121 34.10 2.67 -40.45
C ASN F 121 34.11 1.37 -41.22
N GLY F 122 33.75 0.25 -40.61
CA GLY F 122 33.97 -1.04 -41.22
C GLY F 122 34.77 -2.06 -40.44
N GLY F 123 34.92 -1.85 -39.13
CA GLY F 123 35.29 -2.89 -38.21
C GLY F 123 36.69 -2.81 -37.69
N GLY F 124 37.58 -2.09 -38.35
CA GLY F 124 38.89 -1.79 -37.81
C GLY F 124 39.64 -2.99 -37.29
N TYR F 125 40.36 -2.77 -36.20
CA TYR F 125 41.29 -3.79 -35.76
C TYR F 125 40.58 -5.02 -35.22
N TYR F 126 39.26 -4.96 -35.06
CA TYR F 126 38.55 -6.14 -34.62
C TYR F 126 37.86 -6.79 -35.80
N HIS F 127 36.73 -6.26 -36.25
CA HIS F 127 36.07 -6.76 -37.46
C HIS F 127 35.69 -8.22 -37.28
N TYR F 128 36.04 -8.77 -36.13
CA TYR F 128 35.90 -10.18 -35.85
C TYR F 128 35.50 -10.29 -34.40
N SER F 129 35.60 -11.50 -33.87
CA SER F 129 34.93 -11.85 -32.64
C SER F 129 33.44 -11.62 -32.87
N TYR F 130 32.69 -11.16 -31.88
CA TYR F 130 31.25 -11.21 -31.93
C TYR F 130 30.65 -9.87 -31.56
N SER F 131 30.95 -9.41 -30.34
CA SER F 131 30.25 -8.28 -29.75
C SER F 131 30.35 -7.02 -30.62
N VAL F 132 31.41 -6.89 -31.39
CA VAL F 132 31.60 -5.67 -32.19
C VAL F 132 30.77 -5.76 -33.46
N VAL F 133 30.06 -4.68 -33.76
CA VAL F 133 29.38 -4.55 -35.04
C VAL F 133 30.41 -4.15 -36.08
N ARG F 134 30.26 -4.62 -37.30
CA ARG F 134 31.23 -4.40 -38.35
C ARG F 134 30.76 -3.25 -39.21
N GLY F 135 31.40 -2.10 -39.06
CA GLY F 135 30.93 -0.89 -39.67
C GLY F 135 29.78 -0.29 -38.88
N CYS F 136 29.61 1.02 -39.03
CA CYS F 136 28.42 1.68 -38.55
C CYS F 136 27.38 1.84 -39.64
N ASP F 137 27.66 1.37 -40.85
CA ASP F 137 26.63 1.31 -41.88
C ASP F 137 25.51 0.38 -41.45
N ARG F 138 25.86 -0.78 -40.89
CA ARG F 138 24.88 -1.76 -40.49
C ARG F 138 23.88 -1.21 -39.50
N ILE F 139 24.15 -0.05 -38.91
CA ILE F 139 23.22 0.60 -38.00
C ILE F 139 22.58 1.81 -38.65
N VAL F 140 23.38 2.81 -39.01
CA VAL F 140 22.85 4.05 -39.59
C VAL F 140 23.63 4.34 -40.87
N PRO F 141 23.03 5.08 -41.80
CA PRO F 141 23.77 5.47 -43.00
C PRO F 141 24.86 6.46 -42.67
N VAL F 142 25.90 6.47 -43.49
CA VAL F 142 27.12 7.23 -43.17
C VAL F 142 27.54 8.05 -44.37
N ASP F 143 28.21 9.16 -44.11
CA ASP F 143 28.60 10.12 -45.13
C ASP F 143 30.12 10.21 -45.30
N ILE F 144 30.85 10.65 -44.28
CA ILE F 144 32.29 10.83 -44.40
C ILE F 144 32.99 9.76 -43.58
N TYR F 145 33.70 8.87 -44.27
CA TYR F 145 34.57 7.89 -43.64
C TYR F 145 35.97 8.50 -43.52
N VAL F 146 36.45 8.64 -42.30
CA VAL F 146 37.82 9.11 -42.10
C VAL F 146 38.62 7.97 -41.49
N PRO F 147 39.52 7.34 -42.23
CA PRO F 147 40.35 6.29 -41.64
C PRO F 147 41.45 6.88 -40.78
N GLY F 148 42.31 6.03 -40.27
CA GLY F 148 43.25 6.34 -39.21
C GLY F 148 42.89 5.61 -37.93
N CYS F 149 43.91 5.35 -37.13
CA CYS F 149 43.73 4.60 -35.90
C CYS F 149 44.65 5.11 -34.80
N PRO F 150 44.30 6.25 -34.18
CA PRO F 150 43.19 7.11 -34.55
C PRO F 150 43.52 7.98 -35.74
N PRO F 151 42.53 8.46 -36.45
CA PRO F 151 42.80 9.46 -37.50
C PRO F 151 43.41 10.68 -36.83
N THR F 152 44.53 11.14 -37.38
CA THR F 152 45.16 12.33 -36.83
C THR F 152 44.15 13.47 -36.82
N ALA F 153 44.16 14.25 -35.73
CA ALA F 153 43.18 15.32 -35.58
C ALA F 153 43.08 16.16 -36.86
N GLU F 154 44.22 16.41 -37.50
CA GLU F 154 44.19 17.07 -38.80
C GLU F 154 43.35 16.29 -39.80
N ALA F 155 43.49 14.96 -39.81
CA ALA F 155 42.75 14.16 -40.78
C ALA F 155 41.25 14.22 -40.49
N LEU F 156 40.88 14.04 -39.22
CA LEU F 156 39.48 14.19 -38.84
C LEU F 156 38.93 15.54 -39.28
N LEU F 157 39.70 16.59 -39.03
CA LEU F 157 39.28 17.93 -39.43
C LEU F 157 39.08 18.02 -40.93
N TYR F 158 40.02 17.47 -41.70
CA TYR F 158 39.86 17.40 -43.14
C TYR F 158 38.59 16.66 -43.52
N GLY F 159 38.21 15.66 -42.72
CA GLY F 159 36.96 14.97 -42.98
C GLY F 159 35.76 15.88 -42.78
N ILE F 160 35.77 16.66 -41.70
CA ILE F 160 34.66 17.59 -41.46
C ILE F 160 34.58 18.62 -42.58
N LEU F 161 35.72 19.16 -42.98
CA LEU F 161 35.72 20.13 -44.08
C LEU F 161 35.15 19.51 -45.34
N GLN F 162 35.59 18.29 -45.67
CA GLN F 162 35.01 17.64 -46.84
C GLN F 162 33.51 17.42 -46.68
N LEU F 163 33.05 17.20 -45.45
CA LEU F 163 31.60 17.14 -45.25
C LEU F 163 30.96 18.47 -45.61
N GLN F 164 31.58 19.58 -45.19
CA GLN F 164 31.09 20.90 -45.60
C GLN F 164 30.99 20.99 -47.11
N LYS F 165 32.02 20.52 -47.81
CA LYS F 165 32.00 20.58 -49.26
C LYS F 165 31.04 19.57 -49.88
N LYS F 166 30.53 18.62 -49.09
CA LYS F 166 29.34 17.90 -49.52
C LYS F 166 28.09 18.72 -49.28
N ILE F 167 28.12 19.60 -48.27
CA ILE F 167 26.95 20.43 -48.01
C ILE F 167 26.79 21.48 -49.09
N LYS F 168 27.89 21.91 -49.70
CA LYS F 168 27.81 22.95 -50.72
C LYS F 168 26.92 22.52 -51.88
N ARG F 169 27.14 21.33 -52.41
CA ARG F 169 26.50 20.90 -53.64
C ARG F 169 25.14 20.25 -53.40
N GLU F 170 24.62 20.32 -52.18
CA GLU F 170 23.31 19.73 -51.88
C GLU F 170 22.27 20.12 -52.92
N LYS F 171 22.25 21.38 -53.35
CA LYS F 171 21.30 21.91 -54.33
C LYS F 171 19.89 21.41 -54.03
N ARG F 172 19.54 21.40 -52.74
CA ARG F 172 18.38 20.65 -52.27
C ARG F 172 17.08 21.29 -52.70
N LEU F 173 17.03 22.62 -52.75
CA LEU F 173 15.76 23.28 -52.93
C LEU F 173 15.34 23.35 -54.39
N ARG F 174 16.25 23.62 -55.31
CA ARG F 174 15.79 23.80 -56.68
C ARG F 174 15.24 22.53 -57.29
N ILE F 175 15.52 21.37 -56.70
CA ILE F 175 14.80 20.17 -57.11
C ILE F 175 13.43 20.06 -56.44
N TRP F 176 13.24 20.74 -55.30
CA TRP F 176 11.89 20.99 -54.81
C TRP F 176 11.14 21.91 -55.75
N TYR F 177 11.85 22.78 -56.45
CA TYR F 177 11.28 23.50 -57.58
C TYR F 177 11.09 22.59 -58.78
N ARG F 178 11.60 21.36 -58.73
CA ARG F 178 11.35 20.32 -59.71
C ARG F 178 11.88 20.67 -61.09
N ARG F 179 12.93 21.49 -61.14
CA ARG F 179 13.62 21.80 -62.39
C ARG F 179 15.11 21.95 -62.15
N THR G 1 60.22 7.22 -1.46
CA THR G 1 59.84 7.38 -0.07
C THR G 1 58.50 8.10 0.02
N TYR G 2 57.89 8.10 1.19
CA TYR G 2 56.58 8.71 1.37
C TYR G 2 56.76 10.18 1.70
N LYS G 3 56.17 11.04 0.89
CA LYS G 3 56.07 12.45 1.19
C LYS G 3 54.60 12.82 1.06
N TYR G 4 53.95 13.08 2.18
CA TYR G 4 52.50 13.13 2.16
C TYR G 4 52.01 14.55 2.43
N VAL G 5 50.78 14.79 1.97
CA VAL G 5 50.20 16.12 1.88
C VAL G 5 48.93 16.12 2.72
N ASN G 6 48.44 17.32 3.01
CA ASN G 6 47.19 17.53 3.71
C ASN G 6 47.26 17.10 5.16
N LEU G 7 48.35 16.46 5.58
CA LEU G 7 48.56 16.23 7.00
C LEU G 7 49.38 17.41 7.49
N ARG G 8 48.72 18.32 8.20
CA ARG G 8 49.26 19.61 8.59
C ARG G 8 48.42 20.07 9.77
N GLU G 9 48.95 21.02 10.53
CA GLU G 9 48.14 21.60 11.59
C GLU G 9 47.58 22.94 11.13
N PRO G 10 46.30 23.03 10.82
CA PRO G 10 45.68 24.35 10.66
C PRO G 10 45.74 25.09 11.99
N SER G 11 46.27 26.30 11.95
CA SER G 11 46.46 27.05 13.18
C SER G 11 45.15 27.72 13.57
N MET G 12 44.61 27.34 14.72
CA MET G 12 43.51 28.05 15.33
C MET G 12 43.99 29.23 16.14
N ASP G 13 45.30 29.46 16.15
CA ASP G 13 45.88 30.62 16.79
C ASP G 13 45.54 31.88 15.99
N MET G 14 45.66 33.02 16.66
CA MET G 14 45.34 34.28 16.01
C MET G 14 46.35 34.56 14.90
N LYS G 15 45.95 35.45 13.98
CA LYS G 15 46.73 35.91 12.83
C LYS G 15 46.75 34.88 11.71
N SER G 16 46.46 33.61 12.03
CA SER G 16 46.04 32.67 11.00
C SER G 16 44.54 32.77 10.76
N VAL G 17 43.76 32.75 11.84
CA VAL G 17 42.31 32.76 11.71
C VAL G 17 41.80 34.12 11.31
N THR G 18 42.56 35.18 11.56
CA THR G 18 42.28 36.46 10.93
C THR G 18 42.11 36.25 9.44
N ASP G 19 43.20 35.84 8.79
CA ASP G 19 43.15 35.58 7.35
C ASP G 19 42.23 34.42 6.99
N ARG G 20 41.74 33.66 7.96
CA ARG G 20 40.70 32.68 7.64
C ARG G 20 39.32 33.32 7.55
N ALA G 21 39.00 34.27 8.42
CA ALA G 21 37.73 34.97 8.24
C ALA G 21 37.80 35.91 7.05
N ALA G 22 38.95 36.53 6.85
CA ALA G 22 39.17 37.27 5.61
C ALA G 22 39.07 36.36 4.39
N GLN G 23 39.59 35.14 4.52
CA GLN G 23 39.64 34.23 3.37
C GLN G 23 38.25 33.71 3.01
N THR G 24 37.57 33.09 3.97
CA THR G 24 36.20 32.66 3.74
C THR G 24 35.33 33.82 3.30
N LEU G 25 35.49 34.96 3.96
CA LEU G 25 34.52 36.04 3.83
C LEU G 25 34.72 36.84 2.54
N LEU G 26 35.95 37.27 2.26
CA LEU G 26 36.22 38.27 1.24
C LEU G 26 36.67 37.72 -0.11
N TRP G 27 36.82 36.40 -0.25
CA TRP G 27 37.15 35.76 -1.52
C TRP G 27 38.45 36.25 -2.14
N THR G 28 39.41 36.70 -1.35
CA THR G 28 40.61 37.27 -1.95
C THR G 28 41.38 36.24 -2.76
N GLU G 29 41.62 35.06 -2.18
CA GLU G 29 42.34 34.01 -2.90
C GLU G 29 41.62 33.64 -4.19
N LEU G 30 40.32 33.36 -4.09
CA LEU G 30 39.49 33.11 -5.27
C LEU G 30 39.66 34.21 -6.29
N ILE G 31 39.27 35.43 -5.93
CA ILE G 31 39.34 36.56 -6.86
C ILE G 31 40.74 36.71 -7.41
N ARG G 32 41.68 37.15 -6.57
CA ARG G 32 43.04 37.47 -6.99
C ARG G 32 43.60 36.32 -7.80
N GLY G 33 43.79 35.19 -7.14
CA GLY G 33 44.43 34.06 -7.75
C GLY G 33 43.78 33.66 -9.05
N LEU G 34 42.49 33.38 -9.03
CA LEU G 34 41.93 32.78 -10.22
C LEU G 34 41.68 33.82 -11.29
N GLY G 35 40.81 34.79 -11.00
CA GLY G 35 40.54 35.82 -11.98
C GLY G 35 41.78 36.39 -12.62
N MET G 36 42.86 36.52 -11.83
CA MET G 36 44.09 37.05 -12.40
C MET G 36 44.79 36.01 -13.27
N THR G 37 44.88 34.76 -12.80
CA THR G 37 45.56 33.76 -13.61
C THR G 37 44.79 33.39 -14.86
N LEU G 38 43.52 33.78 -14.97
CA LEU G 38 42.84 33.80 -16.26
C LEU G 38 43.10 35.08 -17.02
N SER G 39 43.24 36.20 -16.30
CA SER G 39 43.56 37.49 -16.90
C SER G 39 44.94 37.41 -17.54
N TYR G 40 45.59 36.28 -17.36
CA TYR G 40 46.69 35.64 -18.08
C TYR G 40 46.34 35.36 -19.58
N LEU G 41 45.09 35.71 -19.89
CA LEU G 41 44.47 35.67 -21.21
C LEU G 41 45.39 36.11 -22.33
N PHE G 42 46.06 37.23 -22.15
CA PHE G 42 46.73 37.96 -23.23
C PHE G 42 47.79 37.16 -23.96
N ARG G 43 48.28 36.04 -23.41
CA ARG G 43 49.26 35.26 -24.15
C ARG G 43 48.68 34.75 -25.47
N GLU G 44 49.48 34.84 -26.52
CA GLU G 44 48.99 34.54 -27.85
C GLU G 44 48.55 33.09 -27.92
N PRO G 45 47.27 32.82 -28.17
CA PRO G 45 46.80 31.44 -28.16
C PRO G 45 47.51 30.61 -29.20
N ALA G 46 47.46 29.30 -29.01
CA ALA G 46 48.03 28.36 -29.96
C ALA G 46 46.88 27.79 -30.78
N THR G 47 46.74 28.27 -32.01
CA THR G 47 45.79 27.74 -32.97
C THR G 47 46.40 27.87 -34.35
N ILE G 48 46.11 26.89 -35.20
CA ILE G 48 46.70 26.78 -36.51
C ILE G 48 45.58 26.62 -37.54
N ASN G 49 45.71 27.31 -38.66
CA ASN G 49 44.67 27.30 -39.69
C ASN G 49 44.96 26.12 -40.62
N TYR G 50 44.13 25.08 -40.54
CA TYR G 50 44.52 23.81 -41.13
C TYR G 50 44.58 23.85 -42.66
N PRO G 51 43.62 24.43 -43.37
CA PRO G 51 43.80 24.54 -44.82
C PRO G 51 45.10 25.24 -45.19
N PHE G 52 45.43 26.34 -44.51
CA PHE G 52 46.54 27.18 -44.90
C PHE G 52 47.81 26.91 -44.10
N GLU G 53 47.75 26.06 -43.08
CA GLU G 53 48.88 25.78 -42.21
C GLU G 53 48.72 24.35 -41.70
N LYS G 54 49.83 23.71 -41.38
CA LYS G 54 49.75 22.31 -40.93
C LYS G 54 50.74 22.06 -39.82
N GLY G 55 50.31 21.25 -38.84
CA GLY G 55 51.12 20.95 -37.69
C GLY G 55 52.35 20.13 -38.02
N PRO G 56 53.22 19.95 -37.03
CA PRO G 56 54.47 19.23 -37.28
C PRO G 56 54.26 17.73 -37.37
N LEU G 57 55.20 17.07 -38.04
CA LEU G 57 55.19 15.63 -38.22
C LEU G 57 56.63 15.12 -38.20
N SER G 58 56.80 13.85 -38.53
CA SER G 58 58.08 13.16 -38.39
C SER G 58 58.35 12.28 -39.59
N PRO G 59 59.61 12.10 -39.96
CA PRO G 59 59.94 11.25 -41.11
C PRO G 59 59.44 9.84 -40.99
N ARG G 60 59.18 9.35 -39.77
CA ARG G 60 58.66 8.01 -39.58
C ARG G 60 57.14 7.94 -39.56
N PHE G 61 56.46 9.05 -39.84
CA PHE G 61 55.01 9.08 -39.73
C PHE G 61 54.38 8.08 -40.70
N ARG G 62 53.17 7.62 -40.34
CA ARG G 62 52.49 6.54 -41.05
C ARG G 62 51.23 7.07 -41.72
N GLY G 63 51.29 7.19 -43.04
CA GLY G 63 50.17 7.57 -43.90
C GLY G 63 49.61 6.36 -44.62
N GLU G 64 49.19 6.58 -45.86
CA GLU G 64 48.54 5.51 -46.59
C GLU G 64 49.41 4.79 -47.61
N HIS G 65 49.93 3.65 -47.20
CA HIS G 65 50.06 2.44 -48.00
C HIS G 65 50.40 2.55 -49.48
N ALA G 66 51.44 3.29 -49.83
CA ALA G 66 51.85 3.34 -51.23
C ALA G 66 52.80 2.19 -51.53
N LEU G 67 52.56 1.51 -52.65
CA LEU G 67 53.54 0.58 -53.17
C LEU G 67 54.66 1.33 -53.86
N ARG G 68 55.84 0.74 -53.86
CA ARG G 68 57.00 1.34 -54.47
C ARG G 68 57.56 0.41 -55.53
N ARG G 69 58.40 0.96 -56.41
CA ARG G 69 59.08 0.18 -57.43
C ARG G 69 60.50 0.67 -57.57
N TYR G 70 61.34 -0.16 -58.19
CA TYR G 70 62.73 0.17 -58.41
C TYR G 70 62.82 1.33 -59.39
N PRO G 71 63.97 1.99 -59.46
CA PRO G 71 64.29 2.76 -60.66
C PRO G 71 64.14 1.84 -61.87
N SER G 72 63.51 2.37 -62.92
CA SER G 72 63.03 1.53 -64.01
C SER G 72 62.06 0.48 -63.47
N GLY G 73 60.87 0.96 -63.12
CA GLY G 73 60.01 0.27 -62.19
C GLY G 73 59.67 -1.18 -62.48
N GLU G 74 60.03 -2.03 -61.54
CA GLU G 74 59.86 -3.47 -61.63
C GLU G 74 58.66 -4.00 -60.86
N GLU G 75 57.84 -3.12 -60.27
CA GLU G 75 56.89 -3.55 -59.26
C GLU G 75 57.67 -4.23 -58.15
N ARG G 76 58.33 -3.42 -57.32
CA ARG G 76 59.28 -3.91 -56.33
C ARG G 76 58.74 -5.07 -55.52
N CYS G 77 57.42 -5.18 -55.38
CA CYS G 77 56.84 -6.31 -54.67
C CYS G 77 57.20 -7.63 -55.32
N ILE G 78 57.74 -8.56 -54.52
CA ILE G 78 58.09 -9.89 -54.99
C ILE G 78 56.95 -10.88 -54.87
N ALA G 79 55.89 -10.56 -54.12
CA ALA G 79 54.73 -11.42 -53.82
C ALA G 79 54.97 -12.32 -52.62
N CYS G 80 56.08 -12.16 -51.90
CA CYS G 80 56.52 -13.17 -50.95
C CYS G 80 55.57 -13.40 -49.79
N LYS G 81 54.47 -12.63 -49.68
CA LYS G 81 53.35 -12.88 -48.77
C LYS G 81 53.59 -12.39 -47.34
N LEU G 82 54.78 -11.88 -47.00
CA LEU G 82 55.07 -11.53 -45.62
C LEU G 82 54.11 -10.47 -45.09
N CYS G 83 54.04 -9.33 -45.80
CA CYS G 83 53.16 -8.24 -45.38
C CYS G 83 51.77 -8.74 -45.07
N GLU G 84 51.32 -9.75 -45.81
CA GLU G 84 50.03 -10.35 -45.49
C GLU G 84 50.15 -11.24 -44.26
N ALA G 85 51.30 -11.87 -44.07
CA ALA G 85 51.43 -12.86 -43.02
C ALA G 85 51.47 -12.22 -41.64
N VAL G 86 52.06 -11.03 -41.52
CA VAL G 86 52.17 -10.39 -40.22
C VAL G 86 51.06 -9.39 -39.95
N CYS G 87 50.11 -9.25 -40.86
CA CYS G 87 49.07 -8.24 -40.69
C CYS G 87 48.23 -8.57 -39.47
N PRO G 88 48.28 -7.75 -38.42
CA PRO G 88 47.54 -8.09 -37.20
C PRO G 88 46.05 -7.95 -37.36
N ALA G 89 45.58 -7.22 -38.36
CA ALA G 89 44.15 -7.22 -38.68
C ALA G 89 43.80 -8.23 -39.74
N GLN G 90 44.79 -8.97 -40.24
CA GLN G 90 44.65 -9.95 -41.31
C GLN G 90 44.27 -9.31 -42.63
N ALA G 91 44.10 -7.99 -42.69
CA ALA G 91 43.52 -7.36 -43.86
C ALA G 91 44.62 -7.02 -44.84
N ILE G 92 44.68 -7.81 -45.91
CA ILE G 92 45.64 -7.82 -47.02
C ILE G 92 45.09 -8.97 -47.85
N THR G 93 45.43 -9.02 -49.13
CA THR G 93 45.19 -10.24 -49.88
C THR G 93 46.28 -10.32 -50.95
N ILE G 94 46.84 -11.50 -51.15
CA ILE G 94 47.88 -11.66 -52.16
C ILE G 94 47.63 -12.94 -52.92
N GLU G 95 47.55 -12.83 -54.24
CA GLU G 95 47.50 -14.00 -55.12
C GLU G 95 48.46 -13.74 -56.26
N ALA G 96 49.42 -14.64 -56.46
CA ALA G 96 50.56 -14.38 -57.30
C ALA G 96 50.68 -15.45 -58.37
N GLU G 97 50.49 -15.07 -59.63
CA GLU G 97 50.70 -15.95 -60.75
C GLU G 97 51.94 -15.53 -61.50
N PRO G 98 52.90 -16.42 -61.74
CA PRO G 98 54.10 -16.04 -62.49
C PRO G 98 53.72 -15.49 -63.85
N ARG G 99 54.25 -14.32 -64.17
CA ARG G 99 53.82 -13.59 -65.35
C ARG G 99 54.63 -14.01 -66.57
N ALA G 100 54.48 -13.26 -67.66
CA ALA G 100 55.08 -13.64 -68.94
C ALA G 100 56.59 -13.83 -68.81
N ASP G 101 57.27 -12.89 -68.15
CA ASP G 101 58.72 -12.94 -68.09
C ASP G 101 59.26 -14.08 -67.25
N GLY G 102 58.41 -14.78 -66.52
CA GLY G 102 58.85 -15.78 -65.58
C GLY G 102 59.10 -15.25 -64.18
N SER G 103 59.35 -13.95 -64.04
CA SER G 103 59.41 -13.36 -62.72
C SER G 103 58.03 -13.39 -62.09
N ARG G 104 57.99 -13.26 -60.78
CA ARG G 104 56.73 -13.39 -60.04
C ARG G 104 56.33 -12.06 -59.47
N ARG G 105 55.09 -11.66 -59.74
CA ARG G 105 54.45 -10.52 -59.14
C ARG G 105 53.09 -10.97 -58.65
N THR G 106 52.32 -10.03 -58.13
CA THR G 106 51.02 -10.34 -57.56
C THR G 106 49.93 -10.06 -58.57
N THR G 107 48.93 -10.95 -58.60
CA THR G 107 47.73 -10.65 -59.37
C THR G 107 46.85 -9.66 -58.63
N ARG G 108 46.33 -10.08 -57.48
CA ARG G 108 45.48 -9.21 -56.66
C ARG G 108 46.18 -8.94 -55.34
N TYR G 109 46.57 -7.70 -55.12
CA TYR G 109 47.12 -7.25 -53.84
C TYR G 109 46.16 -6.21 -53.29
N ASP G 110 45.48 -6.55 -52.18
CA ASP G 110 44.40 -5.72 -51.68
C ASP G 110 44.63 -5.33 -50.23
N ILE G 111 43.97 -4.25 -49.85
CA ILE G 111 43.97 -3.75 -48.48
C ILE G 111 42.58 -3.26 -48.15
N ASP G 112 42.16 -3.47 -46.91
CA ASP G 112 40.96 -2.81 -46.40
C ASP G 112 41.46 -1.73 -45.45
N MET G 113 41.39 -0.48 -45.87
CA MET G 113 41.82 0.60 -45.01
C MET G 113 40.89 0.72 -43.80
N THR G 114 39.65 0.27 -43.96
CA THR G 114 38.77 0.06 -42.81
C THR G 114 39.44 -0.82 -41.76
N LYS G 115 39.72 -2.07 -42.12
CA LYS G 115 40.30 -3.01 -41.16
C LYS G 115 41.69 -2.57 -40.70
N CYS G 116 42.43 -1.88 -41.56
CA CYS G 116 43.83 -1.58 -41.29
C CYS G 116 43.99 -0.71 -40.06
N ILE G 117 44.84 -1.16 -39.14
CA ILE G 117 45.13 -0.41 -37.92
C ILE G 117 46.35 0.50 -38.06
N TYR G 118 47.02 0.49 -39.21
CA TYR G 118 48.18 1.35 -39.44
C TYR G 118 49.30 1.01 -38.47
N CYS G 119 49.62 -0.28 -38.39
CA CYS G 119 50.70 -0.77 -37.55
C CYS G 119 52.01 -0.10 -37.91
N GLY G 120 52.49 -0.43 -39.11
CA GLY G 120 53.89 -0.34 -39.44
C GLY G 120 54.56 -1.69 -39.58
N PHE G 121 53.90 -2.78 -39.18
CA PHE G 121 54.52 -4.09 -39.32
C PHE G 121 54.76 -4.43 -40.79
N CYS G 122 53.76 -4.20 -41.65
CA CYS G 122 53.99 -4.48 -43.07
C CYS G 122 55.08 -3.60 -43.65
N GLN G 123 55.42 -2.50 -42.98
CA GLN G 123 56.54 -1.68 -43.41
C GLN G 123 57.86 -2.27 -42.94
N GLU G 124 57.86 -2.97 -41.81
CA GLU G 124 59.09 -3.60 -41.33
C GLU G 124 59.36 -4.91 -42.05
N ALA G 125 58.31 -5.66 -42.37
CA ALA G 125 58.48 -7.02 -42.81
C ALA G 125 58.89 -7.12 -44.28
N CYS G 126 58.56 -6.13 -45.08
CA CYS G 126 58.84 -6.23 -46.49
C CYS G 126 60.34 -6.31 -46.70
N PRO G 127 60.86 -7.41 -47.22
CA PRO G 127 62.32 -7.50 -47.39
C PRO G 127 62.87 -6.46 -48.32
N VAL G 128 62.15 -6.15 -49.40
CA VAL G 128 62.63 -5.18 -50.38
C VAL G 128 62.07 -3.79 -50.17
N ASP G 129 61.28 -3.58 -49.12
CA ASP G 129 60.62 -2.28 -48.88
C ASP G 129 59.71 -1.92 -50.04
N ALA G 130 58.89 -2.86 -50.46
CA ALA G 130 57.93 -2.58 -51.52
C ALA G 130 56.84 -1.66 -51.02
N ILE G 131 56.18 -2.01 -49.92
CA ILE G 131 55.10 -1.22 -49.37
C ILE G 131 55.64 -0.41 -48.20
N VAL G 132 55.31 0.88 -48.19
CA VAL G 132 55.73 1.78 -47.13
C VAL G 132 54.54 2.66 -46.77
N GLU G 133 54.40 2.95 -45.48
CA GLU G 133 53.32 3.85 -45.07
C GLU G 133 53.63 5.25 -45.57
N GLY G 134 52.71 5.82 -46.32
CA GLY G 134 52.94 7.09 -46.96
C GLY G 134 53.12 8.22 -45.97
N PRO G 135 53.71 9.32 -46.42
CA PRO G 135 53.63 10.54 -45.62
C PRO G 135 52.25 11.13 -45.60
N ASN G 136 51.58 11.15 -46.75
CA ASN G 136 50.33 11.88 -46.88
C ASN G 136 49.21 11.14 -46.18
N PHE G 137 48.44 11.86 -45.38
CA PHE G 137 47.14 11.37 -44.94
C PHE G 137 46.11 12.11 -45.79
N GLU G 138 45.56 11.41 -46.76
CA GLU G 138 44.61 11.97 -47.71
C GLU G 138 43.47 10.97 -47.82
N PHE G 139 42.29 11.38 -47.37
CA PHE G 139 41.25 10.40 -47.02
C PHE G 139 39.90 11.08 -47.09
N SER G 140 38.94 10.56 -46.33
CA SER G 140 37.56 11.00 -46.32
C SER G 140 36.92 10.68 -47.66
N THR G 141 36.77 9.40 -47.91
CA THR G 141 35.97 8.89 -49.01
C THR G 141 34.49 8.93 -48.63
N GLU G 142 33.64 8.99 -49.64
CA GLU G 142 32.21 9.11 -49.41
C GLU G 142 31.48 7.77 -49.34
N THR G 143 32.17 6.66 -49.59
CA THR G 143 31.54 5.35 -49.57
C THR G 143 32.46 4.32 -48.97
N HIS G 144 31.86 3.34 -48.30
CA HIS G 144 32.64 2.24 -47.74
C HIS G 144 33.31 1.45 -48.84
N GLU G 145 32.81 1.54 -50.06
CA GLU G 145 33.51 0.94 -51.19
C GLU G 145 34.91 1.51 -51.32
N GLU G 146 35.02 2.83 -51.34
CA GLU G 146 36.23 3.50 -51.81
C GLU G 146 37.44 3.26 -50.92
N LEU G 147 37.26 2.73 -49.72
CA LEU G 147 38.40 2.50 -48.83
C LEU G 147 39.07 1.15 -49.05
N LEU G 148 38.67 0.40 -50.05
CA LEU G 148 39.30 -0.88 -50.33
C LEU G 148 40.20 -0.72 -51.55
N TYR G 149 41.47 -1.12 -51.42
CA TYR G 149 42.46 -0.80 -52.43
C TYR G 149 42.86 -2.02 -53.23
N ASN G 150 42.80 -1.90 -54.55
CA ASN G 150 43.42 -2.86 -55.45
C ASN G 150 44.93 -2.67 -55.47
N LYS G 151 45.63 -3.69 -55.99
CA LYS G 151 47.03 -3.49 -56.36
C LYS G 151 47.18 -2.24 -57.21
N GLU G 152 46.19 -1.97 -58.05
CA GLU G 152 46.26 -0.85 -58.98
C GLU G 152 46.23 0.46 -58.23
N LYS G 153 45.25 0.65 -57.35
CA LYS G 153 45.17 1.88 -56.60
C LYS G 153 46.42 2.09 -55.76
N LEU G 154 47.01 1.02 -55.25
CA LEU G 154 48.22 1.18 -54.46
C LEU G 154 49.40 1.59 -55.34
N LEU G 155 49.50 1.02 -56.54
CA LEU G 155 50.49 1.50 -57.48
C LEU G 155 50.32 2.99 -57.73
N ASN G 156 49.17 3.38 -58.30
CA ASN G 156 48.93 4.79 -58.59
C ASN G 156 49.19 5.68 -57.37
N ASN G 157 48.92 5.16 -56.18
CA ASN G 157 49.33 5.90 -54.98
C ASN G 157 50.84 6.02 -54.92
N GLY G 158 51.56 4.97 -55.31
CA GLY G 158 53.00 5.03 -55.28
C GLY G 158 53.56 5.99 -56.32
N ASP G 159 52.95 6.03 -57.49
CA ASP G 159 53.40 6.96 -58.53
C ASP G 159 53.11 8.40 -58.16
N LYS G 160 52.04 8.64 -57.40
CA LYS G 160 51.66 10.02 -57.12
C LYS G 160 52.74 10.73 -56.34
N TRP G 161 53.34 10.06 -55.36
CA TRP G 161 54.56 10.56 -54.75
C TRP G 161 55.51 9.43 -54.42
N GLU G 162 56.75 9.55 -54.87
CA GLU G 162 57.81 8.64 -54.46
C GLU G 162 58.97 9.41 -53.84
N ALA G 163 59.57 10.35 -54.58
CA ALA G 163 60.70 11.11 -54.06
C ALA G 163 60.41 11.68 -52.68
N GLU G 164 59.14 11.89 -52.38
CA GLU G 164 58.67 12.01 -51.01
C GLU G 164 59.14 10.85 -50.16
N ILE G 165 58.58 9.67 -50.44
CA ILE G 165 58.92 8.47 -49.70
C ILE G 165 60.40 8.17 -49.84
N ALA G 166 60.99 8.48 -50.99
CA ALA G 166 62.43 8.27 -51.14
C ALA G 166 63.20 9.15 -50.17
N ALA G 167 62.70 10.36 -49.91
CA ALA G 167 63.36 11.22 -48.94
C ALA G 167 63.22 10.67 -47.53
N ASN G 168 62.02 10.20 -47.18
CA ASN G 168 61.83 9.63 -45.85
C ASN G 168 62.69 8.40 -45.63
N ILE G 169 62.55 7.41 -46.50
CA ILE G 169 63.35 6.18 -46.37
C ILE G 169 64.83 6.51 -46.37
N GLN G 170 65.28 7.33 -47.31
CA GLN G 170 66.69 7.68 -47.35
C GLN G 170 67.11 8.39 -46.07
N ALA G 171 66.17 9.04 -45.38
CA ALA G 171 66.51 9.64 -44.11
C ALA G 171 66.65 8.58 -43.01
N ASP G 172 65.67 7.71 -42.87
CA ASP G 172 65.54 6.88 -41.68
C ASP G 172 66.07 5.46 -41.83
N TYR G 173 66.57 5.06 -43.00
CA TYR G 173 66.96 3.67 -43.13
C TYR G 173 68.14 3.32 -42.24
N LEU G 174 68.87 4.33 -41.77
CA LEU G 174 69.94 4.06 -40.82
C LEU G 174 69.37 3.58 -39.49
N TYR G 175 68.14 3.96 -39.17
CA TYR G 175 67.49 3.44 -37.98
C TYR G 175 66.85 2.08 -38.21
N ARG G 176 66.79 1.62 -39.45
CA ARG G 176 66.10 0.37 -39.78
C ARG G 176 66.43 -0.08 -41.20
N MET H 1 6.38 58.29 -34.11
CA MET H 1 7.45 58.82 -33.28
C MET H 1 7.72 57.93 -32.07
N PHE H 2 6.65 57.49 -31.41
CA PHE H 2 6.82 56.69 -30.21
C PHE H 2 7.20 55.26 -30.57
N MET H 3 6.50 54.67 -31.54
CA MET H 3 6.88 53.34 -32.01
C MET H 3 8.29 53.35 -32.57
N ILE H 4 8.76 54.49 -33.08
CA ILE H 4 10.17 54.61 -33.42
C ILE H 4 11.01 54.38 -32.18
N ASN H 5 10.60 54.94 -31.05
CA ASN H 5 11.33 54.74 -29.81
C ASN H 5 11.35 53.28 -29.43
N VAL H 6 10.18 52.64 -29.44
CA VAL H 6 10.09 51.23 -29.10
C VAL H 6 11.04 50.40 -29.96
N LEU H 7 10.93 50.56 -31.28
CA LEU H 7 11.77 49.77 -32.17
C LEU H 7 13.24 50.02 -31.89
N THR H 8 13.65 51.27 -31.72
CA THR H 8 15.04 51.57 -31.40
C THR H 8 15.46 51.00 -30.06
N LEU H 9 14.52 50.71 -29.17
CA LEU H 9 14.90 50.04 -27.93
C LEU H 9 15.06 48.54 -28.13
N ILE H 10 14.06 47.89 -28.72
CA ILE H 10 14.00 46.43 -28.69
C ILE H 10 14.78 45.75 -29.81
N ILE H 11 14.95 46.38 -30.97
CA ILE H 11 15.74 45.73 -32.02
C ILE H 11 17.21 45.66 -31.59
N PRO H 12 17.81 46.75 -31.11
CA PRO H 12 19.21 46.68 -30.69
C PRO H 12 19.48 45.76 -29.51
N ILE H 13 18.49 45.42 -28.69
CA ILE H 13 18.82 44.43 -27.68
C ILE H 13 18.88 43.04 -28.28
N LEU H 14 18.13 42.79 -29.36
CA LEU H 14 18.23 41.50 -30.02
C LEU H 14 19.57 41.39 -30.75
N LEU H 15 19.89 42.37 -31.59
CA LEU H 15 21.22 42.37 -32.20
C LEU H 15 22.30 42.27 -31.13
N ALA H 16 22.09 42.96 -30.01
CA ALA H 16 23.02 42.86 -28.90
C ALA H 16 23.13 41.43 -28.40
N VAL H 17 22.03 40.67 -28.44
CA VAL H 17 22.11 39.28 -28.01
C VAL H 17 22.97 38.48 -28.97
N ALA H 18 22.75 38.66 -30.28
CA ALA H 18 23.52 37.87 -31.24
C ALA H 18 25.01 38.15 -31.12
N PHE H 19 25.40 39.41 -31.30
CA PHE H 19 26.81 39.73 -31.20
C PHE H 19 27.36 39.50 -29.80
N LEU H 20 26.50 39.52 -28.78
CA LEU H 20 26.93 39.08 -27.46
C LEU H 20 27.38 37.63 -27.50
N THR H 21 26.55 36.75 -28.06
CA THR H 21 26.95 35.35 -28.18
C THR H 21 28.29 35.24 -28.88
N LEU H 22 28.51 36.07 -29.89
CA LEU H 22 29.83 36.11 -30.51
C LEU H 22 30.92 36.41 -29.49
N VAL H 23 30.78 37.52 -28.76
CA VAL H 23 31.84 37.93 -27.84
C VAL H 23 32.05 36.87 -26.77
N GLU H 24 30.96 36.23 -26.33
CA GLU H 24 31.05 35.08 -25.45
C GLU H 24 32.00 34.03 -26.01
N ARG H 25 31.68 33.51 -27.19
CA ARG H 25 32.53 32.46 -27.79
C ARG H 25 33.98 32.90 -27.88
N LYS H 26 34.23 34.17 -28.23
CA LYS H 26 35.61 34.61 -28.38
C LYS H 26 36.33 34.71 -27.03
N VAL H 27 35.75 35.46 -26.09
CA VAL H 27 36.38 35.66 -24.79
C VAL H 27 36.67 34.33 -24.12
N LEU H 28 35.69 33.42 -24.14
CA LEU H 28 35.98 32.10 -23.63
C LEU H 28 37.07 31.44 -24.45
N GLY H 29 37.11 31.71 -25.75
CA GLY H 29 38.15 31.12 -26.56
C GLY H 29 39.55 31.50 -26.10
N TYR H 30 39.83 32.79 -26.07
CA TYR H 30 41.18 33.21 -25.74
C TYR H 30 41.47 33.00 -24.28
N MET H 31 40.45 33.15 -23.44
CA MET H 31 40.59 32.81 -22.04
C MET H 31 41.06 31.38 -21.91
N GLN H 32 40.61 30.53 -22.82
CA GLN H 32 41.04 29.15 -22.92
C GLN H 32 42.26 28.99 -23.80
N PHE H 33 42.91 30.08 -24.17
CA PHE H 33 44.19 30.04 -24.86
C PHE H 33 44.05 29.52 -26.29
N ARG H 34 42.92 29.83 -26.93
CA ARG H 34 42.67 29.39 -28.30
C ARG H 34 41.79 30.41 -29.01
N LYS H 35 42.04 30.63 -30.29
CA LYS H 35 41.28 31.63 -31.02
C LYS H 35 39.84 31.17 -31.18
N GLY H 36 38.91 32.12 -31.08
CA GLY H 36 37.51 31.86 -31.27
C GLY H 36 37.21 31.73 -32.75
N PRO H 37 35.94 31.82 -33.13
CA PRO H 37 35.59 31.61 -34.55
C PRO H 37 36.20 32.71 -35.41
N ASN H 38 37.08 32.33 -36.33
CA ASN H 38 37.47 33.24 -37.40
C ASN H 38 36.91 32.89 -38.76
N VAL H 39 36.46 31.67 -39.00
CA VAL H 39 36.29 31.20 -40.36
C VAL H 39 34.86 31.38 -40.85
N VAL H 40 33.97 31.86 -40.00
CA VAL H 40 32.69 32.37 -40.46
C VAL H 40 32.86 33.87 -40.63
N GLY H 41 32.89 34.33 -41.87
CA GLY H 41 33.12 35.72 -42.16
C GLY H 41 34.49 36.18 -41.70
N PRO H 42 34.77 37.47 -41.85
CA PRO H 42 36.00 38.02 -41.25
C PRO H 42 35.85 38.11 -39.75
N TYR H 43 36.86 37.61 -39.03
CA TYR H 43 37.00 37.88 -37.61
C TYR H 43 35.86 37.34 -36.76
N GLY H 44 34.85 36.77 -37.41
CA GLY H 44 33.73 36.18 -36.70
C GLY H 44 32.45 36.98 -36.67
N LEU H 45 32.33 38.01 -37.50
CA LEU H 45 31.13 38.83 -37.45
C LEU H 45 29.94 38.23 -38.20
N LEU H 46 30.13 37.17 -38.96
CA LEU H 46 29.02 36.46 -39.59
C LEU H 46 28.55 35.26 -38.79
N GLN H 47 29.21 34.95 -37.68
CA GLN H 47 28.81 33.78 -36.90
C GLN H 47 27.37 33.85 -36.40
N PRO H 48 26.88 34.97 -35.84
CA PRO H 48 25.50 34.96 -35.36
C PRO H 48 24.48 34.66 -36.43
N ILE H 49 24.64 35.27 -37.61
CA ILE H 49 23.68 35.05 -38.69
C ILE H 49 23.61 33.58 -39.05
N ALA H 50 24.76 32.90 -39.01
CA ALA H 50 24.78 31.45 -39.15
C ALA H 50 23.90 30.81 -38.10
N ASP H 51 24.31 30.94 -36.84
CA ASP H 51 23.53 30.42 -35.72
C ASP H 51 22.07 30.79 -35.86
N ALA H 52 21.80 32.05 -36.19
CA ALA H 52 20.44 32.56 -36.30
C ALA H 52 19.62 31.75 -37.31
N ILE H 53 19.95 31.87 -38.59
CA ILE H 53 19.03 31.35 -39.58
C ILE H 53 19.06 29.83 -39.61
N LYS H 54 20.24 29.23 -39.39
CA LYS H 54 20.26 27.77 -39.25
C LYS H 54 19.38 27.34 -38.09
N LEU H 55 19.77 27.74 -36.88
CA LEU H 55 19.04 27.32 -35.69
C LEU H 55 17.56 27.60 -35.79
N PHE H 56 17.16 28.56 -36.61
CA PHE H 56 15.74 28.67 -36.95
C PHE H 56 15.28 27.55 -37.88
N ILE H 57 16.13 27.13 -38.82
CA ILE H 57 15.62 26.28 -39.90
C ILE H 57 15.61 24.79 -39.56
N LYS H 58 16.27 24.35 -38.50
CA LYS H 58 16.26 22.93 -38.15
C LYS H 58 14.87 22.55 -37.64
N GLU H 59 14.37 21.40 -38.10
CA GLU H 59 12.93 21.15 -38.08
C GLU H 59 12.43 20.82 -36.67
N PRO H 60 11.12 20.94 -36.42
CA PRO H 60 10.64 21.12 -35.04
C PRO H 60 11.01 20.00 -34.08
N LEU H 61 11.03 18.75 -34.55
CA LEU H 61 11.67 17.68 -33.78
C LEU H 61 11.06 17.40 -32.41
N ARG H 62 9.93 16.69 -32.38
CA ARG H 62 9.45 16.02 -31.16
C ARG H 62 8.81 16.94 -30.13
N PRO H 63 8.17 16.34 -29.11
CA PRO H 63 7.29 15.18 -29.12
C PRO H 63 5.85 15.67 -29.08
N ALA H 64 4.89 14.77 -28.92
CA ALA H 64 3.56 15.18 -28.52
C ALA H 64 3.64 15.97 -27.22
N THR H 65 3.11 17.19 -27.25
CA THR H 65 3.30 18.14 -26.15
C THR H 65 2.33 17.89 -25.00
N SER H 66 1.11 17.46 -25.32
CA SER H 66 -0.01 17.23 -24.40
C SER H 66 -0.69 18.52 -23.98
N SER H 67 -0.04 19.66 -24.16
CA SER H 67 -0.71 20.95 -23.99
C SER H 67 -0.30 21.86 -25.15
N ILE H 68 -1.27 22.19 -26.01
CA ILE H 68 -0.98 23.13 -27.08
C ILE H 68 -0.94 24.55 -26.53
N SER H 69 -1.69 24.81 -25.44
CA SER H 69 -1.71 26.10 -24.79
C SER H 69 -0.33 26.51 -24.30
N MET H 70 0.15 25.82 -23.27
CA MET H 70 1.38 26.25 -22.61
C MET H 70 2.55 26.27 -23.57
N PHE H 71 2.65 25.27 -24.44
CA PHE H 71 3.84 25.13 -25.28
C PHE H 71 4.10 26.41 -26.08
N ILE H 72 3.04 27.01 -26.62
CA ILE H 72 3.19 28.28 -27.32
C ILE H 72 2.90 29.47 -26.43
N LEU H 73 2.61 29.24 -25.14
CA LEU H 73 2.60 30.35 -24.19
C LEU H 73 4.02 30.70 -23.73
N ALA H 74 4.67 29.76 -23.05
CA ALA H 74 5.92 30.01 -22.34
C ALA H 74 6.94 30.82 -23.13
N PRO H 75 7.23 30.52 -24.40
CA PRO H 75 8.21 31.35 -25.12
C PRO H 75 7.78 32.80 -25.23
N ILE H 76 6.52 33.01 -25.59
CA ILE H 76 6.00 34.37 -25.72
C ILE H 76 6.16 35.12 -24.41
N LEU H 77 5.89 34.46 -23.29
CA LEU H 77 6.04 35.12 -22.00
C LEU H 77 7.50 35.45 -21.73
N ALA H 78 8.39 34.48 -21.91
CA ALA H 78 9.81 34.70 -21.61
C ALA H 78 10.34 35.88 -22.40
N LEU H 79 10.11 35.90 -23.72
CA LEU H 79 10.47 37.07 -24.50
C LEU H 79 9.84 38.33 -23.93
N THR H 80 8.50 38.39 -23.96
CA THR H 80 7.80 39.63 -23.62
C THR H 80 8.33 40.24 -22.34
N LEU H 81 8.56 39.41 -21.31
CA LEU H 81 9.19 39.91 -20.11
C LEU H 81 10.59 40.43 -20.40
N ALA H 82 11.41 39.63 -21.07
CA ALA H 82 12.79 40.04 -21.32
C ALA H 82 12.87 41.36 -22.09
N LEU H 83 11.88 41.65 -22.94
CA LEU H 83 11.88 42.87 -23.72
C LEU H 83 11.38 44.06 -22.90
N THR H 84 10.32 43.86 -22.12
CA THR H 84 9.77 44.97 -21.35
C THR H 84 10.59 45.30 -20.12
N MET H 85 11.46 44.41 -19.67
CA MET H 85 12.34 44.74 -18.56
C MET H 85 13.18 45.97 -18.85
N TRP H 86 13.56 46.15 -20.11
CA TRP H 86 14.44 47.24 -20.53
C TRP H 86 13.79 48.60 -20.46
N ILE H 87 12.49 48.68 -20.26
CA ILE H 87 11.80 49.97 -20.37
C ILE H 87 12.37 50.97 -19.37
N PRO H 88 12.27 50.73 -18.05
CA PRO H 88 12.61 51.81 -17.11
C PRO H 88 14.09 52.12 -17.02
N LEU H 89 14.99 51.22 -17.43
CA LEU H 89 16.41 51.41 -17.20
C LEU H 89 16.81 52.81 -17.64
N PRO H 90 17.50 53.58 -16.80
CA PRO H 90 17.42 55.04 -16.97
C PRO H 90 17.98 55.54 -18.27
N MET H 91 19.22 55.14 -18.64
CA MET H 91 19.82 55.75 -19.81
C MET H 91 19.95 57.23 -19.45
N PRO H 92 20.46 58.08 -20.30
CA PRO H 92 20.13 59.50 -20.10
C PRO H 92 18.64 59.70 -19.84
N TYR H 93 17.75 59.04 -20.58
CA TYR H 93 16.32 59.22 -20.33
C TYR H 93 15.54 57.92 -20.52
N PRO H 94 14.53 57.67 -19.68
CA PRO H 94 14.05 56.29 -19.49
C PRO H 94 13.27 55.68 -20.64
N LEU H 95 12.59 56.48 -21.47
CA LEU H 95 11.64 56.06 -22.50
C LEU H 95 10.28 55.68 -21.94
N ILE H 96 10.24 55.27 -20.67
CA ILE H 96 9.06 55.45 -19.82
C ILE H 96 9.58 55.81 -18.44
N ASN H 97 9.25 56.99 -17.97
CA ASN H 97 9.70 57.42 -16.66
C ASN H 97 8.62 57.05 -15.66
N MET H 98 8.90 56.07 -14.81
CA MET H 98 7.96 55.60 -13.83
C MET H 98 8.39 56.05 -12.45
N ASN H 99 7.43 56.44 -11.62
CA ASN H 99 7.76 56.87 -10.27
C ASN H 99 8.37 55.70 -9.49
N LEU H 100 7.64 54.60 -9.38
CA LEU H 100 8.18 53.41 -8.73
C LEU H 100 9.40 52.89 -9.47
N GLY H 101 9.23 52.39 -10.69
CA GLY H 101 10.42 51.91 -11.33
C GLY H 101 10.96 50.66 -10.67
N VAL H 102 12.17 50.74 -10.11
CA VAL H 102 13.02 49.58 -9.87
C VAL H 102 12.26 48.38 -9.29
N LEU H 103 11.24 48.62 -8.48
CA LEU H 103 10.46 47.49 -7.99
C LEU H 103 9.52 46.94 -9.04
N PHE H 104 9.27 47.69 -10.11
CA PHE H 104 8.60 47.14 -11.28
C PHE H 104 9.48 46.12 -11.98
N MET H 105 10.76 46.46 -12.19
CA MET H 105 11.70 45.47 -12.70
C MET H 105 11.78 44.27 -11.77
N LEU H 106 11.89 44.53 -10.47
CA LEU H 106 11.89 43.44 -9.50
C LEU H 106 10.66 42.56 -9.69
N ALA H 107 9.50 43.18 -9.91
CA ALA H 107 8.25 42.44 -10.00
C ALA H 107 8.24 41.55 -11.25
N MET H 108 8.52 42.13 -12.42
CA MET H 108 8.49 41.30 -13.62
C MET H 108 9.55 40.21 -13.56
N SER H 109 10.74 40.54 -13.07
CA SER H 109 11.73 39.51 -12.81
C SER H 109 11.18 38.41 -11.91
N SER H 110 10.25 38.74 -11.01
CA SER H 110 9.60 37.68 -10.25
C SER H 110 8.64 36.89 -11.12
N LEU H 111 7.99 37.54 -12.08
CA LEU H 111 7.11 36.78 -12.97
C LEU H 111 7.87 35.87 -13.93
N ALA H 112 9.17 36.09 -14.13
CA ALA H 112 9.85 35.42 -15.22
C ALA H 112 9.90 33.89 -15.08
N VAL H 113 9.51 33.34 -13.94
CA VAL H 113 9.72 31.92 -13.70
C VAL H 113 8.60 31.05 -14.24
N TYR H 114 7.45 31.62 -14.60
CA TYR H 114 6.40 30.81 -15.20
C TYR H 114 6.86 30.14 -16.48
N SER H 115 7.77 30.77 -17.20
CA SER H 115 8.32 30.11 -18.38
C SER H 115 9.06 28.85 -18.01
N ILE H 116 9.62 28.80 -16.80
CA ILE H 116 10.30 27.59 -16.37
C ILE H 116 9.31 26.56 -15.86
N LEU H 117 8.34 26.98 -15.06
CA LEU H 117 7.31 26.04 -14.61
C LEU H 117 6.59 25.40 -15.78
N TRP H 118 6.12 26.22 -16.70
CA TRP H 118 5.34 25.74 -17.84
C TRP H 118 6.21 25.04 -18.86
N SER H 119 7.31 25.69 -19.25
CA SER H 119 8.28 25.07 -20.15
C SER H 119 8.62 23.67 -19.67
N GLY H 120 9.21 23.56 -18.48
CA GLY H 120 9.50 22.25 -17.95
C GLY H 120 8.27 21.41 -17.64
N TRP H 121 7.08 22.01 -17.63
CA TRP H 121 5.88 21.25 -17.33
C TRP H 121 5.37 20.48 -18.53
N ALA H 122 5.41 21.10 -19.71
CA ALA H 122 4.78 20.53 -20.90
C ALA H 122 5.67 19.50 -21.59
N SER H 123 6.82 19.18 -21.02
CA SER H 123 7.69 18.18 -21.63
C SER H 123 6.99 16.85 -21.83
N ASN H 124 6.08 16.49 -20.93
CA ASN H 124 5.48 15.17 -20.78
C ASN H 124 6.54 14.16 -20.31
N SER H 125 7.79 14.58 -20.19
CA SER H 125 8.85 13.74 -19.65
C SER H 125 8.96 14.02 -18.15
N LYS H 126 8.65 13.01 -17.34
CA LYS H 126 8.58 13.19 -15.89
C LYS H 126 9.92 13.59 -15.28
N TYR H 127 11.01 13.44 -16.01
CA TYR H 127 12.30 13.87 -15.47
C TYR H 127 12.51 15.36 -15.66
N ALA H 128 12.18 15.88 -16.85
CA ALA H 128 12.29 17.31 -17.09
C ALA H 128 11.37 18.11 -16.18
N LEU H 129 10.25 17.53 -15.79
CA LEU H 129 9.44 18.11 -14.74
C LEU H 129 10.28 18.41 -13.51
N ILE H 130 10.80 17.36 -12.88
CA ILE H 130 11.56 17.51 -11.64
C ILE H 130 12.66 18.54 -11.82
N GLY H 131 13.42 18.41 -12.90
CA GLY H 131 14.45 19.40 -13.17
C GLY H 131 13.90 20.81 -13.14
N ALA H 132 12.76 21.02 -13.80
CA ALA H 132 12.17 22.35 -13.85
C ALA H 132 11.79 22.83 -12.46
N LEU H 133 11.12 21.97 -11.68
CA LEU H 133 10.76 22.35 -10.32
C LEU H 133 11.97 22.82 -9.55
N ARG H 134 13.09 22.11 -9.69
CA ARG H 134 14.30 22.50 -8.96
C ARG H 134 14.84 23.85 -9.43
N ALA H 135 14.94 24.05 -10.74
CA ALA H 135 15.41 25.33 -11.25
C ALA H 135 14.52 26.47 -10.76
N VAL H 136 13.21 26.24 -10.74
CA VAL H 136 12.30 27.20 -10.12
C VAL H 136 12.68 27.45 -8.67
N ALA H 137 13.07 26.39 -7.97
CA ALA H 137 13.41 26.55 -6.56
C ALA H 137 14.59 27.50 -6.38
N GLN H 138 15.67 27.29 -7.13
CA GLN H 138 16.82 28.16 -6.91
C GLN H 138 16.56 29.57 -7.41
N THR H 139 15.94 29.72 -8.58
CA THR H 139 15.58 31.05 -9.05
C THR H 139 14.74 31.78 -8.00
N ILE H 140 13.81 31.08 -7.38
CA ILE H 140 12.89 31.71 -6.45
C ILE H 140 13.63 32.09 -5.16
N SER H 141 14.52 31.21 -4.69
CA SER H 141 15.26 31.48 -3.48
C SER H 141 16.14 32.70 -3.65
N TYR H 142 16.68 32.91 -4.84
CA TYR H 142 17.42 34.13 -5.08
C TYR H 142 16.53 35.27 -5.52
N GLU H 143 15.22 35.04 -5.69
CA GLU H 143 14.32 36.18 -5.74
C GLU H 143 14.02 36.70 -4.35
N VAL H 144 14.11 35.85 -3.33
CA VAL H 144 14.03 36.33 -1.96
C VAL H 144 15.14 37.35 -1.71
N THR H 145 16.39 36.89 -1.75
CA THR H 145 17.51 37.69 -1.27
C THR H 145 17.61 39.00 -2.03
N LEU H 146 17.72 38.92 -3.36
CA LEU H 146 17.93 40.09 -4.20
C LEU H 146 16.98 41.23 -3.82
N ALA H 147 15.70 40.90 -3.66
CA ALA H 147 14.71 41.91 -3.31
C ALA H 147 15.15 42.69 -2.08
N ILE H 148 15.67 41.99 -1.08
CA ILE H 148 16.04 42.70 0.14
C ILE H 148 17.21 43.64 -0.15
N ILE H 149 18.12 43.22 -1.02
CA ILE H 149 19.26 44.07 -1.36
C ILE H 149 18.79 45.35 -2.01
N LEU H 150 18.01 45.25 -3.08
CA LEU H 150 17.45 46.47 -3.67
C LEU H 150 16.76 47.32 -2.61
N LEU H 151 16.00 46.67 -1.74
CA LEU H 151 15.33 47.36 -0.64
C LEU H 151 16.30 47.98 0.35
N SER H 152 17.60 47.67 0.26
CA SER H 152 18.60 48.31 1.10
C SER H 152 19.38 49.37 0.33
N VAL H 153 20.13 48.97 -0.69
CA VAL H 153 20.94 49.90 -1.47
C VAL H 153 20.10 51.05 -1.98
N LEU H 154 18.82 50.81 -2.22
CA LEU H 154 17.95 51.92 -2.61
C LEU H 154 17.79 52.92 -1.49
N LEU H 155 17.85 52.47 -0.24
CA LEU H 155 17.50 53.34 0.87
C LEU H 155 18.46 54.52 0.99
N MET H 156 19.55 54.52 0.23
CA MET H 156 20.37 55.71 0.10
C MET H 156 19.89 56.63 -1.03
N ASN H 157 19.02 56.16 -1.93
CA ASN H 157 18.41 57.05 -2.90
C ASN H 157 17.34 57.93 -2.27
N GLY H 158 16.45 57.33 -1.50
CA GLY H 158 15.34 58.01 -0.90
C GLY H 158 14.04 57.89 -1.65
N SER H 159 14.08 57.41 -2.88
CA SER H 159 12.89 57.18 -3.66
C SER H 159 13.21 56.11 -4.69
N PHE H 160 12.17 55.52 -5.24
CA PHE H 160 12.32 54.44 -6.18
C PHE H 160 12.60 54.89 -7.61
N THR H 161 12.64 56.21 -7.86
CA THR H 161 12.48 56.75 -9.20
C THR H 161 13.34 56.07 -10.25
N LEU H 162 14.53 55.62 -9.86
CA LEU H 162 15.54 55.04 -10.75
C LEU H 162 16.20 56.14 -11.57
N SER H 163 15.58 57.31 -11.63
CA SER H 163 16.29 58.48 -12.14
C SER H 163 17.16 59.09 -11.05
N THR H 164 16.59 59.31 -9.85
CA THR H 164 17.36 59.95 -8.79
C THR H 164 18.58 59.15 -8.41
N LEU H 165 18.61 57.87 -8.77
CA LEU H 165 19.82 57.09 -8.61
C LEU H 165 21.00 57.78 -9.28
N ILE H 166 20.79 58.26 -10.51
CA ILE H 166 21.86 58.96 -11.20
C ILE H 166 22.18 60.28 -10.50
N ILE H 167 21.27 60.78 -9.67
CA ILE H 167 21.56 62.00 -8.92
C ILE H 167 22.41 61.66 -7.70
N THR H 168 22.13 60.54 -7.04
CA THR H 168 22.96 60.13 -5.92
C THR H 168 24.37 59.81 -6.37
N GLN H 169 24.50 59.23 -7.56
CA GLN H 169 25.83 58.79 -7.99
C GLN H 169 26.78 59.93 -8.30
N GLU H 170 26.31 61.18 -8.34
CA GLU H 170 27.13 62.26 -8.88
C GLU H 170 28.46 62.38 -8.15
N GLN H 171 28.42 62.44 -6.82
CA GLN H 171 29.67 62.65 -6.09
C GLN H 171 30.49 61.38 -5.99
N VAL H 172 29.87 60.27 -5.61
CA VAL H 172 30.58 59.02 -5.36
C VAL H 172 29.74 57.85 -5.84
N TRP H 173 30.38 56.90 -6.52
CA TRP H 173 29.70 55.67 -6.88
C TRP H 173 29.11 54.99 -5.65
N LEU H 174 27.94 54.40 -5.83
CA LEU H 174 27.27 53.74 -4.73
C LEU H 174 28.00 52.47 -4.29
N ILE H 175 29.01 52.05 -5.06
CA ILE H 175 29.83 50.90 -4.65
C ILE H 175 30.58 51.21 -3.36
N PHE H 176 31.01 52.47 -3.18
CA PHE H 176 31.75 52.81 -1.96
C PHE H 176 30.88 52.77 -0.71
N PRO H 177 29.72 53.43 -0.66
CA PRO H 177 28.93 53.39 0.58
C PRO H 177 28.60 51.98 1.04
N ALA H 178 28.21 51.09 0.14
CA ALA H 178 28.22 49.67 0.45
C ALA H 178 28.90 48.94 -0.69
N TRP H 179 30.13 48.48 -0.47
CA TRP H 179 30.67 47.46 -1.35
C TRP H 179 30.08 46.08 -1.06
N PRO H 180 30.05 45.60 0.19
CA PRO H 180 29.74 44.17 0.38
C PRO H 180 28.37 43.79 -0.14
N LEU H 181 27.37 44.63 0.12
CA LEU H 181 26.03 44.35 -0.36
C LEU H 181 26.00 44.35 -1.88
N ALA H 182 26.87 45.15 -2.50
CA ALA H 182 27.01 45.12 -3.95
C ALA H 182 27.65 43.82 -4.41
N MET H 183 28.60 43.29 -3.65
CA MET H 183 29.20 42.00 -3.96
C MET H 183 28.15 40.90 -3.94
N MET H 184 27.42 40.81 -2.82
CA MET H 184 26.36 39.83 -2.69
C MET H 184 25.33 39.98 -3.79
N TRP H 185 25.09 41.21 -4.23
CA TRP H 185 24.09 41.39 -5.27
C TRP H 185 24.62 41.06 -6.65
N PHE H 186 25.93 41.17 -6.86
CA PHE H 186 26.52 40.66 -8.10
C PHE H 186 26.34 39.16 -8.18
N ILE H 187 26.80 38.43 -7.16
CA ILE H 187 26.63 36.99 -7.16
C ILE H 187 25.16 36.62 -7.29
N SER H 188 24.29 37.40 -6.63
CA SER H 188 22.86 37.21 -6.81
C SER H 188 22.47 37.34 -8.28
N THR H 189 23.08 38.28 -9.00
CA THR H 189 22.76 38.38 -10.43
C THR H 189 23.27 37.17 -11.20
N LEU H 190 24.35 36.54 -10.74
CA LEU H 190 24.73 35.26 -11.32
C LEU H 190 23.68 34.19 -11.07
N ALA H 191 22.95 34.29 -9.96
CA ALA H 191 22.04 33.23 -9.55
C ALA H 191 20.99 32.87 -10.60
N GLU H 192 20.05 33.76 -10.86
CA GLU H 192 18.90 33.44 -11.71
C GLU H 192 19.34 32.91 -13.07
N THR H 193 20.20 33.65 -13.75
CA THR H 193 20.74 33.21 -15.04
C THR H 193 21.33 31.81 -14.95
N ASN H 194 21.80 31.43 -13.77
CA ASN H 194 22.53 30.18 -13.58
C ASN H 194 23.76 30.14 -14.48
N ARG H 195 24.54 31.22 -14.42
CA ARG H 195 25.89 31.15 -14.94
C ARG H 195 26.72 30.31 -13.98
N ALA H 196 27.82 29.76 -14.48
CA ALA H 196 28.72 29.04 -13.59
C ALA H 196 29.21 30.02 -12.53
N PRO H 197 29.35 29.58 -11.28
CA PRO H 197 29.19 28.23 -10.74
C PRO H 197 27.76 27.68 -10.71
N PHE H 198 26.75 28.54 -10.84
CA PHE H 198 25.39 28.16 -10.45
C PHE H 198 24.67 27.35 -11.52
N ASP H 199 25.30 27.10 -12.65
CA ASP H 199 24.62 26.44 -13.75
C ASP H 199 24.39 24.96 -13.43
N LEU H 200 23.36 24.39 -14.04
CA LEU H 200 23.19 22.94 -14.13
C LEU H 200 23.73 22.51 -15.50
N THR H 201 23.78 21.22 -15.79
CA THR H 201 24.70 20.85 -16.86
C THR H 201 24.35 19.48 -17.46
N GLU H 202 25.19 19.09 -18.43
CA GLU H 202 25.13 17.84 -19.19
C GLU H 202 26.00 16.79 -18.50
N GLY H 203 26.31 15.71 -19.21
CA GLY H 203 27.02 14.58 -18.62
C GLY H 203 26.09 13.85 -17.68
N GLU H 204 26.49 13.73 -16.42
CA GLU H 204 25.57 13.29 -15.39
C GLU H 204 25.30 14.45 -14.45
N SER H 205 24.03 14.76 -14.27
CA SER H 205 23.56 15.90 -13.48
C SER H 205 22.05 15.94 -13.60
N GLU H 206 21.42 16.91 -12.96
CA GLU H 206 19.97 17.02 -12.98
C GLU H 206 19.41 17.22 -14.38
N LEU H 207 20.22 17.73 -15.32
CA LEU H 207 19.83 17.88 -16.73
C LEU H 207 18.49 18.60 -16.88
N VAL H 208 18.35 19.74 -16.20
CA VAL H 208 17.18 20.59 -16.42
C VAL H 208 17.25 21.21 -17.80
N SER H 209 18.41 21.80 -18.11
CA SER H 209 18.77 22.29 -19.42
C SER H 209 19.04 21.16 -20.40
N GLY H 210 18.97 19.91 -19.96
CA GLY H 210 19.08 18.84 -20.93
C GLY H 210 17.88 18.88 -21.87
N PHE H 211 16.67 18.72 -21.35
CA PHE H 211 15.49 18.87 -22.19
C PHE H 211 15.10 20.33 -22.37
N ASN H 212 15.42 21.17 -21.38
CA ASN H 212 15.10 22.60 -21.49
C ASN H 212 15.91 23.23 -22.63
N VAL H 213 17.21 22.94 -22.68
CA VAL H 213 18.05 23.47 -23.75
C VAL H 213 17.86 22.68 -25.03
N GLU H 214 17.71 21.36 -24.94
CA GLU H 214 17.28 20.61 -26.11
C GLU H 214 16.02 21.20 -26.70
N TYR H 215 14.92 21.03 -25.99
CA TYR H 215 13.64 20.97 -26.63
C TYR H 215 13.17 22.35 -27.10
N ALA H 216 12.26 22.31 -28.08
CA ALA H 216 11.66 23.48 -28.69
C ALA H 216 12.64 24.31 -29.51
N ALA H 217 13.66 23.69 -30.12
CA ALA H 217 14.20 24.13 -31.41
C ALA H 217 14.36 25.65 -31.54
N GLY H 218 13.64 26.23 -32.51
CA GLY H 218 13.55 27.66 -32.63
C GLY H 218 13.14 28.34 -31.35
N PRO H 219 12.01 27.93 -30.76
CA PRO H 219 11.67 28.44 -29.42
C PRO H 219 12.81 28.23 -28.42
N PHE H 220 13.72 27.30 -28.69
CA PHE H 220 14.97 27.32 -27.94
C PHE H 220 15.87 28.46 -28.36
N ALA H 221 15.81 28.89 -29.62
CA ALA H 221 16.46 30.17 -29.92
C ALA H 221 15.79 31.30 -29.17
N LEU H 222 14.55 31.11 -28.75
CA LEU H 222 13.87 32.10 -27.92
C LEU H 222 14.37 32.06 -26.48
N PHE H 223 14.17 30.94 -25.78
CA PHE H 223 14.69 30.84 -24.41
C PHE H 223 16.16 31.26 -24.36
N PHE H 224 16.92 30.82 -25.36
CA PHE H 224 18.25 31.35 -25.64
C PHE H 224 18.24 32.87 -25.62
N MET H 225 17.31 33.47 -26.37
CA MET H 225 17.25 34.92 -26.49
C MET H 225 16.99 35.58 -25.14
N ALA H 226 15.90 35.20 -24.48
CA ALA H 226 15.53 35.81 -23.21
C ALA H 226 16.60 35.62 -22.16
N GLU H 227 17.30 34.49 -22.20
CA GLU H 227 18.35 34.27 -21.21
C GLU H 227 19.50 35.24 -21.42
N TYR H 228 20.04 35.32 -22.64
CA TYR H 228 21.17 36.23 -22.85
C TYR H 228 20.75 37.70 -22.69
N ALA H 229 19.63 38.08 -23.31
CA ALA H 229 19.16 39.46 -23.16
C ALA H 229 18.97 39.80 -21.69
N ASN H 230 18.37 38.89 -20.92
CA ASN H 230 18.20 39.11 -19.50
C ASN H 230 19.54 39.32 -18.82
N ILE H 231 20.56 38.58 -19.27
CA ILE H 231 21.92 38.78 -18.76
C ILE H 231 22.37 40.21 -18.99
N ILE H 232 22.35 40.64 -20.26
CA ILE H 232 22.78 42.00 -20.57
C ILE H 232 22.03 43.00 -19.69
N MET H 233 20.75 42.75 -19.46
CA MET H 233 19.99 43.59 -18.55
C MET H 233 20.66 43.64 -17.19
N MET H 234 20.65 42.52 -16.46
CA MET H 234 21.16 42.54 -15.09
C MET H 234 22.54 43.16 -15.00
N ASN H 235 23.36 43.00 -16.03
CA ASN H 235 24.61 43.76 -16.06
C ASN H 235 24.32 45.26 -16.09
N ILE H 236 23.43 45.70 -16.97
CA ILE H 236 23.13 47.13 -17.05
C ILE H 236 22.54 47.65 -15.75
N PHE H 237 21.61 46.90 -15.16
CA PHE H 237 20.99 47.36 -13.92
C PHE H 237 22.00 47.37 -12.79
N THR H 238 23.04 46.54 -12.88
CA THR H 238 24.15 46.68 -11.96
C THR H 238 24.89 47.99 -12.22
N THR H 239 25.28 48.21 -13.47
CA THR H 239 25.98 49.43 -13.85
C THR H 239 25.24 50.67 -13.41
N THR H 240 23.92 50.64 -13.44
CA THR H 240 23.20 51.80 -12.97
C THR H 240 23.15 51.85 -11.46
N LEU H 241 22.91 50.71 -10.82
CA LEU H 241 22.62 50.74 -9.39
C LEU H 241 23.87 51.04 -8.58
N PHE H 242 24.94 50.27 -8.78
CA PHE H 242 26.10 50.31 -7.90
C PHE H 242 27.23 51.17 -8.40
N LEU H 243 27.06 51.83 -9.54
CA LEU H 243 28.05 52.75 -10.06
C LEU H 243 27.36 53.62 -11.12
N GLY H 244 28.12 54.40 -11.84
CA GLY H 244 27.53 55.25 -12.86
C GLY H 244 28.42 56.42 -13.17
N ALA H 245 27.99 57.18 -14.17
CA ALA H 245 28.79 58.30 -14.64
C ALA H 245 28.05 59.61 -14.38
N PHE H 246 28.74 60.69 -14.68
CA PHE H 246 28.15 62.02 -14.54
C PHE H 246 27.35 62.31 -15.79
N HIS H 247 26.14 62.81 -15.61
CA HIS H 247 25.28 63.16 -16.73
C HIS H 247 25.50 64.63 -17.04
N ASN H 248 26.11 64.90 -18.20
CA ASN H 248 26.22 66.27 -18.66
C ASN H 248 25.09 66.51 -19.65
N PRO H 249 24.05 67.22 -19.28
CA PRO H 249 22.99 67.52 -20.24
C PRO H 249 23.53 68.41 -21.34
N TYR H 250 22.75 68.49 -22.43
CA TYR H 250 23.13 69.11 -23.69
C TYR H 250 24.05 68.17 -24.47
N MET H 251 24.62 67.17 -23.80
CA MET H 251 25.42 66.12 -24.44
C MET H 251 25.18 64.80 -23.72
N PRO H 252 24.00 64.21 -23.88
CA PRO H 252 23.73 62.95 -23.16
C PRO H 252 24.56 61.78 -23.64
N GLU H 253 24.93 61.76 -24.92
CA GLU H 253 25.66 60.63 -25.46
C GLU H 253 26.99 60.40 -24.75
N LEU H 254 27.49 61.40 -24.02
CA LEU H 254 28.66 61.19 -23.19
C LEU H 254 28.37 60.16 -22.10
N TYR H 255 27.37 60.44 -21.28
CA TYR H 255 26.95 59.47 -20.27
C TYR H 255 26.56 58.16 -20.90
N THR H 256 25.90 58.20 -22.06
CA THR H 256 25.53 56.95 -22.72
C THR H 256 26.76 56.12 -23.03
N ILE H 257 27.81 56.77 -23.55
CA ILE H 257 29.06 56.07 -23.83
C ILE H 257 29.60 55.42 -22.57
N ASN H 258 29.81 56.22 -21.52
CA ASN H 258 30.50 55.70 -20.34
C ASN H 258 29.71 54.56 -19.72
N PHE H 259 28.41 54.78 -19.56
CA PHE H 259 27.46 53.74 -19.16
C PHE H 259 27.67 52.46 -19.96
N THR H 260 27.66 52.59 -21.29
CA THR H 260 27.78 51.43 -22.16
C THR H 260 29.07 50.68 -21.88
N ILE H 261 30.19 51.40 -21.80
CA ILE H 261 31.47 50.74 -21.60
C ILE H 261 31.46 49.92 -20.32
N LYS H 262 31.09 50.54 -19.21
CA LYS H 262 31.15 49.80 -17.95
C LYS H 262 30.22 48.58 -17.97
N SER H 263 29.02 48.75 -18.52
CA SER H 263 28.10 47.61 -18.59
C SER H 263 28.71 46.46 -19.39
N LEU H 264 29.19 46.76 -20.60
CA LEU H 264 29.76 45.70 -21.43
C LEU H 264 30.89 44.98 -20.70
N LEU H 265 31.80 45.74 -20.10
CA LEU H 265 32.88 45.10 -19.35
C LEU H 265 32.35 44.19 -18.26
N LEU H 266 31.26 44.60 -17.61
CA LEU H 266 30.68 43.77 -16.57
C LEU H 266 30.20 42.43 -17.14
N SER H 267 29.46 42.47 -18.23
CA SER H 267 29.03 41.23 -18.87
C SER H 267 30.23 40.36 -19.26
N ILE H 268 31.28 40.99 -19.79
CA ILE H 268 32.54 40.30 -20.03
C ILE H 268 32.96 39.53 -18.79
N THR H 269 32.81 40.14 -17.61
CA THR H 269 33.19 39.44 -16.40
C THR H 269 32.26 38.27 -16.11
N PHE H 270 30.97 38.38 -16.44
CA PHE H 270 30.15 37.17 -16.36
C PHE H 270 30.76 36.03 -17.17
N LEU H 271 30.84 36.24 -18.49
CA LEU H 271 31.29 35.16 -19.36
C LEU H 271 32.63 34.61 -18.90
N TRP H 272 33.58 35.49 -18.57
CA TRP H 272 34.71 35.05 -17.77
C TRP H 272 34.40 35.38 -16.32
N ILE H 273 33.61 34.48 -15.76
CA ILE H 273 33.61 33.84 -14.46
C ILE H 273 33.25 32.42 -14.87
N ARG H 274 32.18 32.31 -15.67
CA ARG H 274 31.75 31.04 -16.24
C ARG H 274 32.92 30.20 -16.73
N ALA H 275 33.89 30.85 -17.37
CA ALA H 275 35.10 30.10 -17.69
C ALA H 275 35.82 29.62 -16.45
N SER H 276 35.80 30.43 -15.40
CA SER H 276 36.81 30.32 -14.35
C SER H 276 36.54 29.17 -13.39
N TYR H 277 35.34 29.07 -12.86
CA TYR H 277 35.24 28.21 -11.69
C TYR H 277 34.33 27.02 -11.95
N PRO H 278 34.50 25.94 -11.19
CA PRO H 278 33.58 24.80 -11.29
C PRO H 278 32.18 25.14 -10.82
N ARG H 279 31.30 24.15 -10.78
CA ARG H 279 29.91 24.33 -10.38
C ARG H 279 29.72 23.84 -8.95
N PHE H 280 28.79 24.47 -8.24
CA PHE H 280 28.35 23.89 -6.99
C PHE H 280 27.40 22.74 -7.23
N ARG H 281 27.48 21.73 -6.36
CA ARG H 281 26.40 20.76 -6.30
C ARG H 281 25.17 21.45 -5.78
N TYR H 282 24.02 20.85 -6.03
CA TYR H 282 22.76 21.59 -5.88
C TYR H 282 22.48 22.00 -4.44
N ASP H 283 22.41 21.04 -3.52
CA ASP H 283 22.04 21.38 -2.16
C ASP H 283 23.03 22.38 -1.56
N GLN H 284 24.32 22.12 -1.73
CA GLN H 284 25.35 23.04 -1.27
C GLN H 284 25.10 24.44 -1.80
N LEU H 285 24.47 24.55 -2.96
CA LEU H 285 24.09 25.86 -3.48
C LEU H 285 22.91 26.44 -2.71
N MET H 286 21.77 25.76 -2.77
CA MET H 286 20.55 26.26 -2.13
C MET H 286 20.79 26.63 -0.68
N HIS H 287 21.26 25.67 0.12
CA HIS H 287 21.53 26.04 1.49
C HIS H 287 22.86 26.73 1.65
N LEU H 288 23.63 26.95 0.58
CA LEU H 288 24.65 27.98 0.70
C LEU H 288 24.02 29.36 0.74
N LEU H 289 22.96 29.56 -0.05
CA LEU H 289 22.19 30.80 0.06
C LEU H 289 21.55 30.93 1.42
N TRP H 290 20.88 29.87 1.88
CA TRP H 290 20.18 29.97 3.15
C TRP H 290 21.13 30.06 4.33
N LYS H 291 22.28 29.39 4.25
CA LYS H 291 23.26 29.47 5.34
C LYS H 291 23.72 30.90 5.59
N ASN H 292 24.23 31.57 4.56
CA ASN H 292 25.15 32.67 4.76
C ASN H 292 24.68 33.98 4.14
N PHE H 293 24.43 34.03 2.83
CA PHE H 293 23.92 35.25 2.21
C PHE H 293 22.79 35.88 3.00
N LEU H 294 21.64 35.22 3.06
CA LEU H 294 20.45 35.85 3.63
C LEU H 294 20.66 36.40 5.03
N PRO H 295 21.31 35.69 5.97
CA PRO H 295 21.57 36.33 7.27
C PRO H 295 22.37 37.61 7.17
N LEU H 296 23.47 37.60 6.41
CA LEU H 296 24.28 38.80 6.33
C LEU H 296 23.55 39.91 5.61
N THR H 297 22.68 39.57 4.67
CA THR H 297 21.83 40.58 4.06
C THR H 297 20.92 41.21 5.09
N LEU H 298 20.32 40.39 5.96
CA LEU H 298 19.50 40.97 7.03
C LEU H 298 20.32 41.94 7.87
N ALA H 299 21.52 41.53 8.28
CA ALA H 299 22.36 42.39 9.08
C ALA H 299 22.65 43.71 8.37
N LEU H 300 23.18 43.63 7.15
CA LEU H 300 23.51 44.85 6.43
C LEU H 300 22.27 45.72 6.21
N CYS H 301 21.13 45.08 5.95
CA CYS H 301 19.88 45.83 5.77
C CYS H 301 19.55 46.64 7.02
N MET H 302 19.30 45.97 8.15
CA MET H 302 18.99 46.71 9.37
C MET H 302 20.06 47.74 9.66
N TRP H 303 21.30 47.48 9.25
CA TRP H 303 22.33 48.49 9.46
C TRP H 303 22.16 49.66 8.52
N HIS H 304 21.48 49.47 7.39
CA HIS H 304 21.13 50.58 6.52
C HIS H 304 19.77 51.18 6.85
N VAL H 305 18.98 50.55 7.72
CA VAL H 305 17.82 51.24 8.24
C VAL H 305 18.24 52.16 9.38
N SER H 306 19.14 51.66 10.23
CA SER H 306 19.62 52.45 11.35
C SER H 306 20.70 53.44 10.96
N LEU H 307 21.47 53.18 9.90
CA LEU H 307 22.59 54.07 9.60
C LEU H 307 22.15 55.47 9.22
N PRO H 308 21.37 55.68 8.15
CA PRO H 308 21.13 57.04 7.69
C PRO H 308 20.58 57.95 8.76
N ILE H 309 19.91 57.40 9.76
CA ILE H 309 19.38 58.24 10.83
C ILE H 309 20.47 58.61 11.81
N LEU H 310 21.50 57.77 11.95
CA LEU H 310 22.69 58.09 12.72
C LEU H 310 23.34 59.36 12.22
N LEU H 311 23.95 59.25 11.04
CA LEU H 311 24.73 60.32 10.45
C LEU H 311 23.87 61.51 10.07
N SER H 312 22.56 61.41 10.24
CA SER H 312 21.57 62.47 10.04
C SER H 312 21.33 62.76 8.58
N SER H 313 22.01 62.09 7.67
CA SER H 313 21.69 62.18 6.27
C SER H 313 20.72 61.05 5.95
N ILE H 314 19.46 61.40 5.74
CA ILE H 314 18.49 60.47 5.20
C ILE H 314 18.03 61.12 3.90
N PRO H 315 17.77 60.34 2.86
CA PRO H 315 17.79 60.90 1.52
C PRO H 315 16.56 61.75 1.26
N PRO H 316 16.65 62.69 0.34
CA PRO H 316 15.55 63.61 0.07
C PRO H 316 14.55 63.10 -0.94
N GLN H 317 13.54 62.36 -0.50
CA GLN H 317 12.40 62.10 -1.36
C GLN H 317 11.93 63.42 -1.99
N THR H 318 11.80 63.41 -3.31
CA THR H 318 11.29 64.58 -4.00
C THR H 318 9.78 64.61 -3.92
N MET I 1 5.70 17.74 18.03
CA MET I 1 5.24 18.71 19.01
C MET I 1 6.28 18.92 20.09
N ASN I 2 6.28 20.10 20.69
CA ASN I 2 7.15 20.35 21.82
C ASN I 2 6.34 20.97 22.93
N PRO I 3 6.64 20.64 24.19
CA PRO I 3 5.84 21.15 25.31
C PRO I 3 5.98 22.65 25.52
N ILE I 4 6.96 23.29 24.93
CA ILE I 4 6.93 24.75 24.83
C ILE I 4 5.95 25.19 23.75
N ILE I 5 6.21 24.77 22.51
CA ILE I 5 5.47 25.26 21.36
C ILE I 5 3.97 25.25 21.60
N LEU I 6 3.46 24.23 22.29
CA LEU I 6 2.05 24.25 22.62
C LEU I 6 1.69 25.46 23.47
N ILE I 7 2.58 25.87 24.37
CA ILE I 7 2.32 27.08 25.14
C ILE I 7 2.43 28.30 24.25
N ILE I 8 3.37 28.29 23.30
CA ILE I 8 3.56 29.43 22.42
C ILE I 8 2.53 29.47 21.32
N ILE I 9 1.63 28.49 21.25
CA ILE I 9 0.52 28.50 20.32
C ILE I 9 -0.74 28.87 21.08
N LEU I 10 -1.10 28.05 22.06
CA LEU I 10 -2.27 28.36 22.89
C LEU I 10 -2.22 29.80 23.38
N MET I 11 -1.03 30.29 23.73
CA MET I 11 -0.90 31.70 24.06
C MET I 11 -1.37 32.58 22.90
N THR I 12 -1.11 32.17 21.67
CA THR I 12 -1.52 32.98 20.53
C THR I 12 -3.00 32.84 20.23
N VAL I 13 -3.61 31.72 20.57
CA VAL I 13 -5.04 31.58 20.41
C VAL I 13 -5.76 32.48 21.42
N MET I 14 -5.41 32.34 22.69
CA MET I 14 -5.90 33.27 23.70
C MET I 14 -5.71 34.70 23.23
N LEU I 15 -4.51 35.01 22.72
CA LEU I 15 -4.24 36.37 22.26
C LEU I 15 -5.19 36.77 21.15
N GLY I 16 -5.33 35.93 20.13
CA GLY I 16 -6.22 36.27 19.02
C GLY I 16 -7.62 36.59 19.48
N THR I 17 -8.22 35.69 20.26
CA THR I 17 -9.57 35.96 20.73
C THR I 17 -9.64 37.23 21.56
N ILE I 18 -8.61 37.47 22.39
CA ILE I 18 -8.55 38.71 23.15
C ILE I 18 -8.57 39.91 22.22
N ILE I 19 -7.95 39.79 21.05
CA ILE I 19 -7.97 40.90 20.11
C ILE I 19 -9.34 41.06 19.49
N VAL I 20 -10.00 39.96 19.16
CA VAL I 20 -11.36 40.06 18.64
C VAL I 20 -12.26 40.75 19.66
N MET I 21 -11.99 40.55 20.94
CA MET I 21 -12.80 41.22 21.94
C MET I 21 -12.41 42.67 22.12
N ILE I 22 -11.12 42.98 22.06
CA ILE I 22 -10.68 44.31 22.46
C ILE I 22 -10.85 45.33 21.35
N SER I 23 -10.55 44.96 20.11
CA SER I 23 -10.38 46.00 19.08
C SER I 23 -11.71 46.63 18.69
N THR I 24 -11.67 47.93 18.42
CA THR I 24 -12.83 48.67 17.93
C THR I 24 -12.82 48.84 16.42
N HIS I 25 -11.87 48.24 15.73
CA HIS I 25 -11.70 48.39 14.29
C HIS I 25 -12.04 47.07 13.61
N TRP I 26 -12.60 47.15 12.39
CA TRP I 26 -12.97 45.91 11.73
C TRP I 26 -11.76 45.09 11.34
N LEU I 27 -10.83 45.71 10.61
CA LEU I 27 -9.70 44.97 10.07
C LEU I 27 -8.98 44.19 11.16
N LEU I 28 -8.85 44.78 12.35
CA LEU I 28 -8.32 44.03 13.48
C LEU I 28 -9.14 42.77 13.73
N ILE I 29 -10.42 42.91 14.06
CA ILE I 29 -11.25 41.73 14.35
C ILE I 29 -11.06 40.66 13.28
N TRP I 30 -11.06 41.06 12.02
CA TRP I 30 -10.77 40.11 10.96
C TRP I 30 -9.43 39.43 11.17
N ILE I 31 -8.44 40.19 11.62
CA ILE I 31 -7.13 39.60 11.91
C ILE I 31 -7.22 38.62 13.06
N GLY I 32 -7.96 38.98 14.10
CA GLY I 32 -8.13 38.07 15.23
C GLY I 32 -8.69 36.73 14.82
N PHE I 33 -9.69 36.74 13.95
CA PHE I 33 -10.16 35.47 13.39
C PHE I 33 -9.04 34.76 12.65
N GLU I 34 -8.30 35.49 11.81
CA GLU I 34 -7.23 34.84 11.05
C GLU I 34 -6.22 34.18 11.98
N MET I 35 -5.88 34.81 13.10
CA MET I 35 -4.91 34.21 14.01
C MET I 35 -5.48 33.02 14.77
N ASN I 36 -6.75 33.08 15.14
CA ASN I 36 -7.33 31.90 15.78
C ASN I 36 -7.35 30.71 14.85
N MET I 37 -7.58 30.92 13.55
CA MET I 37 -7.46 29.80 12.63
C MET I 37 -6.00 29.33 12.52
N LEU I 38 -5.12 30.25 12.13
CA LEU I 38 -3.72 29.88 11.90
C LEU I 38 -3.15 29.14 13.09
N ALA I 39 -3.42 29.60 14.29
CA ALA I 39 -2.86 28.94 15.45
C ALA I 39 -3.70 27.77 15.94
N ILE I 40 -4.95 27.65 15.50
CA ILE I 40 -5.75 26.53 15.99
C ILE I 40 -5.64 25.31 15.09
N ILE I 41 -5.05 25.45 13.89
CA ILE I 41 -4.76 24.28 13.08
C ILE I 41 -3.73 23.36 13.73
N PRO I 42 -2.69 23.86 14.42
CA PRO I 42 -1.77 22.91 15.08
C PRO I 42 -2.35 22.21 16.29
N ILE I 43 -3.30 22.82 17.00
CA ILE I 43 -3.82 22.18 18.20
C ILE I 43 -4.56 20.90 17.85
N MET I 44 -5.55 21.01 16.97
CA MET I 44 -6.03 19.85 16.25
C MET I 44 -4.87 19.26 15.47
N MET I 45 -4.91 17.96 15.24
CA MET I 45 -3.87 17.17 14.57
C MET I 45 -2.76 16.76 15.53
N LYS I 46 -2.84 17.12 16.81
CA LYS I 46 -1.73 16.89 17.73
C LYS I 46 -1.13 15.49 17.57
N LYS I 47 -1.99 14.49 17.52
CA LYS I 47 -1.54 13.17 17.09
C LYS I 47 -1.79 13.03 15.59
N HIS I 48 -0.88 12.32 14.93
CA HIS I 48 -0.69 12.45 13.49
C HIS I 48 -1.58 11.53 12.66
N ASN I 49 -2.52 10.85 13.28
CA ASN I 49 -3.44 10.01 12.53
C ASN I 49 -4.13 10.80 11.43
N PRO I 50 -4.58 10.15 10.35
CA PRO I 50 -5.15 10.92 9.23
C PRO I 50 -6.50 11.54 9.55
N ARG I 51 -7.26 10.95 10.46
CA ARG I 51 -8.56 11.48 10.83
C ARG I 51 -8.46 12.95 11.19
N ALA I 52 -7.50 13.30 12.04
CA ALA I 52 -7.29 14.68 12.41
C ALA I 52 -6.87 15.55 11.24
N THR I 53 -6.25 14.96 10.22
CA THR I 53 -5.83 15.76 9.07
C THR I 53 -7.01 16.10 8.17
N GLU I 54 -7.82 15.11 7.80
CA GLU I 54 -9.00 15.40 6.99
C GLU I 54 -9.98 16.28 7.75
N ALA I 55 -10.21 15.97 9.03
CA ALA I 55 -11.12 16.77 9.82
C ALA I 55 -10.61 18.20 9.97
N SER I 56 -9.33 18.35 10.30
CA SER I 56 -8.75 19.68 10.41
C SER I 56 -8.86 20.44 9.10
N THR I 57 -8.83 19.74 7.97
CA THR I 57 -9.08 20.42 6.71
C THR I 57 -10.51 20.92 6.62
N LYS I 58 -11.48 20.04 6.89
CA LYS I 58 -12.88 20.49 6.81
C LYS I 58 -13.15 21.65 7.74
N TYR I 59 -12.44 21.73 8.86
CA TYR I 59 -12.52 22.94 9.65
C TYR I 59 -11.91 24.12 8.90
N PHE I 60 -10.75 23.90 8.28
CA PHE I 60 -10.00 25.02 7.71
C PHE I 60 -10.74 25.67 6.54
N LEU I 61 -11.28 24.87 5.62
CA LEU I 61 -12.01 25.45 4.50
C LEU I 61 -13.15 26.34 4.98
N THR I 62 -14.16 25.75 5.61
CA THR I 62 -15.36 26.52 5.95
C THR I 62 -15.04 27.66 6.91
N GLN I 63 -14.11 27.44 7.84
CA GLN I 63 -13.76 28.50 8.76
C GLN I 63 -13.10 29.67 8.04
N SER I 64 -12.13 29.36 7.16
CA SER I 64 -11.41 30.42 6.47
C SER I 64 -12.32 31.16 5.50
N THR I 65 -13.06 30.44 4.67
CA THR I 65 -13.99 31.11 3.77
C THR I 65 -15.02 31.91 4.54
N ALA I 66 -15.44 31.44 5.72
CA ALA I 66 -16.27 32.27 6.57
C ALA I 66 -15.58 33.60 6.83
N SER I 67 -14.32 33.55 7.28
CA SER I 67 -13.58 34.78 7.49
C SER I 67 -13.61 35.70 6.26
N MET I 68 -13.43 35.12 5.07
CA MET I 68 -13.42 35.95 3.87
C MET I 68 -14.77 36.62 3.66
N LEU I 69 -15.85 35.85 3.81
CA LEU I 69 -17.18 36.43 3.69
C LEU I 69 -17.37 37.57 4.68
N LEU I 70 -16.86 37.40 5.90
CA LEU I 70 -16.85 38.49 6.86
C LEU I 70 -16.19 39.72 6.27
N MET I 71 -15.00 39.55 5.68
CA MET I 71 -14.32 40.68 5.07
C MET I 71 -15.17 41.32 3.98
N MET I 72 -15.88 40.51 3.19
CA MET I 72 -16.74 41.07 2.17
C MET I 72 -17.78 41.98 2.78
N ALA I 73 -18.45 41.50 3.84
CA ALA I 73 -19.45 42.33 4.50
C ALA I 73 -18.85 43.61 5.04
N ILE I 74 -17.69 43.51 5.70
CA ILE I 74 -17.00 44.71 6.17
C ILE I 74 -16.82 45.70 5.03
N ILE I 75 -16.38 45.22 3.87
CA ILE I 75 -16.11 46.14 2.78
C ILE I 75 -17.40 46.76 2.27
N ILE I 76 -18.48 45.99 2.17
CA ILE I 76 -19.74 46.59 1.75
C ILE I 76 -20.15 47.68 2.72
N ASN I 77 -19.90 47.46 4.01
CA ASN I 77 -20.05 48.55 4.97
C ASN I 77 -19.21 49.75 4.55
N LEU I 78 -17.99 49.51 4.06
CA LEU I 78 -17.19 50.66 3.64
C LEU I 78 -17.85 51.38 2.46
N MET I 79 -18.42 50.62 1.53
CA MET I 79 -19.14 51.21 0.39
C MET I 79 -20.23 52.13 0.89
N PHE I 80 -21.24 51.55 1.53
CA PHE I 80 -22.28 52.39 2.08
C PHE I 80 -21.69 53.24 3.21
N SER I 81 -22.42 54.27 3.61
CA SER I 81 -21.81 55.37 4.34
C SER I 81 -21.01 54.80 5.49
N GLY I 82 -19.72 55.07 5.49
CA GLY I 82 -18.81 54.14 6.11
C GLY I 82 -17.54 54.73 6.66
N GLN I 83 -17.03 54.04 7.66
CA GLN I 83 -15.79 54.31 8.37
C GLN I 83 -15.45 52.98 9.02
N TRP I 84 -14.25 52.87 9.53
CA TRP I 84 -13.86 51.62 10.17
C TRP I 84 -14.04 51.79 11.66
N THR I 85 -15.10 51.18 12.20
CA THR I 85 -15.35 51.12 13.64
C THR I 85 -16.04 49.82 13.95
N VAL I 86 -16.37 49.62 15.22
CA VAL I 86 -17.25 48.53 15.63
C VAL I 86 -18.50 49.15 16.22
N MET I 87 -19.61 48.99 15.50
CA MET I 87 -20.87 49.63 15.83
C MET I 87 -21.90 49.20 14.80
N LYS I 88 -23.13 49.70 14.92
CA LYS I 88 -24.20 49.31 14.02
C LYS I 88 -23.77 49.41 12.56
N LEU I 89 -23.93 48.32 11.82
CA LEU I 89 -23.64 48.35 10.40
C LEU I 89 -24.66 49.23 9.70
N PHE I 90 -24.22 49.98 8.70
CA PHE I 90 -25.12 50.92 8.03
C PHE I 90 -25.82 50.32 6.82
N ASN I 91 -25.44 49.14 6.41
CA ASN I 91 -26.09 48.40 5.34
C ASN I 91 -26.96 47.30 5.92
N PRO I 92 -28.22 47.18 5.50
CA PRO I 92 -28.94 45.92 5.78
C PRO I 92 -28.26 44.71 5.16
N MET I 93 -27.74 44.84 3.93
CA MET I 93 -27.10 43.70 3.28
C MET I 93 -25.81 43.30 4.00
N ALA I 94 -24.92 44.27 4.26
CA ALA I 94 -23.70 43.95 4.98
C ALA I 94 -24.03 43.22 6.27
N SER I 95 -25.09 43.64 6.96
CA SER I 95 -25.53 42.91 8.13
C SER I 95 -25.96 41.50 7.78
N MET I 96 -26.60 41.32 6.62
CA MET I 96 -27.00 39.97 6.23
C MET I 96 -25.77 39.08 6.04
N LEU I 97 -24.85 39.48 5.17
CA LEU I 97 -23.66 38.67 4.94
C LEU I 97 -22.87 38.47 6.22
N MET I 98 -22.92 39.43 7.14
CA MET I 98 -22.16 39.27 8.36
C MET I 98 -22.84 38.31 9.33
N THR I 99 -24.17 38.28 9.35
CA THR I 99 -24.85 37.27 10.16
C THR I 99 -24.65 35.88 9.58
N MET I 100 -24.60 35.75 8.26
CA MET I 100 -24.22 34.47 7.68
C MET I 100 -22.79 34.10 8.04
N ALA I 101 -21.88 35.07 7.95
CA ALA I 101 -20.47 34.77 8.23
C ALA I 101 -20.29 34.30 9.66
N LEU I 102 -20.73 35.12 10.62
CA LEU I 102 -20.69 34.68 12.00
C LEU I 102 -21.59 33.48 12.26
N ALA I 103 -22.45 33.12 11.30
CA ALA I 103 -23.17 31.87 11.39
C ALA I 103 -22.34 30.69 10.88
N MET I 104 -21.30 30.92 10.08
CA MET I 104 -20.35 29.84 9.81
C MET I 104 -19.31 29.73 10.92
N LYS I 105 -18.80 30.88 11.40
CA LYS I 105 -17.76 30.88 12.42
C LYS I 105 -18.12 29.93 13.55
N LEU I 106 -19.33 30.07 14.07
CA LEU I 106 -19.91 29.16 15.04
C LEU I 106 -21.02 28.38 14.34
N GLY I 107 -21.27 27.16 14.81
CA GLY I 107 -22.17 26.27 14.08
C GLY I 107 -23.59 26.79 14.09
N MET I 108 -24.19 26.91 12.91
CA MET I 108 -25.60 27.22 12.78
C MET I 108 -26.20 26.43 11.63
N ALA I 109 -27.52 26.58 11.47
CA ALA I 109 -28.33 25.57 10.77
C ALA I 109 -27.89 25.32 9.33
N PRO I 110 -27.89 26.30 8.43
CA PRO I 110 -27.45 25.97 7.07
C PRO I 110 -25.97 25.63 7.05
N PHE I 111 -25.22 26.17 8.00
CA PHE I 111 -23.76 26.12 8.02
C PHE I 111 -23.19 25.10 9.00
N HIS I 112 -24.02 24.28 9.66
CA HIS I 112 -23.50 23.40 10.71
C HIS I 112 -22.87 22.13 10.16
N PHE I 113 -22.82 21.98 8.84
CA PHE I 113 -22.50 20.67 8.26
C PHE I 113 -21.17 20.13 8.74
N TRP I 114 -20.22 21.00 9.09
CA TRP I 114 -18.87 20.56 9.42
C TRP I 114 -18.71 20.11 10.87
N VAL I 115 -19.49 20.66 11.80
CA VAL I 115 -19.18 20.51 13.22
C VAL I 115 -19.16 19.06 13.69
N PRO I 116 -20.17 18.24 13.44
CA PRO I 116 -20.08 16.84 13.92
C PRO I 116 -18.84 16.14 13.40
N GLU I 117 -18.60 16.26 12.09
CA GLU I 117 -17.49 15.58 11.46
C GLU I 117 -16.17 15.97 12.12
N VAL I 118 -15.89 17.27 12.17
CA VAL I 118 -14.61 17.71 12.71
C VAL I 118 -14.51 17.34 14.19
N THR I 119 -15.62 17.38 14.91
CA THR I 119 -15.54 17.06 16.33
C THR I 119 -15.20 15.60 16.57
N GLN I 120 -15.67 14.69 15.71
CA GLN I 120 -15.24 13.32 15.92
C GLN I 120 -13.82 13.07 15.39
N GLY I 121 -13.41 13.79 14.35
CA GLY I 121 -12.06 13.57 13.84
C GLY I 121 -10.96 13.84 14.84
N ILE I 122 -10.92 15.05 15.37
CA ILE I 122 -9.81 15.51 16.21
C ILE I 122 -9.90 14.94 17.62
N PRO I 123 -8.82 14.99 18.42
CA PRO I 123 -8.82 14.35 19.74
C PRO I 123 -9.65 15.07 20.78
N LEU I 124 -9.52 14.64 22.04
CA LEU I 124 -10.37 15.18 23.10
C LEU I 124 -10.07 16.65 23.35
N SER I 125 -8.82 16.97 23.70
CA SER I 125 -8.49 18.32 24.12
C SER I 125 -8.81 19.32 23.02
N SER I 126 -8.46 18.99 21.78
CA SER I 126 -8.89 19.81 20.66
C SER I 126 -10.40 19.90 20.60
N GLY I 127 -11.10 18.84 21.02
CA GLY I 127 -12.55 18.92 21.08
C GLY I 127 -13.02 19.96 22.07
N LEU I 128 -12.40 20.01 23.24
CA LEU I 128 -12.73 21.02 24.22
C LEU I 128 -12.46 22.41 23.67
N ILE I 129 -11.27 22.61 23.12
CA ILE I 129 -10.87 23.94 22.69
C ILE I 129 -11.66 24.38 21.47
N LEU I 130 -12.28 23.44 20.74
CA LEU I 130 -13.07 23.80 19.57
C LEU I 130 -14.48 24.24 19.94
N LEU I 131 -15.13 23.55 20.86
CA LEU I 131 -16.54 23.78 21.13
C LEU I 131 -16.79 24.78 22.23
N THR I 132 -15.75 25.40 22.78
CA THR I 132 -15.95 26.40 23.81
C THR I 132 -15.19 27.67 23.50
N TRP I 133 -13.86 27.59 23.48
CA TRP I 133 -13.08 28.82 23.40
C TRP I 133 -13.37 29.60 22.13
N GLN I 134 -13.20 28.97 20.97
CA GLN I 134 -13.46 29.66 19.70
C GLN I 134 -14.89 30.15 19.58
N LYS I 135 -15.76 29.71 20.46
CA LYS I 135 -17.14 30.14 20.47
C LYS I 135 -17.32 31.46 21.20
N LEU I 136 -16.26 31.99 21.82
CA LEU I 136 -16.35 33.27 22.50
C LEU I 136 -16.26 34.44 21.54
N ALA I 137 -15.44 34.33 20.50
CA ALA I 137 -15.25 35.47 19.61
C ALA I 137 -16.52 35.88 18.90
N PRO I 138 -17.22 35.00 18.16
CA PRO I 138 -18.35 35.48 17.36
C PRO I 138 -19.46 36.09 18.18
N MET I 139 -19.81 35.48 19.31
CA MET I 139 -20.80 36.13 20.18
C MET I 139 -20.31 37.50 20.62
N SER I 140 -19.04 37.61 20.96
CA SER I 140 -18.50 38.91 21.33
C SER I 140 -18.61 39.91 20.20
N VAL I 141 -18.68 39.46 18.95
CA VAL I 141 -18.92 40.40 17.87
C VAL I 141 -20.40 40.70 17.72
N LEU I 142 -21.26 39.68 17.82
CA LEU I 142 -22.69 39.88 17.61
C LEU I 142 -23.27 40.78 18.67
N TYR I 143 -22.86 40.61 19.92
CA TYR I 143 -23.27 41.52 20.98
C TYR I 143 -23.02 42.97 20.57
N GLN I 144 -21.98 43.20 19.79
CA GLN I 144 -21.68 44.57 19.34
C GLN I 144 -22.60 44.98 18.21
N ILE I 145 -22.73 44.14 17.18
CA ILE I 145 -23.34 44.59 15.93
C ILE I 145 -24.84 44.35 15.92
N LEU I 146 -25.40 43.92 17.05
CA LEU I 146 -26.82 43.57 17.07
C LEU I 146 -27.76 44.67 16.58
N PRO I 147 -27.53 45.96 16.82
CA PRO I 147 -28.55 46.94 16.43
C PRO I 147 -28.97 46.87 14.97
N SER I 148 -28.08 46.48 14.07
CA SER I 148 -28.42 46.41 12.65
C SER I 148 -28.82 45.01 12.21
N ILE I 149 -28.88 44.04 13.13
CA ILE I 149 -29.25 42.70 12.73
C ILE I 149 -30.67 42.68 12.22
N ASN I 150 -30.87 42.08 11.05
CA ASN I 150 -32.21 41.78 10.59
C ASN I 150 -32.78 40.69 11.49
N LEU I 151 -33.91 40.97 12.12
CA LEU I 151 -34.44 40.04 13.13
C LEU I 151 -34.77 38.69 12.50
N ASP I 152 -35.31 38.71 11.29
CA ASP I 152 -35.84 37.51 10.70
C ASP I 152 -34.76 36.46 10.49
N LEU I 153 -33.58 36.89 10.03
CA LEU I 153 -32.49 35.94 9.89
C LEU I 153 -32.13 35.28 11.20
N ILE I 154 -31.51 36.02 12.13
CA ILE I 154 -31.00 35.38 13.33
C ILE I 154 -32.08 34.60 14.06
N LEU I 155 -33.32 35.07 14.04
CA LEU I 155 -34.38 34.25 14.62
C LEU I 155 -34.50 32.93 13.85
N THR I 156 -34.51 33.00 12.52
CA THR I 156 -34.56 31.79 11.72
C THR I 156 -33.39 30.87 12.06
N LEU I 157 -32.15 31.32 11.81
CA LEU I 157 -30.98 30.50 12.04
C LEU I 157 -31.00 29.88 13.43
N SER I 158 -31.50 30.61 14.41
CA SER I 158 -31.62 30.05 15.76
C SER I 158 -32.56 28.85 15.75
N ILE I 159 -33.80 29.06 15.30
CA ILE I 159 -34.77 27.96 15.33
C ILE I 159 -34.28 26.78 14.53
N LEU I 160 -33.89 27.00 13.27
CA LEU I 160 -33.42 25.89 12.45
C LEU I 160 -32.22 25.19 13.07
N SER I 161 -31.38 25.93 13.81
CA SER I 161 -30.34 25.27 14.57
C SER I 161 -30.93 24.31 15.59
N ILE I 162 -31.94 24.76 16.34
CA ILE I 162 -32.50 23.91 17.37
C ILE I 162 -33.20 22.70 16.77
N THR I 163 -34.07 22.93 15.79
CA THR I 163 -34.78 21.85 15.11
C THR I 163 -33.82 20.87 14.47
N ILE I 164 -33.07 21.30 13.47
CA ILE I 164 -32.15 20.40 12.77
C ILE I 164 -31.11 19.86 13.73
N GLY I 165 -30.22 20.73 14.19
CA GLY I 165 -29.10 20.27 14.99
C GLY I 165 -29.53 19.48 16.20
N GLY I 166 -30.61 19.92 16.86
CA GLY I 166 -31.08 19.18 18.02
C GLY I 166 -31.66 17.83 17.64
N TRP I 167 -32.56 17.83 16.67
CA TRP I 167 -33.16 16.59 16.19
C TRP I 167 -32.11 15.57 15.79
N GLY I 168 -30.94 16.02 15.36
CA GLY I 168 -29.88 15.11 15.01
C GLY I 168 -29.34 14.37 16.23
N GLY I 169 -28.32 13.57 15.97
CA GLY I 169 -27.69 12.81 17.01
C GLY I 169 -28.40 11.55 17.45
N LEU I 170 -29.62 11.30 16.96
CA LEU I 170 -30.43 10.17 17.41
C LEU I 170 -29.73 8.84 17.26
N ASN I 171 -29.49 8.40 16.01
CA ASN I 171 -28.80 7.14 15.82
C ASN I 171 -27.35 7.17 16.30
N GLN I 172 -26.81 8.34 16.64
CA GLN I 172 -25.39 8.41 16.94
C GLN I 172 -25.09 7.74 18.27
N THR I 173 -24.21 6.74 18.23
CA THR I 173 -23.64 6.16 19.44
C THR I 173 -22.33 6.80 19.83
N GLN I 174 -21.74 7.63 18.96
CA GLN I 174 -20.52 8.33 19.28
C GLN I 174 -20.81 9.46 20.26
N LEU I 175 -19.76 9.89 20.95
CA LEU I 175 -19.90 10.96 21.93
C LEU I 175 -19.63 12.32 21.30
N ARG I 176 -18.43 12.48 20.75
CA ARG I 176 -18.03 13.74 20.13
C ARG I 176 -19.13 14.31 19.24
N LYS I 177 -19.77 13.45 18.45
CA LYS I 177 -20.90 13.89 17.65
C LYS I 177 -22.04 14.43 18.51
N ILE I 178 -22.41 13.70 19.56
CA ILE I 178 -23.48 14.17 20.45
C ILE I 178 -23.15 15.55 20.98
N MET I 179 -21.93 15.72 21.49
CA MET I 179 -21.51 17.03 21.96
C MET I 179 -21.60 18.08 20.86
N ALA I 180 -21.34 17.70 19.61
CA ALA I 180 -21.49 18.65 18.52
C ALA I 180 -22.93 19.09 18.35
N TYR I 181 -23.85 18.14 18.18
CA TYR I 181 -25.23 18.54 17.94
C TYR I 181 -25.79 19.33 19.13
N SER I 182 -25.43 18.94 20.35
CA SER I 182 -25.87 19.73 21.50
C SER I 182 -25.31 21.14 21.44
N SER I 183 -24.04 21.26 21.01
CA SER I 183 -23.48 22.59 20.81
C SER I 183 -24.33 23.40 19.86
N ILE I 184 -24.82 22.77 18.79
CA ILE I 184 -25.62 23.50 17.83
C ILE I 184 -26.96 23.91 18.45
N ALA I 185 -27.50 23.09 19.37
CA ALA I 185 -28.77 23.46 19.98
C ALA I 185 -28.60 24.63 20.94
N HIS I 186 -27.69 24.51 21.91
CA HIS I 186 -27.40 25.66 22.76
C HIS I 186 -27.09 26.89 21.92
N MET I 187 -26.44 26.70 20.77
CA MET I 187 -26.30 27.79 19.82
C MET I 187 -27.64 28.38 19.43
N GLY I 188 -28.57 27.52 19.00
CA GLY I 188 -29.88 28.01 18.62
C GLY I 188 -30.54 28.85 19.70
N TRP I 189 -30.28 28.53 20.96
CA TRP I 189 -30.84 29.35 22.04
C TRP I 189 -30.09 30.67 22.17
N MET I 190 -28.78 30.61 22.44
CA MET I 190 -27.98 31.80 22.63
C MET I 190 -28.23 32.81 21.53
N THR I 191 -28.32 32.34 20.28
CA THR I 191 -28.59 33.26 19.20
C THR I 191 -30.07 33.61 19.11
N ALA I 192 -30.95 32.73 19.56
CA ALA I 192 -32.37 33.08 19.59
C ALA I 192 -32.61 34.35 20.38
N VAL I 193 -32.10 34.41 21.61
CA VAL I 193 -32.36 35.56 22.47
C VAL I 193 -31.59 36.79 22.06
N LEU I 194 -30.61 36.65 21.18
CA LEU I 194 -29.55 37.65 21.02
C LEU I 194 -30.12 39.05 20.82
N LEU I 195 -31.20 39.17 20.06
CA LEU I 195 -31.75 40.49 19.76
C LEU I 195 -32.50 41.09 20.93
N TYR I 196 -33.11 40.25 21.78
CA TYR I 196 -33.96 40.80 22.83
C TYR I 196 -33.12 41.32 24.00
N ASN I 197 -32.46 40.42 24.73
CA ASN I 197 -31.70 40.82 25.90
C ASN I 197 -30.39 40.05 25.95
N PRO I 198 -29.35 40.57 25.30
CA PRO I 198 -28.09 39.82 25.14
C PRO I 198 -27.47 39.31 26.43
N THR I 199 -27.84 39.92 27.55
CA THR I 199 -27.38 39.43 28.85
C THR I 199 -27.61 37.93 28.96
N MET I 200 -28.82 37.49 28.63
CA MET I 200 -29.12 36.06 28.65
C MET I 200 -28.24 35.27 27.69
N THR I 201 -27.85 35.88 26.57
CA THR I 201 -27.00 35.17 25.62
C THR I 201 -25.64 34.89 26.23
N LEU I 202 -25.03 35.92 26.82
CA LEU I 202 -23.79 35.67 27.54
C LEU I 202 -24.00 34.69 28.68
N LEU I 203 -25.19 34.67 29.28
CA LEU I 203 -25.46 33.72 30.35
C LEU I 203 -25.39 32.28 29.84
N ASN I 204 -26.23 31.96 28.87
CA ASN I 204 -26.22 30.62 28.31
C ASN I 204 -24.87 30.27 27.72
N LEU I 205 -24.13 31.29 27.28
CA LEU I 205 -22.76 31.08 26.86
C LEU I 205 -21.91 30.54 27.99
N ILE I 206 -21.91 31.24 29.13
CA ILE I 206 -21.05 30.84 30.25
C ILE I 206 -21.45 29.48 30.79
N ILE I 207 -22.73 29.33 31.13
CA ILE I 207 -23.22 28.04 31.63
C ILE I 207 -22.83 26.93 30.65
N TYR I 208 -23.04 27.19 29.36
CA TYR I 208 -22.69 26.22 28.34
C TYR I 208 -21.21 25.84 28.38
N ILE I 209 -20.34 26.83 28.53
CA ILE I 209 -18.92 26.56 28.61
C ILE I 209 -18.61 25.65 29.79
N ILE I 210 -19.24 25.91 30.94
CA ILE I 210 -19.04 25.02 32.09
C ILE I 210 -19.51 23.61 31.75
N MET I 211 -20.66 23.51 31.08
CA MET I 211 -21.25 22.22 30.75
C MET I 211 -20.32 21.37 29.90
N THR I 212 -19.95 21.87 28.73
CA THR I 212 -19.05 21.12 27.87
C THR I 212 -17.69 20.92 28.53
N SER I 213 -17.31 21.84 29.41
CA SER I 213 -16.05 21.71 30.13
C SER I 213 -16.04 20.44 30.98
N THR I 214 -16.99 20.32 31.91
CA THR I 214 -17.03 19.10 32.73
C THR I 214 -17.25 17.88 31.86
N MET I 215 -18.07 18.01 30.82
CA MET I 215 -18.33 16.85 29.97
C MET I 215 -17.02 16.29 29.40
N PHE I 216 -16.31 17.10 28.60
CA PHE I 216 -15.07 16.62 28.00
C PHE I 216 -14.05 16.23 29.04
N THR I 217 -13.93 17.00 30.13
CA THR I 217 -12.98 16.62 31.17
C THR I 217 -13.27 15.22 31.70
N LEU I 218 -14.54 14.90 31.90
CA LEU I 218 -14.90 13.55 32.30
C LEU I 218 -14.51 12.54 31.22
N PHE I 219 -14.73 12.89 29.95
CA PHE I 219 -14.26 11.99 28.91
C PHE I 219 -12.75 11.81 28.91
N MET I 220 -12.02 12.74 29.51
CA MET I 220 -10.60 12.50 29.70
C MET I 220 -10.35 11.59 30.89
N ALA I 221 -11.13 11.76 31.96
CA ALA I 221 -11.06 10.89 33.12
C ALA I 221 -11.21 9.45 32.70
N ASN I 222 -12.40 9.10 32.24
CA ASN I 222 -12.66 7.82 31.62
C ASN I 222 -12.58 8.03 30.11
N SER I 223 -11.55 7.49 29.47
CA SER I 223 -11.38 7.81 28.06
C SER I 223 -12.42 7.01 27.29
N THR I 224 -13.38 7.71 26.71
CA THR I 224 -14.56 7.08 26.14
C THR I 224 -14.96 7.81 24.88
N THR I 225 -14.97 7.10 23.75
CA THR I 225 -15.50 7.67 22.51
C THR I 225 -16.91 7.18 22.17
N THR I 226 -17.48 6.27 22.96
CA THR I 226 -18.79 5.70 22.66
C THR I 226 -19.57 5.53 23.96
N THR I 227 -20.87 5.24 23.82
CA THR I 227 -21.68 4.93 25.00
C THR I 227 -21.28 3.59 25.59
N LEU I 228 -21.01 2.60 24.74
CA LEU I 228 -20.48 1.33 25.22
C LEU I 228 -19.32 1.55 26.17
N SER I 229 -18.44 2.47 25.82
CA SER I 229 -17.36 2.84 26.71
C SER I 229 -17.89 3.37 28.03
N LEU I 230 -18.98 4.14 27.99
CA LEU I 230 -19.57 4.65 29.22
C LEU I 230 -20.02 3.51 30.13
N SER I 231 -20.76 2.54 29.58
CA SER I 231 -21.22 1.43 30.41
C SER I 231 -20.04 0.64 30.97
N HIS I 232 -19.06 0.35 30.12
CA HIS I 232 -17.91 -0.41 30.60
C HIS I 232 -17.20 0.34 31.72
N THR I 233 -17.18 1.68 31.66
CA THR I 233 -16.64 2.42 32.79
C THR I 233 -17.57 2.33 34.00
N TRP I 234 -18.88 2.25 33.78
CA TRP I 234 -19.79 2.06 34.91
C TRP I 234 -19.45 0.81 35.69
N ASN I 235 -18.99 -0.24 35.00
CA ASN I 235 -18.53 -1.40 35.76
C ASN I 235 -17.04 -1.34 36.08
N LYS I 236 -16.35 -0.25 35.74
CA LYS I 236 -14.98 -0.02 36.23
C LYS I 236 -15.05 0.84 37.48
N ALA I 237 -15.52 2.09 37.33
CA ALA I 237 -15.87 2.89 38.49
C ALA I 237 -17.16 3.64 38.22
N PRO I 238 -18.06 3.70 39.19
CA PRO I 238 -19.37 4.35 38.95
C PRO I 238 -19.31 5.86 38.86
N ILE I 239 -18.54 6.52 39.73
CA ILE I 239 -18.80 7.93 40.05
C ILE I 239 -18.64 8.81 38.82
N MET I 240 -17.55 8.60 38.07
CA MET I 240 -17.33 9.42 36.88
C MET I 240 -18.51 9.33 35.93
N THR I 241 -19.10 8.14 35.78
CA THR I 241 -20.23 7.99 34.88
C THR I 241 -21.40 8.85 35.34
N ILE I 242 -21.85 8.68 36.59
CA ILE I 242 -23.02 9.43 37.04
C ILE I 242 -22.75 10.92 36.97
N LEU I 243 -21.48 11.33 37.08
CA LEU I 243 -21.17 12.71 36.76
C LEU I 243 -21.44 13.02 35.30
N VAL I 244 -21.10 12.08 34.40
CA VAL I 244 -21.31 12.30 32.98
C VAL I 244 -22.80 12.40 32.67
N LEU I 245 -23.61 11.52 33.26
CA LEU I 245 -25.04 11.52 32.99
C LEU I 245 -25.70 12.76 33.60
N ILE I 246 -25.43 13.05 34.88
CA ILE I 246 -26.03 14.22 35.49
C ILE I 246 -25.66 15.48 34.73
N THR I 247 -24.40 15.59 34.29
CA THR I 247 -24.06 16.73 33.44
C THR I 247 -24.73 16.66 32.08
N LEU I 248 -25.13 15.46 31.62
CA LEU I 248 -25.85 15.41 30.36
C LEU I 248 -27.28 15.89 30.53
N LEU I 249 -27.91 15.58 31.66
CA LEU I 249 -29.24 16.11 31.95
C LEU I 249 -29.18 17.61 32.15
N SER I 250 -28.16 18.09 32.86
CA SER I 250 -27.93 19.54 32.88
C SER I 250 -27.74 20.08 31.48
N MET I 251 -27.21 19.27 30.56
CA MET I 251 -27.17 19.67 29.17
C MET I 251 -28.52 19.56 28.50
N GLY I 252 -29.49 18.93 29.15
CA GLY I 252 -30.83 18.88 28.61
C GLY I 252 -31.75 19.93 29.20
N GLY I 253 -31.30 20.60 30.25
CA GLY I 253 -32.12 21.63 30.87
C GLY I 253 -33.28 21.08 31.69
N LEU I 254 -32.99 20.13 32.58
CA LEU I 254 -33.98 19.46 33.42
C LEU I 254 -34.13 20.22 34.74
N PRO I 255 -35.36 20.45 35.18
CA PRO I 255 -35.69 21.63 35.98
C PRO I 255 -34.82 21.83 37.21
N PRO I 256 -34.60 20.82 38.06
CA PRO I 256 -33.77 21.10 39.24
C PRO I 256 -32.32 21.36 38.90
N LEU I 257 -31.78 20.70 37.88
CA LEU I 257 -30.38 20.87 37.51
C LEU I 257 -30.15 22.26 36.92
N SER I 258 -28.88 22.69 36.94
CA SER I 258 -28.54 24.05 36.58
C SER I 258 -28.74 24.35 35.11
N GLY I 259 -28.75 23.34 34.24
CA GLY I 259 -28.99 23.60 32.84
C GLY I 259 -30.38 24.13 32.56
N PHE I 260 -31.32 23.94 33.49
CA PHE I 260 -32.65 24.48 33.32
C PHE I 260 -32.68 25.99 33.49
N MET I 261 -31.65 26.56 34.09
CA MET I 261 -31.69 28.00 34.37
C MET I 261 -31.62 28.86 33.12
N PRO I 262 -30.72 28.63 32.16
CA PRO I 262 -30.77 29.45 30.94
C PRO I 262 -32.05 29.28 30.17
N LYS I 263 -32.56 28.06 30.04
CA LYS I 263 -33.86 27.87 29.41
C LYS I 263 -34.93 28.70 30.09
N TRP I 264 -34.96 28.65 31.43
CA TRP I 264 -36.01 29.30 32.19
C TRP I 264 -35.95 30.82 32.07
N MET I 265 -34.75 31.40 32.24
CA MET I 265 -34.66 32.85 32.10
C MET I 265 -34.92 33.29 30.66
N ILE I 266 -34.42 32.52 29.70
CA ILE I 266 -34.72 32.77 28.30
C ILE I 266 -36.22 32.78 28.06
N ILE I 267 -36.97 31.93 28.78
CA ILE I 267 -38.41 31.95 28.60
C ILE I 267 -39.01 33.20 29.23
N GLN I 268 -38.52 33.62 30.40
CA GLN I 268 -39.01 34.91 30.86
C GLN I 268 -38.78 36.02 29.85
N GLU I 269 -37.52 36.42 29.67
CA GLU I 269 -37.26 37.58 28.83
C GLU I 269 -37.60 37.36 27.38
N MET I 270 -37.92 36.12 27.01
CA MET I 270 -38.48 35.85 25.71
C MET I 270 -39.97 36.16 25.66
N THR I 271 -40.72 35.78 26.69
CA THR I 271 -42.19 35.86 26.64
C THR I 271 -42.78 37.07 27.31
N LYS I 272 -41.97 37.91 27.97
CA LYS I 272 -42.54 39.18 28.39
C LYS I 272 -42.75 40.09 27.21
N ASN I 273 -41.97 39.92 26.15
CA ASN I 273 -42.31 40.48 24.87
C ASN I 273 -43.47 39.71 24.27
N ASP I 274 -43.84 40.04 23.03
CA ASP I 274 -45.17 39.70 22.55
C ASP I 274 -45.31 38.20 22.25
N SER I 275 -44.36 37.61 21.52
CA SER I 275 -44.60 36.30 20.92
C SER I 275 -44.43 35.18 21.95
N ILE I 276 -45.51 34.45 22.22
CA ILE I 276 -45.45 33.29 23.10
C ILE I 276 -45.32 31.96 22.36
N ILE I 277 -45.57 31.95 21.04
CA ILE I 277 -45.65 30.67 20.35
C ILE I 277 -44.27 30.10 20.09
N LEU I 278 -43.35 30.96 19.69
CA LEU I 278 -42.00 30.50 19.36
C LEU I 278 -41.30 29.82 20.53
N PRO I 279 -41.35 30.35 21.77
CA PRO I 279 -40.70 29.64 22.87
C PRO I 279 -41.18 28.21 23.03
N THR I 280 -42.49 27.99 22.98
CA THR I 280 -42.99 26.62 23.02
C THR I 280 -42.45 25.81 21.84
N LEU I 281 -42.42 26.41 20.65
CA LEU I 281 -41.83 25.69 19.51
C LEU I 281 -40.37 25.34 19.76
N MET I 282 -39.69 26.04 20.65
CA MET I 282 -38.35 25.60 21.04
C MET I 282 -38.42 24.51 22.11
N ALA I 283 -39.32 24.67 23.08
CA ALA I 283 -39.38 23.76 24.22
C ALA I 283 -39.76 22.34 23.81
N ILE I 284 -40.58 22.20 22.75
CA ILE I 284 -40.84 20.87 22.20
C ILE I 284 -39.53 20.17 21.85
N THR I 285 -38.81 20.75 20.89
CA THR I 285 -37.51 20.20 20.49
C THR I 285 -36.60 19.98 21.68
N ALA I 286 -36.66 20.87 22.67
CA ALA I 286 -35.91 20.66 23.90
C ALA I 286 -36.29 19.34 24.56
N LEU I 287 -37.58 19.02 24.59
CA LEU I 287 -37.97 17.70 25.09
C LEU I 287 -37.40 16.60 24.23
N LEU I 288 -37.36 16.80 22.90
CA LEU I 288 -36.76 15.78 22.03
C LEU I 288 -35.33 15.46 22.46
N ASN I 289 -34.48 16.49 22.47
CA ASN I 289 -33.12 16.31 22.97
C ASN I 289 -33.13 15.62 24.33
N LEU I 290 -34.04 16.03 25.21
CA LEU I 290 -34.12 15.35 26.50
C LEU I 290 -34.29 13.85 26.35
N TYR I 291 -35.44 13.37 25.89
CA TYR I 291 -35.58 11.92 26.03
C TYR I 291 -34.62 11.14 25.14
N PHE I 292 -33.96 11.80 24.18
CA PHE I 292 -32.77 11.16 23.64
C PHE I 292 -31.70 10.98 24.71
N TYR I 293 -31.33 12.08 25.37
CA TYR I 293 -30.32 12.00 26.40
C TYR I 293 -30.73 11.03 27.50
N MET I 294 -32.03 10.87 27.74
CA MET I 294 -32.44 9.90 28.75
C MET I 294 -32.48 8.49 28.21
N ARG I 295 -32.56 8.30 26.88
CA ARG I 295 -32.12 7.02 26.35
C ARG I 295 -30.70 6.74 26.80
N LEU I 296 -29.82 7.73 26.61
CA LEU I 296 -28.48 7.54 27.13
C LEU I 296 -28.45 7.43 28.65
N THR I 297 -29.56 7.73 29.34
CA THR I 297 -29.60 7.41 30.75
C THR I 297 -30.19 6.05 31.05
N TYR I 298 -30.86 5.39 30.11
CA TYR I 298 -31.07 3.97 30.34
C TYR I 298 -29.88 3.17 29.85
N SER I 299 -28.86 3.85 29.34
CA SER I 299 -27.59 3.15 29.18
C SER I 299 -27.11 2.51 30.48
N THR I 300 -27.62 2.93 31.64
CA THR I 300 -27.08 2.45 32.91
C THR I 300 -28.19 2.01 33.86
N ALA I 301 -27.80 1.19 34.84
CA ALA I 301 -28.61 0.75 35.96
C ALA I 301 -27.67 -0.01 36.90
N LEU I 302 -28.22 -0.56 37.98
CA LEU I 302 -27.54 -1.57 38.77
C LEU I 302 -28.50 -2.73 38.98
N THR I 303 -27.97 -3.84 39.49
CA THR I 303 -28.48 -5.19 39.19
C THR I 303 -28.80 -5.25 37.70
N MET I 304 -27.81 -4.80 36.93
CA MET I 304 -27.94 -4.53 35.52
C MET I 304 -28.45 -5.75 34.78
N PHE I 305 -29.08 -5.53 33.83
CA PHE I 305 -29.30 -6.65 32.94
C PHE I 305 -28.18 -6.71 31.91
N PRO I 306 -27.92 -7.85 31.27
CA PRO I 306 -26.56 -8.14 30.81
C PRO I 306 -26.05 -7.10 29.84
N SER I 307 -24.94 -6.46 30.23
CA SER I 307 -24.21 -5.54 29.37
C SER I 307 -22.93 -6.14 28.80
N THR I 308 -22.58 -7.37 29.15
CA THR I 308 -21.32 -8.00 28.78
C THR I 308 -20.14 -7.15 29.28
N ASN I 309 -19.91 -7.21 30.59
CA ASN I 309 -19.07 -6.27 31.34
C ASN I 309 -17.59 -6.67 31.44
N ASN I 310 -17.30 -7.87 30.95
CA ASN I 310 -15.95 -8.42 30.80
C ASN I 310 -15.07 -8.51 32.05
N MET I 311 -13.77 -8.27 31.88
CA MET I 311 -12.78 -8.62 32.91
C MET I 311 -11.37 -8.22 32.48
N LYS I 312 -10.40 -8.51 33.36
CA LYS I 312 -9.04 -8.00 33.41
C LYS I 312 -9.10 -6.64 34.06
N MET I 313 -10.30 -6.09 34.03
CA MET I 313 -10.47 -4.66 34.12
C MET I 313 -10.84 -4.15 35.49
N LYS I 314 -10.87 -5.04 36.47
CA LYS I 314 -10.59 -4.57 37.81
C LYS I 314 -9.10 -4.26 37.92
N TRP I 315 -8.78 -3.19 38.63
CA TRP I 315 -7.39 -2.80 38.72
C TRP I 315 -7.04 -2.41 40.13
N GLN I 316 -5.83 -2.78 40.54
CA GLN I 316 -5.32 -2.53 41.87
C GLN I 316 -4.67 -1.15 42.01
N PHE I 317 -4.37 -0.48 40.90
CA PHE I 317 -3.65 0.78 40.90
C PHE I 317 -4.52 1.95 40.44
N PRO I 318 -4.69 2.98 41.26
CA PRO I 318 -5.41 4.18 40.81
C PRO I 318 -4.69 4.85 39.66
N THR I 319 -5.44 5.63 38.89
CA THR I 319 -4.88 6.37 37.77
C THR I 319 -4.40 7.74 38.22
N THR I 320 -3.24 8.14 37.71
CA THR I 320 -2.67 9.44 38.00
C THR I 320 -2.99 10.47 36.93
N LYS I 321 -3.81 10.13 35.94
CA LYS I 321 -4.09 11.06 34.86
C LYS I 321 -4.63 12.37 35.42
N ARG I 322 -3.98 13.47 35.10
CA ARG I 322 -4.22 14.73 35.79
C ARG I 322 -5.47 15.39 35.20
N MET I 323 -6.46 15.64 36.05
CA MET I 323 -7.71 16.26 35.66
C MET I 323 -7.67 17.66 36.25
N THR I 324 -7.81 18.68 35.40
CA THR I 324 -7.28 19.96 35.83
C THR I 324 -8.16 20.60 36.89
N LEU I 325 -9.30 21.16 36.50
CA LEU I 325 -10.31 21.50 37.49
C LEU I 325 -11.57 20.73 37.10
N LEU I 326 -11.72 19.54 37.63
CA LEU I 326 -12.98 18.82 37.48
C LEU I 326 -14.01 19.19 38.56
N PRO I 327 -13.68 19.08 39.85
CA PRO I 327 -14.75 19.16 40.86
C PRO I 327 -15.49 20.48 40.88
N THR I 328 -14.75 21.60 40.88
CA THR I 328 -15.39 22.91 40.97
C THR I 328 -16.42 23.08 39.87
N MET I 329 -16.09 22.64 38.65
CA MET I 329 -17.01 22.80 37.55
C MET I 329 -18.12 21.77 37.58
N THR I 330 -17.87 20.58 38.16
CA THR I 330 -18.93 19.60 38.31
C THR I 330 -20.02 20.11 39.24
N VAL I 331 -19.66 20.44 40.48
CA VAL I 331 -20.64 20.99 41.39
C VAL I 331 -21.19 22.30 40.86
N LEU I 332 -20.37 23.04 40.12
CA LEU I 332 -20.80 24.36 39.69
C LEU I 332 -21.82 24.28 38.57
N SER I 333 -21.79 23.21 37.78
CA SER I 333 -22.84 23.03 36.78
C SER I 333 -24.00 22.18 37.27
N THR I 334 -23.86 21.47 38.39
CA THR I 334 -25.03 20.80 38.95
C THR I 334 -25.87 21.73 39.83
N MET I 335 -25.23 22.44 40.74
CA MET I 335 -25.89 23.06 41.89
C MET I 335 -26.28 24.52 41.67
N LEU I 336 -26.17 25.05 40.46
CA LEU I 336 -26.18 26.50 40.33
C LEU I 336 -27.57 27.12 40.34
N LEU I 337 -28.63 26.34 40.09
CA LEU I 337 -29.96 26.93 40.03
C LEU I 337 -30.40 27.60 41.33
N PRO I 338 -30.09 27.08 42.51
CA PRO I 338 -30.34 27.86 43.75
C PRO I 338 -29.58 29.16 43.83
N LEU I 339 -28.70 29.46 42.90
CA LEU I 339 -28.23 30.82 42.68
C LEU I 339 -29.08 31.48 41.59
N THR I 340 -28.53 32.51 40.96
CA THR I 340 -29.15 33.37 39.96
C THR I 340 -30.26 34.27 40.47
N PRO I 341 -30.02 34.92 41.61
CA PRO I 341 -30.14 36.38 41.60
C PRO I 341 -28.84 36.89 40.98
N ILE I 342 -27.84 36.01 40.98
CA ILE I 342 -26.49 36.31 40.49
C ILE I 342 -26.45 36.54 39.00
N LEU I 343 -27.54 36.30 38.28
CA LEU I 343 -27.57 36.54 36.84
C LEU I 343 -26.95 37.87 36.49
N SER I 344 -27.39 38.94 37.14
CA SER I 344 -26.99 40.28 36.75
C SER I 344 -25.52 40.55 37.02
N ILE I 345 -24.83 39.70 37.79
CA ILE I 345 -23.40 39.91 37.95
C ILE I 345 -22.72 39.80 36.61
N LEU I 346 -23.31 39.04 35.71
CA LEU I 346 -22.66 38.72 34.44
C LEU I 346 -22.50 39.96 33.59
N GLU I 347 -23.59 40.64 33.31
CA GLU I 347 -23.54 41.89 32.56
C GLU I 347 -23.08 43.01 33.49
N MET J 1 -1.01 54.47 -21.12
CA MET J 1 -1.32 54.15 -22.50
C MET J 1 -0.03 53.95 -23.28
N ASN J 2 0.94 54.83 -23.05
CA ASN J 2 2.21 54.73 -23.76
C ASN J 2 2.88 53.39 -23.45
N LEU J 3 3.11 53.11 -22.18
CA LEU J 3 3.69 51.81 -21.83
C LEU J 3 2.78 50.69 -22.27
N MET J 4 1.48 50.95 -22.44
CA MET J 4 0.59 49.91 -22.91
C MET J 4 0.81 49.64 -24.40
N ILE J 5 1.18 50.67 -25.16
CA ILE J 5 1.63 50.45 -26.53
C ILE J 5 2.91 49.65 -26.53
N THR J 6 3.83 49.96 -25.60
CA THR J 6 5.05 49.17 -25.52
C THR J 6 4.74 47.72 -25.22
N LEU J 7 3.73 47.46 -24.38
CA LEU J 7 3.34 46.07 -24.12
C LEU J 7 2.66 45.44 -25.33
N LEU J 8 1.92 46.22 -26.12
CA LEU J 8 1.31 45.66 -27.31
C LEU J 8 2.36 45.26 -28.33
N THR J 9 3.32 46.15 -28.59
CA THR J 9 4.46 45.79 -29.44
C THR J 9 5.19 44.58 -28.89
N ASN J 10 5.77 44.73 -27.70
CA ASN J 10 6.60 43.66 -27.13
C ASN J 10 5.86 42.33 -27.07
N PHE J 11 4.53 42.37 -27.01
CA PHE J 11 3.81 41.10 -27.13
C PHE J 11 3.72 40.66 -28.57
N THR J 12 3.58 41.60 -29.51
CA THR J 12 3.60 41.23 -30.92
C THR J 12 4.91 40.52 -31.22
N LEU J 13 6.04 41.25 -31.20
CA LEU J 13 7.31 40.67 -31.64
C LEU J 13 7.55 39.30 -31.04
N ALA J 14 7.17 39.09 -29.79
CA ALA J 14 7.15 37.74 -29.25
C ALA J 14 6.29 36.83 -30.13
N THR J 15 5.03 37.21 -30.35
CA THR J 15 4.13 36.36 -31.12
C THR J 15 4.65 36.14 -32.53
N LEU J 16 5.01 37.22 -33.23
CA LEU J 16 5.55 37.11 -34.58
C LEU J 16 6.73 36.16 -34.63
N LEU J 17 7.76 36.42 -33.80
CA LEU J 17 8.95 35.57 -33.84
C LEU J 17 8.59 34.12 -33.58
N VAL J 18 7.71 33.86 -32.62
CA VAL J 18 7.27 32.49 -32.39
C VAL J 18 6.68 31.91 -33.66
N THR J 19 5.79 32.66 -34.31
CA THR J 19 5.12 32.14 -35.50
C THR J 19 6.11 31.81 -36.59
N ILE J 20 7.02 32.75 -36.88
CA ILE J 20 8.08 32.49 -37.86
C ILE J 20 8.81 31.20 -37.51
N ALA J 21 9.13 31.04 -36.22
CA ALA J 21 9.87 29.87 -35.75
C ALA J 21 9.08 28.58 -35.87
N PHE J 22 7.74 28.65 -35.91
CA PHE J 22 6.97 27.45 -36.22
C PHE J 22 6.79 27.21 -37.71
N TRP J 23 6.52 28.27 -38.49
CA TRP J 23 6.35 28.11 -39.93
C TRP J 23 7.60 27.51 -40.54
N LEU J 24 8.71 28.27 -40.51
CA LEU J 24 9.87 27.88 -41.30
C LEU J 24 10.33 26.44 -41.14
N PRO J 25 10.35 25.83 -39.94
CA PRO J 25 10.77 24.43 -39.87
C PRO J 25 9.79 23.46 -40.50
N GLN J 26 8.48 23.69 -40.38
CA GLN J 26 7.51 22.90 -41.12
C GLN J 26 7.08 23.58 -42.41
N LEU J 27 7.66 24.74 -42.73
CA LEU J 27 7.68 25.28 -44.07
C LEU J 27 8.95 24.87 -44.81
N ASN J 28 9.77 24.03 -44.19
CA ASN J 28 11.11 23.75 -44.71
C ASN J 28 11.00 22.96 -46.01
N VAL J 29 12.16 22.68 -46.60
CA VAL J 29 12.19 22.15 -47.95
C VAL J 29 11.60 20.74 -48.01
N TYR J 30 12.00 19.87 -47.09
CA TYR J 30 11.35 18.56 -46.95
C TYR J 30 11.21 18.22 -45.48
N SER J 31 9.98 17.97 -45.06
CA SER J 31 9.67 17.51 -43.71
C SER J 31 9.26 16.05 -43.77
N GLU J 32 9.93 15.21 -42.99
CA GLU J 32 9.70 13.78 -42.99
C GLU J 32 9.43 13.30 -41.58
N LYS J 33 8.44 12.40 -41.46
CA LYS J 33 7.90 11.98 -40.18
C LYS J 33 7.78 10.45 -40.17
N THR J 34 8.56 9.81 -39.30
CA THR J 34 8.49 8.36 -39.14
C THR J 34 8.47 7.90 -37.68
N SER J 35 9.55 8.20 -36.97
CA SER J 35 9.95 7.47 -35.75
C SER J 35 8.82 7.40 -34.73
N PRO J 36 8.70 6.26 -34.06
CA PRO J 36 7.78 6.17 -32.91
C PRO J 36 8.37 6.87 -31.71
N TYR J 37 7.48 7.41 -30.89
CA TYR J 37 7.85 8.05 -29.64
C TYR J 37 7.16 7.28 -28.53
N GLU J 38 7.94 6.59 -27.71
CA GLU J 38 7.38 5.77 -26.64
C GLU J 38 7.27 6.63 -25.39
N CYS J 39 6.03 6.99 -25.04
CA CYS J 39 5.78 7.50 -23.69
C CYS J 39 5.88 6.36 -22.70
N GLY J 40 5.09 5.32 -22.92
CA GLY J 40 5.45 3.96 -22.56
C GLY J 40 5.91 3.77 -21.13
N PHE J 41 7.10 3.19 -20.99
CA PHE J 41 7.52 2.61 -19.73
C PHE J 41 8.08 3.66 -18.78
N ASP J 42 7.80 3.46 -17.50
CA ASP J 42 8.08 4.49 -16.50
C ASP J 42 9.56 4.85 -16.39
N PRO J 43 10.58 3.83 -16.30
CA PRO J 43 12.01 4.23 -16.24
C PRO J 43 12.64 4.55 -17.59
N MET J 44 12.43 5.78 -18.09
CA MET J 44 13.28 6.28 -19.17
C MET J 44 14.23 7.32 -18.60
N GLY J 45 13.74 8.54 -18.41
CA GLY J 45 14.30 9.43 -17.40
C GLY J 45 13.59 9.15 -16.09
N SER J 46 14.38 9.13 -15.03
CA SER J 46 13.93 8.85 -13.66
C SER J 46 13.01 7.62 -13.65
N ALA J 47 12.10 7.56 -12.69
CA ALA J 47 10.93 6.70 -12.71
C ALA J 47 9.93 7.26 -11.71
N ARG J 48 8.64 7.19 -12.05
CA ARG J 48 7.58 7.62 -11.13
C ARG J 48 7.91 9.00 -10.55
N LEU J 49 7.66 9.22 -9.25
CA LEU J 49 8.29 10.22 -8.38
C LEU J 49 7.64 10.16 -7.00
N PRO J 50 8.43 10.10 -5.95
CA PRO J 50 7.90 10.31 -4.59
C PRO J 50 8.13 11.72 -4.09
N PHE J 51 7.38 12.71 -4.60
CA PHE J 51 7.74 14.11 -4.39
C PHE J 51 8.00 14.41 -2.92
N SER J 52 9.13 15.07 -2.66
CA SER J 52 9.70 15.16 -1.33
C SER J 52 9.41 16.52 -0.69
N MET J 53 9.24 16.50 0.63
CA MET J 53 8.78 17.68 1.35
C MET J 53 9.76 18.84 1.27
N LYS J 54 11.05 18.59 1.01
CA LYS J 54 12.05 19.64 1.08
C LYS J 54 11.73 20.78 0.12
N PHE J 55 11.61 20.45 -1.17
CA PHE J 55 11.38 21.47 -2.18
C PHE J 55 10.12 22.28 -1.89
N PHE J 56 9.01 21.58 -1.64
CA PHE J 56 7.78 22.24 -1.26
C PHE J 56 7.98 23.20 -0.09
N LEU J 57 8.66 22.75 0.95
CA LEU J 57 8.95 23.63 2.07
C LEU J 57 9.74 24.85 1.63
N VAL J 58 10.62 24.69 0.63
CA VAL J 58 11.32 25.86 0.10
C VAL J 58 10.33 26.83 -0.53
N ALA J 59 9.31 26.32 -1.22
CA ALA J 59 8.27 27.20 -1.72
C ALA J 59 7.57 27.92 -0.57
N ILE J 60 7.22 27.18 0.48
CA ILE J 60 6.54 27.77 1.64
C ILE J 60 7.35 28.92 2.21
N THR J 61 8.54 28.61 2.73
CA THR J 61 9.39 29.64 3.30
C THR J 61 9.62 30.77 2.32
N PHE J 62 9.61 30.48 1.03
CA PHE J 62 9.58 31.57 0.06
C PHE J 62 8.34 32.42 0.21
N LEU J 63 7.22 31.83 0.61
CA LEU J 63 6.04 32.66 0.85
C LEU J 63 6.23 33.50 2.10
N LEU J 64 6.37 32.85 3.26
CA LEU J 64 6.45 33.63 4.50
C LEU J 64 7.52 34.71 4.40
N PHE J 65 8.67 34.37 3.81
CA PHE J 65 9.71 35.36 3.71
C PHE J 65 9.40 36.42 2.68
N ASP J 66 8.67 36.09 1.61
CA ASP J 66 8.10 37.14 0.77
C ASP J 66 7.27 38.10 1.61
N LEU J 67 6.22 37.57 2.24
CA LEU J 67 5.29 38.40 3.00
C LEU J 67 6.04 39.37 3.89
N GLU J 68 7.01 38.88 4.65
CA GLU J 68 7.77 39.78 5.48
C GLU J 68 8.58 40.76 4.63
N ILE J 69 9.03 40.35 3.45
CA ILE J 69 9.81 41.24 2.59
C ILE J 69 8.97 42.39 2.06
N ALA J 70 7.80 42.10 1.51
CA ALA J 70 6.96 43.16 0.98
C ALA J 70 6.39 44.02 2.09
N LEU J 71 6.03 43.40 3.22
CA LEU J 71 5.68 44.18 4.40
C LEU J 71 6.78 45.14 4.77
N LEU J 72 8.03 44.75 4.50
CA LEU J 72 9.18 45.62 4.69
C LEU J 72 9.40 46.58 3.53
N LEU J 73 8.80 46.31 2.37
CA LEU J 73 9.16 47.04 1.15
C LEU J 73 8.90 48.54 1.22
N PRO J 74 7.78 49.03 1.77
CA PRO J 74 7.54 50.48 1.78
C PRO J 74 8.52 51.30 2.61
N LEU J 75 9.35 50.67 3.43
CA LEU J 75 10.22 51.42 4.35
C LEU J 75 10.89 52.66 3.77
N PRO J 76 11.50 52.63 2.56
CA PRO J 76 12.15 53.84 2.02
C PRO J 76 11.27 55.06 1.98
N TRP J 77 9.95 54.87 1.93
CA TRP J 77 9.06 56.01 2.10
C TRP J 77 8.97 56.40 3.55
N ALA J 78 8.97 55.41 4.44
CA ALA J 78 8.71 55.66 5.85
C ALA J 78 9.94 56.09 6.61
N SER J 79 11.14 55.87 6.06
CA SER J 79 12.34 56.22 6.79
C SER J 79 12.40 57.71 7.12
N GLN J 80 11.55 58.52 6.50
CA GLN J 80 11.49 59.94 6.83
C GLN J 80 10.09 60.28 7.31
N THR J 81 9.96 60.56 8.60
CA THR J 81 8.73 61.06 9.21
C THR J 81 9.13 61.96 10.37
N THR J 82 8.15 62.35 11.17
CA THR J 82 8.46 63.11 12.37
C THR J 82 8.62 62.24 13.60
N ASN J 83 8.40 60.93 13.49
CA ASN J 83 8.70 60.00 14.57
C ASN J 83 9.83 59.09 14.09
N LEU J 84 11.04 59.36 14.56
CA LEU J 84 12.20 58.52 14.25
C LEU J 84 12.36 57.36 15.22
N ASN J 85 12.17 57.63 16.52
CA ASN J 85 12.23 56.61 17.55
C ASN J 85 11.41 55.38 17.16
N THR J 86 10.11 55.57 16.99
CA THR J 86 9.24 54.47 16.61
C THR J 86 9.69 53.83 15.29
N MET J 87 10.07 54.63 14.31
CA MET J 87 10.57 54.08 13.05
C MET J 87 11.67 53.06 13.26
N LEU J 88 12.81 53.49 13.81
CA LEU J 88 13.90 52.55 14.06
C LEU J 88 13.39 51.36 14.86
N THR J 89 12.58 51.61 15.88
CA THR J 89 12.13 50.56 16.77
C THR J 89 11.43 49.44 16.01
N MET J 90 10.48 49.79 15.15
CA MET J 90 9.68 48.77 14.50
C MET J 90 10.21 48.34 13.14
N ALA J 91 11.16 49.07 12.54
CA ALA J 91 11.83 48.52 11.37
C ALA J 91 12.85 47.48 11.80
N LEU J 92 13.74 47.85 12.73
CA LEU J 92 14.64 46.87 13.31
C LEU J 92 13.85 45.74 13.95
N LEU J 93 12.72 46.07 14.57
CA LEU J 93 11.87 45.04 15.15
C LEU J 93 11.36 44.09 14.06
N LEU J 94 10.87 44.65 12.96
CA LEU J 94 10.23 43.82 11.94
C LEU J 94 11.24 42.90 11.27
N ILE J 95 12.32 43.46 10.72
CA ILE J 95 13.21 42.55 10.00
C ILE J 95 13.97 41.68 10.99
N PHE J 96 14.16 42.16 12.21
CA PHE J 96 14.63 41.29 13.27
C PHE J 96 13.70 40.11 13.44
N LEU J 97 12.39 40.35 13.30
CA LEU J 97 11.42 39.26 13.40
C LEU J 97 11.57 38.28 12.25
N LEU J 98 11.80 38.80 11.04
CA LEU J 98 12.15 37.92 9.93
C LEU J 98 13.31 37.01 10.31
N ALA J 99 14.39 37.61 10.80
CA ALA J 99 15.56 36.84 11.19
C ALA J 99 15.27 35.90 12.34
N VAL J 100 14.22 36.17 13.13
CA VAL J 100 13.84 35.23 14.17
C VAL J 100 13.17 34.01 13.56
N SER J 101 12.27 34.22 12.60
CA SER J 101 11.72 33.08 11.87
C SER J 101 12.85 32.24 11.30
N LEU J 102 13.75 32.86 10.55
CA LEU J 102 14.85 32.11 9.95
C LEU J 102 15.66 31.38 11.01
N ALA J 103 15.99 32.06 12.11
CA ALA J 103 16.82 31.43 13.14
C ALA J 103 16.13 30.20 13.72
N TYR J 104 14.83 30.31 13.98
CA TYR J 104 14.09 29.16 14.46
C TYR J 104 14.18 27.99 13.48
N GLU J 105 13.77 28.23 12.23
CA GLU J 105 13.77 27.15 11.26
C GLU J 105 15.17 26.58 11.04
N TRP J 106 16.19 27.40 11.23
CA TRP J 106 17.57 26.96 11.13
C TRP J 106 18.01 26.18 12.36
N THR J 107 17.32 26.35 13.49
CA THR J 107 17.62 25.54 14.67
C THR J 107 16.96 24.17 14.59
N GLN J 108 15.71 24.10 14.14
CA GLN J 108 15.05 22.80 14.07
C GLN J 108 15.63 21.97 12.94
N LYS J 109 15.09 20.77 12.74
CA LYS J 109 15.63 19.88 11.73
C LYS J 109 15.50 20.42 10.31
N GLY J 110 14.73 21.49 10.13
CA GLY J 110 14.49 21.99 8.79
C GLY J 110 15.78 22.31 8.06
N LEU J 111 15.68 22.36 6.74
CA LEU J 111 16.81 22.54 5.83
C LEU J 111 17.73 21.33 5.99
N GLU J 112 19.05 21.54 6.07
CA GLU J 112 20.07 20.53 6.38
C GLU J 112 20.25 19.56 5.21
N TRP J 113 19.22 19.43 4.38
CA TRP J 113 19.35 19.12 2.97
C TRP J 113 19.96 17.77 2.57
N THR J 114 20.54 17.03 3.50
CA THR J 114 21.00 15.69 3.19
C THR J 114 20.12 14.70 3.96
N GLU J 115 19.23 14.06 3.22
CA GLU J 115 18.18 13.20 3.78
C GLU J 115 17.63 12.29 2.70
N MET K 1 -41.84 27.68 58.76
CA MET K 1 -41.70 26.40 58.06
C MET K 1 -40.27 25.96 58.06
N LEU K 2 -39.37 26.94 58.06
CA LEU K 2 -37.94 26.65 57.97
C LEU K 2 -37.50 25.69 59.07
N LYS K 3 -38.18 25.76 60.23
CA LYS K 3 -37.92 24.82 61.31
C LYS K 3 -38.25 23.38 60.92
N TYR K 4 -39.05 23.18 59.89
CA TYR K 4 -39.22 21.85 59.35
C TYR K 4 -38.27 21.54 58.20
N ILE K 5 -37.65 22.56 57.63
CA ILE K 5 -36.77 22.31 56.50
C ILE K 5 -35.39 21.90 56.97
N ILE K 6 -34.85 22.58 57.99
CA ILE K 6 -33.56 22.17 58.54
C ILE K 6 -33.54 20.72 59.01
N PRO K 7 -34.42 20.28 59.91
CA PRO K 7 -34.21 18.99 60.57
C PRO K 7 -34.06 17.81 59.62
N THR K 8 -34.73 17.81 58.48
CA THR K 8 -34.49 16.74 57.51
C THR K 8 -33.15 16.93 56.81
N MET K 9 -32.83 18.17 56.45
CA MET K 9 -31.53 18.43 55.83
C MET K 9 -30.41 18.00 56.76
N MET K 10 -30.58 18.19 58.06
CA MET K 10 -29.67 17.61 59.04
C MET K 10 -29.83 16.10 59.11
N LEU K 11 -31.01 15.58 58.75
CA LEU K 11 -31.20 14.14 58.76
C LEU K 11 -30.42 13.47 57.64
N MET K 12 -29.97 14.23 56.65
CA MET K 12 -29.07 13.66 55.63
C MET K 12 -27.72 13.22 56.21
N PRO K 13 -26.92 14.10 56.83
CA PRO K 13 -25.63 13.64 57.34
C PRO K 13 -25.74 12.65 58.48
N LEU K 14 -26.84 12.70 59.24
CA LEU K 14 -27.12 11.64 60.19
C LEU K 14 -27.01 10.28 59.52
N THR K 15 -27.67 10.12 58.37
CA THR K 15 -27.48 8.93 57.57
C THR K 15 -26.03 8.75 57.19
N TRP K 16 -25.47 9.72 56.45
CA TRP K 16 -24.17 9.49 55.82
C TRP K 16 -23.10 9.11 56.83
N LEU K 17 -22.98 9.87 57.92
CA LEU K 17 -22.02 9.54 58.96
C LEU K 17 -22.76 8.79 60.05
N SER K 18 -22.37 7.53 60.28
CA SER K 18 -23.00 6.65 61.23
C SER K 18 -22.24 5.33 61.21
N LYS K 19 -22.39 4.56 62.27
CA LYS K 19 -21.85 3.21 62.28
C LYS K 19 -22.80 2.28 61.53
N ASN K 20 -22.23 1.26 60.91
CA ASN K 20 -23.06 0.28 60.26
C ASN K 20 -23.94 -0.43 61.28
N SER K 21 -25.14 -0.82 60.83
CA SER K 21 -26.20 -1.48 61.57
C SER K 21 -27.07 -0.51 62.36
N MET K 22 -26.66 0.73 62.57
CA MET K 22 -27.49 1.70 63.27
C MET K 22 -28.24 2.66 62.36
N ILE K 23 -28.07 2.55 61.04
CA ILE K 23 -28.65 3.54 60.15
C ILE K 23 -30.17 3.54 60.24
N TRP K 24 -30.78 2.35 60.26
CA TRP K 24 -32.23 2.30 60.35
C TRP K 24 -32.71 2.89 61.67
N ILE K 25 -31.99 2.58 62.76
CA ILE K 25 -32.38 3.08 64.08
C ILE K 25 -32.35 4.60 64.10
N ASN K 26 -31.22 5.18 63.69
CA ASN K 26 -31.06 6.63 63.73
C ASN K 26 -32.10 7.31 62.86
N THR K 27 -32.22 6.87 61.61
CA THR K 27 -33.16 7.49 60.67
C THR K 27 -34.60 7.40 61.18
N THR K 28 -35.05 6.19 61.50
CA THR K 28 -36.41 6.02 62.01
C THR K 28 -36.65 6.93 63.21
N LEU K 29 -35.80 6.82 64.23
CA LEU K 29 -35.94 7.63 65.42
C LEU K 29 -36.14 9.09 65.08
N HIS K 30 -35.10 9.71 64.52
CA HIS K 30 -35.16 11.15 64.33
C HIS K 30 -36.27 11.53 63.36
N SER K 31 -36.66 10.63 62.48
CA SER K 31 -37.72 10.94 61.53
C SER K 31 -39.07 11.02 62.23
N LEU K 32 -39.36 10.08 63.12
CA LEU K 32 -40.56 10.21 63.93
C LEU K 32 -40.50 11.48 64.77
N LEU K 33 -39.34 11.79 65.34
CA LEU K 33 -39.20 13.04 66.07
C LEU K 33 -39.54 14.23 65.18
N ILE K 34 -39.30 14.13 63.88
CA ILE K 34 -39.80 15.15 62.97
C ILE K 34 -41.33 15.12 62.96
N SER K 35 -41.90 13.92 62.87
CA SER K 35 -43.34 13.81 62.77
C SER K 35 -44.04 14.53 63.91
N LEU K 36 -43.45 14.52 65.12
CA LEU K 36 -44.06 15.27 66.22
C LEU K 36 -44.30 16.73 65.83
N THR K 37 -43.25 17.41 65.36
CA THR K 37 -43.40 18.81 65.02
C THR K 37 -44.26 19.00 63.78
N SER K 38 -44.23 18.04 62.86
CA SER K 38 -45.23 18.07 61.80
C SER K 38 -46.62 18.18 62.38
N LEU K 39 -46.87 17.46 63.48
CA LEU K 39 -48.12 17.63 64.18
C LEU K 39 -48.20 18.98 64.89
N LEU K 40 -47.05 19.58 65.24
CA LEU K 40 -47.08 20.95 65.73
C LEU K 40 -47.61 21.92 64.69
N LEU K 41 -47.54 21.57 63.41
CA LEU K 41 -47.80 22.55 62.37
C LEU K 41 -49.22 23.12 62.42
N LEU K 42 -50.14 22.53 63.17
CA LEU K 42 -51.52 22.99 63.10
C LEU K 42 -51.73 24.11 64.09
N ASN K 43 -51.66 25.34 63.61
CA ASN K 43 -52.24 26.49 64.28
C ASN K 43 -53.49 26.99 63.58
N GLN K 44 -53.83 26.39 62.43
CA GLN K 44 -54.66 27.06 61.45
C GLN K 44 -56.03 27.40 61.99
N PHE K 45 -56.49 28.61 61.69
CA PHE K 45 -57.54 29.23 62.47
C PHE K 45 -58.30 30.23 61.62
N GLY K 46 -59.56 30.43 61.98
CA GLY K 46 -60.30 31.57 61.47
C GLY K 46 -60.33 31.58 59.96
N ASP K 47 -59.79 32.66 59.40
CA ASP K 47 -59.88 32.93 57.98
C ASP K 47 -58.53 32.95 57.29
N ASN K 48 -57.63 33.87 57.64
CA ASN K 48 -56.38 33.98 56.90
C ASN K 48 -55.54 32.73 57.05
N SER K 49 -55.12 32.18 55.91
CA SER K 49 -54.14 31.10 55.92
C SER K 49 -52.86 31.58 56.58
N LEU K 50 -52.38 30.81 57.56
CA LEU K 50 -51.16 31.22 58.23
C LEU K 50 -50.03 31.36 57.22
N ASN K 51 -49.14 32.31 57.48
CA ASN K 51 -48.01 32.57 56.59
C ASN K 51 -46.76 32.60 57.46
N PHE K 52 -45.89 31.61 57.26
CA PHE K 52 -44.68 31.52 58.08
C PHE K 52 -43.65 32.55 57.65
N SER K 53 -43.41 32.63 56.35
CA SER K 53 -42.40 33.52 55.81
C SER K 53 -42.87 33.95 54.44
N LEU K 54 -42.35 35.09 53.98
CA LEU K 54 -42.82 35.61 52.70
C LEU K 54 -42.53 34.67 51.54
N THR K 55 -41.65 33.68 51.73
CA THR K 55 -41.37 32.76 50.63
C THR K 55 -42.41 31.66 50.53
N PHE K 56 -42.81 31.03 51.65
CA PHE K 56 -43.77 29.94 51.60
C PHE K 56 -44.59 29.86 52.88
N PHE K 57 -45.85 29.42 52.73
CA PHE K 57 -46.87 29.52 53.77
C PHE K 57 -47.63 28.20 53.82
N SER K 58 -48.68 28.16 54.64
CA SER K 58 -49.59 27.02 54.65
C SER K 58 -51.03 27.48 54.86
N ASP K 59 -51.93 27.05 53.97
CA ASP K 59 -53.36 27.08 54.27
C ASP K 59 -53.72 25.73 54.88
N SER K 60 -55.01 25.41 54.95
CA SER K 60 -55.36 24.10 55.46
C SER K 60 -54.70 23.01 54.61
N LEU K 61 -55.21 22.81 53.40
CA LEU K 61 -54.93 21.63 52.59
C LEU K 61 -53.46 21.23 52.60
N SER K 62 -52.60 22.23 52.41
CA SER K 62 -51.17 21.99 52.55
C SER K 62 -50.83 21.37 53.89
N THR K 63 -51.54 21.74 54.96
CA THR K 63 -51.20 21.19 56.26
C THR K 63 -51.55 19.72 56.41
N PRO K 64 -52.78 19.26 56.14
CA PRO K 64 -52.99 17.80 56.14
C PRO K 64 -52.05 17.06 55.21
N LEU K 65 -51.88 17.52 53.96
CA LEU K 65 -51.02 16.75 53.07
C LEU K 65 -49.59 16.70 53.60
N LEU K 66 -49.11 17.81 54.16
CA LEU K 66 -47.77 17.85 54.70
C LEU K 66 -47.62 16.91 55.88
N ILE K 67 -48.54 17.00 56.84
CA ILE K 67 -48.54 16.08 57.98
C ILE K 67 -48.49 14.65 57.49
N LEU K 68 -49.24 14.36 56.43
CA LEU K 68 -49.23 13.00 55.90
C LEU K 68 -47.86 12.63 55.36
N THR K 69 -47.18 13.57 54.72
CA THR K 69 -45.85 13.26 54.18
C THR K 69 -44.87 12.98 55.31
N MET K 70 -44.68 13.96 56.20
CA MET K 70 -43.71 13.81 57.28
C MET K 70 -44.05 12.62 58.16
N TRP K 71 -45.33 12.30 58.31
CA TRP K 71 -45.68 11.05 58.95
C TRP K 71 -45.27 9.86 58.10
N LEU K 72 -45.29 10.02 56.78
CA LEU K 72 -45.16 8.85 55.94
C LEU K 72 -43.72 8.41 55.78
N LEU K 73 -42.75 9.34 55.87
CA LEU K 73 -41.36 8.92 55.75
C LEU K 73 -41.01 7.79 56.71
N PRO K 74 -41.15 7.95 58.03
CA PRO K 74 -40.63 6.92 58.93
C PRO K 74 -41.27 5.58 58.71
N LEU K 75 -42.55 5.57 58.37
CA LEU K 75 -43.23 4.32 58.09
C LEU K 75 -42.73 3.71 56.79
N MET K 76 -42.51 4.55 55.78
CA MET K 76 -41.97 4.13 54.49
C MET K 76 -40.62 3.45 54.67
N LEU K 77 -39.64 4.26 55.09
CA LEU K 77 -38.30 3.77 55.39
C LEU K 77 -38.35 2.55 56.29
N MET K 78 -39.18 2.60 57.33
CA MET K 78 -39.40 1.44 58.19
C MET K 78 -39.79 0.21 57.38
N ALA K 79 -40.57 0.41 56.31
CA ALA K 79 -41.06 -0.70 55.51
C ALA K 79 -40.03 -1.18 54.50
N SER K 80 -39.17 -0.28 54.01
CA SER K 80 -38.31 -0.64 52.90
C SER K 80 -37.27 -1.68 53.27
N GLN K 81 -36.89 -1.78 54.54
CA GLN K 81 -35.87 -2.74 54.92
C GLN K 81 -36.37 -4.16 54.77
N HIS K 82 -35.43 -5.10 54.70
CA HIS K 82 -35.68 -6.52 54.46
C HIS K 82 -36.16 -6.77 53.03
N HIS K 83 -36.56 -5.72 52.31
CA HIS K 83 -36.51 -5.81 50.87
C HIS K 83 -35.09 -6.10 50.41
N LEU K 84 -34.12 -5.56 51.12
CA LEU K 84 -32.72 -5.83 50.84
C LEU K 84 -32.02 -6.45 52.03
N SER K 85 -31.69 -5.64 53.03
CA SER K 85 -31.06 -6.08 54.27
C SER K 85 -29.80 -6.90 53.98
N LYS K 86 -29.32 -6.82 52.75
CA LYS K 86 -27.99 -7.25 52.37
C LYS K 86 -27.53 -6.34 51.24
N GLU K 87 -26.35 -5.73 51.41
CA GLU K 87 -25.70 -4.85 50.44
C GLU K 87 -24.47 -4.19 51.04
N ASN K 88 -23.73 -3.46 50.21
CA ASN K 88 -22.72 -2.55 50.74
C ASN K 88 -23.43 -1.37 51.40
N LEU K 89 -22.77 -0.80 52.41
CA LEU K 89 -23.36 0.33 53.13
C LEU K 89 -23.77 1.45 52.20
N ALA K 90 -23.01 1.66 51.11
CA ALA K 90 -23.28 2.77 50.22
C ALA K 90 -24.66 2.68 49.58
N ARG K 91 -25.12 1.46 49.30
CA ARG K 91 -26.48 1.31 48.79
C ARG K 91 -27.50 1.77 49.81
N LYS K 92 -27.33 1.37 51.07
CA LYS K 92 -28.28 1.76 52.12
C LYS K 92 -28.31 3.26 52.30
N LYS K 93 -27.15 3.87 52.58
CA LYS K 93 -27.12 5.30 52.80
C LYS K 93 -27.57 6.07 51.56
N LEU K 94 -27.29 5.53 50.38
CA LEU K 94 -27.78 6.19 49.16
C LEU K 94 -29.30 6.18 49.12
N PHE K 95 -29.90 5.03 49.42
CA PHE K 95 -31.34 4.90 49.34
C PHE K 95 -32.04 5.78 50.37
N ILE K 96 -31.62 5.69 51.62
CA ILE K 96 -32.22 6.54 52.65
C ILE K 96 -32.00 8.01 52.32
N SER K 97 -30.80 8.35 51.84
CA SER K 97 -30.55 9.72 51.41
C SER K 97 -31.57 10.15 50.38
N MET K 98 -31.87 9.25 49.44
CA MET K 98 -32.77 9.62 48.36
C MET K 98 -34.19 9.82 48.86
N LEU K 99 -34.65 8.94 49.76
CA LEU K 99 -35.94 9.16 50.38
C LEU K 99 -35.99 10.50 51.09
N ILE K 100 -34.93 10.82 51.85
CA ILE K 100 -34.88 12.11 52.53
C ILE K 100 -35.06 13.24 51.54
N LEU K 101 -34.11 13.37 50.61
CA LEU K 101 -34.15 14.45 49.63
C LEU K 101 -35.51 14.55 48.95
N LEU K 102 -36.10 13.40 48.62
CA LEU K 102 -37.45 13.40 48.08
C LEU K 102 -38.43 14.08 49.02
N GLN K 103 -38.41 13.69 50.30
CA GLN K 103 -39.30 14.34 51.26
C GLN K 103 -39.06 15.84 51.30
N LEU K 104 -37.80 16.25 51.28
CA LEU K 104 -37.48 17.67 51.30
C LEU K 104 -38.19 18.39 50.16
N PHE K 105 -38.02 17.89 48.93
CA PHE K 105 -38.68 18.57 47.82
C PHE K 105 -40.20 18.50 47.91
N LEU K 106 -40.74 17.45 48.54
CA LEU K 106 -42.17 17.42 48.76
C LEU K 106 -42.62 18.55 49.68
N ILE K 107 -41.92 18.72 50.80
CA ILE K 107 -42.27 19.79 51.73
C ILE K 107 -42.15 21.14 51.04
N MET K 108 -41.06 21.35 50.29
CA MET K 108 -40.96 22.51 49.43
C MET K 108 -42.23 22.71 48.61
N THR K 109 -42.69 21.63 47.97
CA THR K 109 -43.80 21.76 47.03
C THR K 109 -45.10 22.13 47.73
N PHE K 110 -45.46 21.38 48.77
CA PHE K 110 -46.73 21.67 49.44
C PHE K 110 -46.71 23.04 50.09
N THR K 111 -45.59 23.42 50.69
CA THR K 111 -45.55 24.70 51.38
C THR K 111 -45.41 25.87 50.41
N ALA K 112 -44.94 25.63 49.19
CA ALA K 112 -44.53 26.70 48.30
C ALA K 112 -45.65 27.71 48.05
N THR K 113 -45.36 28.98 48.36
CA THR K 113 -46.25 30.07 47.96
C THR K 113 -46.37 30.15 46.43
N GLU K 114 -45.27 30.52 45.79
CA GLU K 114 -45.27 31.09 44.46
C GLU K 114 -45.10 30.01 43.41
N LEU K 115 -46.00 29.99 42.43
CA LEU K 115 -46.18 28.80 41.61
C LEU K 115 -44.93 28.38 40.85
N ILE K 116 -43.98 29.29 40.61
CA ILE K 116 -42.78 28.86 39.90
C ILE K 116 -41.86 28.10 40.83
N PHE K 117 -41.73 28.55 42.06
CA PHE K 117 -41.04 27.76 43.08
C PHE K 117 -41.72 26.40 43.24
N PHE K 118 -43.05 26.41 43.15
CA PHE K 118 -43.84 25.17 43.16
C PHE K 118 -43.47 24.26 42.00
N TYR K 119 -43.21 24.84 40.82
CA TYR K 119 -42.95 24.05 39.62
C TYR K 119 -41.53 23.50 39.60
N ILE K 120 -40.55 24.37 39.86
CA ILE K 120 -39.17 23.92 39.98
C ILE K 120 -39.09 22.78 40.99
N MET K 121 -39.59 23.03 42.21
CA MET K 121 -39.61 21.97 43.20
C MET K 121 -40.47 20.79 42.76
N PHE K 122 -41.41 21.00 41.84
CA PHE K 122 -42.25 19.95 41.28
C PHE K 122 -41.43 18.89 40.53
N GLU K 123 -40.81 19.26 39.42
CA GLU K 123 -39.98 18.26 38.75
C GLU K 123 -38.82 17.80 39.63
N ALA K 124 -38.27 18.73 40.42
CA ALA K 124 -37.27 18.35 41.42
C ALA K 124 -37.81 17.31 42.40
N THR K 125 -39.12 17.20 42.55
CA THR K 125 -39.66 16.06 43.28
C THR K 125 -39.67 14.83 42.42
N LEU K 126 -39.93 14.99 41.12
CA LEU K 126 -40.10 13.79 40.31
C LEU K 126 -38.78 13.02 40.16
N VAL K 127 -37.65 13.72 40.04
CA VAL K 127 -36.38 13.02 39.81
C VAL K 127 -36.05 11.97 40.87
N PRO K 128 -36.03 12.29 42.17
CA PRO K 128 -35.64 11.27 43.15
C PRO K 128 -36.46 10.01 43.07
N THR K 129 -37.78 10.13 42.92
CA THR K 129 -38.61 8.95 42.72
C THR K 129 -38.10 8.11 41.57
N LEU K 130 -37.88 8.75 40.42
CA LEU K 130 -37.37 8.04 39.26
C LEU K 130 -36.11 7.27 39.62
N ILE K 131 -35.15 7.93 40.27
CA ILE K 131 -33.93 7.22 40.64
C ILE K 131 -34.26 6.00 41.51
N ILE K 132 -35.20 6.17 42.44
CA ILE K 132 -35.58 5.05 43.32
C ILE K 132 -36.06 3.86 42.49
N ILE K 133 -37.15 4.05 41.75
CA ILE K 133 -37.78 2.88 41.13
C ILE K 133 -36.93 2.33 39.99
N THR K 134 -36.16 3.16 39.31
CA THR K 134 -35.38 2.57 38.23
C THR K 134 -34.10 1.91 38.73
N ARG K 135 -33.39 2.52 39.67
CA ARG K 135 -32.06 2.03 39.97
C ARG K 135 -32.12 0.61 40.50
N TRP K 136 -33.04 0.34 41.42
CA TRP K 136 -33.45 -1.04 41.63
C TRP K 136 -34.96 -1.10 41.83
N GLY K 137 -35.66 -1.62 40.83
CA GLY K 137 -37.10 -1.79 40.91
C GLY K 137 -37.57 -3.22 40.87
N ASN K 138 -36.64 -4.17 41.06
CA ASN K 138 -36.86 -5.59 40.78
C ASN K 138 -36.99 -5.80 39.27
N GLN K 139 -37.17 -4.69 38.54
CA GLN K 139 -36.85 -4.57 37.12
C GLN K 139 -37.31 -5.78 36.32
N THR K 140 -38.61 -5.90 36.13
CA THR K 140 -39.04 -6.91 35.18
C THR K 140 -38.75 -6.30 33.83
N GLU K 141 -37.70 -6.81 33.16
CA GLU K 141 -37.19 -6.31 31.87
C GLU K 141 -36.91 -4.82 31.98
N ARG K 142 -37.22 -4.25 33.16
CA ARG K 142 -37.17 -2.84 33.53
C ARG K 142 -38.23 -2.03 32.79
N LEU K 143 -38.73 -2.55 31.67
CA LEU K 143 -39.78 -1.90 30.90
C LEU K 143 -39.35 -0.52 30.40
N ASN K 144 -38.19 -0.05 30.86
CA ASN K 144 -37.79 1.36 30.76
C ASN K 144 -38.94 2.28 31.17
N ALA K 145 -39.65 1.89 32.22
CA ALA K 145 -40.89 2.54 32.63
C ALA K 145 -40.69 3.60 33.69
N GLY K 146 -39.45 3.89 34.08
CA GLY K 146 -39.14 5.11 34.80
C GLY K 146 -38.91 6.30 33.90
N LEU K 147 -38.21 6.06 32.80
CA LEU K 147 -37.59 7.14 32.04
C LEU K 147 -38.58 7.80 31.09
N TYR K 148 -39.02 7.06 30.07
CA TYR K 148 -40.15 7.56 29.29
C TYR K 148 -41.41 7.75 30.11
N PHE K 149 -41.45 7.23 31.34
CA PHE K 149 -42.40 7.69 32.34
C PHE K 149 -42.20 9.17 32.64
N LEU K 150 -40.95 9.55 32.94
CA LEU K 150 -40.65 10.98 33.04
C LEU K 150 -40.99 11.72 31.76
N PHE K 151 -40.98 11.02 30.61
CA PHE K 151 -41.48 11.68 29.40
C PHE K 151 -42.99 11.77 29.39
N TYR K 152 -43.70 10.79 29.95
CA TYR K 152 -45.14 10.96 30.09
C TYR K 152 -45.45 12.22 30.88
N THR K 153 -44.71 12.45 31.97
CA THR K 153 -44.84 13.73 32.65
C THR K 153 -44.51 14.90 31.76
N LEU K 154 -43.22 15.08 31.41
CA LEU K 154 -42.77 16.34 30.82
C LEU K 154 -43.39 16.62 29.46
N ALA K 155 -43.79 15.56 28.74
CA ALA K 155 -44.26 15.70 27.36
C ALA K 155 -45.21 16.87 27.20
N GLY K 156 -46.34 16.82 27.91
CA GLY K 156 -47.22 17.94 28.08
C GLY K 156 -47.10 18.67 29.39
N SER K 157 -46.19 18.23 30.28
CA SER K 157 -46.05 18.89 31.57
C SER K 157 -45.14 20.10 31.53
N LEU K 158 -44.34 20.26 30.49
CA LEU K 158 -43.50 21.46 30.42
C LEU K 158 -44.30 22.73 30.14
N PRO K 159 -45.19 22.80 29.14
CA PRO K 159 -45.75 24.11 28.74
C PRO K 159 -46.48 24.84 29.85
N LEU K 160 -46.87 24.17 30.93
CA LEU K 160 -47.49 24.92 32.02
C LEU K 160 -46.54 26.00 32.54
N LEU K 161 -45.22 25.78 32.43
CA LEU K 161 -44.28 26.85 32.74
C LEU K 161 -44.48 28.04 31.83
N VAL K 162 -44.56 27.80 30.52
CA VAL K 162 -44.89 28.85 29.56
C VAL K 162 -46.10 29.64 30.06
N ALA K 163 -47.24 28.97 30.17
CA ALA K 163 -48.46 29.64 30.59
C ALA K 163 -48.25 30.44 31.87
N LEU K 164 -47.56 29.84 32.85
CA LEU K 164 -47.26 30.55 34.07
C LEU K 164 -46.56 31.87 33.78
N ILE K 165 -45.36 31.82 33.20
CA ILE K 165 -44.59 33.04 32.96
C ILE K 165 -45.43 34.09 32.25
N TYR K 166 -46.30 33.65 31.35
CA TYR K 166 -47.29 34.56 30.78
C TYR K 166 -48.07 35.25 31.89
N ILE K 167 -48.67 34.45 32.79
CA ILE K 167 -49.41 35.01 33.92
C ILE K 167 -48.52 35.95 34.73
N GLN K 168 -47.25 35.60 34.85
CA GLN K 168 -46.27 36.41 35.56
C GLN K 168 -46.21 37.82 35.00
N ASN K 169 -45.74 37.95 33.77
CA ASN K 169 -45.47 39.29 33.27
C ASN K 169 -46.74 40.07 32.98
N THR K 170 -47.88 39.39 32.77
CA THR K 170 -49.10 40.16 32.58
C THR K 170 -49.54 40.81 33.90
N MET K 171 -49.65 40.02 34.96
CA MET K 171 -50.18 40.50 36.23
C MET K 171 -49.12 40.87 37.24
N GLY K 172 -47.85 40.74 36.91
CA GLY K 172 -46.85 40.85 37.95
C GLY K 172 -46.85 39.63 38.84
N SER K 173 -46.91 39.82 40.15
CA SER K 173 -46.56 38.78 41.12
C SER K 173 -47.26 37.46 40.87
N LEU K 174 -46.49 36.38 40.96
CA LEU K 174 -47.04 35.03 41.03
C LEU K 174 -47.18 34.51 42.44
N ASN K 175 -46.93 35.35 43.44
CA ASN K 175 -47.32 34.99 44.80
C ASN K 175 -48.79 34.59 44.82
N PHE K 176 -49.08 33.50 45.51
CA PHE K 176 -50.45 33.02 45.51
C PHE K 176 -51.37 33.96 46.27
N LEU K 177 -50.88 34.53 47.37
CA LEU K 177 -51.69 35.47 48.12
C LEU K 177 -52.16 36.62 47.24
N ILE K 178 -51.24 37.24 46.52
CA ILE K 178 -51.59 38.38 45.69
C ILE K 178 -52.14 37.97 44.34
N LEU K 179 -51.87 36.75 43.87
CA LEU K 179 -52.64 36.26 42.74
C LEU K 179 -54.11 36.18 43.13
N GLN K 180 -54.37 35.84 44.38
CA GLN K 180 -55.68 36.10 44.96
C GLN K 180 -55.81 37.59 45.21
N TYR K 181 -57.05 38.07 45.16
CA TYR K 181 -57.45 39.48 45.25
C TYR K 181 -57.20 40.24 43.96
N TRP K 182 -56.26 39.79 43.13
CA TRP K 182 -56.05 40.39 41.83
C TRP K 182 -56.62 39.57 40.69
N VAL K 183 -57.20 38.40 40.98
CA VAL K 183 -57.68 37.54 39.91
C VAL K 183 -58.85 38.23 39.22
N GLN K 184 -58.80 38.24 37.89
CA GLN K 184 -59.79 38.93 37.09
C GLN K 184 -60.38 38.00 36.05
N PRO K 185 -61.67 38.15 35.74
CA PRO K 185 -62.36 37.15 34.92
C PRO K 185 -61.77 37.04 33.53
N MET K 186 -61.75 35.83 33.00
CA MET K 186 -61.19 35.56 31.68
C MET K 186 -62.27 35.00 30.78
N PRO K 187 -62.65 35.70 29.70
CA PRO K 187 -63.78 35.25 28.89
C PRO K 187 -63.43 33.98 28.12
N ASN K 188 -64.47 33.35 27.59
CA ASN K 188 -64.30 32.12 26.84
C ASN K 188 -63.95 32.45 25.39
N SER K 189 -62.76 32.04 24.96
CA SER K 189 -62.30 32.23 23.59
C SER K 189 -61.15 31.26 23.35
N TRP K 190 -60.50 31.38 22.19
CA TRP K 190 -59.52 30.37 21.79
C TRP K 190 -58.17 30.54 22.47
N SER K 191 -57.80 31.75 22.86
CA SER K 191 -56.55 31.90 23.61
C SER K 191 -56.69 31.34 25.01
N ASN K 192 -57.72 31.79 25.74
CA ASN K 192 -58.01 31.19 27.04
C ASN K 192 -58.25 29.70 26.92
N THR K 193 -58.67 29.24 25.74
CA THR K 193 -58.78 27.80 25.49
C THR K 193 -57.43 27.13 25.68
N PHE K 194 -56.47 27.44 24.81
CA PHE K 194 -55.15 26.80 24.92
C PHE K 194 -54.53 27.01 26.29
N MET K 195 -54.86 28.12 26.97
CA MET K 195 -54.25 28.32 28.29
C MET K 195 -54.85 27.35 29.30
N TRP K 196 -56.16 27.50 29.54
CA TRP K 196 -56.86 26.61 30.47
C TRP K 196 -56.51 25.16 30.20
N LEU K 197 -56.57 24.77 28.93
CA LEU K 197 -56.23 23.40 28.57
C LEU K 197 -54.80 23.09 28.95
N ALA K 198 -53.90 24.07 28.77
CA ALA K 198 -52.51 23.87 29.15
C ALA K 198 -52.39 23.50 30.61
N CYS K 199 -52.81 24.41 31.50
CA CYS K 199 -52.66 24.16 32.94
C CYS K 199 -53.39 22.89 33.36
N MET K 200 -54.68 22.80 33.01
CA MET K 200 -55.49 21.63 33.33
C MET K 200 -54.79 20.35 32.93
N MET K 201 -54.66 20.07 31.63
CA MET K 201 -54.09 18.79 31.22
C MET K 201 -52.70 18.60 31.84
N ALA K 202 -51.97 19.69 32.05
CA ALA K 202 -50.65 19.62 32.66
C ALA K 202 -50.69 18.93 34.02
N PHE K 203 -51.62 19.35 34.89
CA PHE K 203 -51.75 18.63 36.15
C PHE K 203 -52.51 17.32 36.00
N MET K 204 -53.50 17.28 35.10
CA MET K 204 -54.31 16.08 34.93
C MET K 204 -53.51 14.88 34.47
N VAL K 205 -52.30 15.10 33.96
CA VAL K 205 -51.44 13.96 33.69
C VAL K 205 -51.06 13.26 34.98
N LYS K 206 -50.93 14.01 36.08
CA LYS K 206 -50.47 13.36 37.31
C LYS K 206 -51.54 12.48 37.94
N MET K 207 -52.59 13.04 38.53
CA MET K 207 -53.69 12.16 38.87
C MET K 207 -54.24 11.63 37.57
N PRO K 208 -54.07 10.35 37.25
CA PRO K 208 -54.46 9.89 35.92
C PRO K 208 -55.97 9.98 35.76
N LEU K 209 -56.39 10.73 34.75
CA LEU K 209 -57.74 10.57 34.25
C LEU K 209 -57.76 9.40 33.26
N TYR K 210 -58.94 8.82 33.08
CA TYR K 210 -59.06 7.55 32.38
C TYR K 210 -58.35 7.54 31.04
N GLY K 211 -58.24 8.69 30.39
CA GLY K 211 -57.51 8.72 29.12
C GLY K 211 -56.06 8.33 29.28
N LEU K 212 -55.40 8.88 30.28
CA LEU K 212 -53.95 8.72 30.45
C LEU K 212 -53.56 7.63 31.44
N HIS K 213 -54.53 6.88 31.98
CA HIS K 213 -54.25 6.04 33.14
C HIS K 213 -53.25 4.93 32.87
N LEU K 214 -52.88 4.67 31.60
CA LEU K 214 -51.82 3.71 31.33
C LEU K 214 -50.53 4.08 32.03
N TRP K 215 -50.41 5.34 32.43
CA TRP K 215 -49.27 5.86 33.17
C TRP K 215 -48.94 5.00 34.39
N LEU K 216 -49.93 4.75 35.25
CA LEU K 216 -49.65 4.18 36.56
C LEU K 216 -49.22 2.72 36.51
N PRO K 217 -50.00 1.80 35.95
CA PRO K 217 -49.85 0.37 36.32
C PRO K 217 -48.44 -0.17 36.21
N LYS K 218 -47.76 0.11 35.11
CA LYS K 218 -46.41 -0.41 34.92
C LYS K 218 -45.44 0.24 35.90
N ALA K 219 -45.46 1.57 35.96
CA ALA K 219 -44.60 2.28 36.89
C ALA K 219 -44.81 1.82 38.32
N HIS K 220 -46.02 1.41 38.67
CA HIS K 220 -46.27 1.01 40.03
C HIS K 220 -46.09 -0.49 40.27
N VAL K 221 -46.01 -1.31 39.23
CA VAL K 221 -45.60 -2.69 39.49
C VAL K 221 -44.09 -2.77 39.56
N GLU K 222 -43.39 -1.89 38.88
CA GLU K 222 -41.94 -1.92 38.89
C GLU K 222 -41.35 -1.23 40.12
N ALA K 223 -42.17 -0.64 40.96
CA ALA K 223 -41.63 0.17 42.04
C ALA K 223 -41.29 -0.70 43.24
N PRO K 224 -40.15 -0.49 43.88
CA PRO K 224 -39.91 -1.09 45.20
C PRO K 224 -40.84 -0.45 46.21
N ILE K 225 -41.21 -1.23 47.23
CA ILE K 225 -42.34 -0.85 48.07
C ILE K 225 -42.24 0.57 48.59
N ALA K 226 -41.02 1.03 48.89
CA ALA K 226 -40.84 2.42 49.28
C ALA K 226 -41.27 3.35 48.16
N GLY K 227 -40.82 3.09 46.94
CA GLY K 227 -41.23 3.92 45.83
C GLY K 227 -42.72 3.84 45.54
N SER K 228 -43.35 2.74 45.93
CA SER K 228 -44.79 2.65 45.73
C SER K 228 -45.53 3.54 46.72
N MET K 229 -45.22 3.42 48.00
CA MET K 229 -45.86 4.29 48.98
C MET K 229 -45.55 5.75 48.71
N VAL K 230 -44.35 6.05 48.21
CA VAL K 230 -44.11 7.39 47.67
C VAL K 230 -45.14 7.71 46.60
N LEU K 231 -45.12 6.93 45.53
CA LEU K 231 -45.87 7.21 44.31
C LEU K 231 -47.35 7.43 44.59
N ALA K 232 -48.07 6.37 44.95
CA ALA K 232 -49.52 6.47 44.91
C ALA K 232 -50.13 7.07 46.18
N ALA K 233 -49.38 7.18 47.26
CA ALA K 233 -49.91 7.90 48.42
C ALA K 233 -49.72 9.40 48.31
N ILE K 234 -48.78 9.86 47.49
CA ILE K 234 -48.43 11.27 47.44
C ILE K 234 -48.47 11.81 46.02
N LEU K 235 -47.63 11.27 45.14
CA LEU K 235 -47.34 11.93 43.88
C LEU K 235 -48.56 12.17 43.02
N LEU K 236 -49.69 11.54 43.29
CA LEU K 236 -50.92 11.96 42.62
C LEU K 236 -51.50 13.20 43.29
N LYS K 237 -51.46 13.22 44.62
CA LYS K 237 -52.01 14.33 45.39
C LYS K 237 -51.26 15.62 45.09
N LEU K 238 -50.06 15.55 44.55
CA LEU K 238 -49.42 16.76 44.06
C LEU K 238 -50.19 17.34 42.88
N GLY K 239 -50.47 16.52 41.88
CA GLY K 239 -51.25 16.98 40.75
C GLY K 239 -52.61 17.52 41.18
N GLY K 240 -53.34 16.74 41.98
CA GLY K 240 -54.64 17.22 42.43
C GLY K 240 -54.54 18.49 43.26
N TYR K 241 -53.51 18.59 44.09
CA TYR K 241 -53.25 19.77 44.89
C TYR K 241 -53.04 21.02 44.05
N GLY K 242 -51.96 21.04 43.29
CA GLY K 242 -51.72 22.17 42.41
C GLY K 242 -52.95 22.50 41.58
N MET K 243 -53.68 21.47 41.15
CA MET K 243 -54.97 21.69 40.52
C MET K 243 -55.89 22.51 41.41
N MET K 244 -56.04 22.10 42.67
CA MET K 244 -56.84 22.87 43.63
C MET K 244 -56.47 24.33 43.61
N ARG K 245 -55.18 24.64 43.57
CA ARG K 245 -54.83 26.04 43.71
C ARG K 245 -54.97 26.82 42.41
N ILE K 246 -54.45 26.28 41.30
CA ILE K 246 -54.50 27.04 40.05
C ILE K 246 -55.90 27.11 39.48
N THR K 247 -56.84 26.34 40.02
CA THR K 247 -58.21 26.60 39.58
C THR K 247 -58.76 27.91 40.14
N LEU K 248 -57.99 28.63 40.95
CA LEU K 248 -58.42 29.92 41.49
C LEU K 248 -58.86 30.83 40.36
N LEU K 249 -57.98 31.05 39.39
CA LEU K 249 -58.34 31.73 38.16
C LEU K 249 -59.04 30.72 37.27
N LEU K 250 -59.23 31.06 35.99
CA LEU K 250 -60.00 30.24 35.05
C LEU K 250 -61.48 30.21 35.44
N ASN K 251 -61.98 31.31 35.99
CA ASN K 251 -63.28 31.24 36.67
C ASN K 251 -64.44 30.82 35.77
N PRO K 252 -64.84 31.57 34.73
CA PRO K 252 -65.94 31.04 33.90
C PRO K 252 -65.48 29.90 33.00
N ILE K 253 -64.21 29.94 32.63
CA ILE K 253 -63.69 29.05 31.59
C ILE K 253 -63.94 27.60 31.94
N THR K 254 -63.74 27.26 33.21
CA THR K 254 -63.77 25.87 33.65
C THR K 254 -65.12 25.21 33.46
N ASP K 255 -66.14 25.97 33.06
CA ASP K 255 -67.44 25.35 32.80
C ASP K 255 -67.44 24.68 31.43
N PHE K 256 -67.47 25.51 30.39
CA PHE K 256 -67.46 25.00 29.02
C PHE K 256 -66.23 24.15 28.77
N MET K 257 -65.10 24.51 29.36
CA MET K 257 -63.92 23.66 29.21
C MET K 257 -63.99 22.42 30.08
N ALA K 258 -64.58 22.52 31.27
CA ALA K 258 -64.63 21.38 32.17
C ALA K 258 -65.39 20.24 31.54
N TYR K 259 -66.58 20.53 31.00
CA TYR K 259 -67.57 19.48 30.71
C TYR K 259 -67.01 18.22 30.06
N PRO K 260 -66.18 18.27 29.02
CA PRO K 260 -65.68 17.01 28.43
C PRO K 260 -64.85 16.20 29.41
N PHE K 261 -63.95 16.85 30.15
CA PHE K 261 -63.14 16.12 31.11
C PHE K 261 -64.00 15.48 32.19
N ILE K 262 -64.99 16.22 32.71
CA ILE K 262 -65.91 15.63 33.68
C ILE K 262 -66.54 14.37 33.10
N MET K 263 -67.09 14.47 31.89
CA MET K 263 -67.66 13.28 31.26
C MET K 263 -66.66 12.13 31.27
N LEU K 264 -65.43 12.41 30.82
CA LEU K 264 -64.43 11.36 30.71
C LEU K 264 -64.09 10.74 32.06
N SER K 265 -64.13 11.53 33.11
CA SER K 265 -63.81 10.99 34.43
C SER K 265 -64.98 10.23 35.02
N LEU K 266 -66.21 10.64 34.72
CA LEU K 266 -67.37 9.91 35.21
C LEU K 266 -67.50 8.56 34.51
N TRP K 267 -67.15 8.49 33.23
CA TRP K 267 -67.17 7.21 32.56
C TRP K 267 -65.96 6.36 32.92
N GLY K 268 -64.78 6.98 32.96
CA GLY K 268 -63.57 6.23 33.25
C GLY K 268 -63.50 5.74 34.67
N MET K 269 -64.16 6.43 35.60
CA MET K 269 -64.32 5.88 36.94
C MET K 269 -64.92 4.49 36.88
N ILE K 270 -65.99 4.33 36.09
CA ILE K 270 -66.63 3.02 35.97
C ILE K 270 -65.76 2.06 35.20
N MET K 271 -65.16 2.50 34.09
CA MET K 271 -64.33 1.61 33.30
C MET K 271 -63.15 1.07 34.12
N THR K 272 -62.28 1.96 34.58
CA THR K 272 -61.18 1.55 35.45
C THR K 272 -61.67 0.69 36.60
N SER K 273 -62.73 1.15 37.27
CA SER K 273 -63.31 0.36 38.35
C SER K 273 -63.68 -1.04 37.88
N SER K 274 -63.97 -1.20 36.60
CA SER K 274 -64.27 -2.53 36.06
C SER K 274 -62.98 -3.31 35.82
N ILE K 275 -62.10 -2.80 34.96
CA ILE K 275 -60.88 -3.53 34.61
C ILE K 275 -60.11 -3.96 35.84
N CYS K 276 -60.17 -3.18 36.93
CA CYS K 276 -59.47 -3.63 38.11
C CYS K 276 -60.13 -4.82 38.77
N LEU K 277 -61.31 -5.22 38.30
CA LEU K 277 -62.00 -6.36 38.91
C LEU K 277 -61.39 -7.68 38.46
N ARG K 278 -61.12 -7.81 37.17
CA ARG K 278 -60.85 -9.10 36.57
C ARG K 278 -59.37 -9.46 36.52
N GLN K 279 -58.47 -8.53 36.82
CA GLN K 279 -57.06 -8.82 36.64
C GLN K 279 -56.55 -9.82 37.68
N THR K 280 -55.43 -10.44 37.32
CA THR K 280 -54.56 -11.22 38.19
C THR K 280 -53.58 -10.26 38.85
N ASP K 281 -52.46 -10.79 39.35
CA ASP K 281 -51.30 -10.01 39.79
C ASP K 281 -51.66 -8.83 40.68
N LEU K 282 -51.94 -9.14 41.94
CA LEU K 282 -52.53 -8.26 42.94
C LEU K 282 -51.96 -6.84 42.93
N LYS K 283 -50.66 -6.70 42.70
CA LYS K 283 -50.05 -5.38 42.78
C LYS K 283 -50.73 -4.38 41.86
N SER K 284 -51.39 -4.84 40.79
CA SER K 284 -52.06 -3.91 39.89
C SER K 284 -53.42 -3.48 40.42
N LEU K 285 -54.13 -4.38 41.11
CA LEU K 285 -55.49 -4.09 41.56
C LEU K 285 -55.52 -2.77 42.32
N ILE K 286 -54.63 -2.65 43.30
CA ILE K 286 -54.67 -1.45 44.12
C ILE K 286 -54.29 -0.24 43.28
N ALA K 287 -53.43 -0.44 42.27
CA ALA K 287 -53.09 0.65 41.36
C ALA K 287 -54.35 1.19 40.69
N TYR K 288 -55.02 0.37 39.89
CA TYR K 288 -56.23 0.85 39.21
C TYR K 288 -57.25 1.37 40.21
N SER K 289 -57.28 0.80 41.42
CA SER K 289 -58.08 1.41 42.47
C SER K 289 -57.71 2.88 42.65
N SER K 290 -56.42 3.14 42.82
CA SER K 290 -55.95 4.53 42.91
C SER K 290 -56.43 5.35 41.72
N VAL K 291 -56.37 4.77 40.52
CA VAL K 291 -56.88 5.49 39.36
C VAL K 291 -58.35 5.83 39.53
N SER K 292 -59.13 4.92 40.09
CA SER K 292 -60.55 5.16 40.26
C SER K 292 -60.79 6.32 41.23
N HIS K 293 -60.27 6.19 42.45
CA HIS K 293 -60.49 7.25 43.44
C HIS K 293 -59.98 8.58 42.93
N MET K 294 -58.88 8.59 42.18
CA MET K 294 -58.36 9.85 41.67
C MET K 294 -59.27 10.43 40.59
N ALA K 295 -59.84 9.57 39.74
CA ALA K 295 -60.86 10.06 38.82
C ALA K 295 -61.96 10.76 39.60
N LEU K 296 -62.45 10.10 40.65
CA LEU K 296 -63.45 10.74 41.50
C LEU K 296 -62.97 12.09 42.00
N VAL K 297 -61.67 12.19 42.32
CA VAL K 297 -61.14 13.45 42.80
C VAL K 297 -61.27 14.52 41.73
N ILE K 298 -60.82 14.23 40.50
CA ILE K 298 -60.90 15.20 39.42
C ILE K 298 -62.33 15.68 39.25
N VAL K 299 -63.27 14.73 39.20
CA VAL K 299 -64.69 15.07 39.20
C VAL K 299 -64.98 16.07 40.29
N ALA K 300 -64.41 15.86 41.46
CA ALA K 300 -64.67 16.79 42.55
C ALA K 300 -64.03 18.14 42.30
N ILE K 301 -62.88 18.19 41.63
CA ILE K 301 -62.18 19.46 41.51
C ILE K 301 -62.92 20.38 40.56
N LEU K 302 -63.32 19.85 39.40
CA LEU K 302 -63.84 20.73 38.35
C LEU K 302 -65.14 21.39 38.78
N ILE K 303 -66.08 20.63 39.32
CA ILE K 303 -67.26 21.25 39.92
C ILE K 303 -66.83 21.92 41.22
N GLN K 304 -67.13 23.21 41.34
CA GLN K 304 -66.48 24.07 42.31
C GLN K 304 -67.23 24.24 43.62
N THR K 305 -68.27 23.46 43.87
CA THR K 305 -68.95 23.56 45.16
C THR K 305 -67.96 23.31 46.31
N PRO K 306 -68.09 24.03 47.43
CA PRO K 306 -67.20 23.75 48.57
C PRO K 306 -67.32 22.33 49.09
N TRP K 307 -68.53 21.78 49.14
CA TRP K 307 -68.70 20.37 49.47
C TRP K 307 -67.73 19.51 48.67
N SER K 308 -67.65 19.79 47.36
CA SER K 308 -66.75 19.07 46.49
C SER K 308 -65.32 19.09 47.00
N TYR K 309 -64.87 20.22 47.54
CA TYR K 309 -63.51 20.23 48.06
C TYR K 309 -63.41 19.46 49.37
N MET K 310 -64.36 19.68 50.28
CA MET K 310 -64.27 18.99 51.57
C MET K 310 -64.16 17.47 51.36
N GLY K 311 -65.11 16.91 50.62
CA GLY K 311 -65.01 15.51 50.27
C GLY K 311 -63.74 15.18 49.50
N ALA K 312 -63.33 16.09 48.61
CA ALA K 312 -62.14 15.86 47.82
C ALA K 312 -60.92 15.63 48.70
N THR K 313 -60.49 16.67 49.40
CA THR K 313 -59.31 16.55 50.26
C THR K 313 -59.44 15.39 51.22
N ALA K 314 -60.63 15.20 51.81
CA ALA K 314 -60.81 14.04 52.66
C ALA K 314 -60.45 12.76 51.92
N LEU K 315 -60.78 12.71 50.64
CA LEU K 315 -60.43 11.54 49.83
C LEU K 315 -58.95 11.48 49.53
N MET K 316 -58.30 12.63 49.35
CA MET K 316 -56.85 12.62 49.19
C MET K 316 -56.17 11.92 50.36
N ILE K 317 -56.48 12.36 51.58
CA ILE K 317 -55.80 11.80 52.74
C ILE K 317 -56.20 10.36 52.97
N ALA K 318 -57.51 10.11 53.07
CA ALA K 318 -57.97 8.75 53.37
C ALA K 318 -57.47 7.76 52.33
N HIS K 319 -57.54 8.13 51.05
CA HIS K 319 -57.00 7.23 50.03
C HIS K 319 -55.49 7.12 50.12
N GLY K 320 -54.82 8.14 50.64
CA GLY K 320 -53.40 8.06 50.80
C GLY K 320 -53.04 6.95 51.77
N LEU K 321 -53.57 7.03 52.98
CA LEU K 321 -53.26 6.00 53.97
C LEU K 321 -53.77 4.64 53.52
N THR K 322 -54.99 4.58 52.98
CA THR K 322 -55.55 3.29 52.61
C THR K 322 -54.74 2.63 51.50
N SER K 323 -54.61 3.31 50.37
CA SER K 323 -53.86 2.74 49.25
C SER K 323 -52.44 2.38 49.65
N SER K 324 -51.75 3.32 50.31
CA SER K 324 -50.40 3.05 50.80
C SER K 324 -50.36 1.74 51.57
N MET K 325 -51.11 1.67 52.67
CA MET K 325 -51.12 0.46 53.48
C MET K 325 -51.34 -0.77 52.61
N LEU K 326 -52.42 -0.75 51.83
CA LEU K 326 -52.82 -1.93 51.07
C LEU K 326 -51.68 -2.41 50.17
N PHE K 327 -50.96 -1.47 49.54
CA PHE K 327 -49.70 -1.81 48.89
C PHE K 327 -48.81 -2.58 49.84
N CYS K 328 -48.58 -2.03 51.03
CA CYS K 328 -47.63 -2.68 51.92
C CYS K 328 -48.10 -4.06 52.33
N LEU K 329 -49.41 -4.32 52.30
CA LEU K 329 -49.88 -5.68 52.43
C LEU K 329 -49.43 -6.52 51.26
N ALA K 330 -49.66 -6.04 50.04
CA ALA K 330 -49.22 -6.77 48.86
C ALA K 330 -47.76 -7.17 48.99
N ASN K 331 -46.92 -6.24 49.46
CA ASN K 331 -45.50 -6.55 49.62
C ASN K 331 -45.28 -7.60 50.70
N SER K 332 -45.87 -7.39 51.89
CA SER K 332 -45.70 -8.36 52.95
C SER K 332 -46.14 -9.76 52.53
N ASN K 333 -47.08 -9.84 51.60
CA ASN K 333 -47.43 -11.12 50.99
C ASN K 333 -46.39 -11.55 49.98
N TYR K 334 -45.70 -10.60 49.35
CA TYR K 334 -44.77 -10.94 48.29
C TYR K 334 -43.48 -11.53 48.84
N GLU K 335 -43.01 -11.03 49.99
CA GLU K 335 -41.80 -11.60 50.57
C GLU K 335 -42.01 -13.06 50.96
N ARG K 336 -43.25 -13.44 51.27
CA ARG K 336 -43.53 -14.82 51.66
C ARG K 336 -43.30 -15.77 50.50
N VAL K 337 -43.99 -15.54 49.38
CA VAL K 337 -43.83 -16.33 48.17
C VAL K 337 -43.60 -15.36 47.03
N HIS K 338 -42.62 -15.66 46.18
CA HIS K 338 -42.20 -14.67 45.20
C HIS K 338 -43.07 -14.87 43.97
N SER K 339 -44.08 -14.02 43.83
CA SER K 339 -45.07 -14.18 42.79
C SER K 339 -45.45 -12.86 42.14
N ARG K 340 -46.09 -12.02 42.95
CA ARG K 340 -46.86 -10.84 42.57
C ARG K 340 -48.20 -11.26 41.99
N THR K 341 -48.34 -12.53 41.59
CA THR K 341 -49.59 -13.01 41.03
C THR K 341 -50.55 -13.38 42.15
N MET K 342 -51.74 -12.79 42.13
CA MET K 342 -52.73 -13.00 43.18
C MET K 342 -53.09 -14.48 43.32
N ILE K 343 -53.69 -15.05 42.27
CA ILE K 343 -54.28 -16.38 42.36
C ILE K 343 -53.30 -17.47 42.77
N LEU K 344 -51.99 -17.20 42.69
CA LEU K 344 -51.00 -18.25 42.96
C LEU K 344 -51.20 -18.88 44.33
N ALA K 345 -50.96 -18.13 45.41
CA ALA K 345 -51.26 -18.68 46.71
C ALA K 345 -52.65 -18.24 47.16
N ARG K 346 -53.11 -18.81 48.27
CA ARG K 346 -54.44 -18.60 48.81
C ARG K 346 -54.37 -18.92 50.30
N GLY K 347 -55.52 -19.06 50.94
CA GLY K 347 -55.48 -19.28 52.37
C GLY K 347 -55.00 -18.02 53.05
N LEU K 348 -54.37 -18.17 54.21
CA LEU K 348 -53.87 -17.11 55.09
C LEU K 348 -54.96 -16.65 56.06
N GLN K 349 -56.16 -17.20 56.02
CA GLN K 349 -56.97 -17.16 57.24
C GLN K 349 -56.52 -18.22 58.22
N THR K 350 -56.30 -19.45 57.73
CA THR K 350 -55.67 -20.48 58.54
C THR K 350 -54.32 -19.97 58.99
N LEU K 351 -53.38 -19.90 58.06
CA LEU K 351 -52.07 -19.34 58.35
C LEU K 351 -52.19 -17.85 58.61
N LEU K 352 -51.19 -17.29 59.28
CA LEU K 352 -51.15 -15.87 59.60
C LEU K 352 -52.48 -15.36 60.13
N PRO K 353 -53.07 -16.01 61.15
CA PRO K 353 -54.43 -15.63 61.54
C PRO K 353 -54.58 -14.19 61.96
N LEU K 354 -53.49 -13.52 62.35
CA LEU K 354 -53.60 -12.11 62.67
C LEU K 354 -53.63 -11.26 61.41
N MET K 355 -52.75 -11.55 60.45
CA MET K 355 -52.63 -10.72 59.26
C MET K 355 -53.98 -10.58 58.55
N ALA K 356 -54.88 -11.53 58.80
CA ALA K 356 -56.28 -11.36 58.45
C ALA K 356 -56.78 -9.99 58.85
N ALA K 357 -56.78 -9.70 60.14
CA ALA K 357 -57.38 -8.46 60.64
C ALA K 357 -56.90 -7.24 59.89
N TRP K 358 -55.65 -7.24 59.43
CA TRP K 358 -55.17 -6.08 58.70
C TRP K 358 -55.63 -6.11 57.25
N TRP K 359 -55.63 -7.28 56.61
CA TRP K 359 -56.27 -7.38 55.30
C TRP K 359 -57.72 -6.88 55.36
N LEU K 360 -58.54 -7.56 56.14
CA LEU K 360 -59.93 -7.16 56.34
C LEU K 360 -60.05 -5.68 56.60
N LEU K 361 -59.46 -5.22 57.71
CA LEU K 361 -59.63 -3.83 58.11
C LEU K 361 -59.30 -2.87 56.97
N ALA K 362 -58.16 -3.08 56.31
CA ALA K 362 -57.75 -2.15 55.27
C ALA K 362 -58.71 -2.20 54.07
N SER K 363 -59.02 -3.40 53.62
CA SER K 363 -59.96 -3.55 52.50
C SER K 363 -61.28 -2.87 52.81
N LEU K 364 -61.81 -3.07 54.01
CA LEU K 364 -63.02 -2.37 54.40
C LEU K 364 -62.82 -0.87 54.33
N THR K 365 -61.68 -0.36 54.78
CA THR K 365 -61.44 1.07 54.67
C THR K 365 -61.34 1.52 53.22
N ASN K 366 -61.09 0.61 52.29
CA ASN K 366 -61.25 0.92 50.87
C ASN K 366 -62.59 0.47 50.33
N LEU K 367 -63.42 -0.16 51.15
CA LEU K 367 -64.76 -0.54 50.76
C LEU K 367 -65.75 0.60 50.94
N ALA K 368 -65.28 1.75 51.42
CA ALA K 368 -66.14 2.86 51.82
C ALA K 368 -67.10 2.41 52.93
N LEU K 369 -66.52 2.22 54.09
CA LEU K 369 -67.29 1.85 55.27
C LEU K 369 -67.65 3.12 56.03
N PRO K 370 -68.86 3.24 56.55
CA PRO K 370 -69.45 4.56 56.81
C PRO K 370 -68.62 5.47 57.71
N PRO K 371 -68.13 5.03 58.87
CA PRO K 371 -67.34 5.96 59.68
C PRO K 371 -65.97 6.26 59.11
N SER K 372 -65.45 5.40 58.23
CA SER K 372 -64.12 5.60 57.68
C SER K 372 -64.04 6.90 56.88
N ILE K 373 -62.91 7.59 57.01
CA ILE K 373 -62.70 8.84 56.32
C ILE K 373 -62.89 8.69 54.83
N ASN K 374 -62.58 7.52 54.28
CA ASN K 374 -62.77 7.29 52.86
C ASN K 374 -64.24 7.50 52.48
N LEU K 375 -65.16 7.08 53.35
CA LEU K 375 -66.57 7.29 53.05
C LEU K 375 -67.03 8.70 53.39
N ILE K 376 -66.39 9.39 54.33
CA ILE K 376 -66.66 10.81 54.49
C ILE K 376 -66.37 11.54 53.19
N GLY K 377 -65.15 11.42 52.70
CA GLY K 377 -64.78 12.12 51.48
C GLY K 377 -65.62 11.70 50.28
N GLU K 378 -65.64 10.39 50.01
CA GLU K 378 -66.42 9.89 48.89
C GLU K 378 -67.88 10.31 49.02
N LEU K 379 -68.39 10.36 50.24
CA LEU K 379 -69.78 10.71 50.43
C LEU K 379 -70.04 12.16 50.05
N PHE K 380 -69.26 13.10 50.61
CA PHE K 380 -69.45 14.49 50.25
C PHE K 380 -69.26 14.70 48.76
N VAL K 381 -68.31 14.00 48.14
CA VAL K 381 -68.14 14.14 46.70
C VAL K 381 -69.40 13.71 45.97
N VAL K 382 -69.99 12.59 46.38
CA VAL K 382 -71.22 12.15 45.74
C VAL K 382 -72.32 13.17 45.93
N MET K 383 -72.34 13.83 47.09
CA MET K 383 -73.35 14.87 47.31
C MET K 383 -73.15 16.01 46.33
N SER K 384 -71.91 16.49 46.20
CA SER K 384 -71.63 17.58 45.28
C SER K 384 -72.02 17.21 43.86
N THR K 385 -71.57 16.05 43.38
CA THR K 385 -71.84 15.69 42.01
C THR K 385 -73.32 15.45 41.77
N PHE K 386 -74.06 14.99 42.78
CA PHE K 386 -75.51 14.89 42.58
C PHE K 386 -76.14 16.27 42.53
N SER K 387 -75.60 17.22 43.27
CA SER K 387 -76.08 18.58 43.14
C SER K 387 -75.83 19.11 41.74
N TRP K 388 -74.68 18.79 41.17
CA TRP K 388 -74.38 19.30 39.84
C TRP K 388 -75.31 18.69 38.80
N SER K 389 -75.45 17.37 38.77
CA SER K 389 -76.36 16.70 37.85
C SER K 389 -77.20 15.70 38.64
N ASN K 390 -78.52 15.88 38.58
CA ASN K 390 -79.41 14.93 39.22
C ASN K 390 -79.23 13.53 38.67
N ILE K 391 -78.73 13.40 37.44
CA ILE K 391 -78.66 12.10 36.79
C ILE K 391 -77.45 11.30 37.19
N THR K 392 -76.32 11.95 37.51
CA THR K 392 -75.03 11.25 37.55
C THR K 392 -74.96 10.16 38.61
N ILE K 393 -75.95 10.07 39.49
CA ILE K 393 -75.85 9.11 40.58
C ILE K 393 -75.90 7.67 40.07
N ILE K 394 -76.48 7.44 38.90
CA ILE K 394 -76.40 6.11 38.32
C ILE K 394 -74.95 5.69 38.20
N LEU K 395 -74.13 6.56 37.62
CA LEU K 395 -72.72 6.25 37.44
C LEU K 395 -72.00 6.21 38.79
N MET K 396 -72.21 7.22 39.63
CA MET K 396 -71.56 7.24 40.93
C MET K 396 -71.85 5.98 41.74
N GLY K 397 -73.11 5.79 42.12
CA GLY K 397 -73.45 4.61 42.90
C GLY K 397 -73.12 3.31 42.21
N LEU K 398 -73.09 3.32 40.88
CA LEU K 398 -72.61 2.12 40.20
C LEU K 398 -71.15 1.88 40.53
N ASN K 399 -70.36 2.95 40.61
CA ASN K 399 -69.01 2.83 41.16
C ASN K 399 -69.05 2.35 42.59
N MET K 400 -70.07 2.72 43.34
CA MET K 400 -70.20 2.19 44.71
C MET K 400 -70.29 0.67 44.67
N VAL K 401 -71.12 0.13 43.79
CA VAL K 401 -71.32 -1.32 43.75
C VAL K 401 -70.06 -2.01 43.26
N ILE K 402 -69.45 -1.51 42.20
CA ILE K 402 -68.26 -2.16 41.68
C ILE K 402 -67.10 -2.07 42.65
N THR K 403 -66.83 -0.86 43.16
CA THR K 403 -65.78 -0.69 44.14
C THR K 403 -66.00 -1.63 45.32
N ALA K 404 -67.26 -1.80 45.71
CA ALA K 404 -67.56 -2.84 46.70
C ALA K 404 -67.09 -4.20 46.21
N LEU K 405 -67.38 -4.53 44.95
CA LEU K 405 -67.15 -5.89 44.50
C LEU K 405 -65.67 -6.22 44.43
N TYR K 406 -64.86 -5.36 43.80
CA TYR K 406 -63.45 -5.72 43.72
C TYR K 406 -62.76 -5.49 45.06
N SER K 407 -63.13 -4.41 45.75
CA SER K 407 -62.50 -4.14 47.04
C SER K 407 -62.70 -5.30 47.99
N LEU K 408 -63.84 -5.98 47.88
CA LEU K 408 -64.09 -7.15 48.70
C LEU K 408 -63.66 -8.44 48.01
N TYR K 409 -63.33 -8.38 46.73
CA TYR K 409 -62.81 -9.55 46.04
C TYR K 409 -61.33 -9.74 46.34
N MET K 410 -60.58 -8.64 46.40
CA MET K 410 -59.21 -8.70 46.86
C MET K 410 -59.12 -9.33 48.24
N LEU K 411 -60.07 -8.99 49.12
CA LEU K 411 -60.08 -9.56 50.46
C LEU K 411 -60.18 -11.07 50.43
N ILE K 412 -60.59 -11.65 49.30
CA ILE K 412 -60.70 -13.09 49.17
C ILE K 412 -59.79 -13.55 48.05
N THR K 413 -59.50 -14.84 48.05
CA THR K 413 -58.71 -15.57 47.06
C THR K 413 -57.23 -15.27 47.18
N THR K 414 -56.87 -14.16 47.81
CA THR K 414 -55.55 -14.08 48.42
C THR K 414 -55.61 -14.68 49.81
N GLN K 415 -56.65 -14.30 50.55
CA GLN K 415 -56.75 -14.50 51.97
C GLN K 415 -57.64 -15.66 52.38
N ARG K 416 -58.29 -16.35 51.44
CA ARG K 416 -59.33 -17.26 51.86
C ARG K 416 -59.54 -18.35 50.82
N GLY K 417 -60.13 -19.46 51.27
CA GLY K 417 -60.67 -20.50 50.41
C GLY K 417 -59.87 -21.79 50.35
N LYS K 418 -58.56 -21.75 50.62
CA LYS K 418 -57.72 -22.95 50.73
C LYS K 418 -56.26 -22.58 50.90
N HIS K 419 -55.45 -23.49 51.45
CA HIS K 419 -54.00 -23.34 51.41
C HIS K 419 -53.45 -24.22 50.29
N THR K 420 -52.60 -23.65 49.44
CA THR K 420 -52.16 -24.35 48.24
C THR K 420 -51.16 -25.47 48.54
N HIS K 421 -50.64 -25.55 49.76
CA HIS K 421 -49.98 -26.72 50.33
C HIS K 421 -48.74 -27.19 49.58
N HIS K 422 -48.43 -26.63 48.41
CA HIS K 422 -47.12 -26.84 47.83
C HIS K 422 -46.17 -25.71 48.17
N ILE K 423 -46.59 -24.81 49.05
CA ILE K 423 -45.83 -23.63 49.47
C ILE K 423 -44.73 -23.99 50.46
N ASN K 424 -45.12 -24.34 51.69
CA ASN K 424 -44.25 -24.71 52.81
C ASN K 424 -43.03 -23.80 52.99
N ASN K 425 -43.21 -22.49 52.79
CA ASN K 425 -42.16 -21.52 53.04
C ASN K 425 -42.59 -20.47 54.05
N ILE K 426 -43.78 -19.87 53.85
CA ILE K 426 -44.18 -18.66 54.54
C ILE K 426 -43.88 -18.76 56.02
N LEU K 427 -43.21 -17.77 56.51
CA LEU K 427 -42.82 -17.73 57.91
C LEU K 427 -43.78 -16.81 58.65
N PRO K 428 -44.32 -17.22 59.78
CA PRO K 428 -45.44 -16.46 60.36
C PRO K 428 -45.05 -15.02 60.66
N SER K 429 -45.80 -14.11 60.04
CA SER K 429 -45.82 -12.68 60.32
C SER K 429 -44.43 -12.09 60.51
N PHE K 430 -44.34 -11.18 61.47
CA PHE K 430 -43.19 -10.41 61.95
C PHE K 430 -43.78 -9.47 62.99
N THR K 431 -42.91 -8.84 63.76
CA THR K 431 -43.37 -7.69 64.50
C THR K 431 -43.39 -6.46 63.63
N ARG K 432 -42.47 -6.39 62.67
CA ARG K 432 -42.39 -5.20 61.83
C ARG K 432 -43.65 -5.04 61.00
N GLU K 433 -44.14 -6.13 60.41
CA GLU K 433 -45.35 -6.03 59.61
C GLU K 433 -46.48 -5.45 60.44
N ASN K 434 -46.69 -6.01 61.63
CA ASN K 434 -47.73 -5.48 62.50
C ASN K 434 -47.49 -4.01 62.82
N ALA K 435 -46.23 -3.62 62.97
CA ALA K 435 -45.93 -2.21 63.23
C ALA K 435 -46.37 -1.35 62.06
N LEU K 436 -46.07 -1.78 60.84
CA LEU K 436 -46.44 -1.01 59.65
C LEU K 436 -47.95 -0.89 59.52
N MET K 437 -48.64 -2.03 59.52
CA MET K 437 -50.10 -2.04 59.43
C MET K 437 -50.69 -1.12 60.47
N SER K 438 -50.34 -1.36 61.74
CA SER K 438 -50.84 -0.55 62.82
C SER K 438 -50.62 0.93 62.55
N LEU K 439 -49.38 1.32 62.28
CA LEU K 439 -49.09 2.73 62.01
C LEU K 439 -49.91 3.27 60.86
N HIS K 440 -50.39 2.42 59.96
CA HIS K 440 -51.32 2.89 58.94
C HIS K 440 -52.72 3.06 59.51
N MET K 441 -53.36 1.94 59.85
CA MET K 441 -54.78 1.95 60.21
C MET K 441 -55.07 2.82 61.42
N LEU K 442 -54.39 2.56 62.54
CA LEU K 442 -54.74 3.23 63.79
C LEU K 442 -54.99 4.73 63.62
N PRO K 443 -54.14 5.49 62.92
CA PRO K 443 -54.53 6.89 62.65
C PRO K 443 -55.71 6.99 61.72
N LEU K 444 -55.85 6.11 60.73
CA LEU K 444 -57.00 6.24 59.84
C LEU K 444 -58.30 5.97 60.58
N LEU K 445 -58.27 5.12 61.60
CA LEU K 445 -59.47 4.93 62.40
C LEU K 445 -59.66 6.06 63.41
N LEU K 446 -58.59 6.65 63.91
CA LEU K 446 -58.78 7.75 64.87
C LEU K 446 -59.30 9.00 64.17
N LEU K 447 -58.77 9.31 62.99
CA LEU K 447 -59.28 10.44 62.22
C LEU K 447 -60.77 10.33 62.00
N SER K 448 -61.31 9.12 62.02
CA SER K 448 -62.75 8.90 61.92
C SER K 448 -63.47 9.37 63.16
N LEU K 449 -62.77 9.92 64.15
CA LEU K 449 -63.39 10.59 65.30
C LEU K 449 -63.42 12.10 65.13
N ASN K 450 -62.25 12.72 64.97
CA ASN K 450 -62.18 14.18 64.85
C ASN K 450 -61.70 14.54 63.46
N PRO K 451 -62.56 14.42 62.45
CA PRO K 451 -62.11 14.65 61.07
C PRO K 451 -61.86 16.11 60.75
N LYS K 452 -62.40 17.04 61.52
CA LYS K 452 -62.38 18.44 61.10
C LYS K 452 -60.97 18.95 60.86
N ILE K 453 -59.96 18.18 61.27
CA ILE K 453 -58.59 18.49 60.87
C ILE K 453 -58.43 18.35 59.37
N ILE K 454 -58.92 17.23 58.81
CA ILE K 454 -58.58 16.89 57.43
C ILE K 454 -59.55 17.47 56.40
N LEU K 455 -60.68 18.03 56.82
CA LEU K 455 -61.53 18.67 55.85
C LEU K 455 -60.90 19.98 55.40
N GLY K 456 -61.23 20.39 54.18
CA GLY K 456 -60.43 21.35 53.44
C GLY K 456 -60.49 22.77 53.94
N PRO K 457 -59.95 23.68 53.14
CA PRO K 457 -59.86 25.09 53.58
C PRO K 457 -61.22 25.67 53.86
N LEU K 458 -62.23 25.19 53.18
CA LEU K 458 -63.58 25.72 53.29
C LEU K 458 -64.33 24.84 54.27
N TYR K 459 -64.61 25.38 55.45
CA TYR K 459 -65.16 24.59 56.52
C TYR K 459 -65.58 25.45 57.71
N MET L 1 -23.22 52.77 -7.28
CA MET L 1 -21.97 52.16 -6.87
C MET L 1 -21.16 51.92 -8.11
N SER L 2 -21.21 52.89 -9.02
CA SER L 2 -20.56 52.79 -10.32
C SER L 2 -20.97 51.50 -11.01
N LEU L 3 -20.01 50.85 -11.65
CA LEU L 3 -20.25 49.62 -12.41
C LEU L 3 -19.24 48.59 -11.93
N VAL L 4 -17.96 48.98 -11.97
CA VAL L 4 -16.84 48.14 -11.59
C VAL L 4 -17.14 47.39 -10.30
N TYR L 5 -17.80 48.04 -9.36
CA TYR L 5 -18.19 47.37 -8.13
C TYR L 5 -19.16 46.23 -8.41
N MET L 6 -20.21 46.50 -9.18
CA MET L 6 -21.12 45.44 -9.59
C MET L 6 -20.36 44.26 -10.16
N ASN L 7 -19.46 44.54 -11.10
CA ASN L 7 -18.79 43.47 -11.83
C ASN L 7 -17.89 42.66 -10.91
N ILE L 8 -17.08 43.34 -10.09
CA ILE L 8 -16.20 42.65 -9.17
C ILE L 8 -17.00 41.80 -8.18
N MET L 9 -18.16 42.30 -7.75
CA MET L 9 -19.02 41.46 -6.92
C MET L 9 -19.45 40.20 -7.66
N MET L 10 -19.83 40.34 -8.93
CA MET L 10 -20.21 39.14 -9.67
C MET L 10 -19.05 38.17 -9.79
N ALA L 11 -17.82 38.68 -9.92
CA ALA L 11 -16.65 37.80 -9.88
C ALA L 11 -16.56 37.09 -8.54
N PHE L 12 -16.70 37.85 -7.46
CA PHE L 12 -16.72 37.30 -6.10
C PHE L 12 -17.68 36.12 -6.00
N THR L 13 -18.91 36.32 -6.45
CA THR L 13 -19.92 35.27 -6.30
C THR L 13 -19.70 34.12 -7.26
N VAL L 14 -19.10 34.37 -8.42
CA VAL L 14 -18.68 33.27 -9.28
C VAL L 14 -17.68 32.39 -8.54
N SER L 15 -16.71 33.02 -7.89
CA SER L 15 -15.73 32.26 -7.12
C SER L 15 -16.40 31.51 -5.97
N LEU L 16 -17.41 32.10 -5.35
CA LEU L 16 -18.01 31.48 -4.17
C LEU L 16 -18.88 30.30 -4.57
N THR L 17 -19.74 30.48 -5.58
CA THR L 17 -20.52 29.34 -6.07
C THR L 17 -19.61 28.25 -6.61
N GLY L 18 -18.51 28.64 -7.25
CA GLY L 18 -17.52 27.66 -7.66
C GLY L 18 -16.89 26.96 -6.47
N LEU L 19 -16.84 27.63 -5.32
CA LEU L 19 -16.33 26.99 -4.12
C LEU L 19 -17.30 25.93 -3.63
N LEU L 20 -18.57 26.30 -3.46
CA LEU L 20 -19.50 25.41 -2.76
C LEU L 20 -19.97 24.26 -3.65
N MET L 21 -20.17 24.53 -4.95
CA MET L 21 -20.84 23.57 -5.83
C MET L 21 -19.88 22.62 -6.54
N TYR L 22 -18.58 22.69 -6.25
CA TYR L 22 -17.63 21.71 -6.75
C TYR L 22 -16.76 21.24 -5.60
N ARG L 23 -16.92 19.98 -5.21
CA ARG L 23 -16.04 19.35 -4.22
C ARG L 23 -15.00 18.43 -4.85
N SER L 24 -15.03 18.25 -6.17
CA SER L 24 -14.25 17.20 -6.81
C SER L 24 -12.77 17.30 -6.47
N HIS L 25 -12.09 18.31 -7.02
CA HIS L 25 -10.71 18.57 -6.65
C HIS L 25 -10.65 19.55 -5.49
N LEU L 26 -9.74 19.29 -4.56
CA LEU L 26 -9.59 20.15 -3.41
C LEU L 26 -8.78 21.40 -3.76
N MET L 27 -7.70 21.22 -4.53
CA MET L 27 -6.92 22.36 -4.99
C MET L 27 -7.81 23.37 -5.70
N SER L 28 -8.85 22.91 -6.38
CA SER L 28 -9.75 23.82 -7.07
C SER L 28 -10.54 24.66 -6.07
N SER L 29 -11.09 24.02 -5.06
CA SER L 29 -11.71 24.71 -3.93
C SER L 29 -10.79 25.81 -3.40
N LEU L 30 -9.67 25.37 -2.83
CA LEU L 30 -8.71 26.30 -2.23
C LEU L 30 -8.41 27.45 -3.18
N LEU L 31 -8.20 27.13 -4.44
CA LEU L 31 -7.97 28.16 -5.45
C LEU L 31 -9.12 29.16 -5.45
N CYS L 32 -10.33 28.70 -5.78
CA CYS L 32 -11.47 29.60 -5.92
C CYS L 32 -11.57 30.54 -4.73
N LEU L 33 -11.40 29.99 -3.53
CA LEU L 33 -11.27 30.82 -2.34
C LEU L 33 -10.24 31.91 -2.55
N GLU L 34 -9.05 31.54 -3.03
CA GLU L 34 -7.98 32.52 -3.13
C GLU L 34 -8.30 33.60 -4.15
N GLY L 35 -8.89 33.21 -5.29
CA GLY L 35 -9.29 34.21 -6.27
C GLY L 35 -10.28 35.21 -5.71
N MET L 36 -11.30 34.70 -5.02
CA MET L 36 -12.21 35.58 -4.30
C MET L 36 -11.45 36.56 -3.43
N MET L 37 -10.48 36.05 -2.68
CA MET L 37 -9.62 36.88 -1.83
C MET L 37 -8.99 38.02 -2.63
N LEU L 38 -8.42 37.69 -3.78
CA LEU L 38 -7.93 38.72 -4.69
C LEU L 38 -9.00 39.77 -4.97
N SER L 39 -10.21 39.33 -5.31
CA SER L 39 -11.26 40.30 -5.59
C SER L 39 -11.46 41.26 -4.43
N LEU L 40 -11.36 40.75 -3.19
CA LEU L 40 -11.47 41.66 -2.05
C LEU L 40 -10.34 42.67 -2.03
N PHE L 41 -9.11 42.21 -2.30
CA PHE L 41 -8.01 43.16 -2.42
C PHE L 41 -8.37 44.28 -3.39
N ILE L 42 -8.91 43.91 -4.55
CA ILE L 42 -9.24 44.90 -5.57
C ILE L 42 -10.29 45.88 -5.05
N LEU L 43 -11.37 45.36 -4.45
CA LEU L 43 -12.38 46.23 -3.88
C LEU L 43 -11.78 47.25 -2.94
N ALA L 44 -11.17 46.78 -1.85
CA ALA L 44 -10.66 47.73 -0.84
C ALA L 44 -9.74 48.76 -1.48
N THR L 45 -8.91 48.33 -2.43
CA THR L 45 -8.03 49.28 -3.10
C THR L 45 -8.84 50.35 -3.82
N LEU L 46 -9.74 49.92 -4.72
CA LEU L 46 -10.45 50.87 -5.54
C LEU L 46 -11.22 51.86 -4.69
N MET L 47 -11.88 51.37 -3.66
CA MET L 47 -12.63 52.24 -2.78
C MET L 47 -11.74 53.24 -2.08
N ILE L 48 -10.84 52.74 -1.23
CA ILE L 48 -9.98 53.62 -0.43
C ILE L 48 -9.35 54.68 -1.33
N LEU L 49 -8.78 54.26 -2.44
CA LEU L 49 -8.14 55.19 -3.35
C LEU L 49 -9.14 56.02 -4.14
N ASN L 50 -10.42 55.66 -4.11
CA ASN L 50 -11.43 56.53 -4.70
C ASN L 50 -11.77 57.68 -3.76
N SER L 51 -11.91 57.39 -2.47
CA SER L 51 -12.28 58.44 -1.53
C SER L 51 -11.09 59.23 -1.02
N HIS L 52 -9.88 58.93 -1.49
CA HIS L 52 -8.67 59.61 -1.03
C HIS L 52 -8.59 59.59 0.49
N PHE L 53 -8.84 58.43 1.06
CA PHE L 53 -8.74 58.22 2.49
C PHE L 53 -7.41 57.49 2.71
N THR L 54 -6.38 58.26 3.07
CA THR L 54 -5.01 57.80 2.87
C THR L 54 -4.52 56.92 4.01
N LEU L 55 -4.83 57.29 5.25
CA LEU L 55 -4.25 56.60 6.39
C LEU L 55 -4.67 55.14 6.45
N ALA L 56 -5.71 54.78 5.73
CA ALA L 56 -6.25 53.44 5.73
C ALA L 56 -5.74 52.60 4.57
N SER L 57 -4.81 53.12 3.79
CA SER L 57 -4.34 52.42 2.60
C SER L 57 -3.72 51.07 2.93
N MET L 58 -3.56 50.74 4.21
CA MET L 58 -2.92 49.48 4.55
C MET L 58 -3.81 48.30 4.19
N MET L 59 -5.11 48.49 4.28
CA MET L 59 -6.07 47.40 4.09
C MET L 59 -5.77 46.54 2.87
N PRO L 60 -5.32 47.08 1.74
CA PRO L 60 -4.79 46.19 0.70
C PRO L 60 -3.56 45.40 1.13
N ILE L 61 -2.56 46.05 1.72
CA ILE L 61 -1.36 45.34 2.15
C ILE L 61 -1.71 44.28 3.18
N ILE L 62 -2.12 44.72 4.37
CA ILE L 62 -2.35 43.82 5.48
C ILE L 62 -3.52 42.88 5.22
N LEU L 63 -4.41 43.23 4.30
CA LEU L 63 -5.40 42.26 3.85
C LEU L 63 -4.77 41.23 2.94
N LEU L 64 -3.72 41.61 2.22
CA LEU L 64 -3.06 40.71 1.29
C LEU L 64 -2.06 39.79 1.98
N VAL L 65 -1.50 40.21 3.11
CA VAL L 65 -0.51 39.37 3.77
C VAL L 65 -1.17 38.12 4.32
N PHE L 66 -2.41 38.24 4.80
CA PHE L 66 -3.10 37.06 5.28
C PHE L 66 -3.76 36.29 4.16
N ALA L 67 -3.71 36.83 2.94
CA ALA L 67 -4.01 36.04 1.77
C ALA L 67 -2.98 34.94 1.54
N ALA L 68 -1.90 34.93 2.31
CA ALA L 68 -0.79 34.05 2.00
C ALA L 68 -0.45 33.15 3.17
N CYS L 69 0.02 33.72 4.27
CA CYS L 69 0.40 32.91 5.43
C CYS L 69 -0.77 32.05 5.90
N GLU L 70 -2.00 32.41 5.56
CA GLU L 70 -3.13 31.52 5.68
C GLU L 70 -3.22 30.57 4.49
N ALA L 71 -3.02 31.07 3.28
CA ALA L 71 -3.07 30.20 2.11
C ALA L 71 -1.98 29.14 2.17
N ALA L 72 -0.75 29.56 2.44
CA ALA L 72 0.35 28.60 2.59
C ALA L 72 -0.05 27.49 3.54
N LEU L 73 -0.61 27.85 4.69
CA LEU L 73 -1.20 26.87 5.59
C LEU L 73 -2.15 25.96 4.82
N GLY L 74 -3.01 26.54 3.99
CA GLY L 74 -3.93 25.75 3.21
C GLY L 74 -3.23 24.67 2.40
N LEU L 75 -2.22 25.07 1.63
CA LEU L 75 -1.54 24.08 0.79
C LEU L 75 -0.80 23.04 1.61
N SER L 76 -0.23 23.44 2.75
CA SER L 76 0.43 22.43 3.58
C SER L 76 -0.56 21.37 4.03
N LEU L 77 -1.73 21.80 4.51
CA LEU L 77 -2.77 20.83 4.83
C LEU L 77 -3.18 20.03 3.60
N LEU L 78 -3.12 20.64 2.42
CA LEU L 78 -3.42 19.87 1.22
C LEU L 78 -2.42 18.75 0.99
N VAL L 79 -1.13 19.02 1.17
CA VAL L 79 -0.14 17.97 0.99
C VAL L 79 -0.32 16.88 2.02
N MET L 80 -0.43 17.28 3.30
CA MET L 80 -0.61 16.29 4.35
C MET L 80 -1.92 15.53 4.20
N VAL L 81 -2.90 16.06 3.47
CA VAL L 81 -4.08 15.29 3.14
C VAL L 81 -3.80 14.33 1.99
N SER L 82 -3.10 14.80 0.96
CA SER L 82 -2.84 13.96 -0.20
C SER L 82 -2.06 12.73 0.19
N ASN L 83 -1.05 12.88 1.05
CA ASN L 83 -0.27 11.71 1.40
C ASN L 83 -1.01 10.73 2.31
N THR L 84 -2.23 11.04 2.76
CA THR L 84 -3.09 10.00 3.31
C THR L 84 -3.31 8.95 2.23
N TYR L 85 -4.02 9.33 1.16
CA TYR L 85 -4.18 8.49 -0.02
C TYR L 85 -3.95 9.32 -1.26
N GLY L 86 -2.91 8.97 -2.02
CA GLY L 86 -2.61 9.64 -3.27
C GLY L 86 -2.04 11.03 -3.12
N MET M 1 -87.04 10.41 84.59
CA MET M 1 -86.93 10.60 83.15
C MET M 1 -85.57 10.12 82.63
N ASN M 2 -84.54 10.32 83.45
CA ASN M 2 -83.18 9.91 83.13
C ASN M 2 -83.00 8.39 83.12
N LEU M 3 -84.00 7.62 83.53
CA LEU M 3 -83.90 6.18 83.29
C LEU M 3 -83.80 5.88 81.79
N PHE M 4 -84.21 6.81 80.94
CA PHE M 4 -83.87 6.69 79.53
C PHE M 4 -82.39 6.97 79.31
N SER M 5 -81.75 7.71 80.22
CA SER M 5 -80.30 7.70 80.22
C SER M 5 -79.78 6.33 80.57
N SER M 6 -80.51 5.56 81.38
CA SER M 6 -80.13 4.16 81.49
C SER M 6 -80.41 3.41 80.18
N LEU M 7 -81.39 3.87 79.40
CA LEU M 7 -81.55 3.27 78.07
C LEU M 7 -80.32 3.52 77.22
N THR M 8 -79.72 4.70 77.30
CA THR M 8 -78.45 4.82 76.60
C THR M 8 -77.29 4.22 77.38
N LEU M 9 -77.54 3.69 78.58
CA LEU M 9 -76.60 2.78 79.20
C LEU M 9 -76.55 1.46 78.47
N VAL M 10 -77.71 0.84 78.23
CA VAL M 10 -77.72 -0.55 77.78
C VAL M 10 -76.88 -0.76 76.53
N THR M 11 -76.87 0.23 75.63
CA THR M 11 -76.04 0.12 74.44
C THR M 11 -74.57 -0.05 74.81
N LEU M 12 -74.11 0.66 75.83
CA LEU M 12 -72.74 0.46 76.26
C LEU M 12 -72.59 -0.83 77.04
N ILE M 13 -73.67 -1.31 77.66
CA ILE M 13 -73.63 -2.64 78.24
C ILE M 13 -73.30 -3.67 77.16
N LEU M 14 -73.83 -3.46 75.95
CA LEU M 14 -73.40 -4.30 74.83
C LEU M 14 -71.97 -3.96 74.41
N LEU M 15 -71.63 -2.67 74.41
CA LEU M 15 -70.29 -2.26 74.01
C LEU M 15 -69.22 -2.95 74.85
N THR M 16 -69.56 -3.33 76.08
CA THR M 16 -68.56 -3.82 77.02
C THR M 16 -67.80 -5.00 76.47
N MET M 17 -68.51 -5.98 75.93
CA MET M 17 -67.88 -7.27 75.64
C MET M 17 -66.64 -7.16 74.77
N PRO M 18 -66.70 -6.67 73.52
CA PRO M 18 -65.50 -6.73 72.66
C PRO M 18 -64.26 -6.18 73.34
N ILE M 19 -64.43 -5.21 74.23
CA ILE M 19 -63.31 -4.69 75.01
C ILE M 19 -62.71 -5.80 75.84
N ALA M 20 -63.55 -6.62 76.47
CA ALA M 20 -63.03 -7.80 77.14
C ALA M 20 -62.44 -8.78 76.13
N ALA M 21 -63.05 -8.88 74.96
CA ALA M 21 -62.58 -9.80 73.93
C ALA M 21 -61.22 -9.41 73.39
N ILE M 22 -60.72 -8.23 73.72
CA ILE M 22 -59.40 -7.79 73.28
C ILE M 22 -58.42 -7.71 74.46
N ASN M 23 -58.70 -6.84 75.43
CA ASN M 23 -57.62 -6.28 76.24
C ASN M 23 -56.91 -7.32 77.11
N PHE M 24 -57.65 -8.22 77.75
CA PHE M 24 -57.00 -9.06 78.77
C PHE M 24 -56.27 -10.25 78.14
N ASN M 25 -56.89 -10.90 77.15
CA ASN M 25 -56.36 -12.03 76.38
C ASN M 25 -56.09 -13.28 77.19
N THR M 26 -56.66 -13.46 78.38
CA THR M 26 -56.61 -14.78 79.00
C THR M 26 -57.97 -15.23 79.52
N HIS M 27 -58.55 -14.50 80.47
CA HIS M 27 -59.75 -15.01 81.14
C HIS M 27 -60.90 -15.24 80.16
N LYS M 28 -60.78 -14.73 78.94
CA LYS M 28 -61.70 -15.14 77.88
C LYS M 28 -61.69 -16.64 77.70
N PHE M 29 -60.55 -17.29 77.97
CA PHE M 29 -60.43 -18.74 77.90
C PHE M 29 -61.28 -19.45 78.95
N THR M 30 -61.88 -18.68 79.85
CA THR M 30 -62.65 -19.15 80.99
C THR M 30 -64.11 -19.39 80.61
N ASN M 31 -64.39 -19.52 79.32
CA ASN M 31 -65.74 -19.49 78.76
C ASN M 31 -66.35 -18.11 78.95
N TYR M 32 -65.85 -17.13 78.21
CA TYR M 32 -66.62 -15.91 78.14
C TYR M 32 -67.96 -16.09 77.41
N PRO M 33 -68.10 -16.95 76.36
CA PRO M 33 -69.39 -17.00 75.65
C PRO M 33 -70.59 -16.97 76.58
N LEU M 34 -70.47 -17.71 77.69
CA LEU M 34 -71.38 -17.52 78.82
C LEU M 34 -71.45 -16.05 79.23
N TYR M 35 -70.29 -15.40 79.33
CA TYR M 35 -70.24 -13.99 79.75
C TYR M 35 -70.98 -13.10 78.77
N VAL M 36 -70.73 -13.26 77.48
CA VAL M 36 -71.49 -12.52 76.47
C VAL M 36 -72.97 -12.71 76.69
N LYS M 37 -73.39 -13.96 76.86
CA LYS M 37 -74.80 -14.24 77.09
C LYS M 37 -75.33 -13.43 78.26
N THR M 38 -74.62 -13.43 79.38
CA THR M 38 -75.06 -12.67 80.54
C THR M 38 -75.18 -11.19 80.22
N THR M 39 -74.23 -10.65 79.46
CA THR M 39 -74.33 -9.25 79.05
C THR M 39 -75.59 -8.99 78.26
N ILE M 40 -75.95 -9.92 77.38
CA ILE M 40 -77.18 -9.79 76.63
C ILE M 40 -78.37 -9.70 77.57
N SER M 41 -78.48 -10.62 78.54
CA SER M 41 -79.63 -10.51 79.46
C SER M 41 -79.61 -9.20 80.23
N CYS M 42 -78.46 -8.83 80.79
CA CYS M 42 -78.40 -7.54 81.48
C CYS M 42 -78.98 -6.45 80.60
N ALA M 43 -78.61 -6.47 79.32
CA ALA M 43 -79.21 -5.54 78.38
C ALA M 43 -80.70 -5.80 78.20
N PHE M 44 -81.17 -7.01 78.50
CA PHE M 44 -82.59 -7.27 78.30
C PHE M 44 -83.44 -6.66 79.40
N ILE M 45 -83.02 -6.79 80.65
CA ILE M 45 -83.81 -6.21 81.73
C ILE M 45 -83.59 -4.70 81.80
N THR M 46 -82.32 -4.29 81.78
CA THR M 46 -82.00 -2.87 81.75
C THR M 46 -82.58 -2.19 80.53
N SER M 47 -82.81 -2.95 79.47
CA SER M 47 -83.56 -2.47 78.33
C SER M 47 -85.07 -2.64 78.50
N MET M 48 -85.49 -3.44 79.46
CA MET M 48 -86.93 -3.64 79.64
C MET M 48 -87.57 -2.49 80.40
N ILE M 49 -86.83 -1.89 81.35
CA ILE M 49 -87.40 -0.77 82.11
C ILE M 49 -87.96 0.35 81.22
N PRO M 50 -87.20 0.91 80.27
CA PRO M 50 -87.73 2.05 79.52
C PRO M 50 -89.02 1.75 78.80
N THR M 51 -89.20 0.53 78.31
CA THR M 51 -90.46 0.17 77.66
C THR M 51 -91.63 0.42 78.59
N MET M 52 -91.53 -0.05 79.83
CA MET M 52 -92.60 0.19 80.79
C MET M 52 -92.81 1.68 80.99
N MET M 53 -91.72 2.43 81.21
CA MET M 53 -91.88 3.86 81.42
C MET M 53 -92.63 4.52 80.27
N PHE M 54 -92.26 4.19 79.04
CA PHE M 54 -92.98 4.71 77.88
C PHE M 54 -94.44 4.33 77.94
N ILE M 55 -94.73 3.02 78.01
CA ILE M 55 -96.11 2.58 77.88
C ILE M 55 -96.98 3.05 79.02
N HIS M 56 -96.44 3.68 80.05
CA HIS M 56 -97.37 4.54 80.81
C HIS M 56 -97.38 5.97 80.26
N THR M 57 -96.27 6.69 80.34
CA THR M 57 -96.33 8.12 80.06
C THR M 57 -95.87 8.50 78.65
N GLY M 58 -95.52 7.56 77.80
CA GLY M 58 -94.92 8.03 76.57
C GLY M 58 -93.53 8.58 76.82
N GLN M 59 -93.33 9.88 76.61
CA GLN M 59 -92.09 10.59 76.94
C GLN M 59 -90.90 9.99 76.21
N GLU M 60 -90.78 10.29 74.92
CA GLU M 60 -89.65 9.86 74.12
C GLU M 60 -88.68 11.03 73.95
N MET M 61 -87.49 10.89 74.53
CA MET M 61 -86.49 11.95 74.51
C MET M 61 -85.29 11.53 73.66
N ILE M 62 -85.00 12.31 72.65
CA ILE M 62 -83.85 12.07 71.78
C ILE M 62 -82.67 12.81 72.36
N ILE M 63 -81.50 12.19 72.31
CA ILE M 63 -80.28 12.77 72.87
C ILE M 63 -79.26 12.89 71.76
N SER M 64 -78.56 14.02 71.71
CA SER M 64 -77.55 14.23 70.68
C SER M 64 -76.12 13.98 71.16
N ASN M 65 -75.91 13.71 72.44
CA ASN M 65 -74.56 13.65 72.98
C ASN M 65 -73.71 14.81 72.49
N TRP M 66 -72.48 14.52 72.04
CA TRP M 66 -71.58 15.55 71.56
C TRP M 66 -71.47 15.49 70.05
N HIS M 67 -71.46 16.66 69.42
CA HIS M 67 -71.80 16.76 68.01
C HIS M 67 -70.66 16.30 67.11
N TRP M 68 -71.04 15.80 65.94
CA TRP M 68 -70.09 15.27 64.99
C TRP M 68 -69.71 16.37 64.00
N LEU M 69 -68.48 16.83 64.08
CA LEU M 69 -67.91 17.90 63.27
C LEU M 69 -68.89 19.08 63.24
N THR M 70 -68.89 19.86 62.16
CA THR M 70 -69.92 20.86 61.93
C THR M 70 -70.33 20.93 60.45
N ILE M 71 -69.33 21.18 59.58
CA ILE M 71 -69.39 21.64 58.19
C ILE M 71 -70.27 22.89 58.05
N GLN M 72 -71.01 23.00 56.95
CA GLN M 72 -71.41 24.35 56.56
C GLN M 72 -72.64 24.87 57.29
N THR M 73 -73.82 24.51 56.81
CA THR M 73 -75.05 24.97 57.41
C THR M 73 -75.75 23.91 58.23
N LEU M 74 -75.23 22.68 58.25
CA LEU M 74 -75.91 21.57 58.89
C LEU M 74 -74.94 20.88 59.82
N LYS M 75 -75.22 20.92 61.12
CA LYS M 75 -74.39 20.27 62.11
C LYS M 75 -75.07 18.96 62.46
N LEU M 76 -74.49 17.87 62.02
CA LEU M 76 -75.04 16.55 62.25
C LEU M 76 -74.25 15.91 63.37
N SER M 77 -74.94 15.47 64.42
CA SER M 77 -74.17 14.95 65.53
C SER M 77 -74.21 13.43 65.55
N LEU M 78 -75.26 12.91 66.15
CA LEU M 78 -75.57 11.49 66.28
C LEU M 78 -76.74 11.49 67.25
N SER M 79 -77.48 10.39 67.34
CA SER M 79 -78.58 10.42 68.28
C SER M 79 -78.93 9.00 68.69
N PHE M 80 -79.87 8.92 69.61
CA PHE M 80 -80.56 7.69 69.94
C PHE M 80 -82.03 8.07 69.98
N LYS M 81 -82.80 7.53 69.05
CA LYS M 81 -84.14 8.02 68.75
C LYS M 81 -85.12 7.08 69.42
N MET M 82 -85.78 7.53 70.46
CA MET M 82 -86.77 6.70 71.12
C MET M 82 -88.09 6.98 70.44
N ASP M 83 -88.52 6.08 69.57
CA ASP M 83 -89.74 6.26 68.81
C ASP M 83 -90.90 5.39 69.27
N PHE M 84 -90.70 4.53 70.26
CA PHE M 84 -91.53 3.34 70.48
C PHE M 84 -91.30 2.32 69.37
N PHE M 85 -90.69 2.73 68.27
CA PHE M 85 -90.12 1.74 67.37
C PHE M 85 -88.86 1.15 67.97
N SER M 86 -87.96 2.02 68.43
CA SER M 86 -86.78 1.56 69.16
C SER M 86 -87.17 0.96 70.50
N MET M 87 -87.94 1.72 71.29
CA MET M 87 -88.39 1.26 72.60
C MET M 87 -88.94 -0.15 72.53
N MET M 88 -89.83 -0.41 71.59
CA MET M 88 -90.43 -1.73 71.55
C MET M 88 -89.52 -2.74 70.87
N PHE M 89 -88.74 -2.34 69.87
CA PHE M 89 -87.99 -3.32 69.12
C PHE M 89 -86.84 -3.89 69.95
N VAL M 90 -86.02 -3.02 70.54
CA VAL M 90 -84.74 -3.47 71.09
C VAL M 90 -84.89 -4.58 72.13
N PRO M 91 -85.92 -4.63 72.96
CA PRO M 91 -86.06 -5.80 73.84
C PRO M 91 -86.29 -7.07 73.04
N VAL M 92 -86.95 -6.98 71.90
CA VAL M 92 -87.13 -8.17 71.06
C VAL M 92 -85.80 -8.63 70.52
N ALA M 93 -85.03 -7.71 69.93
CA ALA M 93 -83.73 -8.08 69.39
C ALA M 93 -82.86 -8.72 70.46
N LEU M 94 -82.71 -8.04 71.60
CA LEU M 94 -81.90 -8.59 72.66
C LEU M 94 -82.43 -9.94 73.14
N PHE M 95 -83.75 -10.12 73.10
CA PHE M 95 -84.33 -11.36 73.61
C PHE M 95 -84.05 -12.52 72.65
N VAL M 96 -84.36 -12.33 71.37
CA VAL M 96 -84.10 -13.36 70.38
C VAL M 96 -82.62 -13.70 70.31
N THR M 97 -81.76 -12.69 70.45
CA THR M 97 -80.33 -12.97 70.42
C THR M 97 -79.85 -13.65 71.70
N TRP M 98 -80.52 -13.39 72.83
CA TRP M 98 -80.33 -14.21 74.02
C TRP M 98 -80.52 -15.68 73.69
N SER M 99 -81.69 -16.01 73.13
CA SER M 99 -81.94 -17.38 72.67
C SER M 99 -80.81 -17.88 71.78
N ILE M 100 -80.62 -17.22 70.64
CA ILE M 100 -79.68 -17.71 69.62
C ILE M 100 -78.27 -17.83 70.17
N MET M 101 -77.92 -17.02 71.17
CA MET M 101 -76.57 -17.16 71.71
C MET M 101 -76.46 -18.35 72.63
N GLU M 102 -77.47 -18.62 73.46
CA GLU M 102 -77.38 -19.83 74.27
C GLU M 102 -77.38 -21.06 73.38
N PHE M 103 -78.36 -21.13 72.47
CA PHE M 103 -78.37 -22.18 71.46
C PHE M 103 -77.00 -22.33 70.80
N SER M 104 -76.37 -21.21 70.45
CA SER M 104 -75.06 -21.29 69.82
C SER M 104 -74.06 -21.92 70.75
N MET M 105 -74.12 -21.59 72.05
CA MET M 105 -73.27 -22.31 73.00
C MET M 105 -73.49 -23.80 72.88
N TRP M 106 -74.68 -24.22 72.49
CA TRP M 106 -74.86 -25.63 72.22
C TRP M 106 -74.38 -26.04 70.84
N TYR M 107 -74.41 -25.13 69.86
CA TYR M 107 -74.20 -25.54 68.48
C TYR M 107 -72.72 -25.65 68.14
N MET M 108 -71.91 -24.70 68.59
CA MET M 108 -70.53 -24.56 68.16
C MET M 108 -69.53 -25.19 69.11
N HIS M 109 -69.98 -25.92 70.13
CA HIS M 109 -69.07 -26.37 71.19
C HIS M 109 -67.85 -27.10 70.64
N SER M 110 -67.96 -27.71 69.45
CA SER M 110 -66.79 -28.37 68.87
C SER M 110 -65.86 -27.38 68.20
N ASP M 111 -66.40 -26.36 67.53
CA ASP M 111 -65.59 -25.44 66.74
C ASP M 111 -64.55 -24.76 67.62
N PRO M 112 -63.26 -24.80 67.25
CA PRO M 112 -62.24 -24.09 68.03
C PRO M 112 -62.34 -22.58 67.95
N ASN M 113 -63.05 -22.01 66.98
CA ASN M 113 -63.09 -20.57 66.78
C ASN M 113 -64.20 -19.88 67.55
N ILE M 114 -64.90 -20.61 68.44
CA ILE M 114 -66.14 -20.15 69.03
C ILE M 114 -66.03 -18.72 69.55
N ASN M 115 -64.95 -18.41 70.26
CA ASN M 115 -64.85 -17.09 70.88
C ASN M 115 -64.95 -16.00 69.83
N GLN M 116 -64.08 -16.05 68.83
CA GLN M 116 -64.16 -15.12 67.72
C GLN M 116 -65.58 -15.05 67.16
N PHE M 117 -66.24 -16.21 67.03
CA PHE M 117 -67.60 -16.23 66.51
C PHE M 117 -68.51 -15.32 67.33
N PHE M 118 -68.50 -15.47 68.65
CA PHE M 118 -69.33 -14.57 69.45
C PHE M 118 -68.88 -13.13 69.31
N LYS M 119 -67.59 -12.89 69.12
CA LYS M 119 -67.18 -11.51 68.87
C LYS M 119 -67.93 -10.95 67.67
N TYR M 120 -67.90 -11.67 66.56
CA TYR M 120 -68.66 -11.23 65.39
C TYR M 120 -70.13 -11.08 65.73
N LEU M 121 -70.81 -12.20 65.97
CA LEU M 121 -72.27 -12.19 66.11
C LEU M 121 -72.73 -11.08 67.05
N LEU M 122 -72.02 -10.92 68.18
CA LEU M 122 -72.32 -9.80 69.05
C LEU M 122 -72.17 -8.49 68.31
N LEU M 123 -71.04 -8.30 67.62
CA LEU M 123 -70.79 -7.04 66.93
C LEU M 123 -71.89 -6.75 65.91
N PHE M 124 -72.30 -7.78 65.17
CA PHE M 124 -73.47 -7.70 64.32
C PHE M 124 -74.65 -7.14 65.10
N LEU M 125 -74.88 -7.64 66.31
CA LEU M 125 -75.96 -7.10 67.12
C LEU M 125 -75.75 -5.61 67.38
N ILE M 126 -74.52 -5.20 67.69
CA ILE M 126 -74.28 -3.78 67.92
C ILE M 126 -74.67 -2.95 66.70
N THR M 127 -74.30 -3.42 65.52
CA THR M 127 -74.67 -2.68 64.32
C THR M 127 -76.19 -2.59 64.18
N MET M 128 -76.90 -3.67 64.47
CA MET M 128 -78.36 -3.57 64.46
C MET M 128 -78.87 -2.52 65.44
N LEU M 129 -78.50 -2.66 66.71
CA LEU M 129 -79.00 -1.76 67.73
C LEU M 129 -78.74 -0.30 67.35
N ILE M 130 -77.52 -0.01 66.90
CA ILE M 130 -77.19 1.35 66.51
C ILE M 130 -77.97 1.77 65.27
N LEU M 131 -78.43 0.83 64.45
CA LEU M 131 -79.28 1.20 63.34
C LEU M 131 -80.68 1.57 63.82
N VAL M 132 -81.31 0.70 64.60
CA VAL M 132 -82.71 0.92 64.96
C VAL M 132 -82.90 1.97 66.03
N THR M 133 -81.85 2.39 66.71
CA THR M 133 -81.99 3.48 67.67
C THR M 133 -81.71 4.85 67.08
N ALA M 134 -81.20 4.92 65.85
CA ALA M 134 -80.72 6.17 65.28
C ALA M 134 -81.83 6.92 64.59
N ASN M 135 -81.79 8.26 64.69
CA ASN M 135 -82.60 9.11 63.84
C ASN M 135 -81.78 9.72 62.72
N ASN M 136 -80.74 10.48 63.05
CA ASN M 136 -79.94 11.18 62.06
C ASN M 136 -79.48 10.22 60.98
N LEU M 137 -79.82 10.54 59.74
CA LEU M 137 -79.79 9.54 58.68
C LEU M 137 -78.39 9.05 58.40
N PHE M 138 -77.36 9.81 58.78
CA PHE M 138 -76.00 9.33 58.63
C PHE M 138 -75.75 8.15 59.55
N GLN M 139 -76.33 8.17 60.74
CA GLN M 139 -76.17 7.07 61.67
C GLN M 139 -76.97 5.86 61.21
N LEU M 140 -78.15 6.08 60.65
CA LEU M 140 -78.82 5.03 59.88
C LEU M 140 -77.85 4.38 58.92
N PHE M 141 -77.31 5.18 58.00
CA PHE M 141 -76.36 4.67 57.03
C PHE M 141 -75.26 3.84 57.69
N ILE M 142 -74.75 4.31 58.85
CA ILE M 142 -73.70 3.58 59.54
C ILE M 142 -74.16 2.18 59.90
N GLY M 143 -75.27 2.09 60.63
CA GLY M 143 -75.79 0.77 60.98
C GLY M 143 -76.12 -0.06 59.75
N TRP M 144 -76.53 0.60 58.68
CA TRP M 144 -76.90 -0.03 57.42
C TRP M 144 -75.73 -0.82 56.86
N GLU M 145 -74.67 -0.13 56.46
CA GLU M 145 -73.53 -0.87 55.92
C GLU M 145 -72.83 -1.71 56.97
N GLY M 146 -73.00 -1.39 58.24
CA GLY M 146 -72.45 -2.25 59.27
C GLY M 146 -73.08 -3.62 59.25
N VAL M 147 -74.41 -3.67 59.40
CA VAL M 147 -75.09 -4.96 59.36
C VAL M 147 -74.84 -5.63 58.03
N GLY M 148 -74.67 -4.85 56.96
CA GLY M 148 -74.38 -5.46 55.68
C GLY M 148 -73.07 -6.24 55.68
N ILE M 149 -71.97 -5.58 56.03
CA ILE M 149 -70.70 -6.28 55.98
C ILE M 149 -70.68 -7.40 57.02
N MET M 150 -71.39 -7.23 58.13
CA MET M 150 -71.50 -8.32 59.09
C MET M 150 -72.20 -9.51 58.48
N SER M 151 -73.20 -9.27 57.63
CA SER M 151 -73.78 -10.38 56.89
C SER M 151 -72.74 -11.04 56.01
N PHE M 152 -71.87 -10.24 55.39
CA PHE M 152 -70.82 -10.85 54.59
C PHE M 152 -69.94 -11.77 55.43
N LEU M 153 -69.42 -11.28 56.55
CA LEU M 153 -68.51 -12.11 57.33
C LEU M 153 -69.21 -13.34 57.89
N LEU M 154 -70.42 -13.17 58.41
CA LEU M 154 -71.07 -14.28 59.10
C LEU M 154 -71.55 -15.34 58.12
N ILE M 155 -72.24 -14.93 57.05
CA ILE M 155 -72.51 -15.92 56.00
C ILE M 155 -71.22 -16.53 55.51
N GLY M 156 -70.15 -15.76 55.49
CA GLY M 156 -68.88 -16.29 55.04
C GLY M 156 -68.08 -16.94 56.15
N TRP M 157 -68.77 -17.40 57.21
CA TRP M 157 -68.07 -17.88 58.40
C TRP M 157 -67.01 -18.93 58.08
N TRP M 158 -67.25 -19.75 57.06
CA TRP M 158 -66.35 -20.85 56.74
C TRP M 158 -65.45 -20.48 55.57
N TYR M 159 -64.18 -20.26 55.89
CA TYR M 159 -63.16 -20.12 54.87
C TYR M 159 -63.12 -21.41 54.10
N GLY M 160 -62.94 -21.32 52.80
CA GLY M 160 -63.06 -22.47 51.95
C GLY M 160 -64.52 -22.75 51.69
N ARG M 161 -64.76 -23.84 50.97
CA ARG M 161 -66.10 -24.09 50.46
C ARG M 161 -66.52 -22.89 49.61
N THR M 162 -65.97 -22.82 48.40
CA THR M 162 -66.17 -21.71 47.50
C THR M 162 -67.62 -21.27 47.46
N ASP M 163 -68.54 -22.24 47.54
CA ASP M 163 -69.96 -21.95 47.59
C ASP M 163 -70.28 -20.91 48.67
N ALA M 164 -69.80 -21.15 49.89
CA ALA M 164 -70.11 -20.28 51.01
C ALA M 164 -69.72 -18.83 50.74
N ASN M 165 -68.42 -18.57 50.66
CA ASN M 165 -67.95 -17.20 50.49
C ASN M 165 -68.52 -16.57 49.22
N THR M 166 -68.76 -17.36 48.18
CA THR M 166 -69.43 -16.83 46.99
C THR M 166 -70.80 -16.28 47.34
N ALA M 167 -71.62 -17.09 47.99
CA ALA M 167 -72.92 -16.61 48.48
C ALA M 167 -72.76 -15.31 49.26
N ALA M 168 -71.79 -15.28 50.18
CA ALA M 168 -71.54 -14.06 50.92
C ALA M 168 -71.35 -12.88 49.99
N LEU M 169 -70.55 -13.06 48.94
CA LEU M 169 -70.26 -11.94 48.06
C LEU M 169 -71.51 -11.49 47.32
N GLN M 170 -72.35 -12.43 46.85
CA GLN M 170 -73.60 -12.04 46.22
C GLN M 170 -74.45 -11.22 47.18
N ALA M 171 -74.56 -11.68 48.43
CA ALA M 171 -75.30 -10.95 49.44
C ALA M 171 -74.83 -9.50 49.53
N ILE M 172 -73.56 -9.30 49.88
CA ILE M 172 -73.06 -7.94 50.04
C ILE M 172 -73.27 -7.12 48.77
N LEU M 173 -73.21 -7.76 47.60
CA LEU M 173 -73.50 -7.06 46.35
C LEU M 173 -74.89 -6.44 46.39
N TYR M 174 -75.91 -7.27 46.64
CA TYR M 174 -77.28 -6.76 46.69
C TYR M 174 -77.42 -5.66 47.73
N ASN M 175 -76.84 -5.87 48.91
CA ASN M 175 -76.81 -4.78 49.89
C ASN M 175 -76.31 -3.50 49.27
N ARG M 176 -75.29 -3.59 48.42
CA ARG M 176 -74.71 -2.35 47.91
C ARG M 176 -75.62 -1.66 46.89
N ILE M 177 -76.37 -2.42 46.09
CA ILE M 177 -77.37 -1.73 45.28
C ILE M 177 -78.41 -1.06 46.16
N GLY M 178 -78.90 -1.76 47.17
CA GLY M 178 -79.75 -1.08 48.15
C GLY M 178 -79.10 0.18 48.68
N ASP M 179 -77.77 0.16 48.76
CA ASP M 179 -77.06 1.35 49.21
C ASP M 179 -77.18 2.48 48.20
N ILE M 180 -77.00 2.19 46.90
CA ILE M 180 -77.11 3.26 45.91
C ILE M 180 -78.45 3.95 46.06
N GLY M 181 -79.51 3.17 46.25
CA GLY M 181 -80.81 3.80 46.52
C GLY M 181 -80.74 4.68 47.74
N PHE M 182 -80.12 4.17 48.80
CA PHE M 182 -80.14 4.89 50.08
C PHE M 182 -79.44 6.23 49.97
N ILE M 183 -78.23 6.26 49.41
CA ILE M 183 -77.52 7.52 49.33
C ILE M 183 -78.15 8.45 48.31
N LEU M 184 -78.90 7.92 47.34
CA LEU M 184 -79.77 8.80 46.56
C LEU M 184 -80.73 9.55 47.47
N ALA M 185 -81.47 8.81 48.31
CA ALA M 185 -82.37 9.46 49.24
C ALA M 185 -81.66 10.49 50.09
N MET M 186 -80.46 10.15 50.59
CA MET M 186 -79.70 11.10 51.38
C MET M 186 -79.48 12.39 50.60
N ALA M 187 -78.85 12.28 49.42
CA ALA M 187 -78.50 13.45 48.64
C ALA M 187 -79.71 14.34 48.40
N TRP M 188 -80.82 13.75 47.95
CA TRP M 188 -82.02 14.54 47.72
C TRP M 188 -82.39 15.30 48.98
N PHE M 189 -82.39 14.61 50.13
CA PHE M 189 -82.71 15.28 51.37
C PHE M 189 -81.79 16.45 51.64
N LEU M 190 -80.49 16.33 51.31
CA LEU M 190 -79.63 17.49 51.45
C LEU M 190 -80.19 18.64 50.63
N ILE M 191 -80.06 18.48 49.31
CA ILE M 191 -80.26 19.61 48.41
C ILE M 191 -81.61 20.27 48.63
N ASN M 192 -82.65 19.46 48.81
CA ASN M 192 -83.98 20.04 48.94
C ASN M 192 -84.28 20.49 50.36
N LEU M 193 -83.95 19.69 51.37
CA LEU M 193 -84.29 20.03 52.75
C LEU M 193 -83.13 20.62 53.54
N ASN M 194 -81.94 20.73 52.94
CA ASN M 194 -80.76 21.28 53.61
C ASN M 194 -80.52 20.60 54.96
N THR M 195 -80.70 19.29 54.98
CA THR M 195 -80.32 18.43 56.09
C THR M 195 -80.70 17.01 55.76
N TRP M 196 -80.05 16.07 56.43
CA TRP M 196 -80.70 14.83 56.79
C TRP M 196 -80.70 14.81 58.31
N ASP M 197 -81.86 15.10 58.89
CA ASP M 197 -82.12 14.91 60.31
C ASP M 197 -83.54 14.39 60.41
N LEU M 198 -83.70 13.22 61.01
CA LEU M 198 -84.97 12.54 60.87
C LEU M 198 -86.10 13.25 61.54
N GLN M 199 -85.82 14.23 62.41
CA GLN M 199 -86.86 15.12 62.88
C GLN M 199 -87.21 16.16 61.81
N GLN M 200 -86.19 16.82 61.27
CA GLN M 200 -86.45 17.97 60.40
C GLN M 200 -87.14 17.54 59.12
N ILE M 201 -86.75 16.40 58.56
CA ILE M 201 -87.44 15.90 57.37
C ILE M 201 -88.91 15.67 57.68
N PHE M 202 -89.23 15.21 58.89
CA PHE M 202 -90.63 15.07 59.26
C PHE M 202 -91.32 16.42 59.36
N MET M 203 -90.65 17.42 59.91
CA MET M 203 -91.32 18.71 60.12
C MET M 203 -91.77 19.32 58.80
N LEU M 204 -90.84 19.55 57.88
CA LEU M 204 -91.20 20.17 56.62
C LEU M 204 -91.47 19.05 55.62
N ASN M 205 -92.74 18.91 55.24
CA ASN M 205 -93.14 17.82 54.37
C ASN M 205 -92.98 18.27 52.91
N PRO M 206 -92.07 17.67 52.16
CA PRO M 206 -91.89 18.11 50.76
C PRO M 206 -93.16 17.87 49.96
N ASN M 207 -93.57 18.91 49.21
CA ASN M 207 -94.65 18.72 48.26
C ASN M 207 -94.33 17.59 47.30
N ASP M 208 -93.13 17.61 46.73
CA ASP M 208 -92.64 16.53 45.88
C ASP M 208 -91.67 15.71 46.71
N SER M 209 -92.14 14.56 47.18
CA SER M 209 -91.29 13.53 47.75
C SER M 209 -91.03 12.37 46.81
N ASN M 210 -91.55 12.45 45.57
CA ASN M 210 -91.51 11.33 44.64
C ASN M 210 -90.15 10.65 44.53
N LEU M 211 -89.16 11.36 43.96
CA LEU M 211 -87.87 10.74 43.67
C LEU M 211 -87.17 10.20 44.90
N PRO M 212 -86.91 10.99 45.95
CA PRO M 212 -86.19 10.43 47.10
C PRO M 212 -86.89 9.24 47.71
N LEU M 213 -88.20 9.34 47.92
CA LEU M 213 -88.89 8.24 48.56
C LEU M 213 -88.86 7.00 47.67
N MET M 214 -88.89 7.17 46.35
CA MET M 214 -88.59 6.05 45.47
C MET M 214 -87.24 5.44 45.82
N GLY M 215 -86.22 6.29 45.94
CA GLY M 215 -84.92 5.79 46.39
C GLY M 215 -85.04 4.95 47.64
N LEU M 216 -85.86 5.39 48.59
CA LEU M 216 -86.10 4.60 49.79
C LEU M 216 -86.73 3.26 49.45
N ILE M 217 -87.59 3.22 48.43
CA ILE M 217 -88.14 1.95 47.99
C ILE M 217 -87.03 1.03 47.55
N LEU M 218 -86.10 1.55 46.76
CA LEU M 218 -84.97 0.73 46.31
C LEU M 218 -84.14 0.22 47.47
N ALA M 219 -83.70 1.14 48.34
CA ALA M 219 -82.88 0.75 49.48
C ALA M 219 -83.58 -0.32 50.32
N ALA M 220 -84.90 -0.20 50.48
CA ALA M 220 -85.63 -1.24 51.18
C ALA M 220 -85.53 -2.56 50.43
N THR M 221 -85.72 -2.51 49.11
CA THR M 221 -85.72 -3.75 48.33
C THR M 221 -84.37 -4.44 48.35
N GLY M 222 -83.29 -3.72 48.60
CA GLY M 222 -82.00 -4.38 48.62
C GLY M 222 -81.87 -5.39 49.75
N LYS M 223 -82.02 -4.94 51.00
CA LYS M 223 -81.81 -5.83 52.13
C LYS M 223 -83.01 -6.74 52.36
N SER M 224 -84.21 -6.18 52.22
CA SER M 224 -85.45 -6.83 52.64
C SER M 224 -85.79 -8.07 51.84
N ALA M 225 -85.01 -8.44 50.81
CA ALA M 225 -85.23 -9.63 49.97
C ALA M 225 -86.22 -9.35 48.85
N GLN M 226 -86.67 -8.12 48.70
CA GLN M 226 -87.86 -7.81 47.92
C GLN M 226 -87.59 -8.13 46.43
N PHE M 227 -88.61 -7.96 45.60
CA PHE M 227 -88.58 -8.59 44.28
C PHE M 227 -87.60 -7.89 43.36
N GLY M 228 -87.35 -8.51 42.22
CA GLY M 228 -86.32 -8.07 41.31
C GLY M 228 -84.92 -8.35 41.80
N LEU M 229 -84.75 -8.55 43.10
CA LEU M 229 -83.51 -9.05 43.67
C LEU M 229 -83.88 -10.10 44.72
N HIS M 230 -83.89 -11.38 44.32
CA HIS M 230 -84.05 -12.51 45.22
C HIS M 230 -82.80 -13.11 45.85
N PRO M 231 -81.79 -13.47 45.06
CA PRO M 231 -80.90 -14.59 45.43
C PRO M 231 -80.28 -14.48 46.81
N TRP M 232 -80.43 -13.35 47.48
CA TRP M 232 -79.93 -13.14 48.83
C TRP M 232 -80.12 -14.37 49.71
N LEU M 233 -81.37 -14.70 50.03
CA LEU M 233 -81.66 -15.75 51.01
C LEU M 233 -81.11 -17.12 50.64
N PRO M 234 -81.55 -17.75 49.54
CA PRO M 234 -81.31 -19.19 49.39
C PRO M 234 -79.84 -19.58 49.42
N SER M 235 -78.97 -18.74 48.88
CA SER M 235 -77.54 -18.95 49.08
C SER M 235 -77.07 -18.39 50.42
N ALA M 236 -77.80 -17.45 51.00
CA ALA M 236 -77.45 -17.00 52.35
C ALA M 236 -77.60 -18.11 53.37
N MET M 237 -78.26 -19.21 53.00
CA MET M 237 -78.31 -20.36 53.89
C MET M 237 -76.94 -20.93 54.19
N GLU M 238 -75.94 -20.66 53.35
CA GLU M 238 -74.66 -21.33 53.47
C GLU M 238 -73.95 -20.99 54.77
N GLY M 239 -74.34 -19.93 55.44
CA GLY M 239 -73.79 -19.61 56.73
C GLY M 239 -74.21 -20.63 57.74
N PRO M 240 -73.54 -20.67 58.88
CA PRO M 240 -73.94 -21.58 59.95
C PRO M 240 -75.34 -21.26 60.44
N THR M 241 -76.05 -22.31 60.84
CA THR M 241 -77.46 -22.19 61.24
C THR M 241 -77.75 -21.01 62.15
N PRO M 242 -77.09 -20.82 63.29
CA PRO M 242 -77.48 -19.72 64.16
C PRO M 242 -77.43 -18.37 63.47
N VAL M 243 -76.37 -18.13 62.69
CA VAL M 243 -76.28 -16.89 61.93
C VAL M 243 -77.47 -16.74 61.00
N SER M 244 -77.89 -17.83 60.36
CA SER M 244 -79.07 -17.77 59.50
C SER M 244 -80.31 -17.41 60.31
N ALA M 245 -80.47 -18.02 61.48
CA ALA M 245 -81.58 -17.68 62.36
C ALA M 245 -81.62 -16.19 62.63
N LEU M 246 -80.56 -15.67 63.25
CA LEU M 246 -80.47 -14.25 63.55
C LEU M 246 -80.60 -13.39 62.31
N LEU M 247 -80.30 -13.95 61.14
CA LEU M 247 -80.24 -13.15 59.93
C LEU M 247 -81.63 -12.83 59.41
N HIS M 248 -82.57 -13.77 59.50
CA HIS M 248 -83.90 -13.60 58.95
C HIS M 248 -84.92 -13.13 59.97
N SER M 249 -84.54 -13.01 61.24
CA SER M 249 -85.55 -12.69 62.22
C SER M 249 -85.48 -11.23 62.62
N SER M 250 -84.52 -10.90 63.47
CA SER M 250 -84.50 -9.60 64.11
C SER M 250 -83.70 -8.57 63.35
N THR M 251 -82.95 -8.97 62.33
CA THR M 251 -81.95 -8.10 61.75
C THR M 251 -82.12 -8.05 60.25
N MET M 252 -81.31 -7.19 59.63
CA MET M 252 -81.16 -7.24 58.18
C MET M 252 -82.51 -7.19 57.48
N VAL M 253 -82.86 -8.35 56.93
CA VAL M 253 -83.97 -8.46 55.99
C VAL M 253 -85.23 -7.81 56.54
N VAL M 254 -85.37 -7.72 57.86
CA VAL M 254 -86.41 -6.85 58.42
C VAL M 254 -85.97 -5.40 58.46
N ALA M 255 -84.68 -5.15 58.71
CA ALA M 255 -84.20 -3.78 58.74
C ALA M 255 -84.32 -3.10 57.38
N GLY M 256 -84.62 -3.84 56.33
CA GLY M 256 -84.91 -3.21 55.06
C GLY M 256 -86.17 -2.38 55.13
N ILE M 257 -87.29 -3.01 55.49
CA ILE M 257 -88.54 -2.28 55.61
C ILE M 257 -88.57 -1.42 56.85
N PHE M 258 -87.76 -1.75 57.86
CA PHE M 258 -87.72 -0.94 59.07
C PHE M 258 -87.43 0.51 58.76
N LEU M 259 -86.73 0.77 57.66
CA LEU M 259 -86.47 2.12 57.22
C LEU M 259 -87.74 2.79 56.71
N LEU M 260 -88.49 2.08 55.86
CA LEU M 260 -89.74 2.61 55.35
C LEU M 260 -90.69 2.93 56.51
N ILE M 261 -90.76 2.03 57.49
CA ILE M 261 -91.51 2.33 58.71
C ILE M 261 -90.96 3.58 59.38
N ARG M 262 -89.63 3.71 59.41
CA ARG M 262 -89.03 4.87 60.06
C ARG M 262 -89.50 6.16 59.44
N PHE M 263 -89.65 6.19 58.12
CA PHE M 263 -90.06 7.38 57.41
C PHE M 263 -91.57 7.48 57.25
N TYR M 264 -92.35 6.64 57.93
CA TYR M 264 -93.77 6.50 57.61
C TYR M 264 -94.52 7.80 57.40
N PRO M 265 -94.29 8.88 58.18
CA PRO M 265 -95.05 10.09 57.88
C PRO M 265 -94.75 10.65 56.51
N LEU M 266 -93.55 10.41 56.01
CA LEU M 266 -93.20 10.88 54.68
C LEU M 266 -93.82 10.01 53.60
N THR M 267 -94.08 8.74 53.91
CA THR M 267 -94.75 7.85 52.97
C THR M 267 -96.25 7.79 53.20
N GLU M 268 -96.77 8.57 54.14
CA GLU M 268 -98.22 8.74 54.23
C GLU M 268 -98.80 9.15 52.90
N ASN M 269 -98.07 9.99 52.17
CA ASN M 269 -98.56 10.60 50.95
C ASN M 269 -97.66 10.17 49.80
N ASN M 270 -97.92 10.72 48.62
CA ASN M 270 -97.44 10.15 47.37
C ASN M 270 -97.96 8.72 47.21
N LYS M 271 -99.27 8.63 46.94
CA LYS M 271 -99.89 7.35 46.67
C LYS M 271 -99.18 6.61 45.55
N PHE M 272 -98.39 7.31 44.75
CA PHE M 272 -97.39 6.66 43.92
C PHE M 272 -96.55 5.69 44.77
N GLY M 273 -96.18 6.11 45.98
CA GLY M 273 -95.39 5.26 46.83
C GLY M 273 -96.12 4.00 47.27
N GLN M 274 -97.26 4.13 47.94
CA GLN M 274 -98.01 2.94 48.34
C GLN M 274 -98.35 2.09 47.14
N SER M 275 -98.62 2.71 45.99
CA SER M 275 -98.83 1.96 44.77
C SER M 275 -97.67 1.01 44.56
N ILE M 276 -96.46 1.56 44.37
CA ILE M 276 -95.29 0.70 44.15
C ILE M 276 -95.18 -0.37 45.24
N MET M 277 -95.40 0.03 46.49
CA MET M 277 -95.40 -0.91 47.62
C MET M 277 -96.20 -2.16 47.30
N LEU M 278 -97.52 -2.00 47.17
CA LEU M 278 -98.34 -3.18 46.94
C LEU M 278 -98.24 -3.71 45.53
N CYS M 279 -97.55 -2.99 44.63
CA CYS M 279 -97.21 -3.53 43.34
C CYS M 279 -96.07 -4.52 43.44
N LEU M 280 -95.34 -4.49 44.55
CA LEU M 280 -94.09 -5.21 44.67
C LEU M 280 -94.12 -6.25 45.78
N GLY M 281 -94.35 -5.85 47.02
CA GLY M 281 -94.47 -6.82 48.10
C GLY M 281 -95.42 -7.94 47.76
N ALA M 282 -96.50 -7.61 47.06
CA ALA M 282 -97.32 -8.61 46.40
C ALA M 282 -96.46 -9.59 45.59
N MET M 283 -95.72 -9.05 44.61
CA MET M 283 -94.94 -9.89 43.71
C MET M 283 -93.98 -10.80 44.47
N THR M 284 -93.50 -10.37 45.64
CA THR M 284 -92.69 -11.30 46.42
C THR M 284 -93.54 -12.35 47.11
N THR M 285 -94.71 -11.97 47.61
CA THR M 285 -95.58 -12.97 48.20
C THR M 285 -95.87 -14.08 47.21
N LEU M 286 -96.57 -13.76 46.12
CA LEU M 286 -96.94 -14.84 45.21
C LEU M 286 -95.76 -15.38 44.43
N PHE M 287 -94.77 -14.55 44.12
CA PHE M 287 -93.59 -15.09 43.46
C PHE M 287 -92.96 -16.16 44.33
N THR M 288 -92.46 -15.77 45.50
CA THR M 288 -91.86 -16.75 46.40
C THR M 288 -92.82 -17.87 46.74
N ALA M 289 -94.12 -17.67 46.56
CA ALA M 289 -95.05 -18.79 46.63
C ALA M 289 -94.86 -19.73 45.45
N MET M 290 -94.57 -19.18 44.27
CA MET M 290 -94.45 -19.98 43.06
C MET M 290 -93.10 -20.66 42.97
N CYS M 291 -92.04 -19.96 43.36
CA CYS M 291 -90.68 -20.48 43.29
C CYS M 291 -90.23 -21.12 44.61
N ALA M 292 -91.04 -21.03 45.66
CA ALA M 292 -90.62 -21.55 46.95
C ALA M 292 -90.81 -23.05 47.06
N LEU M 293 -91.93 -23.55 46.55
CA LEU M 293 -92.30 -24.95 46.79
C LEU M 293 -91.27 -25.90 46.18
N THR M 294 -91.18 -27.07 46.79
CA THR M 294 -90.55 -28.28 46.30
C THR M 294 -89.03 -28.29 46.52
N GLN M 295 -88.41 -27.14 46.82
CA GLN M 295 -86.98 -27.18 47.13
C GLN M 295 -86.77 -27.76 48.52
N ASN M 296 -85.93 -28.78 48.60
CA ASN M 296 -85.99 -29.78 49.66
C ASN M 296 -85.05 -29.55 50.83
N ASP M 297 -84.34 -28.43 50.89
CA ASP M 297 -83.49 -28.14 52.04
C ASP M 297 -84.30 -27.40 53.08
N ILE M 298 -84.48 -28.00 54.26
CA ILE M 298 -85.36 -27.45 55.29
C ILE M 298 -85.06 -25.98 55.50
N LYS M 299 -83.80 -25.67 55.79
CA LYS M 299 -83.38 -24.30 56.01
C LYS M 299 -83.83 -23.41 54.86
N LYS M 300 -83.77 -23.92 53.63
CA LYS M 300 -84.14 -23.10 52.49
C LYS M 300 -85.64 -22.84 52.45
N ILE M 301 -86.46 -23.86 52.76
CA ILE M 301 -87.90 -23.63 52.92
C ILE M 301 -88.13 -22.50 53.91
N ILE M 302 -87.46 -22.57 55.06
CA ILE M 302 -87.64 -21.54 56.07
C ILE M 302 -87.32 -20.17 55.47
N ALA M 303 -86.24 -20.10 54.68
CA ALA M 303 -85.87 -18.87 54.00
C ALA M 303 -87.02 -18.35 53.15
N PHE M 304 -87.38 -19.08 52.09
CA PHE M 304 -88.43 -18.57 51.20
C PHE M 304 -89.67 -18.18 51.97
N SER M 305 -89.98 -18.89 53.06
CA SER M 305 -91.10 -18.47 53.90
C SER M 305 -90.88 -17.07 54.44
N THR M 306 -89.67 -16.78 54.95
CA THR M 306 -89.46 -15.43 55.45
C THR M 306 -89.54 -14.42 54.33
N SER M 307 -89.16 -14.81 53.11
CA SER M 307 -89.30 -13.90 51.98
C SER M 307 -90.76 -13.55 51.77
N SER M 308 -91.63 -14.56 51.76
CA SER M 308 -93.06 -14.32 51.56
C SER M 308 -93.62 -13.43 52.65
N GLN M 309 -93.27 -13.72 53.91
CA GLN M 309 -93.62 -12.83 55.01
C GLN M 309 -93.26 -11.39 54.67
N LEU M 310 -91.98 -11.14 54.42
CA LEU M 310 -91.51 -9.80 54.06
C LEU M 310 -92.33 -9.18 52.96
N GLY M 311 -92.75 -9.98 51.98
CA GLY M 311 -93.70 -9.47 51.01
C GLY M 311 -94.96 -8.96 51.69
N LEU M 312 -95.54 -9.78 52.56
CA LEU M 312 -96.77 -9.38 53.24
C LEU M 312 -96.58 -8.09 54.02
N MET M 313 -95.39 -7.91 54.60
CA MET M 313 -95.12 -6.69 55.35
C MET M 313 -94.97 -5.48 54.44
N MET M 314 -94.32 -5.66 53.29
CA MET M 314 -94.29 -4.60 52.30
C MET M 314 -95.70 -4.17 51.94
N VAL M 315 -96.59 -5.15 51.76
CA VAL M 315 -98.00 -4.85 51.52
C VAL M 315 -98.61 -4.14 52.71
N THR M 316 -98.11 -4.42 53.92
CA THR M 316 -98.66 -3.72 55.08
C THR M 316 -98.23 -2.27 55.10
N ILE M 317 -97.03 -1.97 54.59
CA ILE M 317 -96.70 -0.57 54.36
C ILE M 317 -97.56 -0.02 53.25
N GLY M 318 -98.02 -0.88 52.35
CA GLY M 318 -99.10 -0.50 51.47
C GLY M 318 -100.33 -0.08 52.25
N ILE M 319 -101.23 0.61 51.55
CA ILE M 319 -102.30 1.39 52.17
C ILE M 319 -101.58 2.31 53.16
N ASN M 320 -102.16 2.56 54.32
CA ASN M 320 -101.39 3.11 55.43
C ASN M 320 -101.74 2.26 56.63
N GLN M 321 -100.86 1.33 56.99
CA GLN M 321 -100.89 0.65 58.27
C GLN M 321 -99.48 0.29 58.70
N PRO M 322 -98.60 1.26 58.95
CA PRO M 322 -97.20 0.91 59.27
C PRO M 322 -97.06 0.17 60.59
N HIS M 323 -97.89 0.49 61.57
CA HIS M 323 -97.74 -0.13 62.88
C HIS M 323 -98.06 -1.62 62.82
N LEU M 324 -99.15 -1.98 62.16
CA LEU M 324 -99.50 -3.39 62.02
C LEU M 324 -98.29 -4.18 61.51
N ALA M 325 -97.63 -3.65 60.48
CA ALA M 325 -96.39 -4.25 60.02
C ALA M 325 -95.42 -4.39 61.17
N PHE M 326 -95.10 -3.27 61.83
CA PHE M 326 -94.09 -3.27 62.88
C PHE M 326 -94.32 -4.42 63.88
N LEU M 327 -95.55 -4.51 64.38
CA LEU M 327 -95.93 -5.63 65.23
C LEU M 327 -95.62 -6.96 64.54
N HIS M 328 -95.95 -7.06 63.25
CA HIS M 328 -95.70 -8.33 62.58
C HIS M 328 -94.21 -8.61 62.43
N ILE M 329 -93.36 -7.59 62.42
CA ILE M 329 -91.93 -7.83 62.45
C ILE M 329 -91.52 -8.43 63.77
N CYS M 330 -91.97 -7.84 64.88
CA CYS M 330 -91.60 -8.40 66.18
C CYS M 330 -92.05 -9.86 66.29
N THR M 331 -93.35 -10.08 66.11
CA THR M 331 -93.90 -11.44 66.18
C THR M 331 -93.13 -12.39 65.26
N HIS M 332 -92.96 -11.99 64.00
CA HIS M 332 -92.21 -12.80 63.05
C HIS M 332 -90.84 -13.17 63.59
N ALA M 333 -90.16 -12.22 64.22
CA ALA M 333 -88.86 -12.50 64.81
C ALA M 333 -88.97 -13.67 65.78
N PHE M 334 -89.89 -13.58 66.74
CA PHE M 334 -90.08 -14.70 67.66
C PHE M 334 -90.27 -16.01 66.90
N PHE M 335 -91.23 -16.03 65.98
CA PHE M 335 -91.71 -17.30 65.44
C PHE M 335 -90.65 -17.96 64.58
N LYS M 336 -90.06 -17.22 63.66
CA LYS M 336 -89.11 -17.85 62.76
C LYS M 336 -87.77 -18.09 63.44
N ALA M 337 -87.39 -17.24 64.38
CA ALA M 337 -86.23 -17.56 65.20
C ALA M 337 -86.43 -18.90 65.90
N MET M 338 -87.62 -19.11 66.47
CA MET M 338 -87.98 -20.43 66.99
C MET M 338 -87.77 -21.51 65.95
N LEU M 339 -88.29 -21.27 64.75
CA LEU M 339 -88.31 -22.32 63.74
C LEU M 339 -86.90 -22.74 63.36
N PHE M 340 -86.01 -21.79 63.08
CA PHE M 340 -84.61 -22.14 62.84
C PHE M 340 -84.01 -22.84 64.04
N MET M 341 -84.06 -22.19 65.21
CA MET M 341 -83.35 -22.72 66.36
C MET M 341 -83.84 -24.11 66.75
N CYS M 342 -85.01 -24.52 66.28
CA CYS M 342 -85.38 -25.93 66.34
C CYS M 342 -84.80 -26.74 65.18
N SER M 343 -84.88 -26.19 63.96
CA SER M 343 -84.40 -26.93 62.81
C SER M 343 -82.95 -27.34 62.98
N GLY M 344 -82.17 -26.55 63.73
CA GLY M 344 -80.83 -26.97 64.08
C GLY M 344 -80.82 -28.20 64.95
N SER M 345 -81.76 -28.29 65.89
CA SER M 345 -81.88 -29.52 66.68
C SER M 345 -82.11 -30.71 65.77
N ILE M 346 -83.00 -30.55 64.78
CA ILE M 346 -83.18 -31.61 63.80
C ILE M 346 -81.88 -31.96 63.12
N ILE M 347 -81.28 -30.96 62.45
CA ILE M 347 -80.11 -31.17 61.63
C ILE M 347 -79.02 -31.83 62.46
N HIS M 348 -78.41 -31.05 63.37
CA HIS M 348 -77.28 -31.57 64.14
C HIS M 348 -77.65 -32.87 64.85
N SER M 349 -78.90 -32.99 65.29
CA SER M 349 -79.31 -34.24 65.92
C SER M 349 -79.24 -35.40 64.95
N LEU M 350 -79.34 -35.14 63.65
CA LEU M 350 -79.43 -36.18 62.63
C LEU M 350 -78.07 -36.58 62.08
N ASN M 351 -76.97 -36.18 62.71
CA ASN M 351 -75.71 -35.83 62.06
C ASN M 351 -75.98 -34.51 61.34
N ASP M 352 -75.68 -34.38 60.04
CA ASP M 352 -76.35 -33.32 59.29
C ASP M 352 -76.62 -33.78 57.87
N GLU M 353 -77.89 -34.04 57.55
CA GLU M 353 -78.31 -34.09 56.15
C GLU M 353 -78.91 -32.78 55.66
N GLN M 354 -79.76 -32.16 56.47
CA GLN M 354 -80.55 -30.96 56.16
C GLN M 354 -81.19 -31.01 54.78
N ASP M 355 -81.73 -32.17 54.41
CA ASP M 355 -82.62 -32.29 53.27
C ASP M 355 -83.96 -32.81 53.76
N ILE M 356 -85.06 -32.30 53.19
CA ILE M 356 -86.37 -32.71 53.67
C ILE M 356 -86.65 -34.14 53.25
N ARG M 357 -86.06 -34.58 52.15
CA ARG M 357 -86.04 -35.99 51.86
C ARG M 357 -85.19 -36.68 52.91
N LYS M 358 -85.37 -38.00 53.02
CA LYS M 358 -84.93 -38.76 54.18
C LYS M 358 -85.75 -38.22 55.35
N MET M 359 -85.15 -37.67 56.41
CA MET M 359 -85.87 -37.15 57.58
C MET M 359 -86.60 -38.34 58.24
N GLY M 360 -87.87 -38.19 58.60
CA GLY M 360 -88.55 -39.23 59.35
C GLY M 360 -89.86 -38.75 59.91
N GLY M 361 -90.28 -39.39 61.01
CA GLY M 361 -91.52 -39.04 61.66
C GLY M 361 -91.33 -38.02 62.77
N LEU M 362 -92.45 -37.64 63.38
CA LEU M 362 -92.43 -36.56 64.35
C LEU M 362 -91.78 -37.02 65.66
N PHE M 363 -92.44 -37.88 66.41
CA PHE M 363 -91.96 -38.24 67.73
C PHE M 363 -91.11 -39.48 67.60
N LYS M 364 -89.79 -39.29 67.55
CA LYS M 364 -88.85 -40.36 67.84
C LYS M 364 -87.81 -39.72 68.75
N ALA M 365 -87.92 -39.93 70.05
CA ALA M 365 -87.04 -39.25 70.98
C ALA M 365 -86.86 -37.77 70.64
N MET M 366 -87.89 -37.15 70.04
CA MET M 366 -87.82 -35.75 69.65
C MET M 366 -89.11 -35.04 70.06
N PRO M 367 -89.48 -35.12 71.34
CA PRO M 367 -90.80 -34.60 71.72
C PRO M 367 -90.84 -33.08 71.64
N PHE M 368 -89.78 -32.47 72.18
CA PHE M 368 -89.80 -31.05 72.45
C PHE M 368 -89.49 -30.24 71.21
N THR M 369 -88.59 -30.75 70.37
CA THR M 369 -88.32 -30.08 69.10
C THR M 369 -89.53 -30.13 68.18
N THR M 370 -90.22 -31.26 68.11
CA THR M 370 -91.41 -31.34 67.29
C THR M 370 -92.52 -30.47 67.84
N THR M 371 -92.67 -30.46 69.17
CA THR M 371 -93.59 -29.51 69.79
C THR M 371 -93.27 -28.09 69.34
N ALA M 372 -91.99 -27.74 69.35
CA ALA M 372 -91.58 -26.45 68.81
C ALA M 372 -91.93 -26.32 67.33
N LEU M 373 -92.01 -27.42 66.60
CA LEU M 373 -92.29 -27.31 65.18
C LEU M 373 -93.77 -27.19 64.88
N ILE M 374 -94.66 -27.63 65.76
CA ILE M 374 -96.06 -27.31 65.53
C ILE M 374 -96.52 -26.08 66.29
N ILE M 375 -95.74 -25.62 67.26
CA ILE M 375 -95.90 -24.26 67.79
C ILE M 375 -95.44 -23.24 66.77
N GLY M 376 -94.28 -23.46 66.19
CA GLY M 376 -93.73 -22.55 65.21
C GLY M 376 -94.36 -22.72 63.85
N SER M 377 -94.53 -23.95 63.39
CA SER M 377 -95.26 -24.18 62.16
C SER M 377 -96.68 -23.68 62.33
N LEU M 378 -97.45 -24.34 63.20
CA LEU M 378 -98.83 -23.95 63.44
C LEU M 378 -98.94 -22.46 63.70
N ALA M 379 -97.92 -21.89 64.32
CA ALA M 379 -97.79 -20.46 64.50
C ALA M 379 -97.77 -19.70 63.18
N LEU M 380 -96.69 -19.90 62.42
CA LEU M 380 -96.43 -19.19 61.17
C LEU M 380 -97.44 -19.53 60.08
N THR M 381 -98.33 -20.48 60.31
CA THR M 381 -99.42 -20.73 59.37
C THR M 381 -100.30 -19.51 59.14
N GLY M 382 -100.12 -18.45 59.94
CA GLY M 382 -101.10 -17.39 60.06
C GLY M 382 -101.86 -17.43 61.36
N MET M 383 -101.62 -18.45 62.19
CA MET M 383 -102.19 -18.72 63.50
C MET M 383 -103.65 -19.06 63.37
N PRO M 384 -104.20 -19.94 64.20
CA PRO M 384 -105.67 -20.02 64.27
C PRO M 384 -106.25 -18.84 65.03
N PHE M 385 -106.03 -18.80 66.35
CA PHE M 385 -106.20 -17.61 67.16
C PHE M 385 -104.93 -17.13 67.86
N LEU M 386 -103.78 -17.78 67.66
CA LEU M 386 -102.61 -17.59 68.53
C LEU M 386 -102.00 -16.21 68.31
N THR M 387 -100.78 -16.02 68.83
CA THR M 387 -100.16 -14.70 68.88
C THR M 387 -100.08 -13.97 67.54
N GLY M 388 -99.25 -14.45 66.62
CA GLY M 388 -99.03 -13.76 65.36
C GLY M 388 -100.30 -13.40 64.61
N PHE M 389 -101.36 -14.14 64.93
CA PHE M 389 -102.71 -13.79 64.49
C PHE M 389 -102.98 -12.32 64.71
N TYR M 390 -102.57 -11.81 65.87
CA TYR M 390 -102.66 -10.39 66.21
C TYR M 390 -101.95 -9.51 65.20
N SER M 391 -101.09 -10.09 64.37
CA SER M 391 -100.53 -9.36 63.24
C SER M 391 -101.26 -9.76 61.97
N LYS M 392 -101.00 -10.97 61.49
CA LYS M 392 -101.35 -11.33 60.12
C LYS M 392 -102.85 -11.21 59.88
N ASP M 393 -103.70 -11.63 60.82
CA ASP M 393 -105.12 -11.59 60.52
C ASP M 393 -105.62 -10.17 60.43
N LEU M 394 -105.28 -9.32 61.42
CA LEU M 394 -105.60 -7.90 61.27
C LEU M 394 -105.11 -7.36 59.94
N ILE M 395 -103.87 -7.72 59.58
CA ILE M 395 -103.30 -7.24 58.33
C ILE M 395 -104.21 -7.57 57.15
N ILE M 396 -104.62 -8.83 57.04
CA ILE M 396 -105.40 -9.16 55.86
C ILE M 396 -106.84 -8.64 56.00
N GLU M 397 -107.28 -8.31 57.21
CA GLU M 397 -108.59 -7.68 57.35
C GLU M 397 -108.57 -6.28 56.77
N SER M 398 -107.66 -5.42 57.26
CA SER M 398 -107.62 -4.05 56.77
C SER M 398 -107.22 -4.01 55.30
N ALA M 399 -106.19 -4.77 54.93
CA ALA M 399 -105.79 -4.84 53.53
C ALA M 399 -106.88 -5.44 52.67
N ASN M 400 -107.72 -6.28 53.27
CA ASN M 400 -108.85 -6.87 52.57
C ASN M 400 -109.90 -5.84 52.18
N THR M 401 -109.75 -4.60 52.61
CA THR M 401 -110.79 -3.59 52.51
C THR M 401 -110.24 -2.31 51.92
N SER M 402 -111.15 -1.40 51.62
CA SER M 402 -110.91 -0.02 51.15
C SER M 402 -110.22 -0.04 49.79
N TYR M 403 -109.20 0.79 49.58
CA TYR M 403 -108.81 1.27 48.27
C TYR M 403 -107.69 0.48 47.61
N THR M 404 -107.28 -0.64 48.19
CA THR M 404 -106.26 -1.47 47.56
C THR M 404 -106.64 -1.74 46.11
N ASN M 405 -105.63 -1.73 45.24
CA ASN M 405 -105.83 -1.87 43.80
C ASN M 405 -106.40 -3.25 43.49
N ALA M 406 -106.54 -4.08 44.53
CA ALA M 406 -107.38 -5.27 44.52
C ALA M 406 -106.71 -6.44 43.81
N TRP M 407 -105.66 -6.18 43.05
CA TRP M 407 -104.81 -7.27 42.65
C TRP M 407 -104.03 -7.82 43.84
N ALA M 408 -103.97 -7.05 44.92
CA ALA M 408 -103.27 -7.46 46.13
C ALA M 408 -104.12 -8.28 47.08
N LEU M 409 -105.45 -8.30 46.92
CA LEU M 409 -106.28 -9.09 47.82
C LEU M 409 -106.10 -10.58 47.55
N LEU M 410 -106.32 -10.99 46.31
CA LEU M 410 -106.05 -12.38 45.94
C LEU M 410 -104.62 -12.73 46.29
N MET M 411 -103.71 -11.80 46.05
CA MET M 411 -102.32 -11.94 46.44
C MET M 411 -102.21 -12.34 47.90
N THR M 412 -102.87 -11.60 48.79
CA THR M 412 -102.87 -11.94 50.20
C THR M 412 -103.40 -13.34 50.43
N LEU M 413 -104.57 -13.64 49.86
CA LEU M 413 -105.21 -14.93 50.09
C LEU M 413 -104.27 -16.07 49.73
N VAL M 414 -103.98 -16.24 48.44
CA VAL M 414 -103.20 -17.39 48.00
C VAL M 414 -101.80 -17.35 48.60
N ALA M 415 -101.30 -16.15 48.90
CA ALA M 415 -100.03 -16.03 49.59
C ALA M 415 -100.06 -16.78 50.91
N THR M 416 -100.88 -16.29 51.84
CA THR M 416 -100.96 -16.93 53.16
C THR M 416 -101.28 -18.41 53.03
N SER M 417 -102.14 -18.78 52.07
CA SER M 417 -102.46 -20.18 51.88
C SER M 417 -101.19 -20.98 51.60
N PHE M 418 -100.39 -20.55 50.62
CA PHE M 418 -99.19 -21.28 50.32
C PHE M 418 -98.17 -21.24 51.46
N THR M 419 -98.27 -20.27 52.36
CA THR M 419 -97.50 -20.37 53.59
C THR M 419 -97.96 -21.59 54.40
N ALA M 420 -99.27 -21.71 54.59
CA ALA M 420 -99.79 -22.89 55.27
C ALA M 420 -99.33 -24.16 54.58
N ILE M 421 -99.24 -24.15 53.25
CA ILE M 421 -98.84 -25.39 52.60
C ILE M 421 -97.35 -25.65 52.73
N TYR M 422 -96.52 -24.61 52.90
CA TYR M 422 -95.15 -24.86 53.36
C TYR M 422 -95.19 -25.68 54.64
N SER M 423 -95.96 -25.21 55.63
CA SER M 423 -96.06 -25.92 56.89
C SER M 423 -96.48 -27.37 56.66
N THR M 424 -97.51 -27.59 55.83
CA THR M 424 -97.93 -28.95 55.54
C THR M 424 -96.79 -29.75 54.91
N ARG M 425 -95.94 -29.10 54.12
CA ARG M 425 -94.80 -29.82 53.56
C ARG M 425 -93.88 -30.30 54.66
N ILE M 426 -93.44 -29.39 55.54
CA ILE M 426 -92.43 -29.79 56.49
C ILE M 426 -92.97 -30.78 57.51
N ILE M 427 -94.29 -30.77 57.76
CA ILE M 427 -94.86 -31.80 58.62
C ILE M 427 -95.01 -33.12 57.87
N PHE M 428 -95.58 -33.09 56.66
CA PHE M 428 -95.80 -34.31 55.89
C PHE M 428 -94.50 -35.00 55.49
N PHE M 429 -93.36 -34.32 55.62
CA PHE M 429 -92.07 -34.95 55.38
C PHE M 429 -91.26 -35.14 56.66
N ALA M 430 -90.88 -34.06 57.32
CA ALA M 430 -89.96 -34.17 58.44
C ALA M 430 -90.61 -34.84 59.64
N LEU M 431 -91.90 -34.58 59.86
CA LEU M 431 -92.60 -35.07 61.03
C LEU M 431 -93.49 -36.27 60.76
N LEU M 432 -93.60 -36.76 59.53
CA LEU M 432 -94.69 -37.69 59.26
C LEU M 432 -94.28 -39.16 59.19
N GLY M 433 -93.66 -39.58 58.10
CA GLY M 433 -93.47 -41.00 57.87
C GLY M 433 -92.46 -41.61 58.84
N GLN M 434 -92.59 -42.92 59.05
CA GLN M 434 -91.67 -43.64 59.91
C GLN M 434 -90.24 -43.41 59.43
N PRO M 435 -89.26 -43.47 60.34
CA PRO M 435 -87.94 -42.91 60.02
C PRO M 435 -87.31 -43.57 58.81
N ARG M 436 -86.86 -42.73 57.89
CA ARG M 436 -86.08 -43.15 56.73
C ARG M 436 -84.93 -42.16 56.59
N PHE M 437 -83.69 -42.62 56.78
CA PHE M 437 -82.53 -41.75 56.77
C PHE M 437 -81.31 -42.59 57.11
N PRO M 438 -80.09 -42.05 57.01
CA PRO M 438 -78.93 -42.86 57.40
C PRO M 438 -79.06 -43.36 58.83
N THR M 439 -78.83 -44.65 58.99
CA THR M 439 -79.10 -45.36 60.23
C THR M 439 -78.05 -45.01 61.28
N LEU M 440 -78.01 -45.79 62.37
CA LEU M 440 -77.17 -45.49 63.52
C LEU M 440 -77.61 -44.17 64.15
N ILE M 441 -78.78 -44.21 64.80
CA ILE M 441 -79.32 -42.99 65.37
C ILE M 441 -78.33 -42.41 66.35
N ASN M 442 -77.93 -41.16 66.13
CA ASN M 442 -77.13 -40.40 67.06
C ASN M 442 -77.94 -39.37 67.85
N ILE M 443 -79.25 -39.34 67.66
CA ILE M 443 -80.03 -38.19 68.09
C ILE M 443 -79.99 -38.01 69.59
N ASN M 444 -79.87 -36.76 70.03
CA ASN M 444 -79.93 -36.40 71.44
C ASN M 444 -80.70 -35.10 71.59
N GLU M 445 -81.71 -35.12 72.44
CA GLU M 445 -82.35 -33.89 72.87
C GLU M 445 -81.89 -33.41 74.24
N ASN M 446 -81.05 -34.15 74.94
CA ASN M 446 -80.83 -33.90 76.35
C ASN M 446 -79.66 -32.94 76.51
N ASN M 447 -79.95 -31.71 76.95
CA ASN M 447 -78.96 -30.68 77.20
C ASN M 447 -79.71 -29.43 77.63
N PRO M 448 -79.31 -28.76 78.72
CA PRO M 448 -80.08 -27.61 79.18
C PRO M 448 -80.04 -26.45 78.23
N PHE M 449 -79.04 -26.40 77.35
CA PHE M 449 -78.90 -25.28 76.44
C PHE M 449 -80.05 -25.21 75.45
N LEU M 450 -80.29 -26.29 74.72
CA LEU M 450 -81.43 -26.25 73.80
C LEU M 450 -82.73 -26.06 74.58
N ILE M 451 -83.13 -27.06 75.38
CA ILE M 451 -84.43 -27.01 76.06
C ILE M 451 -84.63 -25.67 76.74
N ASN M 452 -83.58 -25.11 77.33
CA ASN M 452 -83.76 -23.79 77.92
C ASN M 452 -83.99 -22.75 76.84
N SER M 453 -83.24 -22.82 75.74
CA SER M 453 -83.41 -21.86 74.67
C SER M 453 -84.82 -21.90 74.09
N ILE M 454 -85.11 -22.95 73.33
CA ILE M 454 -86.43 -23.11 72.72
C ILE M 454 -87.51 -22.92 73.76
N LYS M 455 -87.25 -23.42 74.97
CA LYS M 455 -88.11 -23.25 76.12
C LYS M 455 -88.52 -21.79 76.23
N ARG M 456 -87.55 -20.95 76.60
CA ARG M 456 -87.85 -19.54 76.83
C ARG M 456 -88.44 -18.89 75.61
N LEU M 457 -88.04 -19.31 74.42
CA LEU M 457 -88.53 -18.62 73.24
C LEU M 457 -90.00 -18.95 72.98
N LEU M 458 -90.42 -20.18 73.28
CA LEU M 458 -91.82 -20.52 73.10
C LEU M 458 -92.69 -20.04 74.26
N ILE M 459 -92.23 -20.21 75.50
CA ILE M 459 -92.96 -19.63 76.62
C ILE M 459 -93.21 -18.15 76.37
N GLY M 460 -92.17 -17.44 75.92
CA GLY M 460 -92.36 -16.04 75.59
C GLY M 460 -93.28 -15.84 74.41
N SER M 461 -93.05 -16.59 73.33
CA SER M 461 -93.75 -16.35 72.07
C SER M 461 -95.26 -16.29 72.26
N LEU M 462 -95.82 -17.33 72.87
CA LEU M 462 -97.27 -17.39 73.06
C LEU M 462 -97.76 -16.30 74.01
N PHE M 463 -96.92 -15.88 74.96
CA PHE M 463 -97.29 -14.80 75.85
C PHE M 463 -96.75 -13.44 75.40
N ALA M 464 -95.83 -13.40 74.43
CA ALA M 464 -95.28 -12.11 74.00
C ALA M 464 -96.23 -11.40 73.04
N GLY M 465 -96.70 -12.12 72.02
CA GLY M 465 -97.66 -11.52 71.11
C GLY M 465 -98.91 -11.04 71.79
N PHE M 466 -99.22 -11.59 72.97
CA PHE M 466 -100.38 -11.14 73.71
C PHE M 466 -100.12 -9.84 74.45
N ILE M 467 -98.89 -9.62 74.93
CA ILE M 467 -98.57 -8.31 75.48
C ILE M 467 -98.52 -7.27 74.38
N ILE M 468 -97.86 -7.61 73.27
CA ILE M 468 -97.82 -6.71 72.14
C ILE M 468 -99.22 -6.49 71.59
N SER M 469 -100.15 -7.40 71.88
CA SER M 469 -101.50 -7.31 71.36
C SER M 469 -102.17 -6.01 71.75
N ASN M 470 -102.55 -5.86 73.02
CA ASN M 470 -103.29 -4.69 73.46
C ASN M 470 -102.42 -3.63 74.15
N ASN M 471 -101.10 -3.81 74.20
CA ASN M 471 -100.25 -2.62 74.38
C ASN M 471 -99.75 -2.28 72.99
N ILE M 472 -100.52 -1.43 72.32
CA ILE M 472 -100.17 -0.83 71.04
C ILE M 472 -100.99 0.45 70.96
N PRO M 473 -100.56 1.55 71.57
CA PRO M 473 -101.44 2.72 71.70
C PRO M 473 -102.09 3.02 70.36
N PRO M 474 -103.42 3.15 70.32
CA PRO M 474 -104.12 3.05 69.04
C PRO M 474 -103.71 4.16 68.10
N MET M 475 -103.23 3.77 66.92
CA MET M 475 -102.70 4.67 65.94
C MET M 475 -103.66 4.98 64.79
N THR M 476 -104.82 4.34 64.75
CA THR M 476 -105.77 4.53 63.66
C THR M 476 -107.09 3.87 64.04
N ILE M 477 -108.05 3.95 63.13
CA ILE M 477 -109.36 3.34 63.31
C ILE M 477 -109.28 1.92 62.74
N PRO M 478 -109.34 0.88 63.58
CA PRO M 478 -109.42 -0.47 63.04
C PRO M 478 -110.72 -0.64 62.28
N GLN M 479 -110.71 -1.54 61.30
CA GLN M 479 -111.93 -1.82 60.56
C GLN M 479 -113.02 -2.22 61.53
N MET M 480 -112.91 -3.42 62.09
CA MET M 480 -113.66 -3.83 63.28
C MET M 480 -115.16 -3.92 62.96
N THR M 481 -115.56 -3.35 61.82
CA THR M 481 -116.83 -3.65 61.19
C THR M 481 -116.48 -4.31 59.86
N MET M 482 -116.58 -5.63 59.81
CA MET M 482 -116.03 -6.42 58.72
C MET M 482 -117.12 -7.23 58.03
N PRO M 483 -117.39 -6.98 56.75
CA PRO M 483 -118.56 -7.59 56.11
C PRO M 483 -118.38 -9.09 55.91
N HIS M 484 -119.51 -9.77 55.77
CA HIS M 484 -119.47 -11.18 55.36
C HIS M 484 -118.67 -11.32 54.07
N TYR M 485 -117.99 -12.45 53.95
CA TYR M 485 -117.17 -12.89 52.83
C TYR M 485 -115.94 -12.00 52.63
N LEU M 486 -115.95 -10.79 53.20
CA LEU M 486 -114.74 -10.02 53.43
C LEU M 486 -114.27 -10.11 54.88
N LYS M 487 -115.03 -10.78 55.75
CA LYS M 487 -114.59 -11.08 57.10
C LYS M 487 -114.13 -12.53 57.19
N MET M 488 -115.02 -13.46 56.88
CA MET M 488 -114.82 -14.88 57.09
C MET M 488 -113.64 -15.44 56.32
N THR M 489 -113.05 -14.70 55.40
CA THR M 489 -111.86 -15.20 54.72
C THR M 489 -110.65 -14.55 55.37
N ALA M 490 -110.10 -15.26 56.35
CA ALA M 490 -108.74 -15.09 56.83
C ALA M 490 -108.23 -16.48 57.15
N LEU M 491 -108.82 -17.03 58.21
CA LEU M 491 -108.63 -18.41 58.58
C LEU M 491 -109.08 -19.33 57.45
N THR M 492 -110.19 -18.98 56.79
CA THR M 492 -110.82 -19.89 55.83
C THR M 492 -109.88 -20.23 54.69
N VAL M 493 -109.10 -19.26 54.22
CA VAL M 493 -108.15 -19.55 53.15
C VAL M 493 -107.05 -20.48 53.65
N THR M 494 -106.58 -20.25 54.88
CA THR M 494 -105.60 -21.16 55.44
C THR M 494 -106.15 -22.57 55.54
N ILE M 495 -107.47 -22.71 55.71
CA ILE M 495 -108.02 -24.07 55.68
C ILE M 495 -108.22 -24.57 54.26
N LEU M 496 -108.51 -23.70 53.28
CA LEU M 496 -108.68 -24.23 51.92
C LEU M 496 -107.36 -24.72 51.37
N GLY M 497 -106.27 -23.98 51.60
CA GLY M 497 -104.96 -24.47 51.21
C GLY M 497 -104.46 -25.55 52.13
N PHE M 498 -104.85 -25.50 53.41
CA PHE M 498 -104.54 -26.55 54.37
C PHE M 498 -105.06 -27.90 53.87
N ILE M 499 -106.37 -27.96 53.60
CA ILE M 499 -106.99 -29.17 53.07
C ILE M 499 -106.41 -29.50 51.70
N LEU M 500 -106.27 -28.49 50.84
CA LEU M 500 -105.88 -28.76 49.47
C LEU M 500 -104.51 -29.40 49.39
N ALA M 501 -103.51 -28.78 50.03
CA ALA M 501 -102.18 -29.39 50.08
C ALA M 501 -102.22 -30.71 50.83
N LEU M 502 -103.02 -30.78 51.90
CA LEU M 502 -103.19 -32.02 52.64
C LEU M 502 -103.48 -33.18 51.70
N GLU M 503 -104.52 -33.04 50.87
CA GLU M 503 -104.83 -34.08 49.91
C GLU M 503 -103.83 -34.13 48.76
N ILE M 504 -103.02 -33.09 48.56
CA ILE M 504 -101.99 -33.16 47.52
C ILE M 504 -100.94 -34.20 47.89
N SER M 505 -100.32 -34.05 49.06
CA SER M 505 -99.24 -34.98 49.38
C SER M 505 -99.68 -36.15 50.24
N ASN M 506 -100.94 -36.20 50.67
CA ASN M 506 -101.46 -37.38 51.33
C ASN M 506 -101.92 -38.40 50.29
N THR M 507 -101.95 -39.67 50.70
CA THR M 507 -102.45 -40.78 49.87
C THR M 507 -101.88 -40.73 48.46
N THR M 508 -100.58 -40.45 48.35
CA THR M 508 -99.95 -40.34 47.04
C THR M 508 -99.85 -41.72 46.41
N HIS M 509 -100.24 -41.81 45.14
CA HIS M 509 -100.18 -43.04 44.37
C HIS M 509 -98.76 -43.22 43.84
N TYR M 510 -98.58 -44.14 42.90
CA TYR M 510 -97.27 -44.40 42.31
C TYR M 510 -96.65 -43.12 41.78
N LEU M 511 -95.40 -42.87 42.19
CA LEU M 511 -94.64 -41.71 41.75
C LEU M 511 -93.34 -42.20 41.15
N LYS M 512 -93.20 -42.08 39.83
CA LYS M 512 -92.04 -42.59 39.11
C LYS M 512 -91.97 -41.90 37.76
N PHE M 513 -90.81 -42.01 37.12
CA PHE M 513 -90.58 -41.50 35.77
C PHE M 513 -90.85 -39.99 35.75
N ASN M 514 -91.85 -39.53 35.00
CA ASN M 514 -91.99 -38.12 34.68
C ASN M 514 -92.54 -37.31 35.86
N TYR M 515 -92.24 -36.02 35.83
CA TYR M 515 -92.83 -35.02 36.72
C TYR M 515 -93.31 -33.86 35.87
N PRO M 516 -93.94 -32.85 36.45
CA PRO M 516 -94.54 -31.79 35.61
C PRO M 516 -93.51 -30.80 35.08
N SER M 517 -93.98 -29.86 34.27
CA SER M 517 -93.13 -28.75 33.83
C SER M 517 -93.09 -27.69 34.93
N ASN M 518 -94.17 -27.60 35.70
CA ASN M 518 -94.23 -26.63 36.78
C ASN M 518 -93.22 -26.96 37.88
N THR M 519 -93.02 -28.23 38.18
CA THR M 519 -92.01 -28.60 39.17
C THR M 519 -90.62 -28.19 38.71
N PHE M 520 -90.37 -28.21 37.40
CA PHE M 520 -89.12 -27.67 36.88
C PHE M 520 -89.11 -26.15 36.87
N LYS M 521 -90.28 -25.51 36.85
CA LYS M 521 -90.39 -24.08 37.08
C LYS M 521 -90.69 -23.75 38.54
N PHE M 522 -90.90 -24.75 39.38
CA PHE M 522 -91.04 -24.52 40.82
C PHE M 522 -89.68 -24.34 41.49
N SER M 523 -88.71 -25.16 41.12
CA SER M 523 -87.32 -24.86 41.47
C SER M 523 -87.01 -23.49 40.90
N ASN M 524 -86.90 -23.41 39.58
CA ASN M 524 -87.25 -22.22 38.78
C ASN M 524 -86.91 -22.44 37.32
N LEU M 525 -87.57 -21.67 36.44
CA LEU M 525 -86.93 -21.24 35.21
C LEU M 525 -86.13 -20.01 35.59
N LEU M 526 -84.82 -20.06 35.40
CA LEU M 526 -83.91 -19.41 36.32
C LEU M 526 -84.23 -17.93 36.50
N GLY M 527 -84.48 -17.58 37.76
CA GLY M 527 -84.33 -16.23 38.27
C GLY M 527 -83.09 -16.12 39.11
N TYR M 528 -82.49 -17.25 39.48
CA TYR M 528 -81.21 -17.31 40.15
C TYR M 528 -80.07 -17.42 39.15
N TYR M 529 -80.04 -18.51 38.38
CA TYR M 529 -78.98 -18.69 37.39
C TYR M 529 -79.01 -17.66 36.28
N PRO M 530 -80.15 -17.24 35.74
CA PRO M 530 -80.14 -16.27 34.64
C PRO M 530 -79.52 -14.94 35.04
N THR M 531 -79.92 -14.41 36.19
CA THR M 531 -79.42 -13.10 36.61
C THR M 531 -77.99 -13.18 37.12
N ILE M 532 -77.63 -14.26 37.81
CA ILE M 532 -76.29 -14.37 38.38
C ILE M 532 -75.27 -14.67 37.29
N MET M 533 -75.55 -15.67 36.45
CA MET M 533 -74.62 -16.00 35.37
C MET M 533 -74.61 -14.91 34.30
N HIS M 534 -75.79 -14.58 33.77
CA HIS M 534 -75.90 -13.49 32.80
C HIS M 534 -75.23 -12.22 33.32
N ARG M 535 -75.71 -11.71 34.45
CA ARG M 535 -75.14 -10.48 35.02
C ARG M 535 -73.69 -10.66 35.42
N LEU M 536 -73.21 -11.90 35.46
CA LEU M 536 -71.79 -12.14 35.74
C LEU M 536 -70.95 -11.92 34.49
N THR M 537 -71.44 -12.35 33.34
CA THR M 537 -70.72 -12.12 32.09
C THR M 537 -70.59 -10.65 31.70
N PRO M 538 -71.59 -9.79 31.95
CA PRO M 538 -71.55 -8.45 31.36
C PRO M 538 -70.35 -7.62 31.77
N TYR M 539 -69.93 -7.69 33.03
CA TYR M 539 -68.75 -6.93 33.45
C TYR M 539 -67.50 -7.39 32.71
N MET M 540 -67.44 -8.68 32.36
CA MET M 540 -66.33 -9.17 31.54
C MET M 540 -66.41 -8.62 30.12
N ASN M 541 -67.63 -8.51 29.57
CA ASN M 541 -67.78 -7.82 28.30
C ASN M 541 -67.25 -6.39 28.39
N LEU M 542 -67.58 -5.69 29.48
CA LEU M 542 -67.05 -4.34 29.68
C LEU M 542 -65.53 -4.37 29.85
N THR M 543 -64.97 -5.51 30.26
CA THR M 543 -63.52 -5.64 30.25
C THR M 543 -62.98 -5.80 28.83
N MET M 544 -63.79 -6.36 27.92
CA MET M 544 -63.40 -6.38 26.51
C MET M 544 -63.41 -4.98 25.90
N SER M 545 -64.47 -4.22 26.17
CA SER M 545 -64.47 -2.82 25.74
C SER M 545 -63.32 -2.05 26.39
N GLN M 546 -62.97 -2.42 27.64
CA GLN M 546 -61.80 -1.81 28.29
C GLN M 546 -60.53 -2.16 27.55
N LYS M 547 -60.45 -3.37 26.98
CA LYS M 547 -59.34 -3.69 26.10
C LYS M 547 -59.43 -2.90 24.80
N SER M 548 -60.62 -2.42 24.45
CA SER M 548 -60.73 -1.55 23.28
C SER M 548 -60.14 -0.17 23.56
N ALA M 549 -60.45 0.42 24.72
CA ALA M 549 -59.90 1.74 25.03
C ALA M 549 -58.42 1.64 25.38
N SER M 550 -57.98 0.52 25.96
CA SER M 550 -56.57 0.37 26.31
C SER M 550 -55.73 0.05 25.08
N SER M 551 -56.21 -0.86 24.23
CA SER M 551 -55.50 -1.16 22.99
C SER M 551 -55.54 0.01 22.01
N LEU M 552 -56.58 0.85 22.10
CA LEU M 552 -56.61 2.05 21.28
C LEU M 552 -55.73 3.14 21.88
N LEU M 553 -55.53 3.11 23.19
CA LEU M 553 -54.68 4.11 23.84
C LEU M 553 -53.20 3.82 23.57
N ASP M 554 -52.78 2.57 23.76
CA ASP M 554 -51.41 2.19 23.44
C ASP M 554 -51.23 1.92 21.94
N LEU M 555 -52.33 1.85 21.18
CA LEU M 555 -52.26 1.85 19.73
C LEU M 555 -52.11 3.25 19.16
N ILE M 556 -52.63 4.25 19.87
CA ILE M 556 -52.40 5.64 19.49
C ILE M 556 -51.02 6.11 19.95
N TRP M 557 -50.64 5.72 21.17
CA TRP M 557 -49.25 5.95 21.60
C TRP M 557 -48.28 5.15 20.76
N LEU M 558 -48.71 3.98 20.27
CA LEU M 558 -47.96 3.24 19.27
C LEU M 558 -48.07 3.89 17.89
N GLU M 559 -49.02 4.81 17.71
CA GLU M 559 -49.02 5.65 16.53
C GLU M 559 -48.11 6.87 16.70
N THR M 560 -47.77 7.23 17.94
CA THR M 560 -46.76 8.25 18.19
C THR M 560 -45.36 7.67 18.10
N ILE M 561 -45.15 6.46 18.63
CA ILE M 561 -43.88 5.76 18.45
C ILE M 561 -43.72 5.23 17.04
N LEU M 562 -44.83 4.91 16.36
CA LEU M 562 -44.86 4.70 14.92
C LEU M 562 -44.55 6.03 14.26
N PRO M 563 -45.05 7.15 14.79
CA PRO M 563 -44.54 8.46 14.38
C PRO M 563 -43.14 8.78 14.88
N LYS M 564 -42.65 8.11 15.92
CA LYS M 564 -41.22 8.09 16.23
C LYS M 564 -40.45 7.09 15.39
N THR M 565 -41.09 5.98 15.00
CA THR M 565 -40.44 5.04 14.08
C THR M 565 -40.19 5.69 12.71
N ILE M 566 -41.23 6.29 12.13
CA ILE M 566 -41.12 6.98 10.85
C ILE M 566 -40.78 8.46 11.05
N SER M 567 -40.64 8.91 12.29
CA SER M 567 -39.94 10.15 12.57
C SER M 567 -38.44 9.97 12.57
N LEU M 568 -37.95 8.81 13.02
CA LEU M 568 -36.58 8.43 12.71
C LEU M 568 -36.33 8.52 11.21
N ALA M 569 -37.37 8.35 10.40
CA ALA M 569 -37.25 8.62 8.97
C ALA M 569 -37.08 10.11 8.72
N GLN M 570 -37.70 10.96 9.54
CA GLN M 570 -37.40 12.38 9.45
C GLN M 570 -35.95 12.66 9.83
N MET M 571 -35.35 11.79 10.64
CA MET M 571 -33.89 11.71 10.76
C MET M 571 -33.25 10.91 9.64
N LYS M 572 -33.85 9.79 9.25
CA LYS M 572 -33.36 8.99 8.14
C LYS M 572 -33.60 9.63 6.78
N MET M 573 -34.34 10.74 6.73
CA MET M 573 -34.42 11.52 5.51
C MET M 573 -33.05 12.02 5.07
N SER M 574 -32.07 12.01 5.98
CA SER M 574 -30.68 12.21 5.60
C SER M 574 -30.22 11.03 4.74
N THR M 575 -29.66 11.33 3.58
CA THR M 575 -29.10 10.32 2.70
C THR M 575 -27.62 10.05 2.98
N THR M 576 -27.04 10.77 3.95
CA THR M 576 -25.65 10.59 4.38
C THR M 576 -24.65 10.79 3.25
N ILE M 577 -25.02 11.56 2.23
CA ILE M 577 -24.20 11.77 1.06
C ILE M 577 -23.66 13.19 1.10
N THR M 578 -22.34 13.33 0.97
CA THR M 578 -21.69 14.63 0.96
C THR M 578 -22.09 15.48 -0.24
N SER M 579 -22.62 14.88 -1.30
CA SER M 579 -23.15 15.62 -2.42
C SER M 579 -24.63 15.97 -2.24
N GLN M 580 -25.19 15.64 -1.09
CA GLN M 580 -26.59 15.86 -0.78
C GLN M 580 -26.81 17.02 0.19
N LYS M 581 -26.30 16.91 1.42
CA LYS M 581 -26.51 17.95 2.41
C LYS M 581 -25.60 19.15 2.20
N GLY M 582 -24.41 18.94 1.63
CA GLY M 582 -23.54 20.05 1.35
C GLY M 582 -24.06 20.93 0.22
N LEU M 583 -24.30 20.33 -0.94
CA LEU M 583 -24.75 21.12 -2.09
C LEU M 583 -26.23 21.47 -2.00
N ILE M 584 -27.00 20.64 -1.29
CA ILE M 584 -28.41 20.98 -1.06
C ILE M 584 -28.53 22.04 0.02
N LYS M 585 -27.62 22.05 1.00
CA LYS M 585 -27.60 23.13 1.97
C LYS M 585 -27.04 24.41 1.35
N LEU M 586 -26.25 24.28 0.28
CA LEU M 586 -25.79 25.46 -0.44
C LEU M 586 -26.90 26.03 -1.33
N TYR M 587 -27.59 25.17 -2.07
CA TYR M 587 -28.70 25.63 -2.90
C TYR M 587 -29.83 26.17 -2.05
N PHE M 588 -30.29 25.39 -1.08
CA PHE M 588 -31.32 25.84 -0.16
C PHE M 588 -30.83 26.93 0.80
N LEU M 589 -29.51 27.13 0.91
CA LEU M 589 -28.98 28.29 1.61
C LEU M 589 -29.13 29.55 0.76
N SER M 590 -28.81 29.45 -0.53
CA SER M 590 -29.20 30.50 -1.47
C SER M 590 -30.70 30.65 -1.54
N PHE M 591 -31.45 29.66 -1.05
CA PHE M 591 -32.88 29.78 -0.83
C PHE M 591 -33.21 30.33 0.55
N LEU M 592 -32.22 30.40 1.44
CA LEU M 592 -32.36 31.22 2.64
C LEU M 592 -32.08 32.68 2.33
N ILE M 593 -31.29 32.95 1.30
CA ILE M 593 -31.16 34.31 0.76
C ILE M 593 -32.20 34.62 -0.30
N THR M 594 -32.91 33.60 -0.79
CA THR M 594 -34.12 33.80 -1.60
C THR M 594 -35.33 34.06 -0.72
N ILE M 595 -35.52 33.24 0.32
CA ILE M 595 -36.59 33.49 1.29
C ILE M 595 -36.28 34.76 2.07
N LEU M 596 -35.00 34.97 2.40
CA LEU M 596 -34.55 36.22 2.98
C LEU M 596 -34.53 37.36 1.97
N ILE M 597 -34.45 37.04 0.67
CA ILE M 597 -34.66 38.05 -0.36
C ILE M 597 -36.08 38.55 -0.35
N SER M 598 -37.06 37.65 -0.19
CA SER M 598 -38.43 38.00 0.16
C SER M 598 -38.82 37.16 1.36
N THR M 599 -38.99 37.80 2.52
CA THR M 599 -39.23 37.07 3.76
C THR M 599 -40.20 37.80 4.68
N MET N 1 -10.00 56.49 -28.52
CA MET N 1 -10.44 57.40 -27.48
C MET N 1 -11.68 56.84 -26.79
N MET N 2 -11.57 55.57 -26.37
CA MET N 2 -12.66 54.88 -25.69
C MET N 2 -12.77 55.33 -24.24
N THR N 3 -11.70 55.14 -23.47
CA THR N 3 -11.60 55.58 -22.07
C THR N 3 -12.66 54.94 -21.18
N TYR N 4 -13.20 53.82 -21.62
CA TYR N 4 -13.94 52.91 -20.77
C TYR N 4 -13.03 51.83 -20.19
N ILE N 5 -11.73 51.96 -20.42
CA ILE N 5 -10.78 50.86 -20.25
C ILE N 5 -10.79 50.33 -18.82
N VAL N 6 -11.15 51.15 -17.84
CA VAL N 6 -11.37 50.61 -16.50
C VAL N 6 -12.52 49.61 -16.54
N PHE N 7 -13.56 49.91 -17.32
CA PHE N 7 -14.71 49.02 -17.37
C PHE N 7 -14.44 47.82 -18.26
N ILE N 8 -13.69 48.00 -19.35
CA ILE N 8 -13.29 46.84 -20.14
C ILE N 8 -12.47 45.88 -19.28
N LEU N 9 -11.46 46.42 -18.59
CA LEU N 9 -10.65 45.56 -17.74
C LEU N 9 -11.49 44.92 -16.64
N SER N 10 -12.43 45.66 -16.07
CA SER N 10 -13.36 45.05 -15.13
C SER N 10 -14.08 43.87 -15.76
N ILE N 11 -14.51 44.02 -17.01
CA ILE N 11 -15.31 42.98 -17.66
C ILE N 11 -14.46 41.74 -17.94
N ILE N 12 -13.29 41.92 -18.55
CA ILE N 12 -12.41 40.79 -18.80
C ILE N 12 -12.04 40.11 -17.49
N PHE N 13 -11.76 40.92 -16.46
CA PHE N 13 -11.52 40.40 -15.13
C PHE N 13 -12.61 39.44 -14.70
N VAL N 14 -13.87 39.86 -14.85
CA VAL N 14 -14.98 38.98 -14.51
C VAL N 14 -14.94 37.73 -15.39
N MET N 15 -14.69 37.92 -16.69
CA MET N 15 -14.73 36.81 -17.63
C MET N 15 -13.77 35.71 -17.23
N GLY N 16 -12.59 36.11 -16.75
CA GLY N 16 -11.63 35.13 -16.28
C GLY N 16 -12.23 34.16 -15.29
N PHE N 17 -12.89 34.68 -14.25
CA PHE N 17 -13.51 33.79 -13.27
C PHE N 17 -14.72 33.07 -13.86
N VAL N 18 -15.55 33.77 -14.62
CA VAL N 18 -16.77 33.20 -15.16
C VAL N 18 -16.45 31.94 -15.95
N GLY N 19 -15.76 32.09 -17.07
CA GLY N 19 -15.37 30.90 -17.80
C GLY N 19 -14.35 30.05 -17.09
N PHE N 20 -13.74 30.58 -16.04
CA PHE N 20 -12.66 29.90 -15.35
C PHE N 20 -13.12 28.81 -14.40
N SER N 21 -14.07 29.13 -13.51
CA SER N 21 -14.19 28.41 -12.24
C SER N 21 -14.52 26.94 -12.43
N SER N 22 -14.92 26.53 -13.62
CA SER N 22 -15.27 25.13 -13.87
C SER N 22 -14.04 24.37 -14.35
N LYS N 23 -14.27 23.17 -14.85
CA LYS N 23 -13.31 22.16 -15.31
C LYS N 23 -12.57 21.56 -14.13
N PRO N 24 -12.17 20.29 -14.23
CA PRO N 24 -11.61 19.59 -13.06
C PRO N 24 -10.19 20.01 -12.69
N SER N 25 -9.44 20.65 -13.59
CA SER N 25 -8.05 20.67 -13.16
C SER N 25 -7.57 22.06 -12.82
N PRO N 26 -6.72 22.19 -11.80
CA PRO N 26 -6.12 23.49 -11.49
C PRO N 26 -5.06 23.93 -12.47
N ILE N 27 -4.50 23.00 -13.25
CA ILE N 27 -3.39 23.33 -14.14
C ILE N 27 -3.74 24.52 -15.02
N TYR N 28 -4.99 24.60 -15.46
CA TYR N 28 -5.50 25.81 -16.07
C TYR N 28 -6.02 26.80 -15.04
N GLY N 29 -6.21 26.36 -13.80
CA GLY N 29 -6.54 27.28 -12.73
C GLY N 29 -5.54 28.41 -12.64
N GLY N 30 -4.26 28.06 -12.58
CA GLY N 30 -3.22 29.08 -12.54
C GLY N 30 -3.37 30.10 -13.65
N LEU N 31 -3.58 29.62 -14.88
CA LEU N 31 -3.78 30.52 -16.01
C LEU N 31 -4.95 31.47 -15.76
N GLY N 32 -6.11 30.91 -15.45
CA GLY N 32 -7.28 31.76 -15.22
C GLY N 32 -7.01 32.85 -14.20
N LEU N 33 -6.52 32.46 -13.02
CA LEU N 33 -6.21 33.48 -12.01
C LEU N 33 -5.24 34.51 -12.57
N ILE N 34 -4.01 34.09 -12.90
CA ILE N 34 -2.98 35.05 -13.26
C ILE N 34 -3.47 36.03 -14.33
N VAL N 35 -4.29 35.55 -15.25
CA VAL N 35 -4.93 36.48 -16.19
C VAL N 35 -5.78 37.49 -15.42
N SER N 36 -6.72 37.00 -14.62
CA SER N 36 -7.61 37.92 -13.93
C SER N 36 -6.86 38.88 -13.02
N GLY N 37 -5.82 38.39 -12.34
CA GLY N 37 -5.07 39.23 -11.43
C GLY N 37 -4.30 40.31 -12.16
N GLY N 38 -3.60 39.94 -13.23
CA GLY N 38 -2.93 40.95 -14.03
C GLY N 38 -3.90 42.01 -14.53
N VAL N 39 -5.09 41.58 -14.95
CA VAL N 39 -6.12 42.56 -15.25
C VAL N 39 -6.43 43.39 -14.02
N GLY N 40 -6.31 42.78 -12.83
CA GLY N 40 -6.50 43.53 -11.60
C GLY N 40 -5.48 44.65 -11.45
N CYS N 41 -4.22 44.36 -11.77
CA CYS N 41 -3.26 45.43 -11.97
C CYS N 41 -3.83 46.46 -12.92
N GLY N 42 -4.48 46.01 -13.98
CA GLY N 42 -5.09 46.96 -14.91
C GLY N 42 -6.01 47.93 -14.23
N ILE N 43 -6.99 47.42 -13.49
CA ILE N 43 -7.97 48.24 -12.79
C ILE N 43 -7.27 49.17 -11.82
N VAL N 44 -6.63 48.58 -10.80
CA VAL N 44 -6.01 49.34 -9.72
C VAL N 44 -5.12 50.43 -10.28
N LEU N 45 -4.30 50.09 -11.27
CA LEU N 45 -3.43 51.09 -11.88
C LEU N 45 -4.25 52.19 -12.54
N ASN N 46 -5.27 51.82 -13.31
CA ASN N 46 -6.06 52.82 -13.99
C ASN N 46 -6.85 53.71 -13.04
N PHE N 47 -6.95 53.37 -11.77
CA PHE N 47 -7.32 54.37 -10.77
C PHE N 47 -6.12 55.06 -10.15
N GLY N 48 -4.92 54.81 -10.65
CA GLY N 48 -3.77 55.44 -10.06
C GLY N 48 -3.29 54.78 -8.79
N GLY N 49 -3.46 53.46 -8.70
CA GLY N 49 -3.12 52.69 -7.53
C GLY N 49 -1.69 52.19 -7.56
N SER N 50 -0.81 52.94 -8.23
CA SER N 50 0.40 52.38 -8.83
C SER N 50 1.14 51.41 -7.93
N PHE N 51 1.43 51.81 -6.69
CA PHE N 51 2.19 50.92 -5.82
C PHE N 51 1.40 49.67 -5.50
N LEU N 52 0.18 49.84 -5.01
CA LEU N 52 -0.66 48.69 -4.66
C LEU N 52 -0.79 47.74 -5.84
N GLY N 53 -1.10 48.28 -7.02
CA GLY N 53 -1.11 47.45 -8.22
C GLY N 53 0.17 46.69 -8.41
N LEU N 54 1.31 47.33 -8.18
CA LEU N 54 2.57 46.61 -8.28
C LEU N 54 2.74 45.57 -7.18
N MET N 55 2.05 45.71 -6.06
CA MET N 55 2.18 44.70 -5.02
C MET N 55 1.32 43.48 -5.32
N VAL N 56 0.12 43.68 -5.88
CA VAL N 56 -0.61 42.53 -6.38
C VAL N 56 0.07 41.99 -7.62
N PHE N 57 0.97 42.76 -8.20
CA PHE N 57 1.77 42.32 -9.33
C PHE N 57 3.07 41.67 -8.89
N LEU N 58 3.40 41.73 -7.61
CA LEU N 58 4.58 41.06 -7.06
C LEU N 58 4.15 39.90 -6.17
N ILE N 59 3.62 40.19 -4.99
CA ILE N 59 3.25 39.14 -4.04
C ILE N 59 2.30 38.15 -4.69
N TYR N 60 1.11 38.60 -5.05
CA TYR N 60 0.07 37.66 -5.45
C TYR N 60 0.43 36.94 -6.75
N LEU N 61 0.72 37.69 -7.81
CA LEU N 61 1.12 37.06 -9.06
C LEU N 61 2.35 36.18 -8.85
N GLY N 62 3.47 36.77 -8.49
CA GLY N 62 4.67 35.98 -8.32
C GLY N 62 4.60 35.01 -7.18
N GLY N 63 4.45 35.52 -5.96
CA GLY N 63 4.52 34.63 -4.81
C GLY N 63 3.39 33.62 -4.77
N MET N 64 2.15 34.08 -4.71
CA MET N 64 1.02 33.15 -4.65
C MET N 64 1.00 32.21 -5.83
N MET N 65 0.73 32.74 -7.02
CA MET N 65 0.47 31.85 -8.15
C MET N 65 1.69 31.01 -8.49
N VAL N 66 2.91 31.52 -8.26
CA VAL N 66 4.07 30.67 -8.47
C VAL N 66 4.10 29.51 -7.48
N VAL N 67 3.77 29.78 -6.22
CA VAL N 67 3.79 28.68 -5.26
C VAL N 67 2.68 27.68 -5.54
N PHE N 68 1.48 28.18 -5.86
CA PHE N 68 0.41 27.28 -6.31
C PHE N 68 0.88 26.40 -7.45
N GLY N 69 1.15 26.99 -8.61
CA GLY N 69 1.55 26.22 -9.75
C GLY N 69 2.71 25.31 -9.46
N TYR N 70 3.51 25.67 -8.45
CA TYR N 70 4.62 24.82 -8.05
C TYR N 70 4.12 23.57 -7.36
N THR N 71 3.19 23.73 -6.40
CA THR N 71 2.65 22.57 -5.70
C THR N 71 1.80 21.71 -6.63
N THR N 72 0.83 22.34 -7.31
CA THR N 72 0.03 21.64 -8.30
C THR N 72 0.92 20.86 -9.27
N ALA N 73 1.92 21.53 -9.83
CA ALA N 73 2.84 20.85 -10.73
C ALA N 73 3.53 19.69 -10.03
N MET N 74 3.82 19.84 -8.75
CA MET N 74 4.50 18.76 -8.02
C MET N 74 3.53 17.68 -7.59
N ALA N 75 2.36 18.07 -7.07
CA ALA N 75 1.43 17.08 -6.54
C ALA N 75 0.81 16.24 -7.65
N THR N 76 0.22 16.90 -8.64
CA THR N 76 -0.42 16.21 -9.75
C THR N 76 0.52 16.17 -10.95
N GLU N 77 0.57 15.02 -11.61
CA GLU N 77 1.26 14.88 -12.87
C GLU N 77 0.24 14.63 -13.97
N GLN N 78 0.36 15.39 -15.05
CA GLN N 78 -0.63 15.30 -16.12
C GLN N 78 -0.01 14.68 -17.36
N TYR N 79 -0.37 13.41 -17.61
CA TYR N 79 -0.11 12.82 -18.92
C TYR N 79 -1.02 13.44 -19.97
N PRO N 80 -2.35 13.26 -19.84
CA PRO N 80 -3.25 13.70 -20.92
C PRO N 80 -3.41 15.21 -21.05
N GLU N 81 -3.67 15.88 -19.93
CA GLU N 81 -4.00 17.30 -19.92
C GLU N 81 -4.94 17.67 -21.06
N VAL N 82 -6.18 17.18 -21.03
CA VAL N 82 -7.12 17.37 -22.14
C VAL N 82 -8.00 18.60 -21.88
N TRP N 83 -9.02 18.78 -22.73
CA TRP N 83 -10.00 19.84 -22.56
C TRP N 83 -11.04 19.51 -21.49
N VAL N 84 -11.08 18.26 -21.03
CA VAL N 84 -11.89 17.84 -19.88
C VAL N 84 -13.36 18.17 -20.08
N SER N 85 -14.00 18.67 -19.02
CA SER N 85 -15.45 18.80 -19.00
C SER N 85 -15.82 19.91 -18.01
N ASN N 86 -17.11 19.99 -17.66
CA ASN N 86 -17.65 20.87 -16.62
C ASN N 86 -17.74 22.32 -17.04
N LYS N 87 -17.10 22.69 -18.15
CA LYS N 87 -17.13 24.07 -18.63
C LYS N 87 -18.51 24.49 -19.13
N VAL N 88 -19.46 23.56 -19.23
CA VAL N 88 -20.78 23.88 -19.78
C VAL N 88 -21.46 24.96 -18.95
N VAL N 89 -21.56 24.75 -17.64
CA VAL N 89 -22.19 25.74 -16.79
C VAL N 89 -21.38 27.03 -16.71
N LEU N 90 -20.07 26.95 -16.97
CA LEU N 90 -19.26 28.16 -17.00
C LEU N 90 -19.59 29.03 -18.20
N GLY N 91 -19.73 28.42 -19.37
CA GLY N 91 -20.14 29.17 -20.55
C GLY N 91 -21.59 29.60 -20.49
N THR N 92 -22.45 28.76 -19.90
CA THR N 92 -23.85 29.14 -19.76
C THR N 92 -24.04 30.25 -18.74
N PHE N 93 -23.14 30.35 -17.76
CA PHE N 93 -23.08 31.50 -16.87
C PHE N 93 -22.29 32.65 -17.48
N ILE N 94 -21.58 32.41 -18.57
CA ILE N 94 -21.05 33.50 -19.38
C ILE N 94 -22.12 34.08 -20.29
N THR N 95 -23.15 33.30 -20.62
CA THR N 95 -24.35 33.80 -21.28
C THR N 95 -25.34 34.44 -20.32
N GLY N 96 -25.57 33.84 -19.17
CA GLY N 96 -26.44 34.42 -18.16
C GLY N 96 -25.81 35.61 -17.48
N LEU N 97 -24.49 35.59 -17.35
CA LEU N 97 -23.72 36.74 -16.93
C LEU N 97 -23.30 37.62 -18.09
N LEU N 98 -23.57 37.18 -19.33
CA LEU N 98 -23.43 38.03 -20.51
C LEU N 98 -24.64 38.92 -20.74
N MET N 99 -25.87 38.39 -20.59
CA MET N 99 -27.06 39.23 -20.59
C MET N 99 -27.43 39.74 -19.22
N GLU N 100 -26.83 39.19 -18.17
CA GLU N 100 -26.90 39.79 -16.84
C GLU N 100 -25.88 40.90 -16.68
N PHE N 101 -24.65 40.69 -17.17
CA PHE N 101 -23.67 41.76 -17.19
C PHE N 101 -24.05 42.82 -18.20
N LEU N 102 -24.53 42.41 -19.37
CA LEU N 102 -25.13 43.35 -20.31
C LEU N 102 -26.48 43.88 -19.83
N MET N 103 -27.07 43.26 -18.82
CA MET N 103 -28.25 43.81 -18.18
C MET N 103 -27.91 44.90 -17.18
N VAL N 104 -26.78 44.78 -16.49
CA VAL N 104 -26.30 45.84 -15.60
C VAL N 104 -25.58 46.95 -16.37
N TYR N 105 -25.02 46.66 -17.55
CA TYR N 105 -24.46 47.68 -18.43
C TYR N 105 -25.47 48.17 -19.47
N TYR N 106 -26.66 47.59 -19.48
CA TYR N 106 -27.80 48.03 -20.28
C TYR N 106 -28.79 48.87 -19.48
N VAL N 107 -29.33 48.30 -18.41
CA VAL N 107 -30.22 48.97 -17.47
C VAL N 107 -29.47 50.10 -16.76
N LEU N 108 -28.17 50.21 -17.05
CA LEU N 108 -27.34 51.26 -16.47
C LEU N 108 -27.86 52.67 -16.75
N LYS N 109 -28.81 52.82 -17.66
CA LYS N 109 -29.46 54.11 -17.88
C LYS N 109 -30.00 54.64 -16.56
N ASP N 110 -29.64 55.86 -16.20
CA ASP N 110 -29.89 56.41 -14.87
C ASP N 110 -29.20 55.49 -13.86
N LYS N 111 -29.92 54.98 -12.87
CA LYS N 111 -29.31 54.11 -11.86
C LYS N 111 -29.77 52.67 -12.04
N GLU N 112 -28.82 51.75 -12.08
CA GLU N 112 -29.10 50.32 -12.18
C GLU N 112 -28.61 49.61 -10.93
N VAL N 113 -29.30 48.52 -10.57
CA VAL N 113 -28.98 47.75 -9.38
C VAL N 113 -29.64 46.37 -9.48
N GLU N 114 -29.58 45.60 -8.40
CA GLU N 114 -30.15 44.27 -8.34
C GLU N 114 -31.10 44.14 -7.15
N ILE N 115 -32.00 43.17 -7.23
CA ILE N 115 -32.95 42.93 -6.14
C ILE N 115 -32.47 41.88 -5.15
N VAL N 116 -31.30 41.28 -5.38
CA VAL N 116 -30.74 40.30 -4.44
C VAL N 116 -29.77 41.03 -3.52
N PHE N 117 -28.68 41.54 -4.09
CA PHE N 117 -27.64 42.21 -3.33
C PHE N 117 -28.07 43.62 -2.94
N LYS N 118 -27.12 44.40 -2.40
CA LYS N 118 -27.42 45.77 -1.98
C LYS N 118 -27.64 46.64 -3.22
N PHE N 119 -27.93 47.92 -3.01
CA PHE N 119 -28.22 48.73 -4.18
C PHE N 119 -26.93 49.01 -4.95
N ASN N 120 -27.07 49.64 -6.12
CA ASN N 120 -25.89 49.97 -6.89
C ASN N 120 -25.92 51.40 -7.42
N GLY N 121 -26.74 51.67 -8.43
CA GLY N 121 -26.63 52.89 -9.18
C GLY N 121 -25.65 52.74 -10.33
N MET N 122 -25.87 53.46 -11.42
CA MET N 122 -25.16 53.21 -12.66
C MET N 122 -25.15 54.45 -13.56
N GLY N 123 -24.84 54.25 -14.84
CA GLY N 123 -24.79 55.34 -15.80
C GLY N 123 -23.40 55.61 -16.32
N ASP N 124 -23.28 56.25 -17.48
CA ASP N 124 -21.99 56.38 -18.14
C ASP N 124 -21.44 57.76 -17.81
N TRP N 125 -20.52 57.77 -16.85
CA TRP N 125 -19.63 58.81 -16.36
C TRP N 125 -18.93 58.20 -15.15
N VAL N 126 -17.82 58.83 -14.76
CA VAL N 126 -16.94 58.27 -13.74
C VAL N 126 -16.29 59.41 -12.97
N ILE N 127 -16.12 59.20 -11.67
CA ILE N 127 -15.68 60.24 -10.73
C ILE N 127 -14.27 59.93 -10.29
N TYR N 128 -13.45 60.97 -10.13
CA TYR N 128 -12.01 60.78 -9.97
C TYR N 128 -11.40 61.93 -9.20
N ASP N 129 -10.07 62.03 -9.30
CA ASP N 129 -9.25 62.86 -8.44
C ASP N 129 -9.03 64.26 -9.03
N THR N 130 -8.98 65.23 -8.14
CA THR N 130 -8.49 66.58 -8.44
C THR N 130 -7.97 67.15 -7.13
N GLY N 131 -7.70 68.45 -7.10
CA GLY N 131 -7.19 69.06 -5.89
C GLY N 131 -5.78 68.59 -5.58
N ASP N 132 -4.88 68.86 -6.53
CA ASP N 132 -3.51 68.37 -6.46
C ASP N 132 -2.86 68.66 -5.11
N SER N 133 -2.12 67.68 -4.60
CA SER N 133 -1.28 67.85 -3.42
C SER N 133 0.17 67.73 -3.86
N GLY N 134 0.94 68.77 -3.61
CA GLY N 134 2.31 68.79 -4.10
C GLY N 134 3.19 67.72 -3.51
N PHE N 135 3.80 66.91 -4.38
CA PHE N 135 4.82 65.94 -3.99
C PHE N 135 4.28 64.88 -3.02
N PHE N 136 3.03 64.45 -3.24
CA PHE N 136 2.44 63.37 -2.48
C PHE N 136 1.95 62.27 -3.40
N SER N 137 2.22 61.03 -2.99
CA SER N 137 1.60 59.91 -3.68
C SER N 137 0.14 59.76 -3.29
N GLU N 138 -0.23 60.21 -2.09
CA GLU N 138 -1.50 59.93 -1.42
C GLU N 138 -1.64 58.47 -1.04
N GLU N 139 -0.66 57.64 -1.35
CA GLU N 139 -0.69 56.22 -1.05
C GLU N 139 0.54 55.84 -0.25
N ALA N 140 1.69 55.85 -0.95
CA ALA N 140 2.95 55.48 -0.33
C ALA N 140 3.20 56.27 0.95
N MET N 141 2.81 57.54 0.97
CA MET N 141 2.86 58.25 2.25
C MET N 141 1.95 57.57 3.26
N GLY N 142 0.80 57.07 2.80
CA GLY N 142 -0.02 56.27 3.69
C GLY N 142 0.74 55.12 4.30
N ILE N 143 1.58 54.45 3.51
CA ILE N 143 2.26 53.30 4.09
C ILE N 143 3.41 53.74 4.98
N ALA N 144 4.04 54.87 4.67
CA ALA N 144 4.90 55.51 5.66
C ALA N 144 4.15 55.68 6.97
N ALA N 145 2.85 55.94 6.90
CA ALA N 145 2.06 55.94 8.12
C ALA N 145 1.88 54.55 8.69
N LEU N 146 1.90 53.51 7.86
CA LEU N 146 1.98 52.16 8.44
C LEU N 146 3.15 52.07 9.39
N TYR N 147 4.33 52.48 8.96
CA TYR N 147 5.43 52.35 9.90
C TYR N 147 5.34 53.36 11.03
N SER N 148 4.80 54.55 10.78
CA SER N 148 4.69 55.49 11.90
C SER N 148 3.54 55.13 12.83
N TYR N 149 2.33 55.00 12.28
CA TYR N 149 1.12 54.80 13.08
C TYR N 149 0.72 53.35 13.25
N GLY N 150 1.32 52.43 12.52
CA GLY N 150 0.83 51.07 12.44
C GLY N 150 1.42 50.16 13.48
N THR N 151 1.86 50.75 14.59
CA THR N 151 2.51 50.03 15.66
C THR N 151 1.80 48.73 15.99
N TRP N 152 0.61 48.86 16.57
CA TRP N 152 -0.16 47.68 16.95
C TRP N 152 -0.42 46.79 15.75
N LEU N 153 -0.63 47.40 14.58
CA LEU N 153 -1.04 46.64 13.43
C LEU N 153 0.13 45.81 12.88
N VAL N 154 1.33 46.39 12.79
CA VAL N 154 2.46 45.59 12.35
C VAL N 154 2.83 44.56 13.40
N ILE N 155 2.56 44.85 14.67
CA ILE N 155 2.79 43.84 15.70
C ILE N 155 1.95 42.61 15.43
N VAL N 156 0.63 42.79 15.30
CA VAL N 156 -0.23 41.62 15.14
C VAL N 156 0.07 40.90 13.83
N THR N 157 0.34 41.65 12.76
CA THR N 157 0.71 40.99 11.50
C THR N 157 1.95 40.13 11.69
N GLY N 158 3.09 40.78 11.98
CA GLY N 158 4.32 40.03 12.11
C GLY N 158 4.19 38.82 13.01
N TRP N 159 3.59 39.00 14.18
CA TRP N 159 3.41 37.86 15.07
C TRP N 159 2.62 36.76 14.40
N SER N 160 1.52 37.13 13.71
CA SER N 160 0.74 36.12 13.01
C SER N 160 1.56 35.41 11.95
N LEU N 161 2.57 36.07 11.40
CA LEU N 161 3.43 35.42 10.42
C LEU N 161 4.37 34.43 11.07
N LEU N 162 5.23 34.90 11.99
CA LEU N 162 6.13 33.99 12.69
C LEU N 162 5.39 32.76 13.21
N ILE N 163 4.22 32.97 13.80
CA ILE N 163 3.33 31.84 14.06
C ILE N 163 3.05 31.10 12.76
N GLY N 164 2.95 31.83 11.65
CA GLY N 164 2.87 31.17 10.36
C GLY N 164 3.95 30.13 10.17
N VAL N 165 5.19 30.49 10.48
CA VAL N 165 6.30 29.56 10.32
C VAL N 165 6.11 28.34 11.21
N VAL N 166 5.98 28.56 12.53
CA VAL N 166 5.96 27.41 13.42
C VAL N 166 4.77 26.52 13.15
N VAL N 167 3.66 27.10 12.73
CA VAL N 167 2.50 26.30 12.36
C VAL N 167 2.80 25.45 11.15
N ILE N 168 3.28 26.07 10.07
CA ILE N 168 3.45 25.33 8.83
C ILE N 168 4.44 24.18 9.02
N MET N 169 5.63 24.49 9.54
CA MET N 169 6.60 23.41 9.72
C MET N 169 6.07 22.37 10.71
N GLU N 170 5.45 22.85 11.79
CA GLU N 170 4.84 21.97 12.78
C GLU N 170 3.89 20.97 12.12
N ILE N 171 3.17 21.41 11.09
CA ILE N 171 2.27 20.51 10.39
C ILE N 171 2.99 19.64 9.37
N THR N 172 4.15 20.08 8.88
CA THR N 172 4.96 19.25 8.01
C THR N 172 5.87 18.32 8.80
N ARG N 173 5.67 18.22 10.12
CA ARG N 173 6.30 17.20 10.94
C ARG N 173 7.81 17.33 11.07
N GLY N 174 8.25 18.35 11.79
CA GLY N 174 9.62 18.38 12.27
C GLY N 174 9.81 17.44 13.44
N ASN N 175 8.89 17.51 14.41
CA ASN N 175 8.98 16.77 15.66
C ASN N 175 10.36 16.90 16.31
N ASP O 34 130.81 -52.52 -58.41
CA ASP O 34 130.24 -51.31 -57.84
C ASP O 34 130.31 -50.14 -58.81
N ASN O 35 130.22 -50.44 -60.09
CA ASN O 35 130.15 -49.40 -61.10
C ASN O 35 128.88 -48.58 -60.91
N THR O 36 129.01 -47.26 -60.97
CA THR O 36 127.89 -46.37 -60.74
C THR O 36 127.38 -45.84 -62.08
N THR O 37 126.24 -46.38 -62.51
CA THR O 37 125.52 -45.95 -63.70
C THR O 37 124.05 -46.23 -63.45
N TYR O 38 123.18 -45.34 -63.95
CA TYR O 38 121.76 -45.53 -63.74
C TYR O 38 121.23 -46.53 -64.77
N LYS O 39 120.75 -47.67 -64.27
CA LYS O 39 120.46 -48.81 -65.12
C LYS O 39 118.99 -48.96 -65.47
N ASN O 40 118.12 -48.06 -65.03
CA ASN O 40 116.72 -48.07 -65.43
C ASN O 40 116.46 -47.24 -66.67
N LEU O 41 117.52 -46.79 -67.34
CA LEU O 41 117.37 -46.00 -68.56
C LEU O 41 116.45 -46.67 -69.58
N GLN O 42 116.30 -47.98 -69.51
CA GLN O 42 115.37 -48.67 -70.41
C GLN O 42 113.94 -48.17 -70.27
N HIS O 43 113.58 -47.55 -69.15
CA HIS O 43 112.20 -47.08 -69.02
C HIS O 43 111.93 -45.85 -69.87
N HIS O 44 112.96 -45.20 -70.41
CA HIS O 44 112.72 -44.10 -71.32
C HIS O 44 112.13 -44.57 -72.64
N ASP O 45 112.03 -45.88 -72.85
CA ASP O 45 111.64 -46.47 -74.13
C ASP O 45 110.14 -46.72 -74.23
N TYR O 46 109.35 -46.30 -73.25
CA TYR O 46 107.93 -46.59 -73.25
C TYR O 46 107.17 -45.56 -74.07
N SER O 47 106.49 -46.01 -75.12
CA SER O 47 105.40 -45.23 -75.69
C SER O 47 104.21 -45.30 -74.74
N THR O 48 103.08 -44.69 -75.11
CA THR O 48 101.90 -44.86 -74.26
C THR O 48 101.01 -45.89 -74.91
N TYR O 49 101.33 -47.15 -74.64
CA TYR O 49 100.49 -48.34 -74.75
C TYR O 49 100.95 -49.30 -73.67
N THR O 50 102.26 -49.53 -73.67
CA THR O 50 102.97 -50.68 -73.11
C THR O 50 102.46 -51.16 -71.76
N PHE O 51 102.02 -50.26 -70.89
CA PHE O 51 101.37 -50.71 -69.66
C PHE O 51 100.26 -51.73 -69.97
N LEU O 52 99.22 -51.26 -70.66
CA LEU O 52 98.09 -52.13 -70.96
C LEU O 52 98.48 -53.31 -71.83
N ASP O 53 99.43 -53.11 -72.75
CA ASP O 53 99.86 -54.22 -73.58
C ASP O 53 100.54 -55.30 -72.76
N LEU O 54 101.30 -54.90 -71.73
CA LEU O 54 101.84 -55.85 -70.78
C LEU O 54 100.74 -56.51 -69.97
N ASN O 55 99.65 -55.78 -69.69
CA ASN O 55 98.50 -56.43 -69.07
C ASN O 55 97.96 -57.52 -69.97
N LEU O 56 97.91 -57.27 -71.28
CA LEU O 56 97.53 -58.32 -72.22
C LEU O 56 98.53 -59.48 -72.16
N ASP O 57 99.82 -59.18 -72.10
CA ASP O 57 100.82 -60.22 -71.99
C ASP O 57 100.76 -60.96 -70.67
N LEU O 58 100.05 -60.42 -69.68
CA LEU O 58 99.80 -61.09 -68.42
C LEU O 58 98.54 -61.93 -68.44
N SER O 59 97.91 -62.06 -69.60
CA SER O 59 96.72 -62.89 -69.70
C SER O 59 97.05 -64.33 -69.30
N LYS O 60 96.03 -65.02 -68.80
CA LYS O 60 96.19 -66.31 -68.13
C LYS O 60 97.18 -66.10 -66.97
N PHE O 61 98.07 -67.06 -66.70
CA PHE O 61 99.06 -66.95 -65.65
C PHE O 61 98.42 -66.78 -64.27
N ARG O 62 97.10 -66.65 -64.22
CA ARG O 62 96.43 -66.22 -63.00
C ARG O 62 95.17 -67.05 -62.78
N MET O 63 94.80 -67.20 -61.52
CA MET O 63 93.63 -67.98 -61.17
C MET O 63 92.36 -67.30 -61.69
N PRO O 64 91.36 -68.09 -62.10
CA PRO O 64 90.06 -67.50 -62.41
C PRO O 64 89.40 -66.98 -61.14
N GLN O 65 88.92 -65.77 -61.19
CA GLN O 65 88.38 -65.02 -60.07
C GLN O 65 86.89 -65.27 -59.92
N PRO O 66 86.34 -65.12 -58.71
CA PRO O 66 85.02 -65.65 -58.41
C PRO O 66 83.91 -64.95 -59.16
N SER O 67 82.76 -65.64 -59.25
CA SER O 67 81.60 -65.20 -59.98
C SER O 67 80.55 -64.51 -59.12
N SER O 68 80.79 -64.37 -57.82
CA SER O 68 79.78 -63.92 -56.87
C SER O 68 78.53 -64.75 -57.01
N GLY O 69 77.36 -64.13 -56.87
CA GLY O 69 76.11 -64.82 -57.09
C GLY O 69 75.41 -64.45 -58.37
N ARG O 70 75.85 -63.37 -59.01
CA ARG O 70 75.07 -62.76 -60.08
C ARG O 70 76.01 -62.29 -61.18
N GLU O 71 75.41 -61.94 -62.32
CA GLU O 71 76.18 -61.38 -63.43
C GLU O 71 76.42 -59.89 -63.26
N SER O 72 75.41 -59.14 -62.81
CA SER O 72 75.57 -57.71 -62.55
C SER O 72 74.64 -57.33 -61.41
N PRO O 73 75.04 -56.36 -60.58
CA PRO O 73 74.17 -55.98 -59.47
C PRO O 73 72.92 -55.26 -59.92
N ARG O 74 72.97 -54.55 -61.04
CA ARG O 74 71.84 -53.81 -61.58
C ARG O 74 71.23 -52.86 -60.56
N GLY P 1 48.13 4.67 -72.93
CA GLY P 1 47.64 4.07 -74.15
C GLY P 1 47.53 2.56 -74.05
N VAL P 2 46.78 2.09 -73.05
CA VAL P 2 46.67 0.67 -72.81
C VAL P 2 45.75 0.03 -73.84
N ARG P 3 46.02 -1.24 -74.15
CA ARG P 3 45.10 -2.03 -74.97
C ARG P 3 43.70 -1.95 -74.39
N THR P 4 42.74 -1.62 -75.23
CA THR P 4 41.40 -1.30 -74.79
C THR P 4 40.42 -2.34 -75.28
N SER P 5 39.50 -2.75 -74.39
CA SER P 5 38.51 -3.74 -74.72
C SER P 5 37.55 -3.22 -75.79
N PRO P 6 36.85 -4.12 -76.48
CA PRO P 6 35.77 -3.66 -77.37
C PRO P 6 34.71 -2.86 -76.64
N THR P 7 34.59 -3.04 -75.33
CA THR P 7 33.63 -2.25 -74.56
C THR P 7 34.15 -0.85 -74.26
N GLY P 8 35.47 -0.68 -74.28
CA GLY P 8 36.09 0.55 -73.84
C GLY P 8 36.82 0.43 -72.52
N GLU P 9 36.65 -0.68 -71.80
CA GLU P 9 37.44 -0.90 -70.60
C GLU P 9 38.92 -1.01 -70.95
N LYS P 10 39.76 -0.54 -70.04
CA LYS P 10 41.20 -0.66 -70.19
C LYS P 10 41.65 -1.91 -69.45
N VAL P 11 42.13 -2.90 -70.19
CA VAL P 11 42.67 -4.10 -69.54
C VAL P 11 43.90 -3.72 -68.75
N THR P 12 44.29 -4.58 -67.83
CA THR P 12 45.36 -4.26 -66.91
C THR P 12 46.57 -5.15 -67.17
N HIS P 13 47.65 -4.89 -66.45
CA HIS P 13 48.87 -5.66 -66.61
C HIS P 13 48.67 -7.12 -66.24
N THR P 14 47.58 -7.44 -65.54
CA THR P 14 47.02 -8.78 -65.50
C THR P 14 45.60 -8.63 -66.03
N GLY P 15 45.32 -9.19 -67.20
CA GLY P 15 44.07 -8.83 -67.84
C GLY P 15 42.87 -9.26 -67.03
N GLN P 16 42.13 -8.28 -66.54
CA GLN P 16 40.95 -8.47 -65.71
C GLN P 16 39.65 -8.27 -66.45
N VAL P 17 39.70 -7.98 -67.75
CA VAL P 17 38.58 -7.34 -68.44
C VAL P 17 37.30 -8.12 -68.20
N TYR P 18 36.24 -7.41 -67.87
CA TYR P 18 34.96 -8.05 -67.68
C TYR P 18 34.36 -8.47 -69.01
N ASP P 19 33.45 -9.43 -68.95
CA ASP P 19 32.75 -9.90 -70.13
C ASP P 19 31.43 -9.17 -70.27
N ASP P 20 31.01 -8.97 -71.52
CA ASP P 20 29.82 -8.18 -71.81
C ASP P 20 28.62 -8.68 -71.01
N GLU P 21 28.61 -9.97 -70.67
CA GLU P 21 27.48 -10.53 -69.92
C GLU P 21 27.51 -10.05 -68.47
N ASP P 22 28.70 -9.95 -67.88
CA ASP P 22 28.82 -9.75 -66.44
C ASP P 22 28.09 -8.50 -65.98
N TYR P 23 27.19 -8.67 -65.01
CA TYR P 23 26.46 -7.54 -64.47
C TYR P 23 27.35 -6.61 -63.70
N ARG P 24 28.40 -7.14 -63.06
CA ARG P 24 29.26 -6.34 -62.19
C ARG P 24 29.84 -5.13 -62.90
N ARG P 25 29.97 -5.18 -64.24
CA ARG P 25 30.51 -4.05 -64.98
C ARG P 25 29.75 -2.77 -64.70
N VAL P 26 28.47 -2.88 -64.32
CA VAL P 26 27.66 -1.70 -64.07
C VAL P 26 28.24 -0.82 -62.99
N ARG P 27 29.09 -1.37 -62.12
CA ARG P 27 29.63 -0.53 -61.05
C ARG P 27 30.52 0.57 -61.59
N PHE P 28 30.91 0.52 -62.86
CA PHE P 28 31.73 1.58 -63.43
C PHE P 28 30.91 2.66 -64.12
N VAL P 29 29.59 2.58 -64.05
CA VAL P 29 28.75 3.58 -64.70
C VAL P 29 28.91 4.91 -63.97
N GLY P 30 29.27 5.94 -64.73
CA GLY P 30 29.43 7.27 -64.17
C GLY P 30 30.70 7.51 -63.39
N ARG P 31 31.50 6.48 -63.13
CA ARG P 31 32.73 6.64 -62.39
C ARG P 31 33.85 5.87 -63.08
N GLN P 32 35.07 6.40 -62.95
CA GLN P 32 36.19 5.91 -63.73
C GLN P 32 36.65 4.55 -63.24
N LYS P 33 37.10 3.73 -64.19
CA LYS P 33 37.78 2.48 -63.90
C LYS P 33 39.28 2.76 -63.85
N GLU P 34 39.87 2.65 -62.68
CA GLU P 34 41.23 3.09 -62.48
C GLU P 34 42.23 1.97 -62.72
N VAL P 35 43.26 2.27 -63.51
CA VAL P 35 44.36 1.36 -63.76
C VAL P 35 45.62 2.19 -63.97
N ASN P 36 46.75 1.68 -63.48
CA ASN P 36 48.01 2.37 -63.71
C ASN P 36 48.32 2.38 -65.19
N GLU P 37 48.54 3.57 -65.75
CA GLU P 37 48.76 3.68 -67.18
C GLU P 37 50.14 3.17 -67.58
N ASN P 38 51.04 2.93 -66.64
CA ASN P 38 52.40 2.50 -66.93
C ASN P 38 52.56 1.06 -66.48
N PHE P 39 52.71 0.16 -67.44
CA PHE P 39 52.90 -1.25 -67.13
C PHE P 39 54.29 -1.50 -66.56
N ALA P 40 54.43 -2.63 -65.88
CA ALA P 40 55.72 -3.06 -65.37
C ALA P 40 56.57 -3.68 -66.47
N ILE P 41 56.08 -4.78 -67.06
CA ILE P 41 56.85 -5.54 -68.03
C ILE P 41 57.46 -4.63 -69.09
N ASP P 42 56.69 -3.64 -69.53
CA ASP P 42 57.18 -2.73 -70.56
C ASP P 42 58.45 -2.00 -70.15
N LEU P 43 58.71 -1.89 -68.86
CA LEU P 43 59.95 -1.26 -68.40
C LEU P 43 61.09 -2.25 -68.21
N ILE P 44 60.83 -3.55 -68.29
CA ILE P 44 61.92 -4.50 -68.21
C ILE P 44 62.69 -4.54 -69.52
N ALA P 45 61.98 -4.69 -70.64
CA ALA P 45 62.64 -4.62 -71.94
C ALA P 45 63.22 -3.24 -72.22
N GLU P 46 62.72 -2.23 -71.51
CA GLU P 46 63.32 -0.90 -71.59
C GLU P 46 64.78 -0.91 -71.20
N GLN P 47 65.14 -1.73 -70.22
CA GLN P 47 66.48 -1.66 -69.65
C GLN P 47 67.51 -2.27 -70.60
N PRO P 48 68.71 -1.69 -70.68
CA PRO P 48 69.79 -2.32 -71.43
C PRO P 48 70.23 -3.62 -70.76
N VAL P 49 70.99 -4.41 -71.51
CA VAL P 49 71.57 -5.64 -71.00
C VAL P 49 72.96 -5.28 -70.46
N SER P 50 73.12 -5.33 -69.15
CA SER P 50 74.40 -5.02 -68.57
C SER P 50 75.38 -6.16 -68.82
N GLN P 51 76.65 -5.81 -69.00
CA GLN P 51 77.68 -6.79 -69.26
C GLN P 51 78.81 -6.62 -68.27
N VAL P 52 79.38 -7.72 -67.82
CA VAL P 52 80.49 -7.71 -66.88
C VAL P 52 81.58 -8.63 -67.39
N GLY P 53 82.82 -8.17 -67.34
CA GLY P 53 83.96 -8.98 -67.72
C GLY P 53 84.34 -10.05 -66.72
N SER P 54 83.60 -10.20 -65.63
CA SER P 54 83.84 -11.25 -64.67
C SER P 54 82.90 -12.43 -64.90
N ARG P 55 83.12 -13.50 -64.15
CA ARG P 55 82.29 -14.69 -64.31
C ARG P 55 80.99 -14.64 -63.52
N VAL P 56 81.04 -14.21 -62.26
CA VAL P 56 79.90 -14.27 -61.36
C VAL P 56 79.78 -12.92 -60.68
N ILE P 57 78.56 -12.37 -60.66
CA ILE P 57 78.36 -10.98 -60.29
C ILE P 57 77.21 -10.87 -59.30
N SER P 58 77.07 -9.67 -58.74
CA SER P 58 76.10 -9.38 -57.69
C SER P 58 75.06 -8.41 -58.21
N CYS P 59 73.90 -8.40 -57.56
CA CYS P 59 72.92 -7.34 -57.74
C CYS P 59 72.43 -6.92 -56.36
N ASP P 60 72.68 -5.66 -56.01
CA ASP P 60 71.98 -5.08 -54.88
C ASP P 60 70.63 -4.54 -55.27
N GLY P 61 70.43 -4.29 -56.56
CA GLY P 61 69.20 -3.68 -57.03
C GLY P 61 69.03 -2.25 -56.57
N GLY P 62 69.98 -1.38 -56.90
CA GLY P 62 69.85 0.02 -56.57
C GLY P 62 70.68 0.52 -55.42
N GLY P 63 71.65 -0.25 -54.94
CA GLY P 63 72.56 0.23 -53.93
C GLY P 63 72.30 -0.41 -52.57
N GLY P 64 73.27 -0.20 -51.69
CA GLY P 64 73.22 -0.86 -50.40
C GLY P 64 72.08 -0.35 -49.54
N ALA P 65 71.55 -1.27 -48.73
CA ALA P 65 70.60 -0.94 -47.66
C ALA P 65 69.26 -0.46 -48.19
N LEU P 66 69.19 -0.10 -49.48
CA LEU P 66 67.93 0.18 -50.16
C LEU P 66 67.93 -0.64 -51.44
N GLY P 67 67.08 -1.65 -51.49
CA GLY P 67 67.03 -2.52 -52.63
C GLY P 67 66.73 -3.94 -52.17
N HIS P 68 66.85 -4.81 -53.05
CA HIS P 68 66.62 -6.19 -52.66
C HIS P 68 67.90 -6.77 -52.08
N PRO P 69 67.82 -7.87 -51.31
CA PRO P 69 69.03 -8.43 -50.72
C PRO P 69 69.95 -9.01 -51.77
N ARG P 70 71.21 -9.17 -51.40
CA ARG P 70 72.22 -9.63 -52.36
C ARG P 70 71.92 -11.05 -52.83
N VAL P 71 72.18 -11.29 -54.11
CA VAL P 71 72.24 -12.63 -54.65
C VAL P 71 73.26 -12.62 -55.78
N TYR P 72 74.07 -13.66 -55.87
CA TYR P 72 75.04 -13.78 -56.94
C TYR P 72 74.46 -14.70 -58.02
N ILE P 73 74.37 -14.19 -59.23
CA ILE P 73 73.78 -14.91 -60.34
C ILE P 73 74.89 -15.42 -61.24
N ASN P 74 74.66 -16.57 -61.86
CA ASN P 74 75.68 -17.25 -62.64
C ASN P 74 75.45 -16.96 -64.12
N LEU P 75 76.45 -16.35 -64.76
CA LEU P 75 76.38 -15.98 -66.17
C LEU P 75 76.98 -17.04 -67.09
N ASP P 76 77.35 -18.20 -66.56
CA ASP P 76 78.11 -19.19 -67.32
C ASP P 76 77.48 -19.47 -68.67
N LYS P 77 76.18 -19.73 -68.71
CA LYS P 77 75.51 -20.02 -69.97
C LYS P 77 75.25 -18.71 -70.72
N GLU P 78 75.86 -18.58 -71.88
CA GLU P 78 75.75 -17.35 -72.68
C GLU P 78 74.71 -17.44 -73.78
N THR P 79 74.06 -18.58 -73.96
CA THR P 79 73.00 -18.65 -74.95
C THR P 79 71.69 -18.09 -74.44
N LYS P 80 71.65 -17.65 -73.18
CA LYS P 80 70.52 -16.92 -72.62
C LYS P 80 71.07 -15.84 -71.70
N THR P 81 70.22 -14.89 -71.35
CA THR P 81 70.60 -13.78 -70.50
C THR P 81 70.28 -14.13 -69.05
N GLY P 82 71.31 -14.21 -68.22
CA GLY P 82 71.10 -14.45 -66.80
C GLY P 82 70.40 -13.26 -66.15
N THR P 83 69.28 -13.54 -65.50
CA THR P 83 68.43 -12.50 -64.95
C THR P 83 68.41 -12.56 -63.43
N CYS P 84 68.43 -11.38 -62.81
CA CYS P 84 68.21 -11.29 -61.38
C CYS P 84 66.80 -11.78 -61.04
N GLY P 85 66.66 -12.39 -59.88
CA GLY P 85 65.35 -12.90 -59.48
C GLY P 85 64.49 -11.84 -58.84
N TYR P 86 65.09 -10.72 -58.43
CA TYR P 86 64.34 -9.62 -57.82
C TYR P 86 64.07 -8.53 -58.84
N CYS P 87 65.12 -7.87 -59.33
CA CYS P 87 64.93 -6.79 -60.29
C CYS P 87 64.33 -7.32 -61.58
N GLY P 88 65.01 -8.29 -62.20
CA GLY P 88 64.64 -8.72 -63.53
C GLY P 88 65.48 -8.11 -64.63
N LEU P 89 66.58 -7.44 -64.28
CA LEU P 89 67.40 -6.79 -65.28
C LEU P 89 68.59 -7.68 -65.62
N GLN P 90 68.73 -7.97 -66.92
CA GLN P 90 69.61 -9.04 -67.39
C GLN P 90 71.08 -8.68 -67.23
N PHE P 91 71.92 -9.72 -67.31
CA PHE P 91 73.36 -9.56 -67.33
C PHE P 91 73.96 -10.53 -68.34
N ARG P 92 75.14 -10.18 -68.84
CA ARG P 92 75.92 -11.07 -69.70
C ARG P 92 77.40 -10.85 -69.40
N GLN P 93 78.23 -11.78 -69.85
CA GLN P 93 79.67 -11.62 -69.81
C GLN P 93 80.16 -11.32 -71.22
N GLN P 94 80.86 -10.20 -71.37
CA GLN P 94 81.24 -9.70 -72.68
C GLN P 94 82.25 -10.61 -73.35
N HIS P 95 82.33 -10.52 -74.67
CA HIS P 95 83.26 -11.29 -75.46
C HIS P 95 84.12 -10.39 -76.35
N ILE Q 11 27.91 -33.53 2.43
CA ILE Q 11 27.70 -32.89 1.14
C ILE Q 11 26.41 -33.38 0.51
N THR Q 12 26.07 -34.63 0.80
CA THR Q 12 25.02 -35.36 0.09
C THR Q 12 25.30 -35.32 -1.41
N VAL Q 13 26.34 -36.06 -1.79
CA VAL Q 13 26.90 -36.03 -3.13
C VAL Q 13 25.84 -36.34 -4.19
N ASP Q 14 24.84 -37.13 -3.85
CA ASP Q 14 23.71 -37.45 -4.72
C ASP Q 14 24.21 -38.16 -5.99
N GLU Q 15 24.64 -39.39 -5.80
CA GLU Q 15 25.16 -40.20 -6.90
C GLU Q 15 24.13 -40.31 -8.01
N LYS Q 16 24.57 -40.06 -9.24
CA LYS Q 16 23.69 -39.94 -10.38
C LYS Q 16 24.37 -40.56 -11.59
N LEU Q 17 23.61 -41.31 -12.38
CA LEU Q 17 24.14 -41.96 -13.58
C LEU Q 17 23.28 -41.61 -14.79
N ASP Q 18 23.84 -40.80 -15.68
CA ASP Q 18 23.28 -40.61 -17.01
C ASP Q 18 24.38 -40.02 -17.89
N ILE Q 19 24.19 -40.12 -19.20
CA ILE Q 19 25.14 -39.53 -20.14
C ILE Q 19 25.01 -38.01 -20.10
N THR Q 20 26.14 -37.33 -20.11
CA THR Q 20 26.14 -35.87 -20.05
C THR Q 20 25.90 -35.28 -21.44
N THR Q 21 24.88 -34.45 -21.56
CA THR Q 21 24.60 -33.73 -22.79
C THR Q 21 24.34 -32.27 -22.46
N LEU Q 22 24.49 -31.40 -23.46
CA LEU Q 22 24.45 -29.96 -23.24
C LEU Q 22 23.53 -29.29 -24.25
N THR Q 23 22.47 -28.67 -23.77
CA THR Q 23 21.64 -27.77 -24.56
C THR Q 23 21.95 -26.31 -24.32
N GLY Q 24 22.94 -26.00 -23.48
CA GLY Q 24 23.25 -24.63 -23.12
C GLY Q 24 24.24 -23.98 -24.06
N VAL Q 25 24.29 -24.49 -25.29
CA VAL Q 25 25.33 -24.15 -26.26
C VAL Q 25 24.64 -23.84 -27.60
N PRO Q 26 25.36 -23.60 -28.74
CA PRO Q 26 24.72 -22.92 -29.87
C PRO Q 26 23.64 -23.67 -30.64
N GLU Q 27 23.34 -23.11 -31.80
CA GLU Q 27 22.11 -23.38 -32.55
C GLU Q 27 22.16 -24.74 -33.24
N GLU Q 28 21.22 -24.94 -34.16
CA GLU Q 28 20.87 -26.22 -34.76
C GLU Q 28 22.00 -26.86 -35.56
N HIS Q 29 23.14 -26.18 -35.71
CA HIS Q 29 24.29 -26.81 -36.35
C HIS Q 29 24.60 -28.17 -35.75
N ILE Q 30 24.22 -28.39 -34.49
CA ILE Q 30 24.56 -29.63 -33.79
C ILE Q 30 24.02 -30.84 -34.54
N LYS Q 31 22.80 -30.73 -35.07
CA LYS Q 31 22.19 -31.87 -35.75
C LYS Q 31 22.90 -32.17 -37.07
N THR Q 32 23.13 -31.14 -37.87
CA THR Q 32 23.56 -31.36 -39.25
C THR Q 32 25.01 -31.83 -39.32
N ARG Q 33 25.92 -31.07 -38.73
CA ARG Q 33 27.34 -31.28 -39.00
C ARG Q 33 27.90 -32.46 -38.21
N LYS Q 34 28.74 -33.24 -38.89
CA LYS Q 34 29.52 -34.28 -38.25
C LYS Q 34 30.90 -33.74 -37.94
N ALA Q 35 31.47 -34.18 -36.82
CA ALA Q 35 32.78 -33.74 -36.39
C ALA Q 35 33.81 -34.81 -36.72
N ARG Q 36 35.02 -34.36 -37.01
CA ARG Q 36 36.10 -35.25 -37.41
C ARG Q 36 37.19 -35.29 -36.36
N ILE Q 37 37.68 -36.50 -36.07
CA ILE Q 37 38.81 -36.70 -35.18
C ILE Q 37 39.93 -37.36 -35.96
N PHE Q 38 41.16 -36.90 -35.74
CA PHE Q 38 42.29 -37.49 -36.41
C PHE Q 38 43.57 -37.05 -35.70
N VAL Q 39 44.69 -37.58 -36.19
CA VAL Q 39 46.02 -37.07 -35.88
C VAL Q 39 46.60 -36.61 -37.21
N PRO Q 40 46.82 -35.31 -37.41
CA PRO Q 40 47.20 -34.83 -38.74
C PRO Q 40 48.50 -35.45 -39.20
N ALA Q 41 48.48 -36.00 -40.41
CA ALA Q 41 49.68 -36.61 -40.95
C ALA Q 41 50.71 -35.54 -41.29
N ARG Q 42 51.98 -35.85 -41.07
CA ARG Q 42 53.05 -34.90 -41.29
C ARG Q 42 52.98 -34.31 -42.68
N ASN Q 43 53.11 -32.98 -42.75
CA ASN Q 43 53.34 -32.36 -44.05
C ASN Q 43 54.58 -32.99 -44.66
N ASN Q 44 54.43 -33.53 -45.87
CA ASN Q 44 55.50 -34.36 -46.40
C ASN Q 44 56.66 -33.50 -46.88
N MET Q 45 56.39 -32.28 -47.33
CA MET Q 45 57.44 -31.48 -47.92
C MET Q 45 58.46 -31.00 -46.90
N GLN Q 46 58.16 -31.17 -45.61
CA GLN Q 46 59.13 -31.12 -44.53
C GLN Q 46 59.27 -32.51 -43.94
N SER Q 47 60.39 -32.76 -43.29
CA SER Q 47 60.55 -33.97 -42.49
C SER Q 47 60.68 -33.56 -41.03
N GLY Q 48 59.60 -33.77 -40.26
CA GLY Q 48 59.68 -33.72 -38.81
C GLY Q 48 58.33 -33.92 -38.18
N VAL Q 49 58.29 -34.47 -36.96
CA VAL Q 49 57.04 -35.02 -36.43
C VAL Q 49 56.35 -34.10 -35.43
N ASN Q 50 56.95 -32.96 -35.07
CA ASN Q 50 56.39 -32.24 -33.94
C ASN Q 50 55.00 -31.69 -34.23
N ASN Q 51 54.62 -31.58 -35.51
CA ASN Q 51 53.23 -31.26 -35.82
C ASN Q 51 52.31 -32.36 -35.33
N THR Q 52 52.78 -33.61 -35.37
CA THR Q 52 52.01 -34.76 -34.96
C THR Q 52 51.99 -34.80 -33.43
N LYS Q 53 51.51 -35.90 -32.84
CA LYS Q 53 51.50 -36.26 -31.43
C LYS Q 53 50.30 -35.71 -30.67
N LYS Q 54 49.46 -34.87 -31.29
CA LYS Q 54 48.33 -34.28 -30.59
C LYS Q 54 47.08 -34.44 -31.44
N TRP Q 55 46.10 -35.16 -30.91
CA TRP Q 55 44.82 -35.32 -31.59
C TRP Q 55 44.17 -33.97 -31.83
N LYS Q 56 43.38 -33.88 -32.90
CA LYS Q 56 42.69 -32.65 -33.22
C LYS Q 56 41.25 -32.94 -33.58
N MET Q 57 40.45 -31.88 -33.58
CA MET Q 57 39.04 -31.95 -33.99
C MET Q 57 38.77 -30.80 -34.94
N GLU Q 58 38.40 -31.13 -36.17
CA GLU Q 58 37.93 -30.13 -37.12
C GLU Q 58 36.63 -30.64 -37.73
N PHE Q 59 35.96 -29.74 -38.45
CA PHE Q 59 34.58 -29.95 -38.85
C PHE Q 59 34.46 -30.10 -40.36
N ASP Q 60 33.38 -30.75 -40.76
CA ASP Q 60 33.00 -30.80 -42.17
C ASP Q 60 32.95 -29.38 -42.72
N THR Q 61 33.64 -29.17 -43.83
CA THR Q 61 33.71 -27.83 -44.37
C THR Q 61 32.43 -27.50 -45.14
N ARG Q 62 32.32 -26.24 -45.58
CA ARG Q 62 31.13 -25.78 -46.27
C ARG Q 62 31.50 -24.78 -47.34
N GLU Q 63 30.52 -24.46 -48.17
CA GLU Q 63 30.75 -23.73 -49.41
C GLU Q 63 31.30 -22.34 -49.15
N ARG Q 64 32.00 -21.83 -50.17
CA ARG Q 64 32.60 -20.51 -50.14
C ARG Q 64 32.52 -19.96 -51.55
N TRP Q 65 32.32 -18.66 -51.65
CA TRP Q 65 32.06 -18.04 -52.94
C TRP Q 65 32.93 -16.81 -53.13
N GLU Q 66 32.91 -16.30 -54.35
CA GLU Q 66 33.67 -15.12 -54.71
C GLU Q 66 32.77 -13.91 -54.48
N ASN Q 67 33.15 -13.08 -53.52
CA ASN Q 67 32.41 -11.87 -53.17
C ASN Q 67 32.35 -10.93 -54.37
N PRO Q 68 31.17 -10.48 -54.80
CA PRO Q 68 31.09 -9.67 -56.01
C PRO Q 68 31.84 -8.35 -55.94
N LEU Q 69 32.09 -7.83 -54.75
CA LEU Q 69 32.86 -6.58 -54.68
C LEU Q 69 34.35 -6.85 -54.81
N MET Q 70 34.84 -7.87 -54.12
CA MET Q 70 36.25 -8.26 -54.15
C MET Q 70 36.45 -9.69 -54.59
N GLY Q 71 35.83 -10.66 -53.93
CA GLY Q 71 36.09 -12.06 -54.18
C GLY Q 71 36.82 -12.80 -53.10
N TRP Q 72 36.99 -12.22 -51.92
CA TRP Q 72 37.39 -13.05 -50.79
C TRP Q 72 36.38 -14.16 -50.59
N ALA Q 73 36.85 -15.31 -50.14
CA ALA Q 73 35.94 -16.38 -49.77
C ALA Q 73 35.07 -15.92 -48.60
N SER Q 74 33.82 -16.41 -48.57
CA SER Q 74 32.88 -16.02 -47.54
C SER Q 74 31.94 -17.17 -47.27
N THR Q 75 31.38 -17.19 -46.06
CA THR Q 75 30.52 -18.29 -45.67
C THR Q 75 29.62 -17.85 -44.53
N ALA Q 76 28.57 -18.64 -44.31
CA ALA Q 76 28.04 -18.80 -42.96
C ALA Q 76 28.50 -20.18 -42.55
N ASP Q 77 29.62 -20.23 -41.83
CA ASP Q 77 30.14 -21.46 -41.26
C ASP Q 77 30.91 -21.09 -40.01
N PRO Q 78 30.22 -20.60 -38.99
CA PRO Q 78 30.93 -20.06 -37.82
C PRO Q 78 31.92 -21.04 -37.24
N LEU Q 79 31.67 -22.34 -37.39
CA LEU Q 79 32.50 -23.37 -36.82
C LEU Q 79 33.63 -23.81 -37.75
N SER Q 80 33.79 -23.16 -38.91
CA SER Q 80 34.74 -23.64 -39.90
C SER Q 80 36.16 -23.67 -39.35
N ASN Q 81 36.59 -22.59 -38.72
CA ASN Q 81 37.99 -22.37 -38.42
C ASN Q 81 38.43 -22.93 -37.07
N LEU Q 82 37.55 -23.63 -36.36
CA LEU Q 82 37.95 -24.17 -35.07
C LEU Q 82 38.90 -25.34 -35.22
N VAL Q 83 39.75 -25.52 -34.21
CA VAL Q 83 40.53 -26.73 -34.03
C VAL Q 83 40.78 -26.90 -32.54
N LEU Q 84 40.73 -28.14 -32.06
CA LEU Q 84 40.86 -28.42 -30.63
C LEU Q 84 41.85 -29.54 -30.44
N THR Q 85 42.97 -29.26 -29.78
CA THR Q 85 44.04 -30.22 -29.61
C THR Q 85 43.78 -31.09 -28.38
N PHE Q 86 43.82 -32.40 -28.57
CA PHE Q 86 43.57 -33.35 -27.50
C PHE Q 86 44.78 -34.26 -27.30
N SER Q 87 44.96 -34.73 -26.06
CA SER Q 87 46.10 -35.60 -25.79
C SER Q 87 45.82 -37.04 -26.22
N THR Q 88 44.62 -37.55 -25.96
CA THR Q 88 44.31 -38.93 -26.28
C THR Q 88 42.92 -39.02 -26.88
N LYS Q 89 42.71 -40.05 -27.70
CA LYS Q 89 41.46 -40.20 -28.43
C LYS Q 89 40.27 -40.32 -27.49
N GLU Q 90 40.46 -41.01 -26.35
CA GLU Q 90 39.40 -41.11 -25.36
C GLU Q 90 38.88 -39.73 -24.99
N ASP Q 91 39.75 -38.73 -24.99
CA ASP Q 91 39.31 -37.37 -24.71
C ASP Q 91 38.55 -36.78 -25.89
N ALA Q 92 38.90 -37.20 -27.12
CA ALA Q 92 38.15 -36.73 -28.28
C ALA Q 92 36.72 -37.24 -28.24
N ILE Q 93 36.56 -38.55 -28.10
CA ILE Q 93 35.21 -39.10 -28.02
C ILE Q 93 34.49 -38.58 -26.79
N ALA Q 94 35.22 -38.35 -25.70
CA ALA Q 94 34.60 -37.80 -24.50
C ALA Q 94 34.02 -36.42 -24.78
N PHE Q 95 34.83 -35.52 -25.36
CA PHE Q 95 34.36 -34.17 -25.62
C PHE Q 95 33.28 -34.15 -26.69
N ALA Q 96 33.31 -35.10 -27.62
CA ALA Q 96 32.27 -35.16 -28.65
C ALA Q 96 30.94 -35.60 -28.05
N GLU Q 97 30.94 -36.74 -27.37
CA GLU Q 97 29.77 -37.19 -26.63
C GLU Q 97 29.21 -36.07 -25.76
N LYS Q 98 30.03 -35.60 -24.82
CA LYS Q 98 29.56 -34.59 -23.87
C LYS Q 98 29.05 -33.36 -24.60
N ASN Q 99 29.74 -32.91 -25.63
CA ASN Q 99 29.36 -31.62 -26.18
C ASN Q 99 28.22 -31.73 -27.19
N GLY Q 100 27.85 -32.94 -27.60
CA GLY Q 100 26.53 -33.18 -28.13
C GLY Q 100 26.43 -33.44 -29.62
N TRP Q 101 27.45 -33.13 -30.41
CA TRP Q 101 27.33 -33.32 -31.85
C TRP Q 101 28.10 -34.56 -32.28
N SER Q 102 27.59 -35.20 -33.33
CA SER Q 102 28.12 -36.46 -33.80
C SER Q 102 29.56 -36.32 -34.28
N TYR Q 103 30.29 -37.44 -34.29
CA TYR Q 103 31.70 -37.44 -34.60
C TYR Q 103 32.04 -38.65 -35.46
N ASP Q 104 33.25 -38.60 -36.04
CA ASP Q 104 33.82 -39.73 -36.76
C ASP Q 104 35.32 -39.76 -36.48
N VAL Q 105 35.83 -40.93 -36.13
CA VAL Q 105 37.21 -41.09 -35.71
C VAL Q 105 38.04 -41.68 -36.83
N GLU Q 106 39.27 -41.18 -36.99
CA GLU Q 106 40.28 -41.81 -37.82
C GLU Q 106 41.35 -42.38 -36.92
N GLU Q 107 41.91 -43.51 -37.33
CA GLU Q 107 42.90 -44.19 -36.50
C GLU Q 107 44.28 -43.57 -36.70
N ARG Q 108 45.06 -43.54 -35.63
CA ARG Q 108 46.41 -43.01 -35.70
C ARG Q 108 47.33 -43.98 -36.42
N LYS Q 109 48.28 -43.42 -37.16
CA LYS Q 109 49.27 -44.21 -37.88
C LYS Q 109 50.66 -43.72 -37.51
N VAL Q 110 51.64 -44.62 -37.63
CA VAL Q 110 53.02 -44.29 -37.24
C VAL Q 110 53.96 -44.86 -38.29
N PRO Q 111 55.20 -44.36 -38.32
CA PRO Q 111 56.21 -44.98 -39.19
C PRO Q 111 56.47 -46.42 -38.75
N LYS Q 112 56.63 -47.29 -39.70
CA LYS Q 112 56.88 -48.69 -39.36
C LYS Q 112 58.35 -48.88 -39.05
N PRO Q 113 58.70 -49.54 -37.94
CA PRO Q 113 60.11 -49.72 -37.58
C PRO Q 113 60.88 -50.40 -38.69
N LYS Q 114 62.04 -49.84 -39.00
CA LYS Q 114 62.88 -50.33 -40.10
C LYS Q 114 64.28 -50.66 -39.61
N SER Q 115 65.00 -51.40 -40.42
CA SER Q 115 66.40 -51.71 -40.19
C SER Q 115 67.21 -51.19 -41.36
N LYS Q 116 68.02 -50.17 -41.12
CA LYS Q 116 68.94 -49.65 -42.11
C LYS Q 116 70.36 -49.91 -41.66
N SER Q 117 71.08 -50.72 -42.44
CA SER Q 117 72.50 -50.99 -42.19
C SER Q 117 73.29 -50.37 -43.33
N TYR Q 118 74.10 -49.37 -43.00
CA TYR Q 118 74.90 -48.70 -44.02
C TYR Q 118 75.70 -49.68 -44.84
N GLY Q 119 76.25 -50.71 -44.19
CA GLY Q 119 77.06 -51.69 -44.89
C GLY Q 119 76.31 -52.38 -46.00
N ALA Q 120 75.00 -52.54 -45.85
CA ALA Q 120 74.20 -53.19 -46.89
C ALA Q 120 74.26 -52.45 -48.21
N ASN Q 121 74.76 -51.22 -48.23
CA ASN Q 121 74.98 -50.54 -49.50
C ASN Q 121 75.98 -51.29 -50.36
N PHE Q 122 77.05 -51.79 -49.76
CA PHE Q 122 78.22 -52.27 -50.47
C PHE Q 122 78.28 -53.78 -50.61
N SER Q 123 77.26 -54.50 -50.15
CA SER Q 123 77.36 -55.94 -49.96
C SER Q 123 77.66 -56.68 -51.26
N TRP Q 124 78.35 -57.81 -51.11
CA TRP Q 124 78.86 -58.62 -52.21
C TRP Q 124 77.81 -59.14 -53.18
N ASN Q 125 77.06 -60.17 -52.78
CA ASN Q 125 76.12 -60.77 -53.70
C ASN Q 125 74.72 -60.19 -53.63
N LYS Q 126 74.42 -59.41 -52.60
CA LYS Q 126 73.07 -58.91 -52.44
C LYS Q 126 72.76 -57.90 -53.53
N ARG Q 127 71.52 -57.96 -54.04
CA ARG Q 127 71.13 -57.09 -55.15
C ARG Q 127 71.26 -55.62 -54.79
N THR Q 128 71.18 -55.29 -53.50
CA THR Q 128 71.25 -53.89 -53.11
C THR Q 128 72.69 -53.41 -53.22
N ARG Q 129 72.91 -52.41 -54.07
CA ARG Q 129 74.19 -51.72 -54.13
C ARG Q 129 73.93 -50.31 -54.60
N VAL Q 130 74.64 -49.36 -54.01
CA VAL Q 130 74.38 -47.94 -54.25
C VAL Q 130 75.29 -47.47 -55.37
N SER Q 131 74.69 -47.12 -56.50
CA SER Q 131 75.44 -46.50 -57.58
C SER Q 131 75.55 -45.02 -57.30
N THR Q 132 76.77 -44.48 -57.47
CA THR Q 132 77.11 -43.09 -57.15
C THR Q 132 77.21 -42.86 -55.65
N LYS Q 133 76.64 -43.79 -54.87
CA LYS Q 133 76.52 -43.63 -53.43
C LYS Q 133 75.62 -42.45 -53.11
N LEU R 1 29.26 -17.73 -65.37
CA LEU R 1 28.14 -16.84 -65.13
C LEU R 1 27.45 -16.45 -66.44
N HIS R 2 26.16 -16.76 -66.53
CA HIS R 2 25.36 -16.36 -67.68
C HIS R 2 24.55 -15.12 -67.33
N HIS R 3 23.45 -15.29 -66.60
CA HIS R 3 22.78 -14.19 -65.92
C HIS R 3 22.80 -14.50 -64.42
N ALA R 4 23.70 -13.85 -63.68
CA ALA R 4 23.73 -13.90 -62.22
C ALA R 4 23.48 -15.30 -61.69
N VAL R 5 24.03 -16.31 -62.36
CA VAL R 5 23.42 -17.64 -62.36
C VAL R 5 23.48 -18.31 -61.00
N ILE R 6 24.51 -18.06 -60.21
CA ILE R 6 24.78 -18.98 -59.11
C ILE R 6 24.67 -18.29 -57.77
N PRO R 7 23.49 -18.29 -57.15
CA PRO R 7 23.40 -17.85 -55.76
C PRO R 7 24.29 -18.69 -54.86
N HIS R 8 24.62 -18.13 -53.71
CA HIS R 8 25.55 -18.76 -52.79
C HIS R 8 25.10 -18.59 -51.35
N GLY R 9 25.24 -19.66 -50.57
CA GLY R 9 25.09 -19.58 -49.14
C GLY R 9 23.67 -19.26 -48.71
N LYS R 10 23.51 -19.14 -47.39
CA LYS R 10 22.22 -18.77 -46.83
C LYS R 10 21.89 -17.34 -47.21
N GLY R 11 20.70 -17.14 -47.77
CA GLY R 11 20.33 -15.87 -48.36
C GLY R 11 20.54 -14.65 -47.48
N GLY R 12 20.98 -13.56 -48.09
CA GLY R 12 21.08 -12.28 -47.43
C GLY R 12 22.44 -11.86 -46.94
N ARG R 13 22.71 -10.55 -47.01
CA ARG R 13 23.92 -9.93 -46.50
C ARG R 13 25.16 -10.65 -47.00
N SER R 14 25.44 -10.41 -48.29
CA SER R 14 26.57 -10.90 -49.09
C SER R 14 26.29 -12.24 -49.74
N SER R 15 25.15 -12.88 -49.46
CA SER R 15 24.71 -13.98 -50.31
C SER R 15 24.27 -13.42 -51.65
N VAL R 16 24.85 -13.96 -52.74
CA VAL R 16 24.64 -13.37 -54.05
C VAL R 16 23.17 -13.44 -54.46
N SER R 17 22.48 -14.49 -54.06
CA SER R 17 21.11 -14.81 -54.46
C SER R 17 21.02 -14.79 -55.99
N GLY R 18 19.88 -14.37 -56.54
CA GLY R 18 19.68 -14.61 -57.96
C GLY R 18 19.67 -13.47 -58.96
N ILE R 19 19.49 -12.23 -58.53
CA ILE R 19 19.00 -11.20 -59.43
C ILE R 19 19.80 -9.91 -59.27
N VAL R 20 19.57 -8.99 -60.21
CA VAL R 20 20.25 -7.72 -60.30
C VAL R 20 19.19 -6.63 -60.26
N ALA R 21 18.31 -6.66 -61.25
CA ALA R 21 17.13 -5.81 -61.37
C ALA R 21 17.52 -4.34 -61.42
N THR R 22 16.62 -3.52 -60.88
CA THR R 22 16.66 -2.06 -60.82
C THR R 22 15.31 -1.68 -60.25
N VAL R 23 15.17 -0.50 -59.66
CA VAL R 23 13.86 -0.06 -59.21
C VAL R 23 13.71 1.41 -59.54
N PHE R 24 12.73 1.74 -60.37
CA PHE R 24 12.42 3.14 -60.56
C PHE R 24 11.58 3.63 -59.39
N GLY R 25 11.62 4.93 -59.15
CA GLY R 25 11.10 5.45 -57.90
C GLY R 25 11.99 5.01 -56.77
N ALA R 26 11.42 4.30 -55.79
CA ALA R 26 12.17 3.75 -54.66
C ALA R 26 12.70 4.85 -53.75
N THR R 27 12.55 6.10 -54.17
CA THR R 27 12.93 7.20 -53.30
C THR R 27 11.98 7.35 -52.13
N GLY R 28 10.84 6.68 -52.15
CA GLY R 28 9.98 6.64 -51.00
C GLY R 28 9.13 5.39 -50.98
N PHE R 29 8.77 4.97 -49.76
CA PHE R 29 7.78 3.94 -49.49
C PHE R 29 8.02 2.64 -50.25
N LEU R 30 7.11 2.30 -51.17
CA LEU R 30 7.01 0.92 -51.64
C LEU R 30 8.33 0.45 -52.20
N GLY R 31 9.03 1.34 -52.92
CA GLY R 31 10.36 1.01 -53.38
C GLY R 31 11.33 0.83 -52.24
N ARG R 32 11.19 1.61 -51.18
CA ARG R 32 12.08 1.45 -50.04
C ARG R 32 11.94 0.06 -49.45
N TYR R 33 10.71 -0.35 -49.15
CA TYR R 33 10.50 -1.70 -48.64
C TYR R 33 11.01 -2.75 -49.62
N LEU R 34 10.69 -2.57 -50.89
CA LEU R 34 11.06 -3.58 -51.88
C LEU R 34 12.56 -3.77 -51.94
N VAL R 35 13.31 -2.67 -51.95
CA VAL R 35 14.77 -2.79 -51.92
C VAL R 35 15.21 -3.42 -50.61
N ASN R 36 14.50 -3.12 -49.52
CA ASN R 36 14.86 -3.75 -48.25
C ASN R 36 14.75 -5.27 -48.32
N HIS R 37 13.80 -5.78 -49.09
CA HIS R 37 13.76 -7.23 -49.30
C HIS R 37 14.83 -7.70 -50.29
N LEU R 38 15.06 -6.95 -51.36
CA LEU R 38 16.06 -7.40 -52.34
C LEU R 38 17.45 -7.48 -51.72
N GLY R 39 17.89 -6.38 -51.11
CA GLY R 39 19.15 -6.42 -50.38
C GLY R 39 19.10 -7.35 -49.18
N ARG R 40 17.94 -7.42 -48.52
CA ARG R 40 17.81 -8.31 -47.38
C ARG R 40 18.06 -9.76 -47.77
N MET R 41 17.74 -10.14 -49.00
CA MET R 41 18.11 -11.46 -49.50
C MET R 41 19.42 -11.44 -50.27
N GLY R 42 20.13 -10.31 -50.29
CA GLY R 42 21.50 -10.26 -50.72
C GLY R 42 21.73 -9.86 -52.16
N SER R 43 20.68 -9.82 -52.98
CA SER R 43 20.86 -9.49 -54.38
C SER R 43 21.35 -8.07 -54.59
N GLN R 44 22.05 -7.87 -55.69
CA GLN R 44 22.44 -6.52 -56.08
C GLN R 44 21.21 -5.74 -56.54
N VAL R 45 21.28 -4.42 -56.38
CA VAL R 45 20.18 -3.53 -56.70
C VAL R 45 20.76 -2.29 -57.37
N ILE R 46 19.98 -1.69 -58.27
CA ILE R 46 20.34 -0.41 -58.87
C ILE R 46 19.15 0.50 -58.69
N VAL R 47 19.30 1.55 -57.89
CA VAL R 47 18.20 2.48 -57.73
C VAL R 47 18.54 3.81 -58.37
N PRO R 48 17.97 4.12 -59.52
CA PRO R 48 18.12 5.46 -60.08
C PRO R 48 17.25 6.42 -59.31
N TYR R 49 17.76 7.61 -59.08
CA TYR R 49 17.17 8.52 -58.11
C TYR R 49 17.02 9.91 -58.73
N ARG R 50 16.05 10.66 -58.20
CA ARG R 50 15.85 12.02 -58.63
C ARG R 50 17.03 12.87 -58.13
N CYS R 51 17.07 14.14 -58.53
CA CYS R 51 18.26 14.93 -58.28
C CYS R 51 18.56 15.13 -56.81
N GLU R 52 17.70 14.67 -55.92
CA GLU R 52 17.91 14.85 -54.48
C GLU R 52 19.03 13.93 -54.02
N PRO R 53 20.20 14.44 -53.65
CA PRO R 53 21.25 13.54 -53.14
C PRO R 53 20.97 13.05 -51.74
N TYR R 54 20.41 13.90 -50.88
CA TYR R 54 20.39 13.63 -49.45
C TYR R 54 19.39 12.54 -49.10
N ASP R 55 18.13 12.73 -49.47
CA ASP R 55 17.04 11.93 -48.93
C ASP R 55 17.16 10.44 -49.24
N THR R 56 18.07 10.05 -50.13
CA THR R 56 18.23 8.64 -50.44
C THR R 56 19.15 7.92 -49.47
N MET R 57 19.84 8.63 -48.58
CA MET R 57 20.74 7.96 -47.64
C MET R 57 20.03 6.92 -46.79
N HIS R 58 18.73 7.12 -46.52
CA HIS R 58 18.01 6.14 -45.72
C HIS R 58 18.00 4.77 -46.36
N LEU R 59 18.24 4.71 -47.66
CA LEU R 59 18.26 3.44 -48.39
C LEU R 59 19.64 2.80 -48.39
N ARG R 60 20.67 3.52 -47.97
CA ARG R 60 22.03 2.97 -47.95
C ARG R 60 22.18 1.73 -47.08
N PRO R 61 21.75 1.70 -45.81
CA PRO R 61 22.12 0.59 -44.92
C PRO R 61 21.66 -0.77 -45.39
N MET R 62 20.75 -0.85 -46.34
CA MET R 62 20.10 -2.10 -46.72
C MET R 62 20.78 -2.81 -47.88
N GLY R 63 21.89 -2.29 -48.39
CA GLY R 63 22.52 -2.87 -49.56
C GLY R 63 23.84 -3.58 -49.38
N ASP R 64 24.32 -3.77 -48.16
CA ASP R 64 25.60 -4.43 -47.89
C ASP R 64 26.69 -3.61 -48.59
N LEU R 65 27.47 -4.19 -49.50
CA LEU R 65 28.55 -3.49 -50.19
C LEU R 65 28.51 -3.84 -51.66
N GLY R 66 28.96 -2.89 -52.48
CA GLY R 66 29.00 -3.09 -53.91
C GLY R 66 27.64 -3.28 -54.54
N GLN R 67 26.58 -3.13 -53.77
CA GLN R 67 25.22 -3.25 -54.23
C GLN R 67 24.51 -1.93 -53.95
N ILE R 68 23.23 -1.87 -54.32
CA ILE R 68 22.43 -0.65 -54.33
C ILE R 68 23.28 0.52 -54.85
N ILE R 69 23.62 0.49 -56.12
CA ILE R 69 24.43 1.53 -56.72
C ILE R 69 23.52 2.60 -57.30
N PHE R 70 23.94 3.86 -57.19
CA PHE R 70 23.10 5.00 -57.49
C PHE R 70 23.55 5.67 -58.79
N MET R 71 22.59 6.20 -59.54
CA MET R 71 22.93 7.01 -60.70
C MET R 71 21.81 7.99 -61.02
N ASP R 72 22.20 9.11 -61.62
CA ASP R 72 21.26 10.15 -62.01
C ASP R 72 20.48 9.74 -63.25
N TRP R 73 19.34 10.40 -63.45
CA TRP R 73 18.47 10.14 -64.59
C TRP R 73 17.31 11.13 -64.52
N ASN R 74 16.54 11.19 -65.60
CA ASN R 74 15.22 11.79 -65.54
C ASN R 74 14.37 11.13 -66.61
N GLY R 75 13.06 11.03 -66.33
CA GLY R 75 12.18 10.29 -67.21
C GLY R 75 11.97 10.90 -68.57
N ARG R 76 12.47 12.11 -68.81
CA ARG R 76 12.20 12.78 -70.07
C ARG R 76 12.93 12.11 -71.23
N ASP R 77 14.23 11.92 -71.09
CA ASP R 77 15.07 11.47 -72.20
C ASP R 77 15.44 10.01 -72.05
N LYS R 78 15.59 9.35 -73.20
CA LYS R 78 15.88 7.92 -73.22
C LYS R 78 17.21 7.61 -72.54
N ASP R 79 18.28 8.25 -73.01
CA ASP R 79 19.64 7.75 -72.80
C ASP R 79 19.97 7.46 -71.34
N SER R 80 19.34 8.18 -70.40
CA SER R 80 19.59 7.89 -68.99
C SER R 80 19.01 6.53 -68.62
N ILE R 81 17.71 6.35 -68.85
CA ILE R 81 17.08 5.06 -68.57
C ILE R 81 17.74 3.96 -69.38
N ARG R 82 18.14 4.28 -70.61
CA ARG R 82 18.97 3.36 -71.39
C ARG R 82 20.20 2.94 -70.60
N ARG R 83 20.89 3.91 -70.01
CA ARG R 83 22.16 3.62 -69.35
C ARG R 83 21.97 2.86 -68.06
N ALA R 84 20.83 3.02 -67.40
CA ALA R 84 20.65 2.40 -66.09
C ALA R 84 20.44 0.90 -66.22
N VAL R 85 19.62 0.46 -67.18
CA VAL R 85 19.15 -0.93 -67.21
C VAL R 85 20.01 -1.80 -68.10
N GLU R 86 21.12 -1.26 -68.62
CA GLU R 86 21.96 -2.01 -69.55
C GLU R 86 22.27 -3.41 -69.04
N HIS R 87 22.77 -3.51 -67.82
CA HIS R 87 23.03 -4.79 -67.20
C HIS R 87 22.03 -4.97 -66.08
N SER R 88 21.07 -5.86 -66.29
CA SER R 88 20.09 -6.14 -65.26
C SER R 88 19.56 -7.55 -65.47
N ASN R 89 19.31 -8.27 -64.38
CA ASN R 89 18.58 -9.51 -64.50
C ASN R 89 17.15 -9.23 -64.93
N VAL R 90 16.49 -8.30 -64.25
CA VAL R 90 15.14 -7.88 -64.56
C VAL R 90 15.09 -6.37 -64.40
N VAL R 91 13.90 -5.78 -64.47
CA VAL R 91 13.70 -4.40 -64.02
C VAL R 91 12.23 -4.25 -63.65
N ILE R 92 11.97 -3.42 -62.65
CA ILE R 92 10.62 -3.23 -62.14
C ILE R 92 10.36 -1.75 -62.03
N ASN R 93 9.09 -1.36 -62.11
CA ASN R 93 8.71 0.04 -62.21
C ASN R 93 7.80 0.42 -61.05
N LEU R 94 8.20 1.44 -60.30
CA LEU R 94 7.36 2.10 -59.32
C LEU R 94 7.48 3.59 -59.56
N VAL R 95 6.37 4.25 -59.89
CA VAL R 95 6.46 5.62 -60.36
C VAL R 95 5.18 6.38 -60.05
N GLY R 96 5.32 7.69 -59.88
CA GLY R 96 4.24 8.64 -59.90
C GLY R 96 3.74 9.14 -58.56
N ARG R 97 3.41 10.43 -58.52
CA ARG R 97 2.77 11.10 -57.41
C ARG R 97 1.26 10.91 -57.46
N GLU R 98 0.62 11.07 -56.30
CA GLU R 98 -0.84 11.09 -56.28
C GLU R 98 -1.40 12.45 -56.68
N TRP R 99 -0.55 13.45 -56.87
CA TRP R 99 -1.00 14.74 -57.37
C TRP R 99 -0.11 15.20 -58.51
N GLU R 100 -0.59 16.20 -59.24
CA GLU R 100 0.14 16.75 -60.37
C GLU R 100 1.01 17.91 -59.91
N THR R 101 2.22 17.99 -60.48
CA THR R 101 3.16 19.05 -60.14
C THR R 101 3.66 19.71 -61.42
N LYS R 102 3.26 20.96 -61.63
CA LYS R 102 3.94 21.84 -62.56
C LYS R 102 4.17 21.17 -63.92
N ASN R 103 5.45 20.96 -64.24
CA ASN R 103 5.82 20.33 -65.50
C ASN R 103 5.05 19.03 -65.72
N PHE R 104 5.04 18.15 -64.72
CA PHE R 104 4.38 16.88 -64.91
C PHE R 104 2.87 17.02 -64.72
N ASP R 105 2.15 16.14 -65.41
CA ASP R 105 0.72 15.99 -65.30
C ASP R 105 0.41 14.55 -64.95
N PHE R 106 -0.84 14.30 -64.54
CA PHE R 106 -1.27 12.92 -64.38
C PHE R 106 -1.06 12.12 -65.65
N GLU R 107 -1.09 12.77 -66.81
CA GLU R 107 -0.67 12.13 -68.03
C GLU R 107 0.85 12.20 -68.15
N ASP R 108 1.41 11.19 -68.82
CA ASP R 108 2.83 11.03 -69.11
C ASP R 108 3.60 10.52 -67.89
N VAL R 109 3.04 10.66 -66.70
CA VAL R 109 3.71 10.12 -65.52
C VAL R 109 3.47 8.63 -65.42
N PHE R 110 2.23 8.21 -65.65
CA PHE R 110 1.89 6.81 -65.81
C PHE R 110 1.85 6.41 -67.27
N VAL R 111 2.09 7.35 -68.17
CA VAL R 111 1.98 7.09 -69.60
C VAL R 111 3.36 7.06 -70.23
N LYS R 112 3.99 8.24 -70.37
CA LYS R 112 5.22 8.30 -71.14
C LYS R 112 6.34 7.53 -70.46
N ILE R 113 6.46 7.63 -69.14
CA ILE R 113 7.55 6.95 -68.44
C ILE R 113 7.50 5.45 -68.67
N PRO R 114 6.38 4.75 -68.45
CA PRO R 114 6.34 3.34 -68.80
C PRO R 114 6.58 3.07 -70.28
N GLN R 115 6.10 3.93 -71.17
CA GLN R 115 6.38 3.78 -72.59
C GLN R 115 7.89 3.68 -72.82
N ALA R 116 8.62 4.69 -72.36
CA ALA R 116 10.07 4.70 -72.52
C ALA R 116 10.69 3.48 -71.87
N ILE R 117 10.58 3.38 -70.54
CA ILE R 117 11.37 2.41 -69.81
C ILE R 117 11.03 0.99 -70.23
N ALA R 118 9.78 0.76 -70.65
CA ALA R 118 9.43 -0.55 -71.17
C ALA R 118 10.03 -0.75 -72.56
N GLN R 119 9.99 0.29 -73.39
CA GLN R 119 10.57 0.21 -74.72
C GLN R 119 12.04 -0.18 -74.64
N VAL R 120 12.84 0.63 -73.92
CA VAL R 120 14.25 0.33 -73.77
C VAL R 120 14.47 -0.90 -72.90
N SER R 121 13.45 -1.34 -72.15
CA SER R 121 13.54 -2.62 -71.48
C SER R 121 13.60 -3.75 -72.49
N LYS R 122 12.66 -3.76 -73.43
CA LYS R 122 12.68 -4.79 -74.47
C LYS R 122 13.94 -4.66 -75.31
N GLU R 123 14.31 -3.44 -75.70
CA GLU R 123 15.51 -3.26 -76.51
C GLU R 123 16.76 -3.67 -75.75
N ALA R 124 16.73 -3.59 -74.42
CA ALA R 124 17.87 -4.01 -73.62
C ALA R 124 17.97 -5.51 -73.49
N GLY R 125 16.97 -6.26 -73.92
CA GLY R 125 17.00 -7.70 -73.80
C GLY R 125 17.01 -8.17 -72.37
N VAL R 126 16.04 -7.71 -71.59
CA VAL R 126 15.88 -8.11 -70.20
C VAL R 126 14.50 -8.71 -70.03
N GLU R 127 14.41 -9.70 -69.15
CA GLU R 127 13.18 -10.45 -68.96
C GLU R 127 12.51 -10.04 -67.65
N LYS R 128 11.38 -10.71 -67.37
CA LYS R 128 10.73 -10.67 -66.06
C LYS R 128 10.41 -9.24 -65.62
N PHE R 129 10.19 -8.35 -66.57
CA PHE R 129 9.85 -6.98 -66.21
C PHE R 129 8.54 -6.93 -65.45
N ILE R 130 8.58 -6.30 -64.29
CA ILE R 130 7.39 -6.11 -63.45
C ILE R 130 6.93 -4.69 -63.59
N HIS R 131 5.63 -4.50 -63.78
CA HIS R 131 5.02 -3.19 -63.82
C HIS R 131 3.80 -3.20 -62.92
N ILE R 132 3.60 -2.09 -62.21
CA ILE R 132 2.50 -2.00 -61.26
C ILE R 132 1.62 -0.82 -61.64
N SER R 133 0.38 -0.87 -61.18
CA SER R 133 -0.56 0.24 -61.26
C SER R 133 -1.56 0.05 -60.13
N HIS R 134 -2.47 1.01 -59.98
CA HIS R 134 -3.50 0.90 -58.95
C HIS R 134 -4.57 -0.08 -59.39
N LEU R 135 -5.22 -0.70 -58.41
CA LEU R 135 -6.31 -1.62 -58.69
C LEU R 135 -7.48 -0.86 -59.30
N ASN R 136 -8.30 -1.59 -60.06
CA ASN R 136 -9.50 -1.05 -60.68
C ASN R 136 -9.17 0.11 -61.62
N ALA R 137 -8.05 0.01 -62.32
CA ALA R 137 -7.76 0.97 -63.39
C ALA R 137 -8.70 0.70 -64.54
N ASP R 138 -9.47 1.72 -64.93
CA ASP R 138 -10.58 1.55 -65.85
C ASP R 138 -10.56 2.65 -66.88
N ILE R 139 -10.94 2.30 -68.12
CA ILE R 139 -11.09 3.32 -69.15
C ILE R 139 -12.19 4.30 -68.79
N LYS R 140 -13.13 3.90 -67.93
CA LYS R 140 -14.23 4.77 -67.60
C LYS R 140 -13.80 5.86 -66.62
N SER R 141 -14.56 6.94 -66.64
CA SER R 141 -14.18 8.23 -66.07
C SER R 141 -14.43 8.26 -64.57
N SER R 142 -14.42 9.47 -64.01
CA SER R 142 -14.60 9.86 -62.61
C SER R 142 -13.30 9.85 -61.84
N SER R 143 -12.22 9.31 -62.41
CA SER R 143 -10.88 9.50 -61.87
C SER R 143 -9.92 9.74 -63.00
N LYS R 144 -9.32 10.93 -63.03
CA LYS R 144 -8.35 11.28 -64.06
C LYS R 144 -7.18 10.33 -64.05
N TYR R 145 -6.42 10.35 -62.94
CA TYR R 145 -5.24 9.49 -62.81
C TYR R 145 -5.57 8.06 -63.16
N LEU R 146 -6.77 7.60 -62.84
CA LEU R 146 -7.06 6.18 -62.96
C LEU R 146 -7.33 5.79 -64.40
N ARG R 147 -8.09 6.60 -65.14
CA ARG R 147 -8.27 6.32 -66.55
C ARG R 147 -6.95 6.44 -67.29
N ASN R 148 -6.17 7.46 -66.91
CA ASN R 148 -4.85 7.67 -67.49
C ASN R 148 -4.02 6.41 -67.33
N LYS R 149 -3.76 6.06 -66.07
CA LYS R 149 -2.93 4.91 -65.75
C LYS R 149 -3.47 3.64 -66.37
N ALA R 150 -4.79 3.51 -66.47
CA ALA R 150 -5.37 2.39 -67.20
C ALA R 150 -4.83 2.36 -68.62
N VAL R 151 -4.88 3.49 -69.32
CA VAL R 151 -4.22 3.58 -70.62
C VAL R 151 -2.76 3.20 -70.48
N GLY R 152 -2.16 3.49 -69.33
CA GLY R 152 -0.80 3.10 -69.04
C GLY R 152 -0.63 1.60 -69.20
N GLU R 153 -1.43 0.81 -68.48
CA GLU R 153 -1.35 -0.63 -68.67
C GLU R 153 -1.64 -1.02 -70.11
N LYS R 154 -2.55 -0.31 -70.77
CA LYS R 154 -2.80 -0.57 -72.18
C LYS R 154 -1.49 -0.60 -72.96
N GLU R 155 -0.79 0.53 -73.02
CA GLU R 155 0.43 0.57 -73.83
C GLU R 155 1.53 -0.32 -73.27
N VAL R 156 1.63 -0.44 -71.95
CA VAL R 156 2.65 -1.30 -71.35
C VAL R 156 2.47 -2.73 -71.81
N ARG R 157 1.23 -3.16 -71.99
CA ARG R 157 1.00 -4.49 -72.52
C ARG R 157 1.14 -4.52 -74.03
N GLU R 158 0.79 -3.43 -74.72
CA GLU R 158 0.91 -3.38 -76.17
C GLU R 158 2.35 -3.58 -76.61
N THR R 159 3.24 -2.70 -76.17
CA THR R 159 4.66 -2.94 -76.37
C THR R 159 5.19 -3.87 -75.29
N PHE R 160 6.20 -4.66 -75.64
CA PHE R 160 6.85 -5.56 -74.70
C PHE R 160 5.79 -6.46 -74.06
N PRO R 161 5.26 -7.44 -74.82
CA PRO R 161 4.06 -8.15 -74.33
C PRO R 161 4.28 -8.89 -73.02
N GLU R 162 5.35 -9.66 -72.90
CA GLU R 162 5.53 -10.49 -71.72
C GLU R 162 6.05 -9.63 -70.57
N ALA R 163 5.28 -9.59 -69.49
CA ALA R 163 5.61 -8.82 -68.30
C ALA R 163 4.50 -9.10 -67.29
N THR R 164 4.78 -8.82 -66.03
CA THR R 164 3.80 -8.97 -64.97
C THR R 164 3.26 -7.59 -64.65
N ILE R 165 2.02 -7.34 -65.05
CA ILE R 165 1.35 -6.07 -64.79
C ILE R 165 0.37 -6.33 -63.67
N ILE R 166 0.62 -5.74 -62.51
CA ILE R 166 0.04 -6.18 -61.27
C ILE R 166 -0.58 -4.99 -60.54
N LYS R 167 -1.87 -5.10 -60.22
CA LYS R 167 -2.59 -4.02 -59.55
C LYS R 167 -2.77 -4.37 -58.09
N PRO R 168 -2.05 -3.75 -57.17
CA PRO R 168 -2.45 -3.83 -55.76
C PRO R 168 -3.64 -2.94 -55.50
N ALA R 169 -4.41 -3.31 -54.49
CA ALA R 169 -5.48 -2.46 -54.00
C ALA R 169 -4.83 -1.34 -53.19
N ASP R 170 -5.64 -0.57 -52.46
CA ASP R 170 -5.05 0.46 -51.62
C ASP R 170 -4.03 -0.18 -50.69
N ILE R 171 -2.80 0.29 -50.78
CA ILE R 171 -1.67 -0.32 -50.10
C ILE R 171 -1.51 0.34 -48.74
N PHE R 172 -1.18 -0.47 -47.74
CA PHE R 172 -1.26 -0.06 -46.35
C PHE R 172 0.05 -0.40 -45.64
N GLY R 173 0.56 0.54 -44.86
CA GLY R 173 1.84 0.35 -44.22
C GLY R 173 2.21 1.50 -43.31
N ARG R 174 3.51 1.61 -43.02
CA ARG R 174 4.01 2.54 -42.01
C ARG R 174 3.89 3.99 -42.49
N GLU R 175 4.65 4.36 -43.52
CA GLU R 175 4.71 5.72 -44.03
C GLU R 175 3.69 6.01 -45.12
N ASP R 176 2.72 5.13 -45.33
CA ASP R 176 1.92 5.19 -46.55
C ASP R 176 1.04 6.44 -46.57
N ARG R 177 0.38 6.63 -47.70
CA ARG R 177 -0.40 7.83 -47.98
C ARG R 177 -1.89 7.65 -47.79
N PHE R 178 -2.35 6.48 -47.41
CA PHE R 178 -3.78 6.19 -47.39
C PHE R 178 -4.35 6.28 -45.99
N LEU R 179 -4.07 5.27 -45.18
CA LEU R 179 -4.68 5.22 -43.86
C LEU R 179 -4.14 6.32 -42.97
N ASN R 180 -2.85 6.64 -43.10
CA ASN R 180 -2.32 7.80 -42.41
C ASN R 180 -3.10 9.06 -42.80
N TYR R 181 -3.40 9.21 -44.09
CA TYR R 181 -4.21 10.34 -44.54
C TYR R 181 -5.55 10.36 -43.81
N PHE R 182 -6.21 9.21 -43.71
CA PHE R 182 -7.48 9.20 -42.98
C PHE R 182 -7.28 9.60 -41.52
N ALA R 183 -6.15 9.22 -40.93
CA ALA R 183 -5.89 9.63 -39.56
C ALA R 183 -5.69 11.13 -39.45
N ASN R 184 -5.17 11.76 -40.50
CA ASN R 184 -4.88 13.19 -40.46
C ASN R 184 -5.98 14.05 -41.06
N ILE R 185 -7.04 13.45 -41.58
CA ILE R 185 -8.11 14.23 -42.20
C ILE R 185 -9.17 14.66 -41.18
N ARG R 186 -9.06 14.19 -39.94
CA ARG R 186 -10.05 14.47 -38.91
C ARG R 186 -10.14 15.94 -38.53
N TRP R 187 -9.27 16.79 -39.06
CA TRP R 187 -9.15 18.16 -38.56
C TRP R 187 -10.33 18.99 -39.04
N PHE R 188 -10.21 20.31 -38.88
CA PHE R 188 -11.37 21.20 -38.78
C PHE R 188 -12.35 21.00 -39.93
N GLY R 189 -13.64 21.13 -39.60
CA GLY R 189 -14.72 20.97 -40.53
C GLY R 189 -15.31 19.58 -40.59
N GLY R 190 -14.53 18.57 -40.24
CA GLY R 190 -15.05 17.20 -40.15
C GLY R 190 -15.84 16.74 -41.35
N VAL R 191 -15.36 17.02 -42.55
CA VAL R 191 -16.07 16.57 -43.75
C VAL R 191 -15.11 15.83 -44.70
N PRO R 192 -14.45 14.75 -44.26
CA PRO R 192 -13.59 14.02 -45.21
C PRO R 192 -14.35 13.38 -46.34
N LEU R 193 -15.41 12.65 -46.02
CA LEU R 193 -16.17 11.83 -46.96
C LEU R 193 -17.44 11.42 -46.23
N ILE R 194 -18.17 10.47 -46.80
CA ILE R 194 -19.46 10.01 -46.29
C ILE R 194 -20.41 11.19 -46.50
N SER R 195 -20.25 11.86 -47.63
CA SER R 195 -21.21 12.88 -48.03
C SER R 195 -22.58 12.26 -48.27
N LEU R 196 -22.64 11.26 -49.16
CA LEU R 196 -23.84 10.45 -49.33
C LEU R 196 -23.83 9.19 -48.49
N GLY R 197 -22.70 8.85 -47.86
CA GLY R 197 -22.62 7.67 -47.03
C GLY R 197 -22.50 6.39 -47.84
N LYS R 198 -22.10 5.30 -47.15
CA LYS R 198 -22.00 3.94 -47.69
C LYS R 198 -21.31 3.93 -49.04
N LYS R 199 -21.78 3.09 -49.97
CA LYS R 199 -21.41 3.17 -51.38
C LYS R 199 -19.92 2.90 -51.60
N THR R 200 -19.16 2.70 -50.53
CA THR R 200 -17.72 2.48 -50.61
C THR R 200 -17.38 1.13 -49.99
N VAL R 201 -16.97 0.18 -50.83
CA VAL R 201 -16.40 -1.08 -50.38
C VAL R 201 -14.91 -1.05 -50.71
N LYS R 202 -14.09 -1.44 -49.74
CA LYS R 202 -12.66 -1.30 -49.89
C LYS R 202 -11.96 -2.36 -49.04
N GLN R 203 -10.81 -2.82 -49.52
CA GLN R 203 -10.05 -3.88 -48.87
C GLN R 203 -8.57 -3.54 -48.87
N PRO R 204 -8.14 -2.67 -47.95
CA PRO R 204 -6.71 -2.35 -47.87
C PRO R 204 -5.90 -3.59 -47.59
N VAL R 205 -4.69 -3.63 -48.13
CA VAL R 205 -3.77 -4.74 -47.96
C VAL R 205 -2.49 -4.20 -47.32
N TYR R 206 -1.95 -4.95 -46.38
CA TYR R 206 -0.75 -4.51 -45.69
C TYR R 206 0.48 -4.71 -46.58
N ILE R 207 1.50 -3.89 -46.33
CA ILE R 207 2.52 -3.65 -47.35
C ILE R 207 3.42 -4.88 -47.54
N VAL R 208 3.89 -5.48 -46.44
CA VAL R 208 4.88 -6.54 -46.58
C VAL R 208 4.32 -7.69 -47.38
N ASP R 209 3.01 -7.90 -47.31
CA ASP R 209 2.37 -8.89 -48.17
C ASP R 209 2.54 -8.49 -49.63
N VAL R 210 2.43 -7.20 -49.94
CA VAL R 210 2.58 -6.76 -51.32
C VAL R 210 4.02 -7.00 -51.77
N THR R 211 4.98 -6.47 -51.03
CA THR R 211 6.37 -6.56 -51.46
C THR R 211 6.83 -8.01 -51.55
N LYS R 212 6.37 -8.87 -50.62
CA LYS R 212 6.64 -10.30 -50.78
C LYS R 212 5.98 -10.83 -52.05
N GLY R 213 4.81 -10.28 -52.39
CA GLY R 213 4.23 -10.61 -53.68
C GLY R 213 5.16 -10.29 -54.83
N ILE R 214 5.80 -9.10 -54.78
CA ILE R 214 6.70 -8.73 -55.86
C ILE R 214 7.92 -9.63 -55.89
N ILE R 215 8.47 -9.98 -54.72
CA ILE R 215 9.73 -10.72 -54.74
C ILE R 215 9.49 -12.16 -55.19
N ASN R 216 8.37 -12.76 -54.79
CA ASN R 216 8.04 -14.06 -55.35
C ASN R 216 7.77 -13.94 -56.84
N ALA R 217 7.05 -12.90 -57.25
CA ALA R 217 6.83 -12.70 -58.68
C ALA R 217 8.13 -12.57 -59.45
N ILE R 218 9.16 -11.99 -58.83
CA ILE R 218 10.40 -11.73 -59.54
C ILE R 218 11.26 -12.98 -59.61
N LYS R 219 11.32 -13.77 -58.53
CA LYS R 219 12.19 -14.93 -58.52
C LYS R 219 11.46 -16.22 -58.87
N ASP R 220 10.17 -16.18 -59.13
CA ASP R 220 9.45 -17.40 -59.47
C ASP R 220 9.09 -17.41 -60.94
N PRO R 221 9.45 -18.46 -61.68
CA PRO R 221 9.02 -18.58 -63.07
C PRO R 221 7.52 -18.75 -63.15
N ASP R 222 7.00 -18.57 -64.36
CA ASP R 222 5.57 -18.60 -64.65
C ASP R 222 4.83 -17.49 -63.91
N ALA R 223 5.54 -16.44 -63.52
CA ALA R 223 4.92 -15.19 -63.12
C ALA R 223 4.97 -14.16 -64.23
N ARG R 224 5.62 -14.48 -65.34
CA ARG R 224 5.71 -13.57 -66.47
C ARG R 224 4.44 -13.63 -67.31
N GLY R 225 4.16 -12.53 -68.01
CA GLY R 225 3.04 -12.47 -68.91
C GLY R 225 1.71 -12.82 -68.30
N LYS R 226 1.58 -12.68 -66.98
CA LYS R 226 0.34 -12.98 -66.28
C LYS R 226 0.00 -11.80 -65.40
N THR R 227 -1.08 -11.10 -65.74
CA THR R 227 -1.52 -9.95 -64.97
C THR R 227 -2.48 -10.40 -63.87
N PHE R 228 -2.38 -9.76 -62.71
CA PHE R 228 -3.25 -10.10 -61.59
C PHE R 228 -3.10 -9.02 -60.52
N ALA R 229 -3.86 -9.19 -59.44
CA ALA R 229 -4.09 -8.13 -58.46
C ALA R 229 -3.93 -8.68 -57.05
N PHE R 230 -3.89 -7.76 -56.08
CA PHE R 230 -3.84 -8.13 -54.68
C PHE R 230 -5.14 -7.75 -53.99
N VAL R 231 -5.41 -8.44 -52.88
CA VAL R 231 -6.68 -8.35 -52.17
C VAL R 231 -6.40 -8.34 -50.68
N GLY R 232 -7.04 -7.42 -49.97
CA GLY R 232 -7.10 -7.52 -48.54
C GLY R 232 -7.87 -8.77 -48.18
N PRO R 233 -7.25 -9.69 -47.44
CA PRO R 233 -7.76 -11.06 -47.39
C PRO R 233 -9.18 -11.17 -46.84
N ASN R 234 -9.44 -10.53 -45.72
CA ASN R 234 -10.69 -10.70 -44.99
C ASN R 234 -11.50 -9.42 -44.97
N ARG R 235 -10.92 -8.34 -44.45
CA ARG R 235 -11.62 -7.12 -44.06
C ARG R 235 -12.68 -6.68 -45.06
N TYR R 236 -12.27 -6.22 -46.24
CA TYR R 236 -13.19 -5.80 -47.29
C TYR R 236 -14.23 -4.82 -46.73
N LEU R 237 -13.72 -3.78 -46.07
CA LEU R 237 -14.50 -2.89 -45.23
C LEU R 237 -15.33 -1.89 -46.03
N LEU R 238 -16.34 -1.37 -45.35
CA LEU R 238 -17.14 -0.22 -45.78
C LEU R 238 -16.50 1.04 -45.18
N PHE R 239 -17.17 2.18 -45.25
CA PHE R 239 -16.60 3.39 -44.64
C PHE R 239 -16.46 3.25 -43.14
N ASP R 240 -17.01 2.19 -42.53
CA ASP R 240 -16.80 1.93 -41.11
C ASP R 240 -15.33 1.88 -40.77
N LEU R 241 -14.47 1.60 -41.76
CA LEU R 241 -13.03 1.77 -41.61
C LEU R 241 -12.72 3.12 -41.01
N VAL R 242 -13.12 4.20 -41.68
CA VAL R 242 -12.78 5.55 -41.25
C VAL R 242 -13.04 5.74 -39.76
N GLN R 243 -14.23 5.36 -39.31
CA GLN R 243 -14.54 5.52 -37.90
C GLN R 243 -13.80 4.50 -37.04
N TYR R 244 -13.33 3.40 -37.64
CA TYR R 244 -12.54 2.41 -36.90
C TYR R 244 -11.13 2.93 -36.64
N VAL R 245 -10.35 3.08 -37.71
CA VAL R 245 -8.99 3.61 -37.63
C VAL R 245 -9.01 4.97 -36.93
N PHE R 246 -10.15 5.66 -36.99
CA PHE R 246 -10.27 6.86 -36.20
C PHE R 246 -10.56 6.53 -34.74
N ALA R 247 -11.21 5.41 -34.47
CA ALA R 247 -11.57 5.04 -33.11
C ALA R 247 -10.33 4.55 -32.37
N VAL R 248 -9.79 3.41 -32.81
CA VAL R 248 -8.45 3.03 -32.38
C VAL R 248 -7.50 4.15 -32.76
N ALA R 249 -6.48 4.35 -31.94
CA ALA R 249 -5.54 5.48 -32.07
C ALA R 249 -6.25 6.79 -31.77
N HIS R 250 -7.57 6.73 -31.54
CA HIS R 250 -8.28 7.83 -30.90
C HIS R 250 -8.11 9.14 -31.63
N ARG R 251 -7.39 10.08 -31.04
CA ARG R 251 -7.56 11.48 -31.42
C ARG R 251 -6.49 12.32 -30.76
N PRO R 252 -5.89 13.28 -31.48
CA PRO R 252 -4.89 14.21 -30.96
C PRO R 252 -5.50 15.47 -30.38
N PRO R 277 0.59 19.76 -52.56
CA PRO R 277 -0.13 19.98 -51.30
C PRO R 277 -1.55 19.42 -51.34
N TRP R 278 -1.70 18.15 -50.95
CA TRP R 278 -2.96 17.41 -51.00
C TRP R 278 -3.51 17.56 -52.43
N THR R 279 -4.84 17.65 -52.60
CA THR R 279 -5.53 17.89 -53.87
C THR R 279 -7.05 17.77 -53.76
N THR R 280 -7.71 18.11 -54.86
CA THR R 280 -9.16 18.20 -55.00
C THR R 280 -9.80 16.84 -55.25
N ARG R 281 -11.00 16.87 -55.83
CA ARG R 281 -11.74 15.65 -56.15
C ARG R 281 -10.89 14.65 -56.92
N ASP R 282 -9.76 15.07 -57.47
CA ASP R 282 -8.73 14.10 -57.82
C ASP R 282 -8.42 13.21 -56.61
N LYS R 283 -8.11 13.83 -55.47
CA LYS R 283 -7.76 13.05 -54.29
C LYS R 283 -8.99 12.49 -53.59
N VAL R 284 -10.01 13.31 -53.35
CA VAL R 284 -11.11 12.78 -52.55
C VAL R 284 -11.97 11.84 -53.38
N GLU R 285 -12.10 12.11 -54.68
CA GLU R 285 -12.69 11.10 -55.55
C GLU R 285 -11.76 9.90 -55.70
N ARG R 286 -10.44 10.10 -55.62
CA ARG R 286 -9.54 8.97 -55.60
C ARG R 286 -9.87 8.02 -54.45
N ILE R 287 -9.83 8.54 -53.23
CA ILE R 287 -10.09 7.71 -52.06
C ILE R 287 -11.54 7.28 -52.00
N HIS R 288 -12.42 7.98 -52.70
CA HIS R 288 -13.83 7.63 -52.75
C HIS R 288 -14.16 6.63 -53.84
N THR R 289 -13.20 6.35 -54.73
CA THR R 289 -13.38 5.29 -55.72
C THR R 289 -13.77 4.00 -55.03
N THR R 290 -14.75 3.30 -55.57
CA THR R 290 -15.30 2.13 -54.93
C THR R 290 -15.35 0.97 -55.90
N ASP R 291 -14.56 -0.07 -55.62
CA ASP R 291 -14.76 -1.38 -56.23
C ASP R 291 -13.72 -2.37 -55.73
N ARG R 292 -14.06 -3.65 -55.74
CA ARG R 292 -13.09 -4.74 -55.70
C ARG R 292 -12.89 -5.37 -57.07
N THR R 293 -13.69 -4.96 -58.05
CA THR R 293 -13.59 -5.34 -59.46
C THR R 293 -13.78 -6.85 -59.58
N LEU R 294 -12.95 -7.54 -60.34
CA LEU R 294 -13.29 -8.82 -60.96
C LEU R 294 -12.65 -9.98 -60.21
N PRO R 295 -13.43 -11.01 -59.90
CA PRO R 295 -12.89 -12.12 -59.09
C PRO R 295 -11.80 -12.93 -59.77
N HIS R 296 -11.91 -13.22 -61.06
CA HIS R 296 -11.02 -14.20 -61.68
C HIS R 296 -9.80 -13.50 -62.27
N LEU R 297 -8.69 -13.65 -61.59
CA LEU R 297 -7.33 -13.13 -61.73
C LEU R 297 -6.60 -13.79 -60.58
N PRO R 298 -5.36 -14.24 -60.76
CA PRO R 298 -4.68 -14.91 -59.63
C PRO R 298 -4.56 -13.96 -58.46
N GLY R 299 -5.20 -14.32 -57.34
CA GLY R 299 -5.28 -13.35 -56.26
C GLY R 299 -4.04 -13.18 -55.43
N LEU R 300 -3.70 -14.20 -54.64
CA LEU R 300 -2.52 -14.12 -53.79
C LEU R 300 -1.78 -15.45 -53.77
N GLU R 301 -2.43 -16.45 -53.18
CA GLU R 301 -1.83 -17.77 -53.04
C GLU R 301 -1.45 -18.34 -54.39
N ASP R 302 -2.13 -17.91 -55.46
CA ASP R 302 -1.70 -18.29 -56.80
C ASP R 302 -0.27 -17.83 -57.08
N LEU R 303 0.19 -16.81 -56.37
CA LEU R 303 1.59 -16.46 -56.30
C LEU R 303 2.27 -17.07 -55.07
N GLY R 304 1.51 -17.76 -54.22
CA GLY R 304 2.09 -18.47 -53.10
C GLY R 304 2.66 -17.64 -51.97
N VAL R 305 1.83 -16.79 -51.37
CA VAL R 305 2.26 -16.05 -50.18
C VAL R 305 1.03 -15.79 -49.30
N GLN R 306 1.26 -15.81 -47.99
CA GLN R 306 0.21 -15.62 -47.01
C GLN R 306 -0.31 -14.17 -47.03
N ALA R 307 -1.51 -13.99 -46.48
CA ALA R 307 -2.14 -12.68 -46.38
C ALA R 307 -2.30 -12.27 -44.92
N THR R 308 -2.30 -10.96 -44.69
CA THR R 308 -2.35 -10.39 -43.35
C THR R 308 -3.65 -9.62 -43.13
N PRO R 309 -4.47 -9.98 -42.15
CA PRO R 309 -5.60 -9.13 -41.78
C PRO R 309 -5.11 -7.81 -41.20
N LEU R 310 -6.05 -6.86 -41.11
CA LEU R 310 -5.68 -5.46 -40.88
C LEU R 310 -5.21 -5.20 -39.46
N GLU R 311 -5.84 -5.84 -38.47
CA GLU R 311 -5.79 -5.41 -37.07
C GLU R 311 -4.39 -5.10 -36.55
N LEU R 312 -3.57 -6.14 -36.37
CA LEU R 312 -2.32 -5.98 -35.64
C LEU R 312 -1.44 -4.93 -36.29
N LYS R 313 -1.17 -5.08 -37.58
CA LYS R 313 -0.36 -4.10 -38.29
C LYS R 313 -0.97 -2.70 -38.18
N ALA R 314 -2.29 -2.60 -38.16
CA ALA R 314 -2.92 -1.30 -37.98
C ALA R 314 -2.53 -0.70 -36.64
N ILE R 315 -2.55 -1.49 -35.57
CA ILE R 315 -2.05 -1.01 -34.28
C ILE R 315 -0.62 -0.50 -34.43
N GLU R 316 0.24 -1.33 -35.02
CA GLU R 316 1.65 -1.00 -35.17
C GLU R 316 1.85 0.36 -35.83
N VAL R 317 1.24 0.55 -37.01
CA VAL R 317 1.46 1.80 -37.73
C VAL R 317 0.80 2.97 -37.02
N LEU R 318 -0.36 2.75 -36.41
CA LEU R 318 -1.10 3.86 -35.82
C LEU R 318 -0.36 4.46 -34.63
N ARG R 319 -0.05 3.63 -33.63
CA ARG R 319 0.59 4.15 -32.42
C ARG R 319 -0.24 5.29 -31.85
N ARG R 320 0.36 6.47 -31.68
CA ARG R 320 -0.27 7.68 -31.14
C ARG R 320 -0.99 7.47 -29.82
N HIS R 321 -2.12 8.16 -29.66
CA HIS R 321 -2.97 8.23 -28.46
C HIS R 321 -2.11 8.59 -27.23
N ARG R 322 -2.44 8.04 -26.06
CA ARG R 322 -1.67 8.25 -24.84
C ARG R 322 -0.77 7.05 -24.52
N THR R 323 -0.87 5.97 -25.29
CA THR R 323 -0.02 4.78 -25.27
C THR R 323 -0.10 3.95 -23.98
N TYR R 324 -0.79 4.40 -22.93
CA TYR R 324 -0.61 3.77 -21.61
C TYR R 324 -1.56 2.60 -21.36
N ARG R 325 -2.59 2.41 -22.19
CA ARG R 325 -3.55 1.34 -21.97
C ARG R 325 -3.73 0.55 -23.27
N TRP R 326 -3.53 -0.75 -23.20
CA TRP R 326 -3.75 -1.60 -24.38
C TRP R 326 -5.24 -1.74 -24.68
N LEU R 327 -6.04 -2.00 -23.66
CA LEU R 327 -7.51 -2.04 -23.75
C LEU R 327 -7.90 -3.10 -24.80
N SER R 328 -8.87 -2.81 -25.65
CA SER R 328 -9.43 -3.78 -26.59
C SER R 328 -9.43 -3.22 -28.00
N SER R 329 -10.14 -2.11 -28.20
CA SER R 329 -10.31 -1.30 -29.40
C SER R 329 -11.46 -1.76 -30.29
N GLU R 330 -12.10 -2.89 -29.98
CA GLU R 330 -13.38 -3.23 -30.59
C GLU R 330 -13.34 -3.29 -32.10
N ILE R 331 -12.75 -4.35 -32.67
CA ILE R 331 -12.51 -4.46 -34.10
C ILE R 331 -13.79 -4.22 -34.89
N GLU R 332 -13.66 -3.54 -36.04
CA GLU R 332 -14.83 -3.10 -36.80
C GLU R 332 -15.63 -4.30 -37.33
N ASP R 333 -14.95 -5.21 -38.03
CA ASP R 333 -15.57 -6.42 -38.57
C ASP R 333 -16.77 -6.06 -39.46
N VAL R 334 -16.54 -5.18 -40.42
CA VAL R 334 -17.56 -4.83 -41.40
C VAL R 334 -17.98 -6.08 -42.16
N GLN R 335 -17.07 -6.58 -43.01
CA GLN R 335 -17.27 -7.76 -43.84
C GLN R 335 -18.67 -7.77 -44.45
N PRO R 336 -19.12 -6.64 -45.01
CA PRO R 336 -20.50 -6.59 -45.52
C PRO R 336 -20.70 -7.56 -46.66
N ALA R 337 -21.74 -8.40 -46.53
CA ALA R 337 -22.18 -9.29 -47.60
C ALA R 337 -21.13 -10.34 -47.94
N LYS R 338 -19.96 -10.26 -47.28
CA LYS R 338 -18.81 -11.11 -47.57
C LYS R 338 -19.16 -12.57 -47.78
N LEU S 13 8.25 -67.10 -59.66
CA LEU S 13 9.66 -66.75 -59.56
C LEU S 13 9.84 -65.34 -59.01
N GLY S 14 10.53 -64.51 -59.77
CA GLY S 14 10.67 -63.11 -59.48
C GLY S 14 12.00 -62.70 -58.87
N LEU S 15 12.73 -63.63 -58.26
CA LEU S 15 13.94 -63.26 -57.54
C LEU S 15 14.92 -62.58 -58.47
N ARG S 16 15.30 -61.34 -58.14
CA ARG S 16 16.33 -60.67 -58.90
C ARG S 16 17.72 -61.04 -58.41
N GLU S 17 17.94 -61.06 -57.09
CA GLU S 17 19.26 -61.37 -56.55
C GLU S 17 19.12 -61.81 -55.11
N ILE S 18 20.16 -62.47 -54.61
CA ILE S 18 20.20 -62.98 -53.25
C ILE S 18 21.54 -62.64 -52.64
N ARG S 19 21.52 -62.12 -51.42
CA ARG S 19 22.74 -61.69 -50.74
C ARG S 19 22.91 -62.45 -49.44
N ILE S 20 24.16 -62.70 -49.08
CA ILE S 20 24.52 -63.35 -47.82
C ILE S 20 25.65 -62.55 -47.18
N HIS S 21 25.66 -62.53 -45.85
CA HIS S 21 26.74 -61.89 -45.12
C HIS S 21 27.20 -62.81 -44.01
N LEU S 22 28.50 -63.05 -43.92
CA LEU S 22 29.07 -63.82 -42.83
C LEU S 22 30.12 -62.99 -42.12
N CYS S 23 30.79 -63.62 -41.16
CA CYS S 23 31.96 -63.05 -40.52
C CYS S 23 33.06 -64.11 -40.51
N GLN S 24 34.26 -63.69 -40.15
CA GLN S 24 35.40 -64.62 -40.18
C GLN S 24 35.32 -65.65 -39.07
N ARG S 25 35.09 -65.22 -37.82
CA ARG S 25 35.10 -66.14 -36.70
C ARG S 25 33.96 -65.82 -35.75
N SER S 26 33.06 -66.80 -35.58
CA SER S 26 31.92 -66.80 -34.67
C SER S 26 31.12 -68.08 -34.94
N PRO S 27 30.24 -68.51 -34.04
CA PRO S 27 29.49 -69.75 -34.31
C PRO S 27 28.62 -69.68 -35.56
N GLY S 28 27.84 -68.62 -35.71
CA GLY S 28 27.09 -68.46 -36.95
C GLY S 28 28.00 -68.45 -38.15
N SER S 29 29.18 -67.84 -38.01
CA SER S 29 30.14 -67.79 -39.10
C SER S 29 30.55 -69.19 -39.52
N GLN S 30 31.02 -70.00 -38.57
CA GLN S 30 31.44 -71.36 -38.92
C GLN S 30 30.30 -72.15 -39.54
N GLY S 31 29.09 -72.02 -39.00
CA GLY S 31 27.98 -72.75 -39.56
C GLY S 31 27.69 -72.43 -41.01
N VAL S 32 27.43 -71.15 -41.29
CA VAL S 32 27.05 -70.81 -42.66
C VAL S 32 28.25 -70.87 -43.60
N ARG S 33 29.47 -70.70 -43.07
CA ARG S 33 30.64 -70.98 -43.90
C ARG S 33 30.63 -72.41 -44.37
N ASP S 34 30.42 -73.36 -43.47
CA ASP S 34 30.29 -74.75 -43.89
C ASP S 34 29.21 -74.88 -44.96
N PHE S 35 28.07 -74.21 -44.74
CA PHE S 35 27.02 -74.21 -45.74
C PHE S 35 27.53 -73.78 -47.11
N ILE S 36 28.31 -72.70 -47.16
CA ILE S 36 28.80 -72.22 -48.44
C ILE S 36 29.77 -73.22 -49.04
N GLU S 37 30.68 -73.74 -48.22
CA GLU S 37 31.69 -74.67 -48.71
C GLU S 37 31.05 -75.85 -49.43
N LYS S 38 30.16 -76.56 -48.75
CA LYS S 38 29.62 -77.75 -49.36
C LYS S 38 28.51 -77.44 -50.36
N ARG S 39 27.56 -76.59 -49.96
CA ARG S 39 26.34 -76.41 -50.75
C ARG S 39 26.49 -75.42 -51.89
N TYR S 40 27.34 -74.40 -51.74
CA TYR S 40 27.25 -73.24 -52.61
C TYR S 40 27.46 -73.61 -54.07
N VAL S 41 28.56 -74.31 -54.36
CA VAL S 41 28.96 -74.55 -55.75
C VAL S 41 27.81 -75.18 -56.54
N GLU S 42 27.16 -76.18 -55.95
CA GLU S 42 26.05 -76.79 -56.65
C GLU S 42 24.84 -75.88 -56.68
N LEU S 43 24.64 -75.08 -55.63
CA LEU S 43 23.55 -74.11 -55.66
C LEU S 43 23.67 -73.18 -56.86
N LYS S 44 24.89 -72.73 -57.15
CA LYS S 44 25.08 -71.82 -58.27
C LYS S 44 25.03 -72.56 -59.59
N LYS S 45 25.54 -73.80 -59.63
CA LYS S 45 25.37 -74.62 -60.82
C LYS S 45 23.90 -74.78 -61.17
N ALA S 46 23.04 -74.83 -60.17
CA ALA S 46 21.61 -74.95 -60.41
C ALA S 46 21.08 -73.77 -61.21
N ASN S 47 21.29 -72.57 -60.70
CA ASN S 47 20.81 -71.35 -61.37
C ASN S 47 21.98 -70.49 -61.79
N PRO S 48 22.28 -70.39 -63.09
CA PRO S 48 23.37 -69.49 -63.50
C PRO S 48 23.07 -68.02 -63.30
N ASP S 49 21.84 -67.60 -63.62
CA ASP S 49 21.57 -66.18 -63.80
C ASP S 49 21.42 -65.43 -62.48
N LEU S 50 20.80 -66.05 -61.49
CA LEU S 50 20.53 -65.33 -60.24
C LEU S 50 21.85 -64.96 -59.56
N PRO S 51 22.10 -63.85 -59.45
CA PRO S 51 23.41 -63.42 -58.94
C PRO S 51 23.49 -63.47 -57.41
N ILE S 52 23.52 -64.69 -56.88
CA ILE S 52 23.84 -64.87 -55.47
C ILE S 52 25.20 -64.25 -55.21
N LEU S 53 25.38 -63.67 -54.02
CA LEU S 53 26.64 -63.03 -53.71
C LEU S 53 26.94 -63.15 -52.22
N ILE S 54 28.22 -63.06 -51.89
CA ILE S 54 28.72 -63.30 -50.55
C ILE S 54 29.60 -62.12 -50.14
N ARG S 55 29.58 -61.78 -48.86
CA ARG S 55 30.38 -60.69 -48.33
C ARG S 55 31.03 -61.15 -47.02
N GLU S 56 31.66 -60.21 -46.32
CA GLU S 56 32.53 -60.51 -45.19
C GLU S 56 32.00 -59.76 -43.97
N CYS S 57 32.81 -59.71 -42.91
CA CYS S 57 32.30 -59.76 -41.55
C CYS S 57 31.21 -58.75 -41.27
N SER S 58 30.08 -59.26 -40.82
CA SER S 58 29.11 -58.55 -40.00
C SER S 58 29.18 -59.22 -38.64
N ASP S 59 29.65 -58.47 -37.64
CA ASP S 59 30.15 -59.09 -36.41
C ASP S 59 29.19 -60.13 -35.86
N VAL S 60 27.92 -59.77 -35.71
CA VAL S 60 26.89 -60.69 -35.25
C VAL S 60 25.70 -60.54 -36.20
N GLN S 61 24.79 -61.51 -36.14
CA GLN S 61 23.64 -61.59 -37.02
C GLN S 61 24.08 -61.59 -38.47
N PRO S 62 24.70 -62.67 -38.94
CA PRO S 62 25.14 -62.73 -40.33
C PRO S 62 23.99 -62.59 -41.33
N LYS S 63 22.87 -63.25 -41.07
CA LYS S 63 21.60 -63.17 -41.80
C LYS S 63 21.82 -63.29 -43.31
N LEU S 64 21.03 -62.57 -44.10
CA LEU S 64 21.06 -62.62 -45.57
C LEU S 64 19.94 -61.70 -46.07
N TRP S 65 19.95 -61.48 -47.38
CA TRP S 65 18.96 -60.65 -48.03
C TRP S 65 18.52 -61.29 -49.34
N ALA S 66 17.31 -60.95 -49.77
CA ALA S 66 16.82 -61.31 -51.10
C ALA S 66 16.05 -60.14 -51.66
N ARG S 67 16.43 -59.71 -52.87
CA ARG S 67 15.83 -58.56 -53.52
C ARG S 67 15.15 -58.99 -54.80
N TYR S 68 13.96 -58.45 -55.05
CA TYR S 68 13.21 -58.80 -56.26
C TYR S 68 11.93 -57.99 -56.33
N ALA S 69 11.36 -57.95 -57.54
CA ALA S 69 10.02 -57.41 -57.80
C ALA S 69 9.91 -55.95 -57.33
N PHE S 70 10.57 -55.08 -58.10
CA PHE S 70 10.45 -53.64 -57.92
C PHE S 70 11.00 -53.20 -56.56
N GLY S 71 12.09 -53.83 -56.15
CA GLY S 71 12.76 -53.45 -54.92
C GLY S 71 12.26 -54.12 -53.66
N GLN S 72 11.13 -54.82 -53.72
CA GLN S 72 10.66 -55.55 -52.56
C GLN S 72 11.71 -56.51 -52.06
N GLU S 73 11.84 -56.63 -50.74
CA GLU S 73 12.87 -57.46 -50.15
C GLU S 73 12.32 -58.13 -48.91
N LYS S 74 13.00 -59.19 -48.49
CA LYS S 74 12.69 -59.86 -47.24
C LYS S 74 13.98 -60.13 -46.49
N ASN S 75 13.92 -60.05 -45.16
CA ASN S 75 15.09 -60.10 -44.31
C ASN S 75 14.91 -61.21 -43.29
N VAL S 76 15.74 -62.23 -43.36
CA VAL S 76 15.73 -63.34 -42.41
C VAL S 76 17.10 -63.41 -41.74
N SER S 77 17.10 -63.81 -40.47
CA SER S 77 18.34 -63.92 -39.72
C SER S 77 18.89 -65.33 -39.83
N LEU S 78 20.19 -65.43 -40.10
CA LEU S 78 20.90 -66.69 -40.13
C LEU S 78 21.64 -67.00 -38.84
N ASN S 79 21.44 -66.21 -37.78
CA ASN S 79 22.27 -66.36 -36.60
C ASN S 79 22.27 -67.81 -36.12
N ASN S 80 23.48 -68.38 -36.06
CA ASN S 80 23.84 -69.71 -35.59
C ASN S 80 22.82 -70.79 -35.98
N PHE S 81 22.25 -70.67 -37.18
CA PHE S 81 21.45 -71.75 -37.74
C PHE S 81 22.33 -72.80 -38.40
N SER S 82 21.80 -74.03 -38.46
CA SER S 82 22.51 -75.12 -39.11
C SER S 82 22.53 -74.92 -40.62
N ALA S 83 23.55 -75.51 -41.25
CA ALA S 83 23.60 -75.50 -42.71
C ALA S 83 22.39 -76.20 -43.31
N ASP S 84 21.78 -77.12 -42.56
CA ASP S 84 20.50 -77.69 -42.96
C ASP S 84 19.44 -76.60 -43.03
N GLN S 85 19.25 -75.90 -41.91
CA GLN S 85 18.24 -74.84 -41.84
C GLN S 85 18.49 -73.78 -42.91
N VAL S 86 19.75 -73.39 -43.10
CA VAL S 86 20.09 -72.46 -44.17
C VAL S 86 19.68 -73.05 -45.50
N THR S 87 19.94 -74.34 -45.70
CA THR S 87 19.64 -74.99 -46.97
C THR S 87 18.17 -74.89 -47.30
N ARG S 88 17.31 -75.40 -46.41
CA ARG S 88 15.88 -75.35 -46.67
C ARG S 88 15.36 -73.91 -46.67
N ALA S 89 16.06 -72.99 -46.03
CA ALA S 89 15.63 -71.59 -46.04
C ALA S 89 15.83 -70.97 -47.42
N LEU S 90 17.06 -71.06 -47.94
CA LEU S 90 17.30 -70.53 -49.28
C LEU S 90 16.49 -71.27 -50.32
N GLU S 91 16.30 -72.57 -50.14
CA GLU S 91 15.41 -73.29 -51.05
C GLU S 91 13.98 -72.81 -50.92
N ASN S 92 13.59 -72.32 -49.74
CA ASN S 92 12.28 -71.72 -49.59
C ASN S 92 12.19 -70.42 -50.40
N VAL S 93 13.18 -69.54 -50.22
CA VAL S 93 13.15 -68.26 -50.92
C VAL S 93 13.16 -68.48 -52.42
N LEU S 94 14.05 -69.35 -52.90
CA LEU S 94 14.14 -69.62 -54.33
C LEU S 94 12.86 -70.25 -54.86
N SER S 95 12.35 -71.25 -54.14
CA SER S 95 11.14 -71.94 -54.57
C SER S 95 9.98 -70.97 -54.75
N SER S 96 9.48 -70.41 -53.65
CA SER S 96 8.40 -69.43 -53.68
C SER S 96 7.18 -69.92 -54.47
N LEU T 4 50.10 8.99 23.82
CA LEU T 4 50.24 10.31 23.21
C LEU T 4 50.05 10.23 21.71
N LYS T 5 51.17 10.21 20.99
CA LYS T 5 51.24 10.14 19.52
C LYS T 5 50.22 11.07 18.87
N LYS T 6 49.48 10.56 17.88
CA LYS T 6 48.60 11.36 17.05
C LYS T 6 47.89 10.40 16.11
N THR T 7 46.97 10.90 15.29
CA THR T 7 46.25 10.05 14.35
C THR T 7 47.24 9.26 13.49
N THR T 8 47.04 7.95 13.45
CA THR T 8 47.94 7.08 12.71
C THR T 8 47.81 7.31 11.21
N GLY T 9 48.85 6.89 10.49
CA GLY T 9 48.86 7.08 9.05
C GLY T 9 47.71 6.37 8.35
N LEU T 10 47.32 5.21 8.85
CA LEU T 10 46.23 4.47 8.23
C LEU T 10 44.92 5.20 8.47
N VAL T 11 44.04 5.17 7.47
CA VAL T 11 42.88 6.07 7.47
C VAL T 11 41.80 5.58 8.41
N GLY T 12 41.43 4.31 8.33
CA GLY T 12 40.25 3.85 9.03
C GLY T 12 40.51 3.11 10.32
N LEU T 13 41.68 3.27 10.90
CA LEU T 13 42.07 2.50 12.08
C LEU T 13 42.15 3.41 13.30
N ALA T 14 41.54 2.96 14.39
CA ALA T 14 41.55 3.68 15.64
C ALA T 14 42.96 3.68 16.26
N VAL T 15 43.15 4.58 17.21
CA VAL T 15 44.38 4.62 18.01
C VAL T 15 44.00 4.35 19.46
N CYS T 16 44.50 3.24 20.01
CA CYS T 16 44.22 2.84 21.38
C CYS T 16 45.46 3.07 22.22
N GLU T 17 45.32 3.83 23.30
CA GLU T 17 46.46 4.21 24.14
C GLU T 17 46.99 3.06 24.97
N THR T 18 46.35 1.90 24.94
CA THR T 18 46.73 0.76 25.78
C THR T 18 47.08 -0.44 24.90
N PRO T 19 48.18 -0.36 24.14
CA PRO T 19 48.51 -1.50 23.28
C PRO T 19 48.93 -2.74 24.04
N HIS T 20 49.73 -2.57 25.10
CA HIS T 20 50.43 -3.68 25.75
C HIS T 20 49.49 -4.77 26.24
N GLU T 21 48.71 -4.49 27.27
CA GLU T 21 47.87 -5.53 27.83
C GLU T 21 46.74 -5.92 26.88
N ARG T 22 46.41 -5.06 25.93
CA ARG T 22 45.53 -5.48 24.84
C ARG T 22 46.13 -6.67 24.10
N LEU T 23 47.36 -6.50 23.62
CA LEU T 23 48.07 -7.60 22.98
C LEU T 23 48.18 -8.79 23.90
N LYS T 24 48.46 -8.55 25.19
CA LYS T 24 48.53 -9.64 26.16
C LYS T 24 47.24 -10.46 26.15
N ILE T 25 46.10 -9.77 26.29
CA ILE T 25 44.80 -10.43 26.24
C ILE T 25 44.67 -11.25 24.97
N LEU T 26 44.86 -10.59 23.83
CA LEU T 26 44.62 -11.27 22.55
C LEU T 26 45.48 -12.52 22.42
N TYR T 27 46.77 -12.42 22.76
CA TYR T 27 47.66 -13.55 22.59
C TYR T 27 47.30 -14.68 23.55
N THR T 28 46.95 -14.34 24.80
CA THR T 28 46.49 -15.38 25.70
C THR T 28 45.27 -16.09 25.14
N LYS T 29 44.34 -15.33 24.56
CA LYS T 29 43.20 -15.95 23.90
C LYS T 29 43.66 -16.93 22.82
N ILE T 30 44.60 -16.50 21.98
CA ILE T 30 45.08 -17.37 20.92
C ILE T 30 45.77 -18.60 21.49
N LEU T 31 46.37 -18.48 22.68
CA LEU T 31 46.93 -19.66 23.32
C LEU T 31 45.85 -20.61 23.81
N ASP T 32 44.79 -20.08 24.40
CA ASP T 32 43.72 -20.94 24.89
C ASP T 32 43.03 -21.66 23.73
N VAL T 33 42.45 -20.89 22.81
CA VAL T 33 41.70 -21.48 21.71
C VAL T 33 42.62 -22.29 20.82
N LEU T 34 43.78 -21.73 20.48
CA LEU T 34 44.71 -22.44 19.61
C LEU T 34 45.25 -23.68 20.29
N GLY T 35 45.29 -23.70 21.62
CA GLY T 35 45.66 -24.90 22.34
C GLY T 35 44.54 -25.91 22.45
N HIS T 36 43.30 -25.49 22.19
CA HIS T 36 42.19 -26.43 22.24
C HIS T 36 42.17 -27.39 21.06
N ILE T 37 43.00 -27.17 20.04
CA ILE T 37 43.10 -28.05 18.88
C ILE T 37 43.85 -29.32 19.28
N PRO T 38 43.49 -30.48 18.75
CA PRO T 38 44.35 -31.67 18.92
C PRO T 38 45.78 -31.34 18.50
N LYS T 39 46.74 -31.76 19.31
CA LYS T 39 48.11 -31.32 19.10
C LYS T 39 48.87 -32.42 18.37
N ASN T 40 48.87 -32.32 17.04
CA ASN T 40 49.83 -32.87 16.11
C ASN T 40 50.00 -31.86 15.00
N ALA T 41 48.87 -31.52 14.39
CA ALA T 41 48.80 -30.76 13.15
C ALA T 41 49.69 -29.52 13.19
N ALA T 42 50.33 -29.27 12.05
CA ALA T 42 51.36 -28.23 11.98
C ALA T 42 50.81 -26.86 12.35
N TYR T 43 49.53 -26.60 12.08
CA TYR T 43 48.99 -25.27 12.32
C TYR T 43 49.18 -24.84 13.77
N ARG T 44 48.70 -25.67 14.71
CA ARG T 44 48.89 -25.36 16.11
C ARG T 44 50.37 -25.19 16.46
N LYS T 45 51.22 -26.08 15.93
CA LYS T 45 52.64 -26.02 16.23
C LYS T 45 53.22 -24.66 15.86
N TYR T 46 53.26 -24.36 14.57
CA TYR T 46 53.91 -23.15 14.12
C TYR T 46 53.26 -21.91 14.71
N THR T 47 51.93 -21.82 14.62
CA THR T 47 51.22 -20.65 15.13
C THR T 47 51.51 -20.45 16.61
N GLU T 48 51.52 -21.53 17.38
CA GLU T 48 51.83 -21.42 18.81
C GLU T 48 53.26 -20.93 19.01
N GLN T 49 54.19 -21.44 18.20
CA GLN T 49 55.58 -20.99 18.26
C GLN T 49 55.68 -19.48 18.08
N ILE T 50 55.34 -19.01 16.88
CA ILE T 50 55.44 -17.59 16.58
C ILE T 50 54.67 -16.76 17.60
N THR T 51 53.57 -17.29 18.10
CA THR T 51 52.75 -16.54 19.05
C THR T 51 53.48 -16.36 20.37
N ASN T 52 54.05 -17.44 20.90
CA ASN T 52 54.83 -17.32 22.13
C ASN T 52 56.00 -16.36 21.94
N GLU T 53 56.71 -16.49 20.82
CA GLU T 53 57.85 -15.62 20.55
C GLU T 53 57.45 -14.14 20.59
N LYS T 54 56.57 -13.75 19.68
CA LYS T 54 56.15 -12.35 19.61
C LYS T 54 55.55 -11.88 20.93
N LEU T 55 54.83 -12.76 21.63
CA LEU T 55 54.36 -12.43 22.97
C LEU T 55 55.52 -12.02 23.86
N SER T 56 56.60 -12.81 23.88
CA SER T 56 57.76 -12.44 24.69
C SER T 56 58.32 -11.09 24.26
N ILE T 57 58.34 -10.84 22.95
CA ILE T 57 58.75 -9.52 22.48
C ILE T 57 57.91 -8.44 23.14
N VAL T 58 56.62 -8.72 23.34
CA VAL T 58 55.78 -7.78 24.07
C VAL T 58 56.18 -7.72 25.54
N LYS T 59 56.58 -8.87 26.10
CA LYS T 59 56.99 -8.92 27.50
C LYS T 59 58.25 -8.10 27.76
N ALA T 60 59.02 -7.78 26.73
CA ALA T 60 60.31 -7.11 26.94
C ALA T 60 60.20 -5.60 26.94
N GLU T 61 60.01 -4.99 25.77
CA GLU T 61 60.16 -3.55 25.63
C GLU T 61 58.91 -2.82 26.09
N PRO T 62 58.98 -1.99 27.13
CA PRO T 62 57.77 -1.27 27.56
C PRO T 62 57.32 -0.19 26.60
N ASP T 63 58.24 0.53 25.97
CA ASP T 63 57.87 1.72 25.21
C ASP T 63 57.08 1.34 23.96
N VAL T 64 56.34 2.32 23.44
CA VAL T 64 55.48 2.08 22.27
C VAL T 64 56.31 1.94 21.01
N LYS T 65 57.16 2.93 20.74
CA LYS T 65 57.73 3.07 19.40
C LYS T 65 58.74 1.98 19.13
N LYS T 66 59.81 1.92 19.92
CA LYS T 66 60.78 0.85 19.75
C LYS T 66 60.11 -0.52 19.76
N LEU T 67 58.98 -0.65 20.44
CA LEU T 67 58.22 -1.90 20.35
C LEU T 67 57.74 -2.12 18.93
N GLU T 68 57.19 -1.07 18.31
CA GLU T 68 56.83 -1.18 16.89
C GLU T 68 58.05 -1.53 16.05
N GLU T 69 59.20 -0.94 16.35
CA GLU T 69 60.40 -1.16 15.54
C GLU T 69 60.84 -2.62 15.61
N GLN T 70 61.11 -3.11 16.82
CA GLN T 70 61.61 -4.46 16.97
C GLN T 70 60.55 -5.50 16.67
N LEU T 71 59.27 -5.13 16.76
CA LEU T 71 58.20 -6.10 16.58
C LEU T 71 58.12 -6.59 15.14
N GLN T 72 58.51 -5.75 14.19
CA GLN T 72 58.59 -5.99 12.76
C GLN T 72 57.20 -5.94 12.11
N GLY T 73 56.12 -5.89 12.88
CA GLY T 73 54.82 -5.64 12.29
C GLY T 73 54.72 -4.20 11.80
N GLY T 74 53.51 -3.84 11.39
CA GLY T 74 53.24 -2.48 10.96
C GLY T 74 53.10 -1.58 12.16
N GLN T 75 52.43 -0.44 11.96
CA GLN T 75 52.08 0.39 13.10
C GLN T 75 51.20 -0.40 14.06
N ILE T 76 51.37 -0.12 15.36
CA ILE T 76 50.86 -0.99 16.42
C ILE T 76 49.42 -1.37 16.17
N GLU T 77 48.60 -0.42 15.71
CA GLU T 77 47.20 -0.72 15.45
C GLU T 77 47.07 -1.84 14.42
N GLU T 78 47.85 -1.76 13.34
CA GLU T 78 47.82 -2.81 12.33
C GLU T 78 48.15 -4.17 12.95
N VAL T 79 49.12 -4.20 13.86
CA VAL T 79 49.49 -5.45 14.51
C VAL T 79 48.32 -5.99 15.33
N ILE T 80 47.68 -5.11 16.09
CA ILE T 80 46.53 -5.52 16.90
C ILE T 80 45.46 -6.13 16.01
N LEU T 81 45.09 -5.41 14.95
CA LEU T 81 44.09 -5.92 14.01
C LEU T 81 44.48 -7.29 13.49
N GLN T 82 45.74 -7.44 13.08
CA GLN T 82 46.16 -8.71 12.50
C GLN T 82 46.12 -9.82 13.55
N ALA T 83 46.28 -9.48 14.83
CA ALA T 83 46.10 -10.48 15.87
C ALA T 83 44.64 -10.88 16.01
N GLU T 84 43.74 -9.89 15.93
CA GLU T 84 42.31 -10.19 15.87
C GLU T 84 42.02 -11.21 14.77
N ASN T 85 42.31 -10.84 13.53
CA ASN T 85 42.11 -11.75 12.41
C ASN T 85 42.79 -13.08 12.65
N GLU T 86 43.93 -13.08 13.34
CA GLU T 86 44.57 -14.33 13.71
C GLU T 86 43.61 -15.20 14.53
N LEU T 87 43.01 -14.61 15.56
CA LEU T 87 42.08 -15.37 16.40
C LEU T 87 40.90 -15.88 15.59
N SER T 88 40.27 -15.00 14.83
CA SER T 88 39.12 -15.42 14.01
C SER T 88 39.50 -16.60 13.13
N LEU T 89 40.61 -16.49 12.40
CA LEU T 89 41.09 -17.60 11.60
C LEU T 89 41.32 -18.84 12.45
N ALA T 90 41.75 -18.66 13.69
CA ALA T 90 42.00 -19.81 14.55
C ALA T 90 40.73 -20.61 14.79
N ARG T 91 39.69 -19.95 15.32
CA ARG T 91 38.48 -20.71 15.62
C ARG T 91 37.80 -21.21 14.35
N LYS T 92 37.74 -20.38 13.30
CA LYS T 92 37.31 -20.86 12.00
C LYS T 92 38.10 -22.10 11.60
N MET T 93 39.34 -22.20 12.06
CA MET T 93 40.17 -23.34 11.70
C MET T 93 39.85 -24.55 12.57
N ILE T 94 39.43 -24.34 13.83
CA ILE T 94 38.85 -25.43 14.60
C ILE T 94 37.69 -26.04 13.84
N GLN T 95 36.87 -25.21 13.22
CA GLN T 95 35.86 -25.80 12.35
C GLN T 95 36.48 -26.20 11.01
N TRP T 96 35.86 -27.22 10.40
CA TRP T 96 36.30 -27.85 9.14
C TRP T 96 37.77 -28.30 9.17
N LYS T 97 38.29 -28.65 10.35
CA LYS T 97 39.35 -29.66 10.54
C LYS T 97 40.35 -29.76 9.40
N PRO T 98 41.19 -28.75 9.18
CA PRO T 98 42.04 -28.75 7.98
C PRO T 98 43.10 -29.82 7.94
N TRP T 99 43.41 -30.47 9.06
CA TRP T 99 44.60 -31.33 9.09
C TRP T 99 44.32 -32.78 8.76
N GLU T 100 43.06 -33.16 8.55
CA GLU T 100 42.75 -34.54 8.21
C GLU T 100 43.37 -34.87 6.85
N PRO T 101 43.52 -36.15 6.51
CA PRO T 101 44.25 -36.50 5.30
C PRO T 101 43.59 -35.94 4.05
N LEU T 102 44.23 -36.14 2.89
CA LEU T 102 43.74 -35.52 1.67
C LEU T 102 42.32 -35.98 1.36
N VAL T 103 41.52 -35.07 0.81
CA VAL T 103 40.31 -35.49 0.13
C VAL T 103 40.80 -36.10 -1.17
N GLU T 104 39.88 -36.61 -1.99
CA GLU T 104 40.27 -37.45 -3.14
C GLU T 104 41.30 -36.75 -4.00
N GLU T 105 42.32 -37.52 -4.41
CA GLU T 105 43.36 -37.00 -5.27
C GLU T 105 42.77 -36.55 -6.61
N PRO T 106 43.50 -35.72 -7.35
CA PRO T 106 42.99 -35.25 -8.64
C PRO T 106 42.84 -36.41 -9.61
N PRO T 107 42.33 -36.16 -10.82
CA PRO T 107 42.27 -37.22 -11.83
C PRO T 107 43.63 -37.81 -12.19
N ALA T 108 44.72 -37.18 -11.76
CA ALA T 108 46.09 -37.67 -11.84
C ALA T 108 46.65 -37.54 -13.25
N SER T 109 45.79 -37.33 -14.23
CA SER T 109 46.22 -36.89 -15.55
C SER T 109 46.07 -35.40 -15.74
N GLN T 110 45.60 -34.69 -14.71
CA GLN T 110 45.14 -33.32 -14.92
C GLN T 110 46.29 -32.31 -14.97
N TRP T 111 47.20 -32.37 -14.01
CA TRP T 111 48.01 -31.20 -13.74
C TRP T 111 49.22 -31.07 -14.65
N LYS T 112 49.40 -31.95 -15.63
CA LYS T 112 50.54 -31.81 -16.54
C LYS T 112 50.22 -30.70 -17.52
N TRP T 113 51.00 -29.62 -17.47
CA TRP T 113 50.64 -28.44 -18.26
C TRP T 113 50.85 -28.61 -19.75
N PRO T 114 52.03 -28.96 -20.25
CA PRO T 114 52.31 -28.82 -21.69
C PRO T 114 51.37 -29.61 -22.57
N ILE T 115 50.60 -30.54 -22.02
CA ILE T 115 49.65 -31.35 -22.77
C ILE T 115 50.38 -32.26 -23.75
N THR U 14 29.27 -42.45 -9.59
CA THR U 14 29.78 -41.18 -10.10
C THR U 14 29.36 -40.03 -9.20
N SER U 15 30.34 -39.42 -8.54
CA SER U 15 30.05 -38.32 -7.64
C SER U 15 29.72 -37.05 -8.45
N VAL U 16 29.30 -36.01 -7.72
CA VAL U 16 28.68 -34.79 -8.24
C VAL U 16 28.47 -33.86 -7.04
N LYS U 17 28.33 -32.56 -7.29
CA LYS U 17 27.83 -31.61 -6.30
C LYS U 17 26.57 -30.97 -6.86
N PRO U 18 25.40 -31.57 -6.62
CA PRO U 18 24.16 -31.02 -7.16
C PRO U 18 23.91 -29.62 -6.62
N ILE U 19 23.02 -28.89 -7.29
CA ILE U 19 23.00 -27.45 -7.07
C ILE U 19 21.86 -27.10 -6.12
N PHE U 20 20.65 -26.98 -6.66
CA PHE U 20 19.48 -26.68 -5.84
C PHE U 20 18.55 -27.87 -5.62
N SER U 21 18.82 -29.01 -6.24
CA SER U 21 17.89 -30.13 -6.16
C SER U 21 18.65 -31.44 -6.27
N ARG U 22 18.23 -32.42 -5.48
CA ARG U 22 18.89 -33.72 -5.51
C ARG U 22 18.38 -34.59 -6.64
N ASP U 23 17.08 -34.54 -6.92
CA ASP U 23 16.44 -35.42 -7.88
C ASP U 23 15.63 -34.58 -8.86
N MET U 24 15.23 -35.22 -9.97
CA MET U 24 14.46 -34.52 -11.00
C MET U 24 13.13 -34.01 -10.47
N ASN U 25 12.65 -34.54 -9.35
CA ASN U 25 11.41 -34.07 -8.74
C ASN U 25 11.47 -32.57 -8.49
N GLU U 26 12.33 -32.15 -7.57
CA GLU U 26 12.44 -30.73 -7.25
C GLU U 26 12.80 -29.90 -8.47
N ALA U 27 13.52 -30.50 -9.42
CA ALA U 27 13.75 -29.82 -10.70
C ALA U 27 12.43 -29.44 -11.35
N LYS U 28 11.62 -30.45 -11.67
CA LYS U 28 10.29 -30.20 -12.22
C LYS U 28 9.53 -29.17 -11.41
N ARG U 29 9.69 -29.20 -10.09
CA ARG U 29 9.09 -28.19 -9.22
C ARG U 29 9.56 -26.79 -9.61
N ARG U 30 10.86 -26.59 -9.66
CA ARG U 30 11.39 -25.26 -9.91
C ARG U 30 11.02 -24.77 -11.30
N VAL U 31 11.05 -25.65 -12.30
CA VAL U 31 10.68 -25.19 -13.63
C VAL U 31 9.20 -24.84 -13.67
N ARG U 32 8.36 -25.55 -12.92
CA ARG U 32 6.98 -25.14 -12.80
C ARG U 32 6.89 -23.72 -12.23
N GLU U 33 7.66 -23.45 -11.18
CA GLU U 33 7.72 -22.10 -10.63
C GLU U 33 8.06 -21.08 -11.71
N LEU U 34 9.16 -21.31 -12.43
CA LEU U 34 9.61 -20.38 -13.46
C LEU U 34 8.52 -20.11 -14.48
N TYR U 35 7.91 -21.17 -15.00
CA TYR U 35 6.86 -20.96 -15.99
C TYR U 35 5.70 -20.17 -15.40
N ARG U 36 5.42 -20.36 -14.11
CA ARG U 36 4.45 -19.48 -13.48
C ARG U 36 4.87 -18.03 -13.61
N ALA U 37 6.13 -17.74 -13.28
CA ALA U 37 6.60 -16.36 -13.35
C ALA U 37 6.41 -15.78 -14.74
N TRP U 38 6.91 -16.47 -15.76
CA TRP U 38 6.74 -15.98 -17.13
C TRP U 38 5.27 -15.71 -17.43
N TYR U 39 4.41 -16.71 -17.20
CA TYR U 39 3.01 -16.55 -17.53
C TYR U 39 2.38 -15.41 -16.74
N ARG U 40 2.98 -15.04 -15.60
CA ARG U 40 2.59 -13.80 -14.94
C ARG U 40 2.95 -12.61 -15.81
N GLU U 41 4.22 -12.49 -16.17
CA GLU U 41 4.76 -11.22 -16.61
C GLU U 41 4.80 -11.03 -18.13
N VAL U 42 4.27 -11.97 -18.90
CA VAL U 42 4.14 -11.73 -20.34
C VAL U 42 3.29 -10.49 -20.63
N PRO U 43 2.07 -10.36 -20.11
CA PRO U 43 1.28 -9.17 -20.43
C PRO U 43 1.94 -7.88 -19.99
N ASN U 44 2.53 -7.87 -18.79
CA ASN U 44 3.10 -6.63 -18.27
C ASN U 44 4.24 -6.16 -19.16
N THR U 45 5.04 -7.08 -19.69
CA THR U 45 6.12 -6.69 -20.59
C THR U 45 5.59 -6.28 -21.95
N VAL U 46 4.76 -7.11 -22.58
CA VAL U 46 4.30 -6.79 -23.93
C VAL U 46 3.56 -5.47 -23.94
N HIS U 47 2.91 -5.12 -22.83
CA HIS U 47 2.37 -3.78 -22.68
C HIS U 47 3.44 -2.78 -22.30
N LEU U 48 4.54 -3.24 -21.71
CA LEU U 48 5.50 -2.32 -21.13
C LEU U 48 6.44 -1.73 -22.16
N PHE U 49 6.93 -2.56 -23.09
CA PHE U 49 7.78 -2.09 -24.17
C PHE U 49 6.98 -1.75 -25.41
N GLN U 50 5.65 -1.85 -25.34
CA GLN U 50 4.77 -1.51 -26.45
C GLN U 50 5.01 -2.41 -27.65
N LEU U 51 5.06 -3.71 -27.41
CA LEU U 51 5.16 -4.67 -28.49
C LEU U 51 3.84 -4.76 -29.25
N ASP U 52 3.91 -5.28 -30.48
CA ASP U 52 2.74 -5.44 -31.32
C ASP U 52 2.13 -6.84 -31.23
N ILE U 53 2.66 -7.70 -30.38
CA ILE U 53 2.23 -9.09 -30.30
C ILE U 53 1.05 -9.19 -29.34
N SER U 54 0.10 -10.07 -29.66
CA SER U 54 -0.96 -10.37 -28.72
C SER U 54 -0.42 -11.23 -27.58
N VAL U 55 -0.92 -10.98 -26.37
CA VAL U 55 -0.43 -11.70 -25.19
C VAL U 55 -0.50 -13.20 -25.42
N LYS U 56 -1.58 -13.67 -26.04
CA LYS U 56 -1.70 -15.09 -26.36
C LYS U 56 -0.50 -15.58 -27.15
N GLN U 57 -0.17 -14.86 -28.22
CA GLN U 57 0.97 -15.24 -29.06
C GLN U 57 2.26 -15.31 -28.24
N GLY U 58 2.55 -14.24 -27.51
CA GLY U 58 3.77 -14.23 -26.71
C GLY U 58 3.85 -15.39 -25.75
N ARG U 59 2.78 -15.63 -25.01
CA ARG U 59 2.73 -16.78 -24.11
C ARG U 59 3.02 -18.07 -24.87
N ASP U 60 2.44 -18.20 -26.06
CA ASP U 60 2.69 -19.41 -26.86
C ASP U 60 4.16 -19.56 -27.20
N LYS U 61 4.84 -18.47 -27.53
CA LYS U 61 6.27 -18.58 -27.77
C LYS U 61 7.03 -18.93 -26.49
N VAL U 62 6.57 -18.44 -25.34
CA VAL U 62 7.21 -18.81 -24.08
C VAL U 62 7.13 -20.32 -23.87
N ARG U 63 5.92 -20.85 -23.87
CA ARG U 63 5.77 -22.29 -23.65
C ARG U 63 6.48 -23.08 -24.72
N GLU U 64 6.58 -22.54 -25.94
CA GLU U 64 7.39 -23.17 -26.97
C GLU U 64 8.84 -23.28 -26.51
N MET U 65 9.43 -22.15 -26.10
CA MET U 65 10.83 -22.17 -25.67
C MET U 65 11.04 -23.14 -24.53
N PHE U 66 10.05 -23.32 -23.66
CA PHE U 66 10.17 -24.40 -22.69
C PHE U 66 10.16 -25.76 -23.37
N LYS U 67 9.23 -25.98 -24.30
CA LYS U 67 9.09 -27.29 -24.91
C LYS U 67 10.31 -27.69 -25.72
N LYS U 68 11.10 -26.72 -26.20
CA LYS U 68 12.28 -27.05 -26.99
C LYS U 68 13.28 -27.89 -26.21
N ASN U 69 13.41 -27.62 -24.91
CA ASN U 69 14.37 -28.31 -24.07
C ASN U 69 13.78 -29.48 -23.30
N ALA U 70 12.52 -29.82 -23.58
CA ALA U 70 11.77 -30.75 -22.73
C ALA U 70 12.44 -32.11 -22.58
N HIS U 71 13.38 -32.47 -23.45
CA HIS U 71 13.92 -33.82 -23.46
C HIS U 71 15.07 -34.03 -22.48
N VAL U 72 15.45 -33.01 -21.71
CA VAL U 72 16.59 -33.13 -20.82
C VAL U 72 16.26 -34.03 -19.63
N THR U 73 17.28 -34.69 -19.09
CA THR U 73 17.13 -35.58 -17.95
C THR U 73 17.91 -35.09 -16.72
N ASP U 74 19.22 -34.97 -16.81
CA ASP U 74 20.07 -34.67 -15.66
C ASP U 74 19.57 -33.43 -14.93
N PRO U 75 19.19 -33.54 -13.66
CA PRO U 75 18.69 -32.37 -12.93
C PRO U 75 19.74 -31.32 -12.63
N ARG U 76 21.03 -31.63 -12.71
CA ARG U 76 22.01 -30.55 -12.75
C ARG U 76 21.75 -29.65 -13.94
N VAL U 77 21.64 -30.24 -15.12
CA VAL U 77 21.39 -29.47 -16.34
C VAL U 77 20.07 -28.72 -16.22
N VAL U 78 19.03 -29.41 -15.76
CA VAL U 78 17.73 -28.76 -15.58
C VAL U 78 17.87 -27.54 -14.69
N ASP U 79 18.51 -27.72 -13.54
CA ASP U 79 18.65 -26.63 -12.58
C ASP U 79 19.42 -25.47 -13.19
N LEU U 80 20.48 -25.78 -13.94
CA LEU U 80 21.27 -24.72 -14.56
C LEU U 80 20.43 -23.95 -15.58
N LEU U 81 19.68 -24.67 -16.41
CA LEU U 81 18.76 -24.01 -17.33
C LEU U 81 17.78 -23.13 -16.58
N VAL U 82 17.32 -23.58 -15.41
CA VAL U 82 16.42 -22.75 -14.62
C VAL U 82 17.13 -21.48 -14.17
N ILE U 83 18.42 -21.58 -13.86
CA ILE U 83 19.17 -20.38 -13.53
C ILE U 83 19.20 -19.44 -14.72
N LYS U 84 19.41 -19.98 -15.92
CA LYS U 84 19.32 -19.17 -17.13
C LYS U 84 17.96 -18.48 -17.22
N GLY U 85 16.89 -19.23 -16.98
CA GLY U 85 15.56 -18.68 -17.13
C GLY U 85 15.28 -17.55 -16.16
N LYS U 86 15.49 -17.80 -14.86
CA LYS U 86 15.28 -16.75 -13.88
C LYS U 86 16.22 -15.59 -14.10
N MET U 87 17.35 -15.82 -14.77
CA MET U 87 18.26 -14.73 -15.08
C MET U 87 17.67 -13.84 -16.17
N GLU U 88 17.27 -14.43 -17.30
CA GLU U 88 16.71 -13.63 -18.39
C GLU U 88 15.41 -12.98 -17.97
N LEU U 89 14.51 -13.74 -17.34
CA LEU U 89 13.30 -13.16 -16.77
C LEU U 89 13.65 -12.07 -15.78
N GLU U 90 14.74 -12.23 -15.05
CA GLU U 90 15.15 -11.19 -14.11
C GLU U 90 15.57 -9.95 -14.86
N GLU U 91 16.01 -10.09 -16.10
CA GLU U 91 16.32 -8.91 -16.90
C GLU U 91 15.07 -8.31 -17.56
N THR U 92 14.09 -9.13 -17.94
CA THR U 92 12.90 -8.57 -18.59
C THR U 92 11.91 -7.97 -17.60
N ILE U 93 11.82 -8.52 -16.39
CA ILE U 93 10.97 -7.93 -15.36
C ILE U 93 11.35 -6.48 -15.16
N ASN U 94 12.61 -6.15 -15.35
CA ASN U 94 13.08 -4.78 -15.29
C ASN U 94 13.25 -4.27 -16.72
N VAL U 95 13.68 -3.02 -16.84
CA VAL U 95 13.72 -2.37 -18.13
C VAL U 95 15.06 -2.56 -18.82
N TRP U 96 15.95 -3.34 -18.22
CA TRP U 96 17.34 -3.38 -18.67
C TRP U 96 17.47 -3.82 -20.12
N LYS U 97 16.42 -4.39 -20.70
CA LYS U 97 16.45 -4.92 -22.06
C LYS U 97 15.46 -4.13 -22.90
N GLN U 98 15.93 -3.49 -23.96
CA GLN U 98 15.07 -2.63 -24.75
C GLN U 98 14.11 -3.46 -25.61
N ARG U 99 13.27 -2.74 -26.35
CA ARG U 99 12.30 -3.37 -27.24
C ARG U 99 12.99 -4.36 -28.18
N THR U 100 14.21 -4.05 -28.58
CA THR U 100 14.97 -4.85 -29.53
C THR U 100 15.01 -6.33 -29.17
N HIS U 101 15.64 -6.67 -28.05
CA HIS U 101 15.94 -8.08 -27.78
C HIS U 101 14.67 -8.87 -27.53
N VAL U 102 13.76 -8.32 -26.72
CA VAL U 102 12.49 -8.98 -26.47
C VAL U 102 11.82 -9.31 -27.80
N MET U 103 11.92 -8.41 -28.78
CA MET U 103 11.52 -8.81 -30.12
C MET U 103 12.44 -9.87 -30.70
N ARG U 104 13.73 -9.85 -30.32
CA ARG U 104 14.70 -10.72 -30.96
C ARG U 104 14.43 -12.18 -30.66
N PHE U 105 13.68 -12.48 -29.59
CA PHE U 105 13.19 -13.84 -29.44
C PHE U 105 12.34 -14.26 -30.64
N PHE U 106 11.33 -13.45 -30.99
CA PHE U 106 10.65 -13.63 -32.25
C PHE U 106 11.64 -13.50 -33.39
N HIS U 107 11.43 -14.25 -34.46
CA HIS U 107 12.21 -14.07 -35.66
C HIS U 107 11.27 -13.60 -36.76
N GLU U 108 11.26 -12.29 -36.99
CA GLU U 108 10.63 -11.70 -38.16
C GLU U 108 11.57 -11.60 -39.34
N THR U 109 12.81 -11.19 -39.09
CA THR U 109 13.76 -10.92 -40.17
C THR U 109 14.61 -12.14 -40.52
N GLU U 110 14.39 -13.28 -39.89
CA GLU U 110 14.97 -14.51 -40.40
C GLU U 110 14.12 -14.99 -41.57
N ALA U 111 14.73 -15.07 -42.74
CA ALA U 111 13.99 -15.56 -43.90
C ALA U 111 13.54 -17.00 -43.63
N PRO U 112 12.35 -17.39 -44.07
CA PRO U 112 11.89 -18.75 -43.82
C PRO U 112 12.83 -19.75 -44.48
N ARG U 113 13.26 -20.73 -43.70
CA ARG U 113 14.23 -21.72 -44.16
C ARG U 113 13.50 -22.94 -44.68
N PRO U 114 13.69 -23.33 -45.95
CA PRO U 114 13.00 -24.52 -46.45
C PRO U 114 13.50 -25.77 -45.73
N LYS U 115 12.55 -26.51 -45.14
CA LYS U 115 12.87 -27.75 -44.45
C LYS U 115 12.56 -28.99 -45.26
N ASP U 116 12.00 -28.84 -46.46
CA ASP U 116 11.66 -29.99 -47.28
C ASP U 116 12.82 -30.28 -48.22
N PHE U 117 13.09 -31.56 -48.44
CA PHE U 117 14.33 -31.98 -49.08
C PHE U 117 14.55 -31.32 -50.43
N LEU U 118 13.78 -31.69 -51.44
CA LEU U 118 14.08 -31.25 -52.80
C LEU U 118 14.06 -29.73 -52.93
N SER U 119 13.50 -29.02 -51.96
CA SER U 119 13.71 -27.58 -51.91
C SER U 119 15.10 -27.24 -51.39
N LYS U 120 15.54 -27.95 -50.35
CA LYS U 120 16.89 -27.74 -49.83
C LYS U 120 17.93 -28.10 -50.88
N PHE U 121 17.89 -29.34 -51.36
CA PHE U 121 18.69 -29.75 -52.51
C PHE U 121 18.55 -28.76 -53.66
N TYR U 122 17.34 -28.29 -53.91
CA TYR U 122 17.11 -27.38 -55.02
C TYR U 122 17.94 -26.11 -54.91
N VAL U 123 18.43 -25.78 -53.72
CA VAL U 123 19.16 -24.53 -53.52
C VAL U 123 20.49 -24.77 -52.81
N GLY U 124 20.42 -25.23 -51.56
CA GLY U 124 21.49 -25.03 -50.60
C GLY U 124 22.78 -25.78 -50.88
N HIS U 125 22.77 -26.77 -51.78
CA HIS U 125 23.93 -27.60 -52.09
C HIS U 125 24.66 -28.03 -50.82
N ASP U 126 24.09 -29.01 -50.13
CA ASP U 126 24.57 -29.61 -48.87
C ASP U 126 24.55 -28.64 -47.70
N PRO U 127 23.38 -28.14 -47.28
CA PRO U 127 23.35 -27.53 -45.95
C PRO U 127 23.33 -28.60 -44.86
N ALA V 1 58.47 36.13 -26.58
CA ALA V 1 57.10 36.41 -27.00
C ALA V 1 57.08 37.51 -28.05
N SER V 2 55.89 37.83 -28.54
CA SER V 2 55.72 39.01 -29.36
C SER V 2 55.97 40.25 -28.52
N ALA V 3 56.21 41.37 -29.20
CA ALA V 3 56.44 42.62 -28.48
C ALA V 3 55.25 42.93 -27.59
N THR V 4 55.50 43.05 -26.29
CA THR V 4 54.45 43.26 -25.30
C THR V 4 54.93 44.30 -24.31
N ARG V 5 54.14 45.35 -24.14
CA ARG V 5 54.44 46.39 -23.17
C ARG V 5 53.18 46.71 -22.37
N LEU V 6 53.32 46.65 -21.05
CA LEU V 6 52.29 46.94 -20.06
C LEU V 6 51.27 45.80 -19.96
N ILE V 7 51.12 45.00 -21.01
CA ILE V 7 50.33 43.78 -20.85
C ILE V 7 51.20 42.69 -20.26
N GLN V 8 52.46 42.63 -20.68
CA GLN V 8 53.38 41.73 -20.02
C GLN V 8 53.69 42.20 -18.62
N GLY V 9 53.46 43.49 -18.34
CA GLY V 9 53.43 43.94 -16.96
C GLY V 9 52.20 43.46 -16.24
N LEU V 10 51.06 43.41 -16.94
CA LEU V 10 49.87 42.80 -16.35
C LEU V 10 50.13 41.34 -16.00
N ARG V 11 50.76 40.60 -16.92
CA ARG V 11 51.00 39.19 -16.69
C ARG V 11 52.08 38.97 -15.64
N ASN V 12 53.10 39.82 -15.61
CA ASN V 12 54.07 39.76 -14.52
C ASN V 12 53.39 40.07 -13.19
N TRP V 13 52.34 40.87 -13.21
CA TRP V 13 51.61 41.23 -12.00
C TRP V 13 50.48 40.26 -11.67
N ALA V 14 50.17 39.32 -12.55
CA ALA V 14 49.13 38.33 -12.33
C ALA V 14 49.68 36.96 -12.70
N SER V 15 49.79 36.07 -11.72
CA SER V 15 50.41 34.75 -11.74
C SER V 15 51.90 34.79 -11.42
N GLY V 16 52.49 35.96 -11.24
CA GLY V 16 53.87 36.04 -10.82
C GLY V 16 54.85 36.12 -11.99
N ARG V 17 56.10 35.76 -11.69
CA ARG V 17 57.14 35.81 -12.70
C ARG V 17 56.86 34.81 -13.83
N ASP V 18 57.19 35.21 -15.05
CA ASP V 18 56.98 34.39 -16.24
C ASP V 18 57.97 34.86 -17.30
N LEU V 19 57.73 34.47 -18.55
CA LEU V 19 58.47 34.80 -19.77
C LEU V 19 59.59 33.80 -20.05
N GLN V 20 59.94 32.93 -19.12
CA GLN V 20 60.81 31.81 -19.47
C GLN V 20 59.97 30.76 -20.17
N ALA V 21 60.31 30.47 -21.42
CA ALA V 21 59.57 29.49 -22.22
C ALA V 21 58.10 29.83 -22.26
N LYS V 22 57.74 30.82 -23.07
CA LYS V 22 56.34 31.12 -23.32
C LYS V 22 55.60 29.83 -23.63
N LEU V 23 54.38 29.72 -23.08
CA LEU V 23 53.66 28.45 -23.03
C LEU V 23 53.56 27.80 -24.40
N GLN V 24 53.79 28.57 -25.45
CA GLN V 24 53.52 28.22 -26.82
C GLN V 24 54.69 27.49 -27.49
N LEU V 25 55.86 27.44 -26.86
CA LEU V 25 57.01 26.62 -27.29
C LEU V 25 57.53 27.03 -28.67
N ARG V 26 57.27 28.24 -29.12
CA ARG V 26 57.46 28.55 -30.52
C ARG V 26 58.82 29.15 -30.86
N TYR V 27 59.76 29.24 -29.91
CA TYR V 27 60.98 30.01 -30.14
C TYR V 27 62.19 29.09 -30.18
N GLN V 28 62.71 28.88 -31.39
CA GLN V 28 63.92 28.11 -31.68
C GLN V 28 63.94 26.76 -30.99
N GLU V 29 65.13 26.34 -30.54
CA GLU V 29 65.34 25.08 -29.83
C GLU V 29 64.63 23.91 -30.52
N ILE V 30 64.65 23.94 -31.86
CA ILE V 30 64.00 22.91 -32.67
C ILE V 30 64.96 21.85 -33.19
N SER V 31 66.25 21.94 -32.86
CA SER V 31 67.26 20.91 -33.14
C SER V 31 67.67 20.86 -34.62
N LYS V 32 67.10 21.69 -35.48
CA LYS V 32 67.21 21.55 -36.94
C LYS V 32 66.65 20.17 -37.29
N ARG V 33 67.23 19.47 -38.26
CA ARG V 33 66.93 18.06 -38.49
C ARG V 33 68.25 17.34 -38.76
N THR V 34 68.62 16.44 -37.87
CA THR V 34 69.73 15.49 -38.04
C THR V 34 70.94 16.08 -38.77
N GLN V 35 71.65 17.02 -38.15
CA GLN V 35 72.87 17.53 -38.77
C GLN V 35 73.82 16.41 -39.17
N PRO V 36 74.23 15.50 -38.30
CA PRO V 36 74.82 14.25 -38.78
C PRO V 36 73.74 13.26 -39.16
N PRO V 37 73.99 12.38 -40.11
CA PRO V 37 73.17 11.18 -40.25
C PRO V 37 73.47 10.20 -39.13
N PRO V 38 72.46 9.53 -38.61
CA PRO V 38 72.69 8.63 -37.46
C PRO V 38 73.51 7.42 -37.87
N LYS V 39 74.32 6.95 -36.92
CA LYS V 39 75.03 5.69 -37.06
C LYS V 39 74.99 5.02 -35.70
N LEU V 40 74.64 3.75 -35.68
CA LEU V 40 74.28 3.17 -34.41
C LEU V 40 75.31 2.15 -33.97
N PRO V 41 75.48 1.96 -32.67
CA PRO V 41 76.39 0.93 -32.19
C PRO V 41 75.74 -0.44 -32.31
N VAL V 42 76.51 -1.47 -31.98
CA VAL V 42 75.99 -2.83 -31.87
C VAL V 42 76.58 -3.44 -30.62
N GLY V 43 75.74 -4.03 -29.79
CA GLY V 43 76.13 -4.45 -28.46
C GLY V 43 76.85 -5.77 -28.44
N PRO V 44 76.74 -6.49 -27.33
CA PRO V 44 77.50 -7.74 -27.17
C PRO V 44 77.08 -8.75 -28.23
N SER V 45 77.89 -9.80 -28.33
CA SER V 45 77.91 -10.69 -29.49
C SER V 45 78.23 -9.82 -30.70
N HIS V 46 77.61 -10.05 -31.86
CA HIS V 46 77.97 -9.39 -33.10
C HIS V 46 79.49 -9.40 -33.29
N ARG V 47 80.12 -10.46 -32.80
CA ARG V 47 81.57 -10.59 -32.86
C ARG V 47 81.91 -12.04 -33.10
N LEU V 48 82.78 -12.27 -34.07
CA LEU V 48 83.35 -13.58 -34.28
C LEU V 48 84.27 -13.98 -33.13
N SER V 49 84.48 -15.28 -32.98
CA SER V 49 85.54 -15.87 -32.18
C SER V 49 85.26 -15.86 -30.67
N ASN V 50 84.32 -15.06 -30.21
CA ASN V 50 83.99 -15.07 -28.79
C ASN V 50 83.02 -16.18 -28.40
N ASN V 51 82.03 -16.47 -29.24
CA ASN V 51 80.79 -17.01 -28.74
C ASN V 51 80.28 -18.14 -29.62
N TYR V 52 79.51 -19.02 -28.99
CA TYR V 52 78.67 -19.99 -29.67
C TYR V 52 77.26 -19.79 -29.13
N TYR V 53 76.27 -19.90 -30.01
CA TYR V 53 74.92 -19.51 -29.61
C TYR V 53 74.43 -20.26 -28.37
N CYS V 54 75.03 -21.40 -28.05
CA CYS V 54 74.59 -22.18 -26.89
C CYS V 54 74.77 -21.39 -25.60
N ALA V 55 75.93 -20.77 -25.43
CA ALA V 55 76.23 -20.11 -24.17
C ALA V 55 75.30 -18.91 -23.93
N ARG V 56 75.11 -18.09 -24.95
CA ARG V 56 74.35 -16.85 -24.82
C ARG V 56 72.88 -17.03 -25.15
N ASP V 57 72.43 -18.25 -25.43
CA ASP V 57 71.04 -18.50 -25.83
C ASP V 57 70.06 -17.90 -24.83
N GLY V 58 70.05 -18.43 -23.62
CA GLY V 58 69.21 -17.89 -22.57
C GLY V 58 67.78 -18.36 -22.60
N ARG V 59 67.30 -18.86 -23.73
CA ARG V 59 66.05 -19.59 -23.75
C ARG V 59 66.41 -21.05 -23.52
N ARG V 60 65.46 -21.96 -23.62
CA ARG V 60 65.72 -23.39 -23.41
C ARG V 60 66.22 -23.68 -22.00
N GLU V 61 65.48 -23.21 -20.99
CA GLU V 61 65.70 -23.64 -19.62
C GLU V 61 64.36 -23.73 -18.90
N ALA V 62 64.44 -23.90 -17.58
CA ALA V 62 63.32 -23.69 -16.65
C ALA V 62 62.17 -24.67 -16.88
N MET V 63 62.42 -25.93 -16.57
CA MET V 63 61.33 -26.85 -16.28
C MET V 63 60.90 -26.63 -14.83
N PRO V 64 59.68 -26.19 -14.57
CA PRO V 64 59.30 -25.82 -13.21
C PRO V 64 59.34 -27.01 -12.27
N PRO V 65 60.06 -26.90 -11.15
CA PRO V 65 60.09 -28.00 -10.18
C PRO V 65 58.81 -28.06 -9.37
N SER V 66 58.36 -29.28 -9.12
CA SER V 66 57.18 -29.54 -8.31
C SER V 66 57.61 -30.08 -6.96
N ILE V 67 56.90 -29.66 -5.91
CA ILE V 67 57.24 -30.03 -4.55
C ILE V 67 55.96 -30.50 -3.85
N VAL V 68 56.07 -31.51 -3.01
CA VAL V 68 54.98 -32.01 -2.18
C VAL V 68 53.92 -32.67 -3.05
N MET V 69 54.13 -32.65 -4.37
CA MET V 69 53.15 -33.20 -5.30
C MET V 69 52.79 -34.61 -4.91
N SER V 70 51.50 -34.86 -4.72
CA SER V 70 51.07 -36.17 -4.25
C SER V 70 51.08 -37.12 -5.43
N SER V 71 51.94 -38.14 -5.37
CA SER V 71 52.21 -39.00 -6.50
C SER V 71 53.25 -40.06 -6.12
N SER V 89 62.32 -30.86 15.48
CA SER V 89 62.45 -30.07 14.26
C SER V 89 61.14 -29.37 13.92
N GLU V 90 60.67 -28.53 14.83
CA GLU V 90 59.48 -27.71 14.61
C GLU V 90 59.69 -26.66 13.54
N LYS V 91 60.91 -26.51 13.04
CA LYS V 91 61.36 -25.49 12.12
C LYS V 91 61.03 -24.07 12.58
N LYS V 92 60.91 -23.14 11.65
CA LYS V 92 60.78 -21.73 12.01
C LYS V 92 59.44 -21.09 11.70
N ALA V 93 58.54 -21.78 11.00
CA ALA V 93 57.35 -21.13 10.42
C ALA V 93 57.73 -19.90 9.61
N VAL V 94 58.64 -20.10 8.66
CA VAL V 94 59.21 -18.99 7.91
C VAL V 94 58.15 -18.35 7.01
N SER V 95 58.23 -17.04 6.85
CA SER V 95 57.37 -16.30 5.93
C SER V 95 57.93 -16.41 4.52
N PRO V 96 57.25 -15.83 3.52
CA PRO V 96 57.85 -15.77 2.17
C PRO V 96 59.21 -15.09 2.15
N ALA V 97 59.38 -14.02 2.91
CA ALA V 97 60.65 -13.31 2.95
C ALA V 97 60.65 -12.38 4.16
N PRO V 98 61.74 -11.68 4.45
CA PRO V 98 61.67 -10.61 5.44
C PRO V 98 60.69 -9.55 4.99
N PRO V 99 59.93 -8.97 5.93
CA PRO V 99 58.95 -7.94 5.54
C PRO V 99 59.63 -6.73 4.93
N ILE V 100 58.87 -5.75 4.47
CA ILE V 100 59.49 -4.54 3.93
C ILE V 100 59.98 -3.69 5.10
N LYS V 101 61.27 -3.38 5.09
CA LYS V 101 61.75 -2.33 5.96
C LYS V 101 60.97 -1.05 5.66
N ARG V 102 60.39 -0.46 6.69
CA ARG V 102 59.50 0.67 6.49
C ARG V 102 60.21 1.78 5.72
N TRP V 103 59.43 2.51 4.92
CA TRP V 103 59.96 3.68 4.27
C TRP V 103 60.32 4.74 5.30
N GLU V 104 61.13 5.70 4.87
CA GLU V 104 61.47 6.86 5.66
C GLU V 104 61.05 8.11 4.90
N LEU V 105 61.06 9.24 5.60
CA LEU V 105 60.71 10.50 4.95
C LEU V 105 61.79 10.89 3.96
N SER V 106 61.57 12.00 3.26
CA SER V 106 62.49 12.48 2.24
C SER V 106 62.99 13.85 2.68
N GLN V 107 64.31 13.98 2.82
CA GLN V 107 64.89 15.19 3.38
C GLN V 107 64.64 16.41 2.52
N ASP V 108 64.37 16.24 1.23
CA ASP V 108 64.07 17.38 0.37
C ASP V 108 62.86 18.14 0.91
N GLU V 109 61.67 17.57 0.79
CA GLU V 109 60.47 18.12 1.41
C GLU V 109 59.87 17.10 2.37
N PRO V 110 59.93 17.31 3.68
CA PRO V 110 59.15 16.43 4.57
C PRO V 110 57.66 16.54 4.34
N TYR V 111 57.15 17.75 4.11
CA TYR V 111 55.74 18.01 3.86
C TYR V 111 55.63 18.95 2.68
N LEU V 112 54.41 19.10 2.16
CA LEU V 112 54.14 20.16 1.21
C LEU V 112 52.65 20.48 1.19
N MET W 1 53.37 55.49 -27.16
CA MET W 1 54.82 55.37 -27.22
C MET W 1 55.26 54.02 -27.81
N GLU W 2 54.81 52.92 -27.20
CA GLU W 2 55.05 51.60 -27.77
C GLU W 2 54.01 51.24 -28.84
N LEU W 3 52.76 51.66 -28.66
CA LEU W 3 51.69 51.24 -29.55
C LEU W 3 51.92 51.70 -30.99
N LEU W 4 52.65 52.80 -31.17
CA LEU W 4 52.95 53.25 -32.52
C LEU W 4 53.70 52.19 -33.30
N GLN W 5 54.58 51.42 -32.63
CA GLN W 5 55.22 50.30 -33.27
C GLN W 5 54.21 49.24 -33.69
N VAL W 6 53.19 49.03 -32.86
CA VAL W 6 52.18 48.02 -33.17
C VAL W 6 51.39 48.42 -34.40
N LEU W 7 50.82 49.62 -34.38
CA LEU W 7 50.08 50.12 -35.53
C LEU W 7 50.97 50.26 -36.75
N LYS W 8 52.29 50.34 -36.56
CA LYS W 8 53.19 50.30 -37.70
C LYS W 8 53.40 48.89 -38.20
N ARG W 9 53.27 47.89 -37.33
CA ARG W 9 53.29 46.50 -37.78
C ARG W 9 52.06 46.20 -38.63
N GLY W 10 50.87 46.48 -38.09
CA GLY W 10 49.67 46.26 -38.86
C GLY W 10 49.63 47.10 -40.13
N LEU W 11 49.89 48.40 -39.99
CA LEU W 11 49.91 49.29 -41.14
C LEU W 11 50.91 48.82 -42.19
N GLN W 12 52.08 48.34 -41.74
CA GLN W 12 53.09 47.87 -42.67
C GLN W 12 52.60 46.64 -43.43
N GLN W 13 52.11 45.63 -42.70
CA GLN W 13 51.71 44.38 -43.37
C GLN W 13 50.55 44.62 -44.34
N VAL W 14 49.56 45.41 -43.93
CA VAL W 14 48.44 45.65 -44.84
C VAL W 14 48.88 46.51 -46.02
N SER W 15 49.81 47.43 -45.79
CA SER W 15 50.26 48.31 -46.86
C SER W 15 51.04 47.53 -47.92
N GLY W 16 52.07 46.81 -47.50
CA GLY W 16 52.94 46.14 -48.45
C GLY W 16 52.36 44.86 -48.99
N HIS W 17 51.49 44.20 -48.24
CA HIS W 17 50.95 42.90 -48.64
C HIS W 17 49.62 43.11 -49.36
N GLY W 18 49.62 42.87 -50.67
CA GLY W 18 48.41 42.87 -51.46
C GLY W 18 47.91 44.22 -51.93
N GLY W 19 48.34 45.31 -51.30
CA GLY W 19 47.87 46.62 -51.71
C GLY W 19 46.49 46.96 -51.17
N LEU W 20 45.77 47.78 -51.93
CA LEU W 20 44.46 48.25 -51.50
C LEU W 20 43.47 47.10 -51.35
N ARG W 21 43.21 46.39 -52.44
CA ARG W 21 42.24 45.30 -52.39
C ARG W 21 42.84 44.03 -51.83
N GLY W 22 44.17 43.92 -51.84
CA GLY W 22 44.81 42.67 -51.43
C GLY W 22 44.49 42.28 -50.01
N TYR W 23 44.32 43.26 -49.11
CA TYR W 23 44.03 42.93 -47.72
C TYR W 23 42.65 42.30 -47.59
N LEU W 24 41.65 42.85 -48.28
CA LEU W 24 40.34 42.22 -48.30
C LEU W 24 40.43 40.84 -48.94
N ARG W 25 41.15 40.74 -50.06
CA ARG W 25 41.29 39.46 -50.74
C ARG W 25 41.83 38.42 -49.77
N VAL W 26 43.11 38.55 -49.39
CA VAL W 26 43.72 37.55 -48.50
C VAL W 26 42.91 37.38 -47.22
N LEU W 27 42.23 38.44 -46.78
CA LEU W 27 41.50 38.35 -45.52
C LEU W 27 40.32 37.39 -45.61
N PHE W 28 39.45 37.58 -46.61
CA PHE W 28 38.35 36.64 -46.78
C PHE W 28 38.83 35.29 -47.28
N ARG W 29 39.89 35.27 -48.10
CA ARG W 29 40.50 34.02 -48.52
C ARG W 29 40.86 33.17 -47.32
N ALA W 30 41.87 33.60 -46.57
CA ALA W 30 42.27 32.98 -45.32
C ALA W 30 42.16 34.03 -44.23
N ASN W 31 41.35 33.75 -43.21
CA ASN W 31 41.18 34.72 -42.13
C ASN W 31 42.49 35.03 -41.42
N ASP W 32 43.54 34.27 -41.68
CA ASP W 32 44.88 34.61 -41.20
C ASP W 32 45.53 35.55 -42.20
N VAL W 33 45.84 36.75 -41.74
CA VAL W 33 46.56 37.74 -42.54
C VAL W 33 47.94 37.92 -41.90
N ARG W 34 48.98 37.52 -42.62
CA ARG W 34 50.33 37.53 -42.11
C ARG W 34 51.19 38.52 -42.88
N VAL W 35 52.24 39.00 -42.21
CA VAL W 35 53.24 39.80 -42.90
C VAL W 35 53.80 38.99 -44.06
N GLY W 36 54.06 39.67 -45.18
CA GLY W 36 54.69 38.99 -46.30
C GLY W 36 56.03 38.43 -45.89
N THR W 37 56.21 37.13 -46.02
CA THR W 37 57.42 36.45 -45.57
C THR W 37 58.08 35.77 -46.77
N LEU W 38 59.21 36.31 -47.19
CA LEU W 38 60.03 35.76 -48.27
C LEU W 38 59.21 35.48 -49.52
N VAL W 39 59.50 34.37 -50.20
CA VAL W 39 58.91 34.11 -51.51
C VAL W 39 58.30 32.72 -51.54
N GLY W 40 59.11 31.68 -51.37
CA GLY W 40 58.57 30.34 -51.21
C GLY W 40 58.40 29.51 -52.46
N GLU W 41 59.07 29.87 -53.56
CA GLU W 41 59.20 28.96 -54.69
C GLU W 41 57.84 28.54 -55.25
N ASP W 42 57.19 29.45 -55.97
CA ASP W 42 55.77 29.35 -56.31
C ASP W 42 55.40 27.98 -56.87
N LYS W 43 56.15 27.50 -57.86
CA LYS W 43 55.82 26.26 -58.61
C LYS W 43 54.43 26.44 -59.22
N TYR W 44 53.43 25.64 -58.84
CA TYR W 44 52.10 25.75 -59.44
C TYR W 44 51.42 27.01 -58.93
N GLY W 45 50.14 27.15 -59.27
CA GLY W 45 49.39 28.35 -58.90
C GLY W 45 49.50 28.69 -57.43
N ASN W 46 49.51 27.67 -56.57
CA ASN W 46 49.57 27.91 -55.13
C ASN W 46 50.92 28.52 -54.74
N LYS W 47 50.86 29.57 -53.95
CA LYS W 47 52.07 30.26 -53.48
C LYS W 47 52.33 29.93 -52.03
N TYR W 48 53.61 29.83 -51.69
CA TYR W 48 54.07 29.41 -50.38
C TYR W 48 54.68 30.58 -49.63
N TYR W 49 54.57 30.56 -48.31
CA TYR W 49 55.20 31.59 -47.50
C TYR W 49 55.83 30.94 -46.28
N GLU W 50 57.14 31.14 -46.14
CA GLU W 50 57.89 30.67 -44.99
C GLU W 50 58.25 31.85 -44.12
N ASP W 51 57.81 31.82 -42.87
CA ASP W 51 58.06 32.93 -41.97
C ASP W 51 59.55 33.02 -41.62
N ASN W 52 59.94 34.17 -41.08
CA ASN W 52 61.31 34.45 -40.70
C ASN W 52 61.78 33.54 -39.57
N LYS W 53 60.90 32.62 -39.13
CA LYS W 53 61.10 31.71 -38.01
C LYS W 53 60.63 32.33 -36.70
N GLN W 54 59.96 33.49 -36.77
CA GLN W 54 59.46 34.16 -35.58
C GLN W 54 58.85 33.19 -34.58
N PHE W 55 58.10 32.20 -35.06
CA PHE W 55 57.51 31.25 -34.13
C PHE W 55 57.17 29.94 -34.82
N PHE W 56 57.07 28.89 -34.00
CA PHE W 56 56.78 27.51 -34.40
C PHE W 56 55.31 27.40 -34.78
N GLY W 57 54.91 26.22 -35.27
CA GLY W 57 53.52 25.82 -35.15
C GLY W 57 52.53 26.79 -35.74
N ARG W 58 52.53 26.98 -37.07
CA ARG W 58 52.30 28.25 -37.75
C ARG W 58 53.65 28.81 -38.21
N HIS W 59 54.69 27.98 -38.18
CA HIS W 59 55.90 28.28 -38.95
C HIS W 59 55.56 28.87 -40.31
N ARG W 60 54.95 28.04 -41.16
CA ARG W 60 54.85 28.31 -42.57
C ARG W 60 53.40 28.16 -43.02
N TRP W 61 53.07 28.79 -44.15
CA TRP W 61 51.68 28.90 -44.57
C TRP W 61 51.63 29.11 -46.08
N VAL W 62 50.43 28.89 -46.64
CA VAL W 62 50.25 28.74 -48.07
C VAL W 62 48.92 29.37 -48.50
N ILE W 63 48.87 29.81 -49.76
CA ILE W 63 47.62 30.14 -50.43
C ILE W 63 47.49 29.24 -51.65
N TYR W 64 46.33 28.60 -51.80
CA TYR W 64 46.14 27.61 -52.85
C TYR W 64 45.78 28.22 -54.20
N THR W 65 45.27 29.44 -54.23
CA THR W 65 44.89 30.16 -55.46
C THR W 65 43.78 29.38 -56.16
N THR W 66 43.92 29.05 -57.44
CA THR W 66 42.77 28.66 -58.25
C THR W 66 43.24 27.78 -59.40
N GLU W 67 42.30 27.07 -60.01
CA GLU W 67 42.37 26.47 -61.35
C GLU W 67 43.06 25.10 -61.36
N MET W 68 43.53 24.60 -60.23
CA MET W 68 44.28 23.34 -60.20
C MET W 68 43.52 22.22 -60.91
N ASN W 69 44.25 21.50 -61.77
CA ASN W 69 43.72 20.42 -62.61
C ASN W 69 42.67 20.92 -63.59
N GLY W 70 42.69 22.20 -63.92
CA GLY W 70 41.66 22.79 -64.76
C GLY W 70 40.28 22.52 -64.20
N LYS W 71 40.20 22.42 -62.88
CA LYS W 71 39.00 21.95 -62.21
C LYS W 71 38.76 22.81 -60.96
N ASN W 72 37.51 22.84 -60.54
CA ASN W 72 37.04 23.62 -59.38
C ASN W 72 37.38 25.09 -59.62
N THR W 73 37.85 25.80 -58.60
CA THR W 73 37.93 27.25 -58.57
C THR W 73 38.53 27.59 -57.21
N PHE W 74 38.74 28.86 -56.90
CA PHE W 74 39.08 29.22 -55.54
C PHE W 74 37.85 29.00 -54.65
N TRP W 75 38.00 29.21 -53.35
CA TRP W 75 37.02 28.97 -52.29
C TRP W 75 36.89 27.48 -51.98
N ASP W 76 37.50 26.59 -52.77
CA ASP W 76 37.44 25.16 -52.56
C ASP W 76 38.63 24.65 -51.75
N VAL W 77 39.43 25.57 -51.19
CA VAL W 77 40.71 25.21 -50.58
C VAL W 77 40.55 24.06 -49.59
N ASP W 78 41.54 23.17 -49.60
CA ASP W 78 41.61 22.03 -48.68
C ASP W 78 43.03 21.46 -48.76
N GLY W 79 43.25 20.35 -48.08
CA GLY W 79 44.48 19.62 -48.23
C GLY W 79 44.57 19.00 -49.60
N SER W 80 45.69 18.32 -49.84
CA SER W 80 46.00 17.64 -51.10
C SER W 80 46.22 18.64 -52.24
N MET W 81 45.88 19.91 -52.02
CA MET W 81 46.25 20.93 -52.98
C MET W 81 47.76 21.10 -53.04
N VAL W 82 48.47 20.76 -51.97
CA VAL W 82 49.93 20.83 -52.00
C VAL W 82 50.46 19.64 -52.79
N PRO W 83 51.46 19.83 -53.63
CA PRO W 83 52.13 18.69 -54.25
C PRO W 83 52.94 17.92 -53.23
N PRO W 84 53.54 16.79 -53.62
CA PRO W 84 54.19 15.93 -52.59
C PRO W 84 55.33 16.60 -51.85
N GLU W 85 56.26 17.23 -52.56
CA GLU W 85 57.44 17.76 -51.89
C GLU W 85 57.08 18.91 -50.97
N TRP W 86 56.14 19.76 -51.37
CA TRP W 86 55.67 20.81 -50.48
C TRP W 86 54.85 20.24 -49.34
N HIS W 87 54.23 19.09 -49.55
CA HIS W 87 53.64 18.38 -48.42
C HIS W 87 54.71 17.98 -47.42
N ARG W 88 55.88 17.56 -47.91
CA ARG W 88 56.96 17.18 -47.01
C ARG W 88 57.48 18.39 -46.24
N TRP W 89 57.89 19.43 -46.96
CA TRP W 89 58.53 20.57 -46.31
C TRP W 89 57.55 21.47 -45.56
N LEU W 90 56.25 21.37 -45.85
CA LEU W 90 55.27 22.18 -45.15
C LEU W 90 54.87 21.59 -43.80
N HIS W 91 55.08 20.30 -43.60
CA HIS W 91 54.65 19.60 -42.41
C HIS W 91 55.71 19.51 -41.32
N CYS W 92 56.86 20.15 -41.53
CA CYS W 92 58.04 20.09 -40.66
C CYS W 92 58.82 18.81 -40.89
N MET W 93 58.40 17.94 -41.81
CA MET W 93 59.14 16.72 -42.12
C MET W 93 60.63 17.01 -42.29
N THR W 94 60.95 17.99 -43.13
CA THR W 94 62.33 18.34 -43.41
C THR W 94 62.44 19.86 -43.47
N ASP W 95 63.57 20.39 -43.01
CA ASP W 95 63.76 21.82 -42.91
C ASP W 95 64.30 22.43 -44.20
N ASP W 96 64.40 21.64 -45.26
CA ASP W 96 65.00 22.10 -46.51
C ASP W 96 63.95 22.11 -47.61
N PRO W 97 63.62 23.28 -48.16
CA PRO W 97 62.58 23.35 -49.19
C PRO W 97 62.98 22.60 -50.44
N PRO W 98 62.03 22.30 -51.34
CA PRO W 98 62.34 21.39 -52.46
C PRO W 98 63.29 21.96 -53.50
N THR W 99 63.37 23.28 -53.67
CA THR W 99 64.26 23.79 -54.72
C THR W 99 65.72 23.73 -54.28
N VAL W 100 65.99 23.93 -52.98
CA VAL W 100 67.38 23.89 -52.52
C VAL W 100 67.88 22.45 -52.51
N LYS W 101 67.05 21.50 -52.09
CA LYS W 101 67.34 20.08 -52.25
C LYS W 101 66.29 19.47 -53.17
N PRO W 102 66.63 19.16 -54.42
CA PRO W 102 65.61 18.79 -55.40
C PRO W 102 65.19 17.33 -55.23
N PRO W 103 63.98 16.99 -55.71
CA PRO W 103 63.59 15.57 -55.77
C PRO W 103 64.42 14.81 -56.79
N THR W 104 64.34 13.48 -56.70
CA THR W 104 65.11 12.61 -57.58
C THR W 104 64.67 12.70 -59.03
N ALA W 105 63.45 13.21 -59.29
CA ALA W 105 62.95 13.43 -60.64
C ALA W 105 62.94 12.13 -61.45
N ARG W 106 62.28 11.12 -60.91
CA ARG W 106 62.14 9.86 -61.63
C ARG W 106 61.11 10.01 -62.76
N LYS W 107 61.19 9.08 -63.72
CA LYS W 107 60.44 9.23 -64.97
C LYS W 107 58.98 8.83 -64.84
N PHE W 108 58.65 7.88 -63.95
CA PHE W 108 57.31 7.33 -63.90
C PHE W 108 56.41 7.99 -62.87
N ILE W 109 56.86 9.03 -62.20
CA ILE W 109 56.03 9.71 -61.22
C ILE W 109 55.02 10.60 -61.94
N TRP W 110 53.86 10.78 -61.32
CA TRP W 110 52.85 11.67 -61.88
C TRP W 110 53.40 13.09 -61.96
N THR W 111 53.10 13.77 -63.06
CA THR W 111 53.46 15.17 -63.23
C THR W 111 52.32 16.11 -62.85
N ASN W 112 51.17 15.56 -62.43
CA ASN W 112 50.00 16.36 -62.07
C ASN W 112 49.79 16.42 -60.56
N HIS W 113 49.61 15.26 -59.92
CA HIS W 113 49.19 15.19 -58.52
C HIS W 113 47.83 15.87 -58.34
N LYS W 114 46.80 15.17 -58.83
CA LYS W 114 45.50 15.80 -59.08
C LYS W 114 44.59 15.69 -57.86
N PHE W 115 44.38 16.83 -57.20
CA PHE W 115 43.22 17.13 -56.37
C PHE W 115 42.94 16.02 -55.36
N ASN W 116 41.67 15.75 -55.09
CA ASN W 116 41.24 14.60 -54.28
C ASN W 116 40.00 14.03 -54.95
N LEU W 117 40.09 12.78 -55.39
CA LEU W 117 39.08 12.26 -56.32
C LEU W 117 37.75 11.92 -55.68
N SER W 118 37.59 12.06 -54.36
CA SER W 118 36.29 11.75 -53.77
C SER W 118 35.19 12.58 -54.39
N GLY W 119 34.02 11.97 -54.57
CA GLY W 119 32.97 12.61 -55.34
C GLY W 119 33.35 12.66 -56.81
N THR W 120 32.51 13.36 -57.58
CA THR W 120 32.74 13.67 -59.00
C THR W 120 32.68 12.41 -59.86
N PRO W 121 32.54 12.53 -61.17
CA PRO W 121 32.64 11.34 -62.03
C PRO W 121 33.99 10.67 -61.98
N GLN W 122 35.03 11.39 -61.56
CA GLN W 122 36.35 10.78 -61.39
C GLN W 122 36.45 10.34 -59.93
N GLN W 123 36.39 9.04 -59.70
CA GLN W 123 36.37 8.49 -58.35
C GLN W 123 36.92 7.07 -58.41
N TYR W 124 37.60 6.67 -57.36
CA TYR W 124 38.11 5.31 -57.30
C TYR W 124 37.00 4.34 -56.90
N VAL W 125 36.81 3.30 -57.70
CA VAL W 125 35.89 2.22 -57.40
C VAL W 125 36.68 0.92 -57.30
N PRO W 126 36.69 0.25 -56.16
CA PRO W 126 37.44 -1.00 -56.03
C PRO W 126 36.74 -2.15 -56.74
N TYR W 127 37.54 -3.10 -57.19
CA TYR W 127 36.99 -4.22 -57.94
C TYR W 127 37.97 -5.38 -57.95
N SER W 128 37.43 -6.56 -58.27
CA SER W 128 38.21 -7.78 -58.27
C SER W 128 39.24 -7.80 -59.39
N THR W 129 40.44 -8.24 -59.06
CA THR W 129 41.50 -8.53 -59.99
C THR W 129 41.48 -10.04 -60.32
N THR W 130 42.59 -10.55 -60.84
CA THR W 130 42.88 -11.90 -61.34
C THR W 130 41.96 -12.22 -62.52
N ARG W 131 41.66 -13.51 -62.77
CA ARG W 131 41.01 -13.90 -64.01
C ARG W 131 40.02 -15.04 -63.73
N LYS W 132 38.73 -14.74 -63.80
CA LYS W 132 37.63 -15.70 -63.70
C LYS W 132 37.90 -16.69 -62.58
N LYS W 133 37.43 -17.94 -62.71
CA LYS W 133 37.98 -19.09 -61.99
C LYS W 133 38.07 -20.34 -62.85
N ILE W 134 36.91 -20.95 -63.13
CA ILE W 134 36.84 -22.35 -63.52
C ILE W 134 36.63 -22.59 -65.01
N GLN W 135 36.42 -21.55 -65.83
CA GLN W 135 36.34 -21.69 -67.28
C GLN W 135 35.24 -22.69 -67.70
N GLU W 136 33.99 -22.23 -67.59
CA GLU W 136 32.85 -23.10 -67.87
C GLU W 136 32.93 -23.72 -69.27
N TRP W 137 32.38 -24.93 -69.38
CA TRP W 137 32.32 -25.66 -70.64
C TRP W 137 31.26 -25.09 -71.56
N VAL W 138 31.39 -25.38 -72.85
CA VAL W 138 30.43 -24.91 -73.86
C VAL W 138 29.99 -26.07 -74.73
N PRO W 139 28.73 -26.11 -75.17
CA PRO W 139 28.28 -27.16 -76.06
C PRO W 139 28.73 -26.90 -77.48
N PRO W 140 28.82 -27.94 -78.32
CA PRO W 140 29.12 -27.70 -79.73
C PRO W 140 27.91 -27.14 -80.46
N SER W 141 28.17 -26.21 -81.38
CA SER W 141 27.10 -25.59 -82.13
C SER W 141 26.50 -26.49 -83.19
N THR W 142 27.13 -27.62 -83.49
CA THR W 142 26.62 -28.53 -84.50
C THR W 142 25.66 -29.53 -83.87
N PRO W 143 24.41 -29.60 -84.31
CA PRO W 143 23.48 -30.57 -83.72
C PRO W 143 23.94 -32.00 -83.99
N TYR W 144 23.69 -32.87 -83.02
CA TYR W 144 24.19 -34.24 -83.04
C TYR W 144 25.71 -34.28 -83.28
N ALA X 3 -22.87 -11.83 -3.55
CA ALA X 3 -21.82 -12.81 -3.31
C ALA X 3 -21.78 -13.21 -1.83
N PRO X 4 -22.71 -14.08 -1.44
CA PRO X 4 -22.79 -14.50 -0.04
C PRO X 4 -21.67 -15.45 0.30
N PRO X 5 -21.65 -16.01 1.51
CA PRO X 5 -20.76 -17.14 1.79
C PRO X 5 -20.95 -18.23 0.73
N LEU X 6 -19.82 -18.73 0.21
CA LEU X 6 -19.85 -19.48 -1.04
C LEU X 6 -20.48 -20.85 -0.86
N THR X 7 -20.94 -21.41 -1.97
CA THR X 7 -21.68 -22.65 -1.98
C THR X 7 -21.04 -23.65 -2.94
N LEU X 8 -21.37 -24.93 -2.72
CA LEU X 8 -21.03 -25.97 -3.67
C LEU X 8 -21.41 -25.57 -5.09
N GLU X 9 -22.71 -25.34 -5.31
CA GLU X 9 -23.17 -24.93 -6.62
C GLU X 9 -22.38 -23.74 -7.14
N GLY X 10 -22.06 -22.79 -6.26
CA GLY X 10 -21.28 -21.64 -6.66
C GLY X 10 -19.89 -22.00 -7.14
N ILE X 11 -19.11 -22.68 -6.29
CA ILE X 11 -17.73 -23.00 -6.65
C ILE X 11 -17.71 -23.89 -7.89
N LYS X 12 -18.67 -24.81 -8.00
CA LYS X 12 -18.72 -25.72 -9.13
C LYS X 12 -19.01 -24.97 -10.42
N ASP X 13 -20.04 -24.12 -10.41
CA ASP X 13 -20.34 -23.32 -11.59
C ASP X 13 -19.17 -22.43 -11.97
N ARG X 14 -18.44 -21.93 -10.96
CA ARG X 14 -17.29 -21.08 -11.25
C ARG X 14 -16.17 -21.88 -11.92
N VAL X 15 -15.81 -23.02 -11.34
CA VAL X 15 -14.69 -23.79 -11.88
C VAL X 15 -15.03 -24.34 -13.25
N LEU X 16 -16.15 -25.05 -13.36
CA LEU X 16 -16.59 -25.53 -14.67
C LEU X 16 -16.68 -24.37 -15.65
N TYR X 17 -17.11 -23.20 -15.17
CA TYR X 17 -17.23 -22.03 -16.02
C TYR X 17 -15.88 -21.61 -16.60
N VAL X 18 -14.88 -21.46 -15.73
CA VAL X 18 -13.59 -20.97 -16.21
C VAL X 18 -12.93 -22.03 -17.08
N LEU X 19 -13.15 -23.31 -16.79
CA LEU X 19 -12.65 -24.35 -17.68
C LEU X 19 -13.30 -24.24 -19.04
N LYS X 20 -14.59 -23.90 -19.08
CA LYS X 20 -15.27 -23.77 -20.36
C LYS X 20 -14.82 -22.53 -21.12
N LEU X 21 -14.46 -21.46 -20.40
CA LEU X 21 -13.88 -20.31 -21.09
C LEU X 21 -12.54 -20.65 -21.71
N TYR X 22 -11.86 -21.66 -21.17
CA TYR X 22 -10.54 -22.01 -21.67
C TYR X 22 -10.69 -22.74 -22.99
N ASP X 23 -10.09 -22.18 -24.05
CA ASP X 23 -10.39 -22.64 -25.40
C ASP X 23 -9.62 -23.89 -25.79
N LYS X 24 -8.41 -24.08 -25.28
CA LYS X 24 -7.59 -25.19 -25.72
C LYS X 24 -8.26 -26.53 -25.43
N ILE X 25 -8.97 -26.63 -24.31
CA ILE X 25 -9.74 -27.83 -24.03
C ILE X 25 -11.02 -27.80 -24.84
N ASP X 26 -11.45 -28.97 -25.32
CA ASP X 26 -12.66 -29.07 -26.11
C ASP X 26 -13.83 -29.35 -25.18
N PRO X 27 -14.77 -28.42 -25.01
CA PRO X 27 -15.95 -28.68 -24.18
C PRO X 27 -16.95 -29.60 -24.84
N GLU X 28 -16.45 -30.73 -25.35
CA GLU X 28 -17.33 -31.77 -25.87
C GLU X 28 -17.92 -32.56 -24.70
N LYS X 29 -17.09 -33.34 -24.03
CA LYS X 29 -17.45 -33.95 -22.76
C LYS X 29 -16.46 -33.49 -21.71
N LEU X 30 -16.93 -32.66 -20.79
CA LEU X 30 -16.14 -32.21 -19.64
C LEU X 30 -16.98 -32.44 -18.40
N SER X 31 -16.55 -33.36 -17.55
CA SER X 31 -17.29 -33.72 -16.36
C SER X 31 -16.45 -33.48 -15.12
N VAL X 32 -17.13 -33.38 -13.98
CA VAL X 32 -16.44 -33.10 -12.73
C VAL X 32 -15.54 -34.26 -12.31
N ASN X 33 -15.79 -35.45 -12.81
CA ASN X 33 -14.96 -36.61 -12.49
C ASN X 33 -13.80 -36.80 -13.46
N SER X 34 -13.63 -35.88 -14.40
CA SER X 34 -12.66 -36.09 -15.47
C SER X 34 -11.23 -35.94 -14.96
N HIS X 35 -10.33 -36.73 -15.55
CA HIS X 35 -8.90 -36.63 -15.32
C HIS X 35 -8.26 -36.00 -16.56
N PHE X 36 -7.54 -34.90 -16.35
CA PHE X 36 -7.10 -34.05 -17.44
C PHE X 36 -6.27 -34.76 -18.49
N MET X 37 -5.03 -35.15 -18.16
CA MET X 37 -4.18 -35.75 -19.18
C MET X 37 -4.76 -37.07 -19.67
N LYS X 38 -5.39 -37.84 -18.78
CA LYS X 38 -6.12 -39.02 -19.23
C LYS X 38 -7.25 -38.66 -20.18
N ASP X 39 -8.29 -38.02 -19.65
CA ASP X 39 -9.49 -37.78 -20.46
C ASP X 39 -9.25 -36.69 -21.50
N LEU X 40 -8.79 -35.52 -21.07
CA LEU X 40 -8.63 -34.39 -21.96
C LEU X 40 -7.27 -34.31 -22.62
N GLY X 41 -6.33 -35.15 -22.21
CA GLY X 41 -5.03 -35.20 -22.88
C GLY X 41 -4.23 -33.92 -22.78
N LEU X 42 -4.16 -33.33 -21.59
CA LEU X 42 -3.39 -32.12 -21.41
C LEU X 42 -1.98 -32.44 -20.94
N ASP X 43 -1.18 -31.39 -20.75
CA ASP X 43 0.19 -31.49 -20.29
C ASP X 43 0.31 -30.82 -18.93
N SER X 44 1.29 -31.27 -18.15
CA SER X 44 1.54 -30.67 -16.84
C SER X 44 1.67 -29.16 -16.95
N LEU X 45 2.31 -28.69 -18.02
CA LEU X 45 2.36 -27.26 -18.29
C LEU X 45 0.96 -26.67 -18.37
N ASP X 46 0.10 -27.29 -19.18
CA ASP X 46 -1.30 -26.87 -19.27
C ASP X 46 -1.93 -26.82 -17.89
N GLN X 47 -1.71 -27.85 -17.08
CA GLN X 47 -2.20 -27.85 -15.70
C GLN X 47 -1.79 -26.58 -14.97
N VAL X 48 -0.48 -26.28 -15.00
CA VAL X 48 0.02 -25.12 -14.26
C VAL X 48 -0.67 -23.85 -14.71
N GLU X 49 -0.78 -23.67 -16.02
CA GLU X 49 -1.45 -22.46 -16.53
C GLU X 49 -2.89 -22.40 -16.07
N ILE X 50 -3.63 -23.50 -16.24
CA ILE X 50 -5.01 -23.58 -15.76
C ILE X 50 -5.09 -23.11 -14.31
N ILE X 51 -4.42 -23.83 -13.42
CA ILE X 51 -4.49 -23.51 -11.99
C ILE X 51 -4.11 -22.06 -11.73
N MET X 52 -3.19 -21.53 -12.53
CA MET X 52 -2.93 -20.09 -12.48
C MET X 52 -4.20 -19.28 -12.72
N ALA X 53 -4.97 -19.66 -13.75
CA ALA X 53 -6.26 -18.99 -13.93
C ALA X 53 -7.17 -19.24 -12.74
N MET X 54 -7.03 -20.38 -12.08
CA MET X 54 -7.81 -20.64 -10.89
C MET X 54 -7.44 -19.69 -9.77
N GLU X 55 -6.20 -19.18 -9.77
CA GLU X 55 -5.88 -18.09 -8.86
C GLU X 55 -6.46 -16.77 -9.35
N ASP X 56 -6.20 -16.40 -10.60
CA ASP X 56 -6.47 -15.04 -11.03
C ASP X 56 -7.96 -14.74 -11.00
N GLU X 57 -8.79 -15.69 -11.40
CA GLU X 57 -10.21 -15.61 -11.11
C GLU X 57 -10.50 -16.48 -9.91
N PHE X 58 -11.32 -15.96 -9.00
CA PHE X 58 -11.68 -16.68 -7.77
C PHE X 58 -10.37 -16.99 -7.03
N GLY X 59 -10.23 -18.11 -6.33
CA GLY X 59 -8.93 -18.55 -5.85
C GLY X 59 -8.07 -17.60 -5.03
N PHE X 60 -6.85 -17.38 -5.56
CA PHE X 60 -5.76 -16.48 -5.13
C PHE X 60 -4.76 -17.08 -4.15
N GLU X 61 -5.02 -18.25 -3.55
CA GLU X 61 -4.18 -18.69 -2.44
C GLU X 61 -3.13 -19.74 -2.81
N ILE X 62 -3.07 -20.18 -4.05
CA ILE X 62 -2.52 -21.51 -4.34
C ILE X 62 -1.00 -21.46 -4.29
N PRO X 63 -0.34 -22.32 -3.51
CA PRO X 63 1.07 -22.60 -3.71
C PRO X 63 1.29 -23.79 -4.63
N ASP X 64 2.55 -24.13 -4.91
CA ASP X 64 2.85 -25.14 -5.92
C ASP X 64 2.58 -26.56 -5.43
N ILE X 65 3.08 -26.90 -4.23
CA ILE X 65 3.01 -28.28 -3.76
C ILE X 65 1.58 -28.75 -3.67
N ASP X 66 0.64 -27.86 -3.32
CA ASP X 66 -0.76 -28.21 -3.41
C ASP X 66 -1.21 -28.29 -4.86
N ALA X 67 -0.72 -27.38 -5.70
CA ALA X 67 -1.25 -27.26 -7.05
C ALA X 67 -0.95 -28.48 -7.90
N GLU X 68 0.19 -29.14 -7.69
CA GLU X 68 0.59 -30.20 -8.60
C GLU X 68 -0.42 -31.36 -8.63
N LYS X 69 -1.03 -31.67 -7.49
CA LYS X 69 -1.77 -32.91 -7.33
C LYS X 69 -3.26 -32.78 -7.59
N LEU X 70 -3.76 -31.62 -7.99
CA LEU X 70 -5.19 -31.44 -8.21
C LEU X 70 -5.74 -32.40 -9.26
N MET X 71 -5.42 -32.14 -10.53
CA MET X 71 -5.62 -33.06 -11.63
C MET X 71 -7.07 -33.33 -11.99
N CYS X 72 -8.03 -32.98 -11.12
CA CYS X 72 -9.42 -33.19 -11.45
C CYS X 72 -10.23 -32.04 -10.88
N PRO X 73 -11.28 -31.61 -11.59
CA PRO X 73 -12.01 -30.41 -11.15
C PRO X 73 -12.65 -30.54 -9.78
N GLN X 74 -13.08 -31.75 -9.39
CA GLN X 74 -13.62 -31.90 -8.05
C GLN X 74 -12.55 -31.70 -6.99
N GLU X 75 -11.30 -32.05 -7.30
CA GLU X 75 -10.22 -31.75 -6.35
C GLU X 75 -10.03 -30.25 -6.22
N ILE X 76 -10.19 -29.51 -7.32
CA ILE X 76 -10.24 -28.05 -7.23
C ILE X 76 -11.37 -27.62 -6.32
N VAL X 77 -12.56 -28.20 -6.53
CA VAL X 77 -13.72 -27.90 -5.72
C VAL X 77 -13.38 -28.04 -4.24
N ASP X 78 -13.05 -29.27 -3.83
CA ASP X 78 -12.86 -29.54 -2.41
C ASP X 78 -11.68 -28.76 -1.85
N TYR X 79 -10.61 -28.62 -2.63
CA TYR X 79 -9.43 -27.92 -2.13
C TYR X 79 -9.72 -26.46 -1.85
N ILE X 80 -10.45 -25.81 -2.75
CA ILE X 80 -10.78 -24.40 -2.50
C ILE X 80 -11.80 -24.32 -1.38
N ALA X 81 -12.75 -25.25 -1.34
CA ALA X 81 -13.78 -25.29 -0.32
C ALA X 81 -13.17 -25.36 1.07
N ASP X 82 -12.52 -26.48 1.40
CA ASP X 82 -11.91 -26.60 2.71
C ASP X 82 -10.79 -25.59 2.89
N LYS X 83 -10.19 -25.11 1.80
CA LYS X 83 -9.22 -24.05 1.92
C LYS X 83 -9.85 -22.75 2.38
N LYS X 84 -11.17 -22.61 2.24
CA LYS X 84 -11.84 -21.39 2.68
C LYS X 84 -12.87 -21.66 3.77
N ASP X 85 -14.04 -22.23 3.45
CA ASP X 85 -15.14 -22.28 4.40
C ASP X 85 -15.74 -23.67 4.49
N VAL X 86 -15.94 -24.13 5.71
CA VAL X 86 -16.79 -25.29 5.97
C VAL X 86 -18.24 -24.83 5.95
N TYR X 87 -19.14 -25.75 5.64
CA TYR X 87 -20.54 -25.39 5.43
C TYR X 87 -21.35 -25.41 6.72
N LEU Y 1 11.14 10.95 35.37
CA LEU Y 1 11.10 10.95 33.91
C LEU Y 1 9.96 11.81 33.38
N GLN Y 2 10.27 13.06 33.08
CA GLN Y 2 9.33 13.98 32.45
C GLN Y 2 7.97 13.91 33.16
N TYR Y 3 8.01 14.05 34.47
CA TYR Y 3 6.79 13.95 35.25
C TYR Y 3 6.06 15.27 35.10
N GLY Y 4 4.91 15.24 34.44
CA GLY Y 4 4.33 16.43 33.88
C GLY Y 4 5.11 16.86 32.65
N PRO Y 5 4.50 17.68 31.78
CA PRO Y 5 5.27 18.29 30.70
C PRO Y 5 6.22 19.37 31.17
N LEU Y 6 5.99 19.93 32.37
CA LEU Y 6 6.89 20.94 32.89
C LEU Y 6 8.27 20.38 33.21
N ALA Y 7 8.33 19.10 33.57
CA ALA Y 7 9.64 18.49 33.82
C ALA Y 7 10.52 18.54 32.58
N TYR Y 8 9.91 18.40 31.40
CA TYR Y 8 10.66 18.56 30.16
C TYR Y 8 11.35 19.91 30.12
N ILE Y 9 10.55 20.98 30.12
CA ILE Y 9 11.12 22.32 29.99
C ILE Y 9 12.04 22.64 31.15
N LEU Y 10 11.88 21.93 32.28
CA LEU Y 10 12.87 22.05 33.35
C LEU Y 10 14.11 21.22 33.06
N GLY Y 11 13.95 19.99 32.60
CA GLY Y 11 15.11 19.18 32.24
C GLY Y 11 14.77 18.15 31.19
N GLU Y 12 15.77 17.82 30.38
CA GLU Y 12 15.63 16.99 29.20
C GLU Y 12 15.99 15.53 29.44
N LYS Y 13 16.09 15.12 30.71
CA LYS Y 13 16.93 14.01 31.17
C LYS Y 13 16.87 12.75 30.29
N THR Y 14 15.78 12.57 29.54
CA THR Y 14 15.70 11.44 28.61
C THR Y 14 16.94 11.34 27.74
N THR Y 15 17.37 12.45 27.14
CA THR Y 15 18.56 12.40 26.30
C THR Y 15 19.85 12.44 27.11
N LYS Y 16 19.86 13.19 28.22
CA LYS Y 16 21.09 13.37 28.99
C LYS Y 16 21.68 12.03 29.43
N LYS Y 17 20.84 11.13 29.94
CA LYS Y 17 21.33 9.85 30.43
C LYS Y 17 21.21 8.83 29.30
N MET Y 18 22.35 8.47 28.72
CA MET Y 18 22.45 7.38 27.76
C MET Y 18 23.77 6.68 28.01
N THR Y 19 23.72 5.37 28.23
CA THR Y 19 24.95 4.64 28.56
C THR Y 19 25.73 4.19 27.34
N GLU Y 20 25.10 4.19 26.15
CA GLU Y 20 25.65 3.67 24.91
C GLU Y 20 25.69 2.15 24.96
N ASN Y 21 25.61 1.58 26.16
CA ASN Y 21 25.53 0.15 26.37
C ASN Y 21 24.12 -0.34 26.65
N SER Y 22 23.14 0.56 26.71
CA SER Y 22 21.80 0.16 27.13
C SER Y 22 21.01 -0.45 25.98
N LYS Y 23 20.57 0.37 25.03
CA LYS Y 23 19.63 -0.03 24.00
C LYS Y 23 18.46 -0.72 24.69
N LEU Y 24 17.97 -1.80 24.11
CA LEU Y 24 17.08 -2.70 24.82
C LEU Y 24 17.25 -4.09 24.25
N ILE Y 25 17.24 -5.09 25.12
CA ILE Y 25 17.57 -6.47 24.74
C ILE Y 25 16.48 -7.38 25.29
N THR Y 26 16.14 -8.40 24.52
CA THR Y 26 15.19 -9.42 24.96
C THR Y 26 15.81 -10.79 24.75
N VAL Y 27 16.10 -11.47 25.85
CA VAL Y 27 16.45 -12.89 25.78
C VAL Y 27 15.22 -13.67 25.35
N ASP Y 28 15.43 -14.69 24.53
CA ASP Y 28 14.34 -15.57 24.11
C ASP Y 28 14.82 -17.01 24.10
N GLY Y 29 13.88 -17.90 24.42
CA GLY Y 29 14.04 -19.32 24.17
C GLY Y 29 12.69 -19.96 24.11
N ASN Y 30 12.60 -21.08 23.38
CA ASN Y 30 11.35 -21.80 23.41
C ASN Y 30 11.18 -22.41 24.79
N ILE Y 31 9.92 -22.73 25.14
CA ILE Y 31 9.53 -22.88 26.54
C ILE Y 31 10.49 -23.80 27.25
N CYS Y 32 10.99 -23.34 28.42
CA CYS Y 32 11.84 -24.05 29.35
C CYS Y 32 13.29 -24.17 28.89
N SER Y 33 13.64 -23.70 27.69
CA SER Y 33 14.99 -23.93 27.19
C SER Y 33 15.97 -22.84 27.60
N GLY Y 34 15.88 -21.66 26.98
CA GLY Y 34 16.81 -20.59 27.28
C GLY Y 34 16.59 -20.03 28.67
N LYS Y 35 15.38 -19.55 28.93
CA LYS Y 35 14.97 -19.05 30.24
C LYS Y 35 15.98 -18.11 30.89
N SER Y 36 16.26 -18.34 32.18
CA SER Y 36 16.86 -17.32 33.03
C SER Y 36 18.38 -17.30 32.98
N LYS Y 37 19.02 -18.30 32.38
CA LYS Y 37 20.48 -18.32 32.40
C LYS Y 37 21.06 -17.20 31.56
N LEU Y 38 20.46 -16.91 30.41
CA LEU Y 38 20.96 -15.84 29.56
C LEU Y 38 20.69 -14.48 30.19
N ALA Y 39 19.43 -14.21 30.54
CA ALA Y 39 19.06 -12.90 31.06
C ALA Y 39 19.76 -12.61 32.39
N LYS Y 40 19.65 -13.54 33.35
CA LYS Y 40 20.40 -13.38 34.58
C LYS Y 40 21.90 -13.30 34.32
N GLU Y 41 22.38 -14.03 33.32
CA GLU Y 41 23.81 -14.10 33.08
C GLU Y 41 24.36 -12.76 32.60
N VAL Y 42 23.75 -12.18 31.57
CA VAL Y 42 24.21 -10.87 31.14
C VAL Y 42 23.90 -9.82 32.20
N ALA Y 43 22.82 -10.03 32.97
CA ALA Y 43 22.54 -9.15 34.10
C ALA Y 43 23.67 -9.16 35.10
N GLU Y 44 24.39 -10.27 35.20
CA GLU Y 44 25.57 -10.35 36.04
C GLU Y 44 26.74 -9.63 35.38
N LYS Y 45 27.16 -10.11 34.22
CA LYS Y 45 28.33 -9.55 33.53
C LYS Y 45 28.04 -8.18 32.94
N LEU Y 46 27.13 -8.11 31.96
CA LEU Y 46 26.91 -6.87 31.24
C LEU Y 46 26.45 -5.74 32.16
N GLY Y 47 25.55 -6.05 33.11
CA GLY Y 47 25.22 -5.08 34.12
C GLY Y 47 23.89 -4.36 33.95
N LEU Y 48 23.12 -4.72 32.94
CA LEU Y 48 21.78 -4.17 32.80
C LEU Y 48 20.85 -4.85 33.79
N LYS Y 49 19.60 -4.44 33.83
CA LYS Y 49 18.67 -5.03 34.78
C LYS Y 49 17.85 -6.12 34.11
N HIS Y 50 17.04 -6.80 34.92
CA HIS Y 50 16.36 -8.02 34.50
C HIS Y 50 14.97 -8.05 35.12
N PHE Y 51 14.01 -8.45 34.33
CA PHE Y 51 12.66 -8.65 34.85
C PHE Y 51 12.39 -10.13 35.05
N PRO Y 52 11.95 -10.53 36.24
CA PRO Y 52 11.75 -11.96 36.52
C PRO Y 52 10.62 -12.57 35.72
N GLU Y 53 10.29 -13.82 36.06
CA GLU Y 53 9.30 -14.58 35.32
C GLU Y 53 7.97 -13.85 35.26
N ALA Y 54 7.46 -13.66 34.05
CA ALA Y 54 6.19 -12.98 33.84
C ALA Y 54 5.03 -13.90 34.17
N GLY Y 55 3.88 -13.28 34.46
CA GLY Y 55 2.69 -14.05 34.74
C GLY Y 55 1.65 -13.22 35.44
N ILE Y 56 0.74 -13.91 36.14
CA ILE Y 56 -0.33 -13.27 36.88
C ILE Y 56 0.26 -12.28 37.88
N HIS Y 57 1.22 -12.75 38.66
CA HIS Y 57 1.68 -12.05 39.84
C HIS Y 57 2.79 -11.07 39.53
N TYR Y 58 3.13 -10.87 38.27
CA TYR Y 58 3.90 -9.71 37.88
C TYR Y 58 3.04 -8.45 37.99
N ALA Y 59 1.99 -8.38 37.18
CA ALA Y 59 1.03 -7.29 37.30
C ALA Y 59 0.41 -7.26 38.68
N ASP Y 60 0.18 -8.44 39.28
CA ASP Y 60 -0.41 -8.44 40.63
C ASP Y 60 0.57 -7.90 41.67
N SER Y 61 1.83 -8.34 41.62
CA SER Y 61 2.81 -7.96 42.62
C SER Y 61 3.54 -6.66 42.28
N THR Y 62 3.15 -5.99 41.20
CA THR Y 62 3.82 -4.75 40.83
C THR Y 62 3.50 -3.63 41.81
N THR Y 63 2.26 -3.56 42.26
CA THR Y 63 1.77 -2.46 43.08
C THR Y 63 0.65 -2.99 43.96
N GLY Y 64 -0.10 -2.07 44.56
CA GLY Y 64 -1.12 -2.49 45.52
C GLY Y 64 -0.44 -2.95 46.78
N ASP Y 65 -0.81 -4.12 47.26
CA ASP Y 65 -0.03 -4.66 48.35
C ASP Y 65 1.32 -5.13 47.83
N GLY Y 66 2.20 -5.54 48.75
CA GLY Y 66 3.57 -5.82 48.37
C GLY Y 66 3.68 -6.87 47.30
N LYS Y 67 3.07 -8.02 47.52
CA LYS Y 67 3.20 -9.16 46.64
C LYS Y 67 1.80 -9.70 46.39
N PRO Y 68 1.60 -10.72 45.54
CA PRO Y 68 0.25 -11.01 45.07
C PRO Y 68 -0.66 -11.60 46.11
N LEU Y 69 -1.96 -11.44 45.87
CA LEU Y 69 -3.06 -12.09 46.54
C LEU Y 69 -3.59 -13.21 45.64
N PRO Y 70 -4.54 -14.03 46.08
CA PRO Y 70 -4.99 -15.14 45.22
C PRO Y 70 -5.70 -14.65 43.98
N VAL Y 71 -5.79 -15.55 42.99
CA VAL Y 71 -6.30 -15.19 41.68
C VAL Y 71 -7.82 -15.16 41.61
N ARG Y 72 -8.51 -15.47 42.72
CA ARG Y 72 -9.97 -15.50 42.67
C ARG Y 72 -10.54 -14.15 42.26
N PHE Y 73 -9.88 -13.05 42.61
CA PHE Y 73 -10.25 -11.75 42.05
C PHE Y 73 -10.21 -11.78 40.54
N SER Y 74 -9.12 -12.31 39.96
CA SER Y 74 -9.03 -12.44 38.51
C SER Y 74 -9.76 -13.68 38.02
N GLY Y 75 -9.64 -14.80 38.73
CA GLY Y 75 -10.24 -16.06 38.31
C GLY Y 75 -9.58 -16.64 37.08
N ASN Y 76 -8.25 -16.60 37.02
CA ASN Y 76 -7.53 -16.83 35.77
C ASN Y 76 -6.54 -17.97 35.91
N CYS Y 77 -6.09 -18.45 34.76
CA CYS Y 77 -4.98 -19.41 34.62
C CYS Y 77 -5.29 -20.68 35.39
N SER Y 78 -4.53 -21.04 36.42
CA SER Y 78 -4.44 -22.41 36.91
C SER Y 78 -3.95 -23.32 35.77
N LEU Y 79 -2.65 -23.15 35.48
CA LEU Y 79 -2.08 -23.59 34.21
C LEU Y 79 -2.21 -25.08 33.96
N GLU Y 80 -2.61 -25.88 34.95
CA GLU Y 80 -2.95 -27.25 34.67
C GLU Y 80 -3.97 -27.34 33.54
N LYS Y 81 -4.93 -26.42 33.54
CA LYS Y 81 -5.88 -26.30 32.43
C LYS Y 81 -5.27 -25.61 31.22
N PHE Y 82 -4.07 -25.06 31.33
CA PHE Y 82 -3.39 -24.59 30.13
C PHE Y 82 -2.68 -25.70 29.38
N TYR Y 83 -2.16 -26.68 30.10
CA TYR Y 83 -1.09 -27.50 29.55
C TYR Y 83 -1.57 -28.60 28.61
N ASP Y 84 -2.74 -29.20 28.84
CA ASP Y 84 -2.96 -30.41 28.07
C ASP Y 84 -3.89 -30.24 26.87
N ASP Y 85 -5.20 -30.46 27.04
CA ASP Y 85 -6.14 -30.36 25.92
C ASP Y 85 -7.55 -30.03 26.40
N PRO Y 86 -7.76 -28.84 26.94
CA PRO Y 86 -9.14 -28.43 27.20
C PRO Y 86 -9.68 -27.59 26.06
N LYS Y 87 -9.89 -28.22 24.90
CA LYS Y 87 -10.36 -27.50 23.71
C LYS Y 87 -11.67 -26.76 23.94
N SER Y 88 -12.44 -27.13 24.97
CA SER Y 88 -13.69 -26.45 25.25
C SER Y 88 -13.43 -24.99 25.61
N ASN Y 89 -14.43 -24.15 25.38
CA ASN Y 89 -14.27 -22.71 25.42
C ASN Y 89 -14.43 -22.13 26.82
N ASP Y 90 -14.60 -22.97 27.84
CA ASP Y 90 -14.94 -22.51 29.18
C ASP Y 90 -13.66 -22.31 29.99
N GLY Y 91 -13.28 -21.06 30.22
CA GLY Y 91 -12.19 -20.69 31.12
C GLY Y 91 -10.86 -21.33 30.79
N ASN Y 92 -10.75 -21.92 29.61
CA ASN Y 92 -9.58 -22.73 29.28
C ASN Y 92 -8.41 -21.89 28.77
N SER Y 93 -8.68 -20.85 27.98
CA SER Y 93 -7.62 -20.15 27.26
C SER Y 93 -7.68 -18.65 27.48
N TYR Y 94 -8.83 -18.04 27.17
CA TYR Y 94 -8.99 -16.59 27.10
C TYR Y 94 -8.31 -15.85 28.23
N ARG Y 95 -8.80 -16.06 29.46
CA ARG Y 95 -8.24 -15.40 30.63
C ARG Y 95 -6.73 -15.54 30.66
N LEU Y 96 -6.23 -16.69 30.23
CA LEU Y 96 -4.80 -16.99 30.31
C LEU Y 96 -4.02 -16.12 29.33
N GLN Y 97 -4.39 -16.19 28.05
CA GLN Y 97 -3.59 -15.50 27.04
C GLN Y 97 -3.76 -13.99 27.11
N ALA Y 98 -4.98 -13.51 27.36
CA ALA Y 98 -5.20 -12.08 27.44
C ALA Y 98 -4.59 -11.52 28.73
N TRP Y 99 -4.88 -12.14 29.86
CA TRP Y 99 -4.36 -11.65 31.14
C TRP Y 99 -2.84 -11.65 31.13
N LEU Y 100 -2.23 -12.76 30.71
CA LEU Y 100 -0.78 -12.81 30.69
C LEU Y 100 -0.20 -11.93 29.59
N TYR Y 101 -0.96 -11.69 28.53
CA TYR Y 101 -0.47 -10.81 27.47
C TYR Y 101 -0.39 -9.36 27.96
N ALA Y 102 -1.49 -8.86 28.51
CA ALA Y 102 -1.46 -7.54 29.14
C ALA Y 102 -0.38 -7.47 30.21
N SER Y 103 -0.14 -8.58 30.91
CA SER Y 103 1.01 -8.63 31.80
C SER Y 103 2.31 -8.39 31.03
N ARG Y 104 2.40 -8.94 29.82
CA ARG Y 104 3.62 -8.75 29.04
C ARG Y 104 3.78 -7.31 28.59
N LEU Y 105 2.71 -6.73 28.03
CA LEU Y 105 2.75 -5.33 27.63
C LEU Y 105 3.13 -4.43 28.80
N LEU Y 106 2.45 -4.60 29.93
CA LEU Y 106 2.79 -3.83 31.12
C LEU Y 106 4.25 -4.00 31.48
N GLN Y 107 4.77 -5.23 31.36
CA GLN Y 107 6.20 -5.46 31.59
C GLN Y 107 7.05 -4.62 30.66
N TYR Y 108 6.64 -4.51 29.39
CA TYR Y 108 7.44 -3.81 28.40
C TYR Y 108 7.43 -2.31 28.65
N ALA Y 109 6.25 -1.74 28.87
CA ALA Y 109 6.18 -0.33 29.23
C ALA Y 109 6.94 -0.05 30.51
N ASP Y 110 6.94 -1.00 31.45
CA ASP Y 110 7.78 -0.87 32.63
C ASP Y 110 9.25 -0.77 32.23
N ALA Y 111 9.67 -1.60 31.27
CA ALA Y 111 11.06 -1.55 30.84
C ALA Y 111 11.40 -0.18 30.26
N LEU Y 112 10.59 0.31 29.33
CA LEU Y 112 10.90 1.60 28.72
C LEU Y 112 10.88 2.72 29.76
N GLU Y 113 9.90 2.70 30.65
CA GLU Y 113 9.81 3.71 31.69
C GLU Y 113 11.06 3.72 32.55
N HIS Y 114 11.47 2.54 33.03
CA HIS Y 114 12.68 2.46 33.83
C HIS Y 114 13.89 2.97 33.06
N LEU Y 115 14.07 2.49 31.83
CA LEU Y 115 15.18 2.91 31.00
C LEU Y 115 15.27 4.43 30.92
N LEU Y 116 14.24 5.05 30.35
CA LEU Y 116 14.28 6.49 30.14
C LEU Y 116 14.39 7.24 31.46
N SER Y 117 13.74 6.73 32.52
CA SER Y 117 13.72 7.44 33.80
C SER Y 117 15.11 7.45 34.45
N THR Y 118 15.66 6.26 34.70
CA THR Y 118 16.90 6.16 35.46
C THR Y 118 18.14 6.14 34.58
N GLY Y 119 17.99 6.02 33.28
CA GLY Y 119 19.16 6.00 32.41
C GLY Y 119 20.04 4.78 32.57
N GLN Y 120 19.45 3.62 32.85
CA GLN Y 120 20.20 2.37 32.89
C GLN Y 120 19.40 1.31 32.15
N GLY Y 121 20.01 0.72 31.12
CA GLY Y 121 19.31 -0.23 30.29
C GLY Y 121 18.91 -1.48 31.04
N VAL Y 122 17.97 -2.22 30.44
CA VAL Y 122 17.39 -3.41 31.04
C VAL Y 122 17.26 -4.46 29.95
N VAL Y 123 17.16 -5.72 30.36
CA VAL Y 123 16.87 -6.83 29.45
C VAL Y 123 15.50 -7.38 29.83
N LEU Y 124 14.80 -7.95 28.84
CA LEU Y 124 13.42 -8.37 28.99
C LEU Y 124 13.31 -9.89 28.93
N GLU Y 125 12.44 -10.44 29.78
CA GLU Y 125 12.23 -11.89 29.84
C GLU Y 125 11.87 -12.46 28.48
N ARG Y 126 10.66 -12.17 28.02
CA ARG Y 126 10.27 -12.45 26.64
C ARG Y 126 9.75 -11.15 26.04
N SER Y 127 10.06 -10.94 24.76
CA SER Y 127 9.56 -9.77 24.07
C SER Y 127 8.04 -9.83 23.98
N ILE Y 128 7.43 -8.64 23.88
CA ILE Y 128 6.04 -8.56 23.49
C ILE Y 128 5.85 -9.19 22.12
N TYR Y 129 6.92 -9.30 21.34
CA TYR Y 129 6.84 -9.81 19.99
C TYR Y 129 6.83 -11.34 19.95
N SER Y 130 7.60 -12.00 20.82
CA SER Y 130 7.57 -13.47 20.83
C SER Y 130 6.16 -14.01 21.03
N ASP Y 131 5.26 -13.20 21.58
CA ASP Y 131 3.95 -13.68 21.97
C ASP Y 131 2.99 -13.85 20.79
N PHE Y 132 3.23 -13.20 19.65
CA PHE Y 132 2.27 -13.40 18.57
C PHE Y 132 2.50 -14.74 17.87
N VAL Y 133 3.75 -15.19 17.76
CA VAL Y 133 3.96 -16.55 17.31
C VAL Y 133 3.65 -17.53 18.42
N PHE Y 134 3.83 -17.14 19.68
CA PHE Y 134 3.37 -17.99 20.77
C PHE Y 134 1.89 -18.30 20.63
N LEU Y 135 1.03 -17.28 20.76
CA LEU Y 135 -0.41 -17.51 20.71
C LEU Y 135 -0.85 -18.02 19.35
N GLU Y 136 -0.39 -17.35 18.27
CA GLU Y 136 -0.71 -17.79 16.92
C GLU Y 136 -0.40 -19.26 16.74
N ALA Y 137 0.65 -19.75 17.39
CA ALA Y 137 0.95 -21.17 17.39
C ALA Y 137 0.08 -21.97 18.36
N MET Y 138 -0.48 -21.32 19.38
CA MET Y 138 -1.37 -22.03 20.29
C MET Y 138 -2.71 -22.33 19.63
N TYR Y 139 -3.35 -21.31 19.04
CA TYR Y 139 -4.55 -21.58 18.25
C TYR Y 139 -4.22 -22.25 16.93
N ARG Y 140 -2.96 -22.16 16.48
CA ARG Y 140 -2.58 -22.70 15.18
C ARG Y 140 -3.08 -24.13 15.01
N GLN Y 141 -3.14 -24.89 16.10
CA GLN Y 141 -3.99 -26.08 16.17
C GLN Y 141 -4.80 -26.01 17.46
N GLY Y 142 -6.10 -25.79 17.31
CA GLY Y 142 -7.16 -25.89 18.31
C GLY Y 142 -6.88 -25.17 19.62
N PHE Y 143 -7.44 -25.73 20.68
CA PHE Y 143 -7.36 -25.27 22.07
C PHE Y 143 -7.95 -23.87 22.29
N ILE Y 144 -8.78 -23.37 21.36
CA ILE Y 144 -9.45 -22.08 21.51
C ILE Y 144 -10.22 -21.80 20.22
N ARG Y 145 -11.21 -20.92 20.28
CA ARG Y 145 -11.98 -20.58 19.10
C ARG Y 145 -11.20 -19.63 18.19
N LYS Y 146 -11.60 -19.62 16.92
CA LYS Y 146 -11.29 -18.51 16.05
C LYS Y 146 -12.07 -17.28 16.53
N GLN Y 147 -11.62 -16.10 16.08
CA GLN Y 147 -11.90 -14.72 16.52
C GLN Y 147 -10.93 -14.31 17.62
N CYS Y 148 -10.14 -15.24 18.16
CA CYS Y 148 -9.11 -14.88 19.12
C CYS Y 148 -7.87 -14.37 18.41
N VAL Y 149 -7.57 -14.91 17.23
CA VAL Y 149 -6.54 -14.32 16.39
C VAL Y 149 -6.95 -12.91 15.97
N ASP Y 150 -8.25 -12.67 15.86
CA ASP Y 150 -8.75 -11.36 15.45
C ASP Y 150 -8.73 -10.36 16.61
N HIS Y 151 -9.49 -10.64 17.67
CA HIS Y 151 -9.47 -9.79 18.86
C HIS Y 151 -8.04 -9.55 19.33
N TYR Y 152 -7.32 -10.65 19.59
CA TYR Y 152 -5.96 -10.54 20.10
C TYR Y 152 -5.01 -9.93 19.09
N ASN Y 153 -5.24 -10.14 17.79
CA ASN Y 153 -4.33 -9.60 16.80
C ASN Y 153 -4.51 -8.09 16.62
N GLN Y 154 -5.76 -7.63 16.59
CA GLN Y 154 -6.00 -6.20 16.56
C GLN Y 154 -5.44 -5.55 17.82
N VAL Y 155 -5.55 -6.23 18.95
CA VAL Y 155 -4.88 -5.73 20.15
C VAL Y 155 -3.38 -5.64 19.94
N LYS Y 156 -2.79 -6.66 19.28
CA LYS Y 156 -1.37 -6.63 18.94
C LYS Y 156 -1.04 -5.34 18.22
N LYS Y 157 -1.60 -5.17 17.02
CA LYS Y 157 -1.28 -4.04 16.16
C LYS Y 157 -1.54 -2.71 16.88
N VAL Y 158 -2.83 -2.44 17.14
CA VAL Y 158 -3.25 -1.17 17.72
C VAL Y 158 -2.41 -0.83 18.94
N THR Y 159 -2.23 -1.81 19.82
CA THR Y 159 -1.39 -1.64 21.00
C THR Y 159 0.03 -1.24 20.64
N VAL Y 160 0.74 -2.15 19.97
CA VAL Y 160 2.18 -2.02 19.76
C VAL Y 160 2.54 -0.80 18.93
N CYS Y 161 1.57 -0.16 18.25
CA CYS Y 161 1.87 0.87 17.27
C CYS Y 161 2.93 1.87 17.73
N GLU Y 162 2.84 2.36 18.96
CA GLU Y 162 3.65 3.51 19.37
C GLU Y 162 4.90 3.17 20.17
N TYR Y 163 5.17 1.89 20.50
CA TYR Y 163 6.19 1.69 21.53
C TYR Y 163 7.62 1.71 21.02
N LEU Y 164 8.09 0.60 20.44
CA LEU Y 164 9.47 0.37 19.96
C LEU Y 164 9.66 -1.06 19.46
N PRO Y 165 10.60 -1.26 18.51
CA PRO Y 165 11.25 -2.40 17.85
C PRO Y 165 12.19 -3.30 18.66
N PRO Y 166 12.39 -3.06 19.96
CA PRO Y 166 13.67 -2.87 20.67
C PRO Y 166 14.83 -3.72 20.20
N HIS Y 167 15.98 -3.08 20.29
CA HIS Y 167 17.10 -3.20 19.37
C HIS Y 167 17.48 -4.64 19.03
N VAL Y 168 18.10 -5.39 19.94
CA VAL Y 168 18.55 -6.72 19.61
C VAL Y 168 17.78 -7.74 20.44
N VAL Y 169 17.99 -9.01 20.11
CA VAL Y 169 17.25 -10.12 20.70
C VAL Y 169 18.19 -11.32 20.72
N ILE Y 170 18.11 -12.11 21.78
CA ILE Y 170 18.90 -13.34 21.90
C ILE Y 170 17.92 -14.51 21.97
N TYR Y 171 18.07 -15.46 21.04
CA TYR Y 171 17.28 -16.68 21.05
C TYR Y 171 18.19 -17.87 20.82
N VAL Y 172 17.85 -18.99 21.47
CA VAL Y 172 18.60 -20.23 21.34
C VAL Y 172 17.69 -21.27 20.69
N ASP Y 173 18.17 -21.86 19.60
CA ASP Y 173 17.39 -22.84 18.86
C ASP Y 173 17.44 -24.18 19.57
N VAL Y 174 16.26 -24.72 19.87
CA VAL Y 174 16.16 -26.04 20.49
C VAL Y 174 16.41 -27.10 19.41
N PRO Y 175 17.25 -27.91 19.60
CA PRO Y 175 17.58 -28.90 18.55
C PRO Y 175 16.57 -30.03 18.44
N VAL Y 176 15.47 -29.74 17.76
CA VAL Y 176 14.52 -30.76 17.31
C VAL Y 176 13.96 -31.54 18.51
N SER Y 177 13.08 -30.91 19.27
CA SER Y 177 12.29 -31.52 20.34
C SER Y 177 13.13 -31.91 21.55
N GLU Y 178 14.43 -31.65 21.55
CA GLU Y 178 15.27 -32.01 22.71
C GLU Y 178 14.64 -31.53 24.01
N VAL Y 179 14.16 -30.30 24.04
CA VAL Y 179 13.49 -29.79 25.24
C VAL Y 179 12.17 -30.51 25.48
N GLN Y 180 11.48 -30.94 24.42
CA GLN Y 180 10.32 -31.81 24.60
C GLN Y 180 10.71 -33.09 25.32
N SER Y 181 11.94 -33.55 25.15
CA SER Y 181 12.47 -34.58 26.03
C SER Y 181 12.94 -33.99 27.35
N ARG Y 182 13.61 -32.83 27.29
CA ARG Y 182 14.13 -32.20 28.49
C ARG Y 182 13.02 -31.72 29.42
N ILE Y 183 11.84 -31.42 28.88
CA ILE Y 183 10.72 -31.08 29.76
C ILE Y 183 10.22 -32.33 30.47
N GLN Y 184 10.41 -33.50 29.86
CA GLN Y 184 10.25 -34.75 30.58
C GLN Y 184 11.16 -34.80 31.80
N LYS Y 185 12.29 -34.09 31.74
CA LYS Y 185 13.34 -34.15 32.74
C LYS Y 185 13.19 -33.10 33.83
N LYS Y 186 12.28 -32.13 33.69
CA LYS Y 186 12.26 -31.00 34.60
C LYS Y 186 11.68 -31.38 35.95
N GLY Y 187 10.85 -32.42 36.01
CA GLY Y 187 10.21 -32.79 37.26
C GLY Y 187 9.03 -31.91 37.63
N ASN Y 188 8.23 -31.53 36.65
CA ASN Y 188 6.99 -30.78 36.89
C ASN Y 188 5.88 -31.53 36.15
N PRO Y 189 5.19 -32.45 36.84
CA PRO Y 189 4.25 -33.34 36.13
C PRO Y 189 3.15 -32.62 35.39
N HIS Y 190 2.62 -31.52 35.95
CA HIS Y 190 1.57 -30.78 35.26
C HIS Y 190 2.05 -30.27 33.91
N GLU Y 191 3.34 -30.00 33.76
CA GLU Y 191 3.86 -29.45 32.51
C GLU Y 191 4.04 -30.50 31.43
N MET Y 192 4.39 -31.73 31.80
CA MET Y 192 4.74 -32.75 30.82
C MET Y 192 3.57 -33.17 29.94
N LYS Y 193 2.36 -32.70 30.23
CA LYS Y 193 1.19 -33.04 29.42
C LYS Y 193 1.33 -32.55 27.98
N ILE Y 194 2.20 -31.56 27.73
CA ILE Y 194 2.31 -30.97 26.41
C ILE Y 194 2.77 -32.01 25.39
N THR Y 195 2.35 -31.83 24.15
CA THR Y 195 2.77 -32.69 23.04
C THR Y 195 3.88 -32.00 22.25
N SER Y 196 4.41 -32.74 21.27
CA SER Y 196 5.55 -32.26 20.51
C SER Y 196 5.13 -31.31 19.39
N ALA Y 197 4.06 -31.66 18.66
CA ALA Y 197 3.70 -30.94 17.44
C ALA Y 197 3.51 -29.46 17.72
N TYR Y 198 2.79 -29.14 18.79
CA TYR Y 198 2.64 -27.74 19.21
C TYR Y 198 3.99 -27.09 19.40
N LEU Y 199 4.84 -27.67 20.25
CA LEU Y 199 6.13 -27.05 20.59
C LEU Y 199 6.98 -26.80 19.35
N GLN Y 200 7.13 -27.82 18.50
CA GLN Y 200 8.04 -27.69 17.37
C GLN Y 200 7.47 -26.82 16.26
N ASP Y 201 6.15 -26.78 16.10
CA ASP Y 201 5.57 -25.79 15.20
C ASP Y 201 5.75 -24.38 15.75
N ILE Y 202 5.64 -24.24 17.08
CA ILE Y 202 5.94 -22.97 17.75
C ILE Y 202 7.33 -22.50 17.36
N GLU Y 203 8.32 -23.38 17.45
CA GLU Y 203 9.69 -22.94 17.21
C GLU Y 203 9.96 -22.74 15.71
N ASN Y 204 9.37 -23.59 14.87
CA ASN Y 204 9.54 -23.43 13.43
C ASN Y 204 8.99 -22.09 12.95
N VAL Y 205 7.71 -21.84 13.22
CA VAL Y 205 7.12 -20.55 12.86
C VAL Y 205 7.83 -19.43 13.60
N TYR Y 206 8.40 -19.73 14.76
CA TYR Y 206 9.15 -18.74 15.51
C TYR Y 206 10.35 -18.23 14.71
N LYS Y 207 11.22 -19.15 14.30
CA LYS Y 207 12.39 -18.73 13.53
C LYS Y 207 11.98 -18.17 12.18
N GLY Y 208 11.23 -18.95 11.41
CA GLY Y 208 10.83 -18.52 10.07
C GLY Y 208 10.05 -17.23 10.04
N THR Y 209 9.46 -16.84 11.17
CA THR Y 209 8.71 -15.60 11.29
C THR Y 209 9.60 -14.45 11.75
N PHE Y 210 10.22 -14.60 12.93
CA PHE Y 210 10.98 -13.50 13.49
C PHE Y 210 12.22 -13.15 12.69
N LEU Y 211 12.84 -14.11 12.00
CA LEU Y 211 13.98 -13.75 11.16
C LEU Y 211 13.65 -12.59 10.20
N PRO Y 212 12.54 -12.62 9.45
CA PRO Y 212 12.11 -11.40 8.76
C PRO Y 212 11.76 -10.25 9.69
N GLU Y 213 11.36 -10.53 10.94
CA GLU Y 213 11.19 -9.46 11.91
C GLU Y 213 12.53 -8.95 12.41
N MET Y 214 13.45 -9.87 12.71
CA MET Y 214 14.80 -9.52 13.09
C MET Y 214 15.40 -8.52 12.10
N SER Y 215 15.52 -8.94 10.83
CA SER Y 215 15.95 -7.99 9.81
C SER Y 215 14.97 -6.83 9.66
N GLU Y 216 13.70 -7.06 10.01
CA GLU Y 216 12.67 -6.05 9.80
C GLU Y 216 12.72 -4.96 10.86
N LYS Y 217 13.17 -5.29 12.07
CA LYS Y 217 13.32 -4.31 13.14
C LYS Y 217 14.70 -4.47 13.76
N CYS Y 218 15.55 -3.45 13.56
CA CYS Y 218 16.93 -3.43 14.04
C CYS Y 218 17.71 -4.66 13.64
N GLU Y 219 18.55 -5.15 14.55
CA GLU Y 219 19.32 -6.37 14.37
C GLU Y 219 19.00 -7.32 15.52
N VAL Y 220 19.60 -8.50 15.47
CA VAL Y 220 19.55 -9.45 16.57
C VAL Y 220 20.87 -10.21 16.60
N LEU Y 221 21.16 -10.80 17.76
CA LEU Y 221 22.15 -11.87 17.84
C LEU Y 221 21.40 -13.13 18.23
N GLN Y 222 21.22 -14.03 17.29
CA GLN Y 222 20.56 -15.30 17.52
C GLN Y 222 21.61 -16.40 17.44
N TYR Y 223 21.53 -17.36 18.36
CA TYR Y 223 22.51 -18.42 18.44
C TYR Y 223 21.81 -19.76 18.41
N SER Y 224 22.36 -20.70 17.65
CA SER Y 224 22.21 -22.10 17.95
C SER Y 224 23.57 -22.51 18.49
N ALA Y 225 23.73 -22.51 19.81
CA ALA Y 225 24.97 -22.98 20.39
C ALA Y 225 24.86 -23.67 21.74
N TRP Y 226 25.10 -24.97 21.78
CA TRP Y 226 26.05 -25.56 22.73
C TRP Y 226 26.15 -24.85 24.07
N GLU Y 227 25.18 -24.99 24.96
CA GLU Y 227 25.30 -24.43 26.30
C GLU Y 227 25.46 -22.92 26.28
N ALA Y 228 24.35 -22.22 26.04
CA ALA Y 228 24.35 -20.77 25.93
C ALA Y 228 24.80 -20.07 27.20
N GLU Y 229 25.06 -20.80 28.29
CA GLU Y 229 25.73 -20.18 29.43
C GLU Y 229 27.14 -19.74 29.05
N ASP Y 230 27.97 -20.69 28.61
CA ASP Y 230 29.33 -20.36 28.20
C ASP Y 230 29.36 -19.72 26.82
N ALA Y 231 28.58 -20.27 25.88
CA ALA Y 231 28.44 -19.63 24.58
C ALA Y 231 28.00 -18.18 24.75
N GLU Y 232 27.12 -17.94 25.72
CA GLU Y 232 26.78 -16.58 26.13
C GLU Y 232 28.02 -15.83 26.60
N LYS Y 233 28.66 -16.32 27.66
CA LYS Y 233 29.77 -15.61 28.28
C LYS Y 233 30.91 -15.35 27.33
N VAL Y 234 30.92 -15.96 26.15
CA VAL Y 234 31.90 -15.62 25.12
C VAL Y 234 31.24 -14.72 24.07
N VAL Y 235 30.43 -15.32 23.20
CA VAL Y 235 29.97 -14.63 22.01
C VAL Y 235 28.84 -13.67 22.32
N GLU Y 236 27.93 -14.04 23.23
CA GLU Y 236 26.82 -13.15 23.55
C GLU Y 236 27.30 -11.96 24.34
N ASP Y 237 28.06 -12.20 25.40
CA ASP Y 237 28.54 -11.10 26.23
C ASP Y 237 29.52 -10.22 25.46
N ILE Y 238 30.58 -10.82 24.91
CA ILE Y 238 31.60 -10.02 24.23
C ILE Y 238 31.06 -9.49 22.91
N GLN Y 239 30.57 -10.38 22.06
CA GLN Y 239 30.12 -9.97 20.74
C GLN Y 239 28.86 -9.10 20.80
N TYR Y 240 28.11 -9.17 21.90
CA TYR Y 240 26.89 -8.37 22.04
C TYR Y 240 27.19 -6.90 21.84
N LEU Y 241 27.89 -6.28 22.80
CA LEU Y 241 28.30 -4.89 22.63
C LEU Y 241 29.33 -4.77 21.52
N LYS Y 242 30.30 -5.70 21.49
CA LYS Y 242 31.42 -5.67 20.57
C LYS Y 242 30.97 -5.36 19.15
N TYR Y 243 30.14 -6.22 18.56
CA TYR Y 243 29.30 -5.77 17.48
C TYR Y 243 27.89 -5.71 18.07
N ASP Y 244 27.59 -4.56 18.65
CA ASP Y 244 26.26 -4.04 18.89
C ASP Y 244 26.38 -2.55 18.62
N LYS Y 245 27.25 -1.90 19.40
CA LYS Y 245 27.43 -0.46 19.30
C LYS Y 245 27.69 -0.03 17.86
N GLY Y 246 28.70 -0.62 17.22
CA GLY Y 246 28.96 -0.36 15.84
C GLY Y 246 27.87 -0.94 14.96
N PRO Y 247 27.37 -2.14 15.34
CA PRO Y 247 26.29 -2.76 14.57
C PRO Y 247 24.97 -2.03 14.66
N TRP Y 248 24.78 -1.15 15.65
CA TRP Y 248 23.51 -0.47 15.83
C TRP Y 248 23.18 0.48 14.68
N LEU Y 249 24.18 0.88 13.89
CA LEU Y 249 23.92 1.78 12.77
C LEU Y 249 22.97 1.15 11.77
N ASP Y 250 23.16 -0.13 11.47
CA ASP Y 250 22.25 -0.85 10.58
C ASP Y 250 20.91 -1.14 11.23
N GLN Y 251 20.74 -0.81 12.51
CA GLN Y 251 19.50 -1.10 13.20
C GLN Y 251 18.35 -0.24 12.69
N ASP Y 252 18.59 1.06 12.46
CA ASP Y 252 17.53 2.01 12.17
C ASP Y 252 16.49 1.95 13.28
N ASP Y 253 15.19 2.00 12.92
CA ASP Y 253 14.12 1.86 13.92
C ASP Y 253 14.29 2.88 15.02
N ARG Y 254 14.59 2.41 16.24
CA ARG Y 254 14.87 3.31 17.35
C ARG Y 254 16.06 4.22 17.08
N LYS Y 255 16.82 3.99 16.00
CA LYS Y 255 17.87 4.92 15.64
C LYS Y 255 17.33 6.21 15.05
N LEU Y 256 16.18 6.17 14.40
CA LEU Y 256 15.55 7.40 13.89
C LEU Y 256 14.81 8.15 14.98
N HIS Y 257 13.97 7.44 15.75
CA HIS Y 257 13.22 8.08 16.82
C HIS Y 257 14.15 8.55 17.93
N ASN Y 258 15.02 7.64 18.40
CA ASN Y 258 16.06 8.04 19.34
C ASN Y 258 17.05 9.00 18.70
N LEU Y 259 17.20 8.93 17.37
CA LEU Y 259 18.04 9.92 16.68
C LEU Y 259 17.48 11.32 16.87
N ARG Y 260 16.16 11.46 16.82
CA ARG Y 260 15.53 12.73 17.21
C ARG Y 260 15.41 12.78 18.73
N MET Y 261 14.50 11.99 19.30
CA MET Y 261 14.30 11.88 20.73
C MET Y 261 14.20 13.25 21.38
N LEU Y 262 14.76 13.40 22.58
CA LEU Y 262 14.65 14.65 23.30
C LEU Y 262 13.18 15.06 23.38
N VAL Y 263 12.84 16.14 22.71
CA VAL Y 263 11.45 16.58 22.58
C VAL Y 263 10.70 15.62 21.68
N GLN Y 264 9.45 15.96 21.36
CA GLN Y 264 8.69 15.16 20.41
C GLN Y 264 8.61 13.70 20.84
N ASP Y 265 9.22 12.80 20.06
CA ASP Y 265 9.01 11.37 20.24
C ASP Y 265 9.36 10.91 21.66
N LYS Y 266 10.59 11.16 22.10
CA LYS Y 266 10.99 10.74 23.44
C LYS Y 266 10.06 11.31 24.50
N LEU Y 267 9.63 12.56 24.30
CA LEU Y 267 8.69 13.18 25.23
C LEU Y 267 7.36 12.43 25.24
N GLU Y 268 6.93 11.92 24.08
CA GLU Y 268 5.64 11.26 24.01
C GLU Y 268 5.69 9.86 24.60
N VAL Y 269 6.77 9.13 24.36
CA VAL Y 269 6.90 7.80 24.95
C VAL Y 269 7.07 7.90 26.45
N LEU Y 270 8.02 8.73 26.90
CA LEU Y 270 8.23 8.90 28.33
C LEU Y 270 6.97 9.41 29.01
N ASN Y 271 6.26 10.33 28.36
CA ASN Y 271 5.02 10.84 28.94
C ASN Y 271 3.93 9.77 28.96
N TYR Y 272 3.95 8.85 28.00
CA TYR Y 272 2.99 7.77 27.92
C TYR Y 272 3.36 6.59 28.79
N THR Y 273 4.52 6.63 29.45
CA THR Y 273 4.93 5.50 30.30
C THR Y 273 4.08 5.43 31.57
N SER Y 274 4.01 6.51 32.33
CA SER Y 274 3.31 6.51 33.61
C SER Y 274 1.80 6.34 33.40
N ILE Y 275 1.12 6.01 34.50
CA ILE Y 275 -0.31 5.68 34.51
C ILE Y 275 -0.57 4.48 33.62
N PRO Y 276 -0.16 3.28 34.03
CA PRO Y 276 -0.35 2.11 33.16
C PRO Y 276 -1.77 1.89 32.71
N VAL Y 277 -2.77 2.29 33.52
CA VAL Y 277 -4.16 2.17 33.11
C VAL Y 277 -4.44 2.91 31.81
N PHE Y 278 -3.56 3.85 31.43
CA PHE Y 278 -3.67 4.50 30.12
C PHE Y 278 -3.14 3.59 29.02
N LEU Y 279 -1.96 3.00 29.21
CA LEU Y 279 -1.42 2.09 28.20
C LEU Y 279 -2.24 0.80 28.14
N PRO Y 280 -2.48 0.09 29.25
CA PRO Y 280 -3.30 -1.12 29.19
C PRO Y 280 -4.73 -0.87 28.75
N GLU Y 281 -5.17 0.39 28.73
CA GLU Y 281 -6.55 0.70 28.36
C GLU Y 281 -6.96 0.03 27.06
N VAL Y 282 -6.14 0.17 26.02
CA VAL Y 282 -6.46 -0.44 24.72
C VAL Y 282 -6.54 -1.95 24.84
N THR Y 283 -5.68 -2.55 25.69
CA THR Y 283 -5.85 -3.96 26.02
C THR Y 283 -7.16 -4.18 26.77
N ILE Y 284 -7.41 -3.35 27.80
CA ILE Y 284 -8.73 -3.23 28.37
C ILE Y 284 -9.75 -2.86 27.31
N GLY Y 285 -9.30 -2.28 26.20
CA GLY Y 285 -10.17 -1.76 25.18
C GLY Y 285 -10.93 -2.86 24.46
N ALA Y 286 -11.60 -2.44 23.39
CA ALA Y 286 -12.66 -3.23 22.78
C ALA Y 286 -13.66 -3.64 23.86
N HIS Y 287 -14.15 -2.64 24.60
CA HIS Y 287 -15.08 -2.87 25.69
C HIS Y 287 -16.34 -3.58 25.22
N GLN Y 288 -16.54 -3.67 23.91
CA GLN Y 288 -17.39 -4.72 23.37
C GLN Y 288 -16.88 -6.08 23.78
N SER Y 289 -15.67 -6.43 23.33
CA SER Y 289 -15.06 -7.74 23.57
C SER Y 289 -15.99 -8.80 22.99
N ASP Y 290 -16.35 -9.82 23.74
CA ASP Y 290 -17.17 -10.94 23.29
C ASP Y 290 -17.67 -11.63 24.55
N ARG Y 291 -18.20 -12.85 24.41
CA ARG Y 291 -18.20 -13.70 25.58
C ARG Y 291 -16.86 -14.38 25.49
N VAL Y 292 -15.88 -13.77 26.17
CA VAL Y 292 -14.50 -14.24 26.18
C VAL Y 292 -13.98 -14.07 27.60
N PHE Y 293 -13.76 -12.81 27.97
CA PHE Y 293 -13.48 -12.41 29.34
C PHE Y 293 -14.74 -11.98 30.06
N GLN Y 294 -15.89 -12.12 29.42
CA GLN Y 294 -17.13 -11.58 29.96
C GLN Y 294 -17.33 -12.05 31.39
N GLU Y 295 -17.68 -11.10 32.25
CA GLU Y 295 -18.09 -11.40 33.62
C GLU Y 295 -19.35 -10.59 33.88
N PHE Y 296 -20.46 -11.28 34.13
CA PHE Y 296 -21.66 -10.59 34.57
C PHE Y 296 -21.30 -9.75 35.78
N THR Y 297 -21.62 -8.46 35.71
CA THR Y 297 -20.94 -7.45 36.51
C THR Y 297 -20.93 -7.77 38.00
N GLU Y 298 -21.86 -8.60 38.48
CA GLU Y 298 -21.90 -8.96 39.89
C GLU Y 298 -20.58 -9.55 40.37
N LEU Y 299 -19.91 -10.35 39.53
CA LEU Y 299 -18.63 -10.93 39.94
C LEU Y 299 -17.58 -9.85 40.19
N PRO Y 300 -17.22 -9.01 39.23
CA PRO Y 300 -16.20 -7.97 39.46
C PRO Y 300 -16.65 -6.81 40.34
N GLY Y 301 -17.94 -6.56 40.48
CA GLY Y 301 -18.44 -5.53 41.36
C GLY Y 301 -18.44 -5.97 42.80
N ARG Y 302 -18.94 -7.18 43.04
CA ARG Y 302 -18.77 -7.81 44.35
C ARG Y 302 -17.30 -8.04 44.64
N LYS Y 303 -16.47 -8.12 43.60
CA LYS Y 303 -15.03 -8.16 43.80
C LYS Y 303 -14.50 -6.77 44.13
N TYR Y 304 -15.10 -5.73 43.56
CA TYR Y 304 -14.73 -4.35 43.85
C TYR Y 304 -14.97 -4.03 45.32
N ARG Y 305 -16.24 -4.01 45.73
CA ARG Y 305 -16.56 -3.79 47.14
C ARG Y 305 -15.95 -4.88 48.01
N ALA Y 306 -15.72 -6.06 47.44
CA ALA Y 306 -14.96 -7.11 48.10
C ALA Y 306 -13.47 -7.02 47.81
N GLY Y 307 -13.03 -5.98 47.10
CA GLY Y 307 -11.62 -5.79 46.87
C GLY Y 307 -10.87 -5.79 48.17
N TYR Y 308 -9.89 -6.67 48.30
CA TYR Y 308 -9.05 -6.71 49.48
C TYR Y 308 -7.86 -5.80 49.25
N ASN Y 309 -6.98 -5.72 50.25
CA ASN Y 309 -5.80 -4.84 50.20
C ASN Y 309 -6.29 -3.43 49.93
N GLU Y 310 -5.93 -2.79 48.83
CA GLU Y 310 -6.34 -1.42 48.56
C GLU Y 310 -7.65 -1.46 47.78
N ASP Y 311 -8.72 -0.95 48.40
CA ASP Y 311 -10.02 -0.89 47.77
C ASP Y 311 -10.53 0.55 47.72
N VAL Y 312 -10.82 1.13 48.89
CA VAL Y 312 -11.13 2.55 48.97
C VAL Y 312 -9.87 3.23 49.50
N GLY Y 313 -9.15 3.87 48.60
CA GLY Y 313 -7.94 4.59 48.91
C GLY Y 313 -7.00 4.51 47.74
N ASP Y 314 -5.88 5.21 47.81
CA ASP Y 314 -4.82 5.01 46.83
C ASP Y 314 -3.62 4.47 47.59
N LYS Y 315 -3.10 5.28 48.51
CA LYS Y 315 -2.20 4.82 49.54
C LYS Y 315 -2.74 5.33 50.86
N TRP Y 316 -3.25 4.43 51.69
CA TRP Y 316 -3.87 4.82 52.95
C TRP Y 316 -3.56 3.76 53.99
N ILE Y 317 -3.20 4.21 55.19
CA ILE Y 317 -2.81 3.30 56.27
C ILE Y 317 -4.01 2.78 57.06
N TRP Y 318 -5.24 3.13 56.66
CA TRP Y 318 -6.42 2.72 57.41
C TRP Y 318 -6.44 1.21 57.63
N LEU Y 319 -6.12 0.44 56.60
CA LEU Y 319 -6.03 -1.01 56.70
C LEU Y 319 -4.57 -1.41 56.49
N LYS Y 320 -3.93 -1.87 57.56
CA LYS Y 320 -2.55 -2.36 57.53
C LYS Y 320 -1.61 -1.52 56.66
N PRO Z 1 -18.54 39.50 24.64
CA PRO Z 1 -18.46 40.57 25.62
C PRO Z 1 -17.38 41.57 25.27
N PHE Z 2 -17.70 42.50 24.39
CA PHE Z 2 -16.72 43.51 24.00
C PHE Z 2 -16.19 44.23 25.21
N PHE Z 3 -14.88 44.18 25.39
CA PHE Z 3 -14.20 44.84 26.47
C PHE Z 3 -13.50 46.08 25.93
N ASP Z 4 -13.42 47.10 26.76
CA ASP Z 4 -12.63 48.28 26.42
C ASP Z 4 -11.48 48.33 27.40
N VAL Z 5 -10.31 47.87 26.96
CA VAL Z 5 -9.06 48.11 27.66
C VAL Z 5 -8.43 49.41 27.21
N GLN Z 6 -8.43 49.66 25.91
CA GLN Z 6 -7.64 50.74 25.35
C GLN Z 6 -8.11 52.12 25.78
N LYS Z 7 -9.35 52.25 26.23
CA LYS Z 7 -9.71 53.47 26.95
C LYS Z 7 -9.29 53.39 28.41
N LYS Z 8 -9.25 52.19 28.98
CA LYS Z 8 -8.87 52.05 30.38
C LYS Z 8 -7.40 52.34 30.58
N LEU Z 9 -6.53 51.63 29.85
CA LEU Z 9 -5.10 51.87 30.00
C LEU Z 9 -4.67 53.20 29.40
N GLY Z 10 -5.55 53.90 28.71
CA GLY Z 10 -5.21 55.17 28.12
C GLY Z 10 -4.26 55.06 26.94
N VAL Z 11 -4.51 54.11 26.05
CA VAL Z 11 -3.64 53.86 24.90
C VAL Z 11 -4.50 53.83 23.65
N ASP Z 12 -4.03 54.50 22.61
CA ASP Z 12 -4.63 54.37 21.30
C ASP Z 12 -4.02 53.18 20.58
N LEU Z 13 -4.88 52.39 19.94
CA LEU Z 13 -4.42 51.25 19.18
C LEU Z 13 -4.97 51.32 17.77
N ASP Z 14 -6.29 51.18 17.63
CA ASP Z 14 -6.98 51.32 16.37
C ASP Z 14 -7.68 52.65 16.19
N HIS Z 15 -7.59 53.57 17.15
CA HIS Z 15 -8.35 54.81 17.02
C HIS Z 15 -7.80 55.73 15.94
N TRP Z 16 -6.60 55.48 15.43
CA TRP Z 16 -6.00 56.38 14.46
C TRP Z 16 -6.51 56.14 13.06
N MET Z 17 -6.65 54.88 12.64
CA MET Z 17 -7.15 54.54 11.32
C MET Z 17 -8.66 54.41 11.30
N THR Z 18 -9.32 54.77 12.40
CA THR Z 18 -10.72 54.46 12.61
C THR Z 18 -11.64 55.18 11.62
N ILE Z 19 -11.59 56.51 11.59
CA ILE Z 19 -12.49 57.30 10.76
C ILE Z 19 -11.65 58.25 9.91
N GLN Z 20 -12.30 58.82 8.89
CA GLN Z 20 -11.57 59.63 7.92
C GLN Z 20 -11.01 60.92 8.51
N SER Z 21 -11.57 61.41 9.61
CA SER Z 21 -11.19 62.72 10.11
C SER Z 21 -9.94 62.69 10.97
N ALA Z 22 -9.35 61.53 11.21
CA ALA Z 22 -8.18 61.48 12.08
C ALA Z 22 -7.01 62.21 11.44
N GLU Z 23 -6.02 62.56 12.26
CA GLU Z 23 -4.87 63.26 11.73
C GLU Z 23 -4.14 62.35 10.75
N GLN Z 24 -3.96 62.85 9.53
CA GLN Z 24 -3.39 62.07 8.45
C GLN Z 24 -1.87 62.08 8.61
N PRO Z 25 -1.13 61.35 7.77
CA PRO Z 25 0.32 61.37 7.92
C PRO Z 25 0.91 62.75 7.71
N HIS Z 26 0.56 63.37 6.59
CA HIS Z 26 0.81 64.79 6.34
C HIS Z 26 -0.54 65.31 5.89
N ARG Z 27 -1.15 66.15 6.73
CA ARG Z 27 -2.60 66.23 6.73
C ARG Z 27 -3.15 66.58 5.35
N ILE Z 28 -3.87 65.62 4.76
CA ILE Z 28 -4.54 65.80 3.48
C ILE Z 28 -6.02 65.51 3.67
N PRO Z 29 -6.91 66.46 3.39
CA PRO Z 29 -8.32 66.24 3.67
C PRO Z 29 -8.88 65.09 2.84
N ALA Z 30 -9.70 64.28 3.48
CA ALA Z 30 -10.44 63.27 2.75
C ALA Z 30 -11.52 63.95 1.92
N ARG Z 31 -11.98 63.24 0.88
CA ARG Z 31 -12.94 63.82 -0.05
C ARG Z 31 -14.18 64.31 0.68
N CYS Z 32 -14.78 63.45 1.50
CA CYS Z 32 -16.01 63.73 2.22
C CYS Z 32 -15.79 64.25 3.63
N HIS Z 33 -14.55 64.64 3.96
CA HIS Z 33 -14.19 64.98 5.34
C HIS Z 33 -15.24 65.79 6.08
N ALA Z 34 -15.48 67.02 5.63
CA ALA Z 34 -16.34 67.94 6.39
C ALA Z 34 -17.66 67.30 6.77
N PHE Z 35 -18.19 66.43 5.92
CA PHE Z 35 -19.46 65.80 6.24
C PHE Z 35 -19.30 64.70 7.27
N GLU Z 36 -18.16 64.02 7.32
CA GLU Z 36 -17.83 63.28 8.53
C GLU Z 36 -17.86 64.18 9.74
N LYS Z 37 -17.28 65.37 9.62
CA LYS Z 37 -17.22 66.26 10.77
C LYS Z 37 -18.62 66.60 11.27
N GLU Z 38 -19.57 66.81 10.36
CA GLU Z 38 -20.91 67.15 10.80
C GLU Z 38 -21.71 65.92 11.24
N TRP Z 39 -21.47 64.76 10.65
CA TRP Z 39 -22.19 63.57 11.08
C TRP Z 39 -21.76 63.15 12.47
N ILE Z 40 -20.47 63.27 12.77
CA ILE Z 40 -20.02 62.93 14.11
C ILE Z 40 -20.34 64.05 15.08
N GLU Z 41 -20.34 65.30 14.62
CA GLU Z 41 -20.80 66.39 15.49
C GLU Z 41 -22.26 66.20 15.88
N CYS Z 42 -23.09 65.68 14.97
CA CYS Z 42 -24.49 65.47 15.28
C CYS Z 42 -24.68 64.24 16.17
N ALA Z 43 -24.01 63.15 15.84
CA ALA Z 43 -24.26 61.87 16.49
C ALA Z 43 -23.33 61.58 17.66
N HIS Z 44 -22.49 62.54 18.06
CA HIS Z 44 -21.48 62.28 19.08
C HIS Z 44 -22.02 61.74 20.39
N GLY Z 45 -22.69 62.58 21.16
CA GLY Z 45 -23.05 62.18 22.50
C GLY Z 45 -24.28 61.32 22.63
N ILE Z 46 -24.88 60.95 21.50
CA ILE Z 46 -26.18 60.29 21.54
C ILE Z 46 -25.96 58.79 21.34
N GLY Z 47 -27.03 58.01 21.30
CA GLY Z 47 -26.90 56.58 21.43
C GLY Z 47 -27.11 55.73 20.20
N SER Z 48 -27.09 56.34 19.01
CA SER Z 48 -27.26 55.62 17.75
C SER Z 48 -28.65 55.00 17.63
N ILE Z 49 -29.45 55.11 18.67
CA ILE Z 49 -30.84 54.69 18.62
C ILE Z 49 -31.63 55.86 18.04
N ARG Z 50 -31.58 57.00 18.70
CA ARG Z 50 -32.18 58.22 18.21
C ARG Z 50 -31.25 59.04 17.31
N ALA Z 51 -29.96 58.68 17.24
CA ALA Z 51 -29.11 59.30 16.23
C ALA Z 51 -29.62 58.97 14.84
N GLU Z 52 -30.07 57.73 14.64
CA GLU Z 52 -30.78 57.34 13.44
C GLU Z 52 -31.86 58.35 13.08
N LYS Z 53 -32.82 58.54 13.98
CA LYS Z 53 -33.91 59.48 13.83
C LYS Z 53 -33.43 60.90 13.49
N GLU Z 54 -32.75 61.53 14.46
CA GLU Z 54 -32.56 62.98 14.42
C GLU Z 54 -31.38 63.41 13.55
N CYS Z 55 -30.37 62.57 13.39
CA CYS Z 55 -29.25 62.96 12.53
C CYS Z 55 -29.47 62.55 11.08
N LYS Z 56 -30.66 62.05 10.74
CA LYS Z 56 -30.92 61.53 9.41
C LYS Z 56 -30.55 62.53 8.31
N ILE Z 57 -31.03 63.76 8.41
CA ILE Z 57 -30.85 64.72 7.32
C ILE Z 57 -29.38 64.87 6.98
N GLU Z 58 -28.59 65.28 7.96
CA GLU Z 58 -27.17 65.51 7.75
C GLU Z 58 -26.46 64.22 7.36
N PHE Z 59 -26.87 63.08 7.93
CA PHE Z 59 -26.29 61.82 7.52
C PHE Z 59 -26.49 61.58 6.03
N GLU Z 60 -27.72 61.69 5.56
CA GLU Z 60 -27.99 61.50 4.14
C GLU Z 60 -27.17 62.47 3.31
N ASP Z 61 -26.98 63.69 3.81
CA ASP Z 61 -26.01 64.60 3.18
C ASP Z 61 -24.65 63.91 3.02
N PHE Z 62 -24.14 63.33 4.11
CA PHE Z 62 -22.85 62.65 4.05
C PHE Z 62 -22.85 61.55 2.99
N ARG Z 63 -23.87 60.69 3.01
CA ARG Z 63 -23.97 59.63 2.02
C ARG Z 63 -23.91 60.21 0.61
N GLU Z 64 -24.67 61.26 0.36
CA GLU Z 64 -24.70 61.89 -0.95
C GLU Z 64 -23.35 62.50 -1.30
N CYS Z 65 -22.48 62.76 -0.32
CA CYS Z 65 -21.08 63.01 -0.67
C CYS Z 65 -20.39 61.73 -1.11
N LEU Z 66 -20.45 60.71 -0.26
CA LEU Z 66 -19.65 59.51 -0.48
C LEU Z 66 -20.00 58.84 -1.81
N LEU Z 67 -21.22 58.35 -1.92
CA LEU Z 67 -21.58 57.50 -3.05
C LEU Z 67 -21.84 58.32 -4.31
N ARG Z 68 -22.42 59.50 -4.16
CA ARG Z 68 -22.84 60.33 -5.29
C ARG Z 68 -23.84 59.58 -6.18
N GLN Z 69 -24.87 59.02 -5.56
CA GLN Z 69 -25.97 58.47 -6.34
C GLN Z 69 -26.79 59.58 -6.99
N LYS Z 70 -27.26 60.53 -6.19
CA LYS Z 70 -28.25 61.48 -6.67
C LYS Z 70 -27.67 62.44 -7.69
N THR Z 71 -26.48 62.98 -7.44
CA THR Z 71 -25.91 63.94 -8.38
C THR Z 71 -25.53 63.27 -9.70
N MET Z 72 -24.97 62.07 -9.62
CA MET Z 72 -24.71 61.29 -10.83
C MET Z 72 -25.99 61.08 -11.61
N LYS Z 73 -27.05 60.69 -10.91
CA LYS Z 73 -28.35 60.56 -11.58
C LYS Z 73 -28.78 61.88 -12.21
N ARG Z 74 -28.43 63.01 -11.60
CA ARG Z 74 -28.80 64.31 -12.15
C ARG Z 74 -28.08 64.57 -13.47
N LEU Z 75 -26.76 64.40 -13.48
CA LEU Z 75 -26.01 64.53 -14.73
C LEU Z 75 -26.57 63.62 -15.80
N ASN Z 76 -26.89 62.37 -15.43
CA ASN Z 76 -27.57 61.47 -16.34
C ASN Z 76 -28.84 62.10 -16.89
N ALA Z 77 -29.66 62.66 -16.01
CA ALA Z 77 -30.87 63.35 -16.45
C ALA Z 77 -30.56 64.47 -17.43
N ILE Z 78 -29.35 65.03 -17.37
CA ILE Z 78 -28.99 66.05 -18.34
C ILE Z 78 -28.68 65.43 -19.70
N LYS Z 79 -27.88 64.36 -19.74
CA LYS Z 79 -27.64 63.76 -21.04
C LYS Z 79 -28.89 63.12 -21.63
N ARG Z 80 -29.88 62.79 -20.80
CA ARG Z 80 -31.06 62.13 -21.35
C ARG Z 80 -31.93 63.12 -22.12
N GLN Z 81 -31.91 64.40 -21.75
CA GLN Z 81 -32.53 65.40 -22.60
C GLN Z 81 -31.61 65.81 -23.75
N ARG Z 82 -30.32 65.99 -23.46
CA ARG Z 82 -29.34 66.27 -24.51
C ARG Z 82 -29.48 65.31 -25.68
N ASP Z 83 -29.56 64.01 -25.37
CA ASP Z 83 -29.67 62.98 -26.39
C ASP Z 83 -30.78 63.30 -27.39
N LYS Z 84 -32.02 63.28 -26.92
CA LYS Z 84 -33.14 63.49 -27.84
C LYS Z 84 -33.19 64.90 -28.39
N LEU Z 85 -32.40 65.84 -27.86
CA LEU Z 85 -32.29 67.13 -28.55
C LEU Z 85 -31.07 67.21 -29.47
N ILE Z 86 -30.29 66.13 -29.64
CA ILE Z 86 -29.40 66.10 -30.79
C ILE Z 86 -30.21 66.13 -32.08
N LYS Z 87 -31.34 65.43 -32.09
CA LYS Z 87 -32.27 65.52 -33.21
C LYS Z 87 -32.70 66.97 -33.45
N GLU Z 88 -33.35 67.57 -32.46
CA GLU Z 88 -33.85 68.93 -32.57
C GLU Z 88 -32.76 69.88 -32.07
N GLY Z 89 -32.16 70.64 -32.98
CA GLY Z 89 -30.87 71.25 -32.73
C GLY Z 89 -30.90 72.29 -31.63
N LYS Z 90 -30.12 72.06 -30.57
CA LYS Z 90 -29.73 73.11 -29.63
C LYS Z 90 -28.33 73.64 -29.90
N TYR Z 91 -27.70 73.20 -30.97
CA TYR Z 91 -26.39 73.63 -31.45
C TYR Z 91 -25.37 73.41 -30.33
N THR Z 92 -24.29 74.20 -30.26
CA THR Z 92 -23.35 74.15 -29.14
C THR Z 92 -22.75 75.53 -28.91
N PRO Z 93 -22.60 75.96 -27.66
CA PRO Z 93 -21.75 77.12 -27.37
C PRO Z 93 -20.26 76.82 -27.46
N PRO Z 94 -19.75 75.66 -27.02
CA PRO Z 94 -18.30 75.53 -26.83
C PRO Z 94 -17.56 75.53 -28.15
N PRO Z 95 -16.23 75.74 -28.13
CA PRO Z 95 -15.40 75.66 -29.33
C PRO Z 95 -14.97 74.23 -29.65
N VAL AA 4 33.78 32.66 26.74
CA VAL AA 4 33.61 34.00 26.20
C VAL AA 4 34.67 34.26 25.14
N ALA AA 5 35.91 34.49 25.57
CA ALA AA 5 36.99 34.74 24.63
C ALA AA 5 37.25 33.53 23.75
N ALA AA 6 37.35 32.35 24.36
CA ALA AA 6 37.53 31.14 23.57
C ALA AA 6 36.28 30.83 22.75
N PHE AA 7 35.09 31.04 23.32
CA PHE AA 7 33.85 30.80 22.59
C PHE AA 7 33.76 31.67 21.36
N LEU AA 8 34.01 32.97 21.52
CA LEU AA 8 33.94 33.88 20.39
C LEU AA 8 35.06 33.61 19.38
N LYS AA 9 36.25 33.24 19.88
CA LYS AA 9 37.33 32.88 18.96
C LYS AA 9 36.95 31.66 18.12
N ASN AA 10 36.21 30.72 18.71
CA ASN AA 10 35.89 29.50 17.99
C ASN AA 10 34.73 29.71 17.02
N VAL AA 11 33.72 30.47 17.42
CA VAL AA 11 32.61 30.75 16.51
C VAL AA 11 33.08 31.68 15.40
N TRP AA 12 34.08 32.51 15.67
CA TRP AA 12 34.69 33.35 14.65
C TRP AA 12 35.76 32.60 13.86
N ALA AA 13 36.19 31.45 14.34
CA ALA AA 13 37.03 30.58 13.53
C ALA AA 13 36.20 29.76 12.57
N LYS AA 14 35.08 29.23 13.02
CA LYS AA 14 34.23 28.39 12.19
C LYS AA 14 33.39 29.21 11.22
N GLU AA 15 32.53 30.08 11.75
CA GLU AA 15 31.46 30.71 10.98
C GLU AA 15 31.62 32.23 11.03
N PRO AA 16 32.57 32.79 10.28
CA PRO AA 16 32.74 34.25 10.31
C PRO AA 16 31.54 35.00 9.79
N VAL AA 17 30.82 34.44 8.82
CA VAL AA 17 29.67 35.14 8.26
C VAL AA 17 28.63 35.38 9.34
N LEU AA 18 28.40 34.39 10.19
CA LEU AA 18 27.35 34.51 11.19
C LEU AA 18 27.78 35.44 12.32
N VAL AA 19 29.04 35.34 12.76
CA VAL AA 19 29.53 36.26 13.77
C VAL AA 19 29.45 37.69 13.28
N ALA AA 20 30.04 37.96 12.12
CA ALA AA 20 29.98 39.30 11.55
C ALA AA 20 28.55 39.76 11.37
N SER AA 21 27.65 38.86 11.03
CA SER AA 21 26.24 39.23 10.91
C SER AA 21 25.70 39.71 12.25
N PHE AA 22 25.95 38.95 13.32
CA PHE AA 22 25.52 39.41 14.63
C PHE AA 22 26.20 40.73 15.02
N ALA AA 23 27.42 40.96 14.55
CA ALA AA 23 28.09 42.20 14.89
C ALA AA 23 27.41 43.38 14.22
N ILE AA 24 27.22 43.29 12.91
CA ILE AA 24 26.50 44.33 12.18
C ILE AA 24 25.12 44.55 12.79
N ALA AA 25 24.45 43.46 13.17
CA ALA AA 25 23.16 43.56 13.83
C ALA AA 25 23.27 44.39 15.10
N GLY AA 26 24.00 43.87 16.09
CA GLY AA 26 24.04 44.51 17.40
C GLY AA 26 24.51 45.95 17.33
N LEU AA 27 25.66 46.18 16.69
CA LEU AA 27 26.14 47.54 16.53
C LEU AA 27 25.09 48.40 15.84
N ALA AA 28 24.36 47.82 14.88
CA ALA AA 28 23.28 48.55 14.24
C ALA AA 28 22.15 48.87 15.21
N VAL AA 29 21.99 48.05 16.25
CA VAL AA 29 20.97 48.32 17.26
C VAL AA 29 21.41 49.45 18.18
N ILE AA 30 22.62 49.34 18.75
CA ILE AA 30 23.04 50.26 19.79
C ILE AA 30 23.37 51.63 19.21
N LEU AA 31 24.14 51.66 18.14
CA LEU AA 31 24.74 52.92 17.69
C LEU AA 31 23.73 54.04 17.46
N PRO AA 32 22.53 53.80 16.93
CA PRO AA 32 21.57 54.91 16.78
C PRO AA 32 21.21 55.59 18.08
N THR AA 33 21.45 54.94 19.22
CA THR AA 33 21.16 55.57 20.50
C THR AA 33 22.25 56.54 20.90
N LEU AA 34 23.52 56.17 20.69
CA LEU AA 34 24.63 56.95 21.23
C LEU AA 34 24.96 58.16 20.36
N SER AA 35 24.98 57.98 19.04
CA SER AA 35 25.69 58.89 18.17
C SER AA 35 25.20 60.32 18.34
N PRO AA 36 26.09 61.31 18.24
CA PRO AA 36 25.67 62.70 18.47
C PRO AA 36 24.77 63.26 17.40
N TYR AA 37 24.82 62.74 16.17
CA TYR AA 37 24.12 63.38 15.06
C TYR AA 37 22.63 63.14 15.05
N THR AA 38 22.10 62.28 15.93
CA THR AA 38 20.71 61.84 15.83
C THR AA 38 19.76 63.02 15.64
N LYS AA 39 19.67 63.89 16.65
CA LYS AA 39 18.65 64.94 16.62
C LYS AA 39 18.66 65.73 15.32
N TYR AA 40 19.84 65.91 14.72
CA TYR AA 40 19.92 66.66 13.47
C TYR AA 40 18.94 66.13 12.44
N SER AA 41 18.95 64.81 12.24
CA SER AA 41 18.06 64.20 11.24
C SER AA 41 16.61 64.57 11.51
N LEU AA 42 16.18 64.47 12.77
CA LEU AA 42 14.81 64.79 13.11
C LEU AA 42 14.49 66.24 12.80
N MET AA 43 15.39 67.15 13.18
CA MET AA 43 15.11 68.57 12.99
C MET AA 43 15.09 68.93 11.50
N ILE AA 44 16.00 68.34 10.72
CA ILE AA 44 15.94 68.40 9.27
C ILE AA 44 14.56 67.97 8.78
N ASN AA 45 14.21 66.72 9.06
CA ASN AA 45 12.99 66.14 8.52
C ASN AA 45 11.78 66.97 8.87
N ARG AA 46 11.78 67.59 10.04
CA ARG AA 46 10.70 68.49 10.41
C ARG AA 46 10.83 69.85 9.73
N ALA AA 47 12.01 70.18 9.22
CA ALA AA 47 12.16 71.50 8.61
C ALA AA 47 11.68 71.57 7.17
N THR AA 48 11.28 70.46 6.55
CA THR AA 48 10.84 70.50 5.16
C THR AA 48 9.33 70.55 5.11
N PRO AA 49 8.72 71.70 4.79
CA PRO AA 49 7.26 71.74 4.67
C PRO AA 49 6.80 71.08 3.39
N TYR AA 50 5.80 70.20 3.52
CA TYR AA 50 5.04 69.73 2.38
C TYR AA 50 3.76 70.50 2.16
N ASN AA 51 3.35 71.32 3.13
CA ASN AA 51 2.01 71.85 3.16
C ASN AA 51 2.07 73.34 3.45
N TYR AA 52 1.37 74.10 2.63
CA TYR AA 52 1.42 75.56 2.63
C TYR AA 52 1.20 76.10 4.04
N PRO AA 53 2.11 76.91 4.57
CA PRO AA 53 1.87 77.55 5.87
C PRO AA 53 0.73 78.55 5.77
N VAL AA 54 -0.21 78.42 6.69
CA VAL AA 54 -1.50 79.10 6.57
C VAL AA 54 -1.61 80.15 7.65
N PRO AA 55 -1.84 81.41 7.30
CA PRO AA 55 -1.80 82.49 8.29
C PRO AA 55 -3.00 82.47 9.22
N LEU AA 56 -2.88 83.23 10.30
CA LEU AA 56 -3.88 83.34 11.34
C LEU AA 56 -4.14 84.81 11.67
N ARG AA 57 -5.26 85.07 12.32
CA ARG AA 57 -5.59 86.45 12.69
C ARG AA 57 -4.55 87.01 13.64
N ASP AA 58 -3.93 88.11 13.25
CA ASP AA 58 -2.79 88.62 14.02
C ASP AA 58 -3.23 89.41 15.24
N ASP AA 59 -4.17 90.34 15.08
CA ASP AA 59 -4.45 91.29 16.15
C ASP AA 59 -5.15 90.61 17.32
N GLY AA 60 -4.73 90.98 18.52
CA GLY AA 60 -5.20 90.33 19.73
C GLY AA 60 -4.47 89.04 19.99
N ASN AA 61 -3.18 89.01 19.69
CA ASN AA 61 -2.35 87.83 19.92
C ASN AA 61 -1.05 88.24 20.58
N MET AA 62 -0.32 87.24 21.05
CA MET AA 62 1.01 87.46 21.58
C MET AA 62 2.00 87.58 20.43
N PRO AA 63 2.77 88.66 20.35
CA PRO AA 63 3.64 88.84 19.18
C PRO AA 63 4.76 87.82 19.13
N ASP AA 64 4.87 87.15 17.99
CA ASP AA 64 5.97 86.28 17.60
C ASP AA 64 5.72 85.84 16.17
N VAL AA 65 6.61 85.01 15.62
CA VAL AA 65 6.51 84.46 14.26
C VAL AA 65 5.93 85.53 13.33
N PRO AA 66 6.65 86.61 13.11
CA PRO AA 66 6.05 87.85 12.64
C PRO AA 66 5.68 87.80 11.16
N SER AA 67 4.90 88.79 10.76
CA SER AA 67 4.34 88.87 9.42
C SER AA 67 5.44 88.77 8.36
N HIS AA 68 6.26 89.78 8.23
CA HIS AA 68 7.21 89.83 7.14
C HIS AA 68 8.20 88.68 7.27
N PRO AA 69 8.40 87.88 6.22
CA PRO AA 69 9.23 86.68 6.35
C PRO AA 69 10.66 86.95 6.77
N GLN AA 70 11.14 88.19 6.61
CA GLN AA 70 12.49 88.53 7.05
C GLN AA 70 12.56 88.80 8.54
N ASP AA 71 11.47 89.27 9.14
CA ASP AA 71 11.47 89.62 10.55
C ASP AA 71 11.77 88.37 11.37
N PRO AA 72 12.87 88.35 12.15
CA PRO AA 72 13.45 87.08 12.58
C PRO AA 72 12.65 86.27 13.58
N GLN AA 73 11.64 86.84 14.23
CA GLN AA 73 11.13 86.29 15.49
C GLN AA 73 10.75 84.81 15.41
N GLY AA 74 10.54 84.27 14.21
CA GLY AA 74 10.14 82.88 14.07
C GLY AA 74 11.30 81.91 14.21
N PRO AA 75 11.05 80.64 13.89
CA PRO AA 75 12.14 79.65 13.91
C PRO AA 75 13.12 79.89 12.77
N SER AA 76 14.37 79.47 13.00
CA SER AA 76 15.46 79.71 12.07
C SER AA 76 16.22 78.43 11.85
N LEU AA 77 16.27 77.95 10.61
CA LEU AA 77 17.04 76.77 10.26
C LEU AA 77 18.45 77.12 9.80
N GLU AA 78 18.86 78.38 9.97
CA GLU AA 78 20.17 78.87 9.57
C GLU AA 78 21.27 77.89 9.97
N TRP AA 79 21.10 77.26 11.14
CA TRP AA 79 22.02 76.21 11.55
C TRP AA 79 22.19 75.16 10.45
N LEU AA 80 21.17 74.97 9.61
CA LEU AA 80 21.37 74.14 8.43
C LEU AA 80 22.03 74.92 7.30
N LYS AA 81 21.77 76.23 7.20
CA LYS AA 81 22.45 77.04 6.20
C LYS AA 81 23.96 76.86 6.26
N ARG AA 82 24.52 76.85 7.47
CA ARG AA 82 25.93 76.51 7.64
C ARG AA 82 26.03 75.35 8.63
N LEU AA 83 26.57 74.24 8.17
CA LEU AA 83 26.61 73.04 9.00
C LEU AA 83 27.73 72.10 8.56
N MET BA 13 -68.93 -53.13 70.93
CA MET BA 13 -69.45 -52.31 72.03
C MET BA 13 -70.96 -52.14 71.91
N GLU BA 14 -71.43 -51.93 70.69
CA GLU BA 14 -72.82 -51.54 70.48
C GLU BA 14 -73.79 -52.69 70.58
N LEU BA 15 -73.36 -53.92 70.29
CA LEU BA 15 -74.23 -55.10 70.28
C LEU BA 15 -75.40 -54.90 69.32
N PRO BA 16 -75.16 -54.89 68.00
CA PRO BA 16 -76.29 -54.73 67.06
C PRO BA 16 -77.23 -55.91 67.04
N ASP BA 17 -76.82 -57.06 67.59
CA ASP BA 17 -77.48 -58.34 67.37
C ASP BA 17 -77.60 -58.60 65.88
N TYR BA 18 -78.70 -59.23 65.44
CA TYR BA 18 -78.91 -59.58 64.04
C TYR BA 18 -80.18 -60.40 63.86
N LYS BA 19 -80.56 -60.59 62.59
CA LYS BA 19 -81.34 -61.74 62.12
C LYS BA 19 -82.84 -61.60 62.28
N GLN BA 20 -83.34 -60.68 63.09
CA GLN BA 20 -84.78 -60.68 63.34
C GLN BA 20 -85.40 -59.45 62.69
N TRP BA 21 -85.94 -59.64 61.48
CA TRP BA 21 -86.86 -58.69 60.84
C TRP BA 21 -87.95 -59.47 60.12
N LYS BA 22 -87.52 -60.29 59.17
CA LYS BA 22 -88.21 -61.39 58.48
C LYS BA 22 -88.98 -60.95 57.25
N ILE BA 23 -89.17 -59.66 57.01
CA ILE BA 23 -89.97 -59.20 55.88
C ILE BA 23 -91.34 -59.88 55.94
N GLU BA 24 -92.15 -59.51 56.94
CA GLU BA 24 -93.44 -60.16 57.09
C GLU BA 24 -94.49 -59.16 57.56
N GLY BA 25 -95.64 -59.15 56.89
CA GLY BA 25 -96.82 -58.46 57.36
C GLY BA 25 -96.70 -56.96 57.36
N THR BA 26 -95.53 -56.44 57.16
CA THR BA 26 -95.02 -55.08 57.12
C THR BA 26 -94.85 -54.65 55.68
N PRO BA 27 -95.27 -53.44 55.33
CA PRO BA 27 -95.63 -53.11 53.95
C PRO BA 27 -94.70 -53.65 52.87
N LEU BA 28 -93.41 -53.83 53.17
CA LEU BA 28 -92.60 -54.60 52.23
C LEU BA 28 -93.22 -55.96 51.95
N GLU BA 29 -93.99 -56.49 52.88
CA GLU BA 29 -94.79 -57.67 52.61
C GLU BA 29 -95.65 -57.48 51.37
N THR BA 30 -96.56 -56.51 51.42
CA THR BA 30 -97.44 -56.26 50.27
C THR BA 30 -96.64 -55.91 49.03
N VAL BA 31 -95.54 -55.17 49.19
CA VAL BA 31 -94.66 -54.87 48.06
C VAL BA 31 -94.26 -56.16 47.36
N GLN BA 32 -93.54 -57.01 48.07
CA GLN BA 32 -93.10 -58.30 47.55
C GLN BA 32 -94.28 -59.20 47.17
N GLU BA 33 -95.49 -58.85 47.58
CA GLU BA 33 -96.67 -59.58 47.16
C GLU BA 33 -97.11 -59.17 45.76
N LYS BA 34 -97.10 -57.86 45.49
CA LYS BA 34 -97.36 -57.37 44.13
C LYS BA 34 -96.26 -57.82 43.19
N LEU BA 35 -95.01 -57.56 43.56
CA LEU BA 35 -93.88 -58.06 42.79
C LEU BA 35 -93.96 -59.57 42.62
N ALA BA 36 -94.42 -60.27 43.66
CA ALA BA 36 -94.64 -61.71 43.55
C ALA BA 36 -95.62 -62.01 42.42
N ALA BA 37 -96.76 -61.31 42.41
CA ALA BA 37 -97.69 -61.46 41.31
C ALA BA 37 -97.01 -61.21 39.97
N ARG BA 38 -96.07 -60.28 39.93
CA ARG BA 38 -95.28 -60.05 38.73
C ARG BA 38 -94.22 -61.12 38.51
N GLY BA 39 -93.99 -62.00 39.47
CA GLY BA 39 -93.03 -63.07 39.27
C GLY BA 39 -91.58 -62.62 39.27
N LEU BA 40 -91.25 -61.66 40.13
CA LEU BA 40 -89.88 -61.20 40.29
C LEU BA 40 -89.16 -61.85 41.46
N ARG BA 41 -89.84 -62.71 42.22
CA ARG BA 41 -89.27 -63.53 43.28
C ARG BA 41 -88.27 -62.76 44.13
N ASP BA 42 -88.77 -61.73 44.84
CA ASP BA 42 -88.19 -60.83 45.83
C ASP BA 42 -87.10 -59.97 45.20
N PRO BA 43 -86.95 -58.73 45.62
CA PRO BA 43 -85.78 -57.96 45.17
C PRO BA 43 -84.52 -58.17 46.00
N TRP BA 44 -84.66 -57.88 47.29
CA TRP BA 44 -83.52 -57.50 48.12
C TRP BA 44 -84.05 -56.88 49.41
N GLY BA 45 -83.16 -56.53 50.34
CA GLY BA 45 -83.45 -55.51 51.33
C GLY BA 45 -84.40 -55.71 52.48
N ARG BA 46 -84.11 -56.68 53.35
CA ARG BA 46 -84.77 -56.72 54.64
C ARG BA 46 -84.42 -55.52 55.50
N ASN BA 47 -83.44 -54.71 55.07
CA ASN BA 47 -83.01 -53.57 55.87
C ASN BA 47 -84.13 -52.55 56.03
N GLU BA 48 -84.70 -52.11 54.93
CA GLU BA 48 -85.80 -51.17 55.04
C GLU BA 48 -86.96 -51.77 55.82
N ALA BA 49 -87.05 -53.10 55.87
CA ALA BA 49 -87.95 -53.72 56.83
C ALA BA 49 -87.55 -53.41 58.26
N TRP BA 50 -86.26 -53.14 58.52
CA TRP BA 50 -85.94 -52.44 59.75
C TRP BA 50 -86.60 -51.08 59.77
N ARG BA 51 -86.51 -50.33 58.68
CA ARG BA 51 -87.13 -49.01 58.69
C ARG BA 51 -88.61 -49.08 59.04
N TYR BA 52 -89.24 -50.23 58.90
CA TYR BA 52 -90.63 -50.36 59.33
C TYR BA 52 -90.76 -50.84 60.77
N MET BA 53 -90.33 -52.07 61.05
CA MET BA 53 -90.64 -52.70 62.33
C MET BA 53 -90.00 -51.97 63.49
N GLY BA 54 -90.73 -51.91 64.60
CA GLY BA 54 -90.20 -51.36 65.83
C GLY BA 54 -91.31 -50.66 66.59
N GLY BA 55 -90.90 -49.81 67.52
CA GLY BA 55 -91.79 -48.79 68.03
C GLY BA 55 -92.32 -47.88 66.95
N PHE BA 56 -91.73 -47.94 65.77
CA PHE BA 56 -92.21 -47.25 64.58
C PHE BA 56 -93.44 -48.00 64.08
N ALA BA 57 -93.89 -47.63 62.87
CA ALA BA 57 -94.89 -48.39 62.11
C ALA BA 57 -96.29 -48.23 62.67
N ASN BA 58 -96.41 -47.79 63.91
CA ASN BA 58 -97.69 -47.27 64.39
C ASN BA 58 -97.86 -45.82 63.95
N ASN BA 59 -96.81 -45.03 64.09
CA ASN BA 59 -96.63 -43.67 63.57
C ASN BA 59 -97.83 -42.79 63.98
N VAL BA 60 -98.19 -41.83 63.14
CA VAL BA 60 -99.34 -40.96 63.34
C VAL BA 60 -99.78 -40.48 61.97
N SER BA 61 -101.08 -40.32 61.79
CA SER BA 61 -101.63 -39.66 60.61
C SER BA 61 -101.87 -38.20 60.95
N PHE BA 62 -101.65 -37.33 59.96
CA PHE BA 62 -101.70 -35.91 60.26
C PHE BA 62 -103.12 -35.52 60.66
N VAL BA 63 -103.20 -34.35 61.33
CA VAL BA 63 -104.32 -33.88 62.13
C VAL BA 63 -104.23 -34.59 63.47
N GLY BA 64 -103.43 -35.65 63.53
CA GLY BA 64 -103.02 -36.17 64.82
C GLY BA 64 -101.96 -35.29 65.46
N ALA BA 65 -101.15 -34.63 64.64
CA ALA BA 65 -100.23 -33.62 65.16
C ALA BA 65 -100.97 -32.47 65.78
N LEU BA 66 -102.07 -32.04 65.14
CA LEU BA 66 -102.93 -31.05 65.74
C LEU BA 66 -103.93 -31.66 66.71
N LEU BA 67 -103.90 -32.99 66.91
CA LEU BA 67 -104.48 -33.68 68.05
C LEU BA 67 -103.47 -34.13 69.10
N LYS BA 68 -102.20 -33.71 69.01
CA LYS BA 68 -101.19 -34.24 69.94
C LYS BA 68 -101.60 -34.14 71.41
N GLY BA 69 -101.66 -32.93 71.95
CA GLY BA 69 -101.91 -32.74 73.35
C GLY BA 69 -103.30 -32.27 73.76
N PHE BA 70 -104.32 -32.53 72.95
CA PHE BA 70 -105.63 -31.93 73.22
C PHE BA 70 -106.21 -32.43 74.55
N LYS BA 71 -105.91 -33.67 74.93
CA LYS BA 71 -106.61 -34.28 76.06
C LYS BA 71 -106.39 -33.50 77.34
N TRP BA 72 -105.13 -33.38 77.77
CA TRP BA 72 -104.83 -32.64 78.98
C TRP BA 72 -105.09 -31.16 78.78
N GLY BA 73 -104.84 -30.66 77.57
CA GLY BA 73 -104.97 -29.25 77.30
C GLY BA 73 -106.36 -28.71 77.44
N PHE BA 74 -107.33 -29.23 76.68
CA PHE BA 74 -108.67 -28.75 76.92
C PHE BA 74 -109.36 -29.53 78.03
N ALA BA 75 -108.68 -30.51 78.64
CA ALA BA 75 -109.06 -30.89 79.98
C ALA BA 75 -109.00 -29.70 80.91
N ALA BA 76 -107.79 -29.14 81.08
CA ALA BA 76 -107.65 -27.95 81.91
C ALA BA 76 -108.47 -26.78 81.36
N PHE BA 77 -108.73 -26.76 80.05
CA PHE BA 77 -109.72 -25.81 79.54
C PHE BA 77 -111.10 -26.08 80.12
N VAL BA 78 -111.51 -27.35 80.18
CA VAL BA 78 -112.80 -27.69 80.78
C VAL BA 78 -112.87 -27.17 82.20
N VAL BA 79 -111.81 -27.40 82.99
CA VAL BA 79 -111.83 -26.92 84.37
C VAL BA 79 -111.71 -25.41 84.45
N ALA BA 80 -111.17 -24.77 83.40
CA ALA BA 80 -110.71 -23.39 83.50
C ALA BA 80 -111.79 -22.45 84.03
N VAL BA 81 -112.99 -22.53 83.47
CA VAL BA 81 -114.09 -21.67 83.89
C VAL BA 81 -114.58 -22.02 85.29
N GLY BA 82 -114.14 -23.15 85.84
CA GLY BA 82 -114.51 -23.50 87.20
C GLY BA 82 -114.12 -22.46 88.23
N ALA BA 83 -113.24 -21.52 87.88
CA ALA BA 83 -112.87 -20.46 88.79
C ALA BA 83 -113.98 -19.42 88.90
N GLU BA 84 -114.52 -18.97 87.76
CA GLU BA 84 -115.55 -17.95 87.78
C GLU BA 84 -116.95 -18.52 87.97
N TYR BA 85 -117.10 -19.83 87.86
CA TYR BA 85 -118.39 -20.49 88.06
C TYR BA 85 -118.56 -21.05 89.45
N TYR BA 86 -117.58 -20.87 90.34
CA TYR BA 86 -117.68 -21.35 91.71
C TYR BA 86 -116.86 -20.48 92.65
N MET CA 1 -27.83 47.11 26.43
CA MET CA 1 -28.46 47.53 27.68
C MET CA 1 -27.44 47.82 28.77
N MET CA 2 -27.56 49.00 29.37
CA MET CA 2 -26.76 49.45 30.52
C MET CA 2 -25.29 49.63 30.18
N THR CA 3 -24.86 49.26 28.96
CA THR CA 3 -23.48 49.48 28.56
C THR CA 3 -23.18 50.95 28.30
N GLY CA 4 -24.19 51.78 28.08
CA GLY CA 4 -23.96 53.21 28.04
C GLY CA 4 -23.67 53.78 29.41
N ARG CA 5 -24.26 53.18 30.45
CA ARG CA 5 -23.98 53.58 31.81
C ARG CA 5 -22.51 53.33 32.16
N GLN CA 6 -22.08 52.07 32.04
CA GLN CA 6 -20.77 51.65 32.54
C GLN CA 6 -19.70 51.60 31.47
N ALA CA 7 -20.00 52.03 30.25
CA ALA CA 7 -18.95 52.20 29.25
C ALA CA 7 -18.23 53.53 29.40
N ARG CA 8 -18.64 54.36 30.36
CA ARG CA 8 -17.94 55.62 30.60
C ARG CA 8 -16.61 55.39 31.31
N ALA CA 9 -16.57 54.41 32.22
CA ALA CA 9 -15.35 53.99 32.90
C ALA CA 9 -15.24 52.49 32.72
N PRO CA 10 -14.60 52.04 31.64
CA PRO CA 10 -14.69 50.63 31.28
C PRO CA 10 -13.86 49.74 32.18
N LEU CA 11 -14.34 48.52 32.37
CA LEU CA 11 -13.69 47.49 33.16
C LEU CA 11 -13.49 47.89 34.62
N GLN CA 12 -14.29 48.82 35.12
CA GLN CA 12 -14.42 48.97 36.56
C GLN CA 12 -15.19 47.77 37.07
N PHE CA 13 -14.58 47.00 37.98
CA PHE CA 13 -15.29 45.86 38.54
C PHE CA 13 -16.53 46.31 39.29
N LEU CA 14 -16.33 47.12 40.32
CA LEU CA 14 -17.39 47.91 40.91
C LEU CA 14 -16.80 49.29 41.21
N PRO CA 15 -17.54 50.35 40.93
CA PRO CA 15 -16.96 51.69 40.98
C PRO CA 15 -16.83 52.22 42.40
N ASP CA 16 -16.05 53.30 42.52
CA ASP CA 16 -15.93 54.03 43.78
C ASP CA 16 -17.30 54.51 44.28
N GLU CA 17 -18.30 54.55 43.41
CA GLU CA 17 -19.64 54.92 43.82
C GLU CA 17 -20.35 53.81 44.59
N ALA CA 18 -19.93 52.55 44.40
CA ALA CA 18 -20.67 51.43 44.96
C ALA CA 18 -20.60 51.36 46.48
N ARG CA 19 -19.59 51.97 47.10
CA ARG CA 19 -19.38 51.80 48.53
C ARG CA 19 -20.48 52.42 49.39
N SER CA 20 -21.41 53.15 48.78
CA SER CA 20 -22.54 53.65 49.55
C SER CA 20 -23.63 52.60 49.75
N LEU CA 21 -23.47 51.41 49.18
CA LEU CA 21 -24.41 50.31 49.29
C LEU CA 21 -24.01 49.38 50.41
N PRO CA 22 -24.93 49.00 51.29
CA PRO CA 22 -24.58 48.11 52.39
C PRO CA 22 -24.08 46.78 51.87
N PRO CA 23 -22.92 46.33 52.33
CA PRO CA 23 -22.37 45.07 51.83
C PRO CA 23 -23.10 43.91 52.48
N PRO CA 24 -23.06 42.73 51.85
CA PRO CA 24 -23.73 41.58 52.45
C PRO CA 24 -23.06 41.18 53.75
N LYS CA 25 -23.88 40.97 54.78
CA LYS CA 25 -23.40 40.49 56.06
C LYS CA 25 -22.74 39.14 55.89
N LEU CA 26 -21.72 38.87 56.70
CA LEU CA 26 -21.33 37.49 56.90
C LEU CA 26 -22.46 36.76 57.61
N THR CA 27 -22.73 35.52 57.18
CA THR CA 27 -23.90 34.65 57.42
C THR CA 27 -25.00 34.87 56.38
N ASP CA 28 -24.84 35.80 55.45
CA ASP CA 28 -25.77 35.93 54.34
C ASP CA 28 -25.98 34.56 53.70
N PRO CA 29 -27.22 34.04 53.69
CA PRO CA 29 -27.42 32.64 53.29
C PRO CA 29 -26.82 32.30 51.95
N ARG CA 30 -26.77 33.23 51.01
CA ARG CA 30 -26.19 32.95 49.71
C ARG CA 30 -24.75 32.47 49.83
N LEU CA 31 -23.84 33.34 50.26
CA LEU CA 31 -22.43 32.94 50.29
C LEU CA 31 -22.20 31.76 51.21
N ALA CA 32 -23.04 31.56 52.22
CA ALA CA 32 -22.95 30.35 53.03
C ALA CA 32 -23.24 29.13 52.18
N TYR CA 33 -24.32 29.18 51.40
CA TYR CA 33 -24.61 28.10 50.46
C TYR CA 33 -23.48 27.92 49.46
N ILE CA 34 -22.78 29.00 49.12
CA ILE CA 34 -21.60 28.87 48.29
C ILE CA 34 -20.54 28.06 49.03
N GLY CA 35 -20.41 28.30 50.33
CA GLY CA 35 -19.49 27.52 51.14
C GLY CA 35 -19.83 26.04 51.10
N PHE CA 36 -21.11 25.72 51.31
CA PHE CA 36 -21.55 24.35 51.09
C PHE CA 36 -21.16 23.85 49.71
N LEU CA 37 -21.26 24.73 48.71
CA LEU CA 37 -20.93 24.30 47.36
C LEU CA 37 -19.46 23.97 47.22
N GLY CA 38 -18.60 24.65 47.97
CA GLY CA 38 -17.22 24.23 48.05
C GLY CA 38 -17.05 22.94 48.82
N TYR CA 39 -17.95 22.68 49.78
CA TYR CA 39 -17.89 21.43 50.51
C TYR CA 39 -18.18 20.25 49.59
N CYS CA 40 -19.27 20.32 48.82
CA CYS CA 40 -19.54 19.24 47.88
C CYS CA 40 -18.50 19.21 46.76
N SER CA 41 -17.92 20.37 46.43
CA SER CA 41 -16.78 20.37 45.53
C SER CA 41 -15.70 19.44 46.04
N GLY CA 42 -15.13 19.78 47.20
CA GLY CA 42 -14.06 18.96 47.76
C GLY CA 42 -14.45 17.52 47.95
N LEU CA 43 -15.71 17.28 48.33
CA LEU CA 43 -16.17 15.89 48.45
C LEU CA 43 -16.04 15.18 47.12
N ILE CA 44 -16.48 15.81 46.03
CA ILE CA 44 -16.37 15.13 44.74
C ILE CA 44 -14.91 15.00 44.34
N ASP CA 45 -14.03 15.89 44.83
CA ASP CA 45 -12.61 15.71 44.56
C ASP CA 45 -12.09 14.45 45.24
N ASN CA 46 -12.41 14.30 46.53
CA ASN CA 46 -12.02 13.10 47.27
C ASN CA 46 -12.74 11.86 46.78
N ALA CA 47 -13.80 12.01 45.99
CA ALA CA 47 -14.36 10.86 45.29
C ALA CA 47 -13.56 10.56 44.03
N ILE CA 48 -13.09 11.60 43.35
CA ILE CA 48 -12.28 11.42 42.16
C ILE CA 48 -11.01 10.66 42.51
N ARG CA 49 -10.22 11.20 43.44
CA ARG CA 49 -9.11 10.43 43.97
C ARG CA 49 -9.67 9.34 44.86
N ARG CA 50 -9.27 8.10 44.62
CA ARG CA 50 -10.02 6.98 45.16
C ARG CA 50 -10.05 6.97 46.68
N ARG CA 51 -9.34 7.90 47.34
CA ARG CA 51 -9.28 7.95 48.80
C ARG CA 51 -10.68 7.96 49.37
N PRO CA 52 -10.91 7.38 50.55
CA PRO CA 52 -12.22 7.53 51.19
C PRO CA 52 -12.40 8.97 51.63
N VAL CA 53 -13.57 9.53 51.29
CA VAL CA 53 -13.84 10.92 51.62
C VAL CA 53 -14.06 11.05 53.12
N LEU CA 54 -13.82 12.26 53.63
CA LEU CA 54 -13.62 12.66 55.03
C LEU CA 54 -12.18 12.49 55.45
N SER CA 55 -11.32 11.96 54.57
CA SER CA 55 -9.89 11.94 54.78
C SER CA 55 -9.25 12.93 53.81
N ALA CA 56 -8.14 13.52 54.25
CA ALA CA 56 -7.42 14.60 53.57
C ALA CA 56 -8.23 15.89 53.53
N GLY CA 57 -9.47 15.87 53.99
CA GLY CA 57 -10.32 17.05 53.92
C GLY CA 57 -10.10 18.01 55.07
N LEU CA 58 -8.98 17.90 55.76
CA LEU CA 58 -8.67 18.86 56.81
C LEU CA 58 -8.23 20.19 56.21
N HIS CA 59 -7.21 20.16 55.36
CA HIS CA 59 -6.81 21.36 54.63
C HIS CA 59 -7.59 21.59 53.34
N ARG CA 60 -7.84 20.52 52.57
CA ARG CA 60 -8.51 20.67 51.28
C ARG CA 60 -9.88 21.33 51.45
N GLN CA 61 -10.78 20.66 52.16
CA GLN CA 61 -12.14 21.17 52.31
C GLN CA 61 -12.14 22.63 52.72
N PHE CA 62 -11.26 22.99 53.64
CA PHE CA 62 -11.20 24.38 54.09
C PHE CA 62 -10.74 25.29 52.97
N LEU CA 63 -9.78 24.83 52.16
CA LEU CA 63 -9.33 25.61 51.02
C LEU CA 63 -10.49 25.89 50.07
N TYR CA 64 -11.19 24.83 49.64
CA TYR CA 64 -12.37 25.01 48.79
C TYR CA 64 -13.34 26.01 49.40
N ILE CA 65 -13.86 25.70 50.59
CA ILE CA 65 -14.91 26.50 51.20
C ILE CA 65 -14.50 27.97 51.27
N THR CA 66 -13.30 28.23 51.79
CA THR CA 66 -12.87 29.63 51.91
C THR CA 66 -12.74 30.29 50.55
N SER CA 67 -12.25 29.56 49.55
CA SER CA 67 -12.14 30.14 48.22
C SER CA 67 -13.50 30.58 47.70
N PHE CA 68 -14.50 29.68 47.74
CA PHE CA 68 -15.80 30.06 47.23
C PHE CA 68 -16.44 31.17 48.06
N VAL CA 69 -16.17 31.22 49.37
CA VAL CA 69 -16.70 32.33 50.15
C VAL CA 69 -16.10 33.64 49.67
N PHE CA 70 -14.81 33.63 49.37
CA PHE CA 70 -14.12 34.80 48.84
C PHE CA 70 -14.78 35.26 47.53
N VAL CA 71 -14.64 34.43 46.50
CA VAL CA 71 -15.12 34.79 45.16
C VAL CA 71 -16.60 35.13 45.20
N GLY CA 72 -17.41 34.19 45.72
CA GLY CA 72 -18.84 34.42 45.82
C GLY CA 72 -19.19 35.68 46.57
N TYR CA 73 -18.40 36.03 47.58
CA TYR CA 73 -18.63 37.27 48.30
C TYR CA 73 -18.53 38.46 47.36
N TYR CA 74 -17.38 38.60 46.68
CA TYR CA 74 -17.24 39.74 45.77
C TYR CA 74 -18.36 39.75 44.74
N LEU CA 75 -18.69 38.58 44.19
CA LEU CA 75 -19.76 38.51 43.21
C LEU CA 75 -21.07 39.06 43.76
N LEU CA 76 -21.44 38.67 44.99
CA LEU CA 76 -22.68 39.19 45.55
C LEU CA 76 -22.62 40.70 45.69
N LYS CA 77 -21.48 41.22 46.13
CA LYS CA 77 -21.35 42.67 46.29
C LYS CA 77 -21.64 43.40 44.99
N ARG CA 78 -20.93 43.02 43.93
CA ARG CA 78 -21.13 43.71 42.65
C ARG CA 78 -22.54 43.48 42.12
N GLN CA 79 -23.13 42.33 42.40
CA GLN CA 79 -24.53 42.10 42.06
C GLN CA 79 -25.42 43.18 42.66
N ASP CA 80 -25.44 43.25 43.99
CA ASP CA 80 -26.27 44.25 44.66
C ASP CA 80 -26.01 45.64 44.10
N TYR CA 81 -24.76 45.93 43.72
CA TYR CA 81 -24.53 47.15 42.97
C TYR CA 81 -25.39 47.21 41.71
N MET CA 82 -25.37 46.14 40.91
CA MET CA 82 -26.08 46.16 39.64
C MET CA 82 -27.55 46.44 39.84
N TYR CA 83 -28.20 45.73 40.76
CA TYR CA 83 -29.62 46.04 40.94
C TYR CA 83 -29.83 47.43 41.50
N ALA CA 84 -28.86 47.94 42.28
CA ALA CA 84 -28.97 49.31 42.75
C ALA CA 84 -29.08 50.27 41.59
N VAL CA 85 -28.12 50.23 40.67
CA VAL CA 85 -28.17 51.19 39.56
C VAL CA 85 -29.39 50.94 38.69
N ARG CA 86 -29.84 49.69 38.58
CA ARG CA 86 -31.05 49.42 37.81
C ARG CA 86 -32.23 50.18 38.39
N ASP CA 87 -32.49 49.99 39.68
CA ASP CA 87 -33.66 50.63 40.29
C ASP CA 87 -33.53 52.15 40.21
N HIS CA 88 -32.32 52.68 40.45
CA HIS CA 88 -32.13 54.12 40.29
C HIS CA 88 -32.56 54.57 38.91
N ASP CA 89 -32.05 53.91 37.87
CA ASP CA 89 -32.40 54.30 36.50
C ASP CA 89 -33.92 54.32 36.34
N MET CA 90 -34.59 53.27 36.80
CA MET CA 90 -36.05 53.28 36.71
C MET CA 90 -36.62 54.56 37.30
N PHE CA 91 -36.33 54.83 38.56
CA PHE CA 91 -37.03 55.93 39.23
C PHE CA 91 -36.71 57.28 38.61
N SER CA 92 -35.44 57.51 38.25
CA SER CA 92 -35.13 58.78 37.58
C SER CA 92 -35.95 58.93 36.31
N TYR CA 93 -35.98 57.89 35.48
CA TYR CA 93 -36.71 58.00 34.23
C TYR CA 93 -38.22 58.11 34.47
N ILE CA 94 -38.71 57.56 35.58
CA ILE CA 94 -40.09 57.79 35.98
C ILE CA 94 -40.30 59.28 36.18
N LYS CA 95 -39.62 59.84 37.18
CA LYS CA 95 -39.90 61.21 37.58
C LYS CA 95 -39.73 62.19 36.43
N SER CA 96 -38.72 61.98 35.60
CA SER CA 96 -38.45 62.95 34.55
C SER CA 96 -39.50 62.96 33.44
N HIS CA 97 -40.48 62.05 33.45
CA HIS CA 97 -41.45 61.94 32.36
C HIS CA 97 -42.88 61.79 32.86
N PRO CA 98 -43.58 62.91 33.05
CA PRO CA 98 -44.99 62.83 33.47
C PRO CA 98 -45.92 62.22 32.44
N GLU CA 99 -45.76 62.57 31.16
CA GLU CA 99 -46.75 62.15 30.17
C GLU CA 99 -46.69 60.65 29.92
N ASP CA 100 -45.48 60.13 29.67
CA ASP CA 100 -45.33 58.73 29.31
C ASP CA 100 -46.08 57.81 30.27
N PHE CA 101 -45.88 58.02 31.56
CA PHE CA 101 -46.50 57.16 32.56
C PHE CA 101 -47.55 57.98 33.29
N PRO CA 102 -48.83 57.82 32.98
CA PRO CA 102 -49.86 58.61 33.67
C PRO CA 102 -50.09 58.08 35.07
N GLU CA 103 -50.29 58.99 36.00
CA GLU CA 103 -50.74 58.62 37.33
C GLU CA 103 -52.25 58.74 37.33
N LYS CA 104 -52.93 57.59 37.39
CA LYS CA 104 -54.38 57.56 37.42
C LYS CA 104 -54.86 57.32 38.84
N ASP CA 105 -55.99 57.90 39.17
CA ASP CA 105 -56.61 57.62 40.46
C ASP CA 105 -57.36 56.31 40.36
N LYS CA 106 -57.14 55.42 41.32
CA LYS CA 106 -57.74 54.10 41.31
C LYS CA 106 -59.07 54.20 42.04
N LYS CA 107 -60.15 54.09 41.29
CA LYS CA 107 -61.47 54.23 41.87
C LYS CA 107 -61.84 52.98 42.63
N THR CA 108 -62.56 53.17 43.74
CA THR CA 108 -62.91 52.07 44.63
C THR CA 108 -64.02 51.21 44.01
N TYR CA 109 -64.17 50.01 44.57
CA TYR CA 109 -65.17 49.06 44.09
C TYR CA 109 -66.57 49.64 44.01
N ARG CA 110 -66.85 50.72 44.76
CA ARG CA 110 -68.18 51.32 44.72
C ARG CA 110 -68.64 51.52 43.27
N GLU CA 111 -67.73 51.96 42.40
CA GLU CA 111 -67.96 51.89 40.96
C GLU CA 111 -67.16 50.70 40.43
N VAL CA 112 -67.84 49.58 40.24
CA VAL CA 112 -67.31 48.42 39.52
C VAL CA 112 -68.51 47.65 39.00
N PHE CA 113 -68.36 47.02 37.84
CA PHE CA 113 -69.36 46.11 37.34
C PHE CA 113 -68.70 44.92 36.69
N GLU CA 114 -69.23 43.72 36.98
CA GLU CA 114 -68.66 42.48 36.48
C GLU CA 114 -69.77 41.51 36.16
N GLU CA 115 -69.40 40.35 35.63
CA GLU CA 115 -70.33 39.32 35.18
C GLU CA 115 -70.44 38.17 36.18
N PHE CA 116 -69.31 37.54 36.49
CA PHE CA 116 -69.17 36.63 37.65
C PHE CA 116 -70.20 35.50 37.60
N HIS CA 117 -70.09 34.67 36.59
CA HIS CA 117 -71.07 33.61 36.40
C HIS CA 117 -71.05 32.66 37.58
N PRO CA 118 -72.15 32.56 38.34
CA PRO CA 118 -72.18 31.62 39.46
C PRO CA 118 -72.20 30.19 38.95
N VAL CA 119 -71.95 29.26 39.86
CA VAL CA 119 -71.93 27.84 39.53
C VAL CA 119 -73.34 27.31 39.76
N ARG CA 120 -74.05 27.04 38.67
CA ARG CA 120 -75.52 27.13 38.54
C ARG CA 120 -75.91 28.60 38.29
N LEU DA 17 -70.73 -28.77 28.12
CA LEU DA 17 -72.15 -28.52 28.33
C LEU DA 17 -73.00 -29.59 27.67
N ASP DA 18 -73.88 -30.21 28.47
CA ASP DA 18 -74.84 -31.20 28.00
C ASP DA 18 -74.14 -32.32 27.23
N PRO DA 19 -73.45 -33.24 27.92
CA PRO DA 19 -72.80 -34.35 27.21
C PRO DA 19 -73.78 -35.12 26.33
N ALA DA 20 -73.45 -35.28 25.06
CA ALA DA 20 -74.42 -35.80 24.09
C ALA DA 20 -73.69 -36.47 22.93
N GLU DA 21 -74.46 -37.27 22.19
CA GLU DA 21 -74.04 -38.03 21.00
C GLU DA 21 -73.25 -39.28 21.35
N TYR DA 22 -72.74 -39.37 22.58
CA TYR DA 22 -72.12 -40.58 23.11
C TYR DA 22 -71.09 -41.16 22.14
N ASP DA 23 -70.11 -40.33 21.77
CA ASP DA 23 -69.27 -40.57 20.60
C ASP DA 23 -68.69 -41.98 20.60
N ILE DA 24 -68.72 -42.61 19.42
CA ILE DA 24 -68.22 -43.97 19.26
C ILE DA 24 -66.71 -44.07 19.36
N SER DA 25 -66.01 -42.93 19.33
CA SER DA 25 -64.57 -42.84 19.58
C SER DA 25 -63.73 -43.46 18.46
N SER DA 26 -64.37 -44.20 17.55
CA SER DA 26 -63.68 -44.81 16.43
C SER DA 26 -62.46 -45.63 16.87
N GLU DA 27 -61.37 -45.53 16.12
CA GLU DA 27 -60.15 -46.30 16.40
C GLU DA 27 -58.97 -45.38 16.65
N THR DA 28 -58.58 -44.59 15.65
CA THR DA 28 -57.53 -43.58 15.84
C THR DA 28 -57.79 -42.76 17.09
N ARG DA 29 -58.90 -42.01 17.09
CA ARG DA 29 -59.23 -41.15 18.22
C ARG DA 29 -59.11 -41.89 19.54
N LYS DA 30 -59.51 -43.16 19.58
CA LYS DA 30 -59.24 -43.98 20.73
C LYS DA 30 -57.75 -44.05 20.98
N ALA DA 31 -57.01 -44.69 20.07
CA ALA DA 31 -55.58 -44.90 20.29
C ALA DA 31 -54.85 -43.57 20.42
N GLN DA 32 -55.00 -42.69 19.42
CA GLN DA 32 -54.31 -41.41 19.45
C GLN DA 32 -54.69 -40.60 20.68
N ALA DA 33 -55.98 -40.24 20.80
CA ALA DA 33 -56.41 -39.35 21.88
C ALA DA 33 -56.05 -39.91 23.24
N GLU DA 34 -56.39 -41.17 23.50
CA GLU DA 34 -56.04 -41.83 24.75
C GLU DA 34 -54.54 -41.77 24.99
N ARG DA 35 -53.78 -42.51 24.18
CA ARG DA 35 -52.37 -42.73 24.44
C ARG DA 35 -51.61 -41.41 24.52
N LEU DA 36 -51.84 -40.52 23.54
CA LEU DA 36 -51.11 -39.27 23.51
C LEU DA 36 -51.54 -38.35 24.65
N ALA DA 37 -52.85 -38.20 24.83
CA ALA DA 37 -53.39 -37.32 25.86
C ALA DA 37 -52.85 -37.73 27.22
N ILE DA 38 -53.28 -38.90 27.71
CA ILE DA 38 -52.88 -39.32 29.04
C ILE DA 38 -51.37 -39.52 29.10
N ARG DA 39 -50.74 -39.70 27.95
CA ARG DA 39 -49.28 -39.70 27.85
C ARG DA 39 -48.73 -38.38 28.40
N SER DA 40 -49.01 -37.28 27.71
CA SER DA 40 -48.51 -35.99 28.15
C SER DA 40 -48.95 -35.69 29.57
N ARG DA 41 -50.22 -35.96 29.88
CA ARG DA 41 -50.72 -35.70 31.22
C ARG DA 41 -49.82 -36.38 32.24
N LEU DA 42 -49.80 -37.72 32.26
CA LEU DA 42 -49.05 -38.43 33.28
C LEU DA 42 -47.60 -38.01 33.30
N LYS DA 43 -47.03 -37.68 32.15
CA LYS DA 43 -45.71 -37.07 32.11
C LYS DA 43 -45.64 -35.88 33.05
N ARG DA 44 -46.59 -34.95 32.94
CA ARG DA 44 -46.51 -33.75 33.75
C ARG DA 44 -46.98 -33.96 35.20
N GLU DA 45 -48.01 -34.79 35.40
CA GLU DA 45 -48.37 -35.21 36.76
C GLU DA 45 -47.14 -35.69 37.52
N TYR DA 46 -46.51 -36.74 37.01
CA TYR DA 46 -45.29 -37.22 37.65
C TYR DA 46 -44.24 -36.13 37.72
N GLN DA 47 -44.22 -35.23 36.73
CA GLN DA 47 -43.21 -34.18 36.72
C GLN DA 47 -43.29 -33.33 37.98
N LEU DA 48 -44.39 -32.61 38.17
CA LEU DA 48 -44.46 -31.80 39.39
C LEU DA 48 -44.70 -32.64 40.63
N GLN DA 49 -44.94 -33.94 40.47
CA GLN DA 49 -45.30 -34.81 41.57
C GLN DA 49 -44.12 -35.16 42.46
N TYR DA 50 -42.90 -34.72 42.12
CA TYR DA 50 -41.72 -35.15 42.86
C TYR DA 50 -41.87 -34.91 44.36
N ASN DA 51 -42.16 -33.68 44.76
CA ASN DA 51 -42.55 -33.36 46.15
C ASN DA 51 -41.59 -33.94 47.18
N ASP DA 52 -40.30 -33.64 47.02
CA ASP DA 52 -39.28 -34.10 47.95
C ASP DA 52 -39.19 -33.20 49.17
N PRO DA 53 -38.52 -33.65 50.21
CA PRO DA 53 -38.01 -32.72 51.22
C PRO DA 53 -36.95 -31.82 50.61
N SER DA 54 -36.62 -30.77 51.36
CA SER DA 54 -35.53 -29.83 51.11
C SER DA 54 -35.91 -28.66 50.19
N ARG DA 55 -37.12 -28.60 49.64
CA ARG DA 55 -37.52 -27.38 48.94
C ARG DA 55 -38.22 -26.48 49.94
N ARG DA 56 -37.62 -25.33 50.22
CA ARG DA 56 -38.26 -24.41 51.15
C ARG DA 56 -39.33 -23.58 50.47
N GLY DA 57 -39.04 -23.05 49.29
CA GLY DA 57 -39.92 -22.10 48.63
C GLY DA 57 -40.98 -22.76 47.75
N VAL DA 58 -41.59 -21.92 46.92
CA VAL DA 58 -42.71 -22.37 46.09
C VAL DA 58 -42.23 -23.38 45.05
N VAL DA 59 -43.20 -24.12 44.50
CA VAL DA 59 -42.91 -25.12 43.48
C VAL DA 59 -42.82 -24.53 42.09
N GLU DA 60 -43.29 -23.29 41.89
CA GLU DA 60 -42.80 -22.41 40.82
C GLU DA 60 -43.34 -22.77 39.43
N ASP DA 61 -44.20 -23.80 39.30
CA ASP DA 61 -44.48 -24.48 38.03
C ASP DA 61 -44.63 -23.54 36.85
N PRO DA 62 -43.96 -23.83 35.73
CA PRO DA 62 -44.02 -22.92 34.57
C PRO DA 62 -45.41 -22.66 34.07
N ALA DA 63 -46.38 -23.48 34.46
CA ALA DA 63 -47.76 -23.14 34.16
C ALA DA 63 -48.11 -21.83 34.86
N LEU DA 64 -49.14 -21.17 34.36
CA LEU DA 64 -49.73 -19.94 34.90
C LEU DA 64 -48.76 -18.76 34.82
N ILE DA 65 -47.48 -19.00 34.56
CA ILE DA 65 -46.63 -17.90 34.13
C ILE DA 65 -46.98 -17.49 32.72
N ARG DA 66 -47.23 -18.48 31.86
CA ARG DA 66 -47.74 -18.19 30.52
C ARG DA 66 -49.05 -17.44 30.60
N TRP DA 67 -49.94 -17.89 31.49
CA TRP DA 67 -51.18 -17.17 31.80
C TRP DA 67 -50.93 -15.70 32.10
N THR DA 68 -50.01 -15.44 33.04
CA THR DA 68 -49.78 -14.07 33.48
C THR DA 68 -49.18 -13.23 32.35
N CYS DA 69 -48.14 -13.74 31.70
CA CYS DA 69 -47.45 -12.96 30.68
C CYS DA 69 -48.37 -12.66 29.50
N ALA DA 70 -49.10 -13.66 29.03
CA ALA DA 70 -50.03 -13.41 27.93
C ALA DA 70 -51.13 -12.45 28.35
N ARG DA 71 -51.70 -12.63 29.54
CA ARG DA 71 -52.74 -11.72 30.02
C ARG DA 71 -52.20 -10.36 30.43
N SER DA 72 -50.90 -10.14 30.35
CA SER DA 72 -50.35 -8.80 30.45
C SER DA 72 -50.45 -8.05 29.14
N ALA DA 73 -51.11 -8.65 28.14
CA ALA DA 73 -51.36 -8.07 26.83
C ALA DA 73 -50.08 -7.82 26.04
N ASN DA 74 -49.45 -8.90 25.58
CA ASN DA 74 -48.24 -8.84 24.78
C ASN DA 74 -48.40 -8.14 23.44
N VAL DA 75 -49.59 -8.17 22.85
CA VAL DA 75 -49.82 -7.56 21.55
C VAL DA 75 -50.41 -6.16 21.70
N TYR DA 76 -50.54 -5.68 22.94
CA TYR DA 76 -51.13 -4.38 23.20
C TYR DA 76 -50.30 -3.26 22.59
N PRO DA 77 -49.02 -3.16 22.91
CA PRO DA 77 -48.19 -2.04 22.44
C PRO DA 77 -47.88 -2.03 20.95
N ASN DA 78 -47.83 -3.20 20.28
CA ASN DA 78 -47.37 -3.28 18.90
C ASN DA 78 -48.23 -2.43 17.96
N PHE DA 79 -49.46 -2.87 17.68
CA PHE DA 79 -50.35 -2.16 16.76
C PHE DA 79 -51.73 -2.83 16.83
N ARG DA 80 -52.66 -2.30 16.03
CA ARG DA 80 -54.00 -2.87 15.87
C ARG DA 80 -54.45 -2.71 14.41
N PRO DA 81 -54.04 -3.60 13.52
CA PRO DA 81 -54.48 -3.49 12.12
C PRO DA 81 -56.00 -3.46 12.02
N ASN DA 82 -56.50 -2.72 11.03
CA ASN DA 82 -57.90 -2.29 10.99
C ASN DA 82 -58.88 -3.45 11.07
N THR DA 83 -59.01 -4.21 9.98
CA THR DA 83 -60.00 -5.28 9.89
C THR DA 83 -61.35 -4.82 10.40
N LYS DA 84 -61.91 -5.51 11.40
CA LYS DA 84 -63.09 -5.04 12.11
C LYS DA 84 -62.73 -4.37 13.43
N THR DA 85 -61.43 -4.32 13.76
CA THR DA 85 -61.01 -3.97 15.12
C THR DA 85 -61.38 -2.53 15.48
N SER DA 86 -61.01 -1.57 14.63
CA SER DA 86 -61.32 -0.18 14.92
C SER DA 86 -62.82 0.07 14.96
N LEU DA 87 -63.59 -0.77 14.27
CA LEU DA 87 -65.05 -0.66 14.30
C LEU DA 87 -65.61 -1.17 15.62
N LEU DA 88 -65.09 -2.31 16.10
CA LEU DA 88 -65.57 -2.87 17.35
C LEU DA 88 -65.19 -1.99 18.53
N GLY DA 89 -63.96 -1.48 18.54
CA GLY DA 89 -63.53 -0.61 19.62
C GLY DA 89 -64.17 0.76 19.56
N ALA DA 90 -64.13 1.39 18.38
CA ALA DA 90 -64.69 2.73 18.22
C ALA DA 90 -66.20 2.73 18.49
N LEU DA 91 -66.93 1.82 17.85
CA LEU DA 91 -68.35 1.66 18.15
C LEU DA 91 -68.60 1.12 19.55
N PHE DA 92 -67.58 0.53 20.19
CA PHE DA 92 -67.69 0.06 21.56
C PHE DA 92 -67.60 1.20 22.58
N GLY DA 93 -66.87 2.25 22.25
CA GLY DA 93 -66.84 3.44 23.10
C GLY DA 93 -67.59 4.61 22.50
N ILE DA 94 -68.41 4.34 21.50
CA ILE DA 94 -69.06 5.40 20.74
C ILE DA 94 -70.49 5.65 21.23
N GLY DA 95 -71.38 4.69 20.97
CA GLY DA 95 -72.81 4.90 21.13
C GLY DA 95 -73.25 5.36 22.50
N PRO DA 96 -72.96 4.57 23.54
CA PRO DA 96 -73.35 5.02 24.89
C PRO DA 96 -72.64 6.28 25.37
N LEU DA 97 -71.32 6.36 25.14
CA LEU DA 97 -70.51 7.47 25.63
C LEU DA 97 -70.99 8.82 25.12
N ILE DA 98 -70.86 9.05 23.80
CA ILE DA 98 -71.18 10.36 23.24
C ILE DA 98 -72.64 10.71 23.50
N PHE DA 99 -73.52 9.70 23.53
CA PHE DA 99 -74.91 9.97 23.89
C PHE DA 99 -75.02 10.46 25.32
N TRP DA 100 -74.18 9.92 26.22
CA TRP DA 100 -74.18 10.43 27.59
C TRP DA 100 -73.63 11.83 27.67
N TYR DA 101 -72.64 12.15 26.84
CA TYR DA 101 -72.24 13.54 26.65
C TYR DA 101 -73.46 14.39 26.34
N TYR DA 102 -74.25 13.97 25.36
CA TYR DA 102 -75.40 14.76 24.94
C TYR DA 102 -76.46 14.86 26.04
N VAL DA 103 -76.62 13.82 26.85
CA VAL DA 103 -77.69 13.89 27.83
C VAL DA 103 -77.28 14.72 29.04
N PHE DA 104 -76.02 14.63 29.46
CA PHE DA 104 -75.63 15.47 30.59
C PHE DA 104 -75.54 16.92 30.18
N LYS DA 105 -75.17 17.20 28.92
CA LYS DA 105 -75.23 18.59 28.48
C LYS DA 105 -76.68 19.05 28.36
N THR DA 106 -77.56 18.20 27.85
CA THR DA 106 -78.97 18.51 27.75
C THR DA 106 -79.54 18.87 29.11
N ASP DA 107 -79.59 17.89 30.02
CA ASP DA 107 -80.16 18.12 31.35
C ASP DA 107 -79.44 19.23 32.07
N ARG DA 108 -78.13 19.37 31.86
CA ARG DA 108 -77.41 20.56 32.29
C ARG DA 108 -78.15 21.82 31.88
N ASP DA 109 -78.24 22.04 30.57
CA ASP DA 109 -78.80 23.30 30.08
C ASP DA 109 -80.22 23.49 30.57
N ARG DA 110 -81.00 22.41 30.62
CA ARG DA 110 -82.34 22.52 31.17
C ARG DA 110 -82.31 23.04 32.58
N LYS DA 111 -81.48 22.43 33.43
CA LYS DA 111 -81.33 22.87 34.81
C LYS DA 111 -81.00 24.35 34.87
N GLU DA 112 -80.05 24.79 34.04
CA GLU DA 112 -79.71 26.20 34.00
C GLU DA 112 -80.91 27.05 33.62
N LYS DA 113 -81.72 26.58 32.66
CA LYS DA 113 -82.90 27.33 32.26
C LYS DA 113 -83.87 27.48 33.44
N LEU DA 114 -84.29 26.36 34.01
CA LEU DA 114 -85.27 26.41 35.09
C LEU DA 114 -84.74 27.13 36.31
N ILE DA 115 -83.43 27.28 36.43
CA ILE DA 115 -82.88 28.16 37.46
C ILE DA 115 -83.06 29.62 37.06
N GLN DA 116 -82.64 29.96 35.84
CA GLN DA 116 -82.61 31.36 35.43
C GLN DA 116 -84.00 31.93 35.16
N GLU DA 117 -84.99 31.09 34.91
CA GLU DA 117 -86.34 31.56 34.64
C GLU DA 117 -87.32 30.81 35.52
N GLY DA 118 -88.59 31.19 35.39
CA GLY DA 118 -89.67 30.45 36.02
C GLY DA 118 -89.35 30.18 37.47
N LYS DA 119 -89.48 28.92 37.85
CA LYS DA 119 -88.95 28.46 39.13
C LYS DA 119 -88.51 27.01 38.98
N LEU DA 120 -87.38 26.68 39.61
CA LEU DA 120 -87.05 25.30 39.91
C LEU DA 120 -87.63 24.88 41.26
N ASP DA 121 -88.20 25.83 41.99
CA ASP DA 121 -88.78 25.60 43.32
C ASP DA 121 -87.70 25.11 44.28
N ARG DA 122 -86.50 25.65 44.13
CA ARG DA 122 -85.43 25.35 45.07
C ARG DA 122 -85.78 25.83 46.48
N THR DA 123 -86.42 27.00 46.58
CA THR DA 123 -86.71 27.62 47.87
C THR DA 123 -85.44 27.64 48.69
N PHE DA 124 -85.45 26.91 49.80
CA PHE DA 124 -84.24 26.70 50.57
C PHE DA 124 -83.46 25.54 49.99
N ASN DA 125 -82.25 25.85 49.51
CA ASN DA 125 -81.31 24.90 48.94
C ASN DA 125 -79.99 24.95 49.70
N ILE DA 126 -79.34 26.11 49.75
CA ILE DA 126 -78.23 26.39 50.65
C ILE DA 126 -77.06 25.50 50.27
N SER DA 127 -76.63 24.65 51.20
CA SER DA 127 -75.50 23.77 50.96
C SER DA 127 -75.75 22.98 49.69
N TYR DA 128 -74.80 23.04 48.78
CA TYR DA 128 -75.07 22.66 47.40
C TYR DA 128 -73.96 21.83 46.81
N LYS EA 4 83.81 4.51 -37.68
CA LYS EA 4 83.36 5.82 -37.26
C LYS EA 4 83.02 5.86 -35.78
N VAL EA 5 82.31 6.91 -35.38
CA VAL EA 5 81.93 7.09 -33.98
C VAL EA 5 80.44 6.76 -33.90
N LYS EA 6 79.85 6.87 -32.72
CA LYS EA 6 78.48 6.47 -32.46
C LYS EA 6 77.61 7.70 -32.27
N GLN EA 7 76.44 7.69 -32.90
CA GLN EA 7 75.56 8.86 -32.95
C GLN EA 7 74.47 8.86 -31.89
N ASP EA 8 74.53 7.96 -30.91
CA ASP EA 8 73.55 7.98 -29.83
C ASP EA 8 73.60 9.29 -29.05
N MET EA 9 72.51 9.58 -28.35
CA MET EA 9 72.18 10.97 -27.99
C MET EA 9 73.09 11.59 -26.95
N PRO EA 10 73.33 11.00 -25.79
CA PRO EA 10 73.56 11.79 -24.55
C PRO EA 10 74.67 12.82 -24.72
N PRO EA 11 74.40 14.06 -24.40
CA PRO EA 11 75.41 15.12 -24.52
C PRO EA 11 76.31 15.19 -23.32
N VAL EA 12 77.12 16.26 -23.24
CA VAL EA 12 77.86 16.54 -22.02
C VAL EA 12 76.88 16.60 -20.87
N GLY EA 13 77.30 16.07 -19.71
CA GLY EA 13 76.36 15.63 -18.71
C GLY EA 13 75.51 16.75 -18.11
N GLY EA 14 74.28 16.38 -17.76
CA GLY EA 14 73.45 17.07 -16.81
C GLY EA 14 72.33 17.92 -17.38
N TYR EA 15 72.47 18.40 -18.62
CA TYR EA 15 71.46 19.27 -19.23
C TYR EA 15 71.16 20.49 -18.36
N GLY EA 16 72.06 20.86 -17.45
CA GLY EA 16 71.75 21.89 -16.47
C GLY EA 16 70.71 21.40 -15.48
N PRO EA 17 70.45 22.20 -14.44
CA PRO EA 17 69.49 21.79 -13.42
C PRO EA 17 68.06 21.94 -13.90
N ILE EA 18 67.15 21.28 -13.19
CA ILE EA 18 65.72 21.35 -13.43
C ILE EA 18 65.02 21.47 -12.09
N ASP EA 19 63.90 22.20 -12.07
CA ASP EA 19 63.17 22.48 -10.84
C ASP EA 19 61.81 21.79 -10.89
N TYR EA 20 61.66 20.72 -10.11
CA TYR EA 20 60.39 20.04 -9.97
C TYR EA 20 59.47 20.68 -8.93
N LYS EA 21 60.03 21.10 -7.80
CA LYS EA 21 59.25 21.29 -6.58
C LYS EA 21 58.19 22.39 -6.74
N ARG EA 22 57.18 22.30 -5.88
CA ARG EA 22 56.02 23.17 -5.97
C ARG EA 22 56.34 24.58 -5.49
N ASN EA 23 55.74 25.58 -6.12
CA ASN EA 23 55.93 26.96 -5.72
C ASN EA 23 54.59 27.69 -5.84
N LEU EA 24 54.10 28.27 -4.74
CA LEU EA 24 52.83 28.99 -4.84
C LEU EA 24 52.79 30.19 -3.90
N PRO EA 25 53.64 31.18 -4.11
CA PRO EA 25 53.93 32.19 -3.08
C PRO EA 25 53.15 33.50 -3.11
N ARG EA 26 53.64 34.44 -2.31
CA ARG EA 26 53.70 35.90 -2.54
C ARG EA 26 52.56 36.80 -2.09
N ARG EA 27 51.47 36.32 -1.53
CA ARG EA 27 50.40 37.26 -1.21
C ARG EA 27 50.63 37.78 0.21
N GLY EA 28 51.08 39.03 0.30
CA GLY EA 28 51.41 39.65 1.57
C GLY EA 28 50.43 40.70 2.03
N LEU EA 29 49.55 41.16 1.13
CA LEU EA 29 48.60 42.20 1.49
C LEU EA 29 47.63 41.74 2.56
N SER EA 30 47.60 40.45 2.87
CA SER EA 30 46.55 39.91 3.71
C SER EA 30 47.08 39.73 5.13
N GLY EA 31 46.74 40.67 5.99
CA GLY EA 31 46.60 40.44 7.40
C GLY EA 31 45.11 40.58 7.59
N TYR EA 32 44.67 40.97 8.78
CA TYR EA 32 43.35 41.55 8.84
C TYR EA 32 43.29 42.82 8.02
N SER EA 33 44.45 43.43 7.76
CA SER EA 33 44.52 44.75 7.15
C SER EA 33 43.73 44.84 5.86
N MET EA 34 43.45 43.71 5.20
CA MET EA 34 42.51 43.76 4.09
C MET EA 34 41.17 44.31 4.57
N PHE EA 35 40.66 43.78 5.67
CA PHE EA 35 39.50 44.41 6.29
C PHE EA 35 39.77 45.89 6.53
N ALA EA 36 40.98 46.23 6.95
CA ALA EA 36 41.24 47.61 7.30
C ALA EA 36 41.07 48.53 6.08
N VAL EA 37 41.49 48.08 4.91
CA VAL EA 37 41.37 48.93 3.75
C VAL EA 37 39.93 48.92 3.23
N GLY EA 38 39.25 47.79 3.27
CA GLY EA 38 37.87 47.78 2.81
C GLY EA 38 36.95 48.60 3.69
N ILE EA 39 36.92 48.26 4.99
CA ILE EA 39 36.20 49.04 5.98
C ILE EA 39 36.58 50.50 5.87
N GLY EA 40 37.86 50.78 5.63
CA GLY EA 40 38.25 52.15 5.34
C GLY EA 40 37.45 52.74 4.20
N ALA EA 41 37.36 52.01 3.09
CA ALA EA 41 36.61 52.51 1.95
C ALA EA 41 35.17 52.81 2.33
N LEU EA 42 34.53 51.93 3.08
CA LEU EA 42 33.22 52.26 3.64
C LEU EA 42 33.26 53.60 4.36
N LEU EA 43 34.19 53.72 5.31
CA LEU EA 43 34.30 54.94 6.11
C LEU EA 43 34.43 56.19 5.25
N PHE EA 44 34.97 56.04 4.03
CA PHE EA 44 34.96 57.15 3.09
C PHE EA 44 33.58 57.36 2.49
N GLY EA 45 32.98 56.27 2.03
CA GLY EA 45 31.68 56.36 1.37
C GLY EA 45 30.64 57.03 2.22
N TYR EA 46 30.55 56.65 3.50
CA TYR EA 46 29.51 57.24 4.32
C TYR EA 46 29.76 58.71 4.56
N TRP EA 47 31.02 59.11 4.67
CA TRP EA 47 31.37 60.52 4.78
C TRP EA 47 30.83 61.30 3.58
N SER EA 48 31.35 60.99 2.39
CA SER EA 48 30.96 61.74 1.20
C SER EA 48 29.45 61.69 0.99
N MET EA 49 28.88 60.49 1.03
CA MET EA 49 27.45 60.36 0.78
C MET EA 49 26.63 61.16 1.79
N MET EA 50 27.06 61.16 3.05
CA MET EA 50 26.45 62.02 4.05
C MET EA 50 26.40 63.46 3.55
N ARG EA 51 27.54 63.99 3.14
CA ARG EA 51 27.56 65.36 2.64
C ARG EA 51 26.56 65.55 1.52
N TRP EA 52 26.58 64.67 0.52
CA TRP EA 52 25.75 64.89 -0.66
C TRP EA 52 24.27 64.82 -0.32
N ASN EA 53 23.88 63.95 0.62
CA ASN EA 53 22.48 63.92 1.02
C ASN EA 53 22.09 65.18 1.75
N ARG EA 54 22.97 65.71 2.61
CA ARG EA 54 22.67 67.01 3.21
C ARG EA 54 22.39 68.05 2.14
N GLU EA 55 23.30 68.16 1.17
CA GLU EA 55 23.11 69.13 0.08
C GLU EA 55 21.77 68.92 -0.60
N ARG EA 56 21.44 67.67 -0.90
CA ARG EA 56 20.20 67.40 -1.59
C ARG EA 56 18.98 67.79 -0.75
N ARG EA 57 19.07 67.66 0.57
CA ARG EA 57 17.99 68.18 1.42
C ARG EA 57 17.88 69.69 1.30
N ARG EA 58 19.02 70.38 1.37
CA ARG EA 58 19.01 71.83 1.16
C ARG EA 58 18.27 72.18 -0.12
N LEU EA 59 18.60 71.49 -1.22
CA LEU EA 59 17.87 71.71 -2.46
C LEU EA 59 16.39 71.41 -2.31
N GLN EA 60 16.06 70.35 -1.56
CA GLN EA 60 14.67 69.99 -1.35
C GLN EA 60 13.89 71.17 -0.76
N ILE EA 61 14.36 71.67 0.38
CA ILE EA 61 13.71 72.83 0.99
C ILE EA 61 13.59 73.97 0.00
N GLU EA 62 14.65 74.22 -0.77
CA GLU EA 62 14.59 75.33 -1.71
C GLU EA 62 13.47 75.13 -2.74
N ASP EA 63 13.29 73.89 -3.21
CA ASP EA 63 12.25 73.62 -4.20
C ASP EA 63 10.86 73.77 -3.60
N PHE EA 64 10.63 73.17 -2.44
CA PHE EA 64 9.37 73.40 -1.75
C PHE EA 64 9.12 74.88 -1.53
N GLU EA 65 10.19 75.67 -1.36
CA GLU EA 65 10.00 77.11 -1.25
C GLU EA 65 9.50 77.69 -2.55
N ALA EA 66 10.03 77.22 -3.68
CA ALA EA 66 9.46 77.63 -4.96
C ALA EA 66 7.96 77.38 -4.98
N ARG EA 67 7.55 76.14 -4.69
CA ARG EA 67 6.12 75.81 -4.77
C ARG EA 67 5.29 76.68 -3.84
N ILE EA 68 5.69 76.75 -2.57
CA ILE EA 68 4.86 77.44 -1.59
C ILE EA 68 4.76 78.91 -1.91
N ALA EA 69 5.84 79.50 -2.44
CA ALA EA 69 5.72 80.88 -2.92
C ALA EA 69 4.76 80.97 -4.09
N LEU EA 70 4.67 79.92 -4.89
CA LEU EA 70 3.70 79.93 -5.99
C LEU EA 70 2.26 79.87 -5.51
N MET EA 71 1.98 79.08 -4.48
CA MET EA 71 0.61 78.62 -4.19
C MET EA 71 -0.48 79.66 -4.36
N PRO EA 72 -0.38 80.90 -3.83
CA PRO EA 72 -1.53 81.82 -3.93
C PRO EA 72 -1.97 82.11 -5.35
N LEU EA 73 -1.04 82.44 -6.25
CA LEU EA 73 -1.41 82.76 -7.62
C LEU EA 73 -2.13 81.60 -8.29
N LEU EA 74 -1.51 80.42 -8.28
CA LEU EA 74 -2.13 79.26 -8.89
C LEU EA 74 -3.47 78.94 -8.26
N GLN EA 75 -3.62 79.22 -6.96
CA GLN EA 75 -4.87 78.94 -6.28
C GLN EA 75 -5.99 79.85 -6.76
N ALA EA 76 -5.75 81.17 -6.70
CA ALA EA 76 -6.75 82.11 -7.15
C ALA EA 76 -7.13 81.83 -8.60
N GLU EA 77 -6.12 81.73 -9.47
CA GLU EA 77 -6.38 81.41 -10.87
C GLU EA 77 -7.24 80.17 -11.00
N LYS EA 78 -6.84 79.07 -10.36
CA LYS EA 78 -7.59 77.84 -10.46
C LYS EA 78 -9.05 78.05 -10.09
N ASP EA 79 -9.30 78.58 -8.89
CA ASP EA 79 -10.67 78.66 -8.42
C ASP EA 79 -11.52 79.56 -9.31
N ARG EA 80 -10.95 80.65 -9.80
CA ARG EA 80 -11.68 81.41 -10.81
C ARG EA 80 -12.04 80.51 -12.00
N ARG EA 81 -11.06 79.77 -12.51
CA ARG EA 81 -11.33 78.91 -13.66
C ARG EA 81 -12.50 77.98 -13.38
N VAL EA 82 -12.50 77.33 -12.22
CA VAL EA 82 -13.53 76.34 -11.97
C VAL EA 82 -14.88 77.00 -11.77
N LEU EA 83 -14.92 78.18 -11.16
CA LEU EA 83 -16.20 78.85 -11.00
C LEU EA 83 -16.77 79.28 -12.34
N GLN EA 84 -15.94 79.90 -13.18
CA GLN EA 84 -16.32 80.18 -14.56
C GLN EA 84 -16.93 78.95 -15.22
N MET EA 85 -16.22 77.83 -15.12
CA MET EA 85 -16.65 76.63 -15.81
C MET EA 85 -18.01 76.16 -15.30
N LEU EA 86 -18.18 76.18 -13.98
CA LEU EA 86 -19.43 75.69 -13.40
C LEU EA 86 -20.59 76.58 -13.78
N ARG EA 87 -20.37 77.90 -13.86
CA ARG EA 87 -21.43 78.78 -14.29
C ARG EA 87 -21.81 78.54 -15.76
N GLU EA 88 -20.80 78.35 -16.62
CA GLU EA 88 -21.13 78.00 -18.00
C GLU EA 88 -22.01 76.77 -18.05
N ASN EA 89 -21.64 75.74 -17.28
CA ASN EA 89 -22.53 74.60 -17.11
C ASN EA 89 -23.94 75.04 -16.73
N LEU EA 90 -24.03 76.00 -15.82
CA LEU EA 90 -25.34 76.43 -15.33
C LEU EA 90 -26.18 77.02 -16.47
N GLU EA 91 -25.58 77.87 -17.30
CA GLU EA 91 -26.36 78.49 -18.37
C GLU EA 91 -26.75 77.48 -19.44
N GLU EA 92 -25.80 76.65 -19.89
CA GLU EA 92 -26.18 75.61 -20.85
C GLU EA 92 -27.33 74.77 -20.32
N GLU EA 93 -27.18 74.25 -19.10
CA GLU EA 93 -28.25 73.48 -18.47
C GLU EA 93 -29.56 74.24 -18.51
N ALA EA 94 -29.51 75.55 -18.22
CA ALA EA 94 -30.72 76.37 -18.23
C ALA EA 94 -31.37 76.39 -19.60
N THR EA 95 -30.57 76.45 -20.67
CA THR EA 95 -31.15 76.48 -22.00
C THR EA 95 -31.76 75.14 -22.37
N ILE EA 96 -31.03 74.04 -22.11
CA ILE EA 96 -31.51 72.74 -22.54
C ILE EA 96 -32.74 72.29 -21.77
N MET EA 97 -32.78 72.54 -20.47
CA MET EA 97 -33.80 71.91 -19.64
C MET EA 97 -35.08 72.70 -19.52
N LYS EA 98 -35.27 73.78 -20.27
CA LYS EA 98 -36.58 74.42 -20.28
C LYS EA 98 -37.60 73.44 -20.85
N ASP EA 99 -38.63 73.16 -20.05
CA ASP EA 99 -39.73 72.27 -20.39
C ASP EA 99 -40.65 72.13 -19.18
N VAL EA 100 -41.75 71.40 -19.34
CA VAL EA 100 -42.72 71.22 -18.27
C VAL EA 100 -42.09 70.52 -17.07
N PRO EA 101 -41.44 69.33 -17.20
CA PRO EA 101 -40.97 68.64 -16.00
C PRO EA 101 -39.87 69.40 -15.29
N GLY EA 102 -40.23 70.55 -14.72
CA GLY EA 102 -39.24 71.44 -14.15
C GLY EA 102 -38.58 70.88 -12.89
N TRP EA 103 -37.26 70.78 -12.91
CA TRP EA 103 -36.44 70.78 -11.70
C TRP EA 103 -36.05 72.21 -11.32
N LYS EA 104 -36.64 73.19 -11.98
CA LYS EA 104 -36.47 74.64 -11.83
C LYS EA 104 -35.04 75.03 -12.20
N VAL EA 105 -34.44 75.99 -11.47
CA VAL EA 105 -33.11 76.47 -11.77
C VAL EA 105 -32.08 75.54 -11.15
N GLY EA 106 -30.86 75.58 -11.70
CA GLY EA 106 -29.77 74.76 -11.19
C GLY EA 106 -29.61 74.85 -9.69
N GLU EA 107 -29.58 73.70 -9.04
CA GLU EA 107 -29.59 73.62 -7.60
C GLU EA 107 -28.53 72.64 -7.12
N SER EA 108 -28.09 72.82 -5.89
CA SER EA 108 -27.35 71.79 -5.20
C SER EA 108 -28.26 70.60 -4.95
N VAL EA 109 -27.66 69.41 -4.86
CA VAL EA 109 -28.41 68.36 -4.20
C VAL EA 109 -27.68 68.03 -2.92
N PHE EA 110 -28.15 68.65 -1.84
CA PHE EA 110 -27.85 68.36 -0.45
C PHE EA 110 -28.95 69.06 0.33
N HIS EA 111 -29.15 68.66 1.56
CA HIS EA 111 -30.18 69.33 2.33
C HIS EA 111 -29.68 70.62 2.99
N THR EA 112 -28.38 70.89 2.92
CA THR EA 112 -27.80 72.07 3.56
C THR EA 112 -26.97 72.82 2.54
N THR EA 113 -27.26 74.11 2.38
CA THR EA 113 -26.68 74.92 1.32
C THR EA 113 -25.44 75.65 1.85
N ARG EA 114 -24.28 75.27 1.31
CA ARG EA 114 -22.94 75.73 1.65
C ARG EA 114 -22.00 75.13 0.62
N TRP EA 115 -20.80 75.70 0.53
CA TRP EA 115 -19.90 75.33 -0.54
C TRP EA 115 -19.37 73.92 -0.35
N VAL EA 116 -19.36 73.15 -1.43
CA VAL EA 116 -18.79 71.82 -1.46
C VAL EA 116 -18.09 71.65 -2.80
N THR EA 117 -16.91 71.05 -2.78
CA THR EA 117 -16.06 70.98 -3.96
C THR EA 117 -16.80 70.34 -5.13
N PRO EA 118 -16.47 70.69 -6.35
CA PRO EA 118 -17.09 70.03 -7.50
C PRO EA 118 -16.64 68.58 -7.62
N MET EA 119 -17.40 67.80 -8.39
CA MET EA 119 -17.17 66.37 -8.48
C MET EA 119 -16.08 66.01 -9.48
N MET EA 120 -15.74 66.95 -10.38
CA MET EA 120 -14.90 66.75 -11.56
C MET EA 120 -15.70 66.04 -12.65
N GLY EA 121 -16.80 65.41 -12.25
CA GLY EA 121 -17.80 64.98 -13.21
C GLY EA 121 -18.69 66.14 -13.58
N GLU EA 122 -19.07 66.93 -12.57
CA GLU EA 122 -19.90 68.10 -12.82
C GLU EA 122 -19.16 69.09 -13.71
N LEU EA 123 -17.92 69.43 -13.34
CA LEU EA 123 -17.12 70.38 -14.12
C LEU EA 123 -16.98 69.93 -15.56
N TYR EA 124 -16.22 68.87 -15.80
CA TYR EA 124 -15.98 68.41 -17.15
C TYR EA 124 -17.12 67.49 -17.55
N GLY EA 125 -17.90 67.94 -18.50
CA GLY EA 125 -18.94 67.15 -19.11
C GLY EA 125 -19.53 67.98 -20.22
N LEU EA 126 -20.15 67.30 -21.17
CA LEU EA 126 -20.68 67.96 -22.35
C LEU EA 126 -19.58 68.73 -23.09
N ARG EA 127 -18.34 68.33 -22.86
CA ARG EA 127 -17.16 69.15 -23.10
C ARG EA 127 -16.47 68.87 -24.42
N THR EA 128 -17.03 67.98 -25.25
CA THR EA 128 -16.55 67.34 -26.48
C THR EA 128 -15.79 66.05 -26.19
N GLY EA 129 -15.49 65.76 -24.93
CA GLY EA 129 -14.91 64.48 -24.57
C GLY EA 129 -13.43 64.33 -24.86
N GLU EA 130 -12.79 65.32 -25.48
CA GLU EA 130 -11.36 65.21 -25.74
C GLU EA 130 -10.55 65.43 -24.48
N GLU EA 131 -10.84 66.51 -23.76
CA GLU EA 131 -10.03 66.86 -22.60
C GLU EA 131 -10.49 66.16 -21.32
N ILE EA 132 -11.62 65.45 -21.36
CA ILE EA 132 -11.93 64.59 -20.22
C ILE EA 132 -11.00 63.39 -20.22
N LEU EA 133 -10.52 62.99 -21.40
CA LEU EA 133 -9.51 61.95 -21.49
C LEU EA 133 -8.25 62.34 -20.73
N SER EA 134 -7.65 63.47 -21.12
CA SER EA 134 -6.37 63.88 -20.55
C SER EA 134 -6.52 64.43 -19.14
N SER EA 135 -7.68 64.99 -18.82
CA SER EA 135 -7.89 65.50 -17.47
C SER EA 135 -8.17 64.36 -16.49
N THR EA 136 -9.13 63.50 -16.82
CA THR EA 136 -9.51 62.44 -15.89
C THR EA 136 -8.51 61.29 -15.88
N TYR EA 137 -8.18 60.76 -17.05
CA TYR EA 137 -7.17 59.71 -17.17
C TYR EA 137 -5.80 60.26 -17.52
N GLY EA 138 -5.66 61.58 -17.64
CA GLY EA 138 -4.44 62.13 -18.20
C GLY EA 138 -3.23 61.93 -17.33
N PHE EA 139 -3.33 62.31 -16.05
CA PHE EA 139 -2.17 62.25 -15.18
C PHE EA 139 -1.59 60.84 -15.12
N ILE EA 140 -2.44 59.85 -14.88
CA ILE EA 140 -1.97 58.47 -14.91
C ILE EA 140 -1.50 58.17 -16.33
N TRP EA 141 -0.53 57.26 -16.43
CA TRP EA 141 0.34 57.14 -17.60
C TRP EA 141 0.84 58.51 -18.05
N TYR EA 142 1.28 59.30 -17.08
CA TYR EA 142 2.30 60.35 -17.26
C TYR EA 142 1.82 61.34 -18.33
N THR EA 143 2.69 61.82 -19.20
CA THR EA 143 2.34 62.93 -20.09
C THR EA 143 1.54 62.45 -21.29
N SER FA 1 -61.46 -56.75 36.34
CA SER FA 1 -61.48 -55.34 36.68
C SER FA 1 -61.34 -55.13 38.19
N GLY FA 2 -60.76 -56.12 38.87
CA GLY FA 2 -60.64 -56.05 40.31
C GLY FA 2 -59.69 -54.99 40.82
N TYR FA 3 -58.42 -55.07 40.42
CA TYR FA 3 -57.36 -54.18 40.89
C TYR FA 3 -56.06 -54.49 40.16
N THR FA 4 -55.03 -53.74 40.46
CA THR FA 4 -53.70 -54.26 40.23
C THR FA 4 -53.14 -54.76 41.54
N PRO FA 5 -52.65 -56.00 41.60
CA PRO FA 5 -52.08 -56.50 42.87
C PRO FA 5 -51.00 -55.59 43.42
N ASP FA 6 -50.22 -54.97 42.53
CA ASP FA 6 -49.30 -53.93 42.96
C ASP FA 6 -50.04 -52.88 43.78
N GLU FA 7 -51.18 -52.42 43.28
CA GLU FA 7 -51.95 -51.43 44.01
C GLU FA 7 -52.51 -52.00 45.30
N LYS FA 8 -52.74 -53.31 45.36
CA LYS FA 8 -53.16 -53.91 46.61
C LYS FA 8 -52.07 -53.78 47.67
N LEU FA 9 -50.84 -54.13 47.30
CA LEU FA 9 -49.75 -54.01 48.27
C LEU FA 9 -49.50 -52.55 48.64
N ARG FA 10 -49.44 -51.67 47.64
CA ARG FA 10 -49.23 -50.26 47.90
C ARG FA 10 -50.27 -49.73 48.86
N LEU FA 11 -51.55 -49.87 48.52
CA LEU FA 11 -52.63 -49.45 49.41
C LEU FA 11 -52.48 -50.05 50.80
N GLN FA 12 -52.10 -51.33 50.88
CA GLN FA 12 -52.01 -51.99 52.17
C GLN FA 12 -50.97 -51.33 53.06
N GLN FA 13 -49.74 -51.20 52.56
CA GLN FA 13 -48.68 -50.67 53.42
C GLN FA 13 -48.84 -49.17 53.64
N LEU FA 14 -49.49 -48.46 52.70
CA LEU FA 14 -49.91 -47.11 52.99
C LEU FA 14 -50.85 -47.08 54.18
N ARG FA 15 -51.79 -48.04 54.24
CA ARG FA 15 -52.60 -48.18 55.44
C ARG FA 15 -51.71 -48.37 56.67
N GLU FA 16 -50.67 -49.20 56.56
CA GLU FA 16 -49.71 -49.32 57.66
C GLU FA 16 -49.23 -47.94 58.11
N LEU FA 17 -48.84 -47.11 57.15
CA LEU FA 17 -48.32 -45.78 57.50
C LEU FA 17 -49.38 -44.95 58.19
N ARG FA 18 -50.61 -44.97 57.69
CA ARG FA 18 -51.68 -44.24 58.37
C ARG FA 18 -51.87 -44.74 59.79
N ARG FA 19 -51.83 -46.07 59.98
CA ARG FA 19 -51.85 -46.68 61.30
C ARG FA 19 -50.86 -45.98 62.21
N ARG FA 20 -49.57 -46.12 61.89
CA ARG FA 20 -48.53 -45.66 62.79
C ARG FA 20 -48.61 -44.14 62.99
N TRP FA 21 -48.78 -43.40 61.90
CA TRP FA 21 -48.85 -41.95 61.98
C TRP FA 21 -49.98 -41.49 62.89
N LEU FA 22 -51.13 -42.15 62.81
CA LEU FA 22 -52.25 -41.71 63.63
C LEU FA 22 -52.12 -42.21 65.07
N LYS FA 23 -51.52 -43.39 65.28
CA LYS FA 23 -51.13 -43.77 66.63
C LYS FA 23 -50.32 -42.66 67.27
N ASP FA 24 -49.29 -42.20 66.57
CA ASP FA 24 -48.59 -40.99 66.98
C ASP FA 24 -49.55 -39.85 67.24
N GLN FA 25 -50.47 -39.63 66.31
CA GLN FA 25 -51.18 -38.37 66.28
C GLN FA 25 -52.08 -38.20 67.50
N GLU FA 26 -52.67 -39.29 67.99
CA GLU FA 26 -53.36 -39.22 69.28
C GLU FA 26 -52.34 -38.90 70.36
N LEU FA 27 -52.58 -37.83 71.10
CA LEU FA 27 -51.67 -37.41 72.14
C LEU FA 27 -52.42 -37.30 73.46
N SER FA 28 -52.24 -38.26 74.35
CA SER FA 28 -52.41 -37.95 75.76
C SER FA 28 -51.48 -38.76 76.68
N PRO FA 29 -50.17 -38.75 76.47
CA PRO FA 29 -49.27 -39.03 77.59
C PRO FA 29 -49.04 -37.77 78.41
N ARG FA 30 -48.94 -37.95 79.72
CA ARG FA 30 -48.36 -36.93 80.60
C ARG FA 30 -49.09 -35.60 80.50
N GLU FA 31 -50.32 -35.60 80.00
CA GLU FA 31 -51.12 -34.39 79.77
C GLU FA 31 -50.23 -33.29 79.21
N PRO FA 32 -49.83 -33.38 77.94
CA PRO FA 32 -48.66 -32.61 77.47
C PRO FA 32 -48.76 -31.12 77.69
N VAL FA 33 -49.96 -30.57 77.87
CA VAL FA 33 -50.06 -29.15 78.14
C VAL FA 33 -49.49 -28.89 79.52
N LEU FA 34 -48.44 -28.06 79.57
CA LEU FA 34 -47.71 -27.78 80.81
C LEU FA 34 -47.22 -26.34 80.79
N PRO FA 35 -48.14 -25.39 80.82
CA PRO FA 35 -47.86 -24.05 80.27
C PRO FA 35 -46.72 -23.35 81.00
N PRO FA 36 -46.71 -23.31 82.35
CA PRO FA 36 -45.58 -22.63 83.00
C PRO FA 36 -44.35 -23.52 83.07
N ARG FA 37 -43.35 -23.05 83.80
CA ARG FA 37 -42.20 -23.87 84.14
C ARG FA 37 -41.71 -23.42 85.51
N THR FA 63 -73.55 -16.90 96.82
CA THR FA 63 -74.48 -16.96 95.70
C THR FA 63 -74.81 -15.55 95.21
N TYR FA 64 -75.06 -14.65 96.15
CA TYR FA 64 -75.44 -13.28 95.82
C TYR FA 64 -74.23 -12.45 95.39
N ARG FA 65 -73.26 -12.29 96.28
CA ARG FA 65 -72.17 -11.33 96.15
C ARG FA 65 -71.51 -11.32 94.76
N HIS FA 66 -71.34 -12.49 94.15
CA HIS FA 66 -70.82 -12.51 92.79
C HIS FA 66 -71.77 -11.86 91.80
N SER FA 67 -73.07 -12.17 91.91
CA SER FA 67 -74.06 -11.56 91.05
C SER FA 67 -74.25 -10.08 91.36
N ILE FA 68 -73.94 -9.64 92.57
CA ILE FA 68 -73.92 -8.21 92.86
C ILE FA 68 -72.64 -7.57 92.36
N PHE FA 69 -71.59 -8.36 92.13
CA PHE FA 69 -70.39 -7.82 91.49
C PHE FA 69 -70.59 -7.66 89.98
N ALA FA 70 -71.31 -8.59 89.36
CA ALA FA 70 -71.75 -8.33 88.00
C ALA FA 70 -72.79 -7.21 87.96
N PHE FA 71 -73.60 -7.09 89.01
CA PHE FA 71 -74.48 -5.94 89.13
C PHE FA 71 -73.69 -4.65 89.29
N THR FA 72 -72.46 -4.73 89.78
CA THR FA 72 -71.57 -3.57 89.67
C THR FA 72 -71.10 -3.41 88.24
N HIS FA 73 -70.71 -4.52 87.59
CA HIS FA 73 -70.30 -4.44 86.19
C HIS FA 73 -71.32 -3.70 85.35
N VAL FA 74 -72.61 -3.86 85.65
CA VAL FA 74 -73.60 -3.02 84.98
C VAL FA 74 -73.73 -1.66 85.66
N LEU FA 75 -73.47 -1.58 86.97
CA LEU FA 75 -73.80 -0.37 87.72
C LEU FA 75 -72.80 0.76 87.49
N ILE FA 76 -71.52 0.45 87.36
CA ILE FA 76 -70.53 1.48 87.05
C ILE FA 76 -70.89 2.23 85.78
N PRO FA 77 -71.31 1.59 84.69
CA PRO FA 77 -71.87 2.36 83.56
C PRO FA 77 -72.99 3.28 83.97
N VAL FA 78 -73.79 2.90 84.97
CA VAL FA 78 -74.86 3.79 85.42
C VAL FA 78 -74.26 5.03 86.08
N TRP FA 79 -73.26 4.81 86.94
CA TRP FA 79 -72.54 5.91 87.55
C TRP FA 79 -71.96 6.85 86.51
N ILE FA 80 -71.03 6.36 85.68
CA ILE FA 80 -70.41 7.24 84.69
C ILE FA 80 -71.47 7.88 83.82
N ILE FA 81 -72.17 7.07 83.00
CA ILE FA 81 -73.08 7.61 82.00
C ILE FA 81 -74.05 8.60 82.63
N HIS FA 82 -74.63 8.20 83.76
CA HIS FA 82 -75.60 9.08 84.42
C HIS FA 82 -74.95 10.37 84.87
N TYR FA 83 -73.68 10.30 85.29
CA TYR FA 83 -72.95 11.50 85.64
C TYR FA 83 -72.72 12.38 84.40
N TYR FA 84 -72.25 11.74 83.33
CA TYR FA 84 -72.06 12.41 82.05
C TYR FA 84 -73.30 13.18 81.64
N LEU FA 85 -74.46 12.63 81.92
CA LEU FA 85 -75.69 13.34 81.62
C LEU FA 85 -76.07 14.36 82.68
N LYS FA 86 -75.69 14.15 83.93
CA LYS FA 86 -76.02 15.12 84.97
C LYS FA 86 -75.30 16.43 84.76
N TYR FA 87 -74.01 16.40 84.42
CA TYR FA 87 -73.42 17.68 84.03
C TYR FA 87 -73.75 18.01 82.58
N HIS FA 88 -73.81 16.98 81.73
CA HIS FA 88 -73.98 17.19 80.29
C HIS FA 88 -75.21 18.00 79.95
N VAL FA 89 -76.39 17.54 80.38
CA VAL FA 89 -77.65 18.14 79.94
C VAL FA 89 -77.64 19.65 80.17
N THR FA 90 -77.19 20.06 81.36
CA THR FA 90 -77.13 21.47 81.67
C THR FA 90 -76.12 22.21 80.82
N THR FA 91 -75.01 21.55 80.48
CA THR FA 91 -73.93 22.24 79.79
C THR FA 91 -74.29 22.62 78.36
N LYS FA 92 -75.25 21.91 77.75
CA LYS FA 92 -75.50 22.20 76.35
C LYS FA 92 -76.98 22.41 76.10
N PRO FA 93 -77.33 23.37 75.24
CA PRO FA 93 -78.72 23.88 75.24
C PRO FA 93 -79.77 22.88 74.83
N TYR FA 94 -79.57 22.17 73.73
CA TYR FA 94 -80.57 21.25 73.20
C TYR FA 94 -80.00 19.84 73.17
N THR FA 95 -80.68 18.94 73.87
CA THR FA 95 -80.46 17.51 74.01
C THR FA 95 -81.58 17.01 74.89
N ILE FA 96 -81.69 15.68 74.98
CA ILE FA 96 -82.73 14.96 75.73
C ILE FA 96 -84.10 15.61 75.51
N VAL FA 97 -84.36 16.06 74.29
CA VAL FA 97 -85.62 16.75 74.04
C VAL FA 97 -86.73 15.71 73.95
N GLU FA 98 -87.72 15.81 74.85
CA GLU FA 98 -88.72 14.77 75.00
C GLU FA 98 -90.08 15.26 74.53
N LYS FA 99 -90.90 14.32 74.09
CA LYS FA 99 -92.27 14.66 73.71
C LYS FA 99 -93.00 15.18 74.93
N LYS FA 100 -93.64 16.35 74.77
CA LYS FA 100 -94.36 16.96 75.87
C LYS FA 100 -95.34 15.95 76.48
N PRO FA 101 -95.29 15.73 77.78
CA PRO FA 101 -96.10 14.67 78.38
C PRO FA 101 -97.56 14.79 78.01
N ARG FA 102 -98.17 13.65 77.68
CA ARG FA 102 -99.56 13.62 77.27
C ARG FA 102 -100.45 14.19 78.37
N ILE FA 103 -101.25 15.19 78.02
CA ILE FA 103 -102.12 15.88 78.96
C ILE FA 103 -103.56 15.49 78.68
N PHE FA 104 -104.32 15.22 79.75
CA PHE FA 104 -105.71 14.88 79.54
C PHE FA 104 -106.65 15.93 80.12
N PRO FA 105 -107.79 16.14 79.48
CA PRO FA 105 -108.84 16.95 80.10
C PRO FA 105 -109.30 16.44 81.44
N GLY FA 106 -109.02 15.18 81.77
CA GLY FA 106 -109.21 14.73 83.14
C GLY FA 106 -108.48 15.62 84.12
N ASP FA 107 -107.21 15.88 83.86
CA ASP FA 107 -106.50 16.98 84.50
C ASP FA 107 -106.97 18.30 83.90
N THR FA 108 -106.70 19.38 84.62
CA THR FA 108 -107.15 20.73 84.25
C THR FA 108 -108.67 20.70 84.16
N ILE FA 109 -109.28 20.95 83.01
CA ILE FA 109 -110.73 21.16 82.92
C ILE FA 109 -111.29 20.19 81.89
N LEU FA 110 -112.34 19.47 82.27
CA LEU FA 110 -112.94 18.44 81.43
C LEU FA 110 -114.31 18.89 80.94
N GLU FA 111 -114.57 18.72 79.64
CA GLU FA 111 -115.85 19.04 79.04
C GLU FA 111 -116.32 17.83 78.23
N THR FA 112 -117.39 17.18 78.67
CA THR FA 112 -117.90 16.01 77.95
C THR FA 112 -119.39 16.09 77.67
N GLY FA 113 -120.20 15.94 78.71
CA GLY FA 113 -121.63 15.82 78.51
C GLY FA 113 -121.98 14.55 77.76
N GLU FA 114 -121.57 13.40 78.29
CA GLU FA 114 -121.75 12.12 77.60
C GLU FA 114 -122.53 11.13 78.44
N VAL FA 115 -123.13 10.17 77.74
CA VAL FA 115 -123.89 9.05 78.31
C VAL FA 115 -124.15 8.12 77.12
N ILE FA 116 -124.83 6.99 77.35
CA ILE FA 116 -125.33 6.07 76.30
C ILE FA 116 -124.12 5.45 75.56
N PRO FA 117 -124.34 4.47 74.67
CA PRO FA 117 -125.52 3.74 74.14
C PRO FA 117 -126.28 2.75 75.04
N PRO FA 118 -125.60 1.91 75.87
CA PRO FA 118 -126.51 1.08 76.65
C PRO FA 118 -126.31 1.21 78.16
N ALA GA 5 -115.88 20.14 56.97
CA ALA GA 5 -116.10 20.57 55.60
C ALA GA 5 -117.41 21.35 55.50
N ARG GA 6 -117.82 21.97 56.60
CA ARG GA 6 -119.05 22.74 56.60
C ARG GA 6 -118.86 24.12 55.96
N ARG GA 7 -117.67 24.70 56.06
CA ARG GA 7 -117.42 26.03 55.55
C ARG GA 7 -116.04 26.08 54.89
N TYR GA 8 -115.81 27.15 54.12
CA TYR GA 8 -114.51 27.37 53.53
C TYR GA 8 -113.53 28.05 54.47
N LEU GA 9 -114.03 28.74 55.49
CA LEU GA 9 -113.20 29.54 56.39
C LEU GA 9 -112.28 30.44 55.58
N GLY GA 10 -111.02 30.54 55.97
CA GLY GA 10 -110.07 31.31 55.19
C GLY GA 10 -108.63 31.03 55.57
N ASP GA 11 -107.71 31.25 54.63
CA ASP GA 11 -106.29 31.09 54.91
C ASP GA 11 -105.69 32.29 55.62
N ALA GA 12 -106.42 33.40 55.72
CA ALA GA 12 -105.98 34.56 56.47
C ALA GA 12 -105.89 34.28 57.96
N SER GA 13 -106.37 33.13 58.42
CA SER GA 13 -106.20 32.67 59.78
C SER GA 13 -104.77 32.26 60.09
N VAL GA 14 -103.89 32.28 59.08
CA VAL GA 14 -102.46 32.02 59.21
C VAL GA 14 -102.25 30.52 59.39
N GLU GA 15 -103.33 29.75 59.38
CA GLU GA 15 -103.24 28.33 59.70
C GLU GA 15 -103.41 27.46 58.47
N PRO GA 16 -102.34 26.89 57.91
CA PRO GA 16 -102.48 25.66 57.14
C PRO GA 16 -102.56 24.47 58.07
N GLU GA 17 -103.44 23.52 57.74
CA GLU GA 17 -103.32 22.18 58.34
C GLU GA 17 -103.70 22.24 59.82
N PRO GA 18 -103.70 21.10 60.57
CA PRO GA 18 -104.81 20.82 61.50
C PRO GA 18 -105.44 21.96 62.29
N LEU GA 19 -104.75 23.06 62.61
CA LEU GA 19 -105.52 24.21 63.08
C LEU GA 19 -106.58 24.58 62.06
N ARG GA 20 -106.26 24.40 60.79
CA ARG GA 20 -107.26 24.27 59.75
C ARG GA 20 -107.32 22.79 59.41
N MET GA 21 -108.36 22.13 59.89
CA MET GA 21 -108.69 20.77 59.48
C MET GA 21 -109.41 20.95 58.14
N PRO GA 22 -109.99 19.92 57.52
CA PRO GA 22 -110.88 20.22 56.37
C PRO GA 22 -111.91 21.26 56.77
N THR GA 23 -112.53 21.06 57.93
CA THR GA 23 -112.85 22.09 58.90
C THR GA 23 -112.71 21.43 60.26
N PHE GA 24 -112.95 22.20 61.32
CA PHE GA 24 -112.94 21.61 62.66
C PHE GA 24 -113.66 20.27 62.74
N PRO GA 25 -114.79 20.06 62.08
CA PRO GA 25 -115.29 18.68 61.89
C PRO GA 25 -114.41 17.91 60.93
N PRO GA 26 -114.03 16.67 61.29
CA PRO GA 26 -113.01 15.97 60.50
C PRO GA 26 -113.46 15.52 59.13
N ASP GA 27 -114.71 15.08 58.96
CA ASP GA 27 -115.07 14.27 57.79
C ASP GA 27 -115.99 15.03 56.83
N TYR GA 28 -117.25 15.24 57.19
CA TYR GA 28 -118.26 15.70 56.24
C TYR GA 28 -118.94 17.00 56.65
N GLY GA 29 -119.64 17.03 57.78
CA GLY GA 29 -120.31 18.23 58.24
C GLY GA 29 -121.82 18.21 58.14
N PHE GA 30 -122.40 17.33 57.31
CA PHE GA 30 -123.81 16.96 57.41
C PHE GA 30 -124.72 18.18 57.28
N PRO GA 31 -124.71 18.92 56.15
CA PRO GA 31 -125.70 19.99 56.03
C PRO GA 31 -127.11 19.45 56.02
N GLU GA 32 -127.39 18.55 55.06
CA GLU GA 32 -128.37 17.47 55.15
C GLU GA 32 -129.61 17.85 55.93
N ARG GA 33 -129.88 17.13 57.01
CA ARG GA 33 -131.00 17.46 57.90
C ARG GA 33 -130.55 18.45 58.97
N LYS GA 34 -129.80 17.97 59.96
CA LYS GA 34 -129.45 18.75 61.14
C LYS GA 34 -127.98 18.58 61.50
N GLU GA 35 -127.22 19.67 61.37
CA GLU GA 35 -125.93 19.93 62.03
C GLU GA 35 -124.94 18.76 62.00
N ARG GA 36 -124.18 18.61 63.09
CA ARG GA 36 -123.29 17.49 63.32
C ARG GA 36 -123.12 17.33 64.82
N GLU GA 37 -122.92 16.09 65.26
CA GLU GA 37 -123.16 15.77 66.66
C GLU GA 37 -122.10 16.39 67.57
N MET GA 38 -122.56 17.18 68.55
CA MET GA 38 -121.82 17.64 69.73
C MET GA 38 -120.48 18.23 69.27
N VAL GA 39 -119.37 17.93 69.96
CA VAL GA 39 -118.10 18.60 69.73
C VAL GA 39 -117.05 18.01 70.66
N ALA GA 40 -115.78 18.14 70.30
CA ALA GA 40 -114.67 17.87 71.20
C ALA GA 40 -113.66 18.99 71.02
N THR GA 41 -113.37 19.71 72.11
CA THR GA 41 -112.60 20.94 72.03
C THR GA 41 -111.25 20.70 71.38
N GLN GA 42 -110.94 21.52 70.36
CA GLN GA 42 -109.70 21.35 69.61
C GLN GA 42 -108.47 21.51 70.49
N GLN GA 43 -108.54 22.37 71.50
CA GLN GA 43 -107.38 22.58 72.37
C GLN GA 43 -107.09 21.34 73.19
N GLU GA 44 -108.09 20.81 73.89
CA GLU GA 44 -107.93 19.51 74.54
C GLU GA 44 -107.47 18.47 73.53
N MET GA 45 -108.07 18.49 72.34
CA MET GA 45 -107.74 17.53 71.30
C MET GA 45 -106.27 17.58 70.92
N ASN GA 46 -105.63 18.75 71.06
CA ASN GA 46 -104.20 18.83 70.83
C ASN GA 46 -103.41 18.42 72.07
N ASP GA 47 -103.83 18.89 73.25
CA ASP GA 47 -103.02 18.67 74.44
C ASP GA 47 -103.06 17.23 74.92
N ALA GA 48 -103.99 16.42 74.42
CA ALA GA 48 -103.75 15.00 74.31
C ALA GA 48 -103.50 14.78 72.83
N GLN GA 49 -102.23 14.57 72.47
CA GLN GA 49 -101.88 14.61 71.05
C GLN GA 49 -102.48 13.39 70.37
N LEU GA 50 -103.28 13.65 69.35
CA LEU GA 50 -103.97 12.60 68.61
C LEU GA 50 -103.55 12.67 67.16
N VAL GA 51 -103.09 11.54 66.64
CA VAL GA 51 -102.73 11.46 65.23
C VAL GA 51 -103.92 11.88 64.39
N LEU GA 52 -103.65 12.60 63.30
CA LEU GA 52 -104.72 12.88 62.36
C LEU GA 52 -105.28 11.56 61.85
N GLN GA 53 -106.57 11.57 61.53
CA GLN GA 53 -107.25 10.40 60.98
C GLN GA 53 -107.42 9.34 62.06
N GLN GA 54 -106.71 9.51 63.18
CA GLN GA 54 -107.18 9.00 64.46
C GLN GA 54 -108.13 9.99 65.09
N ARG GA 55 -108.14 11.22 64.59
CA ARG GA 55 -108.87 12.33 65.20
C ARG GA 55 -110.16 12.55 64.43
N ASP GA 56 -111.28 12.19 65.06
CA ASP GA 56 -112.61 12.28 64.48
C ASP GA 56 -113.58 12.63 65.59
N TYR GA 57 -114.88 12.52 65.30
CA TYR GA 57 -115.83 12.45 66.39
C TYR GA 57 -115.66 11.11 67.10
N CYS GA 58 -116.48 10.92 68.13
CA CYS GA 58 -116.39 9.81 69.08
C CYS GA 58 -115.19 9.95 70.00
N ALA GA 59 -114.34 10.96 69.81
CA ALA GA 59 -113.16 11.14 70.65
C ALA GA 59 -113.54 11.25 72.12
N HIS GA 60 -114.80 11.56 72.42
CA HIS GA 60 -115.38 11.48 73.74
C HIS GA 60 -114.98 10.15 74.37
N TYR GA 61 -115.05 9.10 73.55
CA TYR GA 61 -114.65 7.77 73.98
C TYR GA 61 -113.14 7.61 73.97
N LEU GA 62 -112.54 7.79 72.79
CA LEU GA 62 -111.11 7.57 72.59
C LEU GA 62 -110.28 8.15 73.73
N ILE GA 63 -110.37 9.46 73.92
CA ILE GA 63 -109.53 10.11 74.92
C ILE GA 63 -109.75 9.52 76.30
N ARG GA 64 -110.95 9.00 76.56
CA ARG GA 64 -111.16 8.26 77.81
C ARG GA 64 -110.43 6.93 77.80
N PHE GA 65 -110.32 6.29 76.65
CA PHE GA 65 -109.53 5.07 76.60
C PHE GA 65 -108.06 5.37 76.89
N LEU GA 66 -107.54 6.42 76.26
CA LEU GA 66 -106.18 6.86 76.56
C LEU GA 66 -106.04 7.21 78.04
N LYS GA 67 -107.12 7.66 78.69
CA LYS GA 67 -107.12 7.67 80.14
C LYS GA 67 -106.89 6.27 80.69
N CYS GA 68 -107.70 5.30 80.23
CA CYS GA 68 -107.72 4.00 80.89
C CYS GA 68 -106.39 3.28 80.81
N LYS GA 69 -105.63 3.46 79.73
CA LYS GA 69 -104.28 2.91 79.72
C LYS GA 69 -103.46 3.46 80.87
N ARG GA 70 -103.22 4.76 80.90
CA ARG GA 70 -102.48 5.29 82.03
C ARG GA 70 -103.31 5.31 83.31
N ASP GA 71 -104.60 4.99 83.25
CA ASP GA 71 -105.36 4.82 84.48
C ASP GA 71 -104.69 3.77 85.35
N SER GA 72 -104.73 2.51 84.93
CA SER GA 72 -104.03 1.43 85.61
C SER GA 72 -102.93 0.95 84.70
N PHE GA 73 -101.68 1.33 85.01
CA PHE GA 73 -100.57 0.94 84.15
C PHE GA 73 -100.26 -0.55 84.23
N PRO GA 74 -99.98 -1.14 85.39
CA PRO GA 74 -99.55 -2.54 85.39
C PRO GA 74 -100.60 -3.49 84.85
N ASN GA 75 -101.88 -3.16 84.99
CA ASN GA 75 -102.92 -3.94 84.32
C ASN GA 75 -102.72 -3.87 82.81
N PHE GA 76 -102.64 -5.04 82.19
CA PHE GA 76 -102.64 -5.05 80.73
C PHE GA 76 -104.05 -4.92 80.17
N LEU GA 77 -105.01 -5.61 80.79
CA LEU GA 77 -106.36 -5.61 80.24
C LEU GA 77 -107.05 -4.27 80.44
N ALA GA 78 -107.05 -3.76 81.66
CA ALA GA 78 -107.66 -2.48 81.98
C ALA GA 78 -109.11 -2.42 81.51
N CYS GA 79 -109.43 -1.47 80.63
CA CYS GA 79 -110.78 -1.32 80.11
C CYS GA 79 -110.86 -2.06 78.79
N LYS GA 80 -111.62 -3.15 78.75
CA LYS GA 80 -112.10 -3.61 77.48
C LYS GA 80 -113.40 -2.89 77.11
N HIS GA 81 -114.03 -2.24 78.08
CA HIS GA 81 -115.33 -1.64 77.85
C HIS GA 81 -115.22 -0.36 77.02
N GLU GA 82 -114.32 0.55 77.39
CA GLU GA 82 -114.17 1.78 76.63
C GLU GA 82 -113.61 1.50 75.24
N GLN GA 83 -112.70 0.53 75.16
CA GLN GA 83 -112.27 0.00 73.87
C GLN GA 83 -113.48 -0.31 73.00
N HIS GA 84 -114.40 -1.11 73.53
CA HIS GA 84 -115.64 -1.40 72.84
C HIS GA 84 -116.54 -0.18 72.71
N ASP GA 85 -116.26 0.89 73.46
CA ASP GA 85 -117.11 2.07 73.40
C ASP GA 85 -116.81 2.89 72.15
N TRP GA 86 -115.53 3.14 71.88
CA TRP GA 86 -115.25 3.81 70.62
C TRP GA 86 -115.32 2.84 69.45
N ASP GA 87 -115.09 1.56 69.72
CA ASP GA 87 -115.45 0.54 68.74
C ASP GA 87 -116.91 0.66 68.34
N TYR GA 88 -117.80 0.88 69.29
CA TYR GA 88 -119.23 0.97 68.99
C TYR GA 88 -119.56 2.28 68.30
N CYS GA 89 -119.06 3.39 68.83
CA CYS GA 89 -119.39 4.69 68.27
C CYS GA 89 -118.93 4.79 66.82
N GLU GA 90 -117.70 4.35 66.56
CA GLU GA 90 -117.21 4.40 65.19
C GLU GA 90 -117.76 3.26 64.34
N HIS GA 91 -118.18 2.16 64.96
CA HIS GA 91 -119.05 1.21 64.27
C HIS GA 91 -120.22 1.95 63.66
N LEU GA 92 -121.04 2.54 64.53
CA LEU GA 92 -122.22 3.29 64.09
C LEU GA 92 -121.87 4.36 63.07
N ASP GA 93 -120.70 4.97 63.20
CA ASP GA 93 -120.35 6.05 62.27
C ASP GA 93 -120.01 5.50 60.88
N TYR GA 94 -119.12 4.51 60.81
CA TYR GA 94 -118.82 3.88 59.54
C TYR GA 94 -120.09 3.35 58.90
N VAL GA 95 -121.01 2.82 59.72
CA VAL GA 95 -122.33 2.47 59.24
C VAL GA 95 -123.07 3.69 58.71
N LYS GA 96 -122.83 4.86 59.31
CA LYS GA 96 -123.46 6.07 58.76
C LYS GA 96 -122.94 6.32 57.36
N ARG GA 97 -121.61 6.26 57.15
CA ARG GA 97 -121.12 6.46 55.80
C ARG GA 97 -121.64 5.37 54.86
N MET GA 98 -121.91 4.17 55.40
CA MET GA 98 -122.67 3.18 54.64
C MET GA 98 -124.01 3.76 54.21
N LYS GA 99 -124.72 4.42 55.12
CA LYS GA 99 -126.01 4.97 54.79
C LYS GA 99 -125.90 6.09 53.76
N GLU GA 100 -124.76 6.78 53.73
CA GLU GA 100 -124.54 7.78 52.71
C GLU GA 100 -124.32 7.13 51.35
N PHE GA 101 -123.55 6.04 51.33
CA PHE GA 101 -123.47 5.17 50.16
C PHE GA 101 -124.87 4.84 49.66
N GLU GA 102 -125.76 4.43 50.59
CA GLU GA 102 -127.13 4.07 50.21
C GLU GA 102 -127.86 5.26 49.60
N ARG GA 103 -127.93 6.36 50.35
CA ARG GA 103 -128.65 7.55 49.92
C ARG GA 103 -128.23 7.96 48.52
N GLU GA 104 -126.93 7.99 48.28
CA GLU GA 104 -126.49 8.50 46.99
C GLU GA 104 -126.70 7.49 45.88
N ARG GA 105 -126.47 6.21 46.15
CA ARG GA 105 -126.73 5.20 45.12
C ARG GA 105 -128.19 5.26 44.67
N ARG GA 106 -129.12 5.30 45.64
CA ARG GA 106 -130.53 5.34 45.28
C ARG GA 106 -130.91 6.65 44.61
N LEU GA 107 -130.32 7.78 45.02
CA LEU GA 107 -130.56 9.02 44.29
C LEU GA 107 -130.12 8.90 42.85
N LEU GA 108 -128.95 8.30 42.61
CA LEU GA 108 -128.54 7.98 41.24
C LEU GA 108 -129.63 7.24 40.51
N GLN GA 109 -129.99 6.04 41.00
CA GLN GA 109 -130.96 5.23 40.29
C GLN GA 109 -132.25 6.00 40.01
N ARG GA 110 -132.77 6.70 41.03
CA ARG GA 110 -134.06 7.36 40.92
C ARG GA 110 -134.04 8.48 39.89
N LYS GA 111 -133.13 9.45 40.07
CA LYS GA 111 -133.18 10.63 39.22
C LYS GA 111 -132.56 10.37 37.85
N LYS GA 112 -131.49 9.59 37.79
CA LYS GA 112 -131.01 9.03 36.52
C LYS GA 112 -132.15 8.41 35.74
N ARG GA 113 -132.66 7.27 36.21
CA ARG GA 113 -133.64 6.52 35.44
C ARG GA 113 -134.89 7.36 35.16
N ARG GA 114 -135.60 7.77 36.22
CA ARG GA 114 -136.83 8.54 36.04
C ARG GA 114 -136.64 9.72 35.09
N GLU GA 115 -135.62 10.55 35.36
CA GLU GA 115 -135.51 11.79 34.62
C GLU GA 115 -135.00 11.57 33.20
N GLN GA 116 -134.18 10.53 32.99
CA GLN GA 116 -133.72 10.19 31.65
C GLN GA 116 -134.88 9.71 30.79
N ARG GA 117 -135.60 8.68 31.24
CA ARG GA 117 -136.64 8.09 30.40
C ARG GA 117 -137.84 9.03 30.27
N GLU GA 118 -138.37 9.49 31.40
CA GLU GA 118 -139.50 10.40 31.37
C GLU GA 118 -139.12 11.77 30.80
N ALA GA 119 -137.83 12.07 30.71
CA ALA GA 119 -137.40 13.21 29.92
C ALA GA 119 -137.33 12.86 28.43
N ASP GA 120 -137.10 11.60 28.10
CA ASP GA 120 -136.96 11.15 26.73
C ASP GA 120 -138.28 10.75 26.10
N MET GA 121 -139.40 10.86 26.83
CA MET GA 121 -140.70 10.54 26.27
C MET GA 121 -140.99 11.36 25.02
N ALA GA 122 -140.96 12.69 25.14
CA ALA GA 122 -141.30 13.56 24.03
C ALA GA 122 -140.13 13.70 23.06
N LEU HA 9 -64.41 -45.80 30.80
CA LEU HA 9 -64.81 -45.49 29.43
C LEU HA 9 -65.40 -46.72 28.74
N THR HA 10 -65.04 -47.89 29.25
CA THR HA 10 -65.51 -49.14 28.66
C THR HA 10 -67.00 -49.32 28.92
N HIS HA 11 -67.63 -50.19 28.12
CA HIS HA 11 -69.06 -50.47 28.26
C HIS HA 11 -69.43 -50.72 29.71
N GLN HA 12 -68.55 -51.41 30.45
CA GLN HA 12 -68.76 -51.69 31.85
C GLN HA 12 -69.17 -50.46 32.65
N GLN HA 13 -68.25 -49.51 32.84
CA GLN HA 13 -68.55 -48.37 33.70
C GLN HA 13 -69.58 -47.45 33.07
N LYS HA 14 -69.69 -47.44 31.75
CA LYS HA 14 -70.75 -46.68 31.11
C LYS HA 14 -72.12 -47.16 31.60
N VAL HA 15 -72.45 -48.41 31.28
CA VAL HA 15 -73.71 -49.00 31.73
C VAL HA 15 -73.88 -48.86 33.23
N LEU HA 16 -72.85 -49.28 33.98
CA LEU HA 16 -72.98 -49.32 35.43
C LEU HA 16 -73.20 -47.94 36.02
N GLN HA 17 -72.55 -46.92 35.46
CA GLN HA 17 -72.81 -45.55 35.90
C GLN HA 17 -74.25 -45.15 35.63
N LEU HA 18 -74.73 -45.38 34.41
CA LEU HA 18 -76.11 -45.01 34.12
C LEU HA 18 -77.06 -45.70 35.09
N TYR HA 19 -76.82 -46.98 35.37
CA TYR HA 19 -77.60 -47.69 36.38
C TYR HA 19 -77.53 -46.98 37.73
N LYS HA 20 -76.32 -46.69 38.19
CA LYS HA 20 -76.15 -46.16 39.53
C LYS HA 20 -76.85 -44.83 39.70
N ARG HA 21 -76.49 -43.84 38.88
CA ARG HA 21 -77.13 -42.54 39.05
C ARG HA 21 -78.61 -42.60 38.69
N ALA HA 22 -79.02 -43.57 37.88
CA ALA HA 22 -80.45 -43.80 37.69
C ALA HA 22 -81.12 -44.14 39.02
N LEU HA 23 -80.51 -45.07 39.77
CA LEU HA 23 -81.01 -45.34 41.11
C LEU HA 23 -80.97 -44.10 41.98
N ARG HA 24 -79.95 -43.24 41.81
CA ARG HA 24 -79.86 -42.03 42.62
C ARG HA 24 -81.03 -41.10 42.37
N HIS HA 25 -81.22 -40.69 41.11
CA HIS HA 25 -82.37 -39.86 40.78
C HIS HA 25 -83.67 -40.52 41.20
N LEU HA 26 -83.75 -41.86 41.11
CA LEU HA 26 -84.96 -42.53 41.54
C LEU HA 26 -85.17 -42.41 43.05
N GLU HA 27 -84.09 -42.54 43.81
CA GLU HA 27 -84.12 -42.23 45.24
C GLU HA 27 -84.75 -40.87 45.46
N SER HA 28 -84.22 -39.86 44.77
CA SER HA 28 -84.72 -38.50 44.96
C SER HA 28 -86.17 -38.38 44.54
N ARG HA 29 -86.61 -39.20 43.59
CA ARG HA 29 -88.01 -39.14 43.16
C ARG HA 29 -88.97 -39.39 44.30
N CYS HA 30 -89.03 -40.63 44.77
CA CYS HA 30 -90.14 -41.03 45.60
C CYS HA 30 -89.80 -40.94 47.08
N VAL HA 31 -90.71 -41.47 47.91
CA VAL HA 31 -90.69 -41.27 49.35
C VAL HA 31 -91.27 -42.54 49.97
N HIS HA 32 -90.96 -42.75 51.25
CA HIS HA 32 -91.38 -43.90 52.04
C HIS HA 32 -90.67 -45.17 51.61
N ARG HA 33 -89.87 -45.11 50.54
CA ARG HA 33 -88.79 -46.04 50.26
C ARG HA 33 -89.28 -47.38 49.72
N ASP HA 34 -90.55 -47.70 49.95
CA ASP HA 34 -91.10 -48.94 49.39
C ASP HA 34 -91.48 -48.77 47.93
N LYS HA 35 -92.18 -47.69 47.61
CA LYS HA 35 -92.46 -47.40 46.21
C LYS HA 35 -91.16 -47.27 45.44
N TYR HA 36 -90.19 -46.55 46.01
CA TYR HA 36 -88.83 -46.58 45.50
C TYR HA 36 -88.34 -48.00 45.28
N ARG HA 37 -88.63 -48.90 46.23
CA ARG HA 37 -88.21 -50.26 46.04
C ARG HA 37 -88.80 -50.87 44.78
N TYR HA 38 -90.11 -51.12 44.74
CA TYR HA 38 -90.58 -51.95 43.63
C TYR HA 38 -90.48 -51.23 42.30
N PHE HA 39 -90.44 -49.91 42.28
CA PHE HA 39 -90.06 -49.22 41.05
C PHE HA 39 -88.63 -49.58 40.66
N ALA HA 40 -87.69 -49.43 41.61
CA ALA HA 40 -86.31 -49.84 41.36
C ALA HA 40 -86.22 -51.30 40.97
N CYS HA 41 -87.22 -52.10 41.32
CA CYS HA 41 -87.26 -53.49 40.91
C CYS HA 41 -87.66 -53.61 39.46
N LEU HA 42 -88.70 -52.87 39.05
CA LEU HA 42 -89.05 -52.83 37.64
C LEU HA 42 -87.85 -52.39 36.81
N LEU HA 43 -87.07 -51.44 37.32
CA LEU HA 43 -85.84 -51.06 36.62
C LEU HA 43 -84.84 -52.21 36.64
N ARG HA 44 -84.70 -52.88 37.78
CA ARG HA 44 -83.82 -54.03 37.88
C ARG HA 44 -84.13 -55.05 36.79
N ALA HA 45 -85.42 -55.21 36.46
CA ALA HA 45 -85.78 -56.06 35.33
C ALA HA 45 -85.43 -55.38 34.02
N ARG HA 46 -85.58 -54.05 33.97
CA ARG HA 46 -85.36 -53.32 32.73
C ARG HA 46 -83.92 -53.44 32.26
N PHE HA 47 -82.97 -53.49 33.19
CA PHE HA 47 -81.61 -53.86 32.85
C PHE HA 47 -81.34 -55.34 32.99
N ASP HA 48 -82.26 -56.10 33.58
CA ASP HA 48 -82.00 -57.51 33.82
C ASP HA 48 -82.21 -58.32 32.54
N GLU HA 49 -83.22 -57.98 31.75
CA GLU HA 49 -83.34 -58.62 30.44
C GLU HA 49 -82.12 -58.32 29.58
N HIS HA 50 -81.43 -57.23 29.84
CA HIS HA 50 -80.27 -56.81 29.06
C HIS HA 50 -79.11 -57.75 29.36
N LYS HA 51 -77.94 -57.46 28.74
CA LYS HA 51 -76.65 -58.01 29.14
C LYS HA 51 -76.42 -59.46 28.68
N ASN HA 52 -77.47 -60.13 28.24
CA ASN HA 52 -77.36 -61.51 27.79
C ASN HA 52 -77.03 -61.62 26.31
N GLU HA 53 -76.77 -60.51 25.65
CA GLU HA 53 -76.45 -60.48 24.23
C GLU HA 53 -75.08 -59.87 24.05
N LYS HA 54 -74.21 -60.55 23.31
CA LYS HA 54 -72.90 -60.03 22.99
C LYS HA 54 -72.87 -59.31 21.64
N ASP HA 55 -74.02 -59.14 21.00
CA ASP HA 55 -74.09 -58.28 19.83
C ASP HA 55 -73.53 -56.91 20.17
N MET HA 56 -72.78 -56.34 19.22
CA MET HA 56 -71.94 -55.19 19.52
C MET HA 56 -72.70 -53.87 19.39
N VAL HA 57 -73.12 -53.52 18.18
CA VAL HA 57 -73.64 -52.18 17.94
C VAL HA 57 -75.05 -52.02 18.50
N LYS HA 58 -75.87 -53.08 18.41
CA LYS HA 58 -77.22 -53.04 18.96
C LYS HA 58 -77.21 -52.53 20.40
N ALA HA 59 -76.20 -52.93 21.16
CA ALA HA 59 -76.19 -52.64 22.58
C ALA HA 59 -75.98 -51.15 22.81
N THR HA 60 -74.82 -50.62 22.40
CA THR HA 60 -74.52 -49.20 22.58
C THR HA 60 -75.68 -48.33 22.08
N GLN HA 61 -76.28 -48.70 20.95
CA GLN HA 61 -77.49 -48.02 20.49
C GLN HA 61 -78.52 -47.96 21.61
N LEU HA 62 -79.02 -49.12 22.03
CA LEU HA 62 -80.08 -49.13 23.03
C LEU HA 62 -79.67 -48.38 24.28
N LEU HA 63 -78.39 -48.46 24.64
CA LEU HA 63 -77.88 -47.69 25.77
C LEU HA 63 -78.15 -46.20 25.57
N ARG HA 64 -77.67 -45.64 24.46
CA ARG HA 64 -77.92 -44.24 24.17
C ARG HA 64 -79.40 -43.91 24.29
N GLU HA 65 -80.26 -44.81 23.80
CA GLU HA 65 -81.69 -44.59 24.00
C GLU HA 65 -81.99 -44.46 25.49
N ALA HA 66 -81.34 -45.27 26.32
CA ALA HA 66 -81.47 -45.08 27.75
C ALA HA 66 -80.77 -43.82 28.25
N GLU HA 67 -79.94 -43.19 27.42
CA GLU HA 67 -79.30 -41.95 27.82
C GLU HA 67 -80.27 -40.79 27.68
N LYS HA 68 -81.04 -40.77 26.58
CA LYS HA 68 -82.10 -39.78 26.49
C LYS HA 68 -83.22 -40.10 27.48
N GLU HA 69 -83.71 -41.35 27.45
CA GLU HA 69 -84.82 -41.72 28.33
C GLU HA 69 -84.43 -41.53 29.80
N PHE HA 70 -83.16 -41.71 30.13
CA PHE HA 70 -82.69 -41.35 31.45
C PHE HA 70 -82.70 -39.83 31.64
N TRP HA 71 -82.13 -39.11 30.69
CA TRP HA 71 -82.02 -37.66 30.81
C TRP HA 71 -83.39 -37.02 31.04
N HIS HA 72 -84.47 -37.68 30.64
CA HIS HA 72 -85.80 -37.24 31.04
C HIS HA 72 -86.04 -37.40 32.53
N GLY HA 73 -85.38 -38.36 33.17
CA GLY HA 73 -85.69 -38.70 34.55
C GLY HA 73 -84.92 -37.92 35.59
N GLN HA 74 -84.42 -36.75 35.22
CA GLN HA 74 -83.57 -35.94 36.09
C GLN HA 74 -84.38 -34.80 36.69
N HIS HA 75 -84.72 -34.91 38.00
CA HIS HA 75 -85.27 -33.60 38.37
C HIS HA 75 -84.17 -32.71 38.94
N PRO HA 76 -84.30 -31.39 38.78
CA PRO HA 76 -83.12 -30.52 38.88
C PRO HA 76 -82.35 -30.57 40.20
N GLN HA 77 -82.90 -31.13 41.27
CA GLN HA 77 -82.24 -31.12 42.57
C GLN HA 77 -82.04 -32.54 43.09
N PRO HA 78 -81.30 -33.37 42.36
CA PRO HA 78 -81.13 -34.77 42.76
C PRO HA 78 -80.51 -34.82 44.14
N TYR HA 79 -80.85 -35.86 44.89
CA TYR HA 79 -80.32 -35.94 46.25
C TYR HA 79 -78.81 -36.11 46.22
N ILE HA 80 -78.14 -35.33 47.07
CA ILE HA 80 -76.70 -35.32 47.17
C ILE HA 80 -76.36 -35.60 48.63
N PHE HA 81 -75.74 -36.75 48.89
CA PHE HA 81 -75.20 -37.01 50.21
C PHE HA 81 -74.18 -35.94 50.59
N PRO HA 82 -74.03 -35.66 51.87
CA PRO HA 82 -73.35 -34.41 52.27
C PRO HA 82 -71.90 -34.28 51.82
N GLU HA 83 -71.09 -35.33 51.95
CA GLU HA 83 -69.64 -35.13 51.91
C GLU HA 83 -69.13 -34.76 50.52
N SER HA 84 -69.77 -35.23 49.47
CA SER HA 84 -69.30 -34.87 48.14
C SER HA 84 -69.62 -33.42 47.89
N PRO HA 85 -69.22 -32.83 46.76
CA PRO HA 85 -69.65 -31.46 46.47
C PRO HA 85 -71.17 -31.38 46.46
N GLY HA 86 -71.70 -30.46 47.25
CA GLY HA 86 -73.13 -30.40 47.46
C GLY HA 86 -73.44 -29.45 48.59
N GLY HA 87 -74.73 -29.16 48.72
CA GLY HA 87 -75.20 -28.09 49.58
C GLY HA 87 -75.07 -28.32 51.06
N THR HA 88 -74.43 -29.41 51.48
CA THR HA 88 -74.29 -29.64 52.90
C THR HA 88 -72.86 -29.40 53.37
N SER HA 89 -71.91 -30.23 52.94
CA SER HA 89 -70.57 -30.03 53.50
C SER HA 89 -69.51 -29.67 52.48
N TYR HA 90 -68.97 -30.67 51.78
CA TYR HA 90 -67.80 -30.50 50.93
C TYR HA 90 -66.80 -29.56 51.59
N GLU HA 91 -66.16 -30.05 52.66
CA GLU HA 91 -65.19 -29.27 53.43
C GLU HA 91 -65.86 -28.03 54.04
N ARG HA 92 -66.78 -28.29 54.95
CA ARG HA 92 -67.22 -27.23 55.86
C ARG HA 92 -66.05 -26.78 56.72
N TYR HA 93 -65.18 -27.71 57.08
CA TYR HA 93 -64.15 -27.50 58.07
C TYR HA 93 -62.87 -26.97 57.47
N GLU HA 94 -62.88 -26.62 56.19
CA GLU HA 94 -61.63 -26.45 55.46
C GLU HA 94 -60.72 -25.40 56.07
N CYS HA 95 -61.25 -24.45 56.82
CA CYS HA 95 -60.37 -23.52 57.51
C CYS HA 95 -59.63 -24.17 58.68
N TYR HA 96 -59.95 -25.42 59.00
CA TYR HA 96 -59.33 -26.10 60.12
C TYR HA 96 -58.19 -27.02 59.73
N LYS HA 97 -57.88 -27.12 58.45
CA LYS HA 97 -56.84 -28.03 57.98
C LYS HA 97 -55.53 -27.27 57.89
N VAL HA 98 -54.60 -27.57 58.78
CA VAL HA 98 -53.30 -26.90 58.82
C VAL HA 98 -52.24 -27.93 58.45
N PRO HA 99 -51.46 -27.71 57.39
CA PRO HA 99 -50.53 -28.73 56.94
C PRO HA 99 -49.38 -28.91 57.89
N GLU HA 100 -48.88 -30.15 57.96
CA GLU HA 100 -47.84 -30.48 58.94
C GLU HA 100 -46.54 -29.74 58.68
N TRP HA 101 -46.35 -29.13 57.51
CA TRP HA 101 -45.14 -28.34 57.35
C TRP HA 101 -45.23 -27.05 58.14
N CYS HA 102 -46.43 -26.53 58.37
CA CYS HA 102 -46.56 -25.55 59.43
C CYS HA 102 -46.25 -26.26 60.73
N LEU HA 103 -45.89 -25.48 61.75
CA LEU HA 103 -45.43 -26.02 63.02
C LEU HA 103 -44.00 -26.54 62.94
N ASP HA 104 -43.47 -26.68 61.72
CA ASP HA 104 -42.03 -26.89 61.57
C ASP HA 104 -41.28 -25.79 62.28
N ASP HA 105 -41.81 -24.57 62.25
CA ASP HA 105 -41.33 -23.52 63.12
C ASP HA 105 -42.48 -23.02 63.98
N TRP HA 106 -42.44 -23.37 65.25
CA TRP HA 106 -43.05 -22.61 66.33
C TRP HA 106 -41.94 -22.05 67.19
N HIS HA 107 -42.30 -21.28 68.20
CA HIS HA 107 -41.26 -20.80 69.09
C HIS HA 107 -40.77 -21.95 69.96
N PRO HA 108 -39.47 -22.09 70.17
CA PRO HA 108 -38.96 -23.21 70.96
C PRO HA 108 -39.61 -23.34 72.32
N SER HA 109 -40.12 -22.23 72.88
CA SER HA 109 -40.98 -22.33 74.06
C SER HA 109 -42.16 -23.23 73.77
N GLU HA 110 -43.03 -22.81 72.84
CA GLU HA 110 -44.18 -23.63 72.50
C GLU HA 110 -43.77 -24.96 71.89
N LYS HA 111 -42.57 -25.04 71.30
CA LYS HA 111 -42.05 -26.34 70.92
C LYS HA 111 -41.81 -27.19 72.16
N ALA HA 112 -41.60 -26.57 73.30
CA ALA HA 112 -41.54 -27.26 74.58
C ALA HA 112 -42.90 -27.34 75.26
N MET HA 113 -43.92 -26.69 74.71
CA MET HA 113 -45.25 -26.75 75.32
C MET HA 113 -45.76 -28.18 75.32
N TYR HA 114 -45.54 -28.91 74.25
CA TYR HA 114 -45.90 -30.32 74.15
C TYR HA 114 -44.61 -31.10 73.93
N PRO HA 115 -43.88 -31.40 74.99
CA PRO HA 115 -42.53 -31.98 74.81
C PRO HA 115 -42.52 -33.27 74.03
N ASP HA 116 -43.38 -34.23 74.34
CA ASP HA 116 -43.37 -35.48 73.60
C ASP HA 116 -44.51 -35.45 72.60
N TYR HA 117 -44.19 -34.98 71.39
CA TYR HA 117 -44.88 -35.24 70.14
C TYR HA 117 -43.76 -35.34 69.11
N PHE HA 118 -43.03 -34.24 69.05
CA PHE HA 118 -41.87 -34.03 68.20
C PHE HA 118 -40.82 -35.10 68.37
N ALA HA 119 -40.87 -35.89 69.44
CA ALA HA 119 -40.07 -37.10 69.52
C ALA HA 119 -40.40 -38.01 68.35
N LYS HA 120 -41.61 -38.58 68.37
CA LYS HA 120 -42.02 -39.43 67.26
C LYS HA 120 -41.96 -38.67 65.95
N ARG HA 121 -42.40 -37.40 65.94
CA ARG HA 121 -42.31 -36.63 64.71
C ARG HA 121 -40.89 -36.57 64.20
N GLU HA 122 -39.92 -36.51 65.12
CA GLU HA 122 -38.53 -36.55 64.73
C GLU HA 122 -38.16 -37.92 64.19
N GLN HA 123 -38.77 -38.98 64.72
CA GLN HA 123 -38.59 -40.28 64.12
C GLN HA 123 -39.15 -40.34 62.70
N TRP HA 124 -40.14 -39.51 62.39
CA TRP HA 124 -40.60 -39.42 61.02
C TRP HA 124 -39.62 -38.62 60.17
N LYS HA 125 -39.20 -37.47 60.68
CA LYS HA 125 -38.21 -36.65 59.97
C LYS HA 125 -37.00 -37.47 59.60
N LYS HA 126 -36.55 -38.34 60.49
CA LYS HA 126 -35.45 -39.24 60.16
C LYS HA 126 -35.90 -40.38 59.27
N LEU HA 127 -37.13 -40.87 59.47
CA LEU HA 127 -37.64 -41.93 58.60
C LEU HA 127 -37.54 -41.53 57.14
N ARG HA 128 -38.02 -40.34 56.81
CA ARG HA 128 -38.08 -39.90 55.43
C ARG HA 128 -36.92 -39.01 55.03
N ARG HA 129 -36.05 -38.63 55.97
CA ARG HA 129 -34.77 -38.04 55.60
C ARG HA 129 -33.76 -39.11 55.22
N GLU HA 130 -33.72 -40.22 55.97
CA GLU HA 130 -32.96 -41.39 55.56
C GLU HA 130 -33.41 -41.91 54.21
N SER HA 131 -34.66 -41.63 53.84
CA SER HA 131 -35.28 -42.16 52.64
C SER HA 131 -35.06 -41.23 51.46
N TRP HA 132 -35.84 -41.46 50.41
CA TRP HA 132 -35.90 -40.67 49.17
C TRP HA 132 -34.72 -40.97 48.25
N GLU HA 133 -33.63 -41.52 48.77
CA GLU HA 133 -32.64 -42.04 47.84
C GLU HA 133 -33.05 -43.42 47.36
N ARG HA 134 -33.42 -44.30 48.30
CA ARG HA 134 -34.08 -45.55 47.96
C ARG HA 134 -35.27 -45.29 47.03
N GLU HA 135 -36.03 -44.24 47.32
CA GLU HA 135 -37.15 -43.86 46.48
C GLU HA 135 -36.72 -43.49 45.07
N VAL HA 136 -35.82 -42.51 44.95
CA VAL HA 136 -35.45 -42.04 43.62
C VAL HA 136 -34.82 -43.16 42.81
N LYS HA 137 -34.02 -44.02 43.45
CA LYS HA 137 -33.47 -45.16 42.73
C LYS HA 137 -34.59 -46.06 42.21
N GLN HA 138 -35.50 -46.47 43.09
CA GLN HA 138 -36.54 -47.39 42.64
C GLN HA 138 -37.37 -46.78 41.51
N LEU HA 139 -37.72 -45.50 41.62
CA LEU HA 139 -38.56 -44.89 40.61
C LEU HA 139 -37.81 -44.73 39.30
N GLN HA 140 -36.65 -44.07 39.34
CA GLN HA 140 -35.86 -43.88 38.13
C GLN HA 140 -35.57 -45.21 37.45
N GLU HA 141 -35.53 -46.30 38.22
CA GLU HA 141 -35.37 -47.63 37.64
C GLU HA 141 -36.63 -48.07 36.90
N GLU HA 142 -37.77 -48.04 37.60
CA GLU HA 142 -38.96 -48.71 37.09
C GLU HA 142 -39.55 -48.00 35.88
N THR HA 143 -39.51 -46.68 35.87
CA THR HA 143 -40.28 -45.92 34.89
C THR HA 143 -39.86 -46.29 33.48
N PRO HA 144 -40.79 -46.72 32.63
CA PRO HA 144 -40.53 -46.74 31.19
C PRO HA 144 -40.26 -45.33 30.70
N VAL HA 145 -39.66 -45.24 29.51
CA VAL HA 145 -39.08 -43.98 29.05
C VAL HA 145 -40.16 -42.89 29.08
N GLY HA 146 -39.90 -41.83 29.86
CA GLY HA 146 -40.86 -40.77 30.07
C GLY HA 146 -41.91 -41.05 31.15
N GLY HA 147 -42.03 -42.29 31.60
CA GLY HA 147 -43.13 -42.69 32.46
C GLY HA 147 -44.50 -42.30 31.93
N PRO HA 148 -44.75 -42.46 30.63
CA PRO HA 148 -46.00 -41.93 30.06
C PRO HA 148 -47.23 -42.71 30.49
N ARG HA 149 -47.11 -44.03 30.59
CA ARG HA 149 -48.29 -44.88 30.59
C ARG HA 149 -48.95 -45.03 31.94
N THR HA 150 -48.27 -44.68 33.03
CA THR HA 150 -48.71 -45.03 34.36
C THR HA 150 -48.94 -43.79 35.20
N GLU HA 151 -50.15 -43.64 35.72
CA GLU HA 151 -50.42 -42.70 36.79
C GLU HA 151 -50.29 -43.34 38.15
N ALA HA 152 -50.00 -44.63 38.21
CA ALA HA 152 -49.99 -45.34 39.47
C ALA HA 152 -48.64 -45.19 40.16
N LEU HA 153 -48.55 -45.76 41.36
CA LEU HA 153 -47.33 -45.74 42.15
C LEU HA 153 -47.06 -47.12 42.73
N PRO HA 154 -46.30 -47.94 42.03
CA PRO HA 154 -46.08 -49.33 42.45
C PRO HA 154 -45.25 -49.39 43.72
N PRO HA 155 -45.41 -50.43 44.51
CA PRO HA 155 -44.79 -50.48 45.84
C PRO HA 155 -43.28 -50.64 45.82
N ALA HA 156 -42.72 -50.82 47.00
CA ALA HA 156 -41.30 -51.10 47.18
C ALA HA 156 -41.10 -52.56 47.51
N ARG HA 157 -40.11 -53.19 46.89
CA ARG HA 157 -39.87 -54.61 47.10
C ARG HA 157 -39.10 -54.88 48.39
N LYS HA 158 -38.02 -54.15 48.62
CA LYS HA 158 -37.26 -54.30 49.85
C LYS HA 158 -38.08 -53.83 51.04
N GLN HA 159 -37.66 -54.26 52.23
CA GLN HA 159 -38.37 -53.89 53.44
C GLN HA 159 -38.21 -52.40 53.70
N GLY HA 160 -39.32 -51.70 53.78
CA GLY HA 160 -39.27 -50.27 54.03
C GLY HA 160 -40.51 -49.58 53.47
N ASP HA 161 -40.37 -48.27 53.29
CA ASP HA 161 -41.48 -47.39 52.98
C ASP HA 161 -41.93 -47.52 51.54
N LEU HA 162 -43.14 -47.05 51.28
CA LEU HA 162 -43.63 -46.90 49.91
C LEU HA 162 -43.24 -45.53 49.40
N PRO HA 163 -42.58 -45.44 48.27
CA PRO HA 163 -41.64 -44.32 48.05
C PRO HA 163 -42.28 -42.94 48.08
N PRO HA 164 -43.49 -42.61 47.23
CA PRO HA 164 -43.99 -41.24 47.20
C PRO HA 164 -45.03 -40.99 48.30
N LEU HA 165 -44.61 -41.20 49.54
CA LEU HA 165 -45.54 -41.25 50.66
C LEU HA 165 -45.94 -39.88 51.23
N TRP HA 166 -45.10 -38.85 51.12
CA TRP HA 166 -45.11 -37.77 52.09
C TRP HA 166 -46.44 -37.04 52.15
N TRP HA 167 -46.93 -36.56 51.01
CA TRP HA 167 -48.24 -35.90 51.04
C TRP HA 167 -49.36 -36.87 51.33
N HIS HA 168 -49.20 -38.14 50.96
CA HIS HA 168 -50.29 -39.09 51.16
C HIS HA 168 -50.52 -39.43 52.62
N ILE HA 169 -49.71 -38.92 53.53
CA ILE HA 169 -50.03 -38.93 54.95
C ILE HA 169 -50.52 -37.53 55.28
N VAL HA 170 -51.83 -37.40 55.50
CA VAL HA 170 -52.53 -36.14 55.31
C VAL HA 170 -53.07 -35.64 56.63
N THR HA 171 -53.33 -34.34 56.67
CA THR HA 171 -54.25 -33.80 57.66
C THR HA 171 -55.63 -34.38 57.41
N ARG HA 172 -56.22 -34.93 58.45
CA ARG HA 172 -57.46 -35.68 58.31
C ARG HA 172 -58.66 -34.75 58.34
N PRO HA 173 -59.79 -35.20 57.79
CA PRO HA 173 -61.04 -34.45 57.96
C PRO HA 173 -61.43 -34.36 59.43
N ARG HA 174 -62.32 -33.43 59.71
CA ARG HA 174 -62.83 -33.28 61.06
C ARG HA 174 -64.20 -33.92 61.18
N GLY IA 3 -69.28 -35.02 76.85
CA GLY IA 3 -69.02 -36.42 77.13
C GLY IA 3 -70.26 -37.27 77.11
N GLY IA 4 -70.13 -38.53 77.53
CA GLY IA 4 -71.27 -39.43 77.55
C GLY IA 4 -72.28 -39.00 78.59
N ALA IA 5 -73.50 -38.72 78.15
CA ALA IA 5 -74.61 -38.34 79.02
C ALA IA 5 -75.52 -39.52 79.35
N HIS IA 6 -75.10 -40.74 79.01
CA HIS IA 6 -76.00 -41.88 78.81
C HIS IA 6 -76.87 -41.67 77.58
N ILE IA 7 -76.29 -41.01 76.58
CA ILE IA 7 -76.97 -40.77 75.32
C ILE IA 7 -77.25 -42.07 74.58
N GLU IA 8 -76.48 -43.12 74.86
CA GLU IA 8 -76.69 -44.44 74.30
C GLU IA 8 -76.79 -44.36 72.78
N PRO IA 9 -75.68 -44.16 72.08
CA PRO IA 9 -75.74 -44.21 70.62
C PRO IA 9 -76.20 -45.60 70.21
N ARG IA 10 -77.22 -45.66 69.37
CA ARG IA 10 -77.88 -46.91 69.07
C ARG IA 10 -77.98 -47.10 67.56
N TYR IA 11 -77.85 -48.35 67.13
CA TYR IA 11 -77.94 -48.69 65.73
C TYR IA 11 -79.11 -49.63 65.53
N ARG IA 12 -80.13 -49.14 64.84
CA ARG IA 12 -81.29 -49.86 64.32
C ARG IA 12 -82.44 -50.03 65.31
N GLN IA 13 -82.34 -49.60 66.54
CA GLN IA 13 -83.51 -49.71 67.39
C GLN IA 13 -84.03 -48.32 67.73
N PHE IA 14 -85.15 -48.27 68.43
CA PHE IA 14 -85.78 -47.01 68.71
C PHE IA 14 -84.90 -46.17 69.62
N PRO IA 15 -84.60 -44.92 69.25
CA PRO IA 15 -83.75 -44.09 70.10
C PRO IA 15 -84.34 -43.90 71.48
N GLN IA 16 -83.51 -44.17 72.49
CA GLN IA 16 -83.98 -44.02 73.86
C GLN IA 16 -84.31 -42.56 74.15
N LEU IA 17 -85.18 -42.37 75.14
CA LEU IA 17 -85.80 -41.08 75.37
C LEU IA 17 -85.86 -40.79 76.86
N THR IA 18 -85.66 -39.52 77.21
CA THR IA 18 -85.74 -39.09 78.60
C THR IA 18 -87.18 -38.79 78.97
N ARG IA 19 -87.64 -39.41 80.06
CA ARG IA 19 -89.01 -39.24 80.52
C ARG IA 19 -89.37 -37.77 80.66
N SER IA 20 -88.54 -37.01 81.38
CA SER IA 20 -88.82 -35.60 81.61
C SER IA 20 -88.98 -34.81 80.32
N GLN IA 21 -88.39 -35.26 79.22
CA GLN IA 21 -88.50 -34.52 77.97
C GLN IA 21 -89.91 -34.59 77.41
N VAL IA 22 -90.43 -35.81 77.20
CA VAL IA 22 -91.81 -35.91 76.73
C VAL IA 22 -92.75 -35.30 77.76
N ILE IA 23 -92.37 -35.32 79.04
CA ILE IA 23 -93.11 -34.55 80.04
C ILE IA 23 -93.20 -33.08 79.64
N GLN IA 24 -92.06 -32.49 79.30
CA GLN IA 24 -92.03 -31.09 78.90
C GLN IA 24 -92.89 -30.85 77.67
N ALA IA 25 -92.62 -31.58 76.59
CA ALA IA 25 -93.32 -31.36 75.34
C ALA IA 25 -94.82 -31.48 75.51
N GLU IA 26 -95.27 -32.57 76.15
CA GLU IA 26 -96.70 -32.73 76.40
C GLU IA 26 -97.24 -31.56 77.21
N PHE IA 27 -96.50 -31.15 78.24
CA PHE IA 27 -96.91 -29.99 79.02
C PHE IA 27 -97.17 -28.80 78.11
N PHE IA 28 -96.28 -28.53 77.16
CA PHE IA 28 -96.47 -27.37 76.31
C PHE IA 28 -97.55 -27.57 75.26
N SER IA 29 -97.85 -28.80 74.87
CA SER IA 29 -99.06 -29.03 74.10
C SER IA 29 -100.28 -28.57 74.88
N ALA IA 30 -100.40 -29.05 76.11
CA ALA IA 30 -101.49 -28.60 76.98
C ALA IA 30 -101.50 -27.09 77.11
N THR IA 31 -100.31 -26.46 77.10
CA THR IA 31 -100.28 -25.02 77.18
C THR IA 31 -100.88 -24.38 75.93
N MET IA 32 -100.46 -24.87 74.76
CA MET IA 32 -100.93 -24.22 73.54
C MET IA 32 -102.43 -24.31 73.42
N TRP IA 33 -102.99 -25.51 73.59
CA TRP IA 33 -104.42 -25.62 73.32
C TRP IA 33 -105.26 -25.13 74.48
N PHE IA 34 -104.80 -25.36 75.71
CA PHE IA 34 -105.43 -24.72 76.86
C PHE IA 34 -105.56 -23.22 76.64
N TRP IA 35 -104.46 -22.58 76.25
CA TRP IA 35 -104.52 -21.16 75.94
C TRP IA 35 -105.49 -20.87 74.81
N ILE IA 36 -105.38 -21.63 73.71
CA ILE IA 36 -106.01 -21.18 72.48
C ILE IA 36 -107.53 -21.32 72.56
N LEU IA 37 -108.03 -22.43 73.08
CA LEU IA 37 -109.46 -22.55 73.26
C LEU IA 37 -109.92 -21.83 74.52
N TRP IA 38 -109.02 -21.59 75.45
CA TRP IA 38 -109.31 -20.74 76.60
C TRP IA 38 -109.78 -19.39 76.10
N ARG IA 39 -108.86 -18.63 75.50
CA ARG IA 39 -109.27 -17.32 75.02
C ARG IA 39 -110.21 -17.44 73.82
N PHE IA 40 -110.28 -18.59 73.17
CA PHE IA 40 -111.35 -18.78 72.20
C PHE IA 40 -112.70 -18.77 72.88
N TRP IA 41 -112.76 -19.18 74.15
CA TRP IA 41 -113.97 -18.96 74.93
C TRP IA 41 -114.04 -17.54 75.45
N HIS IA 42 -112.90 -16.85 75.49
CA HIS IA 42 -112.89 -15.44 75.86
C HIS IA 42 -112.96 -14.49 74.66
N ASP IA 43 -113.13 -15.01 73.44
CA ASP IA 43 -113.11 -14.13 72.27
C ASP IA 43 -114.33 -14.28 71.36
N SER IA 44 -114.29 -13.60 70.21
CA SER IA 44 -115.33 -13.73 69.20
C SER IA 44 -114.71 -13.54 67.81
N ASP IA 45 -115.19 -14.34 66.85
CA ASP IA 45 -114.81 -14.16 65.45
C ASP IA 45 -115.80 -13.34 64.65
N ALA IA 46 -116.92 -12.94 65.26
CA ALA IA 46 -117.72 -11.81 64.77
C ALA IA 46 -117.91 -10.90 65.96
N VAL IA 47 -117.23 -9.75 65.97
CA VAL IA 47 -116.96 -9.03 67.21
C VAL IA 47 -117.96 -7.90 67.51
N LEU IA 48 -118.78 -7.51 66.55
CA LEU IA 48 -119.67 -6.36 66.75
C LEU IA 48 -120.98 -6.58 66.02
N GLY IA 49 -121.78 -5.52 65.99
CA GLY IA 49 -122.98 -5.54 65.17
C GLY IA 49 -122.65 -5.82 63.72
N HIS IA 50 -123.58 -6.50 63.06
CA HIS IA 50 -123.29 -7.05 61.75
C HIS IA 50 -123.29 -5.97 60.68
N PHE IA 51 -122.58 -6.28 59.60
CA PHE IA 51 -122.45 -5.36 58.48
C PHE IA 51 -123.83 -5.10 57.87
N PRO IA 52 -124.15 -3.86 57.49
CA PRO IA 52 -125.55 -3.50 57.23
C PRO IA 52 -126.19 -4.15 56.02
N TYR IA 53 -127.43 -3.76 55.77
CA TYR IA 53 -128.34 -4.39 54.82
C TYR IA 53 -129.10 -3.29 54.09
N PRO IA 54 -129.50 -3.53 52.83
CA PRO IA 54 -130.23 -2.50 52.08
C PRO IA 54 -131.64 -2.19 52.56
N ASP IA 55 -132.23 -2.96 53.48
CA ASP IA 55 -133.57 -2.63 53.94
C ASP IA 55 -133.74 -1.16 54.29
N PRO IA 56 -132.82 -0.51 55.01
CA PRO IA 56 -132.89 0.95 55.13
C PRO IA 56 -132.62 1.72 53.84
N SER IA 57 -132.07 1.07 52.80
CA SER IA 57 -131.93 1.76 51.52
C SER IA 57 -133.29 2.11 50.90
N GLN IA 58 -134.39 1.67 51.50
CA GLN IA 58 -135.66 2.24 51.11
C GLN IA 58 -135.76 3.64 51.69
N TRP IA 59 -135.97 3.73 53.01
CA TRP IA 59 -136.13 5.02 53.67
C TRP IA 59 -137.07 5.86 52.81
N THR IA 60 -138.19 5.26 52.42
CA THR IA 60 -139.02 5.77 51.33
C THR IA 60 -139.50 7.19 51.56
N ASP IA 61 -139.33 7.73 52.77
CA ASP IA 61 -139.64 9.12 53.02
C ASP IA 61 -138.81 10.04 52.13
N GLU IA 62 -137.62 9.59 51.73
CA GLU IA 62 -136.70 10.38 50.93
C GLU IA 62 -137.21 10.63 49.51
N GLU IA 63 -138.33 10.01 49.13
CA GLU IA 63 -138.77 9.97 47.73
C GLU IA 63 -138.84 11.37 47.12
N LEU IA 64 -138.50 11.42 45.83
CA LEU IA 64 -138.35 12.67 45.08
C LEU IA 64 -139.58 13.56 45.20
N GLY IA 65 -139.35 14.84 45.52
CA GLY IA 65 -140.44 15.77 45.68
C GLY IA 65 -141.19 16.15 44.42
N ILE IA 66 -140.48 16.71 43.44
CA ILE IA 66 -141.09 17.22 42.21
C ILE IA 66 -141.63 16.14 41.26
N PRO IA 67 -141.03 14.95 41.12
CA PRO IA 67 -141.61 13.92 40.24
C PRO IA 67 -142.56 12.99 40.97
N PRO IA 68 -143.85 13.34 41.13
CA PRO IA 68 -144.66 12.27 41.70
C PRO IA 68 -144.87 11.12 40.71
N ALA JA 1 -35.43 -20.26 36.03
CA ALA JA 1 -35.25 -19.20 35.06
C ALA JA 1 -36.48 -19.02 34.18
N SER JA 2 -36.58 -17.87 33.52
CA SER JA 2 -37.62 -17.61 32.55
C SER JA 2 -37.02 -17.76 31.16
N HIS JA 3 -37.39 -18.83 30.47
CA HIS JA 3 -36.72 -19.21 29.25
C HIS JA 3 -36.93 -18.16 28.16
N ILE JA 4 -36.05 -18.19 27.16
CA ILE JA 4 -36.13 -17.23 26.07
C ILE JA 4 -37.52 -17.22 25.45
N THR JA 5 -38.14 -18.39 25.36
CA THR JA 5 -39.54 -18.49 24.91
C THR JA 5 -40.36 -18.98 26.10
N LYS JA 6 -41.10 -18.06 26.72
CA LYS JA 6 -42.11 -18.42 27.71
C LYS JA 6 -43.53 -18.36 27.18
N ASP JA 7 -43.75 -17.86 25.95
CA ASP JA 7 -45.10 -17.56 25.48
C ASP JA 7 -45.16 -16.90 24.11
N MET JA 8 -46.39 -16.63 23.67
CA MET JA 8 -46.74 -15.62 22.67
C MET JA 8 -46.26 -15.81 21.23
N LEU JA 9 -45.65 -14.76 20.67
CA LEU JA 9 -46.00 -14.26 19.34
C LEU JA 9 -46.06 -15.37 18.28
N PRO JA 10 -47.22 -15.54 17.61
CA PRO JA 10 -47.36 -16.55 16.55
C PRO JA 10 -47.06 -16.03 15.16
N GLY JA 11 -47.37 -16.85 14.16
CA GLY JA 11 -47.41 -16.42 12.77
C GLY JA 11 -46.35 -17.00 11.85
N PRO JA 12 -45.29 -17.58 12.40
CA PRO JA 12 -44.40 -18.38 11.55
C PRO JA 12 -45.11 -19.65 11.09
N TYR JA 13 -45.10 -19.90 9.79
CA TYR JA 13 -46.03 -20.90 9.29
C TYR JA 13 -45.70 -22.35 9.67
N PRO JA 14 -44.62 -22.94 9.15
CA PRO JA 14 -44.54 -24.41 9.11
C PRO JA 14 -44.37 -25.12 10.45
N LYS JA 15 -43.31 -24.80 11.18
CA LYS JA 15 -42.98 -25.55 12.39
C LYS JA 15 -43.41 -24.84 13.67
N THR JA 16 -43.88 -23.61 13.59
CA THR JA 16 -44.37 -22.94 14.79
C THR JA 16 -45.57 -23.67 15.39
N PRO JA 17 -46.47 -24.28 14.62
CA PRO JA 17 -47.58 -25.02 15.23
C PRO JA 17 -47.07 -26.11 16.17
N GLU JA 18 -46.09 -26.89 15.71
CA GLU JA 18 -45.52 -27.91 16.58
C GLU JA 18 -44.73 -27.30 17.72
N GLU JA 19 -44.08 -26.15 17.48
CA GLU JA 19 -43.38 -25.48 18.55
C GLU JA 19 -44.33 -25.08 19.67
N ARG JA 20 -45.51 -24.58 19.30
CA ARG JA 20 -46.52 -24.24 20.29
C ARG JA 20 -47.14 -25.49 20.90
N ALA JA 21 -47.18 -26.60 20.17
CA ALA JA 21 -47.51 -27.87 20.81
C ALA JA 21 -46.53 -28.16 21.95
N ALA JA 22 -45.25 -27.99 21.70
CA ALA JA 22 -44.29 -27.97 22.78
C ALA JA 22 -44.57 -26.77 23.68
N ALA JA 23 -44.13 -26.87 24.93
CA ALA JA 23 -44.41 -25.92 26.00
C ALA JA 23 -45.88 -25.92 26.40
N ALA JA 24 -46.72 -26.68 25.70
CA ALA JA 24 -48.15 -26.72 25.94
C ALA JA 24 -48.62 -28.15 25.67
N LYS JA 25 -49.93 -28.32 25.57
CA LYS JA 25 -50.48 -29.61 25.16
C LYS JA 25 -50.01 -29.95 23.75
N LYS JA 26 -49.62 -31.22 23.55
CA LYS JA 26 -49.13 -31.68 22.26
C LYS JA 26 -49.77 -33.02 21.93
N TYR JA 27 -50.54 -33.04 20.85
CA TYR JA 27 -51.21 -34.23 20.34
C TYR JA 27 -51.80 -33.85 18.99
N ASN JA 28 -52.51 -34.78 18.36
CA ASN JA 28 -53.15 -34.53 17.08
C ASN JA 28 -54.08 -33.31 17.17
N MET JA 29 -55.20 -33.48 17.89
CA MET JA 29 -56.08 -32.35 18.15
C MET JA 29 -55.46 -31.32 19.09
N ARG JA 30 -54.36 -31.66 19.77
CA ARG JA 30 -53.65 -30.66 20.54
C ARG JA 30 -52.70 -29.85 19.66
N VAL JA 31 -52.06 -30.48 18.68
CA VAL JA 31 -51.43 -29.68 17.63
C VAL JA 31 -52.47 -28.80 16.97
N GLU JA 32 -53.69 -29.32 16.81
CA GLU JA 32 -54.83 -28.52 16.39
C GLU JA 32 -55.34 -27.60 17.49
N ASP JA 33 -54.80 -27.70 18.71
CA ASP JA 33 -55.18 -26.80 19.79
C ASP JA 33 -54.28 -25.57 19.81
N TYR JA 34 -52.96 -25.78 19.97
CA TYR JA 34 -52.03 -24.70 19.71
C TYR JA 34 -52.32 -24.04 18.37
N GLU JA 35 -52.69 -24.85 17.37
CA GLU JA 35 -53.16 -24.31 16.11
C GLU JA 35 -54.46 -23.56 16.31
N PRO JA 36 -55.41 -24.10 17.10
CA PRO JA 36 -56.65 -23.34 17.37
C PRO JA 36 -56.40 -22.01 18.04
N TYR JA 37 -55.27 -21.83 18.71
CA TYR JA 37 -54.92 -20.53 19.24
C TYR JA 37 -54.66 -19.57 18.09
N PRO JA 38 -53.83 -19.96 17.12
CA PRO JA 38 -53.59 -19.08 15.96
C PRO JA 38 -54.78 -18.96 15.03
N ASP JA 39 -55.74 -19.89 15.08
CA ASP JA 39 -56.97 -19.76 14.31
C ASP JA 39 -57.95 -18.79 14.97
N ASP JA 40 -58.10 -18.90 16.29
CA ASP JA 40 -58.93 -17.94 17.02
C ASP JA 40 -58.30 -16.55 16.99
N GLY JA 41 -56.98 -16.47 16.96
CA GLY JA 41 -56.30 -15.20 16.88
C GLY JA 41 -56.62 -14.45 15.61
N MET JA 42 -56.35 -15.08 14.47
CA MET JA 42 -56.58 -14.50 13.14
C MET JA 42 -55.92 -13.12 13.12
N GLY JA 43 -56.58 -12.11 12.56
CA GLY JA 43 -56.10 -10.75 12.71
C GLY JA 43 -56.03 -10.36 14.17
N TYR JA 44 -54.97 -9.65 14.53
CA TYR JA 44 -54.61 -9.48 15.94
C TYR JA 44 -55.67 -8.65 16.64
N GLY JA 45 -56.29 -9.23 17.66
CA GLY JA 45 -57.25 -8.59 18.52
C GLY JA 45 -56.75 -8.33 19.92
N ASP JA 46 -55.43 -8.29 20.12
CA ASP JA 46 -54.68 -8.19 21.39
C ASP JA 46 -54.50 -9.56 22.02
N TYR JA 47 -55.05 -10.62 21.45
CA TYR JA 47 -54.80 -11.95 22.00
C TYR JA 47 -53.50 -12.51 21.42
N PRO JA 48 -52.55 -12.87 22.29
CA PRO JA 48 -51.32 -13.52 21.80
C PRO JA 48 -51.56 -14.96 21.42
N LYS JA 49 -50.48 -15.72 21.22
CA LYS JA 49 -50.54 -17.08 20.70
C LYS JA 49 -50.83 -18.12 21.78
N LEU JA 50 -51.13 -17.69 23.01
CA LEU JA 50 -51.45 -18.63 24.09
C LEU JA 50 -52.50 -19.61 23.61
N PRO JA 51 -52.43 -20.89 23.99
CA PRO JA 51 -53.30 -21.89 23.38
C PRO JA 51 -54.78 -21.64 23.65
N ASP JA 52 -55.65 -22.47 23.09
CA ASP JA 52 -57.08 -22.27 23.25
C ASP JA 52 -57.72 -23.43 23.98
N ARG JA 53 -59.02 -23.33 24.23
CA ARG JA 53 -59.79 -24.34 24.95
C ARG JA 53 -61.26 -23.94 24.85
N SER JA 54 -62.12 -24.66 25.53
CA SER JA 54 -63.55 -24.40 25.53
C SER JA 54 -64.01 -24.01 26.94
N GLN JA 55 -65.31 -23.77 27.08
CA GLN JA 55 -65.93 -23.38 28.34
C GLN JA 55 -66.55 -24.54 29.10
N GLN JA 56 -66.40 -25.77 28.63
CA GLN JA 56 -67.06 -26.91 29.24
C GLN JA 56 -66.54 -27.15 30.66
N GLU JA 57 -67.32 -27.89 31.45
CA GLU JA 57 -67.07 -28.07 32.86
C GLU JA 57 -66.20 -29.31 33.08
N ARG JA 58 -64.98 -29.07 33.58
CA ARG JA 58 -64.02 -30.10 33.96
C ARG JA 58 -64.10 -30.45 35.44
N ASP JA 59 -65.13 -29.97 36.13
CA ASP JA 59 -65.21 -29.63 37.54
C ASP JA 59 -64.96 -30.75 38.54
N PRO JA 60 -65.30 -30.48 39.81
CA PRO JA 60 -64.65 -31.13 40.96
C PRO JA 60 -64.62 -32.65 41.05
N TRP JA 61 -65.27 -33.37 40.12
CA TRP JA 61 -65.59 -34.78 40.35
C TRP JA 61 -64.40 -35.52 40.94
N TYR JA 62 -64.69 -36.36 41.93
CA TYR JA 62 -63.84 -36.52 43.10
C TYR JA 62 -62.40 -36.91 42.81
N ASP JA 63 -62.07 -37.32 41.60
CA ASP JA 63 -60.73 -37.83 41.32
C ASP JA 63 -60.03 -36.92 40.32
N TRP JA 64 -58.78 -37.25 40.02
CA TRP JA 64 -57.97 -36.65 38.96
C TRP JA 64 -57.45 -35.26 39.32
N ASP JA 65 -58.01 -34.64 40.36
CA ASP JA 65 -57.58 -33.31 40.81
C ASP JA 65 -57.40 -32.35 39.65
N HIS JA 66 -58.51 -31.96 39.04
CA HIS JA 66 -58.61 -31.19 37.80
C HIS JA 66 -58.04 -29.78 37.91
N PRO JA 67 -58.30 -28.94 36.90
CA PRO JA 67 -57.66 -27.62 36.81
C PRO JA 67 -57.93 -26.66 37.97
N ASP JA 68 -57.56 -25.39 37.75
CA ASP JA 68 -57.11 -24.45 38.77
C ASP JA 68 -58.06 -24.26 39.94
N LEU JA 69 -59.26 -24.82 39.92
CA LEU JA 69 -60.10 -24.82 41.12
C LEU JA 69 -59.32 -25.35 42.32
N ARG JA 70 -58.81 -26.57 42.21
CA ARG JA 70 -57.77 -27.09 43.10
C ARG JA 70 -56.73 -27.76 42.20
N LEU JA 71 -55.52 -27.22 42.17
CA LEU JA 71 -54.58 -27.57 41.11
C LEU JA 71 -53.54 -28.56 41.62
N ASN JA 72 -53.68 -29.82 41.22
CA ASN JA 72 -52.60 -30.79 41.27
C ASN JA 72 -51.95 -31.02 39.91
N TRP JA 73 -52.46 -30.40 38.85
CA TRP JA 73 -52.02 -30.65 37.49
C TRP JA 73 -51.31 -29.42 36.94
N GLY JA 74 -50.36 -29.64 36.04
CA GLY JA 74 -49.57 -28.59 35.44
C GLY JA 74 -49.87 -28.25 34.00
N GLU JA 75 -51.01 -28.67 33.46
CA GLU JA 75 -51.30 -28.43 32.06
C GLU JA 75 -51.77 -26.99 31.82
N PRO JA 76 -52.22 -26.68 30.61
CA PRO JA 76 -52.54 -25.28 30.27
C PRO JA 76 -53.70 -24.74 31.09
N MET JA 77 -53.72 -23.42 31.28
CA MET JA 77 -54.73 -22.73 32.06
C MET JA 77 -55.86 -22.15 31.21
N HIS JA 78 -55.77 -22.27 29.91
CA HIS JA 78 -56.66 -21.66 28.91
C HIS JA 78 -56.73 -20.15 29.16
N TRP JA 79 -57.87 -19.53 28.86
CA TRP JA 79 -58.13 -18.13 29.17
C TRP JA 79 -59.11 -17.97 30.32
N ASP JA 80 -59.62 -19.06 30.88
CA ASP JA 80 -60.84 -19.00 31.68
C ASP JA 80 -60.59 -18.58 33.12
N LEU JA 81 -59.53 -19.10 33.75
CA LEU JA 81 -59.48 -19.16 35.21
C LEU JA 81 -59.72 -17.82 35.89
N ASP JA 82 -59.56 -16.71 35.18
CA ASP JA 82 -59.98 -15.42 35.72
C ASP JA 82 -61.49 -15.25 35.72
N MET JA 83 -62.23 -16.12 35.03
CA MET JA 83 -63.68 -16.15 35.06
C MET JA 83 -64.19 -17.22 36.02
N TYR JA 84 -63.83 -18.47 35.77
CA TYR JA 84 -64.34 -19.59 36.54
C TYR JA 84 -63.63 -19.65 37.88
N ILE JA 85 -63.75 -20.79 38.58
CA ILE JA 85 -63.44 -20.94 40.00
C ILE JA 85 -64.44 -20.15 40.83
N ARG JA 86 -63.96 -19.18 41.60
CA ARG JA 86 -64.74 -18.53 42.66
C ARG JA 86 -66.16 -18.17 42.24
N ASN JA 87 -66.33 -17.17 41.37
CA ASN JA 87 -67.65 -16.72 40.96
C ASN JA 87 -67.78 -16.88 39.46
N ARG JA 88 -68.61 -17.83 39.03
CA ARG JA 88 -68.90 -18.06 37.61
C ARG JA 88 -70.04 -19.04 37.42
N VAL JA 89 -70.31 -19.39 36.16
CA VAL JA 89 -71.29 -20.40 35.80
C VAL JA 89 -70.61 -21.45 34.94
N ASP JA 90 -70.04 -21.00 33.82
CA ASP JA 90 -69.40 -21.85 32.80
C ASP JA 90 -70.49 -22.72 32.17
N THR JA 91 -70.35 -24.05 32.16
CA THR JA 91 -71.15 -24.88 31.29
C THR JA 91 -72.15 -25.73 32.07
N SER JA 92 -73.30 -25.95 31.43
CA SER JA 92 -74.31 -26.93 31.81
C SER JA 92 -75.29 -27.09 30.66
N PRO JA 93 -76.25 -28.01 30.75
CA PRO JA 93 -77.30 -28.05 29.73
C PRO JA 93 -78.20 -26.83 29.80
N THR JA 94 -78.55 -26.44 31.04
CA THR JA 94 -79.32 -25.26 31.41
C THR JA 94 -80.78 -25.37 30.94
N PRO JA 95 -81.71 -24.72 31.65
CA PRO JA 95 -83.10 -24.68 31.14
C PRO JA 95 -83.23 -23.78 29.92
N VAL JA 96 -82.49 -22.67 29.93
CA VAL JA 96 -82.54 -21.65 28.88
C VAL JA 96 -83.98 -21.24 28.61
N ASN JA 97 -84.61 -20.63 29.62
CA ASN JA 97 -86.00 -20.21 29.48
C ASN JA 97 -86.07 -18.70 29.70
N TRP JA 98 -86.35 -17.95 28.62
CA TRP JA 98 -86.57 -16.53 28.70
C TRP JA 98 -88.04 -16.17 28.77
N ASN JA 99 -88.93 -17.17 28.76
CA ASN JA 99 -90.36 -16.94 28.79
C ASN JA 99 -90.86 -16.78 30.22
N LEU JA 100 -90.70 -17.82 31.05
CA LEU JA 100 -91.34 -17.89 32.36
C LEU JA 100 -91.13 -16.61 33.16
N MET JA 101 -89.89 -16.12 33.24
CA MET JA 101 -89.65 -14.85 33.91
C MET JA 101 -90.43 -13.73 33.25
N CYS JA 102 -90.21 -13.54 31.95
CA CYS JA 102 -90.92 -12.49 31.22
C CYS JA 102 -92.43 -12.69 31.27
N LYS JA 103 -92.88 -13.92 31.54
CA LYS JA 103 -94.30 -14.17 31.72
C LYS JA 103 -94.75 -14.04 33.17
N HIS JA 104 -93.82 -13.82 34.10
CA HIS JA 104 -94.21 -13.20 35.36
C HIS JA 104 -94.35 -11.70 35.18
N LEU JA 105 -93.42 -11.09 34.44
CA LEU JA 105 -93.62 -9.71 34.01
C LEU JA 105 -94.92 -9.57 33.23
N PHE JA 106 -95.38 -10.65 32.61
CA PHE JA 106 -96.77 -10.69 32.15
C PHE JA 106 -97.73 -10.44 33.29
N GLY JA 107 -97.48 -11.06 34.44
CA GLY JA 107 -98.27 -10.75 35.61
C GLY JA 107 -98.20 -9.27 35.96
N PHE JA 108 -97.02 -8.69 35.84
CA PHE JA 108 -96.87 -7.28 36.16
C PHE JA 108 -97.69 -6.40 35.22
N VAL JA 109 -97.47 -6.54 33.91
CA VAL JA 109 -98.18 -5.68 32.98
C VAL JA 109 -99.68 -5.93 33.07
N ALA JA 110 -100.08 -7.17 33.35
CA ALA JA 110 -101.48 -7.42 33.68
C ALA JA 110 -101.91 -6.54 34.83
N PHE JA 111 -101.09 -6.43 35.87
CA PHE JA 111 -101.39 -5.50 36.95
C PHE JA 111 -101.58 -4.08 36.41
N MET JA 112 -100.59 -3.55 35.68
CA MET JA 112 -100.71 -2.16 35.26
C MET JA 112 -101.94 -1.93 34.40
N LEU JA 113 -102.46 -2.99 33.76
CA LEU JA 113 -103.81 -2.89 33.23
C LEU JA 113 -104.84 -2.83 34.35
N PHE JA 114 -104.58 -3.49 35.48
CA PHE JA 114 -105.40 -3.27 36.66
C PHE JA 114 -105.13 -1.96 37.37
N MET JA 115 -104.16 -1.17 36.91
CA MET JA 115 -103.73 0.00 37.68
C MET JA 115 -104.73 1.14 37.58
N PHE JA 116 -105.19 1.45 36.37
CA PHE JA 116 -106.19 2.50 36.20
C PHE JA 116 -107.55 2.04 36.67
N TRP JA 117 -107.89 0.77 36.41
CA TRP JA 117 -109.06 0.15 37.02
C TRP JA 117 -108.75 -0.10 38.49
N VAL JA 118 -109.74 -0.53 39.27
CA VAL JA 118 -109.60 -0.58 40.73
C VAL JA 118 -110.52 -1.63 41.31
N GLY JA 119 -110.23 -2.00 42.56
CA GLY JA 119 -111.22 -2.46 43.50
C GLY JA 119 -111.65 -1.27 44.34
N GLU JA 120 -112.86 -1.35 44.88
CA GLU JA 120 -113.44 -0.28 45.69
C GLU JA 120 -113.62 -0.74 47.12
N THR JA 121 -114.25 0.12 47.92
CA THR JA 121 -114.31 -0.07 49.36
C THR JA 121 -115.49 -0.98 49.74
N TYR JA 122 -116.70 -0.45 49.62
CA TYR JA 122 -117.87 -1.12 50.16
C TYR JA 122 -119.16 -0.91 49.37
N PRO JA 123 -120.11 -1.83 49.54
CA PRO JA 123 -119.78 -3.21 49.89
C PRO JA 123 -119.26 -4.02 48.71
N THR JA 124 -119.84 -3.79 47.53
CA THR JA 124 -119.59 -4.63 46.37
C THR JA 124 -119.47 -3.72 45.15
N TYR JA 125 -119.21 -4.32 43.98
CA TYR JA 125 -118.63 -3.57 42.88
C TYR JA 125 -119.15 -4.11 41.55
N GLN JA 126 -119.12 -3.24 40.53
CA GLN JA 126 -119.48 -3.52 39.15
C GLN JA 126 -120.91 -4.01 38.93
N PRO JA 127 -121.93 -3.35 39.49
CA PRO JA 127 -123.21 -3.20 38.75
C PRO JA 127 -123.09 -2.20 37.61
N VAL JA 128 -121.94 -1.54 37.51
CA VAL JA 128 -121.87 -0.12 37.23
C VAL JA 128 -122.64 0.28 35.98
N GLY JA 129 -123.55 1.23 36.16
CA GLY JA 129 -123.87 2.22 35.17
C GLY JA 129 -122.97 3.41 35.49
N PRO JA 130 -123.47 4.61 35.31
CA PRO JA 130 -122.69 5.77 35.76
C PRO JA 130 -122.82 5.97 37.26
N LYS JA 131 -122.48 4.96 38.06
CA LYS JA 131 -122.78 4.98 39.48
C LYS JA 131 -121.75 5.88 40.19
N GLN JA 132 -121.76 5.90 41.53
CA GLN JA 132 -121.25 7.05 42.26
C GLN JA 132 -119.73 7.21 42.28
N TYR JA 133 -119.01 6.32 42.96
CA TYR JA 133 -117.59 6.46 43.29
C TYR JA 133 -117.43 7.55 44.35
N PRO JA 134 -116.30 7.62 45.06
CA PRO JA 134 -116.30 8.23 46.40
C PRO JA 134 -116.66 9.71 46.48
N TYR JA 135 -116.52 10.47 45.40
CA TYR JA 135 -116.50 11.93 45.53
C TYR JA 135 -117.82 12.56 45.99
N ASN JA 136 -118.90 11.80 46.14
CA ASN JA 136 -120.14 12.18 46.82
C ASN JA 136 -120.99 13.19 46.07
N ASN JA 137 -120.54 13.69 44.92
CA ASN JA 137 -121.38 14.20 43.82
C ASN JA 137 -122.58 15.08 44.20
N LEU JA 138 -123.76 14.71 43.70
CA LEU JA 138 -124.84 15.62 43.38
C LEU JA 138 -125.57 16.15 44.61
N TYR JA 139 -126.12 17.35 44.44
CA TYR JA 139 -126.95 18.08 45.38
C TYR JA 139 -126.42 18.14 46.79
N LEU JA 140 -127.35 18.44 47.69
CA LEU JA 140 -127.58 17.78 48.94
C LEU JA 140 -128.98 18.23 49.33
N GLU JA 141 -129.84 17.33 49.79
CA GLU JA 141 -131.08 17.77 50.43
C GLU JA 141 -131.63 16.61 51.24
N ARG JA 142 -132.44 16.95 52.24
CA ARG JA 142 -133.39 15.99 52.77
C ARG JA 142 -134.75 16.62 53.01
N GLY JA 143 -134.84 17.53 53.97
CA GLY JA 143 -136.09 18.17 54.32
C GLY JA 143 -136.06 18.80 55.70
N TYR KA 38 -35.14 -16.10 49.99
CA TYR KA 38 -34.95 -17.45 50.50
C TYR KA 38 -33.99 -17.45 51.68
N GLU KA 39 -33.58 -16.25 52.09
CA GLU KA 39 -32.71 -16.13 53.25
C GLU KA 39 -33.46 -16.38 54.55
N LYS KA 40 -34.69 -15.89 54.63
CA LYS KA 40 -35.62 -16.17 55.75
C LYS KA 40 -34.91 -15.76 57.05
N ASN KA 41 -35.11 -16.52 58.13
CA ASN KA 41 -34.36 -16.48 59.37
C ASN KA 41 -34.33 -17.90 59.90
N PRO KA 42 -33.34 -18.24 60.72
CA PRO KA 42 -33.52 -19.37 61.64
C PRO KA 42 -34.61 -19.09 62.64
N ASP KA 43 -35.04 -17.83 62.74
CA ASP KA 43 -36.02 -17.38 63.72
C ASP KA 43 -35.55 -17.68 65.14
N SER KA 44 -34.29 -17.36 65.40
CA SER KA 44 -33.89 -17.25 66.79
C SER KA 44 -34.61 -16.04 67.34
N HIS KA 45 -35.52 -16.27 68.29
CA HIS KA 45 -36.56 -15.29 68.58
C HIS KA 45 -37.11 -14.79 67.25
N GLY KA 46 -37.25 -13.48 67.09
CA GLY KA 46 -37.17 -12.90 65.76
C GLY KA 46 -37.77 -11.52 65.70
N TYR KA 47 -37.33 -10.77 64.67
CA TYR KA 47 -37.73 -9.39 64.43
C TYR KA 47 -37.31 -8.86 63.06
N ASP KA 48 -37.30 -7.52 62.97
CA ASP KA 48 -36.85 -6.75 61.82
C ASP KA 48 -35.56 -7.26 61.18
N LYS KA 49 -34.45 -7.16 61.92
CA LYS KA 49 -33.14 -7.17 61.30
C LYS KA 49 -32.25 -8.25 61.90
N ASP KA 50 -30.97 -8.28 61.53
CA ASP KA 50 -30.03 -9.27 62.04
C ASP KA 50 -29.85 -9.10 63.56
N PRO KA 51 -29.37 -10.14 64.25
CA PRO KA 51 -29.66 -10.27 65.68
C PRO KA 51 -29.05 -9.19 66.57
N ALA KA 52 -29.61 -9.12 67.78
CA ALA KA 52 -29.12 -8.40 68.96
C ALA KA 52 -29.34 -6.90 68.91
N VAL KA 53 -29.57 -6.33 67.72
CA VAL KA 53 -30.05 -4.96 67.62
C VAL KA 53 -31.56 -4.89 67.47
N ASP KA 54 -32.22 -6.02 67.24
CA ASP KA 54 -33.65 -6.03 66.99
C ASP KA 54 -34.41 -5.47 68.15
N VAL KA 55 -34.14 -5.96 69.36
CA VAL KA 55 -34.84 -5.49 70.55
C VAL KA 55 -34.83 -3.98 70.62
N TRP KA 56 -33.66 -3.37 70.39
CA TRP KA 56 -33.60 -1.92 70.34
C TRP KA 56 -34.47 -1.38 69.22
N ASN KA 57 -34.51 -2.08 68.08
CA ASN KA 57 -35.31 -1.57 66.97
C ASN KA 57 -36.79 -1.52 67.34
N MET KA 58 -37.35 -2.64 67.79
CA MET KA 58 -38.76 -2.63 68.21
C MET KA 58 -38.97 -1.67 69.35
N ARG KA 59 -37.95 -1.43 70.16
CA ARG KA 59 -38.12 -0.49 71.27
C ARG KA 59 -38.28 0.93 70.75
N VAL KA 60 -37.46 1.33 69.78
CA VAL KA 60 -37.55 2.70 69.29
C VAL KA 60 -38.78 2.88 68.41
N VAL KA 61 -39.10 1.89 67.57
CA VAL KA 61 -40.24 2.10 66.68
C VAL KA 61 -41.55 1.95 67.42
N PHE KA 62 -41.65 0.96 68.32
CA PHE KA 62 -42.88 0.86 69.11
C PHE KA 62 -43.04 2.03 70.06
N PHE KA 63 -41.93 2.51 70.62
CA PHE KA 63 -42.05 3.61 71.57
C PHE KA 63 -42.33 4.92 70.84
N PHE KA 64 -41.34 5.43 70.10
CA PHE KA 64 -41.54 6.70 69.40
C PHE KA 64 -42.72 6.65 68.44
N GLY KA 65 -42.96 5.51 67.83
CA GLY KA 65 -44.10 5.38 66.94
C GLY KA 65 -45.46 5.19 67.59
N PHE KA 66 -45.60 4.24 68.50
CA PHE KA 66 -46.89 4.04 69.15
C PHE KA 66 -47.10 4.95 70.35
N SER KA 67 -46.08 5.12 71.17
CA SER KA 67 -46.25 5.83 72.42
C SER KA 67 -46.41 7.33 72.18
N ILE KA 68 -45.37 7.96 71.65
CA ILE KA 68 -45.29 9.41 71.68
C ILE KA 68 -46.28 10.04 70.71
N VAL KA 69 -46.22 9.66 69.44
CA VAL KA 69 -47.02 10.40 68.45
C VAL KA 69 -48.49 10.00 68.51
N LEU KA 70 -48.78 8.70 68.58
CA LEU KA 70 -50.17 8.29 68.61
C LEU KA 70 -50.88 8.82 69.85
N VAL KA 71 -50.37 8.47 71.03
CA VAL KA 71 -51.04 8.89 72.26
C VAL KA 71 -50.85 10.37 72.50
N LEU KA 72 -49.60 10.83 72.55
CA LEU KA 72 -49.33 12.24 72.77
C LEU KA 72 -50.01 13.10 71.73
N GLY KA 73 -49.60 12.95 70.47
CA GLY KA 73 -50.22 13.72 69.40
C GLY KA 73 -51.72 13.61 69.38
N SER KA 74 -52.25 12.40 69.53
CA SER KA 74 -53.69 12.22 69.55
C SER KA 74 -54.34 13.01 70.67
N THR KA 75 -53.63 13.24 71.77
CA THR KA 75 -54.14 14.15 72.77
C THR KA 75 -54.00 15.60 72.34
N PHE KA 76 -52.91 15.93 71.64
CA PHE KA 76 -52.69 17.28 71.15
C PHE KA 76 -53.85 17.68 70.25
N VAL KA 77 -53.92 17.07 69.07
CA VAL KA 77 -54.99 17.37 68.14
C VAL KA 77 -56.34 16.90 68.64
N ALA KA 78 -56.36 16.07 69.69
CA ALA KA 78 -57.63 15.72 70.31
C ALA KA 78 -58.34 17.00 70.69
N TYR KA 79 -57.81 17.70 71.68
CA TYR KA 79 -58.21 19.07 71.95
C TYR KA 79 -56.98 19.95 71.84
N LEU KA 80 -56.91 20.71 70.76
CA LEU KA 80 -55.96 21.80 70.56
C LEU KA 80 -56.81 23.05 70.68
N PRO KA 81 -56.28 24.27 70.56
CA PRO KA 81 -57.15 25.44 70.64
C PRO KA 81 -58.23 25.37 69.58
N ASP KA 82 -59.30 26.11 69.79
CA ASP KA 82 -60.47 25.94 68.93
C ASP KA 82 -60.07 26.11 67.46
N TYR KA 83 -60.36 25.07 66.68
CA TYR KA 83 -59.85 24.96 65.33
C TYR KA 83 -60.85 25.60 64.37
N ARG KA 84 -60.34 26.42 63.45
CA ARG KA 84 -61.14 27.10 62.44
C ARG KA 84 -62.07 28.13 63.08
N MET KA 85 -62.05 28.28 64.41
CA MET KA 85 -62.69 29.33 65.19
C MET KA 85 -64.15 28.98 65.50
N GLN KA 86 -64.62 27.82 65.04
CA GLN KA 86 -66.05 27.53 65.02
C GLN KA 86 -66.70 27.56 66.40
N GLU KA 87 -65.95 27.28 67.47
CA GLU KA 87 -66.52 27.45 68.81
C GLU KA 87 -66.83 28.93 69.05
N TRP KA 88 -65.83 29.78 68.85
CA TRP KA 88 -66.08 31.21 68.83
C TRP KA 88 -67.27 31.56 67.96
N ALA KA 89 -67.39 30.90 66.80
CA ALA KA 89 -68.53 31.15 65.94
C ALA KA 89 -69.83 30.85 66.66
N ARG KA 90 -69.87 29.76 67.44
CA ARG KA 90 -71.08 29.48 68.20
C ARG KA 90 -71.38 30.59 69.20
N ARG KA 91 -70.41 30.95 70.03
CA ARG KA 91 -70.66 31.98 71.03
C ARG KA 91 -71.16 33.26 70.36
N GLU KA 92 -70.36 33.78 69.43
CA GLU KA 92 -70.72 35.01 68.74
C GLU KA 92 -72.11 34.92 68.11
N ALA KA 93 -72.42 33.77 67.52
CA ALA KA 93 -73.75 33.60 66.94
C ALA KA 93 -74.82 33.76 68.00
N GLU KA 94 -74.63 33.12 69.16
CA GLU KA 94 -75.60 33.22 70.24
C GLU KA 94 -75.82 34.68 70.64
N ARG KA 95 -74.73 35.38 70.97
CA ARG KA 95 -74.87 36.77 71.37
C ARG KA 95 -75.60 37.58 70.30
N LEU KA 96 -75.14 37.46 69.05
CA LEU KA 96 -75.67 38.33 68.02
C LEU KA 96 -77.14 38.05 67.76
N VAL KA 97 -77.53 36.78 67.76
CA VAL KA 97 -78.94 36.45 67.53
C VAL KA 97 -79.79 37.01 68.66
N LYS KA 98 -79.35 36.80 69.91
CA LYS KA 98 -80.11 37.35 71.04
C LYS KA 98 -80.33 38.85 70.86
N TYR KA 99 -79.27 39.57 70.51
CA TYR KA 99 -79.41 41.00 70.24
C TYR KA 99 -80.43 41.26 69.14
N ARG KA 100 -80.37 40.48 68.05
CA ARG KA 100 -81.22 40.73 66.90
C ARG KA 100 -82.70 40.58 67.26
N GLU KA 101 -83.05 39.58 68.06
CA GLU KA 101 -84.44 39.49 68.47
C GLU KA 101 -84.80 40.56 69.49
N ALA KA 102 -83.98 40.71 70.52
CA ALA KA 102 -84.31 41.62 71.62
C ALA KA 102 -84.51 43.05 71.15
N HIS KA 103 -83.78 43.47 70.11
CA HIS KA 103 -83.98 44.80 69.55
C HIS KA 103 -84.92 44.81 68.36
N GLY KA 104 -85.51 43.67 68.00
CA GLY KA 104 -86.60 43.64 67.05
C GLY KA 104 -86.20 43.64 65.58
N LEU KA 105 -84.93 43.88 65.26
CA LEU KA 105 -84.49 43.80 63.88
C LEU KA 105 -84.69 42.39 63.35
N PRO KA 106 -85.16 42.23 62.12
CA PRO KA 106 -85.09 40.90 61.49
C PRO KA 106 -83.64 40.47 61.32
N LEU KA 107 -83.36 39.25 61.78
CA LEU KA 107 -82.01 38.72 61.70
C LEU KA 107 -81.69 38.32 60.27
N MET KA 108 -80.40 38.38 59.93
CA MET KA 108 -79.94 37.87 58.65
C MET KA 108 -80.64 38.58 57.49
N GLU KA 109 -80.24 39.82 57.19
CA GLU KA 109 -80.95 40.69 56.27
C GLU KA 109 -80.67 40.39 54.81
N SER KA 110 -79.88 39.37 54.52
CA SER KA 110 -79.26 39.16 53.22
C SER KA 110 -78.44 40.42 52.91
N ASN KA 111 -78.40 40.84 51.65
CA ASN KA 111 -77.62 41.98 51.19
C ASN KA 111 -76.29 42.12 51.95
N CYS KA 112 -75.24 41.42 51.52
CA CYS KA 112 -73.99 41.41 52.29
C CYS KA 112 -73.38 42.80 52.41
N PHE KA 113 -73.89 43.76 51.63
CA PHE KA 113 -73.39 45.12 51.74
C PHE KA 113 -74.53 46.08 51.54
N ASP KA 114 -74.60 47.12 52.38
CA ASP KA 114 -75.74 48.02 52.39
C ASP KA 114 -75.93 48.71 51.06
N PRO KA 115 -77.08 48.56 50.40
CA PRO KA 115 -77.35 49.34 49.19
C PRO KA 115 -77.38 50.84 49.46
N SER KA 116 -77.45 51.26 50.72
CA SER KA 116 -77.35 52.68 51.04
C SER KA 116 -76.02 53.24 50.54
N LYS KA 117 -74.95 52.47 50.67
CA LYS KA 117 -73.66 52.81 50.07
C LYS KA 117 -73.36 51.78 48.99
N ILE KA 118 -73.53 52.20 47.74
CA ILE KA 118 -73.22 51.41 46.55
C ILE KA 118 -73.66 52.25 45.36
N GLN KA 119 -73.17 51.93 44.18
CA GLN KA 119 -73.54 52.63 42.96
C GLN KA 119 -73.81 51.61 41.87
N LEU KA 120 -74.65 51.99 40.91
CA LEU KA 120 -75.00 51.01 39.92
C LEU KA 120 -74.71 51.52 38.51
N PRO KA 121 -74.20 50.67 37.64
CA PRO KA 121 -74.02 51.07 36.24
C PRO KA 121 -75.36 51.32 35.56
N GLU KA 122 -75.30 52.03 34.43
CA GLU KA 122 -76.48 52.56 33.80
C GLU KA 122 -76.50 52.28 32.30
N ASP KA 123 -77.69 52.01 31.78
CA ASP KA 123 -77.90 51.95 30.35
C ASP KA 123 -78.68 53.18 29.89
N LYS LA 1 1.71 -5.57 52.36
CA LYS LA 1 1.07 -4.37 51.84
C LYS LA 1 2.04 -3.20 51.74
N PHE LA 2 2.12 -2.63 50.53
CA PHE LA 2 3.02 -1.52 50.24
C PHE LA 2 4.48 -1.88 50.50
N TYR LA 3 4.86 -3.11 50.16
CA TYR LA 3 6.29 -3.40 50.10
C TYR LA 3 6.93 -2.74 48.89
N ILE LA 4 6.12 -2.35 47.91
CA ILE LA 4 6.66 -1.87 46.63
C ILE LA 4 7.49 -0.62 46.85
N GLN LA 5 6.87 0.41 47.40
CA GLN LA 5 7.46 1.74 47.51
C GLN LA 5 6.51 2.58 48.35
N GLU LA 6 6.86 3.85 48.55
CA GLU LA 6 5.90 4.82 49.02
C GLU LA 6 5.33 5.54 47.81
N PRO LA 7 4.11 5.24 47.39
CA PRO LA 7 3.50 5.99 46.30
C PRO LA 7 3.29 7.43 46.72
N PRO LA 8 3.61 8.37 45.84
CA PRO LA 8 3.90 9.74 46.28
C PRO LA 8 2.85 10.36 47.17
N HIS LA 9 1.57 10.21 46.83
CA HIS LA 9 0.55 10.79 47.70
C HIS LA 9 0.45 10.08 49.03
N GLY LA 10 1.02 8.88 49.16
CA GLY LA 10 0.82 8.10 50.37
C GLY LA 10 1.22 8.81 51.64
N SER LA 11 2.45 9.21 51.74
CA SER LA 11 2.94 9.96 52.88
C SER LA 11 2.76 11.46 52.65
N PRO LA 12 2.50 12.22 53.71
CA PRO LA 12 2.18 13.64 53.52
C PRO LA 12 3.40 14.44 53.11
N ASN LA 13 3.12 15.62 52.54
CA ASN LA 13 4.14 16.62 52.24
C ASN LA 13 3.84 17.83 53.12
N TRP LA 14 4.70 18.08 54.09
CA TRP LA 14 4.45 19.10 55.11
C TRP LA 14 4.81 20.52 54.65
N LEU LA 15 5.56 20.66 53.56
CA LEU LA 15 5.78 21.97 52.98
C LEU LA 15 4.54 22.46 52.24
N LYS LA 16 3.99 21.61 51.38
CA LYS LA 16 2.79 21.96 50.62
C LYS LA 16 1.66 22.38 51.56
N VAL LA 17 1.30 21.52 52.50
CA VAL LA 17 0.19 21.83 53.40
C VAL LA 17 0.45 23.11 54.16
N GLY LA 18 1.71 23.38 54.47
CA GLY LA 18 2.05 24.66 55.09
C GLY LA 18 1.71 25.82 54.18
N LEU LA 19 2.02 25.70 52.89
CA LEU LA 19 1.66 26.78 51.97
C LEU LA 19 0.15 26.91 51.83
N THR LA 20 -0.56 25.78 51.79
CA THR LA 20 -2.01 25.84 51.65
C THR LA 20 -2.64 26.54 52.83
N LEU LA 21 -2.27 26.14 54.04
CA LEU LA 21 -2.78 26.84 55.22
C LEU LA 21 -2.34 28.30 55.20
N GLY LA 22 -1.18 28.60 54.63
CA GLY LA 22 -0.83 29.99 54.41
C GLY LA 22 -1.89 30.71 53.59
N THR LA 23 -2.29 30.10 52.46
CA THR LA 23 -3.36 30.68 51.65
C THR LA 23 -4.66 30.81 52.45
N SER LA 24 -4.93 29.87 53.34
CA SER LA 24 -6.14 29.99 54.16
C SER LA 24 -6.08 31.21 55.05
N ALA LA 25 -4.96 31.39 55.74
CA ALA LA 25 -4.82 32.53 56.64
C ALA LA 25 -4.91 33.84 55.86
N PHE LA 26 -4.04 34.00 54.88
CA PHE LA 26 -4.01 35.21 54.06
C PHE LA 26 -5.39 35.53 53.50
N LEU LA 27 -5.97 34.57 52.79
CA LEU LA 27 -7.24 34.78 52.12
C LEU LA 27 -8.34 35.14 53.11
N TRP LA 28 -8.48 34.32 54.16
CA TRP LA 28 -9.60 34.50 55.08
C TRP LA 28 -9.50 35.82 55.83
N ILE LA 29 -8.35 36.07 56.47
CA ILE LA 29 -8.25 37.30 57.25
C ILE LA 29 -8.35 38.50 56.34
N TYR LA 30 -7.87 38.39 55.11
CA TYR LA 30 -8.05 39.48 54.16
C TYR LA 30 -9.52 39.73 53.89
N LEU LA 31 -10.31 38.65 53.82
CA LEU LA 31 -11.74 38.80 53.62
C LEU LA 31 -12.38 39.53 54.80
N ILE LA 32 -12.06 39.09 56.02
CA ILE LA 32 -12.64 39.71 57.21
C ILE LA 32 -12.32 41.20 57.24
N LYS LA 33 -11.04 41.53 57.07
CA LYS LA 33 -10.64 42.93 57.07
C LYS LA 33 -11.38 43.72 55.99
N GLN LA 34 -11.53 43.12 54.80
CA GLN LA 34 -12.32 43.76 53.76
C GLN LA 34 -13.73 44.09 54.25
N HIS LA 35 -14.38 43.11 54.89
CA HIS LA 35 -15.72 43.33 55.41
C HIS LA 35 -15.73 44.51 56.37
N ASN LA 36 -14.86 44.49 57.37
CA ASN LA 36 -14.85 45.56 58.37
C ASN LA 36 -14.69 46.92 57.71
N GLU LA 37 -13.73 47.06 56.81
CA GLU LA 37 -13.47 48.38 56.24
C GLU LA 37 -14.61 48.84 55.34
N ASP LA 38 -15.17 47.94 54.54
CA ASP LA 38 -16.29 48.35 53.68
C ASP LA 38 -17.49 48.76 54.51
N VAL LA 39 -17.73 48.07 55.64
CA VAL LA 39 -18.80 48.50 56.52
C VAL LA 39 -18.49 49.86 57.13
N LEU LA 40 -17.23 50.10 57.46
CA LEU LA 40 -16.85 51.38 58.04
C LEU LA 40 -17.11 52.52 57.07
N GLU LA 41 -16.52 52.44 55.87
CA GLU LA 41 -16.74 53.50 54.89
C GLU LA 41 -18.21 53.61 54.50
N TYR LA 42 -18.93 52.49 54.48
CA TYR LA 42 -20.37 52.55 54.30
C TYR LA 42 -21.02 53.39 55.39
N LYS LA 43 -20.56 53.26 56.63
CA LYS LA 43 -21.05 54.13 57.69
C LYS LA 43 -20.70 55.58 57.40
N ARG LA 44 -19.54 55.83 56.80
CA ARG LA 44 -19.16 57.20 56.50
C ARG LA 44 -20.06 57.82 55.42
N ARG LA 45 -20.45 57.03 54.42
CA ARG LA 45 -21.28 57.56 53.33
C ARG LA 45 -22.59 58.12 53.84
N ASN LA 46 -23.03 57.70 55.02
CA ASN LA 46 -24.25 58.19 55.64
C ASN LA 46 -23.90 58.68 57.03
N GLY LA 47 -24.90 58.94 57.88
CA GLY LA 47 -24.64 59.43 59.21
C GLY LA 47 -25.61 58.84 60.21
N LEU LA 48 -25.26 59.02 61.48
CA LEU LA 48 -26.03 58.46 62.59
C LEU LA 48 -27.45 59.00 62.62
N LEU MA 4 -23.40 18.83 78.47
CA LEU MA 4 -22.73 17.76 79.20
C LEU MA 4 -21.84 16.98 78.25
N GLN MA 5 -20.62 16.66 78.69
CA GLN MA 5 -19.61 16.18 77.75
C GLN MA 5 -19.86 14.75 77.30
N VAL MA 6 -20.51 13.94 78.14
CA VAL MA 6 -20.70 12.53 77.81
C VAL MA 6 -21.58 12.32 76.58
N VAL MA 7 -22.18 13.38 76.05
CA VAL MA 7 -22.94 13.27 74.81
C VAL MA 7 -22.07 12.77 73.68
N ARG MA 8 -20.74 12.91 73.80
CA ARG MA 8 -19.83 12.33 72.82
C ARG MA 8 -20.17 10.87 72.55
N ASP MA 9 -20.55 10.14 73.60
CA ASP MA 9 -20.93 8.74 73.44
C ASP MA 9 -22.16 8.62 72.55
N HIS MA 10 -23.15 9.47 72.77
CA HIS MA 10 -24.38 9.53 71.99
C HIS MA 10 -24.32 10.54 70.85
N TRP MA 11 -23.14 11.11 70.58
CA TRP MA 11 -23.04 12.32 69.76
C TRP MA 11 -23.84 12.25 68.47
N ILE MA 12 -23.99 11.06 67.89
CA ILE MA 12 -24.73 10.93 66.64
C ILE MA 12 -26.13 11.51 66.75
N HIS MA 13 -26.76 11.37 67.92
CA HIS MA 13 -28.19 11.64 68.03
C HIS MA 13 -28.52 13.12 68.12
N VAL MA 14 -27.69 13.90 68.80
CA VAL MA 14 -28.09 15.27 69.15
C VAL MA 14 -28.25 16.18 67.94
N LEU MA 15 -27.90 15.70 66.75
CA LEU MA 15 -27.87 16.55 65.56
C LEU MA 15 -29.22 17.19 65.24
N VAL MA 16 -30.20 16.41 64.81
CA VAL MA 16 -31.48 16.96 64.36
C VAL MA 16 -32.22 17.74 65.45
N PRO MA 17 -32.14 17.38 66.75
CA PRO MA 17 -32.73 18.30 67.74
C PRO MA 17 -32.17 19.70 67.62
N VAL MA 18 -30.84 19.80 67.52
CA VAL MA 18 -30.21 21.09 67.23
C VAL MA 18 -30.71 21.62 65.91
N GLY MA 19 -31.13 20.73 65.01
CA GLY MA 19 -31.71 21.19 63.75
C GLY MA 19 -33.01 21.94 63.98
N PHE MA 20 -33.95 21.32 64.68
CA PHE MA 20 -35.23 21.95 64.94
C PHE MA 20 -35.05 23.23 65.74
N VAL MA 21 -34.22 23.20 66.77
CA VAL MA 21 -33.94 24.41 67.54
C VAL MA 21 -33.41 25.50 66.62
N PHE MA 22 -32.44 25.15 65.79
CA PHE MA 22 -31.78 26.13 64.92
C PHE MA 22 -32.78 26.78 63.98
N GLY MA 23 -33.52 25.97 63.23
CA GLY MA 23 -34.50 26.53 62.30
C GLY MA 23 -35.56 27.34 63.01
N TYR MA 24 -36.04 26.86 64.15
CA TYR MA 24 -37.05 27.60 64.90
C TYR MA 24 -36.55 28.99 65.26
N TYR MA 25 -35.34 29.06 65.82
CA TYR MA 25 -34.76 30.37 66.13
C TYR MA 25 -34.58 31.21 64.89
N LEU MA 26 -34.36 30.57 63.73
CA LEU MA 26 -34.27 31.34 62.49
C LEU MA 26 -35.62 31.94 62.10
N ASP MA 27 -36.72 31.23 62.34
CA ASP MA 27 -38.01 31.83 62.09
C ASP MA 27 -38.28 32.98 63.06
N ARG MA 28 -38.03 32.75 64.34
CA ARG MA 28 -38.27 33.80 65.32
C ARG MA 28 -37.48 35.06 64.99
N LYS MA 29 -36.24 34.92 64.51
CA LYS MA 29 -35.53 36.10 64.05
C LYS MA 29 -36.13 36.64 62.77
N ASN MA 30 -36.54 35.75 61.85
CA ASN MA 30 -37.13 36.18 60.59
C ASN MA 30 -38.29 37.14 60.82
N ASP MA 31 -39.09 36.88 61.86
CA ASP MA 31 -40.21 37.75 62.15
C ASP MA 31 -39.77 39.19 62.35
N GLU MA 32 -38.57 39.40 62.88
CA GLU MA 32 -38.07 40.76 63.03
C GLU MA 32 -37.90 41.43 61.67
N LYS MA 33 -37.41 40.68 60.67
CA LYS MA 33 -37.30 41.26 59.34
C LYS MA 33 -38.69 41.49 58.74
N LEU MA 34 -39.61 40.56 58.99
CA LEU MA 34 -40.97 40.76 58.51
C LEU MA 34 -41.72 41.79 59.34
N ALA MA 35 -41.14 42.28 60.42
CA ALA MA 35 -41.89 43.10 61.36
C ALA MA 35 -42.24 44.44 60.72
N ALA MA 36 -43.53 44.69 60.60
CA ALA MA 36 -44.09 45.96 60.18
C ALA MA 36 -45.54 45.96 60.63
N PHE MA 37 -46.15 47.14 60.65
CA PHE MA 37 -47.58 47.23 60.94
C PHE MA 37 -47.91 46.68 62.32
N ARG MA 38 -46.95 46.81 63.25
CA ARG MA 38 -47.03 46.06 64.50
C ARG MA 38 -48.29 46.41 65.28
N ASN MA 39 -48.48 47.69 65.59
CA ASN MA 39 -49.76 48.13 66.13
C ASN MA 39 -50.64 48.78 65.08
N LYS MA 40 -50.19 48.88 63.84
CA LYS MA 40 -50.79 49.77 62.86
C LYS MA 40 -51.94 49.16 62.09
N SER MA 41 -52.26 47.89 62.29
CA SER MA 41 -53.35 47.30 61.52
C SER MA 41 -54.70 47.73 62.09
N LEU MA 42 -55.68 47.85 61.20
CA LEU MA 42 -56.93 48.51 61.56
C LEU MA 42 -57.74 47.69 62.56
N LEU MA 43 -57.73 46.37 62.44
CA LEU MA 43 -58.45 45.56 63.42
C LEU MA 43 -57.85 45.74 64.80
N TYR MA 44 -56.54 45.69 64.90
CA TYR MA 44 -55.87 45.59 66.19
C TYR MA 44 -55.04 46.84 66.42
N LYS MA 45 -55.50 47.68 67.34
CA LYS MA 45 -54.76 48.86 67.77
C LYS MA 45 -54.83 48.92 69.28
N ARG MA 46 -53.67 49.02 69.92
CA ARG MA 46 -53.61 49.03 71.36
C ARG MA 46 -52.78 50.22 71.82
N GLU MA 47 -53.17 50.80 72.94
CA GLU MA 47 -52.30 51.75 73.63
C GLU MA 47 -51.25 50.95 74.37
N LEU MA 48 -49.99 51.17 74.02
CA LEU MA 48 -48.90 50.28 74.46
C LEU MA 48 -48.89 50.14 75.98
N LYS MA 49 -48.95 48.90 76.46
CA LYS MA 49 -49.03 48.64 77.88
C LYS MA 49 -47.76 49.15 78.58
N PRO MA 50 -47.89 49.67 79.80
CA PRO MA 50 -46.72 50.28 80.47
C PRO MA 50 -45.46 49.43 80.47
N ASN MA 51 -45.57 48.10 80.50
CA ASN MA 51 -44.40 47.23 80.43
C ASN MA 51 -44.12 46.75 79.01
N GLU MA 52 -44.91 47.16 78.02
CA GLU MA 52 -44.77 46.65 76.67
C GLU MA 52 -44.61 47.79 75.68
N GLU MA 53 -43.44 47.86 75.07
CA GLU MA 53 -43.17 48.71 73.92
C GLU MA 53 -43.46 47.98 72.61
N VAL MA 54 -43.85 46.72 72.70
CA VAL MA 54 -44.04 45.84 71.55
C VAL MA 54 -45.23 44.93 71.83
N THR MA 55 -46.09 44.75 70.83
CA THR MA 55 -47.18 43.79 70.98
C THR MA 55 -46.64 42.37 71.04
N TRP MA 56 -45.65 42.06 70.20
CA TRP MA 56 -45.11 40.71 70.13
C TRP MA 56 -43.69 40.71 69.60
N TRP NA 2 45.24 37.92 -30.89
CA TRP NA 2 44.62 38.29 -29.62
C TRP NA 2 43.46 39.26 -29.75
N PHE NA 3 43.54 40.12 -30.76
CA PHE NA 3 42.58 41.20 -30.90
C PHE NA 3 41.20 40.74 -31.34
N GLU NA 4 41.02 39.44 -31.61
CA GLU NA 4 39.80 38.94 -32.23
C GLU NA 4 38.53 39.45 -31.56
N VAL NA 5 38.52 39.55 -30.24
CA VAL NA 5 37.26 39.82 -29.57
C VAL NA 5 36.90 41.29 -29.63
N LEU NA 6 37.89 42.18 -29.60
CA LEU NA 6 37.60 43.60 -29.47
C LEU NA 6 36.75 44.19 -30.59
N PRO NA 7 36.82 43.74 -31.86
CA PRO NA 7 35.81 44.22 -32.82
C PRO NA 7 34.40 43.81 -32.44
N GLY NA 8 34.21 42.56 -32.04
CA GLY NA 8 32.90 42.15 -31.56
C GLY NA 8 32.42 43.00 -30.39
N ILE NA 9 33.32 43.29 -29.45
CA ILE NA 9 32.97 44.16 -28.33
C ILE NA 9 32.60 45.55 -28.85
N ALA NA 10 33.32 46.04 -29.85
CA ALA NA 10 32.96 47.33 -30.43
C ALA NA 10 31.55 47.30 -30.99
N VAL NA 11 31.20 46.20 -31.67
CA VAL NA 11 29.86 46.10 -32.25
C VAL NA 11 28.81 46.05 -31.16
N MET NA 12 29.10 45.35 -30.06
CA MET NA 12 28.22 45.43 -28.91
C MET NA 12 28.11 46.85 -28.39
N GLY NA 13 29.18 47.64 -28.52
CA GLY NA 13 29.14 49.01 -28.04
C GLY NA 13 28.24 49.90 -28.88
N VAL NA 14 28.36 49.78 -30.20
CA VAL NA 14 27.41 50.46 -31.08
C VAL NA 14 26.00 49.98 -30.79
N CYS NA 15 25.85 48.69 -30.50
CA CYS NA 15 24.53 48.09 -30.46
C CYS NA 15 23.77 48.44 -29.19
N LEU NA 16 24.46 48.53 -28.05
CA LEU NA 16 23.86 49.05 -26.83
C LEU NA 16 23.86 50.56 -26.75
N PHE NA 17 24.73 51.22 -27.51
CA PHE NA 17 24.83 52.68 -27.48
C PHE NA 17 23.85 53.37 -28.40
N ILE NA 18 23.24 52.66 -29.35
CA ILE NA 18 22.27 53.29 -30.24
C ILE NA 18 21.00 53.73 -29.53
N PRO NA 19 20.38 52.95 -28.63
CA PRO NA 19 19.10 53.39 -28.08
C PRO NA 19 19.23 54.61 -27.17
N GLY NA 20 20.38 54.82 -26.55
CA GLY NA 20 20.58 55.98 -25.72
C GLY NA 20 20.55 57.25 -26.55
N MET NA 21 21.42 57.34 -27.57
CA MET NA 21 21.39 58.52 -28.40
C MET NA 21 20.04 58.66 -29.08
N ALA NA 22 19.41 57.54 -29.41
CA ALA NA 22 18.09 57.55 -30.03
C ALA NA 22 17.11 58.30 -29.15
N THR NA 23 16.82 57.73 -27.97
CA THR NA 23 15.79 58.31 -27.13
C THR NA 23 16.13 59.74 -26.73
N ALA NA 24 17.41 60.01 -26.46
CA ALA NA 24 17.80 61.37 -26.08
C ALA NA 24 17.52 62.37 -27.20
N ARG NA 25 18.01 62.09 -28.40
CA ARG NA 25 17.77 63.00 -29.52
C ARG NA 25 16.29 63.11 -29.84
N ILE NA 26 15.51 62.05 -29.58
CA ILE NA 26 14.10 62.08 -29.91
C ILE NA 26 13.31 62.90 -28.89
N HIS NA 27 13.72 62.89 -27.62
CA HIS NA 27 13.26 63.93 -26.71
C HIS NA 27 13.61 65.31 -27.24
N ARG NA 28 14.90 65.56 -27.48
CA ARG NA 28 15.36 66.87 -27.87
C ARG NA 28 14.83 67.32 -29.23
N PHE NA 29 14.12 66.45 -29.95
CA PHE NA 29 13.48 66.85 -31.20
C PHE NA 29 11.97 66.87 -31.07
N SER NA 30 11.35 65.71 -30.87
CA SER NA 30 9.90 65.63 -30.82
C SER NA 30 9.31 66.48 -29.71
N ASN NA 31 10.03 66.63 -28.60
CA ASN NA 31 9.51 67.32 -27.43
C ASN NA 31 9.83 68.80 -27.42
N GLY NA 32 10.33 69.34 -28.52
CA GLY NA 32 10.75 70.72 -28.52
C GLY NA 32 12.25 70.76 -28.39
N GLY NA 33 12.79 71.94 -28.14
CA GLY NA 33 14.23 72.04 -28.04
C GLY NA 33 14.79 71.31 -26.83
N ARG NA 34 13.98 71.09 -25.81
CA ARG NA 34 14.50 70.70 -24.51
C ARG NA 34 13.79 69.43 -24.04
N GLU NA 35 14.15 68.97 -22.85
CA GLU NA 35 13.78 67.65 -22.37
C GLU NA 35 12.27 67.53 -22.13
N LYS NA 36 11.82 66.28 -22.07
CA LYS NA 36 10.44 66.03 -21.68
C LYS NA 36 10.29 66.22 -20.17
N ARG NA 37 9.17 66.80 -19.77
CA ARG NA 37 8.92 67.00 -18.35
C ARG NA 37 8.69 65.66 -17.67
N VAL NA 38 8.83 65.65 -16.36
CA VAL NA 38 8.65 64.44 -15.55
C VAL NA 38 7.56 64.70 -14.53
N ALA NA 39 6.45 64.00 -14.69
CA ALA NA 39 5.18 64.33 -14.05
C ALA NA 39 4.94 63.60 -12.74
N HIS NA 40 5.94 62.89 -12.21
CA HIS NA 40 5.73 61.87 -11.19
C HIS NA 40 4.74 62.31 -10.10
N TYR NA 41 4.81 63.57 -9.70
CA TYR NA 41 3.95 64.08 -8.65
C TYR NA 41 2.90 65.01 -9.25
N SER NA 42 1.67 64.90 -8.74
CA SER NA 42 0.54 65.59 -9.33
C SER NA 42 0.80 67.09 -9.53
N TYR NA 43 1.50 67.72 -8.60
CA TYR NA 43 1.81 69.13 -8.71
C TYR NA 43 2.47 69.45 -10.05
N GLN NA 44 3.51 68.71 -10.39
CA GLN NA 44 4.26 68.99 -11.61
C GLN NA 44 3.40 68.81 -12.84
N TRP NA 45 2.51 67.83 -12.82
CA TRP NA 45 1.54 67.68 -13.90
C TRP NA 45 0.66 68.92 -14.01
N TYR NA 46 0.12 69.36 -12.87
CA TYR NA 46 -0.73 70.55 -12.87
C TYR NA 46 -0.01 71.73 -13.52
N LEU NA 47 1.26 71.93 -13.15
CA LEU NA 47 2.03 72.99 -13.82
C LEU NA 47 2.16 72.73 -15.30
N MET NA 48 2.36 71.47 -15.70
CA MET NA 48 2.38 71.16 -17.13
C MET NA 48 1.11 71.64 -17.81
N GLU NA 49 -0.04 71.07 -17.45
CA GLU NA 49 -1.26 71.46 -18.14
C GLU NA 49 -1.55 72.94 -18.02
N ARG NA 50 -1.03 73.62 -17.00
CA ARG NA 50 -1.14 75.08 -17.00
C ARG NA 50 -0.33 75.68 -18.14
N ASP NA 51 0.93 75.26 -18.29
CA ASP NA 51 1.71 75.68 -19.44
C ASP NA 51 0.99 75.39 -20.74
N ARG NA 52 0.41 74.20 -20.84
CA ARG NA 52 -0.39 73.82 -21.99
C ARG NA 52 -1.46 74.86 -22.29
N ARG NA 53 -2.27 75.19 -21.28
CA ARG NA 53 -3.38 76.10 -21.51
C ARG NA 53 -2.88 77.49 -21.87
N VAL NA 54 -1.77 77.94 -21.27
CA VAL NA 54 -1.29 79.29 -21.53
C VAL NA 54 -0.39 79.38 -22.75
N SER NA 55 -0.16 78.26 -23.44
CA SER NA 55 0.65 78.31 -24.64
C SER NA 55 -0.11 78.86 -25.83
N GLY NA 56 -1.41 78.59 -25.91
CA GLY NA 56 -2.17 78.85 -27.11
C GLY NA 56 -1.82 77.91 -28.24
N VAL NA 57 -0.75 77.13 -28.11
CA VAL NA 57 -0.40 76.10 -29.06
C VAL NA 57 -0.88 74.74 -28.60
N ASN NA 58 -1.48 74.66 -27.40
CA ASN NA 58 -1.87 73.43 -26.73
C ASN NA 58 -0.66 72.61 -26.28
N ARG NA 59 0.56 73.08 -26.56
CA ARG NA 59 1.77 72.32 -26.31
C ARG NA 59 2.57 72.99 -25.21
N TYR NA 60 3.18 72.19 -24.34
CA TYR NA 60 4.05 72.75 -23.31
C TYR NA 60 5.45 73.00 -23.84
N TYR NA 61 5.67 72.83 -25.14
CA TYR NA 61 6.98 73.03 -25.74
C TYR NA 61 7.29 74.52 -25.71
N VAL NA 62 6.54 75.29 -26.50
CA VAL NA 62 6.64 76.74 -26.42
C VAL NA 62 6.19 77.14 -25.03
N SER NA 63 7.05 77.85 -24.31
CA SER NA 63 6.81 78.22 -22.93
C SER NA 63 6.25 79.63 -22.79
N LYS NA 64 5.97 80.32 -23.88
CA LYS NA 64 5.69 81.76 -23.86
C LYS NA 64 6.95 82.43 -23.31
N GLY NA 65 6.83 83.36 -22.39
CA GLY NA 65 7.99 84.09 -21.91
C GLY NA 65 7.54 85.32 -21.15
N LEU NA 66 8.53 85.98 -20.55
CA LEU NA 66 8.23 87.14 -19.70
C LEU NA 66 7.49 88.20 -20.47
N GLU NA 67 7.82 88.41 -21.73
CA GLU NA 67 7.20 89.48 -22.49
C GLU NA 67 5.80 89.15 -22.97
N ASN NA 68 5.33 87.91 -22.78
CA ASN NA 68 3.99 87.57 -23.23
C ASN NA 68 2.92 88.38 -22.51
N ILE NA 69 3.22 88.89 -21.32
CA ILE NA 69 2.32 89.84 -20.67
C ILE NA 69 2.49 91.23 -21.27
N ASP NA 70 3.74 91.59 -21.57
CA ASP NA 70 4.10 92.88 -22.16
C ASP NA 70 3.51 94.05 -21.36
N SER OA 3 -76.35 26.46 81.50
CA SER OA 3 -76.87 27.79 81.79
C SER OA 3 -76.80 28.69 80.57
N TRP OA 4 -77.17 28.14 79.41
CA TRP OA 4 -77.11 28.88 78.18
C TRP OA 4 -78.14 30.01 78.17
N ASP OA 5 -77.94 30.96 77.25
CA ASP OA 5 -78.83 32.11 77.20
C ASP OA 5 -80.21 31.66 76.76
N LYS OA 6 -81.21 31.95 77.59
CA LYS OA 6 -82.49 31.28 77.50
C LYS OA 6 -83.26 31.68 76.26
N ASP OA 7 -83.45 32.97 76.05
CA ASP OA 7 -84.33 33.41 74.97
C ASP OA 7 -83.75 33.10 73.59
N VAL OA 8 -82.50 32.65 73.53
CA VAL OA 8 -81.97 32.15 72.27
C VAL OA 8 -82.54 30.77 71.96
N TYR OA 9 -82.69 29.94 72.99
CA TYR OA 9 -83.11 28.54 72.84
C TYR OA 9 -84.33 28.33 73.71
N PRO OA 10 -85.53 28.57 73.18
CA PRO OA 10 -86.74 28.53 74.02
C PRO OA 10 -86.94 27.17 74.67
N GLU OA 11 -87.26 27.19 75.95
CA GLU OA 11 -87.85 26.04 76.63
C GLU OA 11 -89.27 26.41 76.99
N PRO OA 12 -90.28 25.86 76.33
CA PRO OA 12 -91.66 26.24 76.63
C PRO OA 12 -92.04 25.85 78.04
N PRO OA 13 -93.25 26.19 78.49
CA PRO OA 13 -93.71 25.72 79.80
C PRO OA 13 -93.67 24.20 79.87
N ARG OA 14 -93.25 23.69 81.04
CA ARG OA 14 -93.01 22.26 81.15
C ARG OA 14 -94.32 21.47 81.18
N ARG OA 15 -95.36 22.03 81.79
CA ARG OA 15 -96.72 21.48 81.71
C ARG OA 15 -96.76 20.00 82.08
N THR OA 16 -96.23 19.68 83.26
CA THR OA 16 -96.18 18.29 83.68
C THR OA 16 -97.52 17.87 84.29
N PRO OA 17 -98.09 16.74 83.87
CA PRO OA 17 -99.37 16.31 84.44
C PRO OA 17 -99.21 15.77 85.85
N ALA OA 18 -100.35 15.73 86.56
CA ALA OA 18 -100.44 15.27 87.94
C ALA OA 18 -100.70 13.77 87.98
N PRO OA 19 -99.86 12.99 88.65
CA PRO OA 19 -100.05 11.53 88.65
C PRO OA 19 -101.31 11.13 89.39
N SER OA 20 -102.13 10.31 88.74
CA SER OA 20 -103.32 9.75 89.36
C SER OA 20 -103.22 8.23 89.36
N PRO OA 21 -103.16 7.58 90.53
CA PRO OA 21 -103.10 6.10 90.51
C PRO OA 21 -104.32 5.47 89.87
N GLN OA 22 -105.52 5.92 90.23
CA GLN OA 22 -106.76 5.58 89.53
C GLN OA 22 -107.13 4.12 89.67
N THR OA 23 -106.18 3.27 90.06
CA THR OA 23 -106.47 1.88 90.38
C THR OA 23 -105.38 1.40 91.33
N SER OA 24 -105.74 0.51 92.25
CA SER OA 24 -104.81 0.08 93.29
C SER OA 24 -104.09 -1.19 92.85
N LEU OA 25 -102.79 -1.06 92.56
CA LEU OA 25 -101.94 -2.14 92.06
C LEU OA 25 -100.53 -1.98 92.62
N PRO OA 26 -99.58 -2.86 92.25
CA PRO OA 26 -98.18 -2.61 92.59
C PRO OA 26 -97.62 -1.34 91.98
N ASN OA 27 -96.34 -1.09 92.21
CA ASN OA 27 -95.69 0.17 91.85
C ASN OA 27 -94.47 -0.09 90.98
N PRO OA 28 -94.68 -0.63 89.76
CA PRO OA 28 -93.58 -1.32 89.08
C PRO OA 28 -92.34 -0.47 88.80
N ILE OA 29 -92.51 0.73 88.25
CA ILE OA 29 -91.34 1.56 88.02
C ILE OA 29 -90.96 2.35 89.27
N THR OA 30 -91.94 2.71 90.10
CA THR OA 30 -91.65 3.69 91.14
C THR OA 30 -90.79 3.10 92.25
N TYR OA 31 -90.91 1.81 92.54
CA TYR OA 31 -89.88 1.16 93.35
C TYR OA 31 -88.51 1.50 92.82
N LEU OA 32 -88.32 1.39 91.51
CA LEU OA 32 -87.01 1.60 90.92
C LEU OA 32 -86.75 3.06 90.54
N THR OA 33 -87.76 3.92 90.50
CA THR OA 33 -87.39 5.32 90.34
C THR OA 33 -86.92 5.90 91.67
N LYS OA 34 -87.53 5.49 92.77
CA LYS OA 34 -87.01 5.89 94.07
C LYS OA 34 -85.66 5.24 94.32
N ALA OA 35 -85.61 3.91 94.14
CA ALA OA 35 -84.37 3.18 94.39
C ALA OA 35 -83.24 3.68 93.49
N PHE OA 36 -83.55 3.91 92.22
CA PHE OA 36 -82.57 4.55 91.34
C PHE OA 36 -82.13 5.88 91.92
N ASP OA 37 -83.08 6.73 92.29
CA ASP OA 37 -82.74 7.99 92.93
C ASP OA 37 -82.08 7.79 94.29
N LEU OA 38 -82.14 6.60 94.87
CA LEU OA 38 -81.23 6.31 95.96
C LEU OA 38 -79.87 5.82 95.47
N LEU OA 39 -79.87 4.92 94.48
CA LEU OA 39 -78.62 4.27 94.09
C LEU OA 39 -77.76 5.14 93.18
N VAL OA 40 -78.36 5.74 92.15
CA VAL OA 40 -77.55 6.46 91.16
C VAL OA 40 -77.63 7.98 91.32
N ASP OA 41 -78.46 8.50 92.22
CA ASP OA 41 -78.55 9.96 92.34
C ASP OA 41 -77.45 10.49 93.24
N ARG OA 42 -77.52 10.16 94.53
CA ARG OA 42 -76.55 10.70 95.48
C ARG OA 42 -75.14 10.19 95.21
N PRO OA 43 -74.89 8.90 95.03
CA PRO OA 43 -73.50 8.45 94.84
C PRO OA 43 -72.77 9.16 93.73
N VAL OA 44 -73.47 9.65 92.72
CA VAL OA 44 -72.85 10.55 91.76
C VAL OA 44 -72.83 11.98 92.28
N THR OA 45 -73.93 12.42 92.88
CA THR OA 45 -74.10 13.82 93.25
C THR OA 45 -72.99 14.28 94.18
N LEU OA 46 -72.67 13.47 95.18
CA LEU OA 46 -71.54 13.77 96.05
C LEU OA 46 -70.28 14.05 95.24
N VAL OA 47 -70.04 13.24 94.21
CA VAL OA 47 -68.81 13.36 93.46
C VAL OA 47 -68.82 14.63 92.62
N ARG OA 48 -69.93 14.91 91.93
CA ARG OA 48 -69.98 16.13 91.13
C ARG OA 48 -69.83 17.35 92.02
N GLU OA 49 -70.42 17.33 93.21
CA GLU OA 49 -70.33 18.48 94.10
C GLU OA 49 -68.92 18.65 94.62
N PHE OA 50 -68.26 17.56 94.99
CA PHE OA 50 -66.88 17.63 95.42
C PHE OA 50 -65.98 18.18 94.32
N ILE OA 51 -66.14 17.68 93.10
CA ILE OA 51 -65.41 18.25 91.98
C ILE OA 51 -65.74 19.73 91.83
N GLU OA 52 -66.98 20.11 92.10
CA GLU OA 52 -67.34 21.54 92.06
C GLU OA 52 -66.44 22.33 92.99
N ARG OA 53 -66.51 22.05 94.30
CA ARG OA 53 -65.71 22.85 95.22
C ARG OA 53 -64.23 22.83 94.84
N GLN OA 54 -63.74 21.67 94.38
CA GLN OA 54 -62.36 21.59 93.93
C GLN OA 54 -62.08 22.60 92.81
N HIS OA 55 -62.97 22.68 91.83
CA HIS OA 55 -62.84 23.71 90.81
C HIS OA 55 -62.86 25.10 91.42
N ALA OA 56 -63.84 25.35 92.29
CA ALA OA 56 -64.14 26.69 92.74
C ALA OA 56 -63.06 27.28 93.64
N LYS OA 57 -62.23 26.45 94.26
CA LYS OA 57 -61.18 27.01 95.11
C LYS OA 57 -60.21 27.87 94.32
N ASN OA 58 -59.99 27.57 93.04
CA ASN OA 58 -59.18 28.40 92.16
C ASN OA 58 -59.94 28.68 90.87
N LYS OA 59 -60.33 29.94 90.68
CA LYS OA 59 -61.09 30.37 89.51
C LYS OA 59 -60.18 30.69 88.32
N TYR OA 60 -60.77 30.61 87.13
CA TYR OA 60 -60.21 31.17 85.91
C TYR OA 60 -61.19 32.18 85.32
N TYR OA 61 -60.65 33.02 84.43
CA TYR OA 61 -61.43 33.92 83.60
C TYR OA 61 -60.94 33.81 82.17
N TYR OA 62 -61.80 33.37 81.26
CA TYR OA 62 -61.46 33.36 79.85
C TYR OA 62 -62.52 34.14 79.09
N TYR OA 63 -62.09 34.91 78.10
CA TYR OA 63 -62.93 35.91 77.46
C TYR OA 63 -63.32 35.48 76.06
N HIS OA 64 -64.57 35.77 75.70
CA HIS OA 64 -64.99 35.70 74.30
C HIS OA 64 -64.35 36.84 73.53
N ARG OA 65 -63.62 36.52 72.48
CA ARG OA 65 -62.90 37.55 71.74
C ARG OA 65 -63.87 38.48 71.03
N GLU OA 66 -63.38 39.66 70.68
CA GLU OA 66 -64.11 40.58 69.85
C GLU OA 66 -63.32 40.88 68.59
N PHE OA 67 -64.04 41.37 67.58
CA PHE OA 67 -63.44 41.90 66.37
C PHE OA 67 -64.08 43.25 66.10
N ARG OA 68 -63.26 44.29 66.00
CA ARG OA 68 -63.79 45.61 65.70
C ARG OA 68 -64.27 45.63 64.26
N ARG OA 69 -64.79 46.76 63.81
CA ARG OA 69 -65.26 46.87 62.44
C ARG OA 69 -64.22 47.59 61.61
N VAL OA 70 -64.43 47.63 60.29
CA VAL OA 70 -63.55 48.29 59.32
C VAL OA 70 -64.40 48.83 58.18
N PRO OA 71 -63.81 49.51 57.19
CA PRO OA 71 -64.61 49.97 56.04
C PRO OA 71 -65.17 48.86 55.16
N ASP OA 72 -64.71 47.63 55.33
CA ASP OA 72 -65.13 46.48 54.52
C ASP OA 72 -64.78 46.75 53.05
N ILE OA 73 -65.64 46.37 52.11
CA ILE OA 73 -65.21 46.31 50.72
C ILE OA 73 -65.27 47.67 50.04
N THR OA 74 -66.15 48.55 50.51
CA THR OA 74 -66.45 49.76 49.75
C THR OA 74 -65.23 50.67 49.63
N GLU OA 75 -64.61 51.02 50.76
CA GLU OA 75 -63.59 52.05 50.71
C GLU OA 75 -62.27 51.57 50.13
N CYS OA 76 -62.11 50.28 49.84
CA CYS OA 76 -60.91 49.80 49.17
C CYS OA 76 -60.91 50.12 47.68
N HIS OA 77 -59.76 50.61 47.21
CA HIS OA 77 -59.56 50.84 45.79
C HIS OA 77 -59.48 49.52 45.03
N GLU OA 78 -59.62 49.62 43.70
CA GLU OA 78 -59.72 48.46 42.84
C GLU OA 78 -58.61 47.44 43.09
N LYS OA 79 -57.46 47.91 43.56
CA LYS OA 79 -56.30 47.07 43.87
C LYS OA 79 -55.64 47.70 45.09
N ASP OA 80 -54.37 47.37 45.32
CA ASP OA 80 -53.67 47.73 46.56
C ASP OA 80 -54.27 46.98 47.75
N VAL OA 81 -53.95 45.69 47.81
CA VAL OA 81 -54.55 44.72 48.72
C VAL OA 81 -54.52 45.16 50.18
N LEU OA 82 -53.55 46.00 50.54
CA LEU OA 82 -53.26 46.23 51.96
C LEU OA 82 -54.49 46.59 52.76
N CYS OA 83 -55.47 47.27 52.16
CA CYS OA 83 -56.74 47.44 52.84
C CYS OA 83 -57.61 46.20 52.66
N MET OA 84 -57.62 45.64 51.44
CA MET OA 84 -58.56 44.58 51.09
C MET OA 84 -58.50 43.42 52.08
N PHE OA 85 -57.29 43.01 52.45
CA PHE OA 85 -57.13 41.81 53.26
C PHE OA 85 -58.04 41.84 54.49
N GLU OA 86 -57.95 42.92 55.28
CA GLU OA 86 -58.84 43.12 56.40
C GLU OA 86 -60.29 42.90 56.00
N ALA OA 87 -60.76 43.75 55.06
CA ALA OA 87 -62.14 43.70 54.60
C ALA OA 87 -62.59 42.28 54.33
N GLU OA 88 -61.95 41.62 53.38
CA GLU OA 88 -62.48 40.35 52.90
C GLU OA 88 -62.35 39.25 53.94
N MET OA 89 -61.28 39.25 54.73
CA MET OA 89 -61.20 38.20 55.74
C MET OA 89 -62.27 38.39 56.80
N GLN OA 90 -62.52 39.63 57.25
CA GLN OA 90 -63.56 39.77 58.25
C GLN OA 90 -64.92 39.48 57.64
N TRP OA 91 -65.08 39.78 56.36
CA TRP OA 91 -66.22 39.26 55.62
C TRP OA 91 -66.35 37.77 55.85
N LYS OA 92 -65.23 37.05 55.79
CA LYS OA 92 -65.31 35.60 55.98
C LYS OA 92 -65.75 35.28 57.41
N ARG OA 93 -65.25 36.03 58.39
CA ARG OA 93 -65.72 35.83 59.75
C ARG OA 93 -67.23 35.98 59.84
N ASP OA 94 -67.73 37.18 59.55
CA ASP OA 94 -69.17 37.42 59.60
C ASP OA 94 -69.94 36.35 58.85
N TYR OA 95 -69.38 35.88 57.74
CA TYR OA 95 -69.97 34.76 57.02
C TYR OA 95 -70.16 33.56 57.93
N LYS OA 96 -69.07 33.02 58.47
CA LYS OA 96 -69.20 31.87 59.37
C LYS OA 96 -70.19 32.16 60.49
N VAL OA 97 -70.21 33.39 61.00
CA VAL OA 97 -71.21 33.75 61.98
C VAL OA 97 -72.61 33.45 61.46
N ASP OA 98 -72.91 33.92 60.25
CA ASP OA 98 -74.21 33.65 59.65
C ASP OA 98 -74.44 32.16 59.53
N GLN OA 99 -73.39 31.41 59.17
CA GLN OA 99 -73.48 29.96 59.17
C GLN OA 99 -74.06 29.47 60.48
N GLU OA 100 -73.48 29.91 61.59
CA GLU OA 100 -73.93 29.35 62.85
C GLU OA 100 -75.33 29.86 63.21
N ILE OA 101 -75.72 31.03 62.73
CA ILE OA 101 -77.12 31.43 62.88
C ILE OA 101 -78.02 30.41 62.22
N VAL OA 102 -77.71 30.05 60.98
CA VAL OA 102 -78.49 29.04 60.27
C VAL OA 102 -78.55 27.76 61.08
N ASN OA 103 -77.43 27.36 61.69
CA ASN OA 103 -77.46 26.20 62.55
C ASN OA 103 -78.46 26.37 63.69
N ILE OA 104 -78.45 27.55 64.33
CA ILE OA 104 -79.32 27.77 65.48
C ILE OA 104 -80.78 27.62 65.08
N ILE OA 105 -81.22 28.36 64.07
CA ILE OA 105 -82.61 28.26 63.62
C ILE OA 105 -82.94 26.81 63.27
N GLN OA 106 -82.10 26.21 62.44
CA GLN OA 106 -82.34 24.85 61.98
C GLN OA 106 -82.47 23.89 63.16
N GLU OA 107 -81.81 24.18 64.28
CA GLU OA 107 -81.99 23.31 65.43
C GLU OA 107 -83.28 23.62 66.17
N ARG OA 108 -83.65 24.91 66.28
CA ARG OA 108 -84.93 25.27 66.88
C ARG OA 108 -86.07 24.51 66.22
N LEU OA 109 -86.03 24.37 64.90
CA LEU OA 109 -87.12 23.67 64.22
C LEU OA 109 -87.20 22.22 64.68
N LYS OA 110 -86.04 21.54 64.71
CA LYS OA 110 -86.02 20.14 65.11
C LYS OA 110 -86.56 19.95 66.53
N ALA OA 111 -85.99 20.70 67.48
CA ALA OA 111 -86.49 20.61 68.84
C ALA OA 111 -87.97 20.95 68.92
N CYS OA 112 -88.43 21.83 68.03
CA CYS OA 112 -89.85 22.19 68.01
C CYS OA 112 -90.71 20.98 67.70
N GLN OA 113 -90.42 20.29 66.60
CA GLN OA 113 -91.22 19.12 66.28
C GLN OA 113 -91.14 18.08 67.37
N GLN OA 114 -89.93 17.84 67.90
CA GLN OA 114 -89.82 16.82 68.93
C GLN OA 114 -90.66 17.18 70.15
N ARG OA 115 -90.70 18.46 70.52
CA ARG OA 115 -91.49 18.87 71.67
C ARG OA 115 -92.98 18.68 71.40
N GLU OA 116 -93.47 19.21 70.28
CA GLU OA 116 -94.90 19.18 69.99
C GLU OA 116 -95.47 17.77 70.13
N GLY OA 117 -94.79 16.79 69.55
CA GLY OA 117 -95.37 15.48 69.38
C GLY OA 117 -96.21 15.43 68.12
N GLU OA 118 -97.32 14.70 68.17
CA GLU OA 118 -98.14 14.41 66.99
C GLU OA 118 -98.73 15.66 66.35
N SER OA 119 -98.48 16.81 66.97
CA SER OA 119 -99.10 18.08 66.61
C SER OA 119 -98.36 18.81 65.49
N HIS OA 120 -97.51 18.11 64.74
CA HIS OA 120 -96.39 18.67 63.99
C HIS OA 120 -96.64 20.04 63.38
N ARG OA 121 -97.83 20.27 62.83
CA ARG OA 121 -98.13 21.55 62.21
C ARG OA 121 -98.75 22.55 63.18
N GLN OA 122 -98.81 22.21 64.46
CA GLN OA 122 -99.40 23.08 65.49
C GLN OA 122 -98.30 23.47 66.47
N ASN OA 123 -97.97 24.76 66.52
CA ASN OA 123 -96.97 25.45 67.35
C ASN OA 123 -95.59 25.56 66.71
N CYS OA 124 -95.31 24.89 65.59
CA CYS OA 124 -94.07 25.17 64.89
C CYS OA 124 -94.25 26.15 63.74
N ALA OA 125 -95.47 26.67 63.54
CA ALA OA 125 -95.71 27.55 62.39
C ALA OA 125 -94.89 28.83 62.50
N LYS OA 126 -94.82 29.40 63.69
CA LYS OA 126 -94.06 30.64 63.87
C LYS OA 126 -92.59 30.42 63.59
N GLU OA 127 -92.00 29.40 64.23
CA GLU OA 127 -90.58 29.16 64.11
C GLU OA 127 -90.20 28.69 62.71
N LEU OA 128 -91.01 27.82 62.12
CA LEU OA 128 -90.78 27.46 60.72
C LEU OA 128 -90.89 28.68 59.81
N GLN OA 129 -91.81 29.60 60.13
CA GLN OA 129 -91.94 30.80 59.34
C GLN OA 129 -90.66 31.62 59.36
N GLN OA 130 -90.18 31.97 60.57
CA GLN OA 130 -88.94 32.73 60.61
C GLN OA 130 -87.80 31.92 60.01
N PHE OA 131 -87.89 30.60 60.04
CA PHE OA 131 -86.89 29.79 59.36
C PHE OA 131 -86.90 30.07 57.87
N THR OA 132 -88.04 29.96 57.21
CA THR OA 132 -88.08 30.27 55.79
C THR OA 132 -87.61 31.68 55.52
N GLN OA 133 -87.86 32.61 56.46
CA GLN OA 133 -87.33 33.96 56.32
C GLN OA 133 -85.81 33.95 56.26
N VAL OA 134 -85.17 33.41 57.29
CA VAL OA 134 -83.72 33.48 57.37
C VAL OA 134 -83.08 32.67 56.25
N VAL OA 135 -83.52 31.44 56.05
CA VAL OA 135 -82.90 30.59 55.06
C VAL OA 135 -83.18 31.10 53.66
N LYS OA 136 -84.25 31.87 53.46
CA LYS OA 136 -84.38 32.55 52.20
C LYS OA 136 -83.41 33.72 52.10
N ALA OA 137 -83.07 34.35 53.21
CA ALA OA 137 -82.05 35.40 53.15
C ALA OA 137 -80.70 34.81 52.78
N TYR OA 138 -80.23 33.83 53.56
CA TYR OA 138 -78.97 33.17 53.25
C TYR OA 138 -78.99 32.64 51.84
N GLN OA 139 -80.06 31.92 51.48
CA GLN OA 139 -80.24 31.42 50.12
C GLN OA 139 -80.07 32.53 49.09
N ASP OA 140 -80.59 33.71 49.36
CA ASP OA 140 -80.47 34.76 48.37
C ASP OA 140 -79.03 35.25 48.29
N ARG OA 141 -78.37 35.36 49.44
CA ARG OA 141 -77.12 36.12 49.49
C ARG OA 141 -75.91 35.26 49.13
N TYR OA 142 -75.54 34.33 50.01
CA TYR OA 142 -74.31 33.58 49.85
C TYR OA 142 -74.40 32.41 48.91
N HIS OA 143 -75.61 31.96 48.57
CA HIS OA 143 -75.82 30.62 48.06
C HIS OA 143 -74.87 30.19 46.96
N ASP OA 144 -75.04 30.72 45.77
CA ASP OA 144 -74.29 30.23 44.63
C ASP OA 144 -73.16 31.21 44.33
N LEU OA 145 -71.95 30.81 44.69
CA LEU OA 145 -70.75 31.53 44.29
C LEU OA 145 -69.69 30.56 43.79
N GLY OA 146 -69.16 29.72 44.65
CA GLY OA 146 -68.30 28.65 44.22
C GLY OA 146 -67.25 28.35 45.26
N ALA OA 147 -66.22 27.63 44.80
CA ALA OA 147 -65.10 27.29 45.67
C ALA OA 147 -64.36 28.54 46.12
N HIS OA 148 -64.02 29.39 45.18
CA HIS OA 148 -63.20 30.57 45.45
C HIS OA 148 -64.12 31.77 45.52
N TYR OA 149 -64.26 32.30 46.72
CA TYR OA 149 -65.20 33.37 47.01
C TYR OA 149 -64.53 34.27 48.03
N SER OA 150 -64.59 35.57 47.81
CA SER OA 150 -64.14 36.39 48.92
C SER OA 150 -65.15 37.46 49.29
N ALA OA 151 -65.11 38.57 48.58
CA ALA OA 151 -66.01 39.69 48.78
C ALA OA 151 -66.52 40.07 47.41
N ARG OA 152 -65.54 40.33 46.54
CA ARG OA 152 -65.74 40.73 45.16
C ARG OA 152 -66.88 39.92 44.56
N LYS OA 153 -66.99 38.65 44.92
CA LYS OA 153 -68.07 37.84 44.39
C LYS OA 153 -69.38 38.06 45.13
N CYS OA 154 -69.36 38.30 46.45
CA CYS OA 154 -70.62 38.59 47.13
C CYS OA 154 -71.14 39.96 46.70
N LEU OA 155 -70.28 40.98 46.81
CA LEU OA 155 -70.60 42.28 46.25
C LEU OA 155 -71.08 42.17 44.82
N ALA OA 156 -70.42 41.30 44.05
CA ALA OA 156 -70.84 41.07 42.68
C ALA OA 156 -72.31 40.62 42.62
N LYS OA 157 -72.62 39.50 43.27
CA LYS OA 157 -73.99 39.01 43.22
C LYS OA 157 -74.98 40.07 43.67
N GLN OA 158 -74.62 40.86 44.70
CA GLN OA 158 -75.52 41.90 45.14
C GLN OA 158 -75.73 42.94 44.04
N LYS OA 159 -74.68 43.28 43.30
CA LYS OA 159 -74.86 44.07 42.10
C LYS OA 159 -75.88 43.42 41.18
N GLN OA 160 -75.74 42.12 40.98
CA GLN OA 160 -76.62 41.41 40.05
C GLN OA 160 -78.08 41.56 40.46
N ARG OA 161 -78.37 41.33 41.74
CA ARG OA 161 -79.75 41.44 42.20
C ARG OA 161 -80.25 42.87 42.12
N MET OA 162 -79.42 43.83 42.53
CA MET OA 162 -79.86 45.23 42.47
C MET OA 162 -80.23 45.62 41.05
N LEU OA 163 -79.46 45.17 40.07
CA LEU OA 163 -79.78 45.52 38.70
C LEU OA 163 -81.01 44.78 38.21
N ALA OA 164 -81.10 43.48 38.50
CA ALA OA 164 -82.26 42.71 38.05
C ALA OA 164 -83.55 43.26 38.65
N GLU OA 165 -83.49 43.72 39.90
CA GLU OA 165 -84.65 44.33 40.54
C GLU OA 165 -84.85 45.77 40.12
N ARG OA 166 -83.82 46.42 39.58
CA ARG OA 166 -84.05 47.76 39.04
C ARG OA 166 -84.78 47.68 37.71
N LYS OA 167 -84.42 46.71 36.87
CA LYS OA 167 -85.25 46.45 35.70
C LYS OA 167 -86.63 45.94 36.10
N ALA OA 168 -86.68 45.10 37.14
CA ALA OA 168 -87.98 44.62 37.59
C ALA OA 168 -88.86 45.76 38.07
N THR OA 169 -88.27 46.79 38.66
CA THR OA 169 -89.05 47.92 39.13
C THR OA 169 -89.25 48.99 38.07
N LYS OA 170 -88.54 48.94 36.94
CA LYS OA 170 -89.00 49.75 35.81
C LYS OA 170 -90.15 49.08 35.10
N GLU OA 171 -90.17 47.74 35.05
CA GLU OA 171 -91.36 47.04 34.60
C GLU OA 171 -92.46 47.03 35.65
N ALA OA 172 -92.19 47.50 36.87
CA ALA OA 172 -93.25 47.70 37.85
C ALA OA 172 -94.20 48.80 37.42
N ALA OA 173 -93.75 49.73 36.57
CA ALA OA 173 -94.57 50.85 36.14
C ALA OA 173 -95.78 50.37 35.34
N PRO PA 1 -32.19 70.33 -2.97
CA PRO PA 1 -33.24 71.16 -2.39
C PRO PA 1 -32.90 72.64 -2.40
N GLY PA 2 -31.79 73.01 -1.77
CA GLY PA 2 -31.32 74.38 -1.87
C GLY PA 2 -30.72 74.63 -3.25
N ILE PA 3 -30.95 75.84 -3.76
CA ILE PA 3 -30.44 76.24 -5.06
C ILE PA 3 -29.17 77.05 -4.87
N VAL PA 4 -28.08 76.64 -5.52
CA VAL PA 4 -26.84 77.39 -5.40
C VAL PA 4 -26.93 78.66 -6.23
N GLU PA 5 -26.16 79.66 -5.83
CA GLU PA 5 -25.99 80.87 -6.63
C GLU PA 5 -24.51 81.03 -6.94
N LEU PA 6 -24.21 81.31 -8.19
CA LEU PA 6 -22.83 81.53 -8.58
C LEU PA 6 -22.68 82.94 -9.13
N PRO PA 7 -21.52 83.56 -8.95
CA PRO PA 7 -21.37 84.97 -9.36
C PRO PA 7 -21.54 85.11 -10.87
N SER PA 8 -21.90 86.31 -11.28
CA SER PA 8 -22.04 86.61 -12.70
C SER PA 8 -20.72 86.35 -13.41
N LEU PA 9 -20.81 85.90 -14.66
CA LEU PA 9 -19.61 85.69 -15.46
C LEU PA 9 -18.69 86.91 -15.42
N GLU PA 10 -19.26 88.11 -15.45
CA GLU PA 10 -18.45 89.32 -15.40
C GLU PA 10 -17.86 89.58 -14.02
N ASP PA 11 -18.37 88.91 -12.98
CA ASP PA 11 -17.68 88.98 -11.69
C ASP PA 11 -16.31 88.35 -11.79
N LEU PA 12 -16.14 87.43 -12.72
CA LEU PA 12 -14.88 86.82 -13.09
C LEU PA 12 -14.27 87.66 -14.21
N LYS PA 13 -13.29 87.12 -14.94
CA LYS PA 13 -12.67 87.81 -16.07
C LYS PA 13 -11.94 89.06 -15.58
N VAL PA 14 -11.07 88.86 -14.60
CA VAL PA 14 -10.35 89.96 -13.97
C VAL PA 14 -9.11 90.34 -14.75
N GLN PA 15 -8.08 89.49 -14.72
CA GLN PA 15 -6.78 89.83 -15.27
C GLN PA 15 -6.18 88.57 -15.88
N GLU PA 16 -4.89 88.65 -16.23
CA GLU PA 16 -4.15 87.50 -16.74
C GLU PA 16 -2.71 87.52 -16.22
N VAL PA 17 -2.24 86.36 -15.80
CA VAL PA 17 -0.81 86.08 -15.72
C VAL PA 17 -0.57 84.87 -16.61
N LYS PA 18 0.06 85.10 -17.76
CA LYS PA 18 0.36 84.05 -18.71
C LYS PA 18 1.87 83.93 -18.82
N VAL PA 19 2.43 82.88 -18.23
CA VAL PA 19 3.84 82.54 -18.33
C VAL PA 19 3.97 81.05 -18.09
N SER PA 20 5.10 80.50 -18.49
CA SER PA 20 5.35 79.09 -18.25
C SER PA 20 5.61 78.84 -16.78
N SER PA 21 5.45 77.58 -16.37
CA SER PA 21 5.83 77.21 -15.02
C SER PA 21 7.30 77.53 -14.74
N SER PA 22 8.15 77.44 -15.76
CA SER PA 22 9.58 77.63 -15.56
C SER PA 22 9.91 79.02 -15.06
N VAL PA 23 9.56 80.04 -15.85
CA VAL PA 23 9.77 81.42 -15.42
C VAL PA 23 9.03 81.70 -14.12
N LEU PA 24 7.77 81.26 -14.06
CA LEU PA 24 6.95 81.49 -12.89
C LEU PA 24 7.57 80.90 -11.64
N LYS PA 25 8.48 79.93 -11.78
CA LYS PA 25 9.08 79.29 -10.63
C LYS PA 25 10.06 80.21 -9.93
N ALA PA 26 11.06 80.70 -10.66
CA ALA PA 26 12.10 81.51 -10.02
C ALA PA 26 11.60 82.93 -9.78
N ALA PA 27 10.97 83.53 -10.80
CA ALA PA 27 10.28 84.79 -10.57
C ALA PA 27 9.33 84.66 -9.40
N ALA PA 28 8.70 83.50 -9.25
CA ALA PA 28 7.85 83.25 -8.10
C ALA PA 28 8.65 83.33 -6.81
N HIS PA 29 9.86 82.78 -6.80
CA HIS PA 29 10.68 82.86 -5.61
C HIS PA 29 10.90 84.31 -5.21
N HIS PA 30 11.21 85.17 -6.18
CA HIS PA 30 11.46 86.57 -5.82
C HIS PA 30 10.19 87.31 -5.40
N TYR PA 31 9.06 87.12 -6.09
CA TYR PA 31 7.93 87.92 -5.65
C TYR PA 31 7.38 87.40 -4.33
N GLY PA 32 7.33 86.08 -4.18
CA GLY PA 32 7.08 85.51 -2.88
C GLY PA 32 7.96 86.10 -1.81
N ALA PA 33 9.19 86.45 -2.17
CA ALA PA 33 9.96 87.31 -1.28
C ALA PA 33 9.25 88.64 -1.05
N GLN PA 34 9.18 89.50 -2.07
CA GLN PA 34 8.74 90.87 -1.77
C GLN PA 34 7.22 91.00 -1.70
N CYS PA 35 6.48 90.30 -2.54
CA CYS PA 35 5.02 90.36 -2.46
C CYS PA 35 4.64 89.52 -1.27
N ASP PA 36 3.36 89.17 -1.15
CA ASP PA 36 2.71 88.42 -0.06
C ASP PA 36 2.12 89.29 1.03
N LYS PA 37 2.23 90.61 0.98
CA LYS PA 37 1.29 91.38 1.78
C LYS PA 37 -0.15 91.05 1.40
N PRO PA 38 -0.55 91.04 0.12
CA PRO PA 38 -1.96 90.74 -0.15
C PRO PA 38 -2.31 89.28 -0.04
N ASN PA 39 -1.44 88.38 -0.52
CA ASN PA 39 -1.89 87.03 -0.82
C ASN PA 39 -1.89 86.12 0.39
N LYS PA 40 -0.96 86.29 1.33
CA LYS PA 40 -1.10 85.59 2.59
C LYS PA 40 -2.43 85.95 3.23
N GLU PA 41 -2.69 87.25 3.32
CA GLU PA 41 -4.00 87.74 3.76
C GLU PA 41 -5.13 87.03 3.02
N PHE PA 42 -5.00 86.93 1.70
CA PHE PA 42 -5.94 86.14 0.91
C PHE PA 42 -6.04 84.71 1.40
N MET PA 43 -4.94 84.13 1.87
CA MET PA 43 -4.98 82.74 2.29
C MET PA 43 -5.64 82.56 3.64
N LEU PA 44 -5.52 83.53 4.53
CA LEU PA 44 -6.40 83.43 5.69
C LEU PA 44 -7.82 83.74 5.30
N CYS PA 45 -8.03 84.37 4.14
CA CYS PA 45 -9.39 84.64 3.71
C CYS PA 45 -10.06 83.37 3.22
N ARG PA 46 -9.67 82.89 2.04
CA ARG PA 46 -10.26 81.65 1.56
C ARG PA 46 -9.92 80.46 2.44
N TRP PA 47 -8.93 80.56 3.30
CA TRP PA 47 -8.71 79.47 4.24
C TRP PA 47 -9.66 79.57 5.42
N GLU PA 48 -9.96 80.77 5.87
CA GLU PA 48 -10.73 80.91 7.09
C GLU PA 48 -12.23 80.77 6.82
N GLU PA 49 -12.70 81.37 5.73
CA GLU PA 49 -14.13 81.38 5.42
C GLU PA 49 -14.55 80.29 4.44
N LYS PA 50 -13.73 79.25 4.24
CA LYS PA 50 -13.52 78.67 2.93
C LYS PA 50 -14.81 78.51 2.15
N ASP PA 51 -14.95 79.32 1.11
CA ASP PA 51 -15.96 79.20 0.07
C ASP PA 51 -15.44 79.87 -1.19
N PRO PA 52 -14.54 79.28 -1.96
CA PRO PA 52 -14.15 79.91 -3.22
C PRO PA 52 -15.40 80.23 -4.01
N ARG PA 53 -15.47 81.47 -4.49
CA ARG PA 53 -16.63 82.32 -4.84
C ARG PA 53 -17.03 83.23 -3.69
N ARG PA 54 -16.53 83.03 -2.48
CA ARG PA 54 -16.76 84.06 -1.48
C ARG PA 54 -15.69 85.15 -1.51
N CYS PA 55 -14.41 84.77 -1.56
CA CYS PA 55 -13.32 85.72 -1.40
C CYS PA 55 -12.67 86.13 -2.71
N LEU PA 56 -13.18 85.68 -3.85
CA LEU PA 56 -12.45 85.80 -5.11
C LEU PA 56 -11.93 87.21 -5.39
N GLU PA 57 -12.58 88.23 -4.83
CA GLU PA 57 -12.10 89.61 -4.96
C GLU PA 57 -10.63 89.72 -4.59
N GLU PA 58 -10.26 89.14 -3.44
CA GLU PA 58 -8.87 89.20 -3.05
C GLU PA 58 -8.00 88.34 -3.96
N GLY PA 59 -8.59 87.38 -4.67
CA GLY PA 59 -7.89 86.75 -5.77
C GLY PA 59 -7.55 87.76 -6.85
N LYS PA 60 -8.49 88.66 -7.16
CA LYS PA 60 -8.15 89.79 -8.01
C LYS PA 60 -6.97 90.56 -7.44
N LEU PA 61 -6.95 90.76 -6.12
CA LEU PA 61 -5.83 91.49 -5.51
C LEU PA 61 -4.49 90.79 -5.77
N VAL PA 62 -4.37 89.51 -5.38
CA VAL PA 62 -3.10 88.81 -5.55
C VAL PA 62 -2.68 88.79 -7.01
N ASN PA 63 -3.63 88.54 -7.90
CA ASN PA 63 -3.31 88.56 -9.33
C ASN PA 63 -2.77 89.93 -9.73
N GLN PA 64 -3.30 90.99 -9.12
CA GLN PA 64 -2.76 92.33 -9.34
C GLN PA 64 -1.31 92.42 -8.90
N CYS PA 65 -1.00 91.94 -7.69
CA CYS PA 65 0.37 92.02 -7.19
C CYS PA 65 1.33 91.31 -8.13
N ALA PA 66 1.07 90.04 -8.42
CA ALA PA 66 1.98 89.29 -9.28
C ALA PA 66 2.11 89.95 -10.64
N LEU PA 67 0.99 90.43 -11.19
CA LEU PA 67 1.02 91.11 -12.49
C LEU PA 67 2.02 92.26 -12.47
N GLU PA 68 1.86 93.19 -11.53
CA GLU PA 68 2.78 94.33 -11.54
C GLU PA 68 4.20 93.92 -11.20
N PHE PA 69 4.38 92.83 -10.46
CA PHE PA 69 5.72 92.28 -10.26
C PHE PA 69 6.37 91.97 -11.60
N PHE PA 70 5.78 91.05 -12.36
CA PHE PA 70 6.31 90.77 -13.69
C PHE PA 70 6.46 92.03 -14.53
N ARG PA 71 5.60 93.03 -14.32
CA ARG PA 71 5.76 94.27 -15.07
C ARG PA 71 7.09 94.94 -14.72
N GLN PA 72 7.39 95.04 -13.43
CA GLN PA 72 8.66 95.66 -13.03
C GLN PA 72 9.84 94.87 -13.55
N ILE PA 73 9.76 93.53 -13.54
CA ILE PA 73 10.90 92.79 -14.06
C ILE PA 73 10.99 92.96 -15.57
N LYS PA 74 9.88 93.21 -16.26
CA LYS PA 74 9.91 93.57 -17.66
C LYS PA 74 10.74 94.83 -17.85
N ARG PA 75 10.23 95.95 -17.33
CA ARG PA 75 10.87 97.23 -17.61
C ARG PA 75 12.19 97.42 -16.88
N HIS PA 76 12.62 96.50 -16.03
CA HIS PA 76 13.76 96.83 -15.19
C HIS PA 76 14.98 95.97 -15.56
N CYS PA 77 14.99 94.71 -15.15
CA CYS PA 77 15.99 93.74 -15.59
C CYS PA 77 15.30 92.75 -16.52
N ALA PA 78 15.60 92.85 -17.81
CA ALA PA 78 14.93 92.02 -18.79
C ALA PA 78 15.82 90.87 -19.24
N GLU PA 79 16.91 91.19 -19.92
CA GLU PA 79 17.74 90.15 -20.52
C GLU PA 79 18.22 89.11 -19.50
N PRO PA 80 18.94 89.49 -18.44
CA PRO PA 80 19.47 88.45 -17.52
C PRO PA 80 18.39 87.51 -17.01
N PHE PA 81 17.21 88.05 -16.72
CA PHE PA 81 16.11 87.19 -16.33
C PHE PA 81 15.72 86.25 -17.46
N THR PA 82 15.75 86.74 -18.70
CA THR PA 82 15.39 85.88 -19.82
C THR PA 82 16.35 84.71 -19.95
N GLU PA 83 17.66 84.98 -19.98
CA GLU PA 83 18.57 83.86 -20.03
C GLU PA 83 18.40 82.95 -18.81
N TYR PA 84 17.99 83.51 -17.68
CA TYR PA 84 17.89 82.69 -16.49
C TYR PA 84 16.73 81.72 -16.57
N TRP PA 85 15.53 82.21 -16.92
CA TRP PA 85 14.45 81.24 -17.00
C TRP PA 85 14.59 80.35 -18.21
N THR PA 86 15.33 80.78 -19.23
CA THR PA 86 15.51 79.85 -20.34
C THR PA 86 16.53 78.77 -20.01
N CYS PA 87 17.49 79.03 -19.11
CA CYS PA 87 18.35 77.94 -18.69
C CYS PA 87 17.67 77.07 -17.64
N ILE PA 88 16.76 77.64 -16.85
CA ILE PA 88 16.01 76.79 -15.94
C ILE PA 88 14.93 76.00 -16.67
N ASP PA 89 14.58 76.40 -17.88
CA ASP PA 89 13.53 75.71 -18.62
C ASP PA 89 14.06 74.55 -19.46
N TYR PA 90 15.35 74.24 -19.36
CA TYR PA 90 15.81 72.98 -19.94
C TYR PA 90 15.32 71.82 -19.09
N SER PA 91 14.83 72.11 -17.88
CA SER PA 91 13.88 71.29 -17.12
C SER PA 91 14.51 69.96 -16.75
N GLY PA 92 13.81 68.84 -16.92
CA GLY PA 92 14.18 67.63 -16.23
C GLY PA 92 14.00 67.82 -14.73
N LEU PA 93 12.78 68.17 -14.32
CA LEU PA 93 12.43 68.64 -12.97
C LEU PA 93 12.98 70.01 -12.62
N GLN PA 94 13.37 70.83 -13.60
CA GLN PA 94 13.82 72.20 -13.37
C GLN PA 94 14.65 72.36 -12.10
N LEU PA 95 15.84 71.79 -12.04
CA LEU PA 95 16.59 71.81 -10.79
C LEU PA 95 17.32 73.14 -10.62
N PHE PA 96 17.22 73.71 -9.42
CA PHE PA 96 17.98 74.91 -9.06
C PHE PA 96 19.45 74.64 -8.79
N ARG PA 97 19.88 73.39 -8.71
CA ARG PA 97 21.31 73.14 -8.66
C ARG PA 97 21.93 73.13 -10.04
N ARG PA 98 21.13 73.31 -11.09
CA ARG PA 98 21.62 73.22 -12.46
C ARG PA 98 22.24 74.53 -12.93
N CYS PA 99 21.41 75.54 -13.17
CA CYS PA 99 21.90 76.82 -13.66
C CYS PA 99 21.94 77.76 -12.46
N ARG PA 100 23.13 77.88 -11.87
CA ARG PA 100 23.42 78.81 -10.78
C ARG PA 100 23.94 80.15 -11.29
N LYS PA 101 24.82 80.10 -12.29
CA LYS PA 101 25.51 81.29 -12.76
C LYS PA 101 24.55 82.45 -12.98
N GLU PA 102 23.39 82.16 -13.54
CA GLU PA 102 22.40 83.19 -13.79
C GLU PA 102 21.39 83.33 -12.66
N GLN PA 103 21.45 82.49 -11.63
CA GLN PA 103 20.80 82.82 -10.38
C GLN PA 103 21.53 83.95 -9.69
N ALA PA 104 22.84 83.78 -9.49
CA ALA PA 104 23.64 84.88 -8.94
C ALA PA 104 23.66 86.06 -9.89
N GLN PA 105 23.69 85.79 -11.19
CA GLN PA 105 23.63 86.85 -12.19
C GLN PA 105 22.34 87.65 -12.06
N PHE PA 106 21.21 86.94 -11.97
CA PHE PA 106 19.92 87.61 -11.89
C PHE PA 106 19.79 88.42 -10.61
N ASP PA 107 20.06 87.79 -9.46
CA ASP PA 107 20.01 88.55 -8.22
C ASP PA 107 21.06 89.66 -8.22
N LYS PA 108 22.05 89.58 -9.11
CA LYS PA 108 23.03 90.64 -9.23
C LYS PA 108 22.48 91.82 -10.00
N CYS PA 109 21.72 91.59 -11.07
CA CYS PA 109 21.03 92.69 -11.73
C CYS PA 109 20.01 93.33 -10.80
N VAL PA 110 19.18 92.49 -10.19
CA VAL PA 110 18.15 92.96 -9.27
C VAL PA 110 18.78 93.80 -8.17
N LEU PA 111 19.63 93.18 -7.35
CA LEU PA 111 20.24 93.89 -6.23
C LEU PA 111 21.00 95.11 -6.68
N ASP PA 112 21.85 94.96 -7.70
CA ASP PA 112 22.60 96.11 -8.19
C ASP PA 112 21.70 97.26 -8.58
N LYS PA 113 20.45 96.99 -8.97
CA LYS PA 113 19.59 98.07 -9.41
C LYS PA 113 18.36 98.26 -8.52
N LEU PA 114 17.48 97.26 -8.42
CA LEU PA 114 16.20 97.45 -7.73
C LEU PA 114 16.21 96.99 -6.28
N GLY PA 115 17.31 96.47 -5.76
CA GLY PA 115 17.24 95.90 -4.43
C GLY PA 115 16.76 94.46 -4.41
N TRP PA 116 15.86 94.13 -3.48
CA TRP PA 116 15.36 92.78 -3.27
C TRP PA 116 16.43 91.80 -2.81
N VAL PA 117 16.89 91.93 -1.56
CA VAL PA 117 17.67 90.87 -0.96
C VAL PA 117 16.92 89.55 -1.09
N ARG PA 118 17.64 88.50 -1.43
CA ARG PA 118 17.01 87.18 -1.60
C ARG PA 118 16.76 86.52 -0.26
N PRO PA 119 15.55 86.02 -0.01
CA PRO PA 119 15.24 85.46 1.32
C PRO PA 119 15.91 84.13 1.60
N ASP PA 120 16.23 83.35 0.55
CA ASP PA 120 16.74 81.98 0.59
C ASP PA 120 15.91 81.08 1.49
N LEU PA 121 16.57 80.18 2.22
CA LEU PA 121 15.89 79.10 2.94
C LEU PA 121 14.97 79.60 4.05
N GLY PA 122 14.98 80.90 4.35
CA GLY PA 122 14.07 81.42 5.36
C GLY PA 122 12.90 82.16 4.77
N GLU PA 123 12.56 81.90 3.51
CA GLU PA 123 11.52 82.67 2.85
C GLU PA 123 10.14 82.35 3.43
N LEU PA 124 9.96 81.12 3.90
CA LEU PA 124 8.62 80.64 4.22
C LEU PA 124 8.69 79.69 5.40
N SER PA 125 7.62 78.93 5.56
CA SER PA 125 7.23 78.30 6.81
C SER PA 125 7.05 79.47 7.78
N LYS PA 126 7.48 79.34 9.04
CA LYS PA 126 7.34 80.44 9.99
C LYS PA 126 5.95 81.05 9.84
N VAL PA 127 4.93 80.32 10.28
CA VAL PA 127 3.57 80.61 9.87
C VAL PA 127 3.24 82.07 10.10
N THR PA 128 2.80 82.74 9.06
CA THR PA 128 2.74 84.19 9.03
C THR PA 128 1.52 84.70 9.79
N LYS PA 129 1.67 85.84 10.44
CA LYS PA 129 0.55 86.52 11.09
C LYS PA 129 0.08 87.69 10.23
N VAL PA 130 -1.24 87.78 10.02
CA VAL PA 130 -1.82 88.79 9.14
C VAL PA 130 -3.10 89.33 9.76
N LYS PA 131 -3.38 90.60 9.50
CA LYS PA 131 -4.61 91.27 9.90
C LYS PA 131 -5.57 91.36 8.73
N THR PA 132 -6.87 91.25 9.04
CA THR PA 132 -7.93 91.47 8.06
C THR PA 132 -9.06 92.23 8.71
N ASP PA 133 -9.63 93.18 7.97
CA ASP PA 133 -10.74 93.97 8.48
C ASP PA 133 -12.04 93.19 8.51
N ARG PA 134 -12.23 92.27 7.57
CA ARG PA 134 -13.45 91.48 7.54
C ARG PA 134 -13.57 90.67 8.82
N PRO PA 135 -14.76 90.61 9.43
CA PRO PA 135 -14.92 89.79 10.62
C PRO PA 135 -14.89 88.32 10.27
N LEU PA 136 -14.31 87.53 11.16
CA LEU PA 136 -14.19 86.11 10.90
C LEU PA 136 -15.57 85.49 10.72
N PRO PA 137 -15.71 84.52 9.83
CA PRO PA 137 -17.00 83.82 9.69
C PRO PA 137 -17.28 82.95 10.91
N GLU PA 138 -18.51 83.02 11.40
CA GLU PA 138 -18.95 82.20 12.51
C GLU PA 138 -19.93 81.16 11.99
N ASN PA 139 -19.98 80.02 12.67
CA ASN PA 139 -20.79 78.90 12.25
C ASN PA 139 -20.41 78.56 10.82
N PRO PA 140 -19.15 78.21 10.57
CA PRO PA 140 -18.69 78.06 9.19
C PRO PA 140 -19.39 76.89 8.51
N TYR PA 141 -19.52 77.02 7.20
CA TYR PA 141 -20.27 76.09 6.34
C TYR PA 141 -21.62 75.82 7.02
N HIS PA 142 -22.08 74.57 7.09
CA HIS PA 142 -23.48 74.30 7.39
C HIS PA 142 -23.81 74.71 8.82
N SER PA 143 -23.12 74.14 9.80
CA SER PA 143 -23.22 74.53 11.20
C SER PA 143 -24.67 74.48 11.69
N ARG PA 144 -25.16 73.26 11.82
CA ARG PA 144 -26.56 73.02 12.15
C ARG PA 144 -26.81 73.13 13.65
N ALA PA 145 -28.01 72.72 14.07
CA ALA PA 145 -28.41 72.68 15.47
C ALA PA 145 -27.78 71.48 16.18
N ARG PA 146 -27.80 71.55 17.51
CA ARG PA 146 -27.21 70.60 18.43
C ARG PA 146 -28.13 69.41 18.70
N PRO PA 147 -27.56 68.28 19.15
CA PRO PA 147 -28.36 67.06 19.30
C PRO PA 147 -29.38 67.08 20.43
N GLU PA 148 -29.36 68.06 21.34
CA GLU PA 148 -30.17 68.00 22.56
C GLU PA 148 -29.76 66.78 23.37
N PRO PA 149 -28.60 66.83 24.02
CA PRO PA 149 -28.04 65.62 24.65
C PRO PA 149 -28.90 65.10 25.79
N ASN PA 150 -28.63 63.85 26.16
CA ASN PA 150 -29.45 63.12 27.11
C ASN PA 150 -29.03 63.42 28.54
N PRO PA 151 -29.98 63.43 29.48
CA PRO PA 151 -29.64 63.74 30.88
C PRO PA 151 -28.77 62.64 31.49
N GLU PA 152 -27.70 63.07 32.15
CA GLU PA 152 -26.79 62.14 32.80
C GLU PA 152 -27.35 61.74 34.17
N VAL PA 153 -26.96 60.55 34.62
CA VAL PA 153 -27.43 60.01 35.89
C VAL PA 153 -26.82 60.78 37.04
N GLU PA 154 -27.63 61.10 38.04
CA GLU PA 154 -27.23 61.96 39.14
C GLU PA 154 -27.80 61.44 40.44
N GLY PA 155 -27.32 61.99 41.54
CA GLY PA 155 -27.92 61.77 42.85
C GLY PA 155 -27.40 60.53 43.53
N ASP PA 156 -27.41 60.57 44.86
CA ASP PA 156 -27.04 59.41 45.65
C ASP PA 156 -28.08 58.30 45.46
N LEU PA 157 -27.61 57.09 45.25
CA LEU PA 157 -28.48 55.94 45.09
C LEU PA 157 -28.19 54.92 46.19
N LYS PA 158 -29.27 54.38 46.76
CA LYS PA 158 -29.25 53.50 47.91
C LYS PA 158 -29.45 52.07 47.42
N PRO PA 159 -29.40 51.04 48.28
CA PRO PA 159 -29.61 49.68 47.77
C PRO PA 159 -30.96 49.54 47.11
N ALA PA 160 -31.08 48.54 46.26
CA ALA PA 160 -32.31 48.37 45.52
C ALA PA 160 -33.41 47.91 46.48
N ARG PA 161 -34.62 47.80 45.96
CA ARG PA 161 -35.78 47.58 46.82
C ARG PA 161 -36.18 46.10 46.74
N HIS PA 162 -35.99 45.40 47.85
CA HIS PA 162 -36.40 44.01 48.04
C HIS PA 162 -35.62 43.02 47.20
N GLY PA 163 -34.65 43.48 46.42
CA GLY PA 163 -33.75 42.55 45.75
C GLY PA 163 -34.12 42.22 44.32
N SER PA 164 -33.75 41.01 43.88
CA SER PA 164 -33.81 40.67 42.47
C SER PA 164 -35.19 40.85 41.84
N ARG PA 165 -36.25 40.92 42.65
CA ARG PA 165 -37.60 41.19 42.16
C ARG PA 165 -38.11 40.03 41.32
N LEU PA 166 -37.32 38.97 41.16
CA LEU PA 166 -37.59 37.91 40.20
C LEU PA 166 -38.81 37.11 40.65
N PHE PA 167 -39.10 36.02 39.94
CA PHE PA 167 -40.27 35.19 40.21
C PHE PA 167 -40.36 34.84 41.68
N PHE PA 168 -39.21 34.81 42.35
CA PHE PA 168 -39.09 34.73 43.81
C PHE PA 168 -37.71 35.31 44.13
N TRP PA 169 -37.09 34.85 45.21
CA TRP PA 169 -35.77 35.35 45.60
C TRP PA 169 -35.81 36.76 46.15
N THR PA 170 -36.29 36.93 47.38
CA THR PA 170 -36.21 38.21 48.04
C THR PA 170 -34.89 38.29 48.77
N MET PA 171 -34.02 39.20 48.35
CA MET PA 171 -32.77 39.48 49.05
C MET PA 171 -31.91 38.24 49.22
N SER QA 1 -70.54 -32.35 68.93
CA SER QA 1 -69.77 -33.55 69.23
C SER QA 1 -69.92 -34.60 68.14
N ASP QA 2 -71.14 -35.13 68.02
CA ASP QA 2 -71.41 -36.25 67.11
C ASP QA 2 -70.46 -37.39 67.44
N ALA QA 3 -70.45 -37.77 68.72
CA ALA QA 3 -69.36 -38.46 69.38
C ALA QA 3 -68.87 -39.72 68.68
N PRO QA 4 -69.68 -40.75 68.47
CA PRO QA 4 -69.12 -42.07 68.17
C PRO QA 4 -68.34 -42.06 66.87
N PRO QA 5 -67.08 -42.45 66.91
CA PRO QA 5 -66.35 -42.76 65.68
C PRO QA 5 -66.73 -44.14 65.19
N LEU QA 6 -66.38 -44.41 63.94
CA LEU QA 6 -66.46 -45.76 63.41
C LEU QA 6 -65.08 -46.41 63.59
N THR QA 7 -65.01 -47.40 64.48
CA THR QA 7 -63.76 -48.11 64.68
C THR QA 7 -63.74 -49.37 63.83
N LEU QA 8 -62.61 -50.07 63.87
CA LEU QA 8 -62.45 -51.26 63.02
C LEU QA 8 -63.45 -52.33 63.38
N GLU QA 9 -63.62 -52.60 64.68
CA GLU QA 9 -64.64 -53.52 65.14
C GLU QA 9 -66.01 -53.11 64.62
N GLY QA 10 -66.35 -51.83 64.78
CA GLY QA 10 -67.65 -51.35 64.38
C GLY QA 10 -67.91 -51.53 62.90
N ILE QA 11 -67.04 -50.95 62.07
CA ILE QA 11 -67.23 -51.05 60.62
C ILE QA 11 -67.28 -52.51 60.18
N LYS QA 12 -66.42 -53.35 60.78
CA LYS QA 12 -66.49 -54.78 60.48
C LYS QA 12 -67.88 -55.31 60.75
N ASP QA 13 -68.40 -55.05 61.94
CA ASP QA 13 -69.75 -55.47 62.30
C ASP QA 13 -70.79 -54.92 61.36
N ARG QA 14 -70.51 -53.80 60.69
CA ARG QA 14 -71.50 -53.16 59.85
C ARG QA 14 -71.51 -53.75 58.45
N VAL QA 15 -70.40 -53.65 57.72
CA VAL QA 15 -70.33 -54.30 56.41
C VAL QA 15 -70.76 -55.75 56.54
N LEU QA 16 -70.17 -56.45 57.52
CA LEU QA 16 -70.57 -57.82 57.83
C LEU QA 16 -72.07 -57.93 58.06
N TYR QA 17 -72.62 -57.03 58.88
CA TYR QA 17 -74.03 -57.10 59.25
C TYR QA 17 -74.93 -56.98 58.03
N VAL QA 18 -74.76 -55.90 57.26
CA VAL QA 18 -75.65 -55.67 56.13
C VAL QA 18 -75.46 -56.74 55.06
N LEU QA 19 -74.22 -57.21 54.86
CA LEU QA 19 -74.04 -58.29 53.92
C LEU QA 19 -74.71 -59.56 54.40
N LYS QA 20 -74.86 -59.72 55.72
CA LYS QA 20 -75.67 -60.82 56.22
C LYS QA 20 -77.16 -60.55 56.05
N LEU QA 21 -77.57 -59.28 55.95
CA LEU QA 21 -78.96 -58.99 55.64
C LEU QA 21 -79.29 -59.16 54.18
N TYR QA 22 -78.31 -59.10 53.29
CA TYR QA 22 -78.56 -59.41 51.89
C TYR QA 22 -79.12 -60.82 51.80
N ASP QA 23 -80.30 -60.94 51.20
CA ASP QA 23 -81.00 -62.22 51.26
C ASP QA 23 -80.52 -63.20 50.21
N LYS QA 24 -80.29 -62.73 48.97
CA LYS QA 24 -80.11 -63.66 47.85
C LYS QA 24 -78.91 -64.58 48.06
N ILE QA 25 -77.94 -64.17 48.87
CA ILE QA 25 -76.91 -65.08 49.35
C ILE QA 25 -77.07 -65.20 50.86
N ASP QA 26 -76.64 -66.33 51.38
CA ASP QA 26 -76.83 -66.81 52.73
C ASP QA 26 -75.70 -66.31 53.63
N PRO QA 27 -75.95 -66.15 54.94
CA PRO QA 27 -74.85 -65.91 55.88
C PRO QA 27 -73.82 -67.03 55.89
N GLU QA 28 -74.08 -68.14 55.21
CA GLU QA 28 -73.24 -69.32 55.19
C GLU QA 28 -71.77 -68.95 55.08
N LYS QA 29 -71.35 -68.42 53.95
CA LYS QA 29 -69.99 -67.92 53.81
C LYS QA 29 -70.05 -66.41 53.74
N LEU QA 30 -69.67 -65.76 54.83
CA LEU QA 30 -69.37 -64.33 54.82
C LEU QA 30 -68.16 -64.11 55.71
N SER QA 31 -67.08 -63.62 55.11
CA SER QA 31 -65.87 -63.32 55.84
C SER QA 31 -65.15 -62.20 55.12
N VAL QA 32 -64.40 -61.42 55.87
CA VAL QA 32 -63.65 -60.33 55.28
C VAL QA 32 -62.80 -60.82 54.12
N ASN QA 33 -62.26 -62.04 54.24
CA ASN QA 33 -61.53 -62.63 53.13
C ASN QA 33 -62.46 -63.28 52.11
N SER QA 34 -63.63 -63.75 52.54
CA SER QA 34 -64.51 -64.49 51.65
C SER QA 34 -64.84 -63.65 50.42
N HIS QA 35 -64.59 -64.22 49.24
CA HIS QA 35 -64.51 -63.42 48.03
C HIS QA 35 -65.87 -62.81 47.72
N PHE QA 36 -65.85 -61.52 47.38
CA PHE QA 36 -67.09 -60.76 47.24
C PHE QA 36 -67.80 -61.05 45.92
N MET QA 37 -67.11 -61.67 44.96
CA MET QA 37 -67.78 -62.09 43.73
C MET QA 37 -67.50 -63.56 43.45
N LYS QA 38 -66.23 -63.89 43.20
CA LYS QA 38 -65.86 -65.25 42.80
C LYS QA 38 -66.48 -66.31 43.68
N ASP QA 39 -66.48 -66.09 44.99
CA ASP QA 39 -67.18 -67.01 45.88
C ASP QA 39 -68.67 -67.03 45.56
N LEU QA 40 -69.31 -65.87 45.63
CA LEU QA 40 -70.76 -65.80 45.52
C LEU QA 40 -71.26 -65.62 44.10
N GLY QA 41 -70.37 -65.36 43.14
CA GLY QA 41 -70.77 -65.21 41.76
C GLY QA 41 -71.80 -64.13 41.52
N LEU QA 42 -71.92 -63.18 42.43
CA LEU QA 42 -72.96 -62.17 42.33
C LEU QA 42 -72.76 -61.28 41.11
N ASP QA 43 -73.87 -60.78 40.58
CA ASP QA 43 -73.85 -59.87 39.46
C ASP QA 43 -72.95 -58.67 39.77
N SER QA 44 -72.17 -58.25 38.78
CA SER QA 44 -71.37 -57.04 38.96
C SER QA 44 -72.27 -55.83 39.08
N LEU QA 45 -73.33 -55.80 38.28
CA LEU QA 45 -74.39 -54.83 38.52
C LEU QA 45 -74.89 -54.94 39.96
N ASP QA 46 -74.93 -56.17 40.49
CA ASP QA 46 -75.37 -56.34 41.87
C ASP QA 46 -74.31 -55.87 42.86
N GLN QA 47 -73.02 -55.88 42.50
CA GLN QA 47 -72.08 -55.25 43.42
C GLN QA 47 -72.22 -53.75 43.36
N VAL QA 48 -72.61 -53.21 42.21
CA VAL QA 48 -72.99 -51.81 42.15
C VAL QA 48 -74.14 -51.54 43.11
N GLU QA 49 -75.06 -52.50 43.23
CA GLU QA 49 -76.13 -52.34 44.21
C GLU QA 49 -75.58 -52.41 45.63
N ILE QA 50 -74.68 -53.35 45.89
CA ILE QA 50 -74.13 -53.49 47.24
C ILE QA 50 -73.46 -52.20 47.67
N ILE QA 51 -72.66 -51.62 46.78
CA ILE QA 51 -71.96 -50.40 47.14
C ILE QA 51 -72.94 -49.23 47.21
N MET QA 52 -73.98 -49.26 46.40
CA MET QA 52 -75.05 -48.28 46.52
C MET QA 52 -75.60 -48.28 47.94
N ALA QA 53 -76.30 -49.36 48.31
CA ALA QA 53 -76.99 -49.38 49.58
C ALA QA 53 -76.04 -49.34 50.76
N MET QA 54 -74.78 -49.75 50.58
CA MET QA 54 -73.82 -49.61 51.67
C MET QA 54 -73.39 -48.17 51.83
N GLU QA 55 -73.24 -47.45 50.71
CA GLU QA 55 -73.05 -46.00 50.80
C GLU QA 55 -74.22 -45.37 51.53
N ASP QA 56 -75.43 -45.74 51.14
CA ASP QA 56 -76.60 -45.25 51.88
C ASP QA 56 -76.62 -45.75 53.33
N GLU QA 57 -75.83 -46.77 53.67
CA GLU QA 57 -75.64 -47.10 55.08
C GLU QA 57 -74.74 -46.07 55.76
N PHE QA 58 -73.58 -45.79 55.18
CA PHE QA 58 -72.68 -44.82 55.79
C PHE QA 58 -72.82 -43.41 55.25
N GLY QA 59 -73.54 -43.20 54.15
CA GLY QA 59 -73.87 -41.85 53.72
C GLY QA 59 -72.73 -40.92 53.35
N PHE QA 60 -71.90 -41.26 52.36
CA PHE QA 60 -70.87 -40.34 51.90
C PHE QA 60 -70.14 -40.88 50.69
N GLU QA 61 -69.47 -39.96 49.99
CA GLU QA 61 -68.38 -40.21 49.06
C GLU QA 61 -68.60 -41.37 48.10
N ILE QA 62 -67.64 -42.28 48.08
CA ILE QA 62 -67.62 -43.45 47.21
C ILE QA 62 -67.82 -42.99 45.77
N PRO QA 63 -66.80 -42.41 45.16
CA PRO QA 63 -66.90 -42.06 43.74
C PRO QA 63 -67.04 -43.31 42.89
N ASP QA 64 -67.60 -43.12 41.70
CA ASP QA 64 -67.91 -44.25 40.83
C ASP QA 64 -66.66 -45.01 40.44
N ILE QA 65 -65.58 -44.29 40.11
CA ILE QA 65 -64.35 -44.92 39.66
C ILE QA 65 -63.79 -45.85 40.74
N ASP QA 66 -63.73 -45.36 41.98
CA ASP QA 66 -63.21 -46.21 43.04
C ASP QA 66 -64.23 -47.27 43.45
N ALA QA 67 -65.52 -46.95 43.34
CA ALA QA 67 -66.54 -47.94 43.67
C ALA QA 67 -66.55 -49.11 42.71
N GLU QA 68 -66.07 -48.91 41.49
CA GLU QA 68 -66.08 -49.98 40.49
C GLU QA 68 -65.38 -51.23 40.99
N LYS QA 69 -64.14 -51.07 41.45
CA LYS QA 69 -63.21 -52.17 41.62
C LYS QA 69 -63.16 -52.75 43.03
N LEU QA 70 -64.05 -52.32 43.92
CA LEU QA 70 -63.97 -52.63 45.35
C LEU QA 70 -63.82 -54.11 45.68
N MET QA 71 -64.86 -54.91 45.44
CA MET QA 71 -64.91 -56.33 45.77
C MET QA 71 -64.82 -56.65 47.27
N CYS QA 72 -63.80 -57.41 47.67
CA CYS QA 72 -63.83 -58.15 48.93
C CYS QA 72 -64.19 -57.27 50.12
N PRO QA 73 -64.90 -57.83 51.11
CA PRO QA 73 -65.43 -57.00 52.20
C PRO QA 73 -64.36 -56.31 53.02
N GLN QA 74 -63.30 -57.02 53.42
CA GLN QA 74 -62.21 -56.38 54.14
C GLN QA 74 -61.73 -55.13 53.41
N GLU QA 75 -61.68 -55.22 52.08
CA GLU QA 75 -61.26 -54.07 51.28
C GLU QA 75 -62.23 -52.91 51.44
N ILE QA 76 -63.53 -53.18 51.33
CA ILE QA 76 -64.52 -52.12 51.53
C ILE QA 76 -64.31 -51.47 52.88
N VAL QA 77 -64.13 -52.29 53.91
CA VAL QA 77 -63.82 -51.79 55.24
C VAL QA 77 -62.59 -50.91 55.20
N ASP QA 78 -61.61 -51.27 54.36
CA ASP QA 78 -60.40 -50.48 54.27
C ASP QA 78 -60.69 -49.11 53.67
N TYR QA 79 -61.42 -49.09 52.55
CA TYR QA 79 -61.72 -47.82 51.91
C TYR QA 79 -62.46 -46.89 52.86
N ILE QA 80 -63.48 -47.43 53.53
CA ILE QA 80 -64.16 -46.62 54.52
C ILE QA 80 -63.22 -46.26 55.66
N ALA QA 81 -62.17 -47.06 55.87
CA ALA QA 81 -61.28 -46.85 57.00
C ALA QA 81 -60.32 -45.69 56.76
N ASP QA 82 -59.76 -45.58 55.56
CA ASP QA 82 -58.90 -44.43 55.30
C ASP QA 82 -59.72 -43.20 54.94
N LYS QA 83 -60.86 -43.36 54.27
CA LYS QA 83 -61.66 -42.19 53.94
C LYS QA 83 -62.26 -41.57 55.20
N LYS QA 84 -62.93 -42.38 56.01
CA LYS QA 84 -63.28 -41.90 57.33
C LYS QA 84 -62.00 -41.86 58.18
N ASP QA 85 -62.11 -41.41 59.42
CA ASP QA 85 -60.97 -41.39 60.33
C ASP QA 85 -61.19 -42.47 61.38
N VAL QA 86 -60.36 -43.52 61.34
CA VAL QA 86 -60.71 -44.78 61.96
C VAL QA 86 -59.65 -45.26 62.95
N TYR QA 87 -58.42 -45.44 62.49
CA TYR QA 87 -57.42 -46.14 63.29
C TYR QA 87 -57.17 -45.41 64.60
N GLU QA 88 -56.65 -46.16 65.57
CA GLU QA 88 -56.37 -45.62 66.90
C GLU QA 88 -55.40 -44.45 66.83
N GLY RA 5 -59.88 -40.17 69.09
CA GLY RA 5 -59.34 -40.82 70.27
C GLY RA 5 -59.63 -40.06 71.54
N LYS RA 6 -58.86 -40.33 72.59
CA LYS RA 6 -59.01 -39.59 73.85
C LYS RA 6 -58.87 -38.10 73.62
N ARG RA 7 -57.65 -37.65 73.35
CA ARG RA 7 -57.41 -36.26 72.99
C ARG RA 7 -56.51 -36.22 71.76
N LEU RA 8 -57.05 -35.70 70.66
CA LEU RA 8 -56.27 -35.54 69.45
C LEU RA 8 -55.28 -34.40 69.62
N PHE RA 9 -54.24 -34.40 68.80
CA PHE RA 9 -53.27 -33.31 68.80
C PHE RA 9 -53.66 -32.30 67.74
N ILE RA 10 -54.06 -31.13 68.17
CA ILE RA 10 -54.52 -30.10 67.25
C ILE RA 10 -53.32 -29.43 66.61
N ILE RA 11 -53.52 -28.90 65.41
CA ILE RA 11 -52.47 -28.21 64.66
C ILE RA 11 -52.92 -26.77 64.46
N LYS RA 12 -52.22 -25.84 65.08
CA LYS RA 12 -52.49 -24.42 64.98
C LYS RA 12 -51.34 -23.72 64.27
N PRO RA 13 -51.58 -22.58 63.62
CA PRO RA 13 -50.49 -21.98 62.83
C PRO RA 13 -49.29 -21.58 63.66
N SER RA 14 -49.53 -20.84 64.74
CA SER RA 14 -48.59 -20.58 65.83
C SER RA 14 -49.25 -19.65 66.82
N GLY RA 15 -48.82 -19.68 68.07
CA GLY RA 15 -49.40 -18.78 69.04
C GLY RA 15 -48.48 -17.66 69.47
N PHE RA 16 -47.20 -17.79 69.18
CA PHE RA 16 -46.25 -16.98 69.92
C PHE RA 16 -46.17 -15.56 69.39
N TYR RA 17 -46.14 -15.39 68.07
CA TYR RA 17 -45.82 -14.09 67.49
C TYR RA 17 -46.98 -13.12 67.57
N ASP RA 18 -48.19 -13.61 67.26
CA ASP RA 18 -49.39 -12.79 67.39
C ASP RA 18 -49.53 -12.28 68.81
N LYS RA 19 -49.73 -13.22 69.73
CA LYS RA 19 -49.92 -12.87 71.14
C LYS RA 19 -48.79 -11.98 71.63
N ARG RA 20 -47.55 -12.27 71.22
CA ARG RA 20 -46.42 -11.45 71.63
C ARG RA 20 -46.61 -10.01 71.17
N PHE RA 21 -46.78 -9.81 69.87
CA PHE RA 21 -46.93 -8.44 69.37
C PHE RA 21 -48.06 -7.72 70.08
N LEU RA 22 -49.17 -8.40 70.33
CA LEU RA 22 -50.27 -7.74 71.00
C LEU RA 22 -49.87 -7.31 72.40
N LYS RA 23 -49.23 -8.22 73.16
CA LYS RA 23 -48.75 -7.89 74.49
C LYS RA 23 -47.87 -6.64 74.46
N LEU RA 24 -46.95 -6.59 73.50
CA LEU RA 24 -46.06 -5.44 73.38
C LEU RA 24 -46.84 -4.16 73.09
N LEU RA 25 -47.63 -4.19 72.00
CA LEU RA 25 -48.38 -3.03 71.56
C LEU RA 25 -49.22 -2.44 72.70
N ARG RA 26 -50.04 -3.28 73.32
CA ARG RA 26 -50.77 -2.85 74.50
C ARG RA 26 -49.84 -2.24 75.54
N PHE RA 27 -48.70 -2.88 75.77
CA PHE RA 27 -47.76 -2.40 76.78
C PHE RA 27 -47.39 -0.94 76.54
N TYR RA 28 -47.05 -0.60 75.30
CA TYR RA 28 -46.58 0.77 75.08
C TYR RA 28 -47.73 1.77 75.02
N ILE RA 29 -48.77 1.45 74.23
CA ILE RA 29 -49.92 2.35 74.13
C ILE RA 29 -50.46 2.66 75.52
N LEU RA 30 -50.48 1.66 76.40
CA LEU RA 30 -50.80 1.93 77.79
C LEU RA 30 -49.68 2.72 78.47
N LEU RA 31 -48.43 2.46 78.08
CA LEU RA 31 -47.31 3.01 78.84
C LEU RA 31 -47.34 4.52 78.83
N THR RA 32 -47.62 5.15 77.70
CA THR RA 32 -47.92 6.57 77.77
C THR RA 32 -49.41 6.88 77.73
N GLY RA 33 -50.27 5.88 77.73
CA GLY RA 33 -51.69 6.16 77.89
C GLY RA 33 -52.03 6.55 79.32
N ILE RA 34 -51.55 5.76 80.29
CA ILE RA 34 -51.94 5.96 81.68
C ILE RA 34 -51.53 7.33 82.21
N PRO RA 35 -50.27 7.77 82.06
CA PRO RA 35 -49.93 9.11 82.56
C PRO RA 35 -50.80 10.20 81.98
N VAL RA 36 -51.16 10.09 80.70
CA VAL RA 36 -51.91 11.14 80.05
C VAL RA 36 -53.37 11.14 80.53
N VAL RA 37 -53.98 9.96 80.57
CA VAL RA 37 -55.34 9.85 81.09
C VAL RA 37 -55.40 10.38 82.50
N ILE RA 38 -54.46 9.96 83.35
CA ILE RA 38 -54.38 10.48 84.71
C ILE RA 38 -54.29 11.99 84.70
N GLY RA 39 -53.46 12.54 83.80
CA GLY RA 39 -53.32 13.99 83.73
C GLY RA 39 -54.64 14.68 83.42
N ILE RA 40 -55.28 14.29 82.32
CA ILE RA 40 -56.57 14.87 81.95
C ILE RA 40 -57.54 14.77 83.11
N THR RA 41 -57.48 13.66 83.85
CA THR RA 41 -58.35 13.51 85.00
C THR RA 41 -58.03 14.55 86.07
N LEU RA 42 -56.77 14.64 86.48
CA LEU RA 42 -56.37 15.57 87.51
C LEU RA 42 -56.77 16.99 87.12
N ILE RA 43 -56.16 17.52 86.06
CA ILE RA 43 -56.45 18.89 85.68
C ILE RA 43 -57.93 19.07 85.39
N ASN RA 44 -58.66 17.98 85.14
CA ASN RA 44 -60.11 18.07 85.15
C ASN RA 44 -60.65 18.27 86.56
N VAL RA 45 -59.95 17.76 87.57
CA VAL RA 45 -60.48 17.75 88.93
C VAL RA 45 -59.96 18.94 89.72
N PHE RA 46 -58.68 18.89 90.11
CA PHE RA 46 -58.16 19.87 91.05
C PHE RA 46 -58.17 21.26 90.45
N ILE RA 47 -57.53 21.44 89.30
CA ILE RA 47 -57.66 22.69 88.57
C ILE RA 47 -59.02 22.72 87.88
N GLY RA 48 -59.70 23.84 87.99
CA GLY RA 48 -60.96 24.00 87.27
C GLY RA 48 -60.74 24.20 85.79
N GLU RA 49 -61.76 23.85 85.00
CA GLU RA 49 -61.68 24.10 83.57
C GLU RA 49 -61.47 25.58 83.31
N ALA RA 50 -62.52 26.37 83.50
CA ALA RA 50 -62.46 27.84 83.38
C ALA RA 50 -63.85 28.43 83.50
N GLU RA 51 -63.93 29.75 83.52
CA GLU RA 51 -65.21 30.44 83.56
C GLU RA 51 -65.09 31.72 82.75
N LEU RA 52 -66.23 32.26 82.33
CA LEU RA 52 -66.25 33.28 81.28
C LEU RA 52 -65.96 34.67 81.81
N ALA RA 53 -66.92 35.24 82.54
CA ALA RA 53 -67.02 36.68 82.74
C ALA RA 53 -67.01 37.38 81.39
N GLU RA 54 -66.38 38.55 81.32
CA GLU RA 54 -66.26 39.30 80.08
C GLU RA 54 -65.07 40.25 80.19
N ILE RA 55 -64.68 40.79 79.04
CA ILE RA 55 -63.55 41.70 78.93
C ILE RA 55 -63.72 42.89 79.87
N PRO RA 56 -62.79 43.12 80.77
CA PRO RA 56 -62.87 44.31 81.64
C PRO RA 56 -62.64 45.58 80.85
N GLU RA 57 -63.11 46.70 81.41
CA GLU RA 57 -62.94 47.99 80.77
C GLU RA 57 -61.47 48.38 80.75
N GLY RA 58 -61.04 48.96 79.63
CA GLY RA 58 -59.67 49.43 79.46
C GLY RA 58 -58.62 48.41 79.84
N TYR RA 59 -58.88 47.14 79.54
CA TYR RA 59 -58.00 46.06 79.94
C TYR RA 59 -57.50 45.30 78.71
N VAL RA 60 -56.21 44.97 78.72
CA VAL RA 60 -55.57 44.26 77.62
C VAL RA 60 -55.57 42.78 77.97
N PRO RA 61 -56.39 41.95 77.33
CA PRO RA 61 -56.32 40.52 77.59
C PRO RA 61 -55.10 39.92 76.90
N GLU RA 62 -54.55 38.89 77.55
CA GLU RA 62 -53.31 38.31 77.06
C GLU RA 62 -53.60 37.50 75.80
N HIS RA 63 -52.53 36.98 75.18
CA HIS RA 63 -52.64 36.09 74.03
C HIS RA 63 -53.54 34.90 74.33
N TRP RA 64 -53.10 34.04 75.25
CA TRP RA 64 -53.88 32.87 75.63
C TRP RA 64 -55.03 33.33 76.53
N GLU RA 65 -55.76 32.38 77.10
CA GLU RA 65 -56.93 32.61 77.94
C GLU RA 65 -58.10 33.23 77.19
N TYR RA 66 -57.97 33.49 75.88
CA TYR RA 66 -59.18 33.57 75.08
C TYR RA 66 -59.89 32.22 75.01
N PHE RA 67 -59.28 31.16 75.50
CA PHE RA 67 -59.75 29.80 75.33
C PHE RA 67 -60.14 29.20 76.67
N LYS RA 68 -61.21 28.42 76.67
CA LYS RA 68 -61.72 27.81 77.89
C LYS RA 68 -60.71 26.92 78.59
N HIS RA 69 -60.39 25.79 77.98
CA HIS RA 69 -59.74 24.70 78.70
C HIS RA 69 -58.30 25.08 79.08
N PRO RA 70 -57.82 24.65 80.26
CA PRO RA 70 -56.46 25.03 80.67
C PRO RA 70 -55.38 24.42 79.80
N ILE RA 71 -55.52 23.14 79.41
CA ILE RA 71 -54.51 22.58 78.53
C ILE RA 71 -54.46 23.34 77.23
N SER RA 72 -55.56 23.95 76.82
CA SER RA 72 -55.50 24.91 75.72
C SER RA 72 -54.70 26.15 76.11
N ARG RA 73 -54.72 26.55 77.39
CA ARG RA 73 -53.81 27.60 77.81
C ARG RA 73 -52.37 27.20 77.56
N TRP RA 74 -51.97 26.03 78.06
CA TRP RA 74 -50.61 25.57 77.87
C TRP RA 74 -50.23 25.51 76.39
N ILE RA 75 -50.98 24.71 75.63
CA ILE RA 75 -50.72 24.56 74.20
C ILE RA 75 -50.60 25.92 73.54
N ALA RA 76 -51.69 26.69 73.59
CA ALA RA 76 -51.75 27.97 72.89
C ALA RA 76 -50.55 28.84 73.24
N ARG RA 77 -50.29 29.04 74.52
CA ARG RA 77 -49.30 30.05 74.88
C ARG RA 77 -47.89 29.59 74.53
N THR RA 78 -47.59 28.30 74.73
CA THR RA 78 -46.20 27.92 74.48
C THR RA 78 -45.93 27.64 72.99
N PHE RA 79 -46.83 26.92 72.30
CA PHE RA 79 -46.53 26.41 70.98
C PHE RA 79 -47.00 27.26 69.82
N PHE RA 80 -47.84 28.26 70.03
CA PHE RA 80 -48.45 28.95 68.90
C PHE RA 80 -48.18 30.44 68.98
N ASP RA 81 -48.75 31.16 68.02
CA ASP RA 81 -48.62 32.60 67.93
C ASP RA 81 -50.02 33.18 67.71
N ALA RA 82 -50.27 34.34 68.29
CA ALA RA 82 -51.59 34.92 68.25
C ALA RA 82 -52.05 35.17 66.82
N PRO RA 83 -53.35 35.21 66.57
CA PRO RA 83 -53.83 35.66 65.26
C PRO RA 83 -53.34 37.06 64.94
N GLU RA 84 -52.96 37.78 65.99
CA GLU RA 84 -52.26 39.05 65.86
C GLU RA 84 -51.02 38.91 64.99
N LYS RA 85 -50.05 38.16 65.51
CA LYS RA 85 -48.75 38.02 64.88
C LYS RA 85 -48.88 37.53 63.44
N ASN RA 86 -49.57 36.41 63.25
CA ASN RA 86 -49.79 35.89 61.90
C ASN RA 86 -50.48 36.93 61.02
N TYR RA 87 -51.63 37.42 61.47
CA TYR RA 87 -52.42 38.39 60.74
C TYR RA 87 -51.58 39.55 60.21
N GLU RA 88 -51.03 40.36 61.11
CA GLU RA 88 -50.24 41.50 60.66
C GLU RA 88 -49.04 41.07 59.85
N ARG RA 89 -48.46 39.90 60.15
CA ARG RA 89 -47.40 39.37 59.29
C ARG RA 89 -47.88 39.30 57.85
N THR RA 90 -49.06 38.71 57.64
CA THR RA 90 -49.61 38.68 56.29
C THR RA 90 -49.81 40.08 55.75
N MET RA 91 -50.15 41.03 56.61
CA MET RA 91 -50.24 42.40 56.14
C MET RA 91 -48.91 42.86 55.57
N ALA RA 92 -47.80 42.50 56.23
CA ALA RA 92 -46.50 42.93 55.77
C ALA RA 92 -46.10 42.24 54.48
N ILE RA 93 -46.24 40.92 54.41
CA ILE RA 93 -45.92 40.23 53.16
C ILE RA 93 -46.72 40.80 52.01
N LEU RA 94 -47.99 41.15 52.26
CA LEU RA 94 -48.77 41.74 51.17
C LEU RA 94 -48.26 43.12 50.81
N GLN RA 95 -47.79 43.90 51.78
CA GLN RA 95 -47.05 45.10 51.43
C GLN RA 95 -45.94 44.76 50.45
N ILE RA 96 -44.95 44.00 50.91
CA ILE RA 96 -43.77 43.66 50.13
C ILE RA 96 -44.14 43.23 48.72
N GLU RA 97 -44.74 42.05 48.60
CA GLU RA 97 -44.94 41.53 47.26
C GLU RA 97 -45.90 42.39 46.48
N SER RA 98 -46.78 43.12 47.15
CA SER RA 98 -47.60 44.08 46.44
C SER RA 98 -46.73 45.07 45.68
N GLU RA 99 -45.97 45.88 46.41
CA GLU RA 99 -45.20 46.90 45.74
C GLU RA 99 -44.22 46.31 44.75
N LYS RA 100 -43.71 45.10 45.01
CA LYS RA 100 -42.92 44.45 43.98
C LYS RA 100 -43.71 44.34 42.69
N ALA RA 101 -44.83 43.62 42.70
CA ALA RA 101 -45.59 43.44 41.47
C ALA RA 101 -45.80 44.77 40.76
N GLU RA 102 -46.24 45.79 41.51
CA GLU RA 102 -46.43 47.09 40.89
C GLU RA 102 -45.19 47.53 40.14
N LEU RA 103 -44.05 47.53 40.84
CA LEU RA 103 -42.84 48.05 40.23
C LEU RA 103 -42.33 47.17 39.09
N ARG RA 104 -42.70 45.88 39.08
CA ARG RA 104 -42.41 45.06 37.91
C ARG RA 104 -43.15 45.57 36.69
N LEU RA 105 -44.46 45.78 36.83
CA LEU RA 105 -45.19 46.36 35.71
C LEU RA 105 -44.59 47.70 35.30
N LYS RA 106 -44.07 48.46 36.27
CA LYS RA 106 -43.38 49.69 35.92
C LYS RA 106 -42.19 49.41 35.01
N GLU RA 107 -41.29 48.52 35.41
CA GLU RA 107 -40.08 48.33 34.60
C GLU RA 107 -40.42 47.77 33.22
N LEU RA 108 -41.43 46.89 33.13
CA LEU RA 108 -41.84 46.46 31.80
C LEU RA 108 -42.32 47.64 30.97
N GLU RA 109 -43.02 48.58 31.60
CA GLU RA 109 -43.43 49.78 30.88
C GLU RA 109 -42.22 50.56 30.39
N VAL RA 110 -41.26 50.80 31.29
CA VAL RA 110 -40.04 51.56 30.99
C VAL RA 110 -39.31 50.94 29.81
N ARG RA 111 -38.79 49.73 30.01
CA ARG RA 111 -38.01 49.07 28.97
C ARG RA 111 -38.81 48.92 27.69
N ARG RA 112 -40.13 48.77 27.80
CA ARG RA 112 -40.97 48.82 26.61
C ARG RA 112 -40.82 50.15 25.89
N LEU RA 113 -40.76 51.24 26.64
CA LEU RA 113 -40.73 52.57 26.04
C LEU RA 113 -39.35 52.95 25.54
N MET RA 114 -38.30 52.41 26.15
CA MET RA 114 -36.96 52.89 25.89
C MET RA 114 -36.52 52.63 24.46
N ARG RA 115 -36.84 51.46 23.90
CA ARG RA 115 -36.45 51.20 22.52
C ARG RA 115 -37.07 52.21 21.57
N ALA RA 116 -38.27 52.70 21.88
CA ALA RA 116 -38.86 53.74 21.03
C ALA RA 116 -38.19 55.08 21.25
N LYS RA 117 -38.10 55.54 22.50
CA LYS RA 117 -37.58 56.88 22.73
C LYS RA 117 -36.06 56.93 22.70
N GLY RA 118 -35.41 55.90 23.23
CA GLY RA 118 -33.96 55.95 23.35
C GLY RA 118 -33.44 57.04 24.26
N ASP RA 119 -34.31 57.72 25.01
CA ASP RA 119 -33.91 58.80 25.88
C ASP RA 119 -32.90 58.37 26.94
N GLY RA 120 -33.34 57.54 27.88
CA GLY RA 120 -32.66 57.38 29.13
C GLY RA 120 -31.46 56.44 29.13
N PRO RA 121 -31.11 55.98 30.34
CA PRO RA 121 -29.82 55.30 30.52
C PRO RA 121 -29.72 53.90 29.95
N TRP RA 122 -30.82 53.13 29.88
CA TRP RA 122 -30.68 51.69 29.63
C TRP RA 122 -30.14 51.39 28.24
N PHE RA 123 -30.78 51.89 27.20
CA PHE RA 123 -30.42 51.51 25.85
C PHE RA 123 -29.55 52.61 25.26
N GLN RA 124 -28.26 52.31 25.11
CA GLN RA 124 -27.30 53.20 24.48
C GLN RA 124 -26.36 52.36 23.64
N TYR RA 125 -26.27 52.67 22.36
CA TYR RA 125 -25.35 51.99 21.46
C TYR RA 125 -24.33 52.99 20.98
N PRO RA 126 -23.08 52.92 21.43
CA PRO RA 126 -22.15 54.04 21.24
C PRO RA 126 -21.89 54.35 19.78
N THR RA 127 -22.05 55.62 19.43
CA THR RA 127 -21.63 56.10 18.12
C THR RA 127 -20.11 56.29 18.12
N ILE RA 128 -19.59 56.82 17.04
CA ILE RA 128 -18.16 57.08 16.96
C ILE RA 128 -17.84 58.34 17.74
N ASP RA 129 -16.72 58.33 18.44
CA ASP RA 129 -16.41 59.38 19.40
C ASP RA 129 -15.86 60.61 18.69
N LYS RA 130 -16.44 61.77 19.00
CA LYS RA 130 -15.97 63.05 18.50
C LYS RA 130 -14.62 63.45 19.08
N ALA RA 131 -14.14 62.73 20.09
CA ALA RA 131 -12.88 63.11 20.75
C ALA RA 131 -11.78 63.37 19.73
N LEU RA 132 -11.59 62.44 18.80
CA LEU RA 132 -10.64 62.64 17.71
C LEU RA 132 -11.45 63.00 16.48
N ILE RA 133 -11.50 64.29 16.15
CA ILE RA 133 -11.87 64.71 14.81
C ILE RA 133 -10.73 65.38 14.07
N ASP RA 134 -9.61 65.65 14.73
CA ASP RA 134 -8.52 66.46 14.18
C ASP RA 134 -9.03 67.81 13.67
N HIS RA 135 -9.36 68.69 14.62
CA HIS RA 135 -9.79 70.04 14.25
C HIS RA 135 -8.69 70.87 13.60
N SER RA 136 -7.46 70.37 13.54
CA SER RA 136 -6.32 71.22 13.22
C SER RA 136 -6.48 71.91 11.87
N PRO RA 137 -5.87 73.07 11.70
CA PRO RA 137 -5.79 73.68 10.37
C PRO RA 137 -5.08 72.74 9.41
N LYS RA 138 -5.67 72.55 8.23
CA LYS RA 138 -5.24 71.52 7.31
C LYS RA 138 -4.77 72.15 6.00
N ALA RA 139 -4.46 71.29 5.03
CA ALA RA 139 -4.15 71.76 3.69
C ALA RA 139 -5.28 72.68 3.24
N THR RA 140 -4.89 73.88 2.80
CA THR RA 140 -5.86 74.97 2.71
C THR RA 140 -7.04 74.76 1.76
N PRO RA 141 -6.92 74.06 0.61
CA PRO RA 141 -7.87 74.32 -0.49
C PRO RA 141 -9.32 74.42 -0.05
N ASP RA 142 -9.77 73.58 0.85
CA ASP RA 142 -11.16 73.45 1.27
C ASP RA 142 -11.24 72.44 2.40
N ASN RA 143 -12.36 72.48 3.12
CA ASN RA 143 -12.73 71.47 4.10
C ASN RA 143 -11.62 71.17 5.11
N UNK SA 1 -44.65 36.54 0.42
CA UNK SA 1 -44.89 36.53 -1.02
C UNK SA 1 -46.38 36.74 -1.31
N UNK SA 2 -47.12 35.64 -1.38
CA UNK SA 2 -48.55 35.70 -1.66
C UNK SA 2 -49.33 36.08 -0.40
N UNK SA 3 -50.53 36.61 -0.59
CA UNK SA 3 -51.37 37.02 0.52
C UNK SA 3 -52.83 36.63 0.27
N UNK SA 4 -53.56 36.36 1.34
CA UNK SA 4 -54.96 35.97 1.24
C UNK SA 4 -55.84 37.19 0.97
N UNK SA 5 -56.74 37.06 0.00
CA UNK SA 5 -57.63 38.16 -0.36
C UNK SA 5 -58.83 38.21 0.58
N UNK SA 6 -59.06 37.10 1.29
CA UNK SA 6 -60.17 36.98 2.24
C UNK SA 6 -61.52 37.28 1.59
N UNK SA 7 -61.93 36.41 0.67
CA UNK SA 7 -63.20 36.56 -0.02
C UNK SA 7 -63.78 35.21 -0.41
N UNK SA 8 -64.33 35.12 -1.61
CA UNK SA 8 -64.92 33.88 -2.10
C UNK SA 8 -64.21 33.40 -3.36
N UNK SA 9 -62.99 33.91 -3.58
CA UNK SA 9 -62.21 33.54 -4.75
C UNK SA 9 -61.49 32.21 -4.51
N UNK SA 10 -60.95 31.64 -5.58
CA UNK SA 10 -60.24 30.37 -5.49
C UNK SA 10 -58.82 30.50 -6.02
N UNK SA 11 -58.61 31.48 -6.90
CA UNK SA 11 -57.29 31.71 -7.50
C UNK SA 11 -56.33 32.29 -6.48
N UNK SA 12 -56.87 33.02 -5.50
CA UNK SA 12 -56.05 33.62 -4.46
C UNK SA 12 -55.56 32.58 -3.47
N UNK SA 13 -56.47 31.72 -3.03
CA UNK SA 13 -56.14 30.66 -2.09
C UNK SA 13 -55.27 29.61 -2.75
N UNK SA 14 -55.58 29.28 -4.00
CA UNK SA 14 -54.82 28.29 -4.75
C UNK SA 14 -53.43 28.83 -5.08
N UNK SA 15 -53.37 30.13 -5.36
CA UNK SA 15 -52.10 30.79 -5.68
C UNK SA 15 -51.23 30.88 -4.43
N UNK SA 16 -51.86 31.12 -3.29
CA UNK SA 16 -51.14 31.21 -2.02
C UNK SA 16 -50.62 29.83 -1.62
N UNK SA 17 -51.44 28.82 -1.83
CA UNK SA 17 -51.07 27.44 -1.53
C UNK SA 17 -49.97 26.97 -2.48
N UNK SA 18 -49.97 27.54 -3.69
CA UNK SA 18 -48.95 27.21 -4.68
C UNK SA 18 -47.66 27.95 -4.37
N UNK SA 19 -47.78 29.08 -3.68
CA UNK SA 19 -46.62 29.86 -3.29
C UNK SA 19 -45.92 29.23 -2.09
N UNK SA 20 -46.71 28.88 -1.07
CA UNK SA 20 -46.18 28.20 0.10
C UNK SA 20 -45.70 26.81 -0.29
N UNK SA 21 -46.38 26.22 -1.26
CA UNK SA 21 -46.01 24.91 -1.78
C UNK SA 21 -44.77 25.03 -2.67
N UNK SA 22 -44.51 26.25 -3.16
CA UNK SA 22 -43.32 26.51 -3.95
C UNK SA 22 -42.12 26.69 -3.03
N UNK SA 23 -42.36 27.32 -1.88
CA UNK SA 23 -41.33 27.46 -0.86
C UNK SA 23 -41.01 26.07 -0.30
N UNK SA 24 -42.06 25.25 -0.18
CA UNK SA 24 -41.90 23.88 0.26
C UNK SA 24 -41.39 23.01 -0.89
N UNK SA 25 -41.34 23.59 -2.08
CA UNK SA 25 -40.79 22.90 -3.25
C UNK SA 25 -39.29 23.20 -3.35
N UNK SA 26 -38.89 24.34 -2.81
CA UNK SA 26 -37.47 24.68 -2.72
C UNK SA 26 -36.89 23.97 -1.50
N UNK SA 27 -37.71 23.84 -0.46
CA UNK SA 27 -37.33 23.05 0.70
C UNK SA 27 -37.33 21.58 0.29
N UNK SA 28 -38.22 21.23 -0.64
CA UNK SA 28 -38.27 19.88 -1.18
C UNK SA 28 -37.04 19.68 -2.05
N UNK SA 29 -36.53 20.78 -2.59
CA UNK SA 29 -35.30 20.77 -3.36
C UNK SA 29 -34.11 20.67 -2.42
N UNK SA 30 -34.34 21.01 -1.15
CA UNK SA 30 -33.34 20.79 -0.11
C UNK SA 30 -33.32 19.31 0.27
N UNK SA 31 -34.50 18.74 0.45
CA UNK SA 31 -34.61 17.35 0.88
C UNK SA 31 -34.77 16.40 -0.31
N UNK SA 32 -34.37 16.85 -1.48
CA UNK SA 32 -34.43 16.04 -2.69
C UNK SA 32 -33.13 16.26 -3.46
N UNK SA 33 -32.62 17.48 -3.37
CA UNK SA 33 -31.26 17.77 -3.80
C UNK SA 33 -30.36 17.22 -2.71
N UNK SA 34 -30.94 17.01 -1.53
CA UNK SA 34 -30.28 16.31 -0.44
C UNK SA 34 -30.51 14.81 -0.61
N UNK SA 35 -30.98 14.44 -1.80
CA UNK SA 35 -31.11 13.05 -2.18
C UNK SA 35 -30.40 12.87 -3.53
N UNK SA 36 -30.29 11.63 -4.01
CA UNK SA 36 -29.62 11.37 -5.27
C UNK SA 36 -30.26 10.22 -6.03
N UNK SA 37 -29.53 9.70 -7.02
CA UNK SA 37 -29.99 8.58 -7.85
C UNK SA 37 -31.32 8.88 -8.53
N UNK SA 38 -31.35 9.92 -9.35
CA UNK SA 38 -32.56 10.30 -10.06
C UNK SA 38 -32.22 11.11 -11.31
N UNK SA 39 -32.79 10.71 -12.45
CA UNK SA 39 -32.55 11.40 -13.70
C UNK SA 39 -33.86 11.67 -14.42
N UNK SA 40 -34.93 11.03 -13.96
CA UNK SA 40 -36.26 11.21 -14.56
C UNK SA 40 -37.04 12.27 -13.82
N UNK SA 41 -36.71 12.47 -12.55
CA UNK SA 41 -37.37 13.46 -11.69
C UNK SA 41 -38.88 13.26 -11.63
N UNK SA 42 -39.30 12.20 -10.95
CA UNK SA 42 -40.72 11.88 -10.82
C UNK SA 42 -41.23 12.25 -9.44
N UNK SA 43 -40.31 12.42 -8.50
CA UNK SA 43 -40.66 12.78 -7.13
C UNK SA 43 -41.09 14.23 -7.05
N UNK SA 44 -40.42 15.09 -7.82
CA UNK SA 44 -40.74 16.50 -7.86
C UNK SA 44 -42.11 16.72 -8.51
N UNK SA 45 -42.43 15.87 -9.48
CA UNK SA 45 -43.72 15.94 -10.15
C UNK SA 45 -44.82 15.39 -9.25
N UNK SA 46 -44.44 14.53 -8.32
CA UNK SA 46 -45.38 13.95 -7.36
C UNK SA 46 -45.69 14.96 -6.27
N UNK SA 47 -44.67 15.65 -5.79
CA UNK SA 47 -44.83 16.67 -4.77
C UNK SA 47 -45.57 17.88 -5.34
N UNK SA 48 -45.21 18.24 -6.57
CA UNK SA 48 -45.86 19.35 -7.26
C UNK SA 48 -47.30 18.97 -7.62
N UNK SA 49 -47.52 17.69 -7.88
CA UNK SA 49 -48.84 17.18 -8.18
C UNK SA 49 -49.71 17.23 -6.91
N UNK SA 50 -49.09 16.97 -5.77
CA UNK SA 50 -49.77 17.05 -4.49
C UNK SA 50 -50.07 18.50 -4.16
N UNK SA 51 -49.20 19.40 -4.61
CA UNK SA 51 -49.38 20.83 -4.42
C UNK SA 51 -50.57 21.31 -5.26
N UNK SA 52 -50.65 20.81 -6.49
CA UNK SA 52 -51.75 21.15 -7.39
C UNK SA 52 -53.05 20.55 -6.85
N UNK SA 53 -52.95 19.41 -6.19
CA UNK SA 53 -54.10 18.77 -5.57
C UNK SA 53 -54.57 19.59 -4.38
N UNK SA 54 -53.61 20.21 -3.69
CA UNK SA 54 -53.92 21.08 -2.57
C UNK SA 54 -54.58 22.36 -3.06
N UNK SA 55 -54.14 22.84 -4.23
CA UNK SA 55 -54.72 24.02 -4.84
C UNK SA 55 -56.14 23.73 -5.30
N UNK SA 56 -56.34 22.53 -5.82
CA UNK SA 56 -57.67 22.10 -6.25
C UNK SA 56 -58.59 21.93 -5.04
N UNK SA 57 -57.99 21.50 -3.92
CA UNK SA 57 -58.71 21.36 -2.67
C UNK SA 57 -59.10 22.74 -2.14
N UNK SA 58 -58.25 23.72 -2.41
CA UNK SA 58 -58.52 25.10 -2.02
C UNK SA 58 -59.60 25.70 -2.91
N UNK SA 59 -59.67 25.20 -4.14
CA UNK SA 59 -60.68 25.65 -5.09
C UNK SA 59 -62.05 25.09 -4.71
N UNK SA 60 -62.08 23.80 -4.41
CA UNK SA 60 -63.31 23.13 -4.00
C UNK SA 60 -63.78 23.68 -2.65
N UNK SA 61 -62.81 23.99 -1.78
CA UNK SA 61 -63.11 24.57 -0.48
C UNK SA 61 -63.64 25.98 -0.66
N UNK SA 62 -63.13 26.67 -1.68
CA UNK SA 62 -63.59 28.02 -2.00
C UNK SA 62 -65.00 27.97 -2.54
N UNK SA 63 -65.33 26.88 -3.24
CA UNK SA 63 -66.68 26.67 -3.76
C UNK SA 63 -67.62 26.36 -2.61
N UNK SA 64 -67.14 25.60 -1.64
CA UNK SA 64 -67.92 25.27 -0.46
C UNK SA 64 -68.16 26.51 0.38
N UNK SA 65 -67.20 27.44 0.35
CA UNK SA 65 -67.33 28.71 1.05
C UNK SA 65 -68.19 29.66 0.24
N UNK SA 66 -68.34 29.38 -1.04
CA UNK SA 66 -69.16 30.20 -1.93
C UNK SA 66 -70.57 29.65 -2.02
N UNK SA 67 -70.79 28.50 -1.38
CA UNK SA 67 -72.11 27.88 -1.35
C UNK SA 67 -73.09 28.71 -0.54
N UNK SA 68 -72.82 28.85 0.76
CA UNK SA 68 -73.67 29.62 1.65
C UNK SA 68 -72.86 30.12 2.85
N UNK SA 69 -73.57 30.61 3.87
CA UNK SA 69 -72.95 31.10 5.10
C UNK SA 69 -71.95 32.24 4.88
N UNK SA 70 -70.87 31.95 4.16
CA UNK SA 70 -69.82 32.91 3.87
C UNK SA 70 -69.20 33.49 5.15
N UNK SA 71 -68.65 32.61 5.98
CA UNK SA 71 -68.01 33.02 7.22
C UNK SA 71 -66.50 32.91 7.10
N UNK SA 72 -65.89 32.16 8.01
CA UNK SA 72 -64.44 31.97 8.01
C UNK SA 72 -64.05 30.69 8.73
N UNK SA 73 -64.73 30.42 9.84
CA UNK SA 73 -64.45 29.23 10.64
C UNK SA 73 -64.92 27.96 9.93
N UNK SA 74 -66.12 28.02 9.36
CA UNK SA 74 -66.68 26.89 8.65
C UNK SA 74 -65.91 26.63 7.34
N UNK SA 75 -65.51 27.71 6.69
CA UNK SA 75 -64.75 27.62 5.45
C UNK SA 75 -63.34 27.11 5.73
N UNK SA 76 -62.81 27.45 6.90
CA UNK SA 76 -61.49 26.99 7.30
C UNK SA 76 -61.52 25.52 7.69
N UNK SA 77 -62.62 25.12 8.33
CA UNK SA 77 -62.79 23.73 8.74
C UNK SA 77 -63.00 22.83 7.53
N UNK SA 78 -63.82 23.30 6.59
CA UNK SA 78 -64.07 22.57 5.36
C UNK SA 78 -62.82 22.54 4.49
N UNK SA 79 -62.03 23.60 4.58
CA UNK SA 79 -60.79 23.70 3.83
C UNK SA 79 -59.74 22.76 4.41
N UNK SA 80 -59.81 22.55 5.72
CA UNK SA 80 -58.90 21.65 6.41
C UNK SA 80 -59.29 20.20 6.13
N UNK SA 81 -60.60 19.94 6.07
CA UNK SA 81 -61.10 18.60 5.79
C UNK SA 81 -60.82 18.22 4.34
N UNK SA 82 -60.99 19.18 3.44
CA UNK SA 82 -60.72 18.95 2.02
C UNK SA 82 -59.22 18.86 1.78
N UNK SA 83 -58.45 19.58 2.58
CA UNK SA 83 -56.99 19.57 2.47
C UNK SA 83 -56.43 18.24 2.98
N UNK SA 84 -57.10 17.68 3.98
CA UNK SA 84 -56.68 16.41 4.56
C UNK SA 84 -57.11 15.25 3.65
N UNK SA 85 -58.32 15.35 3.10
CA UNK SA 85 -58.85 14.32 2.22
C UNK SA 85 -58.11 14.31 0.90
N UNK SA 86 -57.69 15.49 0.44
CA UNK SA 86 -56.95 15.61 -0.81
C UNK SA 86 -55.46 15.39 -0.58
N UNK SA 87 -55.04 15.52 0.68
CA UNK SA 87 -53.65 15.33 1.05
C UNK SA 87 -53.36 13.85 1.29
N UNK SA 88 -54.39 13.11 1.71
CA UNK SA 88 -54.24 11.68 1.97
C UNK SA 88 -54.82 10.86 0.82
N UNK SA 89 -54.68 11.37 -0.39
CA UNK SA 89 -55.19 10.69 -1.57
C UNK SA 89 -54.10 10.57 -2.64
N UNK SA 90 -53.07 11.40 -2.53
CA UNK SA 90 -51.97 11.39 -3.48
C UNK SA 90 -51.02 10.23 -3.20
N UNK SA 91 -50.94 9.84 -1.93
CA UNK SA 91 -50.07 8.74 -1.51
C UNK SA 91 -50.80 7.41 -1.61
N UNK SA 92 -50.55 6.53 -0.64
CA UNK SA 92 -51.18 5.22 -0.62
C UNK SA 92 -52.52 5.28 0.11
N UNK SA 93 -53.01 4.12 0.52
CA UNK SA 93 -54.29 4.03 1.23
C UNK SA 93 -54.07 3.86 2.73
N UNK SA 94 -52.90 4.30 3.20
CA UNK SA 94 -52.55 4.21 4.62
C UNK SA 94 -53.18 5.34 5.42
N UNK SA 95 -53.68 5.03 6.60
CA UNK SA 95 -54.30 6.02 7.46
C UNK SA 95 -53.27 6.68 8.37
N UNK SA 96 -52.04 6.15 8.33
CA UNK SA 96 -50.95 6.70 9.14
C UNK SA 96 -50.55 8.08 8.64
N UNK SA 97 -50.64 8.28 7.33
CA UNK SA 97 -50.32 9.56 6.71
C UNK SA 97 -51.40 10.59 7.08
N UNK SA 98 -52.62 10.11 7.27
CA UNK SA 98 -53.72 10.98 7.67
C UNK SA 98 -53.66 11.27 9.17
N UNK SA 99 -53.01 10.36 9.91
CA UNK SA 99 -52.85 10.53 11.34
C UNK SA 99 -51.75 11.54 11.64
N UNK SA 100 -50.59 11.33 11.05
CA UNK SA 100 -49.45 12.24 11.21
C UNK SA 100 -49.75 13.57 10.54
N UNK SA 101 -50.43 13.51 9.41
CA UNK SA 101 -50.82 14.72 8.68
C UNK SA 101 -51.97 15.40 9.42
N UNK SA 102 -52.67 14.65 10.24
CA UNK SA 102 -53.75 15.21 11.06
C UNK SA 102 -53.17 15.86 12.31
N UNK SA 103 -52.01 15.37 12.73
CA UNK SA 103 -51.31 15.93 13.88
C UNK SA 103 -50.60 17.22 13.49
N UNK SA 104 -49.88 17.17 12.37
CA UNK SA 104 -49.18 18.35 11.85
C UNK SA 104 -50.18 19.38 11.35
N UNK SA 105 -51.23 18.90 10.68
CA UNK SA 105 -52.29 19.77 10.18
C UNK SA 105 -53.08 20.35 11.35
N UNK SA 106 -53.16 19.57 12.43
CA UNK SA 106 -53.82 20.03 13.65
C UNK SA 106 -52.96 21.10 14.32
N UNK SA 107 -51.65 20.97 14.16
CA UNK SA 107 -50.72 21.94 14.69
C UNK SA 107 -50.74 23.22 13.84
N UNK SA 108 -51.12 23.06 12.58
CA UNK SA 108 -51.26 24.20 11.68
C UNK SA 108 -52.54 24.97 12.00
N UNK SA 109 -53.64 24.23 12.11
CA UNK SA 109 -54.93 24.82 12.45
C UNK SA 109 -54.88 25.41 13.86
N UNK SA 110 -54.01 24.85 14.69
CA UNK SA 110 -53.80 25.38 16.03
C UNK SA 110 -53.02 26.68 15.93
N UNK SA 111 -51.81 26.60 15.40
CA UNK SA 111 -50.95 27.77 15.24
C UNK SA 111 -51.30 28.56 13.99
N UNK SA 112 -52.59 28.65 13.68
CA UNK SA 112 -53.06 29.41 12.52
C UNK SA 112 -54.49 29.88 12.74
N UNK SA 113 -54.80 30.31 13.97
CA UNK SA 113 -56.13 30.79 14.30
C UNK SA 113 -56.17 32.31 14.34
N UNK SA 114 -55.16 32.94 13.74
CA UNK SA 114 -55.05 34.40 13.69
C UNK SA 114 -55.05 35.04 15.08
N UNK SA 115 -54.26 34.48 15.99
CA UNK SA 115 -54.16 35.01 17.35
C UNK SA 115 -52.78 34.73 17.92
N UNK SA 116 -51.82 34.47 17.03
CA UNK SA 116 -50.45 34.19 17.45
C UNK SA 116 -49.50 35.22 16.86
N UNK SA 117 -48.66 35.81 17.71
CA UNK SA 117 -47.71 36.81 17.26
C UNK SA 117 -46.70 36.21 16.29
N UNK SA 118 -45.85 35.32 16.78
CA UNK SA 118 -44.87 34.59 15.96
C UNK SA 118 -43.89 35.51 15.24
N UNK SA 119 -42.73 35.73 15.85
CA UNK SA 119 -41.71 36.59 15.27
C UNK SA 119 -40.66 35.78 14.53
#